data_2KI4
#
_entry.id   2KI4
#
loop_
_entity.id
_entity.type
_entity.pdbx_description
1 polymer 'Heparin-binding growth factor 1'
2 polymer 'Protein S100-A13'
3 polymer 'Protein S100-A13'
#
loop_
_entity_poly.entity_id
_entity_poly.type
_entity_poly.pdbx_seq_one_letter_code
_entity_poly.pdbx_strand_id
1 'polypeptide(L)'
;YKKPKLLYCSNGGHFLRILPDGTVDGTRDRSDQHIQLQLSAESVGEVYIKSTETGQYLAMDTDGLLYGSQTPNEECLFLE
RLEENHYNTYISKKHAEKNWFVGLKKNGSCKRGPRTHYGQKAILFLPLPVSSD
;
A,D
2 'polypeptide(L)'
;MAAEPLTELEESIETVVTTFFTFARQEGRKDSLSVNEFKELVTQQLPHLLKDVGSLDEKMKSLDVNQDSELKFNEYWRLI
GELAKEIRKKKDLKIR(DLY)(DLY)
;
B
3 'polypeptide(L)'
;MAAEPLTELEESIETVVTTFFTFARQEGRKDSLSVNEFKELVTQQLPHLLKDVGSLDEKMKSLDVNQDSELKFNEYWRLI
GELAKEIRKKKDL(DLY)IRKK
;
C
#
# COMPACT_ATOMS: atom_id res chain seq x y z
N TYR A 1 -17.24 -30.62 27.12
CA TYR A 1 -16.40 -31.80 26.81
C TYR A 1 -14.92 -31.38 26.75
N LYS A 2 -14.37 -30.95 27.89
CA LYS A 2 -12.97 -30.52 27.94
C LYS A 2 -12.06 -31.58 27.32
N LYS A 3 -11.53 -31.26 26.15
CA LYS A 3 -10.65 -32.17 25.42
C LYS A 3 -9.79 -31.37 24.44
N PRO A 4 -8.99 -32.06 23.58
CA PRO A 4 -8.12 -31.45 22.59
C PRO A 4 -8.46 -30.00 22.25
N LYS A 5 -7.67 -29.07 22.77
CA LYS A 5 -7.88 -27.66 22.52
C LYS A 5 -6.99 -27.20 21.37
N LEU A 6 -7.60 -26.97 20.20
CA LEU A 6 -6.85 -26.53 19.02
C LEU A 6 -6.65 -25.02 19.07
N LEU A 7 -5.44 -24.57 18.77
CA LEU A 7 -5.11 -23.15 18.78
C LEU A 7 -4.13 -22.81 17.66
N TYR A 8 -4.40 -21.70 16.96
CA TYR A 8 -3.52 -21.24 15.88
C TYR A 8 -3.74 -19.75 15.64
N CYS A 9 -2.92 -19.15 14.79
CA CYS A 9 -3.06 -17.72 14.50
C CYS A 9 -2.66 -17.41 13.06
N SER A 10 -3.00 -16.20 12.62
CA SER A 10 -2.71 -15.73 11.27
C SER A 10 -3.66 -16.40 10.28
N ASN A 11 -4.43 -15.57 9.56
CA ASN A 11 -5.38 -16.08 8.58
C ASN A 11 -4.71 -17.08 7.65
N GLY A 12 -5.28 -18.26 7.54
CA GLY A 12 -4.72 -19.29 6.68
C GLY A 12 -4.69 -20.64 7.37
N GLY A 13 -5.05 -21.68 6.63
CA GLY A 13 -5.04 -23.02 7.18
C GLY A 13 -3.69 -23.40 7.76
N HIS A 14 -3.60 -23.40 9.09
CA HIS A 14 -2.38 -23.77 9.81
C HIS A 14 -2.69 -24.01 11.27
N PHE A 15 -2.39 -25.21 11.75
CA PHE A 15 -2.66 -25.57 13.15
C PHE A 15 -1.36 -25.88 13.89
N LEU A 16 -1.34 -25.63 15.19
CA LEU A 16 -0.16 -25.89 16.00
C LEU A 16 0.00 -27.39 16.24
N ARG A 17 0.88 -28.03 15.48
CA ARG A 17 1.12 -29.46 15.63
C ARG A 17 2.30 -29.71 16.55
N ILE A 18 2.02 -30.18 17.75
CA ILE A 18 3.05 -30.44 18.74
C ILE A 18 3.59 -31.86 18.61
N LEU A 19 4.89 -32.00 18.83
CA LEU A 19 5.56 -33.29 18.76
C LEU A 19 6.42 -33.50 20.02
N PRO A 20 6.43 -34.72 20.57
CA PRO A 20 7.22 -35.04 21.78
C PRO A 20 8.64 -34.48 21.71
N ASP A 21 9.17 -34.40 20.49
CA ASP A 21 10.52 -33.87 20.26
C ASP A 21 10.63 -32.45 20.77
N GLY A 22 9.61 -31.63 20.50
CA GLY A 22 9.63 -30.25 20.92
C GLY A 22 9.41 -29.29 19.76
N THR A 23 9.90 -29.67 18.58
CA THR A 23 9.76 -28.83 17.40
C THR A 23 8.31 -28.81 16.90
N VAL A 24 7.52 -27.92 17.48
CA VAL A 24 6.12 -27.76 17.10
C VAL A 24 6.01 -26.78 15.92
N ASP A 25 5.25 -27.17 14.90
CA ASP A 25 5.06 -26.32 13.72
C ASP A 25 3.58 -26.11 13.42
N GLY A 26 3.30 -25.13 12.56
CA GLY A 26 1.93 -24.82 12.20
C GLY A 26 1.41 -25.70 11.08
N THR A 27 1.29 -26.98 11.35
CA THR A 27 0.81 -27.94 10.36
C THR A 27 -0.67 -27.71 10.05
N ARG A 28 -0.99 -27.60 8.77
CA ARG A 28 -2.38 -27.38 8.37
C ARG A 28 -3.06 -28.71 8.07
N ASP A 29 -3.25 -29.51 9.12
CA ASP A 29 -3.89 -30.81 8.99
C ASP A 29 -4.65 -31.17 10.26
N ARG A 30 -5.69 -31.98 10.11
CA ARG A 30 -6.49 -32.42 11.24
C ARG A 30 -6.78 -33.92 11.15
N SER A 31 -5.90 -34.63 10.43
CA SER A 31 -6.03 -36.06 10.24
C SER A 31 -5.25 -36.79 11.33
N ASP A 32 -4.05 -36.30 11.63
CA ASP A 32 -3.21 -36.91 12.64
C ASP A 32 -3.37 -36.18 13.97
N GLN A 33 -3.68 -36.93 15.03
CA GLN A 33 -3.88 -36.34 16.35
C GLN A 33 -2.58 -35.79 16.93
N HIS A 34 -2.15 -34.65 16.43
CA HIS A 34 -0.93 -34.01 16.93
C HIS A 34 -1.06 -32.48 16.94
N ILE A 35 -2.28 -31.98 16.83
CA ILE A 35 -2.53 -30.54 16.83
C ILE A 35 -3.54 -30.17 17.91
N GLN A 36 -3.38 -30.75 19.09
CA GLN A 36 -4.28 -30.51 20.21
C GLN A 36 -3.51 -30.40 21.52
N LEU A 37 -3.83 -29.37 22.29
CA LEU A 37 -3.20 -29.14 23.58
C LEU A 37 -4.27 -28.97 24.65
N GLN A 38 -3.92 -29.27 25.90
CA GLN A 38 -4.87 -29.14 26.99
C GLN A 38 -4.79 -27.74 27.60
N LEU A 39 -5.32 -26.76 26.87
CA LEU A 39 -5.33 -25.38 27.32
C LEU A 39 -6.40 -25.20 28.40
N SER A 40 -6.00 -24.63 29.53
CA SER A 40 -6.93 -24.39 30.63
C SER A 40 -6.38 -23.32 31.57
N ALA A 41 -7.29 -22.67 32.30
CA ALA A 41 -6.90 -21.64 33.26
C ALA A 41 -6.53 -22.29 34.58
N GLU A 42 -5.23 -22.38 34.85
CA GLU A 42 -4.74 -23.00 36.07
C GLU A 42 -5.03 -22.10 37.26
N SER A 43 -4.57 -20.87 37.18
CA SER A 43 -4.78 -19.89 38.24
C SER A 43 -5.63 -18.73 37.72
N VAL A 44 -5.98 -17.81 38.61
CA VAL A 44 -6.80 -16.65 38.23
C VAL A 44 -6.17 -15.91 37.06
N GLY A 45 -6.61 -16.25 35.85
CA GLY A 45 -6.10 -15.61 34.66
C GLY A 45 -4.88 -16.31 34.06
N GLU A 46 -4.25 -17.19 34.85
CA GLU A 46 -3.07 -17.91 34.39
C GLU A 46 -3.47 -19.19 33.66
N VAL A 47 -3.28 -19.20 32.35
CA VAL A 47 -3.60 -20.37 31.53
C VAL A 47 -2.33 -21.11 31.13
N TYR A 48 -2.41 -22.43 31.10
CA TYR A 48 -1.26 -23.25 30.75
C TYR A 48 -1.51 -24.01 29.45
N ILE A 49 -0.45 -24.23 28.69
CA ILE A 49 -0.52 -24.94 27.44
C ILE A 49 0.23 -26.26 27.55
N LYS A 50 -0.50 -27.35 27.71
CA LYS A 50 0.08 -28.67 27.85
C LYS A 50 -0.57 -29.68 26.91
N SER A 51 0.18 -30.15 25.94
CA SER A 51 -0.33 -31.13 24.98
C SER A 51 -0.24 -32.53 25.58
N THR A 52 -0.94 -32.72 26.70
CA THR A 52 -0.93 -33.98 27.42
C THR A 52 -1.31 -35.16 26.53
N GLU A 53 -2.57 -35.23 26.14
CA GLU A 53 -3.07 -36.34 25.32
C GLU A 53 -2.77 -36.13 23.84
N THR A 54 -1.49 -35.94 23.50
CA THR A 54 -1.09 -35.75 22.11
C THR A 54 0.40 -35.44 21.95
N GLY A 55 0.95 -34.61 22.83
CA GLY A 55 2.35 -34.27 22.70
C GLY A 55 3.08 -34.15 24.02
N GLN A 56 3.45 -32.92 24.36
CA GLN A 56 4.21 -32.63 25.57
C GLN A 56 3.80 -31.31 26.21
N TYR A 57 4.49 -30.95 27.28
CA TYR A 57 4.22 -29.70 27.99
C TYR A 57 5.11 -28.60 27.41
N LEU A 58 4.61 -27.38 27.36
CA LEU A 58 5.38 -26.26 26.82
C LEU A 58 6.33 -25.69 27.87
N ALA A 59 7.41 -25.07 27.37
CA ALA A 59 8.42 -24.46 28.21
C ALA A 59 9.21 -23.45 27.39
N MET A 60 8.67 -22.24 27.29
CA MET A 60 9.28 -21.16 26.52
C MET A 60 10.75 -20.95 26.89
N ASP A 61 11.56 -20.64 25.89
CA ASP A 61 12.97 -20.38 26.10
C ASP A 61 13.17 -18.89 26.29
N THR A 62 12.95 -18.42 27.51
CA THR A 62 13.08 -17.01 27.83
C THR A 62 12.11 -16.19 26.98
N ASP A 63 10.94 -16.76 26.70
CA ASP A 63 9.91 -16.12 25.86
C ASP A 63 10.39 -16.03 24.40
N GLY A 64 11.58 -15.48 24.21
CA GLY A 64 12.16 -15.34 22.88
C GLY A 64 11.79 -16.48 21.95
N LEU A 65 12.09 -17.70 22.37
CA LEU A 65 11.78 -18.88 21.57
C LEU A 65 10.78 -19.75 22.33
N LEU A 66 9.74 -20.18 21.63
CA LEU A 66 8.72 -21.01 22.26
C LEU A 66 8.98 -22.49 21.95
N TYR A 67 8.98 -23.31 22.99
CA TYR A 67 9.21 -24.73 22.85
C TYR A 67 8.57 -25.49 24.02
N GLY A 68 8.65 -26.82 23.98
CA GLY A 68 8.08 -27.63 25.02
C GLY A 68 8.35 -29.10 24.81
N SER A 69 8.57 -29.84 25.89
CA SER A 69 8.83 -31.28 25.80
C SER A 69 9.26 -31.84 27.16
N GLN A 70 10.39 -31.36 27.66
CA GLN A 70 10.94 -31.84 28.93
C GLN A 70 10.01 -31.58 30.12
N THR A 71 9.88 -30.33 30.53
CA THR A 71 9.05 -29.98 31.68
C THR A 71 8.30 -28.67 31.50
N PRO A 72 7.08 -28.56 32.06
CA PRO A 72 6.26 -27.35 31.96
C PRO A 72 6.76 -26.28 32.93
N ASN A 73 7.91 -25.70 32.62
CA ASN A 73 8.51 -24.66 33.46
C ASN A 73 7.62 -23.43 33.53
N GLU A 74 7.78 -22.63 34.58
CA GLU A 74 6.98 -21.40 34.77
C GLU A 74 6.85 -20.62 33.46
N GLU A 75 7.89 -20.69 32.63
CA GLU A 75 7.86 -20.03 31.31
C GLU A 75 6.56 -20.33 30.57
N CYS A 76 5.94 -21.47 30.88
CA CYS A 76 4.70 -21.88 30.23
C CYS A 76 3.44 -21.26 30.86
N LEU A 77 3.60 -20.39 31.86
CA LEU A 77 2.44 -19.75 32.48
C LEU A 77 2.10 -18.45 31.75
N PHE A 78 0.89 -18.37 31.20
CA PHE A 78 0.47 -17.19 30.45
C PHE A 78 -0.86 -16.64 30.96
N LEU A 79 -1.01 -15.33 30.91
CA LEU A 79 -2.24 -14.67 31.34
C LEU A 79 -3.26 -14.70 30.21
N GLU A 80 -4.44 -15.22 30.49
CA GLU A 80 -5.50 -15.33 29.48
C GLU A 80 -6.14 -13.96 29.22
N ARG A 81 -5.97 -13.47 27.99
CA ARG A 81 -6.54 -12.19 27.58
C ARG A 81 -7.32 -12.37 26.27
N LEU A 82 -8.35 -11.54 26.08
CA LEU A 82 -9.17 -11.62 24.88
C LEU A 82 -9.17 -10.29 24.15
N GLU A 83 -9.12 -10.34 22.82
CA GLU A 83 -9.13 -9.13 22.00
C GLU A 83 -10.42 -9.07 21.20
N GLU A 84 -10.98 -7.87 21.05
CA GLU A 84 -12.21 -7.66 20.30
C GLU A 84 -11.95 -7.80 18.80
N ASN A 85 -11.34 -8.92 18.42
CA ASN A 85 -11.02 -9.20 17.02
C ASN A 85 -11.18 -10.69 16.73
N HIS A 86 -11.99 -11.37 17.57
CA HIS A 86 -12.22 -12.80 17.42
C HIS A 86 -10.92 -13.58 17.57
N TYR A 87 -10.11 -13.21 18.56
CA TYR A 87 -8.84 -13.87 18.81
C TYR A 87 -8.50 -13.87 20.30
N ASN A 88 -7.71 -14.85 20.71
CA ASN A 88 -7.29 -14.99 22.10
C ASN A 88 -5.86 -14.48 22.28
N THR A 89 -5.59 -13.91 23.45
CA THR A 89 -4.28 -13.39 23.75
C THR A 89 -3.75 -14.00 25.04
N TYR A 90 -2.49 -14.39 25.06
CA TYR A 90 -1.88 -15.00 26.23
C TYR A 90 -0.58 -14.29 26.57
N ILE A 91 -0.55 -13.66 27.74
CA ILE A 91 0.64 -12.92 28.16
C ILE A 91 1.55 -13.79 29.03
N SER A 92 2.77 -14.03 28.54
CA SER A 92 3.74 -14.82 29.28
C SER A 92 4.21 -14.04 30.49
N LYS A 93 3.40 -14.06 31.55
CA LYS A 93 3.73 -13.34 32.79
C LYS A 93 5.19 -13.53 33.17
N LYS A 94 5.74 -14.71 32.89
CA LYS A 94 7.14 -15.00 33.18
C LYS A 94 8.06 -13.93 32.58
N HIS A 95 7.61 -13.32 31.47
CA HIS A 95 8.39 -12.28 30.80
C HIS A 95 7.57 -11.01 30.56
N ALA A 96 6.38 -10.96 31.17
CA ALA A 96 5.51 -9.79 31.02
C ALA A 96 6.28 -8.51 31.35
N GLU A 97 7.25 -8.63 32.26
CA GLU A 97 8.09 -7.50 32.66
C GLU A 97 8.66 -6.78 31.43
N LYS A 98 8.94 -7.54 30.37
CA LYS A 98 9.49 -6.97 29.15
C LYS A 98 8.38 -6.72 28.12
N ASN A 99 7.12 -6.79 28.58
CA ASN A 99 5.98 -6.59 27.70
C ASN A 99 5.97 -7.63 26.57
N TRP A 100 6.43 -8.84 26.92
CA TRP A 100 6.51 -9.94 25.98
C TRP A 100 5.39 -10.94 26.22
N PHE A 101 4.61 -11.21 25.19
CA PHE A 101 3.51 -12.17 25.30
C PHE A 101 3.51 -13.11 24.09
N VAL A 102 3.64 -14.42 24.41
CA VAL A 102 3.70 -15.54 23.45
C VAL A 102 3.22 -15.19 22.04
N GLY A 103 4.12 -15.38 21.07
CA GLY A 103 3.82 -15.13 19.67
C GLY A 103 4.43 -16.19 18.78
N LEU A 104 3.65 -16.74 17.86
CA LEU A 104 4.14 -17.79 16.96
C LEU A 104 4.06 -17.37 15.50
N LYS A 105 4.82 -18.06 14.66
CA LYS A 105 4.85 -17.80 13.23
C LYS A 105 4.06 -18.87 12.50
N LYS A 106 2.86 -18.51 12.04
CA LYS A 106 1.97 -19.43 11.33
C LYS A 106 2.73 -20.30 10.32
N ASN A 107 3.64 -19.67 9.57
CA ASN A 107 4.43 -20.37 8.57
C ASN A 107 5.89 -20.49 9.01
N GLY A 108 6.11 -20.69 10.31
CA GLY A 108 7.47 -20.80 10.81
C GLY A 108 7.56 -21.68 12.05
N SER A 109 6.74 -21.35 13.06
CA SER A 109 6.69 -22.06 14.34
C SER A 109 6.55 -21.04 15.46
N CYS A 110 6.39 -21.51 16.69
CA CYS A 110 6.26 -20.63 17.84
C CYS A 110 7.62 -20.20 18.37
N LYS A 111 8.04 -18.99 18.03
CA LYS A 111 9.32 -18.45 18.49
C LYS A 111 9.54 -17.03 17.96
N ARG A 112 8.90 -16.09 18.63
CA ARG A 112 8.97 -14.68 18.26
C ARG A 112 8.99 -13.79 19.50
N GLY A 113 9.59 -14.29 20.60
CA GLY A 113 9.67 -13.51 21.83
C GLY A 113 10.21 -12.11 21.60
N PRO A 114 11.36 -11.92 20.89
CA PRO A 114 11.90 -10.57 20.65
C PRO A 114 10.92 -9.69 19.84
N ARG A 115 9.86 -10.32 19.35
CA ARG A 115 8.83 -9.65 18.56
C ARG A 115 7.42 -9.97 19.09
N THR A 116 7.30 -10.18 20.41
CA THR A 116 6.00 -10.52 21.02
C THR A 116 5.30 -9.29 21.59
N HIS A 117 5.65 -8.11 21.09
CA HIS A 117 5.02 -6.88 21.55
C HIS A 117 4.03 -6.40 20.50
N TYR A 118 3.49 -5.19 20.65
CA TYR A 118 2.52 -4.67 19.69
C TYR A 118 3.19 -4.33 18.36
N GLY A 119 3.14 -5.29 17.44
CA GLY A 119 3.72 -5.14 16.12
C GLY A 119 3.35 -6.31 15.25
N GLN A 120 3.46 -7.50 15.83
CA GLN A 120 3.09 -8.73 15.15
C GLN A 120 1.69 -9.13 15.58
N LYS A 121 0.83 -9.35 14.61
CA LYS A 121 -0.56 -9.70 14.89
C LYS A 121 -0.71 -11.18 15.24
N ALA A 122 0.30 -11.97 14.88
CA ALA A 122 0.31 -13.41 15.17
C ALA A 122 0.03 -13.72 16.65
N ILE A 123 0.15 -12.71 17.50
CA ILE A 123 -0.11 -12.87 18.92
C ILE A 123 -1.61 -13.10 19.18
N LEU A 124 -2.45 -12.70 18.23
CA LEU A 124 -3.89 -12.90 18.35
C LEU A 124 -4.26 -14.27 17.82
N PHE A 125 -4.24 -15.25 18.71
CA PHE A 125 -4.52 -16.64 18.36
C PHE A 125 -6.02 -16.90 18.25
N LEU A 126 -6.39 -17.80 17.35
CA LEU A 126 -7.77 -18.18 17.14
C LEU A 126 -7.98 -19.61 17.66
N PRO A 127 -8.66 -19.75 18.80
CA PRO A 127 -8.90 -21.05 19.42
C PRO A 127 -10.16 -21.76 18.89
N LEU A 128 -10.06 -23.07 18.75
CA LEU A 128 -11.16 -23.91 18.28
C LEU A 128 -11.34 -25.11 19.21
N PRO A 129 -11.35 -24.89 20.55
CA PRO A 129 -11.48 -25.95 21.53
C PRO A 129 -12.93 -26.41 21.74
N VAL A 130 -13.08 -27.66 22.15
CA VAL A 130 -14.41 -28.22 22.42
C VAL A 130 -14.89 -27.78 23.79
N SER A 131 -15.54 -26.63 23.84
CA SER A 131 -16.06 -26.09 25.08
C SER A 131 -17.23 -26.92 25.62
N SER A 132 -17.74 -26.53 26.78
CA SER A 132 -18.86 -27.23 27.39
C SER A 132 -20.10 -26.35 27.34
N ASP A 133 -20.57 -26.11 26.12
CA ASP A 133 -21.75 -25.28 25.90
C ASP A 133 -23.01 -26.15 25.80
N MET B 1 -17.69 -2.39 1.51
CA MET B 1 -18.35 -2.07 2.81
C MET B 1 -17.33 -1.51 3.80
N ALA B 2 -16.71 -2.38 4.58
CA ALA B 2 -15.69 -1.97 5.53
C ALA B 2 -14.31 -2.13 4.90
N ALA B 3 -13.26 -1.66 5.58
CA ALA B 3 -11.91 -1.76 5.06
C ALA B 3 -11.84 -0.87 3.81
N GLU B 4 -12.18 0.40 4.00
CA GLU B 4 -12.19 1.37 2.92
C GLU B 4 -10.79 1.85 2.58
N PRO B 5 -10.46 1.91 1.27
CA PRO B 5 -9.16 2.35 0.80
C PRO B 5 -9.01 3.86 0.86
N LEU B 6 -7.89 4.31 1.44
CA LEU B 6 -7.61 5.73 1.56
C LEU B 6 -6.79 6.22 0.37
N THR B 7 -6.26 7.42 0.45
CA THR B 7 -5.44 7.95 -0.64
C THR B 7 -4.09 7.23 -0.66
N GLU B 8 -3.43 7.27 -1.81
CA GLU B 8 -2.14 6.61 -2.00
C GLU B 8 -1.09 7.08 -0.98
N LEU B 9 -1.22 8.34 -0.55
CA LEU B 9 -0.30 8.95 0.41
C LEU B 9 -0.56 8.43 1.84
N GLU B 10 -1.81 8.04 2.13
CA GLU B 10 -2.15 7.49 3.44
C GLU B 10 -1.71 6.02 3.51
N GLU B 11 -1.88 5.35 2.38
CA GLU B 11 -1.46 3.95 2.17
C GLU B 11 0.04 3.82 2.45
N SER B 12 0.84 4.67 1.78
CA SER B 12 2.28 4.56 1.83
C SER B 12 2.87 4.98 3.18
N ILE B 13 2.35 6.03 3.86
CA ILE B 13 2.83 6.30 5.21
C ILE B 13 2.45 5.14 6.13
N GLU B 14 1.24 4.59 6.01
CA GLU B 14 0.88 3.46 6.86
C GLU B 14 1.87 2.31 6.67
N THR B 15 2.06 1.83 5.43
CA THR B 15 2.87 0.63 5.22
C THR B 15 4.28 0.75 5.84
N VAL B 16 4.90 1.94 5.77
CA VAL B 16 6.19 2.16 6.42
C VAL B 16 6.02 2.32 7.93
N VAL B 17 4.97 3.01 8.40
CA VAL B 17 4.70 3.17 9.82
C VAL B 17 4.49 1.81 10.50
N THR B 18 3.69 0.91 9.95
CA THR B 18 3.52 -0.42 10.52
C THR B 18 4.87 -1.16 10.59
N THR B 19 5.66 -1.12 9.50
CA THR B 19 6.97 -1.75 9.46
C THR B 19 7.86 -1.17 10.57
N PHE B 20 7.97 0.16 10.63
CA PHE B 20 8.61 0.88 11.74
C PHE B 20 8.14 0.29 13.06
N PHE B 21 6.82 0.26 13.27
CA PHE B 21 6.23 -0.21 14.52
C PHE B 21 6.59 -1.66 14.86
N THR B 22 6.82 -2.50 13.85
CA THR B 22 7.16 -3.91 14.08
C THR B 22 8.65 -4.06 14.45
N PHE B 23 9.32 -2.92 14.64
CA PHE B 23 10.72 -2.90 15.03
C PHE B 23 10.92 -2.03 16.28
N ALA B 24 10.07 -1.01 16.40
CA ALA B 24 10.08 -0.06 17.52
C ALA B 24 9.72 -0.76 18.82
N ARG B 25 8.83 -1.74 18.75
CA ARG B 25 8.36 -2.47 19.93
C ARG B 25 9.27 -3.64 20.32
N GLN B 26 10.38 -3.83 19.61
CA GLN B 26 11.30 -4.93 19.91
C GLN B 26 11.78 -4.89 21.37
N GLU B 27 12.30 -3.73 21.78
CA GLU B 27 12.80 -3.56 23.14
C GLU B 27 12.00 -2.48 23.87
N GLY B 28 12.58 -1.93 24.96
CA GLY B 28 11.93 -0.89 25.74
C GLY B 28 11.35 0.27 24.92
N ARG B 29 10.04 0.50 25.14
CA ARG B 29 9.25 1.55 24.47
C ARG B 29 8.95 1.20 23.00
N LYS B 30 7.66 1.12 22.65
CA LYS B 30 7.26 0.78 21.28
C LYS B 30 7.08 2.02 20.40
N ASP B 31 8.08 2.89 20.45
CA ASP B 31 8.12 4.12 19.64
C ASP B 31 9.56 4.31 19.21
N SER B 32 10.47 4.25 20.18
CA SER B 32 11.88 4.44 19.93
C SER B 32 12.54 3.14 19.47
N LEU B 33 13.38 3.24 18.44
CA LEU B 33 14.35 2.21 18.11
C LEU B 33 15.59 2.48 18.92
N SER B 34 16.04 1.55 19.77
CA SER B 34 17.38 1.63 20.33
C SER B 34 18.39 1.06 19.34
N VAL B 35 19.67 1.06 19.69
CA VAL B 35 20.78 0.80 18.77
C VAL B 35 20.57 -0.51 17.98
N ASN B 36 20.40 -1.64 18.70
CA ASN B 36 20.17 -2.96 18.06
C ASN B 36 18.94 -2.89 17.16
N GLU B 37 17.81 -2.54 17.78
CA GLU B 37 16.53 -2.29 17.14
C GLU B 37 16.69 -1.57 15.80
N PHE B 38 17.45 -0.48 15.82
CA PHE B 38 17.70 0.33 14.64
C PHE B 38 18.49 -0.49 13.62
N LYS B 39 19.62 -1.07 14.05
CA LYS B 39 20.45 -1.88 13.17
C LYS B 39 19.64 -3.00 12.51
N GLU B 40 18.66 -3.56 13.24
CA GLU B 40 17.82 -4.64 12.72
C GLU B 40 17.02 -4.24 11.47
N LEU B 41 16.67 -2.95 11.34
CA LEU B 41 15.91 -2.48 10.19
C LEU B 41 16.76 -2.64 8.95
N VAL B 42 17.96 -2.04 9.00
CA VAL B 42 18.84 -1.94 7.86
C VAL B 42 19.31 -3.34 7.48
N THR B 43 19.83 -4.08 8.45
CA THR B 43 20.37 -5.42 8.23
C THR B 43 19.35 -6.42 7.65
N GLN B 44 18.05 -6.19 7.87
CA GLN B 44 17.04 -7.11 7.37
C GLN B 44 16.36 -6.65 6.09
N GLN B 45 15.66 -5.52 6.15
CA GLN B 45 14.90 -5.02 5.00
C GLN B 45 15.60 -3.92 4.21
N LEU B 46 16.92 -3.79 4.33
CA LEU B 46 17.63 -2.75 3.56
C LEU B 46 19.04 -3.19 3.18
N PRO B 47 19.16 -4.09 2.19
CA PRO B 47 20.44 -4.61 1.72
C PRO B 47 20.99 -3.92 0.46
N HIS B 48 20.17 -3.09 -0.19
CA HIS B 48 20.61 -2.42 -1.42
C HIS B 48 20.79 -0.91 -1.21
N LEU B 49 19.70 -0.23 -0.82
CA LEU B 49 19.71 1.20 -0.60
C LEU B 49 20.93 1.67 0.18
N LEU B 50 21.01 1.27 1.45
CA LEU B 50 22.12 1.54 2.36
C LEU B 50 22.81 0.21 2.62
N LYS B 51 23.62 -0.22 1.65
CA LYS B 51 24.35 -1.48 1.72
C LYS B 51 25.42 -1.48 2.82
N ASP B 52 25.51 -0.39 3.57
CA ASP B 52 26.47 -0.28 4.66
C ASP B 52 25.90 -0.87 5.95
N VAL B 53 26.04 -2.18 6.09
CA VAL B 53 25.55 -2.89 7.27
C VAL B 53 26.65 -3.02 8.33
N GLY B 54 27.65 -2.16 8.24
CA GLY B 54 28.74 -2.18 9.20
C GLY B 54 28.93 -0.85 9.91
N SER B 55 28.73 0.25 9.18
CA SER B 55 28.89 1.58 9.74
C SER B 55 27.54 2.18 10.15
N LEU B 56 26.72 1.38 10.84
CA LEU B 56 25.44 1.81 11.32
C LEU B 56 25.64 2.89 12.38
N ASP B 57 26.76 2.84 13.12
CA ASP B 57 27.17 3.86 14.06
C ASP B 57 27.16 5.26 13.41
N GLU B 58 27.75 5.39 12.22
CA GLU B 58 27.78 6.64 11.46
C GLU B 58 26.35 7.13 11.24
N LYS B 59 25.48 6.27 10.70
CA LYS B 59 24.09 6.64 10.48
C LYS B 59 23.49 7.10 11.82
N MET B 60 23.65 6.29 12.87
CA MET B 60 23.11 6.56 14.19
C MET B 60 23.51 7.97 14.63
N LYS B 61 24.81 8.29 14.64
CA LYS B 61 25.28 9.61 14.99
C LYS B 61 24.69 10.69 14.08
N SER B 62 24.62 10.43 12.78
CA SER B 62 24.04 11.37 11.81
C SER B 62 22.55 11.61 12.07
N LEU B 63 21.84 10.61 12.61
CA LEU B 63 20.42 10.63 12.88
C LEU B 63 20.13 11.23 14.25
N ASP B 64 20.59 10.57 15.31
CA ASP B 64 20.32 10.91 16.69
C ASP B 64 21.12 12.14 17.10
N VAL B 65 20.71 13.32 16.64
CA VAL B 65 21.41 14.58 16.86
C VAL B 65 21.77 14.82 18.35
N ASN B 66 20.86 14.42 19.26
CA ASN B 66 21.03 14.57 20.70
C ASN B 66 21.82 13.43 21.32
N GLN B 67 22.10 12.36 20.58
CA GLN B 67 22.88 11.20 21.01
C GLN B 67 22.37 10.68 22.37
N ASP B 68 21.06 10.44 22.46
CA ASP B 68 20.42 9.82 23.62
C ASP B 68 20.41 8.30 23.48
N SER B 69 20.76 7.77 22.29
CA SER B 69 20.70 6.35 21.98
C SER B 69 19.25 5.85 21.93
N GLU B 70 18.33 6.75 21.62
CA GLU B 70 16.96 6.48 21.23
C GLU B 70 16.69 7.31 19.98
N LEU B 71 16.40 6.67 18.85
CA LEU B 71 15.80 7.35 17.72
C LEU B 71 14.29 7.37 18.00
N LYS B 72 13.77 8.43 18.62
CA LYS B 72 12.34 8.68 18.75
C LYS B 72 11.69 8.61 17.35
N PHE B 73 10.37 8.44 17.27
CA PHE B 73 9.62 8.38 16.01
C PHE B 73 10.17 9.36 14.96
N ASN B 74 10.18 10.65 15.30
CA ASN B 74 10.61 11.71 14.39
C ASN B 74 12.11 11.64 14.07
N GLU B 75 12.94 11.19 15.02
CA GLU B 75 14.37 11.06 14.80
C GLU B 75 14.61 9.92 13.82
N TYR B 76 14.08 8.72 14.13
CA TYR B 76 14.11 7.56 13.27
C TYR B 76 13.66 7.95 11.87
N TRP B 77 12.50 8.61 11.80
CA TRP B 77 11.90 9.07 10.56
C TRP B 77 12.94 9.69 9.62
N ARG B 78 13.94 10.43 10.13
CA ARG B 78 15.06 10.96 9.32
C ARG B 78 15.55 9.95 8.28
N LEU B 79 15.82 8.71 8.70
CA LEU B 79 16.28 7.64 7.83
C LEU B 79 15.43 7.59 6.55
N ILE B 80 14.11 7.67 6.68
CA ILE B 80 13.19 7.50 5.55
C ILE B 80 13.47 8.58 4.51
N GLY B 81 14.04 9.72 4.91
CA GLY B 81 14.39 10.81 4.04
C GLY B 81 15.62 10.45 3.26
N GLU B 82 16.56 9.86 3.95
CA GLU B 82 17.84 9.49 3.40
C GLU B 82 17.57 8.34 2.42
N LEU B 83 16.60 7.47 2.74
CA LEU B 83 16.10 6.43 1.85
C LEU B 83 15.47 7.05 0.59
N ALA B 84 14.42 7.85 0.78
CA ALA B 84 13.64 8.50 -0.27
C ALA B 84 14.52 9.41 -1.14
N LYS B 85 15.60 9.91 -0.56
CA LYS B 85 16.63 10.62 -1.27
C LYS B 85 17.46 9.61 -2.05
N GLU B 86 18.14 8.65 -1.39
CA GLU B 86 19.00 7.64 -1.99
C GLU B 86 18.38 7.01 -3.24
N ILE B 87 17.13 6.56 -3.18
CA ILE B 87 16.49 5.93 -4.33
C ILE B 87 16.59 6.77 -5.64
N ARG B 88 16.58 8.10 -5.52
CA ARG B 88 16.81 9.02 -6.62
C ARG B 88 18.30 9.32 -6.72
N LYS B 89 18.88 9.75 -5.60
CA LYS B 89 20.20 10.36 -5.46
C LYS B 89 21.31 9.40 -5.83
N LYS B 90 21.13 8.08 -5.74
CA LYS B 90 21.93 7.28 -4.82
C LYS B 90 23.37 7.80 -4.67
N LYS B 91 24.22 7.74 -5.70
CA LYS B 91 25.59 8.25 -5.65
C LYS B 91 25.86 9.11 -6.91
N ASP B 92 24.90 10.01 -7.22
CA ASP B 92 24.85 11.01 -8.30
C ASP B 92 26.05 11.96 -8.17
N LEU B 93 27.22 11.43 -8.52
CA LEU B 93 28.53 12.00 -8.30
C LEU B 93 29.51 11.05 -8.97
N LYS B 94 29.43 9.74 -8.65
CA LYS B 94 30.19 8.69 -9.32
C LYS B 94 29.27 7.67 -10.01
N ILE B 95 28.18 7.26 -9.35
CA ILE B 95 27.35 6.12 -9.78
C ILE B 95 25.87 6.47 -9.58
N ARG B 96 25.04 6.66 -10.60
CA ARG B 96 25.24 6.80 -12.06
C ARG B 96 23.90 7.03 -12.78
N MET C 1 16.47 5.89 -16.95
CA MET C 1 15.20 6.37 -17.48
C MET C 1 14.06 5.96 -16.55
N ALA C 2 13.89 4.65 -16.29
CA ALA C 2 12.89 4.15 -15.36
C ALA C 2 13.02 2.64 -15.10
N ALA C 3 13.26 2.25 -13.85
CA ALA C 3 12.73 1.06 -13.17
C ALA C 3 12.38 -0.21 -13.99
N GLU C 4 13.26 -1.22 -14.02
CA GLU C 4 12.89 -2.64 -14.01
C GLU C 4 12.64 -3.05 -12.53
N PRO C 5 12.35 -4.37 -12.22
CA PRO C 5 12.11 -4.93 -10.89
C PRO C 5 12.60 -4.14 -9.68
N LEU C 6 11.77 -4.11 -8.65
CA LEU C 6 12.05 -3.43 -7.40
C LEU C 6 11.76 -4.37 -6.23
N THR C 7 11.34 -3.82 -5.09
CA THR C 7 11.01 -4.64 -3.92
C THR C 7 9.60 -4.30 -3.40
N GLU C 8 9.22 -4.91 -2.27
CA GLU C 8 7.90 -4.71 -1.68
C GLU C 8 7.65 -3.25 -1.27
N LEU C 9 8.60 -2.66 -0.53
CA LEU C 9 8.46 -1.28 -0.07
C LEU C 9 8.80 -0.27 -1.17
N GLU C 10 9.47 -0.73 -2.21
CA GLU C 10 9.82 0.12 -3.34
C GLU C 10 8.58 0.39 -4.20
N GLU C 11 7.65 -0.57 -4.23
CA GLU C 11 6.37 -0.38 -4.92
C GLU C 11 5.65 0.83 -4.36
N SER C 12 5.49 0.87 -3.03
CA SER C 12 4.67 1.86 -2.37
C SER C 12 5.29 3.27 -2.38
N ILE C 13 6.61 3.41 -2.54
CA ILE C 13 7.20 4.69 -2.89
C ILE C 13 6.99 4.99 -4.38
N GLU C 14 6.98 3.99 -5.26
CA GLU C 14 6.66 4.22 -6.67
C GLU C 14 5.24 4.79 -6.80
N THR C 15 4.23 4.13 -6.24
CA THR C 15 2.83 4.46 -6.51
C THR C 15 2.55 5.97 -6.33
N VAL C 16 3.16 6.59 -5.31
CA VAL C 16 3.02 8.02 -5.08
C VAL C 16 3.82 8.84 -6.10
N VAL C 17 5.00 8.37 -6.50
CA VAL C 17 5.80 8.99 -7.55
C VAL C 17 5.02 8.99 -8.87
N THR C 18 4.34 7.87 -9.18
CA THR C 18 3.53 7.78 -10.39
C THR C 18 2.43 8.87 -10.41
N THR C 19 1.98 9.30 -9.22
CA THR C 19 0.99 10.38 -9.11
C THR C 19 1.68 11.69 -9.50
N PHE C 20 2.83 11.90 -8.86
CA PHE C 20 3.73 13.01 -9.12
C PHE C 20 3.98 13.14 -10.63
N PHE C 21 4.43 12.03 -11.22
CA PHE C 21 4.79 11.96 -12.65
C PHE C 21 3.63 12.29 -13.59
N THR C 22 2.40 11.96 -13.23
CA THR C 22 1.26 12.26 -14.12
C THR C 22 0.60 13.59 -13.81
N PHE C 23 1.32 14.45 -13.13
CA PHE C 23 0.82 15.77 -12.77
C PHE C 23 1.86 16.83 -13.13
N ALA C 24 3.13 16.43 -13.08
CA ALA C 24 4.23 17.33 -13.37
C ALA C 24 4.60 17.36 -14.85
N ARG C 25 4.11 16.40 -15.63
CA ARG C 25 4.38 16.41 -17.08
C ARG C 25 3.32 17.28 -17.78
N GLN C 26 2.85 18.32 -17.09
CA GLN C 26 1.77 19.15 -17.60
C GLN C 26 2.19 20.34 -18.49
N GLU C 27 2.94 21.32 -17.97
CA GLU C 27 3.21 22.49 -18.78
C GLU C 27 4.50 22.38 -19.59
N GLY C 28 5.65 22.54 -18.91
CA GLY C 28 6.94 21.96 -19.21
C GLY C 28 7.12 20.66 -18.42
N ARG C 29 8.05 19.81 -18.87
CA ARG C 29 8.99 19.11 -18.01
C ARG C 29 8.34 18.34 -16.85
N LYS C 30 8.34 17.00 -17.01
CA LYS C 30 7.77 16.06 -16.04
C LYS C 30 8.66 15.85 -14.80
N ASP C 31 9.94 16.15 -14.95
CA ASP C 31 10.91 16.00 -13.87
C ASP C 31 10.81 17.09 -12.80
N SER C 32 10.07 18.19 -13.03
CA SER C 32 9.87 19.27 -12.07
C SER C 32 8.39 19.63 -11.92
N LEU C 33 7.94 19.85 -10.69
CA LEU C 33 6.62 20.42 -10.46
C LEU C 33 6.64 21.90 -10.85
N SER C 34 5.60 22.30 -11.57
CA SER C 34 5.36 23.64 -12.08
C SER C 34 4.05 24.14 -11.45
N VAL C 35 3.76 25.45 -11.44
CA VAL C 35 2.67 25.98 -10.62
C VAL C 35 1.39 26.21 -11.41
N ASN C 36 1.02 25.17 -12.16
CA ASN C 36 -0.32 24.72 -12.43
C ASN C 36 -0.16 23.23 -12.78
N GLU C 37 0.45 22.61 -11.76
CA GLU C 37 0.75 21.20 -11.63
C GLU C 37 0.74 20.94 -10.12
N PHE C 38 1.42 21.85 -9.39
CA PHE C 38 1.48 21.87 -7.95
C PHE C 38 0.12 22.23 -7.37
N LYS C 39 -0.42 23.40 -7.72
CA LYS C 39 -1.68 23.83 -7.13
C LYS C 39 -2.79 22.82 -7.47
N GLU C 40 -2.76 22.27 -8.69
CA GLU C 40 -3.74 21.27 -9.10
C GLU C 40 -3.60 20.00 -8.25
N LEU C 41 -2.36 19.70 -7.84
CA LEU C 41 -2.07 18.53 -7.02
C LEU C 41 -2.61 18.69 -5.60
N VAL C 42 -2.35 19.85 -4.99
CA VAL C 42 -2.84 20.13 -3.64
C VAL C 42 -4.36 20.22 -3.64
N THR C 43 -4.94 20.89 -4.63
CA THR C 43 -6.39 21.05 -4.69
C THR C 43 -7.15 19.75 -4.98
N GLN C 44 -6.49 18.78 -5.64
CA GLN C 44 -7.16 17.52 -5.98
C GLN C 44 -6.76 16.36 -5.07
N GLN C 45 -5.47 16.07 -4.99
CA GLN C 45 -4.98 14.95 -4.19
C GLN C 45 -4.80 15.28 -2.71
N LEU C 46 -4.58 16.55 -2.38
CA LEU C 46 -4.38 16.94 -0.98
C LEU C 46 -5.39 18.02 -0.51
N PRO C 47 -6.71 17.82 -0.69
CA PRO C 47 -7.69 18.82 -0.29
C PRO C 47 -8.15 18.62 1.17
N HIS C 48 -8.01 17.39 1.65
CA HIS C 48 -8.39 17.03 3.01
C HIS C 48 -7.16 16.95 3.91
N LEU C 49 -6.11 16.29 3.42
CA LEU C 49 -4.88 16.13 4.17
C LEU C 49 -4.24 17.50 4.39
N LEU C 50 -4.02 18.23 3.30
CA LEU C 50 -3.47 19.58 3.38
C LEU C 50 -4.61 20.57 3.36
N LYS C 51 -5.00 21.04 4.54
CA LYS C 51 -6.09 21.99 4.67
C LYS C 51 -5.59 23.42 4.49
N ASP C 52 -4.83 23.64 3.42
CA ASP C 52 -4.28 24.95 3.10
C ASP C 52 -4.02 25.05 1.60
N VAL C 53 -5.07 24.83 0.81
CA VAL C 53 -4.97 24.88 -0.65
C VAL C 53 -4.99 26.31 -1.17
N GLY C 54 -5.37 27.25 -0.30
CA GLY C 54 -5.44 28.65 -0.69
C GLY C 54 -4.14 29.37 -0.37
N SER C 55 -3.32 28.76 0.48
CA SER C 55 -2.05 29.35 0.87
C SER C 55 -0.87 28.49 0.39
N LEU C 56 -1.05 27.84 -0.76
CA LEU C 56 -0.02 27.02 -1.38
C LEU C 56 1.25 27.84 -1.55
N ASP C 57 1.11 29.04 -2.11
CA ASP C 57 2.16 29.99 -2.43
C ASP C 57 3.21 30.10 -1.32
N GLU C 58 2.78 30.13 -0.05
CA GLU C 58 3.68 30.13 1.10
C GLU C 58 4.50 28.82 1.14
N LYS C 59 3.80 27.69 1.00
CA LYS C 59 4.44 26.38 1.00
C LYS C 59 5.44 26.32 -0.14
N MET C 60 5.00 26.76 -1.32
CA MET C 60 5.84 26.84 -2.51
C MET C 60 7.13 27.61 -2.20
N LYS C 61 7.00 28.83 -1.67
CA LYS C 61 8.17 29.63 -1.32
C LYS C 61 9.07 28.88 -0.32
N SER C 62 8.46 28.25 0.68
CA SER C 62 9.19 27.48 1.68
C SER C 62 9.90 26.26 1.06
N LEU C 63 9.26 25.61 0.08
CA LEU C 63 9.76 24.44 -0.60
C LEU C 63 10.93 24.81 -1.50
N ASP C 64 10.70 25.74 -2.42
CA ASP C 64 11.49 26.00 -3.62
C ASP C 64 12.96 26.33 -3.41
N VAL C 65 13.38 26.63 -2.17
CA VAL C 65 14.17 27.78 -1.68
C VAL C 65 15.29 28.34 -2.56
N ASN C 66 15.83 27.60 -3.53
CA ASN C 66 16.62 28.23 -4.57
C ASN C 66 15.78 29.27 -5.32
N GLN C 67 14.45 29.10 -5.31
CA GLN C 67 13.47 30.04 -5.84
C GLN C 67 13.56 30.16 -7.36
N ASP C 68 14.16 29.16 -8.02
CA ASP C 68 14.07 29.01 -9.48
C ASP C 68 12.62 28.80 -9.91
N SER C 69 11.74 28.42 -8.98
CA SER C 69 10.33 28.16 -9.21
C SER C 69 10.09 26.91 -10.06
N GLU C 70 11.13 26.10 -10.29
CA GLU C 70 10.97 24.69 -10.56
C GLU C 70 10.99 24.02 -9.19
N LEU C 71 9.86 23.47 -8.75
CA LEU C 71 9.83 22.68 -7.54
C LEU C 71 10.52 21.37 -7.90
N LYS C 72 11.77 21.25 -7.47
CA LYS C 72 12.76 20.34 -8.05
C LYS C 72 12.55 18.93 -7.50
N PHE C 73 13.27 17.96 -8.07
CA PHE C 73 13.15 16.54 -7.77
C PHE C 73 13.93 16.28 -6.48
N ASN C 74 13.31 16.75 -5.39
CA ASN C 74 13.69 16.89 -4.00
C ASN C 74 14.13 18.35 -3.76
N GLU C 75 13.32 19.32 -4.19
CA GLU C 75 12.61 20.23 -3.30
C GLU C 75 11.25 19.62 -2.98
N TYR C 76 10.45 19.41 -4.04
CA TYR C 76 9.05 19.01 -4.01
C TYR C 76 8.76 18.00 -2.92
N TRP C 77 9.56 16.92 -2.94
CA TRP C 77 9.38 15.75 -2.13
C TRP C 77 9.04 16.10 -0.67
N ARG C 78 9.67 17.15 -0.13
CA ARG C 78 9.39 17.68 1.20
C ARG C 78 7.88 17.67 1.50
N LEU C 79 7.05 18.09 0.55
CA LEU C 79 5.60 18.16 0.70
C LEU C 79 5.04 16.86 1.26
N ILE C 80 5.41 15.72 0.66
CA ILE C 80 4.94 14.40 1.06
C ILE C 80 5.34 14.17 2.53
N GLY C 81 6.45 14.79 2.95
CA GLY C 81 6.99 14.78 4.29
C GLY C 81 6.12 15.53 5.26
N GLU C 82 5.67 16.69 4.81
CA GLU C 82 4.86 17.55 5.61
C GLU C 82 3.52 16.86 5.78
N LEU C 83 2.88 16.35 4.73
CA LEU C 83 1.71 15.50 4.95
C LEU C 83 2.02 14.30 5.87
N ALA C 84 3.15 13.61 5.64
CA ALA C 84 3.52 12.46 6.44
C ALA C 84 3.55 12.80 7.93
N LYS C 85 4.22 13.88 8.33
CA LYS C 85 4.20 14.28 9.72
C LYS C 85 2.81 14.83 10.10
N GLU C 86 2.14 15.62 9.25
CA GLU C 86 0.86 16.29 9.54
C GLU C 86 -0.13 15.35 10.22
N ILE C 87 -0.26 14.12 9.73
CA ILE C 87 -1.16 13.14 10.31
C ILE C 87 -0.93 13.00 11.84
N ARG C 88 0.35 13.02 12.25
CA ARG C 88 0.79 13.08 13.64
C ARG C 88 0.77 14.51 14.18
N LYS C 89 1.15 15.50 13.36
CA LYS C 89 1.57 16.82 13.78
C LYS C 89 0.61 17.90 13.26
N LYS C 90 -0.53 18.05 13.93
CA LYS C 90 -1.61 18.98 13.67
C LYS C 90 -1.12 20.37 13.17
N LYS C 91 -0.22 21.04 13.92
CA LYS C 91 0.30 22.35 13.49
C LYS C 91 1.69 22.66 14.07
N ASP C 92 2.23 21.79 14.91
CA ASP C 92 3.06 22.18 16.03
C ASP C 92 4.55 22.17 15.64
N LEU C 93 4.88 22.81 14.51
CA LEU C 93 6.24 22.85 13.98
C LEU C 93 6.99 24.09 14.44
N ILE C 95 9.56 26.46 14.30
CA ILE C 95 10.92 26.71 13.85
C ILE C 95 11.14 28.07 13.16
N ARG C 96 12.37 28.58 13.29
CA ARG C 96 12.89 29.80 12.70
C ARG C 96 14.40 29.73 12.88
N LYS C 97 15.20 29.90 11.82
CA LYS C 97 16.60 29.50 11.78
C LYS C 97 17.15 29.97 10.44
N LYS C 98 18.25 30.75 10.47
CA LYS C 98 19.06 31.05 9.30
C LYS C 98 20.31 30.17 9.41
N TYR D 1 -19.76 -8.77 -38.68
CA TYR D 1 -21.03 -8.02 -38.54
C TYR D 1 -20.77 -6.65 -37.91
N LYS D 2 -20.04 -5.80 -38.62
CA LYS D 2 -19.72 -4.46 -38.12
C LYS D 2 -20.98 -3.75 -37.63
N LYS D 3 -21.10 -3.61 -36.32
CA LYS D 3 -22.25 -2.97 -35.69
C LYS D 3 -21.87 -2.47 -34.30
N PRO D 4 -22.85 -1.95 -33.51
CA PRO D 4 -22.65 -1.44 -32.16
C PRO D 4 -21.36 -1.92 -31.50
N LYS D 5 -20.38 -1.03 -31.43
CA LYS D 5 -19.10 -1.33 -30.81
C LYS D 5 -19.09 -0.85 -29.36
N LEU D 6 -19.20 -1.79 -28.42
CA LEU D 6 -19.21 -1.45 -27.00
C LEU D 6 -17.78 -1.29 -26.50
N LEU D 7 -17.55 -0.24 -25.71
CA LEU D 7 -16.22 0.04 -25.18
C LEU D 7 -16.33 0.62 -23.77
N TYR D 8 -15.48 0.14 -22.86
CA TYR D 8 -15.46 0.62 -21.48
C TYR D 8 -14.09 0.31 -20.85
N CYS D 9 -13.86 0.80 -19.64
CA CYS D 9 -12.59 0.55 -18.96
C CYS D 9 -12.78 0.48 -17.45
N SER D 10 -11.74 -0.02 -16.76
CA SER D 10 -11.75 -0.16 -15.32
C SER D 10 -12.62 -1.34 -14.91
N ASN D 11 -12.01 -2.31 -14.24
CA ASN D 11 -12.72 -3.51 -13.80
C ASN D 11 -14.01 -3.12 -13.09
N GLY D 12 -15.13 -3.68 -13.54
CA GLY D 12 -16.41 -3.38 -12.94
C GLY D 12 -17.47 -3.10 -13.98
N GLY D 13 -18.67 -3.64 -13.77
CA GLY D 13 -19.75 -3.44 -14.69
C GLY D 13 -20.03 -1.97 -14.93
N HIS D 14 -19.62 -1.48 -16.10
CA HIS D 14 -19.83 -0.08 -16.49
C HIS D 14 -19.59 0.07 -17.99
N PHE D 15 -20.59 0.54 -18.72
CA PHE D 15 -20.47 0.72 -20.17
C PHE D 15 -20.64 2.18 -20.54
N LEU D 16 -19.99 2.60 -21.62
CA LEU D 16 -20.07 3.97 -22.09
C LEU D 16 -21.42 4.24 -22.75
N ARG D 17 -22.34 4.86 -22.00
CA ARG D 17 -23.66 5.16 -22.53
C ARG D 17 -23.69 6.58 -23.08
N ILE D 18 -23.74 6.69 -24.39
CA ILE D 18 -23.75 7.98 -25.06
C ILE D 18 -25.17 8.50 -25.25
N LEU D 19 -25.34 9.80 -25.10
CA LEU D 19 -26.63 10.45 -25.27
C LEU D 19 -26.49 11.66 -26.20
N PRO D 20 -27.47 11.87 -27.10
CA PRO D 20 -27.45 13.00 -28.04
C PRO D 20 -27.07 14.31 -27.38
N ASP D 21 -27.40 14.44 -26.10
CA ASP D 21 -27.08 15.65 -25.32
C ASP D 21 -25.58 15.88 -25.29
N GLY D 22 -24.82 14.80 -25.08
CA GLY D 22 -23.38 14.90 -25.01
C GLY D 22 -22.82 14.32 -23.72
N THR D 23 -23.59 14.43 -22.64
CA THR D 23 -23.15 13.91 -21.35
C THR D 23 -23.18 12.39 -21.32
N VAL D 24 -22.10 11.79 -21.79
CA VAL D 24 -21.96 10.34 -21.82
C VAL D 24 -21.40 9.85 -20.48
N ASP D 25 -22.03 8.83 -19.90
CA ASP D 25 -21.59 8.26 -18.62
C ASP D 25 -21.37 6.76 -18.73
N GLY D 26 -20.69 6.20 -17.73
CA GLY D 26 -20.41 4.78 -17.71
C GLY D 26 -21.55 3.96 -17.13
N THR D 27 -22.68 3.96 -17.83
CA THR D 27 -23.85 3.23 -17.40
C THR D 27 -23.62 1.72 -17.48
N ARG D 28 -23.89 1.02 -16.40
CA ARG D 28 -23.71 -0.42 -16.37
C ARG D 28 -25.01 -1.14 -16.74
N ASP D 29 -25.42 -0.97 -17.99
CA ASP D 29 -26.65 -1.59 -18.48
C ASP D 29 -26.53 -1.92 -19.97
N ARG D 30 -27.26 -2.94 -20.40
CA ARG D 30 -27.26 -3.35 -21.79
C ARG D 30 -28.69 -3.59 -22.28
N SER D 31 -29.65 -2.97 -21.60
CA SER D 31 -31.06 -3.10 -21.94
C SER D 31 -31.47 -2.02 -22.92
N ASP D 32 -31.01 -0.80 -22.67
CA ASP D 32 -31.32 0.34 -23.54
C ASP D 32 -30.20 0.56 -24.55
N GLN D 33 -30.56 0.61 -25.83
CA GLN D 33 -29.57 0.81 -26.88
C GLN D 33 -28.96 2.21 -26.85
N HIS D 34 -28.06 2.44 -25.89
CA HIS D 34 -27.40 3.73 -25.77
C HIS D 34 -25.94 3.58 -25.33
N ILE D 35 -25.41 2.36 -25.44
CA ILE D 35 -24.02 2.10 -25.04
C ILE D 35 -23.25 1.45 -26.20
N GLN D 36 -23.45 1.98 -27.40
CA GLN D 36 -22.80 1.46 -28.58
C GLN D 36 -22.34 2.58 -29.51
N LEU D 37 -21.10 2.49 -29.95
CA LEU D 37 -20.52 3.48 -30.85
C LEU D 37 -19.94 2.79 -32.08
N GLN D 38 -19.86 3.50 -33.19
CA GLN D 38 -19.33 2.94 -34.42
C GLN D 38 -17.81 3.16 -34.49
N LEU D 39 -17.08 2.41 -33.66
CA LEU D 39 -15.63 2.49 -33.63
C LEU D 39 -15.04 1.80 -34.86
N SER D 40 -14.17 2.51 -35.58
CA SER D 40 -13.53 1.96 -36.76
C SER D 40 -12.26 2.74 -37.11
N ALA D 41 -11.35 2.09 -37.82
CA ALA D 41 -10.10 2.71 -38.23
C ALA D 41 -10.33 3.49 -39.52
N GLU D 42 -10.43 4.81 -39.40
CA GLU D 42 -10.67 5.67 -40.56
C GLU D 42 -9.42 5.74 -41.43
N SER D 43 -8.31 6.12 -40.81
CA SER D 43 -7.03 6.22 -41.51
C SER D 43 -6.04 5.22 -40.93
N VAL D 44 -4.87 5.12 -41.53
CA VAL D 44 -3.83 4.21 -41.06
C VAL D 44 -3.54 4.43 -39.57
N GLY D 45 -4.21 3.65 -38.74
CA GLY D 45 -4.02 3.76 -37.30
C GLY D 45 -4.96 4.75 -36.63
N GLU D 46 -5.60 5.61 -37.44
CA GLU D 46 -6.50 6.62 -36.91
C GLU D 46 -7.92 6.06 -36.78
N VAL D 47 -8.36 5.83 -35.55
CA VAL D 47 -9.69 5.30 -35.29
C VAL D 47 -10.61 6.41 -34.80
N TYR D 48 -11.87 6.36 -35.22
CA TYR D 48 -12.85 7.36 -34.82
C TYR D 48 -13.95 6.74 -33.97
N ILE D 49 -14.47 7.54 -33.05
CA ILE D 49 -15.55 7.10 -32.17
C ILE D 49 -16.81 7.89 -32.47
N LYS D 50 -17.74 7.26 -33.19
CA LYS D 50 -18.98 7.90 -33.56
C LYS D 50 -20.18 7.01 -33.24
N SER D 51 -21.00 7.44 -32.30
CA SER D 51 -22.18 6.70 -31.90
C SER D 51 -23.33 6.99 -32.87
N THR D 52 -23.09 6.68 -34.14
CA THR D 52 -24.07 6.94 -35.19
C THR D 52 -25.44 6.34 -34.89
N GLU D 53 -25.52 5.01 -34.93
CA GLU D 53 -26.79 4.32 -34.71
C GLU D 53 -27.09 4.15 -33.21
N THR D 54 -27.12 5.26 -32.48
CA THR D 54 -27.41 5.21 -31.04
C THR D 54 -27.28 6.58 -30.35
N GLY D 55 -26.25 7.34 -30.71
CA GLY D 55 -26.07 8.62 -30.07
C GLY D 55 -25.59 9.72 -31.00
N GLN D 56 -24.35 10.14 -30.80
CA GLN D 56 -23.77 11.23 -31.57
C GLN D 56 -22.27 10.99 -31.84
N TYR D 57 -21.64 11.97 -32.48
CA TYR D 57 -20.22 11.91 -32.79
C TYR D 57 -19.44 12.55 -31.66
N LEU D 58 -18.25 12.02 -31.37
CA LEU D 58 -17.43 12.57 -30.30
C LEU D 58 -16.63 13.78 -30.76
N ALA D 59 -16.29 14.63 -29.80
CA ALA D 59 -15.51 15.83 -30.05
C ALA D 59 -14.87 16.31 -28.74
N MET D 60 -13.72 15.73 -28.44
CA MET D 60 -12.99 16.05 -27.22
C MET D 60 -12.79 17.56 -27.05
N ASP D 61 -12.87 18.02 -25.81
CA ASP D 61 -12.66 19.42 -25.50
C ASP D 61 -11.21 19.62 -25.12
N THR D 62 -10.37 19.77 -26.13
CA THR D 62 -8.95 19.97 -25.92
C THR D 62 -8.36 18.77 -25.18
N ASP D 63 -8.90 17.58 -25.46
CA ASP D 63 -8.48 16.32 -24.81
C ASP D 63 -8.89 16.33 -23.34
N GLY D 64 -8.51 17.40 -22.62
CA GLY D 64 -8.84 17.54 -21.21
C GLY D 64 -10.19 16.92 -20.85
N LEU D 65 -11.23 17.38 -21.53
CA LEU D 65 -12.58 16.86 -21.29
C LEU D 65 -13.09 16.17 -22.54
N LEU D 66 -13.64 14.98 -22.38
CA LEU D 66 -14.15 14.21 -23.50
C LEU D 66 -15.66 14.40 -23.63
N TYR D 67 -16.11 14.75 -24.83
CA TYR D 67 -17.53 14.96 -25.09
C TYR D 67 -17.83 14.72 -26.58
N GLY D 68 -19.10 14.81 -26.94
CA GLY D 68 -19.49 14.62 -28.32
C GLY D 68 -20.98 14.85 -28.52
N SER D 69 -21.35 15.41 -29.66
CA SER D 69 -22.76 15.67 -29.97
C SER D 69 -22.89 16.51 -31.24
N GLN D 70 -22.36 17.72 -31.21
CA GLN D 70 -22.47 18.65 -32.33
C GLN D 70 -21.77 18.11 -33.59
N THR D 71 -20.44 18.10 -33.60
CA THR D 71 -19.70 17.63 -34.77
C THR D 71 -18.45 16.82 -34.39
N PRO D 72 -18.09 15.84 -35.23
CA PRO D 72 -16.90 15.00 -35.01
C PRO D 72 -15.63 15.74 -35.38
N ASN D 73 -15.27 16.73 -34.57
CA ASN D 73 -14.07 17.53 -34.81
C ASN D 73 -12.81 16.67 -34.74
N GLU D 74 -11.73 17.13 -35.38
CA GLU D 74 -10.46 16.38 -35.39
C GLU D 74 -10.12 15.85 -34.00
N GLU D 75 -10.52 16.59 -32.96
CA GLU D 75 -10.31 16.15 -31.58
C GLU D 75 -10.72 14.68 -31.40
N CYS D 76 -11.65 14.21 -32.23
CA CYS D 76 -12.16 12.85 -32.15
C CYS D 76 -11.28 11.83 -32.89
N LEU D 77 -10.15 12.26 -33.46
CA LEU D 77 -9.27 11.32 -34.15
C LEU D 77 -8.23 10.75 -33.17
N PHE D 78 -8.24 9.42 -33.01
CA PHE D 78 -7.33 8.77 -32.08
C PHE D 78 -6.56 7.64 -32.77
N LEU D 79 -5.31 7.45 -32.34
CA LEU D 79 -4.46 6.40 -32.88
C LEU D 79 -4.77 5.08 -32.17
N GLU D 80 -5.09 4.05 -32.94
CA GLU D 80 -5.43 2.74 -32.38
C GLU D 80 -4.17 2.02 -31.89
N ARG D 81 -4.10 1.78 -30.58
CA ARG D 81 -2.98 1.09 -29.97
C ARG D 81 -3.48 -0.06 -29.08
N LEU D 82 -2.70 -1.11 -28.95
CA LEU D 82 -3.10 -2.25 -28.14
C LEU D 82 -2.06 -2.52 -27.05
N GLU D 83 -2.53 -2.87 -25.85
CA GLU D 83 -1.65 -3.16 -24.74
C GLU D 83 -1.74 -4.63 -24.37
N GLU D 84 -0.60 -5.24 -24.02
CA GLU D 84 -0.57 -6.65 -23.65
C GLU D 84 -1.18 -6.86 -22.27
N ASN D 85 -2.40 -6.37 -22.11
CA ASN D 85 -3.13 -6.47 -20.85
C ASN D 85 -4.62 -6.68 -21.12
N HIS D 86 -4.94 -7.18 -22.32
CA HIS D 86 -6.32 -7.41 -22.73
C HIS D 86 -7.11 -6.10 -22.73
N TYR D 87 -6.50 -5.04 -23.25
CA TYR D 87 -7.15 -3.73 -23.31
C TYR D 87 -6.71 -2.96 -24.55
N ASN D 88 -7.56 -2.05 -25.00
CA ASN D 88 -7.30 -1.23 -26.17
C ASN D 88 -6.86 0.17 -25.74
N THR D 89 -5.98 0.77 -26.52
CA THR D 89 -5.48 2.11 -26.25
C THR D 89 -5.71 3.01 -27.46
N TYR D 90 -6.15 4.23 -27.21
CA TYR D 90 -6.41 5.19 -28.28
C TYR D 90 -5.73 6.50 -27.98
N ILE D 91 -4.78 6.88 -28.80
CA ILE D 91 -4.03 8.12 -28.60
C ILE D 91 -4.64 9.28 -29.38
N SER D 92 -5.12 10.28 -28.67
CA SER D 92 -5.71 11.46 -29.29
C SER D 92 -4.61 12.27 -30.00
N LYS D 93 -4.24 11.82 -31.19
CA LYS D 93 -3.20 12.48 -31.97
C LYS D 93 -3.37 13.99 -31.94
N LYS D 94 -4.61 14.45 -31.91
CA LYS D 94 -4.91 15.89 -31.85
C LYS D 94 -4.16 16.55 -30.70
N HIS D 95 -3.89 15.78 -29.63
CA HIS D 95 -3.17 16.29 -28.46
C HIS D 95 -1.99 15.41 -28.09
N ALA D 96 -1.65 14.45 -28.96
CA ALA D 96 -0.53 13.55 -28.72
C ALA D 96 0.73 14.34 -28.37
N GLU D 97 0.83 15.55 -28.93
CA GLU D 97 1.96 16.43 -28.68
C GLU D 97 2.20 16.59 -27.17
N LYS D 98 1.15 16.58 -26.37
CA LYS D 98 1.29 16.73 -24.92
C LYS D 98 1.29 15.39 -24.20
N ASN D 99 1.37 14.31 -24.98
CA ASN D 99 1.38 12.94 -24.47
C ASN D 99 0.05 12.62 -23.79
N TRP D 100 -1.03 13.09 -24.41
CA TRP D 100 -2.38 12.88 -23.88
C TRP D 100 -3.16 11.90 -24.75
N PHE D 101 -3.69 10.86 -24.10
CA PHE D 101 -4.49 9.86 -24.80
C PHE D 101 -5.75 9.52 -24.01
N VAL D 102 -6.91 9.77 -24.69
CA VAL D 102 -8.28 9.58 -24.16
C VAL D 102 -8.36 8.69 -22.91
N GLY D 103 -8.90 9.26 -21.85
CA GLY D 103 -9.07 8.54 -20.60
C GLY D 103 -10.40 8.90 -19.95
N LEU D 104 -11.17 7.90 -19.51
CA LEU D 104 -12.47 8.14 -18.90
C LEU D 104 -12.53 7.60 -17.48
N LYS D 105 -13.49 8.12 -16.71
CA LYS D 105 -13.69 7.70 -15.33
C LYS D 105 -14.89 6.77 -15.24
N LYS D 106 -14.61 5.47 -15.08
CA LYS D 106 -15.66 4.44 -14.97
C LYS D 106 -16.84 4.90 -14.12
N ASN D 107 -16.53 5.52 -12.98
CA ASN D 107 -17.57 6.00 -12.08
C ASN D 107 -17.63 7.53 -12.07
N GLY D 108 -17.42 8.14 -13.24
CA GLY D 108 -17.46 9.58 -13.33
C GLY D 108 -17.89 10.07 -14.69
N SER D 109 -17.23 9.58 -15.73
CA SER D 109 -17.49 9.94 -17.14
C SER D 109 -16.16 10.11 -17.87
N CYS D 110 -16.21 10.34 -19.17
CA CYS D 110 -15.01 10.52 -19.96
C CYS D 110 -14.53 11.97 -19.90
N LYS D 111 -13.50 12.23 -19.09
CA LYS D 111 -12.92 13.57 -18.95
C LYS D 111 -11.77 13.56 -17.96
N ARG D 112 -10.60 13.10 -18.44
CA ARG D 112 -9.40 13.02 -17.61
C ARG D 112 -8.16 13.33 -18.44
N GLY D 113 -8.33 14.17 -19.46
CA GLY D 113 -7.24 14.55 -20.34
C GLY D 113 -5.98 15.06 -19.66
N PRO D 114 -6.07 15.94 -18.62
CA PRO D 114 -4.87 16.42 -17.92
C PRO D 114 -4.20 15.34 -17.08
N ARG D 115 -4.82 14.16 -17.04
CA ARG D 115 -4.30 13.03 -16.29
C ARG D 115 -4.20 11.78 -17.17
N THR D 116 -4.09 11.98 -18.49
CA THR D 116 -3.99 10.85 -19.43
C THR D 116 -2.54 10.49 -19.73
N HIS D 117 -1.88 9.90 -18.74
CA HIS D 117 -0.49 9.47 -18.89
C HIS D 117 -0.31 8.10 -18.27
N TYR D 118 0.91 7.75 -17.87
CA TYR D 118 1.16 6.46 -17.27
C TYR D 118 0.87 6.49 -15.76
N GLY D 119 -0.39 6.69 -15.44
CA GLY D 119 -0.84 6.74 -14.05
C GLY D 119 -2.25 6.22 -13.95
N GLN D 120 -3.15 6.85 -14.71
CA GLN D 120 -4.54 6.44 -14.75
C GLN D 120 -4.68 5.25 -15.70
N LYS D 121 -5.03 4.10 -15.15
CA LYS D 121 -5.13 2.85 -15.92
C LYS D 121 -6.40 2.85 -16.78
N ALA D 122 -7.35 3.71 -16.43
CA ALA D 122 -8.61 3.84 -17.16
C ALA D 122 -8.39 4.02 -18.67
N ILE D 123 -7.18 4.39 -19.06
CA ILE D 123 -6.84 4.57 -20.47
C ILE D 123 -6.90 3.24 -21.22
N LEU D 124 -6.72 2.13 -20.50
CA LEU D 124 -6.76 0.80 -21.09
C LEU D 124 -8.20 0.32 -21.18
N PHE D 125 -8.85 0.65 -22.28
CA PHE D 125 -10.25 0.30 -22.49
C PHE D 125 -10.41 -1.15 -22.93
N LEU D 126 -11.52 -1.76 -22.52
CA LEU D 126 -11.84 -3.14 -22.87
C LEU D 126 -13.01 -3.14 -23.85
N PRO D 127 -12.74 -3.43 -25.13
CA PRO D 127 -13.76 -3.44 -26.17
C PRO D 127 -14.50 -4.78 -26.31
N LEU D 128 -15.80 -4.69 -26.57
CA LEU D 128 -16.63 -5.87 -26.75
C LEU D 128 -17.48 -5.72 -28.03
N PRO D 129 -16.85 -5.32 -29.15
CA PRO D 129 -17.53 -5.12 -30.43
C PRO D 129 -17.79 -6.41 -31.20
N VAL D 130 -18.84 -6.41 -32.01
CA VAL D 130 -19.18 -7.57 -32.83
C VAL D 130 -18.30 -7.62 -34.07
N SER D 131 -17.14 -8.25 -33.93
CA SER D 131 -16.20 -8.38 -35.03
C SER D 131 -16.73 -9.29 -36.13
N SER D 132 -15.96 -9.44 -37.20
CA SER D 132 -16.33 -10.29 -38.31
C SER D 132 -15.43 -11.51 -38.36
N ASP D 133 -15.54 -12.34 -37.32
CA ASP D 133 -14.74 -13.55 -37.21
C ASP D 133 -15.48 -14.76 -37.77
N TYR A 1 -17.22 -30.68 27.27
CA TYR A 1 -16.37 -31.86 26.97
C TYR A 1 -14.90 -31.45 26.89
N LYS A 2 -14.34 -31.02 28.02
CA LYS A 2 -12.95 -30.57 28.07
C LYS A 2 -12.04 -31.64 27.45
N LYS A 3 -11.51 -31.32 26.28
CA LYS A 3 -10.64 -32.23 25.55
C LYS A 3 -9.77 -31.44 24.56
N PRO A 4 -8.98 -32.13 23.70
CA PRO A 4 -8.11 -31.51 22.70
C PRO A 4 -8.47 -30.06 22.37
N LYS A 5 -7.66 -29.15 22.87
CA LYS A 5 -7.87 -27.72 22.64
C LYS A 5 -6.99 -27.27 21.48
N LEU A 6 -7.59 -27.04 20.32
CA LEU A 6 -6.85 -26.60 19.14
C LEU A 6 -6.65 -25.09 19.18
N LEU A 7 -5.44 -24.64 18.88
CA LEU A 7 -5.11 -23.22 18.88
C LEU A 7 -4.14 -22.89 17.76
N TYR A 8 -4.39 -21.77 17.07
CA TYR A 8 -3.54 -21.33 15.98
C TYR A 8 -3.74 -19.83 15.74
N CYS A 9 -2.94 -19.23 14.87
CA CYS A 9 -3.07 -17.80 14.59
C CYS A 9 -2.67 -17.49 13.15
N SER A 10 -3.02 -16.28 12.70
CA SER A 10 -2.73 -15.81 11.35
C SER A 10 -3.68 -16.47 10.37
N ASN A 11 -4.45 -15.65 9.66
CA ASN A 11 -5.41 -16.15 8.69
C ASN A 11 -4.74 -17.15 7.75
N GLY A 12 -5.32 -18.34 7.64
CA GLY A 12 -4.77 -19.36 6.79
C GLY A 12 -4.72 -20.71 7.47
N GLY A 13 -5.09 -21.75 6.73
CA GLY A 13 -5.10 -23.09 7.28
C GLY A 13 -3.75 -23.48 7.85
N HIS A 14 -3.64 -23.48 9.19
CA HIS A 14 -2.41 -23.84 9.90
C HIS A 14 -2.73 -24.10 11.36
N PHE A 15 -2.42 -25.30 11.85
CA PHE A 15 -2.68 -25.65 13.24
C PHE A 15 -1.38 -25.97 13.97
N LEU A 16 -1.36 -25.71 15.28
CA LEU A 16 -0.17 -25.98 16.07
C LEU A 16 -0.02 -27.47 16.32
N ARG A 17 0.86 -28.11 15.56
CA ARG A 17 1.09 -29.54 15.71
C ARG A 17 2.28 -29.79 16.61
N ILE A 18 2.00 -30.27 17.81
CA ILE A 18 3.04 -30.52 18.80
C ILE A 18 3.58 -31.94 18.68
N LEU A 19 4.88 -32.08 18.88
CA LEU A 19 5.54 -33.38 18.82
C LEU A 19 6.41 -33.58 20.07
N PRO A 20 6.42 -34.80 20.63
CA PRO A 20 7.21 -35.13 21.83
C PRO A 20 8.63 -34.57 21.75
N ASP A 21 9.16 -34.49 20.53
CA ASP A 21 10.50 -33.96 20.30
C ASP A 21 10.63 -32.54 20.81
N GLY A 22 9.61 -31.72 20.54
CA GLY A 22 9.62 -30.34 20.96
C GLY A 22 9.41 -29.39 19.81
N THR A 23 9.89 -29.77 18.62
CA THR A 23 9.75 -28.93 17.44
C THR A 23 8.29 -28.90 16.95
N VAL A 24 7.51 -28.01 17.53
CA VAL A 24 6.10 -27.85 17.15
C VAL A 24 5.99 -26.87 15.97
N ASP A 25 5.23 -27.26 14.96
CA ASP A 25 5.04 -26.41 13.77
C ASP A 25 3.56 -26.19 13.49
N GLY A 26 3.27 -25.22 12.63
CA GLY A 26 1.90 -24.91 12.27
C GLY A 26 1.38 -25.79 11.15
N THR A 27 1.26 -27.07 11.42
CA THR A 27 0.77 -28.03 10.44
C THR A 27 -0.71 -27.79 10.14
N ARG A 28 -1.04 -27.68 8.85
CA ARG A 28 -2.42 -27.46 8.46
C ARG A 28 -3.12 -28.79 8.17
N ASP A 29 -3.30 -29.58 9.22
CA ASP A 29 -3.94 -30.89 9.08
C ASP A 29 -4.70 -31.25 10.35
N ARG A 30 -5.75 -32.05 10.21
CA ARG A 30 -6.54 -32.49 11.35
C ARG A 30 -6.82 -33.99 11.26
N SER A 31 -5.96 -34.69 10.53
CA SER A 31 -6.08 -36.14 10.35
C SER A 31 -5.32 -36.86 11.44
N ASP A 32 -4.10 -36.38 11.72
CA ASP A 32 -3.25 -36.99 12.74
C ASP A 32 -3.42 -36.26 14.07
N GLN A 33 -3.72 -37.00 15.13
CA GLN A 33 -3.91 -36.42 16.45
C GLN A 33 -2.61 -35.88 17.03
N HIS A 34 -2.16 -34.73 16.52
CA HIS A 34 -0.95 -34.10 17.02
C HIS A 34 -1.08 -32.56 17.02
N ILE A 35 -2.31 -32.06 16.93
CA ILE A 35 -2.55 -30.62 16.93
C ILE A 35 -3.56 -30.25 18.01
N GLN A 36 -3.39 -30.83 19.18
CA GLN A 36 -4.29 -30.58 20.31
C GLN A 36 -3.51 -30.48 21.61
N LEU A 37 -3.83 -29.44 22.38
CA LEU A 37 -3.18 -29.21 23.67
C LEU A 37 -4.25 -29.04 24.76
N GLN A 38 -3.90 -29.35 26.00
CA GLN A 38 -4.84 -29.21 27.10
C GLN A 38 -4.76 -27.81 27.71
N LEU A 39 -5.28 -26.83 26.97
CA LEU A 39 -5.30 -25.46 27.42
C LEU A 39 -6.37 -25.27 28.51
N SER A 40 -5.97 -24.70 29.63
CA SER A 40 -6.88 -24.46 30.74
C SER A 40 -6.33 -23.39 31.68
N ALA A 41 -7.23 -22.74 32.41
CA ALA A 41 -6.84 -21.71 33.36
C ALA A 41 -6.46 -22.36 34.69
N GLU A 42 -5.16 -22.46 34.95
CA GLU A 42 -4.67 -23.08 36.17
C GLU A 42 -4.95 -22.18 37.36
N SER A 43 -4.50 -20.94 37.28
CA SER A 43 -4.68 -19.96 38.34
C SER A 43 -5.54 -18.80 37.83
N VAL A 44 -5.89 -17.88 38.71
CA VAL A 44 -6.71 -16.72 38.34
C VAL A 44 -6.08 -15.97 37.15
N GLY A 45 -6.52 -16.32 35.96
CA GLY A 45 -6.01 -15.67 34.75
C GLY A 45 -4.80 -16.38 34.16
N GLU A 46 -4.17 -17.26 34.94
CA GLU A 46 -3.00 -17.99 34.48
C GLU A 46 -3.39 -19.27 33.75
N VAL A 47 -3.21 -19.28 32.43
CA VAL A 47 -3.54 -20.44 31.63
C VAL A 47 -2.27 -21.18 31.22
N TYR A 48 -2.35 -22.50 31.20
CA TYR A 48 -1.21 -23.33 30.83
C TYR A 48 -1.47 -24.09 29.54
N ILE A 49 -0.41 -24.31 28.78
CA ILE A 49 -0.49 -25.04 27.51
C ILE A 49 0.27 -26.35 27.63
N LYS A 50 -0.48 -27.43 27.79
CA LYS A 50 0.11 -28.74 27.93
C LYS A 50 -0.56 -29.75 27.00
N SER A 51 0.20 -30.24 26.02
CA SER A 51 -0.31 -31.20 25.07
C SER A 51 -0.22 -32.61 25.67
N THR A 52 -0.91 -32.80 26.78
CA THR A 52 -0.90 -34.06 27.51
C THR A 52 -1.29 -35.25 26.62
N GLU A 53 -2.57 -35.30 26.23
CA GLU A 53 -3.07 -36.41 25.42
C GLU A 53 -2.77 -36.21 23.93
N THR A 54 -1.49 -36.03 23.59
CA THR A 54 -1.09 -35.84 22.19
C THR A 54 0.39 -35.53 22.03
N GLY A 55 0.95 -34.69 22.91
CA GLY A 55 2.35 -34.35 22.77
C GLY A 55 3.08 -34.23 24.08
N GLN A 56 3.46 -33.01 24.43
CA GLN A 56 4.23 -32.72 25.63
C GLN A 56 3.82 -31.40 26.27
N TYR A 57 4.51 -31.04 27.34
CA TYR A 57 4.25 -29.78 28.05
C TYR A 57 5.14 -28.68 27.47
N LEU A 58 4.63 -27.46 27.42
CA LEU A 58 5.41 -26.35 26.89
C LEU A 58 6.37 -25.78 27.92
N ALA A 59 7.44 -25.17 27.42
CA ALA A 59 8.46 -24.56 28.25
C ALA A 59 9.24 -23.54 27.43
N MET A 60 8.70 -22.33 27.33
CA MET A 60 9.32 -21.26 26.56
C MET A 60 10.78 -21.05 26.93
N ASP A 61 11.59 -20.74 25.92
CA ASP A 61 13.01 -20.49 26.13
C ASP A 61 13.21 -18.99 26.31
N THR A 62 12.99 -18.52 27.54
CA THR A 62 13.14 -17.11 27.85
C THR A 62 12.15 -16.28 27.00
N ASP A 63 10.99 -16.86 26.73
CA ASP A 63 9.96 -16.22 25.90
C ASP A 63 10.42 -16.13 24.44
N GLY A 64 11.62 -15.57 24.24
CA GLY A 64 12.20 -15.43 22.92
C GLY A 64 11.81 -16.57 21.98
N LEU A 65 12.12 -17.80 22.39
CA LEU A 65 11.80 -18.98 21.60
C LEU A 65 10.81 -19.85 22.36
N LEU A 66 9.76 -20.29 21.67
CA LEU A 66 8.73 -21.11 22.29
C LEU A 66 8.99 -22.58 22.00
N TYR A 67 8.99 -23.40 23.04
CA TYR A 67 9.22 -24.84 22.89
C TYR A 67 8.59 -25.59 24.06
N GLY A 68 8.66 -26.91 24.01
CA GLY A 68 8.10 -27.72 25.07
C GLY A 68 8.37 -29.20 24.85
N SER A 69 8.59 -29.93 25.94
CA SER A 69 8.86 -31.37 25.85
C SER A 69 9.29 -31.93 27.20
N GLN A 70 10.42 -31.45 27.71
CA GLN A 70 10.97 -31.94 28.97
C GLN A 70 10.04 -31.68 30.16
N THR A 71 9.92 -30.42 30.57
CA THR A 71 9.09 -30.08 31.72
C THR A 71 8.35 -28.76 31.54
N PRO A 72 7.12 -28.65 32.11
CA PRO A 72 6.31 -27.44 32.02
C PRO A 72 6.82 -26.37 32.99
N ASN A 73 7.97 -25.79 32.66
CA ASN A 73 8.58 -24.76 33.50
C ASN A 73 7.68 -23.52 33.57
N GLU A 74 7.85 -22.72 34.63
CA GLU A 74 7.05 -21.51 34.82
C GLU A 74 6.92 -20.72 33.51
N GLU A 75 7.96 -20.77 32.67
CA GLU A 75 7.93 -20.12 31.36
C GLU A 75 6.62 -20.42 30.62
N CYS A 76 5.99 -21.56 30.94
CA CYS A 76 4.76 -21.97 30.29
C CYS A 76 3.50 -21.34 30.93
N LEU A 77 3.66 -20.48 31.92
CA LEU A 77 2.50 -19.83 32.55
C LEU A 77 2.16 -18.52 31.82
N PHE A 78 0.96 -18.45 31.28
CA PHE A 78 0.53 -17.27 30.54
C PHE A 78 -0.80 -16.72 31.04
N LEU A 79 -0.94 -15.40 31.00
CA LEU A 79 -2.17 -14.74 31.43
C LEU A 79 -3.19 -14.77 30.30
N GLU A 80 -4.38 -15.30 30.58
CA GLU A 80 -5.43 -15.39 29.59
C GLU A 80 -6.08 -14.03 29.32
N ARG A 81 -5.92 -13.54 28.09
CA ARG A 81 -6.49 -12.26 27.68
C ARG A 81 -7.27 -12.43 26.38
N LEU A 82 -8.30 -11.61 26.19
CA LEU A 82 -9.12 -11.69 25.00
C LEU A 82 -9.13 -10.36 24.25
N GLU A 83 -9.08 -10.40 22.92
CA GLU A 83 -9.09 -9.20 22.11
C GLU A 83 -10.39 -9.13 21.31
N GLU A 84 -10.94 -7.93 21.18
CA GLU A 84 -12.18 -7.73 20.43
C GLU A 84 -11.92 -7.86 18.92
N ASN A 85 -11.32 -8.98 18.55
CA ASN A 85 -11.00 -9.26 17.15
C ASN A 85 -11.17 -10.76 16.86
N HIS A 86 -11.97 -11.43 17.70
CA HIS A 86 -12.22 -12.86 17.56
C HIS A 86 -10.91 -13.65 17.70
N TYR A 87 -10.10 -13.27 18.67
CA TYR A 87 -8.82 -13.94 18.93
C TYR A 87 -8.48 -13.93 20.41
N ASN A 88 -7.69 -14.92 20.81
CA ASN A 88 -7.27 -15.06 22.21
C ASN A 88 -5.84 -14.54 22.38
N THR A 89 -5.56 -13.99 23.54
CA THR A 89 -4.23 -13.46 23.85
C THR A 89 -3.72 -14.08 25.14
N TYR A 90 -2.45 -14.47 25.15
CA TYR A 90 -1.83 -15.08 26.32
C TYR A 90 -0.53 -14.37 26.66
N ILE A 91 -0.49 -13.74 27.82
CA ILE A 91 0.70 -13.01 28.23
C ILE A 91 1.62 -13.86 29.10
N SER A 92 2.82 -14.11 28.61
CA SER A 92 3.80 -14.91 29.34
C SER A 92 4.28 -14.12 30.55
N LYS A 93 3.47 -14.15 31.62
CA LYS A 93 3.80 -13.43 32.85
C LYS A 93 5.27 -13.61 33.23
N LYS A 94 5.81 -14.80 32.95
CA LYS A 94 7.21 -15.09 33.23
C LYS A 94 8.13 -14.03 32.62
N HIS A 95 7.69 -13.41 31.52
CA HIS A 95 8.47 -12.38 30.84
C HIS A 95 7.64 -11.11 30.61
N ALA A 96 6.45 -11.04 31.22
CA ALA A 96 5.59 -9.88 31.08
C ALA A 96 6.35 -8.60 31.40
N GLU A 97 7.33 -8.72 32.30
CA GLU A 97 8.17 -7.59 32.70
C GLU A 97 8.74 -6.87 31.47
N LYS A 98 9.02 -7.63 30.41
CA LYS A 98 9.55 -7.06 29.18
C LYS A 98 8.44 -6.82 28.16
N ASN A 99 7.19 -6.89 28.61
CA ASN A 99 6.03 -6.70 27.74
C ASN A 99 6.02 -7.75 26.65
N TRP A 100 6.48 -8.95 27.00
CA TRP A 100 6.55 -10.06 26.06
C TRP A 100 5.41 -11.05 26.29
N PHE A 101 4.70 -11.35 25.21
CA PHE A 101 3.59 -12.29 25.27
C PHE A 101 3.60 -13.24 24.07
N VAL A 102 3.79 -14.55 24.38
CA VAL A 102 3.86 -15.66 23.41
C VAL A 102 3.35 -15.31 22.01
N GLY A 103 4.24 -15.48 21.03
CA GLY A 103 3.91 -15.23 19.64
C GLY A 103 4.55 -16.28 18.73
N LEU A 104 3.76 -16.84 17.81
CA LEU A 104 4.26 -17.87 16.91
C LEU A 104 4.15 -17.46 15.45
N LYS A 105 4.93 -18.11 14.60
CA LYS A 105 4.92 -17.85 13.17
C LYS A 105 4.15 -18.94 12.44
N LYS A 106 2.93 -18.61 12.01
CA LYS A 106 2.06 -19.55 11.29
C LYS A 106 2.84 -20.38 10.28
N ASN A 107 3.72 -19.74 9.52
CA ASN A 107 4.51 -20.42 8.51
C ASN A 107 5.97 -20.51 8.92
N GLY A 108 6.23 -20.70 10.22
CA GLY A 108 7.59 -20.78 10.71
C GLY A 108 7.71 -21.66 11.94
N SER A 109 6.91 -21.35 12.95
CA SER A 109 6.87 -22.07 14.24
C SER A 109 6.73 -21.05 15.37
N CYS A 110 6.61 -21.53 16.59
CA CYS A 110 6.46 -20.66 17.75
C CYS A 110 7.82 -20.20 18.27
N LYS A 111 8.21 -18.98 17.93
CA LYS A 111 9.49 -18.41 18.37
C LYS A 111 9.66 -16.99 17.84
N ARG A 112 9.01 -16.06 18.52
CA ARG A 112 9.05 -14.65 18.16
C ARG A 112 9.01 -13.77 19.39
N GLY A 113 9.58 -14.26 20.51
CA GLY A 113 9.62 -13.47 21.74
C GLY A 113 10.15 -12.06 21.53
N PRO A 114 11.32 -11.86 20.89
CA PRO A 114 11.84 -10.49 20.65
C PRO A 114 10.86 -9.63 19.85
N ARG A 115 9.84 -10.27 19.28
CA ARG A 115 8.81 -9.59 18.50
C ARG A 115 7.41 -9.81 19.10
N THR A 116 7.34 -10.13 20.40
CA THR A 116 6.05 -10.36 21.06
C THR A 116 5.55 -9.10 21.76
N HIS A 117 5.19 -8.11 20.96
CA HIS A 117 4.67 -6.84 21.46
C HIS A 117 3.69 -6.29 20.43
N TYR A 118 3.44 -4.99 20.43
CA TYR A 118 2.51 -4.41 19.47
C TYR A 118 3.19 -4.22 18.12
N GLY A 119 2.95 -5.17 17.23
CA GLY A 119 3.53 -5.14 15.90
C GLY A 119 3.21 -6.41 15.14
N GLN A 120 3.41 -7.54 15.81
CA GLN A 120 3.09 -8.83 15.24
C GLN A 120 1.70 -9.24 15.67
N LYS A 121 0.82 -9.43 14.70
CA LYS A 121 -0.57 -9.79 14.99
C LYS A 121 -0.69 -11.27 15.32
N ALA A 122 0.32 -12.06 14.95
CA ALA A 122 0.35 -13.50 15.22
C ALA A 122 0.08 -13.82 16.69
N ILE A 123 0.20 -12.81 17.56
CA ILE A 123 -0.05 -12.99 18.99
C ILE A 123 -1.54 -13.20 19.27
N LEU A 124 -2.39 -12.80 18.32
CA LEU A 124 -3.83 -12.99 18.45
C LEU A 124 -4.22 -14.36 17.93
N PHE A 125 -4.19 -15.35 18.81
CA PHE A 125 -4.49 -16.73 18.45
C PHE A 125 -6.00 -16.97 18.36
N LEU A 126 -6.38 -17.87 17.45
CA LEU A 126 -7.77 -18.24 17.26
C LEU A 126 -7.98 -19.66 17.78
N PRO A 127 -8.65 -19.82 18.92
CA PRO A 127 -8.89 -21.12 19.53
C PRO A 127 -10.16 -21.81 19.02
N LEU A 128 -10.08 -23.13 18.87
CA LEU A 128 -11.20 -23.95 18.42
C LEU A 128 -11.36 -25.16 19.33
N PRO A 129 -11.37 -24.94 20.67
CA PRO A 129 -11.49 -26.01 21.65
C PRO A 129 -12.93 -26.45 21.88
N VAL A 130 -13.09 -27.70 22.28
CA VAL A 130 -14.41 -28.25 22.56
C VAL A 130 -14.88 -27.83 23.94
N SER A 131 -15.53 -26.67 24.01
CA SER A 131 -16.03 -26.13 25.25
C SER A 131 -17.19 -26.95 25.80
N SER A 132 -17.68 -26.57 26.97
CA SER A 132 -18.81 -27.26 27.59
C SER A 132 -20.05 -26.37 27.57
N ASP A 133 -20.53 -26.12 26.36
CA ASP A 133 -21.70 -25.28 26.15
C ASP A 133 -22.96 -26.14 26.06
N MET B 1 -18.14 -4.45 1.54
CA MET B 1 -18.51 -4.37 2.97
C MET B 1 -17.38 -3.73 3.77
N ALA B 2 -16.98 -4.35 4.87
CA ALA B 2 -15.89 -3.84 5.70
C ALA B 2 -14.56 -4.04 4.97
N ALA B 3 -13.45 -3.62 5.60
CA ALA B 3 -12.14 -3.75 4.97
C ALA B 3 -12.10 -2.80 3.78
N GLU B 4 -12.37 -1.52 4.06
CA GLU B 4 -12.40 -0.50 3.02
C GLU B 4 -11.00 0.05 2.73
N PRO B 5 -10.67 0.23 1.44
CA PRO B 5 -9.37 0.76 1.03
C PRO B 5 -9.27 2.26 1.25
N LEU B 6 -8.13 2.68 1.80
CA LEU B 6 -7.89 4.10 2.07
C LEU B 6 -7.24 4.75 0.85
N THR B 7 -6.77 5.98 1.01
CA THR B 7 -6.12 6.67 -0.09
C THR B 7 -4.69 6.14 -0.30
N GLU B 8 -4.14 6.40 -1.47
CA GLU B 8 -2.80 5.93 -1.84
C GLU B 8 -1.73 6.29 -0.80
N LEU B 9 -1.83 7.48 -0.21
CA LEU B 9 -0.88 7.93 0.79
C LEU B 9 -1.13 7.30 2.16
N GLU B 10 -2.40 7.09 2.52
CA GLU B 10 -2.73 6.39 3.78
C GLU B 10 -2.18 4.95 3.74
N GLU B 11 -2.39 4.26 2.59
CA GLU B 11 -1.85 2.92 2.36
C GLU B 11 -0.34 2.92 2.64
N SER B 12 0.37 3.84 1.98
CA SER B 12 1.83 3.85 2.03
C SER B 12 2.37 4.30 3.39
N ILE B 13 1.77 5.28 4.09
CA ILE B 13 2.22 5.57 5.44
C ILE B 13 1.95 4.37 6.35
N GLU B 14 0.79 3.70 6.21
CA GLU B 14 0.53 2.55 7.04
C GLU B 14 1.62 1.49 6.82
N THR B 15 1.85 1.05 5.58
CA THR B 15 2.77 -0.07 5.34
C THR B 15 4.16 0.17 5.97
N VAL B 16 4.66 1.40 5.92
CA VAL B 16 5.93 1.72 6.56
C VAL B 16 5.76 1.84 8.09
N VAL B 17 4.65 2.42 8.57
CA VAL B 17 4.36 2.53 10.00
C VAL B 17 4.29 1.14 10.65
N THR B 18 3.60 0.18 10.02
CA THR B 18 3.51 -1.19 10.57
C THR B 18 4.89 -1.87 10.59
N THR B 19 5.66 -1.69 9.51
CA THR B 19 7.02 -2.21 9.42
C THR B 19 7.89 -1.58 10.51
N PHE B 20 7.91 -0.25 10.58
CA PHE B 20 8.53 0.50 11.66
C PHE B 20 8.16 -0.13 13.00
N PHE B 21 6.85 -0.28 13.24
CA PHE B 21 6.31 -0.83 14.50
C PHE B 21 6.71 -2.29 14.74
N THR B 22 7.30 -2.94 13.74
CA THR B 22 7.73 -4.33 13.90
C THR B 22 9.14 -4.39 14.50
N PHE B 23 9.75 -3.22 14.67
CA PHE B 23 11.09 -3.12 15.24
C PHE B 23 11.08 -2.18 16.45
N ALA B 24 10.21 -1.17 16.38
CA ALA B 24 10.05 -0.16 17.42
C ALA B 24 9.69 -0.79 18.76
N ARG B 25 8.95 -1.90 18.72
CA ARG B 25 8.50 -2.57 19.95
C ARG B 25 9.42 -3.72 20.41
N GLN B 26 10.57 -3.91 19.78
CA GLN B 26 11.48 -5.00 20.14
C GLN B 26 11.92 -4.93 21.61
N GLU B 27 12.40 -3.77 22.04
CA GLU B 27 12.86 -3.58 23.42
C GLU B 27 11.84 -2.77 24.23
N GLY B 28 12.35 -1.85 25.05
CA GLY B 28 11.51 -1.01 25.87
C GLY B 28 10.89 0.12 25.08
N ARG B 29 9.60 0.36 25.31
CA ARG B 29 8.84 1.43 24.64
C ARG B 29 8.65 1.10 23.15
N LYS B 30 7.39 1.00 22.73
CA LYS B 30 7.09 0.66 21.34
C LYS B 30 6.98 1.91 20.46
N ASP B 31 7.92 2.84 20.63
CA ASP B 31 7.96 4.06 19.84
C ASP B 31 9.41 4.29 19.43
N SER B 32 10.30 4.25 20.41
CA SER B 32 11.71 4.45 20.21
C SER B 32 12.39 3.17 19.75
N LEU B 33 13.27 3.28 18.75
CA LEU B 33 14.25 2.27 18.43
C LEU B 33 15.48 2.56 19.27
N SER B 34 15.92 1.63 20.13
CA SER B 34 17.25 1.74 20.72
C SER B 34 18.29 1.18 19.75
N VAL B 35 19.57 1.22 20.13
CA VAL B 35 20.70 0.96 19.24
C VAL B 35 20.53 -0.33 18.43
N ASN B 36 20.37 -1.48 19.13
CA ASN B 36 20.19 -2.80 18.46
C ASN B 36 18.95 -2.75 17.56
N GLU B 37 17.81 -2.41 18.18
CA GLU B 37 16.54 -2.19 17.50
C GLU B 37 16.72 -1.47 16.17
N PHE B 38 17.45 -0.35 16.20
CA PHE B 38 17.72 0.46 15.04
C PHE B 38 18.54 -0.35 14.03
N LYS B 39 19.68 -0.90 14.48
CA LYS B 39 20.54 -1.69 13.62
C LYS B 39 19.77 -2.84 12.94
N GLU B 40 18.78 -3.40 13.64
CA GLU B 40 17.96 -4.50 13.11
C GLU B 40 17.21 -4.12 11.83
N LEU B 41 16.81 -2.85 11.70
CA LEU B 41 16.07 -2.40 10.51
C LEU B 41 17.02 -2.48 9.32
N VAL B 42 18.17 -1.83 9.45
CA VAL B 42 19.10 -1.65 8.36
C VAL B 42 19.66 -3.02 7.97
N THR B 43 20.16 -3.75 8.96
CA THR B 43 20.77 -5.07 8.74
C THR B 43 19.82 -6.11 8.11
N GLN B 44 18.53 -6.01 8.39
CA GLN B 44 17.57 -6.99 7.88
C GLN B 44 16.93 -6.60 6.54
N GLN B 45 16.22 -5.46 6.51
CA GLN B 45 15.50 -5.07 5.31
C GLN B 45 16.17 -3.95 4.49
N LEU B 46 17.46 -3.69 4.70
CA LEU B 46 18.12 -2.63 3.94
C LEU B 46 19.57 -3.01 3.57
N PRO B 47 19.73 -3.92 2.59
CA PRO B 47 21.03 -4.39 2.14
C PRO B 47 21.58 -3.68 0.89
N HIS B 48 20.74 -2.90 0.21
CA HIS B 48 21.16 -2.22 -1.00
C HIS B 48 21.23 -0.70 -0.83
N LEU B 49 20.09 -0.09 -0.46
CA LEU B 49 20.00 1.35 -0.27
C LEU B 49 21.18 1.91 0.51
N LEU B 50 21.27 1.53 1.80
CA LEU B 50 22.35 1.89 2.70
C LEU B 50 23.13 0.62 2.99
N LYS B 51 23.99 0.25 2.03
CA LYS B 51 24.81 -0.97 2.13
C LYS B 51 25.89 -0.87 3.21
N ASP B 52 25.75 0.09 4.12
CA ASP B 52 26.71 0.26 5.20
C ASP B 52 26.18 -0.35 6.49
N VAL B 53 26.32 -1.67 6.61
CA VAL B 53 25.86 -2.39 7.80
C VAL B 53 26.95 -2.46 8.87
N GLY B 54 27.94 -1.57 8.75
CA GLY B 54 29.03 -1.54 9.71
C GLY B 54 29.14 -0.20 10.39
N SER B 55 28.88 0.88 9.66
CA SER B 55 28.97 2.23 10.20
C SER B 55 27.59 2.76 10.60
N LEU B 56 26.81 1.91 11.26
CA LEU B 56 25.49 2.28 11.71
C LEU B 56 25.62 3.37 12.79
N ASP B 57 26.73 3.38 13.53
CA ASP B 57 27.07 4.44 14.47
C ASP B 57 26.99 5.83 13.81
N GLU B 58 27.59 5.98 12.62
CA GLU B 58 27.56 7.22 11.88
C GLU B 58 26.11 7.65 11.62
N LYS B 59 25.30 6.74 11.07
CA LYS B 59 23.89 7.02 10.85
C LYS B 59 23.25 7.46 12.17
N MET B 60 23.43 6.66 13.22
CA MET B 60 22.87 6.91 14.54
C MET B 60 23.19 8.33 14.98
N LYS B 61 24.46 8.72 15.00
CA LYS B 61 24.87 10.08 15.36
C LYS B 61 24.22 11.12 14.44
N SER B 62 24.19 10.84 13.12
CA SER B 62 23.57 11.75 12.16
C SER B 62 22.06 11.91 12.39
N LEU B 63 21.40 10.87 12.92
CA LEU B 63 19.98 10.82 13.17
C LEU B 63 19.63 11.41 14.55
N ASP B 64 20.13 10.78 15.61
CA ASP B 64 19.81 11.11 16.99
C ASP B 64 20.55 12.38 17.41
N VAL B 65 20.07 13.53 16.92
CA VAL B 65 20.70 14.84 17.16
C VAL B 65 21.02 15.09 18.64
N ASN B 66 20.13 14.65 19.54
CA ASN B 66 20.27 14.82 20.99
C ASN B 66 21.12 13.72 21.62
N GLN B 67 21.46 12.67 20.88
CA GLN B 67 22.28 11.56 21.34
C GLN B 67 21.81 11.01 22.69
N ASP B 68 20.50 10.69 22.77
CA ASP B 68 19.89 10.05 23.93
C ASP B 68 19.96 8.53 23.79
N SER B 69 20.35 8.02 22.60
CA SER B 69 20.37 6.59 22.30
C SER B 69 18.95 6.01 22.24
N GLU B 70 17.99 6.87 21.91
CA GLU B 70 16.65 6.52 21.50
C GLU B 70 16.34 7.32 20.24
N LEU B 71 16.10 6.66 19.12
CA LEU B 71 15.48 7.31 17.98
C LEU B 71 13.98 7.24 18.23
N LYS B 72 13.39 8.28 18.84
CA LYS B 72 11.93 8.45 18.95
C LYS B 72 11.32 8.34 17.55
N PHE B 73 10.01 8.10 17.45
CA PHE B 73 9.28 7.99 16.18
C PHE B 73 9.79 8.99 15.13
N ASN B 74 9.72 10.28 15.46
CA ASN B 74 10.10 11.36 14.55
C ASN B 74 11.61 11.38 14.25
N GLU B 75 12.44 10.98 15.21
CA GLU B 75 13.89 10.92 15.02
C GLU B 75 14.21 9.79 14.05
N TYR B 76 13.73 8.57 14.36
CA TYR B 76 13.83 7.40 13.50
C TYR B 76 13.39 7.76 12.09
N TRP B 77 12.20 8.36 12.00
CA TRP B 77 11.59 8.79 10.76
C TRP B 77 12.62 9.44 9.82
N ARG B 78 13.56 10.24 10.34
CA ARG B 78 14.65 10.83 9.55
C ARG B 78 15.21 9.85 8.52
N LEU B 79 15.55 8.62 8.95
CA LEU B 79 16.08 7.59 8.08
C LEU B 79 15.26 7.49 6.80
N ILE B 80 13.92 7.50 6.91
CA ILE B 80 13.03 7.28 5.77
C ILE B 80 13.27 8.36 4.72
N GLY B 81 13.76 9.52 5.14
CA GLY B 81 14.07 10.63 4.26
C GLY B 81 15.32 10.34 3.50
N GLU B 82 16.29 9.81 4.21
CA GLU B 82 17.59 9.51 3.66
C GLU B 82 17.38 8.34 2.70
N LEU B 83 16.47 7.42 3.00
CA LEU B 83 16.05 6.35 2.11
C LEU B 83 15.39 6.93 0.83
N ALA B 84 14.29 7.68 1.02
CA ALA B 84 13.50 8.27 -0.05
C ALA B 84 14.33 9.22 -0.91
N LYS B 85 15.38 9.78 -0.33
CA LYS B 85 16.39 10.55 -1.01
C LYS B 85 17.28 9.58 -1.79
N GLU B 86 18.00 8.67 -1.11
CA GLU B 86 18.92 7.70 -1.70
C GLU B 86 18.36 7.03 -2.96
N ILE B 87 17.12 6.51 -2.92
CA ILE B 87 16.54 5.84 -4.07
C ILE B 87 16.62 6.68 -5.37
N ARG B 88 16.52 8.01 -5.25
CA ARG B 88 16.72 8.94 -6.36
C ARG B 88 18.20 9.32 -6.44
N LYS B 89 18.73 9.78 -5.32
CA LYS B 89 20.01 10.47 -5.17
C LYS B 89 21.18 9.57 -5.51
N LYS B 90 21.07 8.24 -5.42
CA LYS B 90 21.91 7.49 -4.48
C LYS B 90 23.31 8.09 -4.32
N LYS B 91 24.17 8.08 -5.34
CA LYS B 91 25.51 8.66 -5.28
C LYS B 91 25.75 9.52 -6.54
N ASP B 92 24.75 10.36 -6.86
CA ASP B 92 24.66 11.35 -7.95
C ASP B 92 25.80 12.37 -7.80
N LEU B 93 27.00 11.91 -8.13
CA LEU B 93 28.27 12.55 -7.90
C LEU B 93 29.32 11.66 -8.56
N LYS B 94 29.30 10.36 -8.24
CA LYS B 94 30.12 9.33 -8.89
C LYS B 94 29.28 8.27 -9.59
N ILE B 95 28.20 7.80 -8.94
CA ILE B 95 27.45 6.62 -9.37
C ILE B 95 25.94 6.88 -9.19
N ARG B 96 25.10 7.02 -10.23
CA ARG B 96 25.33 7.16 -11.67
C ARG B 96 23.99 7.33 -12.41
N MET C 1 16.73 5.77 -16.56
CA MET C 1 15.45 6.18 -17.15
C MET C 1 14.29 5.76 -16.23
N ALA C 2 14.17 4.45 -15.95
CA ALA C 2 13.15 3.94 -15.03
C ALA C 2 13.33 2.45 -14.71
N ALA C 3 13.53 2.11 -13.44
CA ALA C 3 13.03 0.92 -12.75
C ALA C 3 12.74 -0.37 -13.54
N GLU C 4 13.65 -1.36 -13.51
CA GLU C 4 13.34 -2.78 -13.47
C GLU C 4 13.07 -3.17 -11.98
N PRO C 5 12.84 -4.49 -11.63
CA PRO C 5 12.54 -4.97 -10.26
C PRO C 5 12.99 -4.10 -9.10
N LEU C 6 12.06 -3.98 -8.14
CA LEU C 6 12.26 -3.22 -6.92
C LEU C 6 11.76 -4.05 -5.74
N THR C 7 11.90 -3.54 -4.52
CA THR C 7 11.43 -4.26 -3.34
C THR C 7 10.03 -3.78 -2.93
N GLU C 8 9.50 -4.35 -1.84
CA GLU C 8 8.17 -4.01 -1.33
C GLU C 8 8.01 -2.52 -1.04
N LEU C 9 8.96 -1.94 -0.31
CA LEU C 9 8.91 -0.52 0.06
C LEU C 9 9.20 0.39 -1.14
N GLU C 10 9.94 -0.14 -2.11
CA GLU C 10 10.30 0.61 -3.32
C GLU C 10 9.05 0.80 -4.19
N GLU C 11 8.19 -0.22 -4.25
CA GLU C 11 6.92 -0.11 -4.97
C GLU C 11 6.10 1.04 -4.40
N SER C 12 5.93 1.04 -3.08
CA SER C 12 5.02 1.97 -2.40
C SER C 12 5.54 3.41 -2.39
N ILE C 13 6.84 3.64 -2.52
CA ILE C 13 7.34 4.97 -2.83
C ILE C 13 7.14 5.28 -4.32
N GLU C 14 7.23 4.29 -5.22
CA GLU C 14 6.90 4.53 -6.63
C GLU C 14 5.46 5.01 -6.79
N THR C 15 4.48 4.27 -6.25
CA THR C 15 3.07 4.51 -6.54
C THR C 15 2.68 5.99 -6.33
N VAL C 16 3.23 6.63 -5.29
CA VAL C 16 2.99 8.04 -5.05
C VAL C 16 3.75 8.93 -6.04
N VAL C 17 4.98 8.55 -6.43
CA VAL C 17 5.73 9.26 -7.45
C VAL C 17 4.97 9.22 -8.78
N THR C 18 4.36 8.07 -9.11
CA THR C 18 3.56 7.93 -10.33
C THR C 18 2.51 9.06 -10.44
N THR C 19 2.02 9.55 -9.29
CA THR C 19 1.07 10.67 -9.26
C THR C 19 1.83 11.93 -9.66
N PHE C 20 2.95 12.13 -8.98
CA PHE C 20 3.89 13.21 -9.26
C PHE C 20 4.19 13.28 -10.76
N PHE C 21 4.64 12.15 -11.32
CA PHE C 21 5.01 12.04 -12.73
C PHE C 21 3.90 12.39 -13.72
N THR C 22 2.66 12.01 -13.41
CA THR C 22 1.55 12.29 -14.34
C THR C 22 0.91 13.66 -14.12
N PHE C 23 1.41 14.41 -13.15
CA PHE C 23 0.89 15.75 -12.88
C PHE C 23 1.93 16.79 -13.25
N ALA C 24 3.20 16.38 -13.18
CA ALA C 24 4.31 17.28 -13.50
C ALA C 24 4.64 17.30 -14.97
N ARG C 25 4.02 16.40 -15.75
CA ARG C 25 4.19 16.36 -17.22
C ARG C 25 3.08 17.18 -17.92
N GLN C 26 2.61 18.25 -17.27
CA GLN C 26 1.54 19.10 -17.82
C GLN C 26 2.07 20.19 -18.76
N GLU C 27 2.61 21.28 -18.20
CA GLU C 27 3.20 22.36 -19.01
C GLU C 27 4.59 21.87 -19.46
N GLY C 28 5.69 22.52 -19.04
CA GLY C 28 6.96 21.92 -19.37
C GLY C 28 7.17 20.65 -18.57
N ARG C 29 8.08 19.79 -19.03
CA ARG C 29 9.05 19.09 -18.19
C ARG C 29 8.45 18.34 -16.99
N LYS C 30 8.42 17.01 -17.12
CA LYS C 30 7.89 16.11 -16.08
C LYS C 30 8.82 15.96 -14.88
N ASP C 31 10.10 16.27 -15.08
CA ASP C 31 11.10 16.16 -14.03
C ASP C 31 10.99 17.28 -12.97
N SER C 32 10.21 18.35 -13.21
CA SER C 32 10.01 19.44 -12.26
C SER C 32 8.52 19.75 -12.08
N LEU C 33 8.08 20.00 -10.84
CA LEU C 33 6.76 20.54 -10.58
C LEU C 33 6.74 22.00 -11.02
N SER C 34 5.66 22.36 -11.71
CA SER C 34 5.37 23.68 -12.25
C SER C 34 4.06 24.15 -11.57
N VAL C 35 3.74 25.46 -11.60
CA VAL C 35 2.64 25.97 -10.76
C VAL C 35 1.34 26.14 -11.52
N ASN C 36 0.99 25.09 -12.24
CA ASN C 36 -0.34 24.59 -12.48
C ASN C 36 -0.15 23.09 -12.79
N GLU C 37 0.51 22.51 -11.78
CA GLU C 37 0.84 21.10 -11.64
C GLU C 37 0.85 20.84 -10.12
N PHE C 38 1.47 21.79 -9.39
CA PHE C 38 1.50 21.81 -7.94
C PHE C 38 0.13 22.17 -7.39
N LYS C 39 -0.39 23.34 -7.76
CA LYS C 39 -1.67 23.79 -7.21
C LYS C 39 -2.77 22.78 -7.56
N GLU C 40 -2.71 22.22 -8.77
CA GLU C 40 -3.68 21.21 -9.18
C GLU C 40 -3.49 19.91 -8.39
N LEU C 41 -2.24 19.66 -7.96
CA LEU C 41 -1.90 18.46 -7.20
C LEU C 41 -2.44 18.55 -5.77
N VAL C 42 -2.24 19.68 -5.10
CA VAL C 42 -2.74 19.88 -3.76
C VAL C 42 -4.26 19.95 -3.76
N THR C 43 -4.85 20.65 -4.72
CA THR C 43 -6.30 20.81 -4.79
C THR C 43 -7.03 19.47 -5.03
N GLN C 44 -6.40 18.54 -5.75
CA GLN C 44 -7.05 17.26 -6.06
C GLN C 44 -6.59 16.11 -5.16
N GLN C 45 -5.28 15.87 -5.12
CA GLN C 45 -4.73 14.76 -4.34
C GLN C 45 -4.61 15.06 -2.84
N LEU C 46 -4.33 16.30 -2.47
CA LEU C 46 -4.18 16.65 -1.04
C LEU C 46 -5.19 17.72 -0.59
N PRO C 47 -6.51 17.49 -0.72
CA PRO C 47 -7.52 18.47 -0.32
C PRO C 47 -7.93 18.32 1.15
N HIS C 48 -7.74 17.12 1.69
CA HIS C 48 -8.07 16.81 3.07
C HIS C 48 -6.81 16.71 3.92
N LEU C 49 -5.79 16.08 3.35
CA LEU C 49 -4.51 15.92 4.04
C LEU C 49 -3.86 17.29 4.27
N LEU C 50 -3.84 18.10 3.22
CA LEU C 50 -3.31 19.44 3.30
C LEU C 50 -4.46 20.44 3.31
N LYS C 51 -4.73 21.03 4.47
CA LYS C 51 -5.81 21.99 4.64
C LYS C 51 -5.37 23.40 4.26
N ASP C 52 -4.44 23.49 3.33
CA ASP C 52 -3.93 24.78 2.89
C ASP C 52 -3.79 24.80 1.36
N VAL C 53 -4.91 24.71 0.67
CA VAL C 53 -4.92 24.72 -0.79
C VAL C 53 -4.92 26.13 -1.34
N GLY C 54 -5.28 27.10 -0.50
CA GLY C 54 -5.32 28.49 -0.93
C GLY C 54 -4.03 29.21 -0.59
N SER C 55 -3.25 28.61 0.31
CA SER C 55 -1.97 29.19 0.73
C SER C 55 -0.79 28.34 0.26
N LEU C 56 -0.96 27.71 -0.91
CA LEU C 56 0.08 26.91 -1.52
C LEU C 56 1.34 27.75 -1.69
N ASP C 57 1.19 28.95 -2.23
CA ASP C 57 2.24 29.91 -2.55
C ASP C 57 3.28 30.02 -1.43
N GLU C 58 2.84 30.03 -0.15
CA GLU C 58 3.74 30.03 0.99
C GLU C 58 4.57 28.74 1.02
N LYS C 59 3.88 27.60 0.88
CA LYS C 59 4.54 26.29 0.86
C LYS C 59 5.54 26.26 -0.28
N MET C 60 5.10 26.71 -1.46
CA MET C 60 5.95 26.80 -2.64
C MET C 60 7.22 27.59 -2.31
N LYS C 61 7.08 28.80 -1.78
CA LYS C 61 8.25 29.60 -1.42
C LYS C 61 9.14 28.86 -0.42
N SER C 62 8.54 28.21 0.58
CA SER C 62 9.27 27.43 1.58
C SER C 62 9.99 26.23 0.94
N LEU C 63 9.36 25.59 -0.04
CA LEU C 63 9.88 24.42 -0.73
C LEU C 63 11.06 24.82 -1.63
N ASP C 64 10.81 25.75 -2.54
CA ASP C 64 11.61 26.03 -3.73
C ASP C 64 13.08 26.38 -3.51
N VAL C 65 13.48 26.67 -2.26
CA VAL C 65 14.26 27.82 -1.76
C VAL C 65 15.38 28.41 -2.64
N ASN C 66 15.93 27.67 -3.60
CA ASN C 66 16.73 28.33 -4.65
C ASN C 66 15.87 29.36 -5.38
N GLN C 67 14.55 29.19 -5.39
CA GLN C 67 13.56 30.11 -5.90
C GLN C 67 13.64 30.24 -7.42
N ASP C 68 14.26 29.26 -8.09
CA ASP C 68 14.19 29.12 -9.54
C ASP C 68 12.74 28.91 -9.99
N SER C 69 11.86 28.50 -9.07
CA SER C 69 10.45 28.24 -9.32
C SER C 69 10.23 26.99 -10.18
N GLU C 70 11.28 26.20 -10.40
CA GLU C 70 11.13 24.78 -10.68
C GLU C 70 11.16 24.10 -9.32
N LEU C 71 10.03 23.54 -8.90
CA LEU C 71 10.00 22.74 -7.69
C LEU C 71 10.71 21.43 -8.06
N LYS C 72 11.97 21.33 -7.63
CA LYS C 72 12.95 20.43 -8.22
C LYS C 72 12.77 19.01 -7.67
N PHE C 73 13.50 18.05 -8.25
CA PHE C 73 13.38 16.63 -7.97
C PHE C 73 14.16 16.36 -6.66
N ASN C 74 13.54 16.82 -5.58
CA ASN C 74 13.91 16.96 -4.18
C ASN C 74 14.33 18.41 -3.94
N GLU C 75 13.52 19.38 -4.36
CA GLU C 75 12.79 20.27 -3.47
C GLU C 75 11.43 19.65 -3.15
N TYR C 76 10.64 19.43 -4.22
CA TYR C 76 9.24 19.03 -4.20
C TYR C 76 8.96 17.99 -3.12
N TRP C 77 9.77 16.93 -3.15
CA TRP C 77 9.61 15.75 -2.34
C TRP C 77 9.25 16.08 -0.88
N ARG C 78 9.87 17.12 -0.33
CA ARG C 78 9.57 17.64 1.00
C ARG C 78 8.07 17.62 1.30
N LEU C 79 7.23 18.05 0.34
CA LEU C 79 5.79 18.09 0.50
C LEU C 79 5.24 16.77 1.03
N ILE C 80 5.62 15.65 0.41
CA ILE C 80 5.17 14.33 0.80
C ILE C 80 5.56 14.09 2.28
N GLY C 81 6.66 14.71 2.71
CA GLY C 81 7.19 14.71 4.05
C GLY C 81 6.31 15.42 5.03
N GLU C 82 5.86 16.58 4.58
CA GLU C 82 5.04 17.43 5.38
C GLU C 82 3.70 16.73 5.56
N LEU C 83 3.08 16.21 4.49
CA LEU C 83 1.91 15.35 4.69
C LEU C 83 2.23 14.16 5.61
N ALA C 84 3.36 13.47 5.37
CA ALA C 84 3.74 12.31 6.17
C ALA C 84 3.76 12.64 7.66
N LYS C 85 4.42 13.73 8.07
CA LYS C 85 4.39 14.12 9.47
C LYS C 85 2.99 14.64 9.85
N GLU C 86 2.31 15.43 9.01
CA GLU C 86 1.03 16.09 9.29
C GLU C 86 0.05 15.13 9.97
N ILE C 87 -0.08 13.90 9.46
CA ILE C 87 -0.96 12.90 10.04
C ILE C 87 -0.73 12.76 11.55
N ARG C 88 0.53 12.78 11.97
CA ARG C 88 0.97 12.83 13.37
C ARG C 88 0.95 14.27 13.92
N LYS C 89 1.31 15.27 13.11
CA LYS C 89 1.71 16.59 13.53
C LYS C 89 0.74 17.67 13.02
N LYS C 90 -0.39 17.80 13.70
CA LYS C 90 -1.48 18.72 13.43
C LYS C 90 -1.00 20.10 12.95
N LYS C 91 -0.12 20.79 13.70
CA LYS C 91 0.39 22.11 13.30
C LYS C 91 1.78 22.43 13.88
N ASP C 92 2.33 21.55 14.72
CA ASP C 92 3.15 21.94 15.85
C ASP C 92 4.62 21.95 15.46
N LEU C 93 4.96 22.60 14.33
CA LEU C 93 6.32 22.67 13.81
C LEU C 93 7.06 23.92 14.29
N ILE C 95 9.60 26.31 14.18
CA ILE C 95 10.97 26.57 13.74
C ILE C 95 11.17 27.94 13.07
N ARG C 96 12.40 28.46 13.21
CA ARG C 96 12.90 29.70 12.62
C ARG C 96 14.42 29.64 12.81
N LYS C 97 15.21 29.83 11.75
CA LYS C 97 16.61 29.44 11.73
C LYS C 97 17.17 29.93 10.39
N LYS C 98 18.26 30.72 10.42
CA LYS C 98 19.07 31.04 9.26
C LYS C 98 20.33 30.18 9.38
N TYR D 1 -20.08 -8.74 -38.63
CA TYR D 1 -21.35 -7.98 -38.47
C TYR D 1 -21.08 -6.62 -37.86
N LYS D 2 -20.36 -5.77 -38.58
CA LYS D 2 -20.02 -4.43 -38.09
C LYS D 2 -21.28 -3.71 -37.58
N LYS D 3 -21.36 -3.56 -36.26
CA LYS D 3 -22.50 -2.92 -35.62
C LYS D 3 -22.10 -2.41 -34.23
N PRO D 4 -23.07 -1.89 -33.43
CA PRO D 4 -22.84 -1.38 -32.10
C PRO D 4 -21.54 -1.85 -31.45
N LYS D 5 -20.55 -0.96 -31.40
CA LYS D 5 -19.26 -1.27 -30.81
C LYS D 5 -19.24 -0.78 -29.36
N LEU D 6 -19.32 -1.71 -28.42
CA LEU D 6 -19.30 -1.37 -27.00
C LEU D 6 -17.86 -1.20 -26.52
N LEU D 7 -17.61 -0.14 -25.75
CA LEU D 7 -16.28 0.13 -25.23
C LEU D 7 -16.35 0.72 -23.83
N TYR D 8 -15.49 0.24 -22.93
CA TYR D 8 -15.43 0.72 -21.57
C TYR D 8 -14.07 0.41 -20.95
N CYS D 9 -13.81 0.91 -19.75
CA CYS D 9 -12.53 0.66 -19.09
C CYS D 9 -12.68 0.61 -17.59
N SER D 10 -11.64 0.11 -16.91
CA SER D 10 -11.62 -0.02 -15.46
C SER D 10 -12.48 -1.21 -15.04
N ASN D 11 -11.86 -2.18 -14.38
CA ASN D 11 -12.56 -3.37 -13.93
C ASN D 11 -13.84 -2.97 -13.18
N GLY D 12 -14.97 -3.53 -13.61
CA GLY D 12 -16.24 -3.24 -12.99
C GLY D 12 -17.32 -2.96 -14.01
N GLY D 13 -18.50 -3.49 -13.76
CA GLY D 13 -19.61 -3.29 -14.66
C GLY D 13 -19.90 -1.82 -14.92
N HIS D 14 -19.51 -1.34 -16.09
CA HIS D 14 -19.72 0.05 -16.49
C HIS D 14 -19.50 0.20 -17.99
N PHE D 15 -20.52 0.67 -18.70
CA PHE D 15 -20.43 0.84 -20.15
C PHE D 15 -20.60 2.30 -20.53
N LEU D 16 -19.97 2.71 -21.63
CA LEU D 16 -20.06 4.09 -22.09
C LEU D 16 -21.43 4.34 -22.72
N ARG D 17 -22.32 4.98 -21.97
CA ARG D 17 -23.65 5.28 -22.48
C ARG D 17 -23.70 6.70 -23.03
N ILE D 18 -23.77 6.80 -24.35
CA ILE D 18 -23.79 8.09 -25.02
C ILE D 18 -25.22 8.60 -25.18
N LEU D 19 -25.38 9.91 -25.03
CA LEU D 19 -26.68 10.55 -25.18
C LEU D 19 -26.55 11.76 -26.12
N PRO D 20 -27.55 11.97 -26.99
CA PRO D 20 -27.55 13.09 -27.95
C PRO D 20 -27.14 14.41 -27.30
N ASP D 21 -27.46 14.54 -26.02
CA ASP D 21 -27.12 15.75 -25.25
C ASP D 21 -25.61 15.98 -25.24
N GLY D 22 -24.85 14.91 -25.05
CA GLY D 22 -23.42 15.00 -25.00
C GLY D 22 -22.83 14.43 -23.73
N THR D 23 -23.58 14.54 -22.63
CA THR D 23 -23.12 14.03 -21.34
C THR D 23 -23.15 12.50 -21.31
N VAL D 24 -22.08 11.90 -21.80
CA VAL D 24 -21.94 10.44 -21.81
C VAL D 24 -21.36 9.97 -20.49
N ASP D 25 -21.97 8.94 -19.90
CA ASP D 25 -21.50 8.39 -18.62
C ASP D 25 -21.30 6.88 -18.72
N GLY D 26 -20.60 6.33 -17.73
CA GLY D 26 -20.32 4.91 -17.72
C GLY D 26 -21.46 4.10 -17.12
N THR D 27 -22.59 4.10 -17.80
CA THR D 27 -23.76 3.36 -17.34
C THR D 27 -23.53 1.86 -17.41
N ARG D 28 -23.78 1.16 -16.31
CA ARG D 28 -23.59 -0.28 -16.29
C ARG D 28 -24.90 -0.99 -16.63
N ASP D 29 -25.34 -0.84 -17.87
CA ASP D 29 -26.58 -1.45 -18.33
C ASP D 29 -26.48 -1.78 -19.81
N ARG D 30 -27.22 -2.80 -20.23
CA ARG D 30 -27.25 -3.23 -21.63
C ARG D 30 -28.69 -3.47 -22.09
N SER D 31 -29.64 -2.85 -21.39
CA SER D 31 -31.05 -2.99 -21.71
C SER D 31 -31.48 -1.90 -22.69
N ASP D 32 -31.01 -0.68 -22.45
CA ASP D 32 -31.34 0.46 -23.32
C ASP D 32 -30.24 0.67 -24.34
N GLN D 33 -30.61 0.71 -25.62
CA GLN D 33 -29.65 0.91 -26.69
C GLN D 33 -29.05 2.31 -26.67
N HIS D 34 -28.14 2.55 -25.74
CA HIS D 34 -27.46 3.83 -25.64
C HIS D 34 -25.99 3.68 -25.22
N ILE D 35 -25.46 2.46 -25.34
CA ILE D 35 -24.07 2.19 -24.96
C ILE D 35 -23.32 1.54 -26.13
N GLN D 36 -23.54 2.07 -27.33
CA GLN D 36 -22.91 1.54 -28.52
C GLN D 36 -22.47 2.67 -29.46
N LEU D 37 -21.24 2.56 -29.93
CA LEU D 37 -20.68 3.55 -30.84
C LEU D 37 -20.12 2.85 -32.08
N GLN D 38 -20.06 3.57 -33.19
CA GLN D 38 -19.55 2.99 -34.43
C GLN D 38 -18.04 3.21 -34.53
N LEU D 39 -17.30 2.46 -33.72
CA LEU D 39 -15.85 2.54 -33.71
C LEU D 39 -15.28 1.84 -34.95
N SER D 40 -14.42 2.55 -35.69
CA SER D 40 -13.80 1.99 -36.88
C SER D 40 -12.54 2.78 -37.25
N ALA D 41 -11.65 2.12 -37.98
CA ALA D 41 -10.41 2.74 -38.42
C ALA D 41 -10.66 3.52 -39.70
N GLU D 42 -10.76 4.83 -39.58
CA GLU D 42 -11.01 5.68 -40.75
C GLU D 42 -9.79 5.75 -41.64
N SER D 43 -8.66 6.13 -41.05
CA SER D 43 -7.40 6.23 -41.77
C SER D 43 -6.40 5.23 -41.20
N VAL D 44 -5.22 5.13 -41.83
CA VAL D 44 -4.18 4.22 -41.38
C VAL D 44 -3.87 4.44 -39.89
N GLY D 45 -4.52 3.67 -39.03
CA GLY D 45 -4.30 3.79 -37.60
C GLY D 45 -5.23 4.78 -36.93
N GLU D 46 -5.88 5.64 -37.72
CA GLU D 46 -6.78 6.64 -37.17
C GLU D 46 -8.19 6.08 -37.03
N VAL D 47 -8.61 5.86 -35.78
CA VAL D 47 -9.94 5.34 -35.49
C VAL D 47 -10.84 6.45 -34.98
N TYR D 48 -12.11 6.40 -35.39
CA TYR D 48 -13.07 7.41 -34.97
C TYR D 48 -14.17 6.79 -34.10
N ILE D 49 -14.67 7.59 -33.18
CA ILE D 49 -15.73 7.16 -32.27
C ILE D 49 -17.00 7.95 -32.57
N LYS D 50 -17.93 7.31 -33.24
CA LYS D 50 -19.19 7.96 -33.61
C LYS D 50 -20.38 7.07 -33.25
N SER D 51 -21.18 7.51 -32.30
CA SER D 51 -22.36 6.76 -31.88
C SER D 51 -23.52 7.06 -32.83
N THR D 52 -23.32 6.74 -34.10
CA THR D 52 -24.30 6.99 -35.13
C THR D 52 -25.68 6.40 -34.80
N GLU D 53 -25.76 5.07 -34.84
CA GLU D 53 -27.01 4.37 -34.58
C GLU D 53 -27.29 4.22 -33.09
N THR D 54 -27.30 5.33 -32.35
CA THR D 54 -27.57 5.28 -30.92
C THR D 54 -27.42 6.64 -30.23
N GLY D 55 -26.41 7.42 -30.61
CA GLY D 55 -26.20 8.70 -29.98
C GLY D 55 -25.75 9.79 -30.92
N GLN D 56 -24.51 10.22 -30.75
CA GLN D 56 -23.93 11.30 -31.54
C GLN D 56 -22.45 11.06 -31.83
N TYR D 57 -21.82 12.03 -32.49
CA TYR D 57 -20.41 11.97 -32.82
C TYR D 57 -19.59 12.62 -31.72
N LEU D 58 -18.42 12.09 -31.44
CA LEU D 58 -17.57 12.63 -30.39
C LEU D 58 -16.78 13.84 -30.87
N ALA D 59 -16.41 14.70 -29.93
CA ALA D 59 -15.65 15.91 -30.20
C ALA D 59 -14.97 16.38 -28.90
N MET D 60 -13.82 15.81 -28.62
CA MET D 60 -13.07 16.13 -27.41
C MET D 60 -12.85 17.63 -27.25
N ASP D 61 -12.92 18.10 -26.02
CA ASP D 61 -12.71 19.51 -25.71
C ASP D 61 -11.24 19.72 -25.36
N THR D 62 -10.42 19.85 -26.40
CA THR D 62 -9.00 20.05 -26.21
C THR D 62 -8.40 18.85 -25.48
N ASP D 63 -8.95 17.66 -25.74
CA ASP D 63 -8.51 16.41 -25.09
C ASP D 63 -8.89 16.42 -23.61
N GLY D 64 -8.50 17.50 -22.91
CA GLY D 64 -8.81 17.64 -21.50
C GLY D 64 -10.15 17.03 -21.10
N LEU D 65 -11.20 17.48 -21.76
CA LEU D 65 -12.54 16.97 -21.50
C LEU D 65 -13.08 16.26 -22.74
N LEU D 66 -13.63 15.08 -22.56
CA LEU D 66 -14.16 14.30 -23.66
C LEU D 66 -15.67 14.49 -23.77
N TYR D 67 -16.14 14.84 -24.97
CA TYR D 67 -17.56 15.05 -25.20
C TYR D 67 -17.89 14.81 -26.67
N GLY D 68 -19.17 14.90 -27.01
CA GLY D 68 -19.59 14.70 -28.38
C GLY D 68 -21.08 14.93 -28.55
N SER D 69 -21.47 15.48 -29.70
CA SER D 69 -22.88 15.75 -29.97
C SER D 69 -23.04 16.58 -31.24
N GLN D 70 -22.51 17.79 -31.23
CA GLN D 70 -22.64 18.71 -32.36
C GLN D 70 -21.97 18.18 -33.64
N THR D 71 -20.64 18.15 -33.66
CA THR D 71 -19.92 17.68 -34.84
C THR D 71 -18.67 16.88 -34.49
N PRO D 72 -18.32 15.88 -35.33
CA PRO D 72 -17.13 15.05 -35.11
C PRO D 72 -15.86 15.79 -35.52
N ASN D 73 -15.48 16.77 -34.71
CA ASN D 73 -14.29 17.58 -34.98
C ASN D 73 -13.03 16.71 -34.93
N GLU D 74 -11.96 17.17 -35.61
CA GLU D 74 -10.69 16.42 -35.64
C GLU D 74 -10.32 15.90 -34.25
N GLU D 75 -10.71 16.64 -33.21
CA GLU D 75 -10.47 16.20 -31.82
C GLU D 75 -10.88 14.74 -31.62
N CYS D 76 -11.83 14.27 -32.44
CA CYS D 76 -12.33 12.91 -32.35
C CYS D 76 -11.46 11.88 -33.09
N LEU D 77 -10.35 12.30 -33.68
CA LEU D 77 -9.48 11.36 -34.39
C LEU D 77 -8.43 10.80 -33.43
N PHE D 78 -8.44 9.47 -33.27
CA PHE D 78 -7.51 8.81 -32.36
C PHE D 78 -6.75 7.69 -33.05
N LEU D 79 -5.50 7.50 -32.64
CA LEU D 79 -4.65 6.44 -33.19
C LEU D 79 -4.95 5.13 -32.47
N GLU D 80 -5.30 4.10 -33.23
CA GLU D 80 -5.61 2.79 -32.65
C GLU D 80 -4.35 2.07 -32.19
N ARG D 81 -4.26 1.84 -30.88
CA ARG D 81 -3.12 1.14 -30.29
C ARG D 81 -3.62 0.00 -29.38
N LEU D 82 -2.83 -1.05 -29.26
CA LEU D 82 -3.21 -2.19 -28.44
C LEU D 82 -2.15 -2.45 -27.37
N GLU D 83 -2.61 -2.79 -26.16
CA GLU D 83 -1.69 -3.09 -25.06
C GLU D 83 -1.78 -4.56 -24.69
N GLU D 84 -0.64 -5.16 -24.37
CA GLU D 84 -0.60 -6.57 -23.98
C GLU D 84 -1.19 -6.77 -22.59
N ASN D 85 -2.40 -6.28 -22.41
CA ASN D 85 -3.12 -6.38 -21.13
C ASN D 85 -4.61 -6.58 -21.37
N HIS D 86 -4.95 -7.08 -22.57
CA HIS D 86 -6.33 -7.32 -22.95
C HIS D 86 -7.13 -6.01 -22.93
N TYR D 87 -6.53 -4.95 -23.47
CA TYR D 87 -7.18 -3.64 -23.53
C TYR D 87 -6.76 -2.87 -24.78
N ASN D 88 -7.62 -1.97 -25.21
CA ASN D 88 -7.37 -1.15 -26.40
C ASN D 88 -6.93 0.25 -25.98
N THR D 89 -6.06 0.84 -26.79
CA THR D 89 -5.55 2.18 -26.52
C THR D 89 -5.81 3.08 -27.73
N TYR D 90 -6.25 4.30 -27.48
CA TYR D 90 -6.52 5.24 -28.55
C TYR D 90 -5.84 6.57 -28.26
N ILE D 91 -4.89 6.95 -29.12
CA ILE D 91 -4.15 8.19 -28.92
C ILE D 91 -4.76 9.33 -29.70
N SER D 92 -5.23 10.35 -28.98
CA SER D 92 -5.84 11.52 -29.60
C SER D 92 -4.75 12.32 -30.33
N LYS D 93 -4.41 11.87 -31.53
CA LYS D 93 -3.37 12.52 -32.34
C LYS D 93 -3.53 14.04 -32.30
N LYS D 94 -4.79 14.51 -32.26
CA LYS D 94 -5.07 15.94 -32.20
C LYS D 94 -4.30 16.60 -31.05
N HIS D 95 -4.02 15.84 -30.00
CA HIS D 95 -3.28 16.35 -28.84
C HIS D 95 -2.09 15.46 -28.49
N ALA D 96 -1.76 14.51 -29.36
CA ALA D 96 -0.65 13.61 -29.13
C ALA D 96 0.62 14.40 -28.82
N GLU D 97 0.71 15.60 -29.39
CA GLU D 97 1.85 16.49 -29.16
C GLU D 97 2.13 16.66 -27.67
N LYS D 98 1.08 16.64 -26.84
CA LYS D 98 1.23 16.80 -25.39
C LYS D 98 1.19 15.45 -24.67
N ASN D 99 1.33 14.37 -25.44
CA ASN D 99 1.31 13.01 -24.91
C ASN D 99 -0.02 12.71 -24.23
N TRP D 100 -1.11 13.13 -24.87
CA TRP D 100 -2.45 12.93 -24.34
C TRP D 100 -3.24 11.93 -25.17
N PHE D 101 -3.77 10.91 -24.50
CA PHE D 101 -4.58 9.89 -25.16
C PHE D 101 -5.83 9.56 -24.35
N VAL D 102 -7.00 9.82 -24.98
CA VAL D 102 -8.34 9.63 -24.41
C VAL D 102 -8.39 8.75 -23.17
N GLY D 103 -8.91 9.33 -22.08
CA GLY D 103 -9.05 8.62 -20.82
C GLY D 103 -10.36 8.99 -20.14
N LEU D 104 -11.11 7.99 -19.68
CA LEU D 104 -12.40 8.24 -19.03
C LEU D 104 -12.42 7.72 -17.60
N LYS D 105 -13.36 8.25 -16.81
CA LYS D 105 -13.52 7.84 -15.42
C LYS D 105 -14.72 6.90 -15.30
N LYS D 106 -14.44 5.62 -15.13
CA LYS D 106 -15.48 4.59 -14.99
C LYS D 106 -16.65 5.06 -14.11
N ASN D 107 -16.31 5.69 -12.99
CA ASN D 107 -17.32 6.18 -12.05
C ASN D 107 -17.37 7.71 -12.07
N GLY D 108 -17.20 8.30 -13.24
CA GLY D 108 -17.23 9.75 -13.34
C GLY D 108 -17.71 10.23 -14.70
N SER D 109 -17.07 9.72 -15.76
CA SER D 109 -17.37 10.06 -17.15
C SER D 109 -16.06 10.24 -17.91
N CYS D 110 -16.14 10.45 -19.22
CA CYS D 110 -14.96 10.62 -20.04
C CYS D 110 -14.47 12.07 -20.02
N LYS D 111 -13.43 12.33 -19.23
CA LYS D 111 -12.86 13.67 -19.12
C LYS D 111 -11.67 13.66 -18.17
N ARG D 112 -10.52 13.20 -18.67
CA ARG D 112 -9.29 13.12 -17.87
C ARG D 112 -8.07 13.40 -18.73
N GLY D 113 -8.26 14.24 -19.74
CA GLY D 113 -7.19 14.61 -20.67
C GLY D 113 -5.91 15.11 -20.02
N PRO D 114 -5.96 16.01 -19.00
CA PRO D 114 -4.75 16.52 -18.36
C PRO D 114 -4.02 15.46 -17.51
N ARG D 115 -4.59 14.25 -17.45
CA ARG D 115 -3.99 13.16 -16.69
C ARG D 115 -3.92 11.88 -17.53
N THR D 116 -3.78 12.02 -18.85
CA THR D 116 -3.72 10.85 -19.74
C THR D 116 -2.27 10.46 -20.06
N HIS D 117 -1.74 9.48 -19.32
CA HIS D 117 -0.39 8.98 -19.53
C HIS D 117 -0.19 7.67 -18.76
N TYR D 118 1.04 7.46 -18.27
CA TYR D 118 1.34 6.25 -17.51
C TYR D 118 1.02 6.43 -16.02
N GLY D 119 -0.25 6.67 -15.75
CA GLY D 119 -0.72 6.85 -14.38
C GLY D 119 -2.15 6.38 -14.25
N GLN D 120 -3.03 6.96 -15.06
CA GLN D 120 -4.42 6.58 -15.09
C GLN D 120 -4.58 5.39 -16.02
N LYS D 121 -4.88 4.24 -15.46
CA LYS D 121 -5.01 2.99 -16.22
C LYS D 121 -6.29 2.98 -17.05
N ALA D 122 -7.25 3.85 -16.69
CA ALA D 122 -8.52 3.97 -17.40
C ALA D 122 -8.32 4.14 -18.92
N ILE D 123 -7.11 4.49 -19.33
CA ILE D 123 -6.80 4.65 -20.75
C ILE D 123 -6.88 3.31 -21.48
N LEU D 124 -6.69 2.21 -20.75
CA LEU D 124 -6.74 0.89 -21.33
C LEU D 124 -8.18 0.41 -21.39
N PHE D 125 -8.85 0.73 -22.48
CA PHE D 125 -10.26 0.37 -22.66
C PHE D 125 -10.43 -1.09 -23.07
N LEU D 126 -11.54 -1.68 -22.65
CA LEU D 126 -11.87 -3.05 -22.98
C LEU D 126 -13.06 -3.06 -23.94
N PRO D 127 -12.81 -3.37 -25.21
CA PRO D 127 -13.85 -3.39 -26.24
C PRO D 127 -14.60 -4.73 -26.33
N LEU D 128 -15.89 -4.63 -26.59
CA LEU D 128 -16.75 -5.82 -26.73
C LEU D 128 -17.61 -5.67 -28.00
N PRO D 129 -16.99 -5.30 -29.14
CA PRO D 129 -17.71 -5.10 -30.40
C PRO D 129 -17.98 -6.41 -31.15
N VAL D 130 -19.04 -6.41 -31.95
CA VAL D 130 -19.40 -7.57 -32.74
C VAL D 130 -18.55 -7.64 -34.01
N SER D 131 -17.39 -8.27 -33.88
CA SER D 131 -16.47 -8.42 -34.99
C SER D 131 -17.02 -9.35 -36.07
N SER D 132 -16.27 -9.50 -37.15
CA SER D 132 -16.67 -10.37 -38.25
C SER D 132 -15.76 -11.60 -38.30
N ASP D 133 -15.86 -12.42 -37.25
CA ASP D 133 -15.06 -13.63 -37.13
C ASP D 133 -15.83 -14.84 -37.67
N TYR A 1 -17.30 -30.62 26.88
CA TYR A 1 -16.44 -31.80 26.60
C TYR A 1 -14.97 -31.39 26.56
N LYS A 2 -14.43 -30.97 27.70
CA LYS A 2 -13.05 -30.53 27.78
C LYS A 2 -12.12 -31.59 27.18
N LYS A 3 -11.56 -31.28 26.02
CA LYS A 3 -10.68 -32.19 25.31
C LYS A 3 -9.79 -31.38 24.34
N PRO A 4 -8.97 -32.08 23.50
CA PRO A 4 -8.09 -31.46 22.53
C PRO A 4 -8.42 -30.01 22.19
N LYS A 5 -7.63 -29.09 22.72
CA LYS A 5 -7.83 -27.67 22.48
C LYS A 5 -6.92 -27.21 21.34
N LEU A 6 -7.50 -26.99 20.17
CA LEU A 6 -6.73 -26.54 19.01
C LEU A 6 -6.54 -25.03 19.06
N LEU A 7 -5.31 -24.59 18.78
CA LEU A 7 -4.98 -23.17 18.81
C LEU A 7 -3.98 -22.82 17.70
N TYR A 8 -4.22 -21.71 17.01
CA TYR A 8 -3.33 -21.25 15.94
C TYR A 8 -3.53 -19.76 15.70
N CYS A 9 -2.71 -19.16 14.86
CA CYS A 9 -2.84 -17.73 14.58
C CYS A 9 -2.40 -17.42 13.14
N SER A 10 -2.74 -16.21 12.70
CA SER A 10 -2.42 -15.74 11.35
C SER A 10 -3.34 -16.39 10.34
N ASN A 11 -4.09 -15.57 9.62
CA ASN A 11 -5.03 -16.07 8.61
C ASN A 11 -4.34 -17.06 7.69
N GLY A 12 -4.93 -18.25 7.57
CA GLY A 12 -4.35 -19.28 6.73
C GLY A 12 -4.33 -20.63 7.40
N GLY A 13 -4.68 -21.67 6.66
CA GLY A 13 -4.69 -23.01 7.21
C GLY A 13 -3.36 -23.40 7.81
N HIS A 14 -3.29 -23.40 9.14
CA HIS A 14 -2.08 -23.77 9.88
C HIS A 14 -2.43 -24.02 11.34
N PHE A 15 -2.14 -25.23 11.82
CA PHE A 15 -2.43 -25.59 13.22
C PHE A 15 -1.15 -25.90 13.97
N LEU A 16 -1.15 -25.65 15.27
CA LEU A 16 0.02 -25.92 16.11
C LEU A 16 0.16 -27.42 16.35
N ARG A 17 1.06 -28.06 15.61
CA ARG A 17 1.28 -29.49 15.75
C ARG A 17 2.45 -29.75 16.69
N ILE A 18 2.14 -30.22 17.89
CA ILE A 18 3.16 -30.49 18.90
C ILE A 18 3.70 -31.90 18.78
N LEU A 19 4.99 -32.05 19.02
CA LEU A 19 5.65 -33.35 18.97
C LEU A 19 6.49 -33.55 20.22
N PRO A 20 6.49 -34.77 20.79
CA PRO A 20 7.25 -35.10 22.01
C PRO A 20 8.67 -34.56 21.96
N ASP A 21 9.22 -34.47 20.76
CA ASP A 21 10.58 -33.94 20.56
C ASP A 21 10.69 -32.51 21.07
N GLY A 22 9.68 -31.70 20.78
CA GLY A 22 9.68 -30.32 21.20
C GLY A 22 9.50 -29.35 20.04
N THR A 23 10.00 -29.73 18.87
CA THR A 23 9.88 -28.89 17.69
C THR A 23 8.46 -28.86 17.16
N VAL A 24 7.66 -27.97 17.73
CA VAL A 24 6.27 -27.81 17.32
C VAL A 24 6.18 -26.83 16.15
N ASP A 25 5.44 -27.21 15.11
CA ASP A 25 5.28 -26.36 13.92
C ASP A 25 3.81 -26.14 13.59
N GLY A 26 3.53 -25.16 12.74
CA GLY A 26 2.18 -24.84 12.35
C GLY A 26 1.68 -25.72 11.21
N THR A 27 1.54 -27.01 11.48
CA THR A 27 1.08 -27.97 10.48
C THR A 27 -0.39 -27.72 10.15
N ARG A 28 -0.68 -27.61 8.86
CA ARG A 28 -2.06 -27.37 8.44
C ARG A 28 -2.74 -28.71 8.12
N ASP A 29 -2.95 -29.51 9.16
CA ASP A 29 -3.59 -30.81 9.01
C ASP A 29 -4.38 -31.17 10.27
N ARG A 30 -5.42 -31.97 10.09
CA ARG A 30 -6.25 -32.41 11.21
C ARG A 30 -6.53 -33.91 11.11
N SER A 31 -5.65 -34.62 10.40
CA SER A 31 -5.78 -36.06 10.22
C SER A 31 -5.03 -36.79 11.32
N ASP A 32 -3.83 -36.31 11.63
CA ASP A 32 -3.01 -36.92 12.67
C ASP A 32 -3.19 -36.20 14.00
N GLN A 33 -3.53 -36.95 15.04
CA GLN A 33 -3.75 -36.36 16.37
C GLN A 33 -2.46 -35.82 16.97
N HIS A 34 -2.01 -34.66 16.48
CA HIS A 34 -0.80 -34.04 17.01
C HIS A 34 -0.92 -32.51 17.01
N ILE A 35 -2.15 -32.00 16.88
CA ILE A 35 -2.39 -30.56 16.88
C ILE A 35 -3.42 -30.19 17.95
N GLN A 36 -3.28 -30.78 19.12
CA GLN A 36 -4.20 -30.52 20.23
C GLN A 36 -3.46 -30.42 21.55
N LEU A 37 -3.80 -29.40 22.32
CA LEU A 37 -3.18 -29.17 23.62
C LEU A 37 -4.27 -29.00 24.67
N GLN A 38 -3.95 -29.31 25.92
CA GLN A 38 -4.91 -29.18 27.00
C GLN A 38 -4.84 -27.79 27.61
N LEU A 39 -5.35 -26.80 26.87
CA LEU A 39 -5.37 -25.41 27.32
C LEU A 39 -6.47 -25.24 28.39
N SER A 40 -6.09 -24.67 29.52
CA SER A 40 -7.03 -24.43 30.61
C SER A 40 -6.50 -23.37 31.56
N ALA A 41 -7.41 -22.72 32.28
CA ALA A 41 -7.05 -21.69 33.24
C ALA A 41 -6.70 -22.35 34.57
N GLU A 42 -5.40 -22.44 34.86
CA GLU A 42 -4.94 -23.07 36.09
C GLU A 42 -5.25 -22.17 37.29
N SER A 43 -4.79 -20.92 37.22
CA SER A 43 -5.01 -19.96 38.27
C SER A 43 -5.85 -18.79 37.74
N VAL A 44 -6.22 -17.87 38.62
CA VAL A 44 -7.02 -16.71 38.23
C VAL A 44 -6.37 -15.96 37.07
N GLY A 45 -6.78 -16.30 35.85
CA GLY A 45 -6.24 -15.66 34.67
C GLY A 45 -5.02 -16.36 34.11
N GLU A 46 -4.41 -17.26 34.89
CA GLU A 46 -3.22 -17.96 34.45
C GLU A 46 -3.61 -19.25 33.72
N VAL A 47 -3.40 -19.26 32.41
CA VAL A 47 -3.71 -20.42 31.59
C VAL A 47 -2.44 -21.16 31.21
N TYR A 48 -2.52 -22.48 31.18
CA TYR A 48 -1.36 -23.31 30.84
C TYR A 48 -1.59 -24.06 29.53
N ILE A 49 -0.51 -24.28 28.80
CA ILE A 49 -0.56 -25.00 27.54
C ILE A 49 0.18 -26.32 27.66
N LYS A 50 -0.57 -27.41 27.80
CA LYS A 50 0.02 -28.72 27.96
C LYS A 50 -0.62 -29.72 27.00
N SER A 51 0.15 -30.21 26.05
CA SER A 51 -0.34 -31.17 25.08
C SER A 51 -0.27 -32.58 25.67
N THR A 52 -0.99 -32.77 26.77
CA THR A 52 -1.00 -34.03 27.49
C THR A 52 -1.37 -35.21 26.60
N GLU A 53 -2.63 -35.27 26.18
CA GLU A 53 -3.11 -36.37 25.36
C GLU A 53 -2.78 -36.17 23.87
N THR A 54 -1.49 -35.99 23.56
CA THR A 54 -1.07 -35.79 22.17
C THR A 54 0.43 -35.49 22.05
N GLY A 55 0.97 -34.66 22.94
CA GLY A 55 2.36 -34.32 22.83
C GLY A 55 3.07 -34.20 24.17
N GLN A 56 3.43 -32.97 24.52
CA GLN A 56 4.18 -32.70 25.74
C GLN A 56 3.76 -31.38 26.37
N TYR A 57 4.43 -31.01 27.47
CA TYR A 57 4.15 -29.77 28.17
C TYR A 57 5.06 -28.67 27.62
N LEU A 58 4.56 -27.44 27.56
CA LEU A 58 5.34 -26.33 27.04
C LEU A 58 6.28 -25.76 28.10
N ALA A 59 7.36 -25.15 27.62
CA ALA A 59 8.36 -24.54 28.48
C ALA A 59 9.17 -23.52 27.67
N MET A 60 8.63 -22.31 27.58
CA MET A 60 9.26 -21.24 26.82
C MET A 60 10.72 -21.03 27.22
N ASP A 61 11.56 -20.73 26.24
CA ASP A 61 12.96 -20.47 26.48
C ASP A 61 13.17 -18.98 26.67
N THR A 62 12.92 -18.52 27.88
CA THR A 62 13.05 -17.11 28.21
C THR A 62 12.11 -16.28 27.35
N ASP A 63 10.94 -16.85 27.04
CA ASP A 63 9.93 -16.20 26.18
C ASP A 63 10.43 -16.11 24.74
N GLY A 64 11.63 -15.56 24.57
CA GLY A 64 12.24 -15.42 23.26
C GLY A 64 11.88 -16.56 22.31
N LEU A 65 12.17 -17.78 22.73
CA LEU A 65 11.86 -18.96 21.92
C LEU A 65 10.86 -19.83 22.66
N LEU A 66 9.82 -20.26 21.95
CA LEU A 66 8.78 -21.09 22.54
C LEU A 66 9.03 -22.56 22.24
N TYR A 67 9.03 -23.37 23.29
CA TYR A 67 9.26 -24.81 23.14
C TYR A 67 8.59 -25.56 24.29
N GLY A 68 8.65 -26.89 24.25
CA GLY A 68 8.07 -27.70 25.28
C GLY A 68 8.34 -29.18 25.07
N SER A 69 8.54 -29.92 26.16
CA SER A 69 8.80 -31.35 26.07
C SER A 69 9.21 -31.92 27.43
N GLN A 70 10.32 -31.45 27.97
CA GLN A 70 10.85 -31.94 29.24
C GLN A 70 9.90 -31.68 30.41
N THR A 71 9.77 -30.42 30.82
CA THR A 71 8.90 -30.08 31.96
C THR A 71 8.16 -28.76 31.75
N PRO A 72 6.93 -28.65 32.29
CA PRO A 72 6.13 -27.44 32.19
C PRO A 72 6.61 -26.36 33.17
N ASN A 73 7.76 -25.79 32.87
CA ASN A 73 8.36 -24.76 33.73
C ASN A 73 7.46 -23.52 33.78
N GLU A 74 7.61 -22.73 34.85
CA GLU A 74 6.80 -21.50 35.02
C GLU A 74 6.71 -20.72 33.72
N GLU A 75 7.76 -20.78 32.90
CA GLU A 75 7.77 -20.12 31.59
C GLU A 75 6.47 -20.41 30.82
N CYS A 76 5.84 -21.55 31.12
CA CYS A 76 4.61 -21.95 30.45
C CYS A 76 3.34 -21.33 31.05
N LEU A 77 3.48 -20.46 32.05
CA LEU A 77 2.30 -19.82 32.65
C LEU A 77 2.00 -18.52 31.92
N PHE A 78 0.80 -18.44 31.34
CA PHE A 78 0.39 -17.24 30.60
C PHE A 78 -0.94 -16.71 31.08
N LEU A 79 -1.09 -15.39 31.03
CA LEU A 79 -2.33 -14.73 31.44
C LEU A 79 -3.31 -14.74 30.28
N GLU A 80 -4.51 -15.27 30.54
CA GLU A 80 -5.55 -15.36 29.51
C GLU A 80 -6.18 -14.00 29.23
N ARG A 81 -5.99 -13.51 28.01
CA ARG A 81 -6.55 -12.22 27.60
C ARG A 81 -7.30 -12.39 26.28
N LEU A 82 -8.33 -11.57 26.06
CA LEU A 82 -9.12 -11.64 24.85
C LEU A 82 -9.10 -10.31 24.11
N GLU A 83 -9.02 -10.35 22.78
CA GLU A 83 -9.02 -9.14 21.98
C GLU A 83 -10.29 -9.06 21.14
N GLU A 84 -10.84 -7.87 21.01
CA GLU A 84 -12.06 -7.67 20.22
C GLU A 84 -11.77 -7.79 18.72
N ASN A 85 -11.16 -8.91 18.35
CA ASN A 85 -10.80 -9.19 16.97
C ASN A 85 -10.98 -10.68 16.66
N HIS A 86 -11.79 -11.36 17.48
CA HIS A 86 -12.04 -12.79 17.33
C HIS A 86 -10.74 -13.58 17.51
N TYR A 87 -9.95 -13.21 18.50
CA TYR A 87 -8.68 -13.87 18.78
C TYR A 87 -8.37 -13.87 20.27
N ASN A 88 -7.58 -14.86 20.70
CA ASN A 88 -7.20 -15.01 22.09
C ASN A 88 -5.78 -14.50 22.30
N THR A 89 -5.52 -13.93 23.48
CA THR A 89 -4.21 -13.41 23.81
C THR A 89 -3.71 -14.04 25.11
N TYR A 90 -2.45 -14.43 25.15
CA TYR A 90 -1.88 -15.04 26.34
C TYR A 90 -0.57 -14.35 26.70
N ILE A 91 -0.55 -13.71 27.86
CA ILE A 91 0.62 -12.98 28.32
C ILE A 91 1.52 -13.85 29.20
N SER A 92 2.74 -14.09 28.72
CA SER A 92 3.70 -14.89 29.48
C SER A 92 4.15 -14.11 30.72
N LYS A 93 3.32 -14.13 31.76
CA LYS A 93 3.61 -13.42 33.00
C LYS A 93 5.08 -13.61 33.40
N LYS A 94 5.62 -14.79 33.13
CA LYS A 94 7.02 -15.09 33.46
C LYS A 94 7.95 -14.02 32.87
N HIS A 95 7.53 -13.41 31.76
CA HIS A 95 8.33 -12.37 31.11
C HIS A 95 7.51 -11.10 30.86
N ALA A 96 6.31 -11.03 31.44
CA ALA A 96 5.44 -9.87 31.27
C ALA A 96 6.21 -8.60 31.63
N GLU A 97 7.17 -8.72 32.54
CA GLU A 97 7.99 -7.60 32.96
C GLU A 97 8.59 -6.87 31.75
N LYS A 98 8.90 -7.63 30.70
CA LYS A 98 9.47 -7.06 29.48
C LYS A 98 8.38 -6.80 28.44
N ASN A 99 7.12 -6.86 28.87
CA ASN A 99 5.99 -6.66 27.97
C ASN A 99 6.01 -7.70 26.85
N TRP A 100 6.44 -8.91 27.19
CA TRP A 100 6.54 -10.01 26.24
C TRP A 100 5.39 -10.99 26.42
N PHE A 101 4.67 -11.27 25.34
CA PHE A 101 3.56 -12.21 25.38
C PHE A 101 3.62 -13.16 24.19
N VAL A 102 3.78 -14.46 24.51
CA VAL A 102 3.88 -15.58 23.56
C VAL A 102 3.41 -15.24 22.14
N GLY A 103 4.32 -15.42 21.19
CA GLY A 103 4.03 -15.17 19.78
C GLY A 103 4.69 -16.22 18.89
N LEU A 104 3.93 -16.79 17.96
CA LEU A 104 4.46 -17.82 17.07
C LEU A 104 4.39 -17.41 15.61
N LYS A 105 5.17 -18.07 14.78
CA LYS A 105 5.21 -17.81 13.35
C LYS A 105 4.46 -18.91 12.61
N LYS A 106 3.25 -18.58 12.14
CA LYS A 106 2.39 -19.53 11.41
C LYS A 106 3.20 -20.37 10.41
N ASN A 107 4.10 -19.72 9.69
CA ASN A 107 4.92 -20.41 8.69
C ASN A 107 6.38 -20.49 9.14
N GLY A 108 6.60 -20.66 10.44
CA GLY A 108 7.94 -20.75 10.97
C GLY A 108 8.05 -21.62 12.21
N SER A 109 7.20 -21.31 13.20
CA SER A 109 7.15 -22.03 14.48
C SER A 109 6.98 -21.00 15.61
N CYS A 110 6.82 -21.48 16.83
CA CYS A 110 6.64 -20.60 17.98
C CYS A 110 7.99 -20.13 18.53
N LYS A 111 8.37 -18.91 18.19
CA LYS A 111 9.65 -18.34 18.67
C LYS A 111 9.82 -16.91 18.13
N ARG A 112 9.14 -15.99 18.80
CA ARG A 112 9.19 -14.58 18.43
C ARG A 112 9.15 -13.69 19.66
N GLY A 113 9.72 -14.17 20.78
CA GLY A 113 9.74 -13.39 22.02
C GLY A 113 10.28 -11.99 21.80
N PRO A 114 11.46 -11.81 21.16
CA PRO A 114 12.01 -10.46 20.89
C PRO A 114 11.04 -9.58 20.09
N ARG A 115 9.99 -10.20 19.54
CA ARG A 115 8.98 -9.51 18.75
C ARG A 115 7.58 -9.75 19.32
N THR A 116 7.45 -9.90 20.64
CA THR A 116 6.14 -10.12 21.26
C THR A 116 5.62 -8.87 21.95
N HIS A 117 5.24 -7.90 21.14
CA HIS A 117 4.71 -6.63 21.64
C HIS A 117 3.66 -6.12 20.64
N TYR A 118 3.72 -4.83 20.30
CA TYR A 118 2.77 -4.29 19.33
C TYR A 118 3.44 -4.15 17.97
N GLY A 119 3.21 -5.14 17.13
CA GLY A 119 3.78 -5.16 15.79
C GLY A 119 3.46 -6.47 15.09
N GLN A 120 3.72 -7.56 15.79
CA GLN A 120 3.42 -8.89 15.29
C GLN A 120 2.00 -9.26 15.70
N LYS A 121 1.14 -9.44 14.71
CA LYS A 121 -0.27 -9.76 14.96
C LYS A 121 -0.43 -11.24 15.32
N ALA A 122 0.58 -12.05 15.00
CA ALA A 122 0.57 -13.48 15.30
C ALA A 122 0.25 -13.77 16.77
N ILE A 123 0.36 -12.74 17.62
CA ILE A 123 0.07 -12.89 19.04
C ILE A 123 -1.43 -13.10 19.28
N LEU A 124 -2.25 -12.71 18.31
CA LEU A 124 -3.70 -12.90 18.40
C LEU A 124 -4.06 -14.27 17.86
N PHE A 125 -4.06 -15.26 18.76
CA PHE A 125 -4.35 -16.64 18.39
C PHE A 125 -5.85 -16.89 18.25
N LEU A 126 -6.20 -17.79 17.34
CA LEU A 126 -7.59 -18.17 17.11
C LEU A 126 -7.81 -19.59 17.62
N PRO A 127 -8.51 -19.72 18.75
CA PRO A 127 -8.78 -21.03 19.35
C PRO A 127 -10.02 -21.73 18.80
N LEU A 128 -9.93 -23.05 18.66
CA LEU A 128 -11.03 -23.87 18.18
C LEU A 128 -11.23 -25.08 19.11
N PRO A 129 -11.27 -24.85 20.44
CA PRO A 129 -11.43 -25.92 21.42
C PRO A 129 -12.87 -26.36 21.61
N VAL A 130 -13.04 -27.62 22.01
CA VAL A 130 -14.38 -28.17 22.24
C VAL A 130 -14.88 -27.73 23.62
N SER A 131 -15.52 -26.58 23.65
CA SER A 131 -16.07 -26.03 24.89
C SER A 131 -17.24 -26.86 25.40
N SER A 132 -17.78 -26.46 26.55
CA SER A 132 -18.91 -27.15 27.15
C SER A 132 -20.15 -26.28 27.07
N ASP A 133 -20.60 -26.02 25.85
CA ASP A 133 -21.77 -25.18 25.60
C ASP A 133 -23.03 -26.04 25.47
N MET B 1 -17.93 -4.09 2.42
CA MET B 1 -18.21 -4.19 3.88
C MET B 1 -17.08 -3.55 4.67
N ALA B 2 -16.71 -4.15 5.79
CA ALA B 2 -15.60 -3.65 6.58
C ALA B 2 -14.30 -3.84 5.82
N ALA B 3 -13.20 -3.39 6.41
CA ALA B 3 -11.90 -3.46 5.76
C ALA B 3 -11.89 -2.48 4.60
N GLU B 4 -12.20 -1.22 4.91
CA GLU B 4 -12.26 -0.17 3.91
C GLU B 4 -10.88 0.40 3.60
N PRO B 5 -10.54 0.51 2.31
CA PRO B 5 -9.26 1.07 1.88
C PRO B 5 -9.21 2.58 2.00
N LEU B 6 -8.12 3.09 2.55
CA LEU B 6 -7.94 4.52 2.72
C LEU B 6 -7.27 5.11 1.47
N THR B 7 -6.80 6.34 1.56
CA THR B 7 -6.14 6.97 0.43
C THR B 7 -4.76 6.35 0.22
N GLU B 8 -4.25 6.46 -1.00
CA GLU B 8 -2.95 5.89 -1.37
C GLU B 8 -1.82 6.34 -0.43
N LEU B 9 -1.93 7.55 0.09
CA LEU B 9 -0.91 8.10 0.97
C LEU B 9 -1.03 7.53 2.40
N GLU B 10 -2.26 7.28 2.87
CA GLU B 10 -2.46 6.64 4.17
C GLU B 10 -1.96 5.19 4.12
N GLU B 11 -2.23 4.49 3.00
CA GLU B 11 -1.75 3.13 2.75
C GLU B 11 -0.24 3.07 2.98
N SER B 12 0.49 3.97 2.30
CA SER B 12 1.94 3.92 2.30
C SER B 12 2.55 4.35 3.63
N ILE B 13 2.02 5.35 4.34
CA ILE B 13 2.52 5.63 5.68
C ILE B 13 2.23 4.45 6.60
N GLU B 14 1.05 3.83 6.51
CA GLU B 14 0.78 2.68 7.35
C GLU B 14 1.81 1.58 7.10
N THR B 15 1.98 1.12 5.85
CA THR B 15 2.85 -0.03 5.58
C THR B 15 4.26 0.16 6.16
N VAL B 16 4.81 1.37 6.09
CA VAL B 16 6.12 1.65 6.69
C VAL B 16 5.99 1.77 8.22
N VAL B 17 4.94 2.40 8.74
CA VAL B 17 4.70 2.52 10.17
C VAL B 17 4.60 1.14 10.83
N THR B 18 3.85 0.20 10.23
CA THR B 18 3.72 -1.16 10.80
C THR B 18 5.09 -1.87 10.81
N THR B 19 5.86 -1.72 9.72
CA THR B 19 7.19 -2.28 9.63
C THR B 19 8.10 -1.68 10.71
N PHE B 20 8.16 -0.34 10.78
CA PHE B 20 8.80 0.38 11.87
C PHE B 20 8.40 -0.24 13.21
N PHE B 21 7.10 -0.37 13.45
CA PHE B 21 6.57 -0.90 14.72
C PHE B 21 7.01 -2.33 15.03
N THR B 22 7.28 -3.15 14.02
CA THR B 22 7.71 -4.53 14.26
C THR B 22 9.19 -4.59 14.69
N PHE B 23 9.81 -3.42 14.80
CA PHE B 23 11.21 -3.30 15.21
C PHE B 23 11.33 -2.35 16.42
N ALA B 24 10.45 -1.35 16.45
CA ALA B 24 10.41 -0.33 17.51
C ALA B 24 10.19 -0.98 18.87
N ARG B 25 9.42 -2.06 18.90
CA ARG B 25 9.09 -2.74 20.16
C ARG B 25 10.01 -3.92 20.49
N GLN B 26 11.09 -4.11 19.72
CA GLN B 26 12.01 -5.21 19.96
C GLN B 26 12.52 -5.20 21.40
N GLU B 27 12.69 -4.00 21.95
CA GLU B 27 13.16 -3.81 23.31
C GLU B 27 12.34 -2.74 24.02
N GLY B 28 12.95 -2.15 25.05
CA GLY B 28 12.33 -1.07 25.83
C GLY B 28 11.73 0.06 24.99
N ARG B 29 10.47 0.37 25.31
CA ARG B 29 9.67 1.41 24.65
C ARG B 29 9.38 1.06 23.18
N LYS B 30 8.09 0.86 22.85
CA LYS B 30 7.69 0.49 21.50
C LYS B 30 7.52 1.72 20.59
N ASP B 31 8.43 2.67 20.72
CA ASP B 31 8.44 3.89 19.92
C ASP B 31 9.87 4.12 19.47
N SER B 32 10.80 4.08 20.42
CA SER B 32 12.20 4.30 20.16
C SER B 32 12.87 3.01 19.69
N LEU B 33 13.70 3.13 18.65
CA LEU B 33 14.69 2.10 18.30
C LEU B 33 15.95 2.41 19.10
N SER B 34 16.42 1.50 19.95
CA SER B 34 17.76 1.61 20.49
C SER B 34 18.77 1.06 19.48
N VAL B 35 20.06 1.09 19.82
CA VAL B 35 21.16 0.84 18.88
C VAL B 35 20.97 -0.46 18.10
N ASN B 36 20.84 -1.61 18.81
CA ASN B 36 20.63 -2.92 18.16
C ASN B 36 19.37 -2.88 17.30
N GLU B 37 18.26 -2.56 17.95
CA GLU B 37 16.96 -2.34 17.32
C GLU B 37 17.09 -1.63 15.97
N PHE B 38 17.82 -0.51 15.97
CA PHE B 38 18.04 0.30 14.80
C PHE B 38 18.83 -0.51 13.77
N LYS B 39 19.97 -1.06 14.18
CA LYS B 39 20.81 -1.86 13.29
C LYS B 39 20.03 -3.00 12.66
N GLU B 40 19.07 -3.57 13.38
CA GLU B 40 18.25 -4.68 12.87
C GLU B 40 17.40 -4.28 11.66
N LEU B 41 16.98 -3.01 11.57
CA LEU B 41 16.16 -2.56 10.45
C LEU B 41 17.01 -2.64 9.18
N VAL B 42 18.16 -1.98 9.24
CA VAL B 42 19.03 -1.80 8.08
C VAL B 42 19.56 -3.16 7.66
N THR B 43 20.15 -3.89 8.60
CA THR B 43 20.74 -5.19 8.32
C THR B 43 19.78 -6.21 7.69
N GLN B 44 18.48 -6.09 7.97
CA GLN B 44 17.52 -7.05 7.43
C GLN B 44 16.82 -6.57 6.16
N GLN B 45 16.06 -5.48 6.25
CA GLN B 45 15.30 -4.99 5.11
C GLN B 45 15.99 -3.88 4.32
N LEU B 46 17.30 -3.73 4.46
CA LEU B 46 18.01 -2.69 3.69
C LEU B 46 19.44 -3.14 3.33
N PRO B 47 19.55 -4.01 2.31
CA PRO B 47 20.83 -4.52 1.83
C PRO B 47 21.37 -3.82 0.58
N HIS B 48 20.54 -3.01 -0.08
CA HIS B 48 20.96 -2.33 -1.31
C HIS B 48 21.08 -0.82 -1.11
N LEU B 49 19.98 -0.18 -0.72
CA LEU B 49 19.94 1.27 -0.52
C LEU B 49 21.14 1.78 0.25
N LEU B 50 21.25 1.39 1.53
CA LEU B 50 22.35 1.71 2.41
C LEU B 50 23.09 0.41 2.69
N LYS B 51 23.91 0.01 1.72
CA LYS B 51 24.68 -1.24 1.79
C LYS B 51 25.75 -1.20 2.88
N ASP B 52 25.81 -0.11 3.63
CA ASP B 52 26.78 0.03 4.71
C ASP B 52 26.22 -0.59 5.99
N VAL B 53 26.40 -1.90 6.13
CA VAL B 53 25.93 -2.63 7.31
C VAL B 53 27.04 -2.73 8.36
N GLY B 54 28.01 -1.83 8.27
CA GLY B 54 29.11 -1.82 9.21
C GLY B 54 29.26 -0.49 9.92
N SER B 55 29.00 0.60 9.20
CA SER B 55 29.11 1.95 9.76
C SER B 55 27.75 2.49 10.19
N LEU B 56 26.97 1.65 10.87
CA LEU B 56 25.67 2.03 11.36
C LEU B 56 25.83 3.11 12.43
N ASP B 57 26.96 3.11 13.16
CA ASP B 57 27.34 4.15 14.10
C ASP B 57 27.26 5.54 13.44
N GLU B 58 27.84 5.70 12.25
CA GLU B 58 27.80 6.95 11.50
C GLU B 58 26.35 7.38 11.29
N LYS B 59 25.52 6.50 10.75
CA LYS B 59 24.11 6.81 10.56
C LYS B 59 23.51 7.23 11.89
N MET B 60 23.70 6.43 12.94
CA MET B 60 23.17 6.68 14.27
C MET B 60 23.52 8.10 14.72
N LYS B 61 24.80 8.47 14.70
CA LYS B 61 25.23 9.81 15.07
C LYS B 61 24.57 10.87 14.16
N SER B 62 24.51 10.60 12.85
CA SER B 62 23.89 11.52 11.90
C SER B 62 22.39 11.70 12.17
N LEU B 63 21.73 10.67 12.72
CA LEU B 63 20.30 10.63 13.00
C LEU B 63 20.00 11.23 14.37
N ASP B 64 20.50 10.58 15.43
CA ASP B 64 20.23 10.90 16.81
C ASP B 64 20.99 12.17 17.22
N VAL B 65 20.52 13.32 16.76
CA VAL B 65 21.17 14.62 16.99
C VAL B 65 21.53 14.86 18.47
N ASN B 66 20.65 14.42 19.38
CA ASN B 66 20.82 14.58 20.82
C ASN B 66 21.67 13.46 21.44
N GLN B 67 21.99 12.41 20.68
CA GLN B 67 22.81 11.28 21.11
C GLN B 67 22.34 10.74 22.46
N ASP B 68 21.05 10.44 22.57
CA ASP B 68 20.45 9.80 23.75
C ASP B 68 20.49 8.28 23.59
N SER B 69 20.85 7.77 22.40
CA SER B 69 20.84 6.34 22.08
C SER B 69 19.42 5.78 22.05
N GLU B 70 18.46 6.65 21.74
CA GLU B 70 17.10 6.33 21.37
C GLU B 70 16.78 7.15 20.12
N LEU B 71 16.51 6.50 19.00
CA LEU B 71 15.87 7.15 17.87
C LEU B 71 14.37 7.11 18.16
N LYS B 72 13.81 8.15 18.80
CA LYS B 72 12.35 8.34 18.93
C LYS B 72 11.72 8.24 17.55
N PHE B 73 10.40 8.02 17.47
CA PHE B 73 9.64 7.93 16.22
C PHE B 73 10.13 8.94 15.17
N ASN B 74 10.09 10.23 15.51
CA ASN B 74 10.46 11.30 14.60
C ASN B 74 11.97 11.31 14.26
N GLU B 75 12.82 10.88 15.20
CA GLU B 75 14.26 10.80 14.97
C GLU B 75 14.54 9.68 13.99
N TYR B 76 14.06 8.47 14.31
CA TYR B 76 14.13 7.31 13.43
C TYR B 76 13.65 7.67 12.05
N TRP B 77 12.47 8.29 11.98
CA TRP B 77 11.83 8.73 10.76
C TRP B 77 12.85 9.39 9.81
N ARG B 78 13.82 10.18 10.31
CA ARG B 78 14.90 10.74 9.49
C ARG B 78 15.42 9.76 8.44
N LEU B 79 15.75 8.53 8.86
CA LEU B 79 16.25 7.49 7.97
C LEU B 79 15.40 7.41 6.71
N ILE B 80 14.07 7.43 6.85
CA ILE B 80 13.14 7.24 5.73
C ILE B 80 13.37 8.33 4.68
N GLY B 81 13.89 9.48 5.09
CA GLY B 81 14.19 10.59 4.22
C GLY B 81 15.42 10.28 3.42
N GLU B 82 16.40 9.73 4.11
CA GLU B 82 17.69 9.42 3.54
C GLU B 82 17.44 8.26 2.56
N LEU B 83 16.52 7.35 2.89
CA LEU B 83 16.07 6.30 1.98
C LEU B 83 15.39 6.90 0.74
N ALA B 84 14.30 7.65 0.95
CA ALA B 84 13.50 8.27 -0.10
C ALA B 84 14.32 9.21 -0.97
N LYS B 85 15.40 9.75 -0.40
CA LYS B 85 16.39 10.51 -1.11
C LYS B 85 17.26 9.53 -1.90
N GLU B 86 17.98 8.60 -1.26
CA GLU B 86 18.88 7.62 -1.87
C GLU B 86 18.27 6.97 -3.11
N ILE B 87 17.03 6.48 -3.06
CA ILE B 87 16.41 5.83 -4.19
C ILE B 87 16.47 6.66 -5.49
N ARG B 88 16.40 7.99 -5.37
CA ARG B 88 16.59 8.93 -6.48
C ARG B 88 18.07 9.30 -6.58
N LYS B 89 18.64 9.75 -5.47
CA LYS B 89 19.91 10.40 -5.35
C LYS B 89 21.08 9.49 -5.73
N LYS B 90 20.95 8.17 -5.63
CA LYS B 90 21.79 7.39 -4.72
C LYS B 90 23.21 7.98 -4.59
N LYS B 91 24.05 7.95 -5.62
CA LYS B 91 25.40 8.52 -5.60
C LYS B 91 25.61 9.40 -6.85
N ASP B 92 24.62 10.25 -7.14
CA ASP B 92 24.53 11.24 -8.22
C ASP B 92 25.69 12.24 -8.10
N LEU B 93 26.87 11.77 -8.46
CA LEU B 93 28.15 12.39 -8.24
C LEU B 93 29.18 11.49 -8.93
N LYS B 94 29.14 10.18 -8.63
CA LYS B 94 29.94 9.16 -9.29
C LYS B 94 29.05 8.11 -9.98
N ILE B 95 27.98 7.65 -9.32
CA ILE B 95 27.21 6.48 -9.74
C ILE B 95 25.71 6.76 -9.53
N ARG B 96 24.86 6.92 -10.55
CA ARG B 96 25.04 7.07 -11.99
C ARG B 96 23.69 7.26 -12.70
N MET C 1 16.55 5.44 -16.39
CA MET C 1 15.26 5.82 -16.96
C MET C 1 14.13 5.40 -16.02
N ALA C 2 14.03 4.10 -15.69
CA ALA C 2 13.03 3.61 -14.73
C ALA C 2 13.24 2.14 -14.37
N ALA C 3 13.48 1.84 -13.08
CA ALA C 3 13.02 0.67 -12.34
C ALA C 3 12.74 -0.66 -13.08
N GLU C 4 13.67 -1.62 -13.02
CA GLU C 4 13.38 -3.05 -12.92
C GLU C 4 13.14 -3.38 -11.43
N PRO C 5 12.96 -4.68 -11.01
CA PRO C 5 12.68 -5.10 -9.62
C PRO C 5 13.19 -4.22 -8.49
N LEU C 6 12.30 -4.04 -7.51
CA LEU C 6 12.57 -3.27 -6.31
C LEU C 6 12.08 -4.11 -5.13
N THR C 7 12.35 -3.66 -3.89
CA THR C 7 11.91 -4.42 -2.72
C THR C 7 10.41 -4.20 -2.44
N GLU C 8 9.92 -4.80 -1.35
CA GLU C 8 8.52 -4.69 -0.97
C GLU C 8 8.17 -3.27 -0.50
N LEU C 9 9.10 -2.63 0.21
CA LEU C 9 8.89 -1.27 0.72
C LEU C 9 9.15 -0.22 -0.37
N GLU C 10 9.81 -0.63 -1.45
CA GLU C 10 10.11 0.26 -2.56
C GLU C 10 8.88 0.42 -3.45
N GLU C 11 7.99 -0.59 -3.47
CA GLU C 11 6.73 -0.51 -4.21
C GLU C 11 5.92 0.70 -3.71
N SER C 12 5.74 0.79 -2.40
CA SER C 12 4.84 1.75 -1.80
C SER C 12 5.38 3.19 -1.86
N ILE C 13 6.70 3.39 -1.99
CA ILE C 13 7.23 4.69 -2.40
C ILE C 13 7.04 4.91 -3.90
N GLU C 14 7.12 3.87 -4.73
CA GLU C 14 6.81 4.02 -6.16
C GLU C 14 5.37 4.51 -6.36
N THR C 15 4.38 3.81 -5.79
CA THR C 15 2.98 4.06 -6.11
C THR C 15 2.61 5.56 -6.00
N VAL C 16 3.15 6.25 -5.00
CA VAL C 16 2.94 7.68 -4.84
C VAL C 16 3.72 8.49 -5.88
N VAL C 17 4.95 8.08 -6.23
CA VAL C 17 5.73 8.70 -7.29
C VAL C 17 4.99 8.59 -8.63
N THR C 18 4.36 7.43 -8.90
CA THR C 18 3.57 7.26 -10.13
C THR C 18 2.50 8.36 -10.24
N THR C 19 2.04 8.88 -9.08
CA THR C 19 1.07 9.97 -9.05
C THR C 19 1.79 11.28 -9.40
N PHE C 20 2.93 11.47 -8.73
CA PHE C 20 3.83 12.60 -8.98
C PHE C 20 4.08 12.76 -10.48
N PHE C 21 4.55 11.68 -11.10
CA PHE C 21 4.91 11.64 -12.52
C PHE C 21 3.75 11.94 -13.48
N THR C 22 2.53 11.59 -13.10
CA THR C 22 1.40 11.83 -13.99
C THR C 22 0.69 13.15 -13.69
N PHE C 23 1.45 14.08 -13.13
CA PHE C 23 0.96 15.40 -12.81
C PHE C 23 2.03 16.44 -13.15
N ALA C 24 3.29 15.98 -13.16
CA ALA C 24 4.41 16.85 -13.47
C ALA C 24 4.75 16.86 -14.95
N ARG C 25 4.08 16.01 -15.73
CA ARG C 25 4.29 15.98 -17.17
C ARG C 25 3.23 16.84 -17.93
N GLN C 26 2.50 17.70 -17.21
CA GLN C 26 1.46 18.56 -17.83
C GLN C 26 2.06 19.61 -18.77
N GLU C 27 2.59 20.70 -18.20
CA GLU C 27 3.22 21.79 -18.96
C GLU C 27 4.60 21.31 -19.39
N GLY C 28 5.68 21.96 -18.95
CA GLY C 28 6.96 21.39 -19.27
C GLY C 28 7.19 20.12 -18.47
N ARG C 29 8.12 19.29 -18.94
CA ARG C 29 9.09 18.60 -18.09
C ARG C 29 8.49 17.83 -16.91
N LYS C 30 8.49 16.50 -17.05
CA LYS C 30 7.95 15.57 -16.05
C LYS C 30 8.86 15.43 -14.81
N ASP C 31 10.15 15.75 -14.98
CA ASP C 31 11.13 15.65 -13.90
C ASP C 31 11.00 16.78 -12.87
N SER C 32 10.23 17.86 -13.13
CA SER C 32 10.01 18.95 -12.20
C SER C 32 8.51 19.26 -12.06
N LEU C 33 8.06 19.51 -10.82
CA LEU C 33 6.73 20.06 -10.60
C LEU C 33 6.71 21.52 -11.04
N SER C 34 5.66 21.87 -11.76
CA SER C 34 5.37 23.18 -12.31
C SER C 34 4.06 23.67 -11.68
N VAL C 35 3.72 24.98 -11.72
CA VAL C 35 2.63 25.49 -10.90
C VAL C 35 1.33 25.66 -11.69
N ASN C 36 0.99 24.58 -12.40
CA ASN C 36 -0.34 24.08 -12.65
C ASN C 36 -0.14 22.60 -12.96
N GLU C 37 0.49 22.02 -11.92
CA GLU C 37 0.83 20.62 -11.75
C GLU C 37 0.81 20.37 -10.24
N PHE C 38 1.42 21.32 -9.50
CA PHE C 38 1.43 21.36 -8.06
C PHE C 38 0.05 21.74 -7.53
N LYS C 39 -0.47 22.90 -7.93
CA LYS C 39 -1.75 23.34 -7.39
C LYS C 39 -2.85 22.34 -7.76
N GLU C 40 -2.77 21.76 -8.96
CA GLU C 40 -3.74 20.75 -9.39
C GLU C 40 -3.58 19.47 -8.56
N LEU C 41 -2.36 19.25 -8.05
CA LEU C 41 -2.07 18.07 -7.24
C LEU C 41 -2.60 18.23 -5.81
N VAL C 42 -2.32 19.37 -5.19
CA VAL C 42 -2.80 19.64 -3.84
C VAL C 42 -4.31 19.74 -3.83
N THR C 43 -4.89 20.44 -4.79
CA THR C 43 -6.35 20.62 -4.85
C THR C 43 -7.13 19.31 -5.10
N GLN C 44 -6.53 18.36 -5.81
CA GLN C 44 -7.23 17.11 -6.12
C GLN C 44 -6.81 15.93 -5.23
N GLN C 45 -5.51 15.68 -5.13
CA GLN C 45 -5.01 14.55 -4.36
C GLN C 45 -4.87 14.84 -2.87
N LEU C 46 -4.60 16.10 -2.49
CA LEU C 46 -4.43 16.45 -1.08
C LEU C 46 -5.42 17.54 -0.63
N PRO C 47 -6.74 17.35 -0.79
CA PRO C 47 -7.73 18.36 -0.39
C PRO C 47 -8.17 18.21 1.06
N HIS C 48 -7.97 17.01 1.61
CA HIS C 48 -8.35 16.72 2.99
C HIS C 48 -7.09 16.66 3.87
N LEU C 49 -6.06 16.01 3.34
CA LEU C 49 -4.80 15.88 4.05
C LEU C 49 -4.14 17.24 4.23
N LEU C 50 -4.11 18.02 3.15
CA LEU C 50 -3.56 19.36 3.20
C LEU C 50 -4.68 20.38 3.17
N LYS C 51 -4.97 20.95 4.33
CA LYS C 51 -6.04 21.95 4.45
C LYS C 51 -5.52 23.36 4.13
N ASP C 52 -4.61 23.43 3.16
CA ASP C 52 -4.04 24.69 2.74
C ASP C 52 -3.90 24.72 1.22
N VAL C 53 -5.03 24.50 0.53
CA VAL C 53 -5.06 24.50 -0.92
C VAL C 53 -5.09 25.92 -1.49
N GLY C 54 -5.48 26.88 -0.66
CA GLY C 54 -5.55 28.26 -1.12
C GLY C 54 -4.28 29.01 -0.76
N SER C 55 -3.46 28.40 0.08
CA SER C 55 -2.20 28.99 0.51
C SER C 55 -1.01 28.14 0.04
N LEU C 56 -1.18 27.49 -1.12
CA LEU C 56 -0.14 26.68 -1.71
C LEU C 56 1.13 27.52 -1.90
N ASP C 57 0.96 28.70 -2.47
CA ASP C 57 2.01 29.66 -2.81
C ASP C 57 3.05 29.81 -1.69
N GLU C 58 2.62 29.85 -0.43
CA GLU C 58 3.51 29.89 0.72
C GLU C 58 4.34 28.61 0.80
N LYS C 59 3.66 27.46 0.69
CA LYS C 59 4.33 26.16 0.70
C LYS C 59 5.34 26.09 -0.44
N MET C 60 4.89 26.50 -1.63
CA MET C 60 5.74 26.57 -2.81
C MET C 60 7.01 27.37 -2.50
N LYS C 61 6.86 28.59 -2.00
CA LYS C 61 8.02 29.42 -1.67
C LYS C 61 8.92 28.71 -0.65
N SER C 62 8.32 28.08 0.37
CA SER C 62 9.05 27.33 1.38
C SER C 62 9.79 26.13 0.79
N LEU C 63 9.16 25.45 -0.18
CA LEU C 63 9.68 24.26 -0.84
C LEU C 63 10.86 24.65 -1.74
N ASP C 64 10.61 25.55 -2.68
CA ASP C 64 11.40 25.80 -3.88
C ASP C 64 12.88 26.17 -3.66
N VAL C 65 13.27 26.50 -2.44
CA VAL C 65 14.04 27.66 -1.96
C VAL C 65 15.16 28.23 -2.85
N ASN C 66 15.72 27.47 -3.79
CA ASN C 66 16.51 28.10 -4.85
C ASN C 66 15.66 29.12 -5.63
N GLN C 67 14.33 28.93 -5.61
CA GLN C 67 13.33 29.84 -6.16
C GLN C 67 13.42 29.93 -7.69
N ASP C 68 14.04 28.93 -8.33
CA ASP C 68 13.97 28.76 -9.78
C ASP C 68 12.52 28.52 -10.22
N SER C 69 11.64 28.14 -9.28
CA SER C 69 10.24 27.86 -9.52
C SER C 69 10.02 26.58 -10.35
N GLU C 70 11.07 25.79 -10.55
CA GLU C 70 10.94 24.36 -10.80
C GLU C 70 10.97 23.72 -9.42
N LEU C 71 9.84 23.17 -8.98
CA LEU C 71 9.82 22.40 -7.75
C LEU C 71 10.54 21.09 -8.08
N LYS C 72 11.79 21.00 -7.65
CA LYS C 72 12.78 20.10 -8.22
C LYS C 72 12.61 18.69 -7.63
N PHE C 73 13.35 17.72 -8.18
CA PHE C 73 13.24 16.30 -7.86
C PHE C 73 14.02 16.08 -6.55
N ASN C 74 13.38 16.56 -5.48
CA ASN C 74 13.77 16.73 -4.08
C ASN C 74 14.17 18.20 -3.88
N GLU C 75 13.36 19.15 -4.33
CA GLU C 75 12.63 20.07 -3.46
C GLU C 75 11.26 19.44 -3.13
N TYR C 76 10.47 19.20 -4.19
CA TYR C 76 9.08 18.77 -4.16
C TYR C 76 8.80 17.77 -3.06
N TRP C 77 9.62 16.72 -3.06
CA TRP C 77 9.46 15.55 -2.21
C TRP C 77 9.10 15.92 -0.77
N ARG C 78 9.71 16.98 -0.24
CA ARG C 78 9.41 17.54 1.08
C ARG C 78 7.91 17.51 1.38
N LEU C 79 7.07 17.91 0.41
CA LEU C 79 5.63 17.95 0.55
C LEU C 79 5.09 16.64 1.13
N ILE C 80 5.47 15.51 0.54
CA ILE C 80 5.02 14.19 0.97
C ILE C 80 5.42 13.99 2.44
N GLY C 81 6.52 14.63 2.85
CA GLY C 81 7.05 14.66 4.20
C GLY C 81 6.17 15.40 5.15
N GLU C 82 5.70 16.54 4.67
CA GLU C 82 4.88 17.42 5.46
C GLU C 82 3.54 16.71 5.64
N LEU C 83 2.91 16.16 4.59
CA LEU C 83 1.76 15.30 4.81
C LEU C 83 2.09 14.12 5.76
N ALA C 84 3.21 13.45 5.55
CA ALA C 84 3.61 12.31 6.38
C ALA C 84 3.63 12.68 7.85
N LYS C 85 4.29 13.79 8.23
CA LYS C 85 4.24 14.20 9.64
C LYS C 85 2.84 14.73 10.00
N GLU C 86 2.16 15.50 9.13
CA GLU C 86 0.87 16.15 9.39
C GLU C 86 -0.10 15.21 10.10
N ILE C 87 -0.22 13.97 9.61
CA ILE C 87 -1.10 12.98 10.22
C ILE C 87 -0.88 12.87 11.74
N ARG C 88 0.39 12.93 12.16
CA ARG C 88 0.84 13.01 13.54
C ARG C 88 0.79 14.46 14.07
N LYS C 89 1.15 15.43 13.23
CA LYS C 89 1.55 16.78 13.63
C LYS C 89 0.58 17.83 13.08
N LYS C 90 -0.57 17.97 13.75
CA LYS C 90 -1.66 18.88 13.46
C LYS C 90 -1.18 20.26 12.95
N LYS C 91 -0.31 20.96 13.68
CA LYS C 91 0.20 22.28 13.23
C LYS C 91 1.58 22.62 13.82
N ASP C 92 2.13 21.77 14.68
CA ASP C 92 2.95 22.19 15.79
C ASP C 92 4.43 22.20 15.40
N LEU C 93 4.75 22.82 14.26
CA LEU C 93 6.12 22.88 13.75
C LEU C 93 6.85 24.15 14.18
N ILE C 95 9.38 26.55 14.01
CA ILE C 95 10.74 26.81 13.56
C ILE C 95 10.94 28.17 12.86
N ARG C 96 12.17 28.70 12.98
CA ARG C 96 12.66 29.91 12.37
C ARG C 96 14.18 29.87 12.56
N LYS C 97 14.97 30.03 11.50
CA LYS C 97 16.37 29.66 11.49
C LYS C 97 16.94 30.12 10.13
N LYS C 98 18.01 30.91 10.14
CA LYS C 98 18.83 31.20 8.97
C LYS C 98 20.09 30.36 9.11
N TYR D 1 -19.67 -8.66 -38.71
CA TYR D 1 -20.94 -7.91 -38.61
C TYR D 1 -20.69 -6.54 -37.98
N LYS D 2 -19.95 -5.68 -38.69
CA LYS D 2 -19.64 -4.35 -38.20
C LYS D 2 -20.90 -3.63 -37.74
N LYS D 3 -21.04 -3.48 -36.43
CA LYS D 3 -22.21 -2.83 -35.84
C LYS D 3 -21.85 -2.31 -34.45
N PRO D 4 -22.85 -1.78 -33.68
CA PRO D 4 -22.67 -1.26 -32.33
C PRO D 4 -21.39 -1.73 -31.64
N LYS D 5 -20.41 -0.83 -31.56
CA LYS D 5 -19.15 -1.14 -30.91
C LYS D 5 -19.17 -0.65 -29.47
N LEU D 6 -19.30 -1.57 -28.52
CA LEU D 6 -19.34 -1.21 -27.11
C LEU D 6 -17.92 -1.05 -26.58
N LEU D 7 -17.69 0.02 -25.80
CA LEU D 7 -16.38 0.30 -25.24
C LEU D 7 -16.51 0.89 -23.85
N TYR D 8 -15.67 0.42 -22.92
CA TYR D 8 -15.68 0.92 -21.55
C TYR D 8 -14.34 0.61 -20.88
N CYS D 9 -14.12 1.12 -19.68
CA CYS D 9 -12.86 0.88 -18.98
C CYS D 9 -13.08 0.82 -17.46
N SER D 10 -12.06 0.33 -16.75
CA SER D 10 -12.10 0.21 -15.30
C SER D 10 -12.97 -0.97 -14.90
N ASN D 11 -12.37 -1.93 -14.21
CA ASN D 11 -13.10 -3.12 -13.77
C ASN D 11 -14.41 -2.73 -13.08
N GLY D 12 -15.51 -3.29 -13.55
CA GLY D 12 -16.80 -2.99 -12.98
C GLY D 12 -17.84 -2.71 -14.04
N GLY D 13 -19.04 -3.25 -13.84
CA GLY D 13 -20.12 -3.06 -14.79
C GLY D 13 -20.39 -1.59 -15.05
N HIS D 14 -19.95 -1.11 -16.22
CA HIS D 14 -20.15 0.28 -16.63
C HIS D 14 -19.87 0.41 -18.12
N PHE D 15 -20.87 0.88 -18.88
CA PHE D 15 -20.72 1.03 -20.33
C PHE D 15 -20.88 2.51 -20.72
N LEU D 16 -20.21 2.90 -21.79
CA LEU D 16 -20.27 4.27 -22.27
C LEU D 16 -21.62 4.53 -22.96
N ARG D 17 -22.54 5.16 -22.24
CA ARG D 17 -23.85 5.46 -22.80
C ARG D 17 -23.88 6.87 -23.36
N ILE D 18 -23.90 6.97 -24.69
CA ILE D 18 -23.90 8.25 -25.37
C ILE D 18 -25.31 8.77 -25.58
N LEU D 19 -25.48 10.07 -25.45
CA LEU D 19 -26.77 10.72 -25.65
C LEU D 19 -26.61 11.91 -26.59
N PRO D 20 -27.57 12.12 -27.51
CA PRO D 20 -27.53 13.23 -28.47
C PRO D 20 -27.16 14.56 -27.82
N ASP D 21 -27.53 14.70 -26.55
CA ASP D 21 -27.21 15.91 -25.78
C ASP D 21 -25.71 16.14 -25.72
N GLY D 22 -24.96 15.07 -25.48
CA GLY D 22 -23.52 15.16 -25.39
C GLY D 22 -22.99 14.60 -24.08
N THR D 23 -23.77 14.73 -23.02
CA THR D 23 -23.37 14.22 -21.71
C THR D 23 -23.40 12.70 -21.67
N VAL D 24 -22.30 12.09 -22.12
CA VAL D 24 -22.16 10.63 -22.11
C VAL D 24 -21.64 10.16 -20.76
N ASP D 25 -22.27 9.15 -20.19
CA ASP D 25 -21.86 8.60 -18.90
C ASP D 25 -21.64 7.09 -18.97
N GLY D 26 -20.98 6.55 -17.96
CA GLY D 26 -20.70 5.13 -17.91
C GLY D 26 -21.86 4.33 -17.35
N THR D 27 -22.96 4.31 -18.07
CA THR D 27 -24.16 3.59 -17.65
C THR D 27 -23.92 2.08 -17.71
N ARG D 28 -24.21 1.38 -16.62
CA ARG D 28 -24.03 -0.06 -16.57
C ARG D 28 -25.33 -0.77 -16.97
N ASP D 29 -25.72 -0.62 -18.22
CA ASP D 29 -26.93 -1.25 -18.73
C ASP D 29 -26.79 -1.59 -20.21
N ARG D 30 -27.52 -2.61 -20.64
CA ARG D 30 -27.48 -3.04 -22.03
C ARG D 30 -28.90 -3.29 -22.55
N SER D 31 -29.88 -2.65 -21.90
CA SER D 31 -31.27 -2.80 -22.26
C SER D 31 -31.66 -1.72 -23.27
N ASP D 32 -31.21 -0.50 -23.02
CA ASP D 32 -31.51 0.62 -23.89
C ASP D 32 -30.37 0.84 -24.89
N GLN D 33 -30.69 0.87 -26.18
CA GLN D 33 -29.68 1.05 -27.22
C GLN D 33 -29.08 2.46 -27.18
N HIS D 34 -28.21 2.70 -26.21
CA HIS D 34 -27.54 4.00 -26.10
C HIS D 34 -26.09 3.84 -25.62
N ILE D 35 -25.55 2.63 -25.71
CA ILE D 35 -24.18 2.35 -25.28
C ILE D 35 -23.39 1.69 -26.41
N GLN D 36 -23.56 2.22 -27.62
CA GLN D 36 -22.88 1.68 -28.80
C GLN D 36 -22.41 2.79 -29.71
N LEU D 37 -21.16 2.69 -30.14
CA LEU D 37 -20.57 3.67 -31.04
C LEU D 37 -19.96 2.97 -32.25
N GLN D 38 -19.86 3.68 -33.37
CA GLN D 38 -19.30 3.09 -34.58
C GLN D 38 -17.79 3.31 -34.62
N LEU D 39 -17.07 2.57 -33.78
CA LEU D 39 -15.63 2.66 -33.72
C LEU D 39 -15.01 1.94 -34.92
N SER D 40 -14.13 2.64 -35.63
CA SER D 40 -13.47 2.08 -36.80
C SER D 40 -12.19 2.85 -37.12
N ALA D 41 -11.26 2.20 -37.81
CA ALA D 41 -10.01 2.82 -38.21
C ALA D 41 -10.21 3.58 -39.51
N GLU D 42 -10.32 4.90 -39.41
CA GLU D 42 -10.53 5.74 -40.58
C GLU D 42 -9.26 5.80 -41.43
N SER D 43 -8.16 6.18 -40.80
CA SER D 43 -6.88 6.29 -41.47
C SER D 43 -5.89 5.29 -40.86
N VAL D 44 -4.70 5.18 -41.44
CA VAL D 44 -3.68 4.27 -40.94
C VAL D 44 -3.41 4.51 -39.44
N GLY D 45 -4.10 3.74 -38.61
CA GLY D 45 -3.94 3.86 -37.17
C GLY D 45 -4.90 4.86 -36.54
N GLU D 46 -5.52 5.72 -37.37
CA GLU D 46 -6.44 6.73 -36.86
C GLU D 46 -7.85 6.17 -36.75
N VAL D 47 -8.31 5.96 -35.53
CA VAL D 47 -9.65 5.43 -35.30
C VAL D 47 -10.58 6.55 -34.82
N TYR D 48 -11.83 6.50 -35.27
CA TYR D 48 -12.80 7.50 -34.90
C TYR D 48 -13.93 6.90 -34.07
N ILE D 49 -14.48 7.70 -33.16
CA ILE D 49 -15.56 7.27 -32.30
C ILE D 49 -16.82 8.06 -32.65
N LYS D 50 -17.74 7.42 -33.36
CA LYS D 50 -18.97 8.06 -33.77
C LYS D 50 -20.17 7.17 -33.46
N SER D 51 -21.01 7.62 -32.54
CA SER D 51 -22.20 6.88 -32.16
C SER D 51 -23.32 7.17 -33.15
N THR D 52 -23.07 6.84 -34.42
CA THR D 52 -24.02 7.09 -35.49
C THR D 52 -25.40 6.48 -35.20
N GLU D 53 -25.49 5.17 -35.23
CA GLU D 53 -26.75 4.48 -35.02
C GLU D 53 -27.08 4.33 -33.54
N THR D 54 -27.14 5.44 -32.81
CA THR D 54 -27.45 5.40 -31.38
C THR D 54 -27.32 6.77 -30.71
N GLY D 55 -26.29 7.55 -31.05
CA GLY D 55 -26.12 8.83 -30.42
C GLY D 55 -25.62 9.91 -31.36
N GLN D 56 -24.39 10.34 -31.14
CA GLN D 56 -23.79 11.42 -31.91
C GLN D 56 -22.30 11.18 -32.14
N TYR D 57 -21.65 12.15 -32.79
CA TYR D 57 -20.22 12.08 -33.07
C TYR D 57 -19.45 12.74 -31.93
N LEU D 58 -18.28 12.21 -31.61
CA LEU D 58 -17.47 12.76 -30.53
C LEU D 58 -16.67 13.97 -30.99
N ALA D 59 -16.33 14.83 -30.04
CA ALA D 59 -15.55 16.03 -30.29
C ALA D 59 -14.94 16.52 -28.98
N MET D 60 -13.79 15.95 -28.64
CA MET D 60 -13.09 16.28 -27.40
C MET D 60 -12.89 17.78 -27.25
N ASP D 61 -12.99 18.26 -26.01
CA ASP D 61 -12.79 19.67 -25.72
C ASP D 61 -11.34 19.88 -25.31
N THR D 62 -10.48 20.01 -26.32
CA THR D 62 -9.06 20.21 -26.08
C THR D 62 -8.49 19.01 -25.32
N ASP D 63 -9.03 17.81 -25.60
CA ASP D 63 -8.62 16.58 -24.91
C ASP D 63 -9.06 16.60 -23.46
N GLY D 64 -8.70 17.68 -22.75
CA GLY D 64 -9.06 17.84 -21.34
C GLY D 64 -10.41 17.22 -21.01
N LEU D 65 -11.44 17.66 -21.70
CA LEU D 65 -12.78 17.16 -21.49
C LEU D 65 -13.28 16.45 -22.74
N LEU D 66 -13.83 15.26 -22.57
CA LEU D 66 -14.32 14.48 -23.69
C LEU D 66 -15.84 14.66 -23.86
N TYR D 67 -16.25 15.01 -25.06
CA TYR D 67 -17.67 15.21 -25.36
C TYR D 67 -17.94 14.96 -26.84
N GLY D 68 -19.20 15.05 -27.23
CA GLY D 68 -19.57 14.84 -28.62
C GLY D 68 -21.04 15.07 -28.84
N SER D 69 -21.39 15.61 -30.01
CA SER D 69 -22.79 15.88 -30.34
C SER D 69 -22.91 16.69 -31.62
N GLN D 70 -22.37 17.92 -31.59
CA GLN D 70 -22.46 18.82 -32.73
C GLN D 70 -21.75 18.28 -33.98
N THR D 71 -20.41 18.25 -33.95
CA THR D 71 -19.65 17.78 -35.10
C THR D 71 -18.41 16.98 -34.70
N PRO D 72 -18.03 15.98 -35.52
CA PRO D 72 -16.85 15.14 -35.26
C PRO D 72 -15.56 15.88 -35.61
N ASN D 73 -15.22 16.87 -34.80
CA ASN D 73 -14.02 17.67 -35.03
C ASN D 73 -12.77 16.81 -34.93
N GLU D 74 -11.67 17.26 -35.56
CA GLU D 74 -10.40 16.52 -35.53
C GLU D 74 -10.09 16.00 -34.13
N GLU D 75 -10.51 16.74 -33.11
CA GLU D 75 -10.32 16.32 -31.72
C GLU D 75 -10.75 14.85 -31.52
N CYS D 76 -11.66 14.38 -32.37
CA CYS D 76 -12.17 13.01 -32.29
C CYS D 76 -11.27 11.99 -32.99
N LEU D 77 -10.13 12.41 -33.54
CA LEU D 77 -9.23 11.47 -34.22
C LEU D 77 -8.23 10.90 -33.21
N PHE D 78 -8.25 9.58 -33.03
CA PHE D 78 -7.35 8.93 -32.08
C PHE D 78 -6.56 7.80 -32.74
N LEU D 79 -5.33 7.62 -32.28
CA LEU D 79 -4.47 6.55 -32.80
C LEU D 79 -4.79 5.25 -32.08
N GLU D 80 -5.10 4.21 -32.84
CA GLU D 80 -5.44 2.91 -32.27
C GLU D 80 -4.20 2.18 -31.75
N ARG D 81 -4.16 1.97 -30.44
CA ARG D 81 -3.05 1.27 -29.80
C ARG D 81 -3.57 0.15 -28.91
N LEU D 82 -2.79 -0.91 -28.75
CA LEU D 82 -3.20 -2.04 -27.93
C LEU D 82 -2.19 -2.29 -26.82
N GLU D 83 -2.68 -2.63 -25.63
CA GLU D 83 -1.81 -2.92 -24.49
C GLU D 83 -1.91 -4.39 -24.11
N GLU D 84 -0.79 -4.99 -23.74
CA GLU D 84 -0.76 -6.39 -23.34
C GLU D 84 -1.40 -6.59 -21.97
N ASN D 85 -2.63 -6.09 -21.84
CA ASN D 85 -3.37 -6.18 -20.60
C ASN D 85 -4.86 -6.40 -20.89
N HIS D 86 -5.16 -6.90 -22.10
CA HIS D 86 -6.53 -7.14 -22.53
C HIS D 86 -7.33 -5.83 -22.56
N TYR D 87 -6.71 -4.77 -23.07
CA TYR D 87 -7.35 -3.46 -23.16
C TYR D 87 -6.88 -2.71 -24.40
N ASN D 88 -7.72 -1.81 -24.87
CA ASN D 88 -7.44 -0.99 -26.05
C ASN D 88 -7.00 0.41 -25.64
N THR D 89 -6.11 1.01 -26.41
CA THR D 89 -5.62 2.34 -26.14
C THR D 89 -5.82 3.23 -27.35
N TYR D 90 -6.27 4.45 -27.13
CA TYR D 90 -6.51 5.39 -28.23
C TYR D 90 -5.83 6.72 -27.92
N ILE D 91 -4.85 7.09 -28.74
CA ILE D 91 -4.11 8.33 -28.53
C ILE D 91 -4.71 9.48 -29.33
N SER D 92 -5.19 10.49 -28.64
CA SER D 92 -5.77 11.65 -29.28
C SER D 92 -4.66 12.45 -29.98
N LYS D 93 -4.27 11.99 -31.16
CA LYS D 93 -3.22 12.64 -31.94
C LYS D 93 -3.38 14.16 -31.93
N LYS D 94 -4.63 14.63 -31.93
CA LYS D 94 -4.91 16.06 -31.89
C LYS D 94 -4.19 16.73 -30.72
N HIS D 95 -3.95 15.98 -29.65
CA HIS D 95 -3.25 16.50 -28.47
C HIS D 95 -2.07 15.61 -28.06
N ALA D 96 -1.72 14.65 -28.91
CA ALA D 96 -0.61 13.74 -28.64
C ALA D 96 0.64 14.54 -28.27
N GLU D 97 0.75 15.74 -28.86
CA GLU D 97 1.88 16.64 -28.59
C GLU D 97 2.11 16.80 -27.08
N LYS D 98 1.03 16.80 -26.30
CA LYS D 98 1.12 16.96 -24.84
C LYS D 98 1.08 15.61 -24.12
N ASN D 99 1.23 14.53 -24.88
CA ASN D 99 1.20 13.17 -24.34
C ASN D 99 -0.16 12.86 -23.71
N TRP D 100 -1.22 13.33 -24.37
CA TRP D 100 -2.58 13.14 -23.89
C TRP D 100 -3.35 12.14 -24.75
N PHE D 101 -3.88 11.10 -24.10
CA PHE D 101 -4.67 10.09 -24.79
C PHE D 101 -5.96 9.77 -24.02
N VAL D 102 -7.10 10.01 -24.71
CA VAL D 102 -8.47 9.83 -24.20
C VAL D 102 -8.57 8.96 -22.95
N GLY D 103 -9.14 9.55 -21.90
CA GLY D 103 -9.33 8.85 -20.64
C GLY D 103 -10.67 9.21 -20.01
N LEU D 104 -11.44 8.22 -19.59
CA LEU D 104 -12.75 8.47 -19.00
C LEU D 104 -12.84 7.96 -17.57
N LYS D 105 -13.81 8.48 -16.82
CA LYS D 105 -14.04 8.08 -15.44
C LYS D 105 -15.24 7.16 -15.36
N LYS D 106 -14.98 5.86 -15.17
CA LYS D 106 -16.02 4.84 -15.08
C LYS D 106 -17.21 5.32 -14.25
N ASN D 107 -16.93 5.95 -13.12
CA ASN D 107 -17.97 6.44 -12.23
C ASN D 107 -18.02 7.97 -12.25
N GLY D 108 -17.80 8.57 -13.41
CA GLY D 108 -17.82 10.01 -13.52
C GLY D 108 -18.25 10.49 -14.90
N SER D 109 -17.55 9.98 -15.93
CA SER D 109 -17.80 10.32 -17.33
C SER D 109 -16.45 10.48 -18.05
N CYS D 110 -16.49 10.69 -19.34
CA CYS D 110 -15.26 10.86 -20.12
C CYS D 110 -14.78 12.31 -20.08
N LYS D 111 -13.76 12.56 -19.25
CA LYS D 111 -13.19 13.91 -19.12
C LYS D 111 -12.04 13.90 -18.11
N ARG D 112 -10.88 13.44 -18.57
CA ARG D 112 -9.68 13.35 -17.72
C ARG D 112 -8.43 13.64 -18.55
N GLY D 113 -8.58 14.49 -19.56
CA GLY D 113 -7.48 14.84 -20.45
C GLY D 113 -6.22 15.35 -19.75
N PRO D 114 -6.30 16.23 -18.73
CA PRO D 114 -5.11 16.72 -18.03
C PRO D 114 -4.47 15.66 -17.14
N ARG D 115 -5.10 14.48 -17.09
CA ARG D 115 -4.61 13.37 -16.30
C ARG D 115 -4.48 12.10 -17.14
N THR D 116 -4.13 12.25 -18.42
CA THR D 116 -3.99 11.10 -19.31
C THR D 116 -2.52 10.73 -19.53
N HIS D 117 -2.01 9.82 -18.72
CA HIS D 117 -0.63 9.36 -18.83
C HIS D 117 -0.52 7.94 -18.25
N TYR D 118 0.62 7.62 -17.65
CA TYR D 118 0.80 6.30 -17.07
C TYR D 118 0.39 6.28 -15.59
N GLY D 119 -0.73 6.92 -15.29
CA GLY D 119 -1.25 6.97 -13.94
C GLY D 119 -2.68 6.48 -13.89
N GLN D 120 -3.55 7.18 -14.62
CA GLN D 120 -4.95 6.81 -14.70
C GLN D 120 -5.07 5.62 -15.63
N LYS D 121 -5.39 4.46 -15.06
CA LYS D 121 -5.49 3.21 -15.81
C LYS D 121 -6.74 3.19 -16.70
N ALA D 122 -7.70 4.07 -16.38
CA ALA D 122 -8.95 4.18 -17.15
C ALA D 122 -8.69 4.34 -18.66
N ILE D 123 -7.46 4.69 -19.02
CA ILE D 123 -7.10 4.84 -20.42
C ILE D 123 -7.15 3.49 -21.16
N LEU D 124 -6.99 2.41 -20.40
CA LEU D 124 -7.01 1.06 -20.98
C LEU D 124 -8.45 0.59 -21.09
N PHE D 125 -9.08 0.90 -22.21
CA PHE D 125 -10.47 0.54 -22.45
C PHE D 125 -10.63 -0.91 -22.86
N LEU D 126 -11.75 -1.51 -22.46
CA LEU D 126 -12.07 -2.89 -22.80
C LEU D 126 -13.22 -2.90 -23.80
N PRO D 127 -12.92 -3.22 -25.07
CA PRO D 127 -13.92 -3.24 -26.14
C PRO D 127 -14.66 -4.58 -26.25
N LEU D 128 -15.95 -4.50 -26.55
CA LEU D 128 -16.79 -5.67 -26.74
C LEU D 128 -17.61 -5.54 -28.03
N PRO D 129 -16.95 -5.17 -29.14
CA PRO D 129 -17.61 -4.99 -30.43
C PRO D 129 -17.84 -6.30 -31.19
N VAL D 130 -18.88 -6.30 -32.03
CA VAL D 130 -19.20 -7.47 -32.82
C VAL D 130 -18.31 -7.55 -34.05
N SER D 131 -17.16 -8.18 -33.87
CA SER D 131 -16.18 -8.34 -34.94
C SER D 131 -16.70 -9.27 -36.04
N SER D 132 -15.90 -9.44 -37.09
CA SER D 132 -16.26 -10.31 -38.20
C SER D 132 -15.35 -11.54 -38.20
N ASP D 133 -15.49 -12.35 -37.16
CA ASP D 133 -14.69 -13.56 -37.00
C ASP D 133 -15.44 -14.77 -37.54
N TYR A 1 -17.51 -30.32 26.57
CA TYR A 1 -16.66 -31.50 26.28
C TYR A 1 -15.19 -31.10 26.25
N LYS A 2 -14.65 -30.66 27.39
CA LYS A 2 -13.26 -30.24 27.47
C LYS A 2 -12.34 -31.31 26.87
N LYS A 3 -11.78 -31.00 25.71
CA LYS A 3 -10.89 -31.91 25.00
C LYS A 3 -10.01 -31.12 24.04
N PRO A 4 -9.19 -31.81 23.20
CA PRO A 4 -8.30 -31.21 22.22
C PRO A 4 -8.64 -29.77 21.88
N LYS A 5 -7.84 -28.85 22.40
CA LYS A 5 -8.03 -27.43 22.14
C LYS A 5 -7.11 -26.99 21.01
N LEU A 6 -7.70 -26.75 19.84
CA LEU A 6 -6.92 -26.31 18.68
C LEU A 6 -6.72 -24.81 18.72
N LEU A 7 -5.50 -24.38 18.45
CA LEU A 7 -5.16 -22.95 18.46
C LEU A 7 -4.15 -22.62 17.36
N TYR A 8 -4.39 -21.51 16.66
CA TYR A 8 -3.50 -21.06 15.59
C TYR A 8 -3.69 -19.57 15.35
N CYS A 9 -2.86 -18.97 14.50
CA CYS A 9 -2.98 -17.55 14.21
C CYS A 9 -2.54 -17.23 12.78
N SER A 10 -2.88 -16.03 12.32
CA SER A 10 -2.55 -15.56 10.98
C SER A 10 -3.48 -16.22 9.97
N ASN A 11 -4.23 -15.40 9.24
CA ASN A 11 -5.16 -15.89 8.24
C ASN A 11 -4.48 -16.91 7.33
N GLY A 12 -5.06 -18.09 7.21
CA GLY A 12 -4.50 -19.11 6.37
C GLY A 12 -4.48 -20.46 7.05
N GLY A 13 -4.84 -21.51 6.32
CA GLY A 13 -4.85 -22.84 6.87
C GLY A 13 -3.53 -23.24 7.48
N HIS A 14 -3.47 -23.23 8.80
CA HIS A 14 -2.26 -23.60 9.54
C HIS A 14 -2.60 -23.85 11.00
N PHE A 15 -2.31 -25.05 11.49
CA PHE A 15 -2.61 -25.40 12.88
C PHE A 15 -1.33 -25.73 13.64
N LEU A 16 -1.33 -25.47 14.94
CA LEU A 16 -0.18 -25.73 15.78
C LEU A 16 -0.03 -27.24 16.03
N ARG A 17 0.86 -27.89 15.28
CA ARG A 17 1.08 -29.32 15.44
C ARG A 17 2.25 -29.57 16.38
N ILE A 18 1.94 -30.04 17.58
CA ILE A 18 2.95 -30.31 18.59
C ILE A 18 3.48 -31.73 18.48
N LEU A 19 4.78 -31.87 18.72
CA LEU A 19 5.43 -33.18 18.67
C LEU A 19 6.27 -33.38 19.94
N PRO A 20 6.26 -34.60 20.50
CA PRO A 20 7.02 -34.93 21.72
C PRO A 20 8.45 -34.39 21.68
N ASP A 21 9.00 -34.31 20.47
CA ASP A 21 10.36 -33.79 20.27
C ASP A 21 10.47 -32.36 20.78
N GLY A 22 9.46 -31.54 20.48
CA GLY A 22 9.47 -30.16 20.90
C GLY A 22 9.30 -29.20 19.74
N THR A 23 9.80 -29.59 18.57
CA THR A 23 9.69 -28.75 17.38
C THR A 23 8.26 -28.72 16.85
N VAL A 24 7.46 -27.82 17.42
CA VAL A 24 6.07 -27.65 17.01
C VAL A 24 5.99 -26.68 15.83
N ASP A 25 5.25 -27.06 14.79
CA ASP A 25 5.10 -26.22 13.60
C ASP A 25 3.62 -25.99 13.28
N GLY A 26 3.36 -25.01 12.42
CA GLY A 26 2.00 -24.69 12.02
C GLY A 26 1.50 -25.56 10.89
N THR A 27 1.36 -26.85 11.16
CA THR A 27 0.89 -27.81 10.17
C THR A 27 -0.57 -27.56 9.82
N ARG A 28 -0.88 -27.45 8.54
CA ARG A 28 -2.25 -27.22 8.11
C ARG A 28 -2.93 -28.55 7.80
N ASP A 29 -3.15 -29.34 8.84
CA ASP A 29 -3.81 -30.64 8.70
C ASP A 29 -4.58 -30.99 9.96
N ARG A 30 -5.63 -31.78 9.79
CA ARG A 30 -6.46 -32.22 10.91
C ARG A 30 -6.75 -33.72 10.82
N SER A 31 -5.87 -34.44 10.11
CA SER A 31 -6.01 -35.87 9.93
C SER A 31 -5.26 -36.61 11.04
N ASP A 32 -4.06 -36.13 11.35
CA ASP A 32 -3.24 -36.74 12.39
C ASP A 32 -3.43 -36.01 13.71
N GLN A 33 -3.76 -36.75 14.76
CA GLN A 33 -3.99 -36.16 16.08
C GLN A 33 -2.69 -35.62 16.68
N HIS A 34 -2.24 -34.48 16.19
CA HIS A 34 -1.02 -33.85 16.71
C HIS A 34 -1.13 -32.32 16.70
N ILE A 35 -2.36 -31.81 16.58
CA ILE A 35 -2.60 -30.37 16.57
C ILE A 35 -3.63 -29.99 17.64
N GLN A 36 -3.49 -30.57 18.82
CA GLN A 36 -4.40 -30.31 19.92
C GLN A 36 -3.67 -30.20 21.24
N LEU A 37 -4.00 -29.17 22.00
CA LEU A 37 -3.38 -28.95 23.31
C LEU A 37 -4.47 -28.76 24.36
N GLN A 38 -4.15 -29.07 25.61
CA GLN A 38 -5.12 -28.93 26.69
C GLN A 38 -5.04 -27.53 27.30
N LEU A 39 -5.55 -26.55 26.55
CA LEU A 39 -5.57 -25.16 26.99
C LEU A 39 -6.65 -24.97 28.05
N SER A 40 -6.27 -24.40 29.19
CA SER A 40 -7.22 -24.15 30.27
C SER A 40 -6.68 -23.09 31.22
N ALA A 41 -7.59 -22.42 31.93
CA ALA A 41 -7.22 -21.40 32.89
C ALA A 41 -6.88 -22.06 34.23
N GLU A 42 -5.58 -22.16 34.52
CA GLU A 42 -5.13 -22.78 35.76
C GLU A 42 -5.43 -21.87 36.94
N SER A 43 -4.96 -20.64 36.87
CA SER A 43 -5.18 -19.66 37.91
C SER A 43 -6.01 -18.49 37.38
N VAL A 44 -6.38 -17.57 38.26
CA VAL A 44 -7.17 -16.41 37.86
C VAL A 44 -6.52 -15.66 36.69
N GLY A 45 -6.93 -16.01 35.49
CA GLY A 45 -6.39 -15.37 34.30
C GLY A 45 -5.17 -16.09 33.74
N GLU A 46 -4.57 -16.98 34.53
CA GLU A 46 -3.38 -17.70 34.09
C GLU A 46 -3.76 -18.98 33.36
N VAL A 47 -3.56 -18.99 32.06
CA VAL A 47 -3.88 -20.15 31.23
C VAL A 47 -2.61 -20.90 30.87
N TYR A 48 -2.69 -22.23 30.83
CA TYR A 48 -1.54 -23.06 30.50
C TYR A 48 -1.78 -23.82 29.20
N ILE A 49 -0.70 -24.05 28.47
CA ILE A 49 -0.75 -24.77 27.20
C ILE A 49 -0.01 -26.10 27.34
N LYS A 50 -0.77 -27.17 27.48
CA LYS A 50 -0.19 -28.49 27.64
C LYS A 50 -0.84 -29.49 26.69
N SER A 51 -0.05 -29.99 25.73
CA SER A 51 -0.56 -30.96 24.77
C SER A 51 -0.49 -32.36 25.37
N THR A 52 -1.21 -32.54 26.47
CA THR A 52 -1.23 -33.80 27.19
C THR A 52 -1.61 -34.98 26.30
N GLU A 53 -2.85 -35.04 25.89
CA GLU A 53 -3.35 -36.13 25.07
C GLU A 53 -3.02 -35.94 23.58
N THR A 54 -1.73 -35.77 23.28
CA THR A 54 -1.30 -35.59 21.89
C THR A 54 0.20 -35.29 21.76
N GLY A 55 0.73 -34.46 22.64
CA GLY A 55 2.14 -34.12 22.54
C GLY A 55 2.84 -34.00 23.88
N GLN A 56 3.22 -32.78 24.23
CA GLN A 56 3.95 -32.50 25.45
C GLN A 56 3.54 -31.17 26.07
N TYR A 57 4.21 -30.81 27.16
CA TYR A 57 3.94 -29.55 27.86
C TYR A 57 4.86 -28.46 27.30
N LEU A 58 4.36 -27.24 27.24
CA LEU A 58 5.15 -26.13 26.72
C LEU A 58 6.09 -25.56 27.77
N ALA A 59 7.17 -24.96 27.30
CA ALA A 59 8.18 -24.35 28.16
C ALA A 59 8.98 -23.34 27.35
N MET A 60 8.46 -22.13 27.24
CA MET A 60 9.09 -21.06 26.47
C MET A 60 10.55 -20.85 26.88
N ASP A 61 11.39 -20.56 25.89
CA ASP A 61 12.80 -20.30 26.13
C ASP A 61 13.01 -18.82 26.32
N THR A 62 12.76 -18.35 27.53
CA THR A 62 12.91 -16.94 27.85
C THR A 62 11.96 -16.11 26.98
N ASP A 63 10.79 -16.68 26.68
CA ASP A 63 9.79 -16.02 25.82
C ASP A 63 10.29 -15.94 24.38
N GLY A 64 11.49 -15.40 24.21
CA GLY A 64 12.10 -15.26 22.89
C GLY A 64 11.73 -16.41 21.95
N LEU A 65 12.02 -17.63 22.38
CA LEU A 65 11.70 -18.80 21.58
C LEU A 65 10.68 -19.67 22.31
N LEU A 66 9.65 -20.10 21.60
CA LEU A 66 8.61 -20.92 22.20
C LEU A 66 8.87 -22.39 21.91
N TYR A 67 8.85 -23.21 22.95
CA TYR A 67 9.07 -24.65 22.81
C TYR A 67 8.40 -25.40 23.96
N GLY A 68 8.46 -26.72 23.93
CA GLY A 68 7.87 -27.53 24.97
C GLY A 68 8.13 -29.00 24.76
N SER A 69 8.32 -29.73 25.85
CA SER A 69 8.58 -31.17 25.78
C SER A 69 8.98 -31.73 27.14
N GLN A 70 10.11 -31.25 27.66
CA GLN A 70 10.62 -31.75 28.94
C GLN A 70 9.67 -31.48 30.11
N THR A 71 9.55 -30.22 30.51
CA THR A 71 8.69 -29.87 31.65
C THR A 71 7.96 -28.55 31.44
N PRO A 72 6.72 -28.43 31.98
CA PRO A 72 5.93 -27.21 31.87
C PRO A 72 6.41 -26.14 32.85
N ASN A 73 7.58 -25.58 32.55
CA ASN A 73 8.17 -24.55 33.40
C ASN A 73 7.28 -23.30 33.45
N GLU A 74 7.42 -22.50 34.51
CA GLU A 74 6.63 -21.28 34.68
C GLU A 74 6.54 -20.49 33.37
N GLU A 75 7.59 -20.57 32.54
CA GLU A 75 7.60 -19.91 31.24
C GLU A 75 6.31 -20.20 30.48
N CYS A 76 5.67 -21.34 30.78
CA CYS A 76 4.44 -21.74 30.11
C CYS A 76 3.18 -21.10 30.70
N LEU A 77 3.32 -20.23 31.71
CA LEU A 77 2.14 -19.58 32.30
C LEU A 77 1.84 -18.28 31.57
N PHE A 78 0.64 -18.20 30.98
CA PHE A 78 0.24 -17.02 30.23
C PHE A 78 -1.10 -16.46 30.72
N LEU A 79 -1.23 -15.13 30.66
CA LEU A 79 -2.46 -14.47 31.06
C LEU A 79 -3.46 -14.49 29.91
N GLU A 80 -4.66 -15.01 30.16
CA GLU A 80 -5.70 -15.10 29.13
C GLU A 80 -6.31 -13.74 28.86
N ARG A 81 -6.13 -13.25 27.63
CA ARG A 81 -6.67 -11.96 27.21
C ARG A 81 -7.43 -12.14 25.89
N LEU A 82 -8.45 -11.31 25.68
CA LEU A 82 -9.24 -11.38 24.46
C LEU A 82 -9.22 -10.05 23.71
N GLU A 83 -9.14 -10.11 22.39
CA GLU A 83 -9.13 -8.90 21.58
C GLU A 83 -10.40 -8.82 20.74
N GLU A 84 -10.95 -7.61 20.59
CA GLU A 84 -12.16 -7.42 19.81
C GLU A 84 -11.88 -7.55 18.31
N ASN A 85 -11.27 -8.67 17.95
CA ASN A 85 -10.91 -8.96 16.56
C ASN A 85 -11.09 -10.44 16.28
N HIS A 86 -11.91 -11.12 17.09
CA HIS A 86 -12.16 -12.55 16.95
C HIS A 86 -10.86 -13.35 17.12
N TYR A 87 -10.07 -12.98 18.12
CA TYR A 87 -8.81 -13.65 18.40
C TYR A 87 -8.50 -13.64 19.89
N ASN A 88 -7.72 -14.63 20.32
CA ASN A 88 -7.34 -14.77 21.72
C ASN A 88 -5.92 -14.27 21.93
N THR A 89 -5.66 -13.70 23.09
CA THR A 89 -4.34 -13.18 23.43
C THR A 89 -3.85 -13.81 24.74
N TYR A 90 -2.59 -14.21 24.77
CA TYR A 90 -2.01 -14.81 25.96
C TYR A 90 -0.71 -14.12 26.33
N ILE A 91 -0.69 -13.48 27.49
CA ILE A 91 0.49 -12.76 27.93
C ILE A 91 1.38 -13.62 28.82
N SER A 92 2.60 -13.88 28.36
CA SER A 92 3.56 -14.67 29.10
C SER A 92 4.01 -13.89 30.34
N LYS A 93 3.19 -13.90 31.38
CA LYS A 93 3.48 -13.18 32.62
C LYS A 93 4.94 -13.37 33.03
N LYS A 94 5.48 -14.57 32.76
CA LYS A 94 6.87 -14.87 33.09
C LYS A 94 7.80 -13.81 32.50
N HIS A 95 7.39 -13.20 31.38
CA HIS A 95 8.20 -12.17 30.73
C HIS A 95 7.38 -10.89 30.47
N ALA A 96 6.19 -10.82 31.05
CA ALA A 96 5.32 -9.65 30.89
C ALA A 96 6.10 -8.38 31.23
N GLU A 97 7.04 -8.50 32.15
CA GLU A 97 7.88 -7.38 32.56
C GLU A 97 8.49 -6.66 31.36
N LYS A 98 8.79 -7.43 30.30
CA LYS A 98 9.37 -6.86 29.08
C LYS A 98 8.27 -6.61 28.04
N ASN A 99 7.01 -6.67 28.46
CA ASN A 99 5.88 -6.47 27.56
C ASN A 99 5.90 -7.51 26.45
N TRP A 100 6.33 -8.72 26.80
CA TRP A 100 6.42 -9.82 25.86
C TRP A 100 5.29 -10.82 26.09
N PHE A 101 4.52 -11.07 25.03
CA PHE A 101 3.42 -12.02 25.12
C PHE A 101 3.42 -12.97 23.92
N VAL A 102 3.55 -14.29 24.24
CA VAL A 102 3.62 -15.40 23.29
C VAL A 102 3.18 -15.05 21.87
N GLY A 103 4.09 -15.25 20.92
CA GLY A 103 3.82 -15.00 19.52
C GLY A 103 4.44 -16.06 18.63
N LEU A 104 3.67 -16.61 17.69
CA LEU A 104 4.17 -17.67 16.81
C LEU A 104 4.11 -17.25 15.35
N LYS A 105 4.90 -17.94 14.52
CA LYS A 105 4.94 -17.68 13.10
C LYS A 105 4.16 -18.74 12.34
N LYS A 106 2.97 -18.39 11.87
CA LYS A 106 2.09 -19.29 11.13
C LYS A 106 2.86 -20.16 10.14
N ASN A 107 3.79 -19.54 9.42
CA ASN A 107 4.60 -20.26 8.44
C ASN A 107 6.05 -20.39 8.90
N GLY A 108 6.24 -20.59 10.20
CA GLY A 108 7.59 -20.71 10.73
C GLY A 108 7.65 -21.58 11.97
N SER A 109 6.82 -21.25 12.96
CA SER A 109 6.72 -21.96 14.25
C SER A 109 6.58 -20.93 15.36
N CYS A 110 6.39 -21.40 16.58
CA CYS A 110 6.24 -20.51 17.73
C CYS A 110 7.60 -20.11 18.29
N LYS A 111 8.03 -18.88 17.96
CA LYS A 111 9.31 -18.36 18.44
C LYS A 111 9.55 -16.95 17.92
N ARG A 112 8.90 -16.00 18.58
CA ARG A 112 8.98 -14.59 18.21
C ARG A 112 9.00 -13.70 19.44
N GLY A 113 9.57 -14.20 20.55
CA GLY A 113 9.63 -13.42 21.78
C GLY A 113 10.19 -12.02 21.55
N PRO A 114 11.36 -11.84 20.88
CA PRO A 114 11.91 -10.49 20.65
C PRO A 114 10.98 -9.62 19.77
N ARG A 115 9.88 -10.24 19.32
CA ARG A 115 8.88 -9.57 18.49
C ARG A 115 7.46 -9.86 19.01
N THR A 116 7.32 -10.15 20.31
CA THR A 116 6.01 -10.45 20.90
C THR A 116 5.32 -9.22 21.45
N HIS A 117 5.75 -8.04 21.00
CA HIS A 117 5.14 -6.80 21.45
C HIS A 117 4.18 -6.31 20.36
N TYR A 118 3.60 -5.13 20.54
CA TYR A 118 2.66 -4.59 19.55
C TYR A 118 3.36 -4.26 18.23
N GLY A 119 3.21 -5.16 17.28
CA GLY A 119 3.81 -5.00 15.97
C GLY A 119 3.45 -6.18 15.08
N GLN A 120 3.57 -7.38 15.66
CA GLN A 120 3.23 -8.60 14.97
C GLN A 120 1.81 -9.00 15.36
N LYS A 121 0.97 -9.20 14.36
CA LYS A 121 -0.43 -9.54 14.62
C LYS A 121 -0.59 -11.03 14.96
N ALA A 122 0.43 -11.82 14.63
CA ALA A 122 0.44 -13.26 14.91
C ALA A 122 0.12 -13.56 16.38
N ILE A 123 0.22 -12.56 17.24
CA ILE A 123 -0.07 -12.72 18.67
C ILE A 123 -1.57 -12.93 18.90
N LEU A 124 -2.39 -12.53 17.94
CA LEU A 124 -3.83 -12.71 18.02
C LEU A 124 -4.20 -14.09 17.50
N PHE A 125 -4.20 -15.07 18.39
CA PHE A 125 -4.50 -16.45 18.03
C PHE A 125 -6.00 -16.69 17.89
N LEU A 126 -6.36 -17.60 16.99
CA LEU A 126 -7.74 -17.97 16.77
C LEU A 126 -7.97 -19.39 17.27
N PRO A 127 -8.67 -19.53 18.41
CA PRO A 127 -8.94 -20.82 19.02
C PRO A 127 -10.19 -21.52 18.48
N LEU A 128 -10.09 -22.83 18.33
CA LEU A 128 -11.21 -23.66 17.86
C LEU A 128 -11.40 -24.86 18.79
N PRO A 129 -11.44 -24.63 20.12
CA PRO A 129 -11.60 -25.70 21.11
C PRO A 129 -13.05 -26.14 21.29
N VAL A 130 -13.22 -27.39 21.70
CA VAL A 130 -14.54 -27.94 21.94
C VAL A 130 -15.05 -27.50 23.31
N SER A 131 -15.70 -26.34 23.35
CA SER A 131 -16.24 -25.78 24.57
C SER A 131 -17.41 -26.60 25.10
N SER A 132 -17.94 -26.21 26.24
CA SER A 132 -19.09 -26.89 26.84
C SER A 132 -20.32 -26.00 26.77
N ASP A 133 -20.77 -25.76 25.54
CA ASP A 133 -21.94 -24.92 25.30
C ASP A 133 -23.19 -25.76 25.17
N MET B 1 -17.57 -3.02 1.49
CA MET B 1 -18.20 -2.68 2.78
C MET B 1 -17.17 -2.06 3.72
N ALA B 2 -16.53 -2.89 4.54
CA ALA B 2 -15.50 -2.42 5.43
C ALA B 2 -14.15 -2.58 4.75
N ALA B 3 -13.07 -2.14 5.40
CA ALA B 3 -11.74 -2.24 4.81
C ALA B 3 -11.69 -1.32 3.59
N GLU B 4 -12.02 -0.05 3.83
CA GLU B 4 -12.06 0.96 2.78
C GLU B 4 -10.66 1.45 2.42
N PRO B 5 -10.39 1.60 1.11
CA PRO B 5 -9.10 2.08 0.63
C PRO B 5 -8.94 3.59 0.81
N LEU B 6 -7.80 3.99 1.37
CA LEU B 6 -7.52 5.40 1.59
C LEU B 6 -6.72 5.96 0.42
N THR B 7 -6.18 7.17 0.59
CA THR B 7 -5.38 7.77 -0.47
C THR B 7 -4.01 7.09 -0.53
N GLU B 8 -3.34 7.25 -1.66
CA GLU B 8 -2.03 6.62 -1.89
C GLU B 8 -1.01 7.02 -0.81
N LEU B 9 -1.12 8.25 -0.32
CA LEU B 9 -0.21 8.75 0.68
C LEU B 9 -0.48 8.16 2.07
N GLU B 10 -1.77 7.94 2.40
CA GLU B 10 -2.13 7.28 3.67
C GLU B 10 -1.63 5.82 3.65
N GLU B 11 -1.88 5.12 2.51
CA GLU B 11 -1.40 3.75 2.29
C GLU B 11 0.11 3.68 2.56
N SER B 12 0.86 4.56 1.91
CA SER B 12 2.31 4.50 1.96
C SER B 12 2.89 4.94 3.32
N ILE B 13 2.33 5.95 4.00
CA ILE B 13 2.79 6.23 5.36
C ILE B 13 2.46 5.06 6.26
N GLU B 14 1.28 4.45 6.14
CA GLU B 14 0.95 3.31 6.98
C GLU B 14 2.00 2.20 6.78
N THR B 15 2.20 1.73 5.53
CA THR B 15 3.07 0.57 5.30
C THR B 15 4.46 0.74 5.94
N VAL B 16 5.03 1.95 5.88
CA VAL B 16 6.31 2.22 6.53
C VAL B 16 6.14 2.37 8.04
N VAL B 17 5.06 3.00 8.51
CA VAL B 17 4.78 3.14 9.94
C VAL B 17 4.64 1.77 10.60
N THR B 18 3.87 0.84 10.04
CA THR B 18 3.75 -0.50 10.61
C THR B 18 5.12 -1.19 10.66
N THR B 19 5.91 -1.11 9.58
CA THR B 19 7.25 -1.68 9.54
C THR B 19 8.12 -1.08 10.65
N PHE B 20 8.18 0.25 10.72
CA PHE B 20 8.78 0.98 11.82
C PHE B 20 8.33 0.37 13.16
N PHE B 21 7.02 0.30 13.36
CA PHE B 21 6.43 -0.21 14.60
C PHE B 21 6.82 -1.66 14.91
N THR B 22 7.05 -2.47 13.87
CA THR B 22 7.42 -3.88 14.07
C THR B 22 8.90 -4.01 14.43
N PHE B 23 9.55 -2.87 14.63
CA PHE B 23 10.97 -2.83 15.01
C PHE B 23 11.14 -1.97 16.26
N ALA B 24 10.27 -0.95 16.39
CA ALA B 24 10.27 -0.02 17.52
C ALA B 24 9.89 -0.74 18.81
N ARG B 25 9.00 -1.71 18.71
CA ARG B 25 8.51 -2.45 19.86
C ARG B 25 9.43 -3.60 20.29
N GLN B 26 10.50 -3.84 19.54
CA GLN B 26 11.44 -4.93 19.83
C GLN B 26 11.87 -4.92 21.31
N GLU B 27 12.22 -3.74 21.81
CA GLU B 27 12.67 -3.59 23.19
C GLU B 27 11.86 -2.51 23.91
N GLY B 28 12.44 -1.95 24.98
CA GLY B 28 11.83 -0.86 25.73
C GLY B 28 11.29 0.29 24.88
N ARG B 29 10.03 0.65 25.16
CA ARG B 29 9.30 1.72 24.45
C ARG B 29 9.05 1.37 22.98
N LYS B 30 7.78 1.18 22.60
CA LYS B 30 7.43 0.84 21.22
C LYS B 30 7.29 2.08 20.33
N ASP B 31 8.25 2.98 20.46
CA ASP B 31 8.30 4.21 19.66
C ASP B 31 9.75 4.39 19.21
N SER B 32 10.67 4.33 20.18
CA SER B 32 12.07 4.49 19.94
C SER B 32 12.71 3.20 19.46
N LEU B 33 13.56 3.30 18.44
CA LEU B 33 14.52 2.25 18.09
C LEU B 33 15.78 2.51 18.91
N SER B 34 16.21 1.58 19.75
CA SER B 34 17.55 1.65 20.32
C SER B 34 18.56 1.07 19.31
N VAL B 35 19.83 1.07 19.67
CA VAL B 35 20.94 0.80 18.74
C VAL B 35 20.72 -0.51 17.95
N ASN B 36 20.55 -1.64 18.66
CA ASN B 36 20.31 -2.94 18.02
C ASN B 36 19.07 -2.87 17.13
N GLU B 37 17.95 -2.51 17.76
CA GLU B 37 16.67 -2.25 17.11
C GLU B 37 16.84 -1.53 15.77
N PHE B 38 17.60 -0.44 15.79
CA PHE B 38 17.85 0.37 14.62
C PHE B 38 18.63 -0.46 13.59
N LYS B 39 19.76 -1.05 14.02
CA LYS B 39 20.58 -1.85 13.13
C LYS B 39 19.77 -2.98 12.47
N GLU B 40 18.78 -3.52 13.20
CA GLU B 40 17.93 -4.60 12.68
C GLU B 40 17.13 -4.19 11.43
N LEU B 41 16.78 -2.90 11.32
CA LEU B 41 16.00 -2.42 10.17
C LEU B 41 16.88 -2.55 8.92
N VAL B 42 18.06 -1.95 9.00
CA VAL B 42 18.96 -1.82 7.87
C VAL B 42 19.44 -3.21 7.47
N THR B 43 19.96 -3.95 8.44
CA THR B 43 20.52 -5.29 8.18
C THR B 43 19.51 -6.28 7.57
N GLN B 44 18.22 -6.07 7.80
CA GLN B 44 17.21 -7.00 7.28
C GLN B 44 16.54 -6.52 5.99
N GLN B 45 15.85 -5.38 6.06
CA GLN B 45 15.11 -4.87 4.90
C GLN B 45 15.83 -3.78 4.13
N LEU B 46 17.15 -3.67 4.25
CA LEU B 46 17.88 -2.64 3.50
C LEU B 46 19.30 -3.10 3.13
N PRO B 47 19.40 -3.98 2.11
CA PRO B 47 20.68 -4.51 1.64
C PRO B 47 21.24 -3.80 0.40
N HIS B 48 20.43 -2.99 -0.26
CA HIS B 48 20.87 -2.29 -1.47
C HIS B 48 21.05 -0.79 -1.25
N LEU B 49 19.96 -0.11 -0.87
CA LEU B 49 19.96 1.33 -0.65
C LEU B 49 21.17 1.79 0.14
N LEU B 50 21.24 1.38 1.41
CA LEU B 50 22.34 1.66 2.32
C LEU B 50 23.03 0.32 2.58
N LYS B 51 23.85 -0.08 1.62
CA LYS B 51 24.59 -1.36 1.69
C LYS B 51 25.63 -1.37 2.80
N ASP B 52 25.72 -0.28 3.55
CA ASP B 52 26.67 -0.18 4.65
C ASP B 52 26.09 -0.80 5.92
N VAL B 53 26.25 -2.11 6.05
CA VAL B 53 25.75 -2.83 7.21
C VAL B 53 26.83 -2.96 8.29
N GLY B 54 27.84 -2.10 8.20
CA GLY B 54 28.93 -2.12 9.16
C GLY B 54 29.10 -0.80 9.88
N SER B 55 28.89 0.30 9.15
CA SER B 55 29.05 1.63 9.72
C SER B 55 27.70 2.23 10.13
N LEU B 56 26.88 1.42 10.81
CA LEU B 56 25.60 1.84 11.28
C LEU B 56 25.79 2.92 12.36
N ASP B 57 26.91 2.86 13.09
CA ASP B 57 27.31 3.89 14.04
C ASP B 57 27.29 5.28 13.40
N GLU B 58 27.90 5.43 12.21
CA GLU B 58 27.92 6.67 11.46
C GLU B 58 26.49 7.17 11.23
N LYS B 59 25.63 6.31 10.68
CA LYS B 59 24.23 6.67 10.47
C LYS B 59 23.63 7.13 11.81
N MET B 60 23.78 6.31 12.85
CA MET B 60 23.25 6.57 14.18
C MET B 60 23.64 7.98 14.63
N LYS B 61 24.93 8.30 14.64
CA LYS B 61 25.41 9.63 15.00
C LYS B 61 24.81 10.71 14.09
N SER B 62 24.75 10.45 12.78
CA SER B 62 24.17 11.39 11.83
C SER B 62 22.68 11.63 12.08
N LEU B 63 21.97 10.63 12.62
CA LEU B 63 20.54 10.64 12.88
C LEU B 63 20.25 11.24 14.25
N ASP B 64 20.71 10.57 15.31
CA ASP B 64 20.43 10.90 16.70
C ASP B 64 21.23 12.13 17.12
N VAL B 65 20.82 13.32 16.65
CA VAL B 65 21.51 14.57 16.90
C VAL B 65 21.86 14.80 18.38
N ASN B 66 20.96 14.40 19.27
CA ASN B 66 21.11 14.54 20.72
C ASN B 66 21.92 13.39 21.35
N GLN B 67 22.20 12.33 20.59
CA GLN B 67 22.97 11.17 21.03
C GLN B 67 22.47 10.64 22.37
N ASP B 68 21.16 10.40 22.46
CA ASP B 68 20.52 9.77 23.63
C ASP B 68 20.52 8.25 23.47
N SER B 69 20.87 7.73 22.28
CA SER B 69 20.81 6.31 21.96
C SER B 69 19.37 5.80 21.91
N GLU B 70 18.44 6.71 21.60
CA GLU B 70 17.08 6.44 21.20
C GLU B 70 16.81 7.27 19.95
N LEU B 71 16.52 6.64 18.83
CA LEU B 71 15.92 7.32 17.69
C LEU B 71 14.41 7.33 17.96
N LYS B 72 13.89 8.39 18.59
CA LYS B 72 12.44 8.63 18.71
C LYS B 72 11.82 8.57 17.32
N PHE B 73 10.49 8.40 17.23
CA PHE B 73 9.75 8.34 15.97
C PHE B 73 10.29 9.33 14.93
N ASN B 74 10.30 10.62 15.27
CA ASN B 74 10.73 11.67 14.36
C ASN B 74 12.23 11.63 14.04
N GLU B 75 13.05 11.17 15.00
CA GLU B 75 14.49 11.04 14.78
C GLU B 75 14.73 9.89 13.80
N TYR B 76 14.20 8.71 14.10
CA TYR B 76 14.24 7.54 13.23
C TYR B 76 13.80 7.94 11.84
N TRP B 77 12.64 8.60 11.76
CA TRP B 77 12.04 9.06 10.53
C TRP B 77 13.09 9.69 9.59
N ARG B 78 14.09 10.43 10.11
CA ARG B 78 15.19 10.97 9.31
C ARG B 78 15.69 9.97 8.26
N LEU B 79 15.96 8.72 8.68
CA LEU B 79 16.43 7.67 7.80
C LEU B 79 15.59 7.62 6.53
N ILE B 80 14.27 7.69 6.64
CA ILE B 80 13.35 7.54 5.51
C ILE B 80 13.63 8.62 4.46
N GLY B 81 14.19 9.75 4.89
CA GLY B 81 14.54 10.84 4.02
C GLY B 81 15.77 10.50 3.24
N GLU B 82 16.73 9.92 3.94
CA GLU B 82 18.00 9.55 3.39
C GLU B 82 17.73 8.40 2.41
N LEU B 83 16.76 7.52 2.71
CA LEU B 83 16.27 6.50 1.81
C LEU B 83 15.64 7.12 0.55
N ALA B 84 14.58 7.92 0.75
CA ALA B 84 13.81 8.57 -0.30
C ALA B 84 14.69 9.48 -1.16
N LYS B 85 15.76 9.98 -0.58
CA LYS B 85 16.80 10.70 -1.27
C LYS B 85 17.64 9.69 -2.07
N GLU B 86 18.31 8.74 -1.40
CA GLU B 86 19.19 7.73 -2.01
C GLU B 86 18.57 7.10 -3.27
N ILE B 87 17.31 6.65 -3.22
CA ILE B 87 16.69 6.03 -4.38
C ILE B 87 16.79 6.87 -5.67
N ARG B 88 16.76 8.20 -5.54
CA ARG B 88 17.00 9.12 -6.64
C ARG B 88 18.50 9.43 -6.73
N LYS B 89 19.07 9.86 -5.61
CA LYS B 89 20.38 10.47 -5.47
C LYS B 89 21.50 9.52 -5.84
N LYS B 90 21.32 8.20 -5.74
CA LYS B 90 22.12 7.40 -4.83
C LYS B 90 23.56 7.92 -4.68
N LYS B 91 24.40 7.87 -5.71
CA LYS B 91 25.78 8.38 -5.65
C LYS B 91 26.05 9.25 -6.91
N ASP B 92 25.09 10.14 -7.20
CA ASP B 92 25.05 11.15 -8.28
C ASP B 92 26.23 12.10 -8.15
N LEU B 93 27.41 11.58 -8.49
CA LEU B 93 28.71 12.15 -8.26
C LEU B 93 29.71 11.22 -8.95
N LYS B 94 29.62 9.91 -8.63
CA LYS B 94 30.39 8.86 -9.30
C LYS B 94 29.48 7.85 -10.00
N ILE B 95 28.39 7.42 -9.35
CA ILE B 95 27.57 6.29 -9.79
C ILE B 95 26.08 6.63 -9.58
N ARG B 96 25.24 6.82 -10.61
CA ARG B 96 25.45 6.96 -12.06
C ARG B 96 24.11 7.21 -12.79
N MET C 1 16.50 5.77 -16.53
CA MET C 1 15.23 6.19 -17.12
C MET C 1 14.07 5.74 -16.22
N ALA C 2 13.94 4.44 -15.94
CA ALA C 2 12.91 3.91 -15.03
C ALA C 2 13.10 2.42 -14.75
N ALA C 3 13.31 2.06 -13.48
CA ALA C 3 12.80 0.86 -12.80
C ALA C 3 12.53 -0.43 -13.60
N GLU C 4 13.45 -1.40 -13.58
CA GLU C 4 13.14 -2.83 -13.55
C GLU C 4 12.85 -3.23 -12.07
N PRO C 5 12.64 -4.55 -11.72
CA PRO C 5 12.32 -5.03 -10.37
C PRO C 5 12.81 -4.20 -9.20
N LEU C 6 11.91 -4.02 -8.24
CA LEU C 6 12.15 -3.29 -7.02
C LEU C 6 11.60 -4.11 -5.84
N THR C 7 11.99 -3.78 -4.61
CA THR C 7 11.47 -4.51 -3.45
C THR C 7 10.11 -3.96 -3.03
N GLU C 8 9.52 -4.55 -1.98
CA GLU C 8 8.20 -4.16 -1.49
C GLU C 8 8.12 -2.66 -1.16
N LEU C 9 9.12 -2.16 -0.44
CA LEU C 9 9.15 -0.74 -0.07
C LEU C 9 9.43 0.18 -1.26
N GLU C 10 10.21 -0.31 -2.23
CA GLU C 10 10.52 0.47 -3.41
C GLU C 10 9.27 0.66 -4.28
N GLU C 11 8.44 -0.39 -4.35
CA GLU C 11 7.16 -0.29 -5.06
C GLU C 11 6.31 0.83 -4.45
N SER C 12 6.15 0.79 -3.13
CA SER C 12 5.22 1.67 -2.43
C SER C 12 5.70 3.12 -2.38
N ILE C 13 7.00 3.39 -2.52
CA ILE C 13 7.47 4.74 -2.80
C ILE C 13 7.24 5.09 -4.28
N GLU C 14 7.34 4.13 -5.21
CA GLU C 14 7.01 4.39 -6.60
C GLU C 14 5.55 4.83 -6.74
N THR C 15 4.60 4.05 -6.21
CA THR C 15 3.17 4.26 -6.49
C THR C 15 2.75 5.72 -6.25
N VAL C 16 3.28 6.36 -5.20
CA VAL C 16 3.01 7.75 -4.91
C VAL C 16 3.74 8.69 -5.88
N VAL C 17 4.97 8.35 -6.29
CA VAL C 17 5.71 9.10 -7.30
C VAL C 17 4.94 9.08 -8.62
N THR C 18 4.36 7.92 -8.97
CA THR C 18 3.56 7.79 -10.19
C THR C 18 2.43 8.85 -10.24
N THR C 19 1.95 9.28 -9.06
CA THR C 19 0.94 10.34 -8.97
C THR C 19 1.61 11.66 -9.34
N PHE C 20 2.73 11.88 -8.68
CA PHE C 20 3.61 13.03 -8.92
C PHE C 20 3.89 13.18 -10.41
N PHE C 21 4.37 12.08 -11.03
CA PHE C 21 4.73 12.04 -12.45
C PHE C 21 3.58 12.38 -13.40
N THR C 22 2.36 11.94 -13.10
CA THR C 22 1.23 12.21 -13.99
C THR C 22 0.59 13.57 -13.75
N PHE C 23 1.10 14.32 -12.78
CA PHE C 23 0.57 15.64 -12.49
C PHE C 23 1.57 16.71 -12.90
N ALA C 24 2.85 16.34 -12.82
CA ALA C 24 3.94 17.24 -13.15
C ALA C 24 4.24 17.29 -14.64
N ARG C 25 3.62 16.39 -15.41
CA ARG C 25 3.78 16.38 -16.87
C ARG C 25 2.65 17.17 -17.55
N GLN C 26 2.14 18.20 -16.87
CA GLN C 26 1.04 19.03 -17.39
C GLN C 26 1.54 20.09 -18.37
N GLU C 27 2.11 21.18 -17.84
CA GLU C 27 2.66 22.25 -18.68
C GLU C 27 4.03 21.77 -19.17
N GLY C 28 5.13 22.41 -18.77
CA GLY C 28 6.40 21.83 -19.11
C GLY C 28 6.64 20.56 -18.30
N ARG C 29 7.55 19.71 -18.78
CA ARG C 29 8.55 19.03 -17.96
C ARG C 29 7.98 18.30 -16.74
N LYS C 30 7.97 16.96 -16.86
CA LYS C 30 7.45 16.05 -15.82
C LYS C 30 8.41 15.91 -14.62
N ASP C 31 9.68 16.25 -14.84
CA ASP C 31 10.69 16.17 -13.80
C ASP C 31 10.60 17.29 -12.75
N SER C 32 9.81 18.35 -12.99
CA SER C 32 9.60 19.44 -12.04
C SER C 32 8.11 19.75 -11.84
N LEU C 33 7.70 19.99 -10.60
CA LEU C 33 6.38 20.51 -10.33
C LEU C 33 6.33 21.97 -10.76
N SER C 34 5.25 22.31 -11.44
CA SER C 34 4.92 23.63 -11.98
C SER C 34 3.62 24.09 -11.30
N VAL C 35 3.28 25.39 -11.33
CA VAL C 35 2.20 25.91 -10.46
C VAL C 35 0.88 26.06 -11.21
N ASN C 36 0.53 24.99 -11.91
CA ASN C 36 -0.80 24.47 -12.12
C ASN C 36 -0.60 22.98 -12.43
N GLU C 37 0.09 22.42 -11.43
CA GLU C 37 0.45 21.02 -11.26
C GLU C 37 0.44 20.78 -9.75
N PHE C 38 1.10 21.72 -9.04
CA PHE C 38 1.15 21.75 -7.60
C PHE C 38 -0.21 22.11 -7.02
N LYS C 39 -0.76 23.27 -7.39
CA LYS C 39 -2.02 23.70 -6.82
C LYS C 39 -3.13 22.69 -7.15
N GLU C 40 -3.08 22.11 -8.35
CA GLU C 40 -4.06 21.08 -8.73
C GLU C 40 -3.87 19.82 -7.88
N LEU C 41 -2.62 19.53 -7.52
CA LEU C 41 -2.28 18.36 -6.71
C LEU C 41 -2.79 18.53 -5.28
N VAL C 42 -2.52 19.68 -4.67
CA VAL C 42 -2.97 19.95 -3.32
C VAL C 42 -4.49 20.04 -3.27
N THR C 43 -5.10 20.71 -4.23
CA THR C 43 -6.56 20.88 -4.26
C THR C 43 -7.33 19.57 -4.43
N GLN C 44 -6.75 18.59 -5.13
CA GLN C 44 -7.46 17.32 -5.37
C GLN C 44 -6.93 16.16 -4.51
N GLN C 45 -5.62 15.93 -4.56
CA GLN C 45 -5.01 14.82 -3.82
C GLN C 45 -4.80 15.12 -2.34
N LEU C 46 -4.50 16.37 -1.99
CA LEU C 46 -4.27 16.72 -0.58
C LEU C 46 -5.22 17.83 -0.07
N PRO C 47 -6.55 17.64 -0.18
CA PRO C 47 -7.51 18.65 0.28
C PRO C 47 -7.92 18.45 1.74
N HIS C 48 -7.76 17.22 2.22
CA HIS C 48 -8.11 16.87 3.59
C HIS C 48 -6.87 16.81 4.46
N LEU C 49 -5.82 16.18 3.93
CA LEU C 49 -4.56 16.05 4.64
C LEU C 49 -3.92 17.42 4.81
N LEU C 50 -3.77 18.14 3.70
CA LEU C 50 -3.22 19.48 3.73
C LEU C 50 -4.35 20.50 3.75
N LYS C 51 -4.63 21.02 4.94
CA LYS C 51 -5.69 22.00 5.12
C LYS C 51 -5.18 23.42 4.84
N ASP C 52 -4.49 23.57 3.71
CA ASP C 52 -3.94 24.85 3.29
C ASP C 52 -3.86 24.92 1.77
N VAL C 53 -5.01 24.70 1.12
CA VAL C 53 -5.09 24.73 -0.34
C VAL C 53 -5.13 26.15 -0.87
N GLY C 54 -5.46 27.10 -0.01
CA GLY C 54 -5.55 28.49 -0.41
C GLY C 54 -4.27 29.24 -0.11
N SER C 55 -3.41 28.61 0.70
CA SER C 55 -2.13 29.20 1.09
C SER C 55 -0.96 28.36 0.59
N LEU C 56 -1.16 27.71 -0.57
CA LEU C 56 -0.14 26.91 -1.20
C LEU C 56 1.12 27.75 -1.42
N ASP C 57 0.93 28.94 -1.98
CA ASP C 57 1.97 29.90 -2.34
C ASP C 57 3.05 30.04 -1.26
N GLU C 58 2.64 30.07 0.03
CA GLU C 58 3.58 30.10 1.14
C GLU C 58 4.42 28.82 1.17
N LYS C 59 3.73 27.68 1.07
CA LYS C 59 4.41 26.37 1.05
C LYS C 59 5.37 26.32 -0.12
N MET C 60 4.89 26.75 -1.29
CA MET C 60 5.70 26.83 -2.50
C MET C 60 6.97 27.62 -2.22
N LYS C 61 6.85 28.84 -1.71
CA LYS C 61 8.00 29.66 -1.40
C LYS C 61 8.94 28.94 -0.43
N SER C 62 8.38 28.31 0.61
CA SER C 62 9.14 27.55 1.60
C SER C 62 9.86 26.34 0.95
N LEU C 63 9.21 25.68 0.01
CA LEU C 63 9.70 24.50 -0.68
C LEU C 63 10.85 24.89 -1.62
N ASP C 64 10.56 25.81 -2.54
CA ASP C 64 11.33 26.07 -3.77
C ASP C 64 12.80 26.44 -3.59
N VAL C 65 13.24 26.76 -2.36
CA VAL C 65 14.02 27.92 -1.91
C VAL C 65 15.10 28.49 -2.83
N ASN C 66 15.64 27.75 -3.80
CA ASN C 66 16.39 28.39 -4.87
C ASN C 66 15.51 29.40 -5.61
N GLN C 67 14.18 29.22 -5.56
CA GLN C 67 13.17 30.13 -6.06
C GLN C 67 13.21 30.24 -7.59
N ASP C 68 13.81 29.24 -8.26
CA ASP C 68 13.69 29.09 -9.71
C ASP C 68 12.23 28.85 -10.11
N SER C 69 11.38 28.45 -9.15
CA SER C 69 9.97 28.17 -9.34
C SER C 69 9.73 26.91 -10.17
N GLU C 70 10.78 26.11 -10.42
CA GLU C 70 10.64 24.70 -10.67
C GLU C 70 10.71 24.04 -9.30
N LEU C 71 9.59 23.48 -8.83
CA LEU C 71 9.61 22.69 -7.60
C LEU C 71 10.32 21.40 -7.97
N LYS C 72 11.59 21.30 -7.58
CA LYS C 72 12.56 20.41 -8.19
C LYS C 72 12.41 18.99 -7.62
N PHE C 73 13.14 18.03 -8.19
CA PHE C 73 13.04 16.61 -7.88
C PHE C 73 13.86 16.38 -6.61
N ASN C 74 13.26 16.84 -5.51
CA ASN C 74 13.68 17.01 -4.12
C ASN C 74 14.10 18.47 -3.92
N GLU C 75 13.26 19.43 -4.33
CA GLU C 75 12.57 20.33 -3.43
C GLU C 75 11.22 19.70 -3.06
N TYR C 76 10.39 19.46 -4.11
CA TYR C 76 8.99 19.05 -4.03
C TYR C 76 8.76 18.03 -2.93
N TRP C 77 9.58 16.97 -2.97
CA TRP C 77 9.44 15.80 -2.12
C TRP C 77 9.13 16.16 -0.66
N ARG C 78 9.77 17.22 -0.15
CA ARG C 78 9.51 17.76 1.18
C ARG C 78 8.01 17.73 1.53
N LEU C 79 7.14 18.13 0.60
CA LEU C 79 5.71 18.17 0.79
C LEU C 79 5.18 16.85 1.37
N ILE C 80 5.56 15.72 0.76
CA ILE C 80 5.12 14.40 1.19
C ILE C 80 5.56 14.20 2.65
N GLY C 81 6.67 14.83 3.03
CA GLY C 81 7.25 14.85 4.35
C GLY C 81 6.40 15.59 5.34
N GLU C 82 5.91 16.73 4.89
CA GLU C 82 5.12 17.58 5.71
C GLU C 82 3.79 16.87 5.93
N LEU C 83 3.14 16.34 4.90
CA LEU C 83 1.98 15.48 5.16
C LEU C 83 2.34 14.29 6.08
N ALA C 84 3.47 13.61 5.83
CA ALA C 84 3.88 12.47 6.63
C ALA C 84 3.95 12.83 8.11
N LYS C 85 4.62 13.93 8.48
CA LYS C 85 4.63 14.34 9.87
C LYS C 85 3.25 14.86 10.28
N GLU C 86 2.52 15.64 9.45
CA GLU C 86 1.25 16.28 9.77
C GLU C 86 0.30 15.34 10.50
N ILE C 87 0.17 14.09 10.00
CA ILE C 87 -0.70 13.10 10.63
C ILE C 87 -0.42 12.98 12.15
N ARG C 88 0.86 13.03 12.52
CA ARG C 88 1.35 13.11 13.89
C ARG C 88 1.32 14.55 14.42
N LYS C 89 1.65 15.53 13.59
CA LYS C 89 2.06 16.87 13.98
C LYS C 89 1.07 17.92 13.47
N LYS C 90 -0.05 18.06 14.19
CA LYS C 90 -1.16 18.97 13.94
C LYS C 90 -0.70 20.35 13.42
N LYS C 91 0.19 21.05 14.13
CA LYS C 91 0.69 22.36 13.68
C LYS C 91 2.09 22.71 14.22
N ASP C 92 2.67 21.85 15.06
CA ASP C 92 3.52 22.27 16.15
C ASP C 92 5.00 22.29 15.71
N LEU C 93 5.29 22.91 14.56
CA LEU C 93 6.62 22.98 14.00
C LEU C 93 7.36 24.25 14.43
N ILE C 95 9.89 26.65 14.20
CA ILE C 95 11.24 26.92 13.71
C ILE C 95 11.41 28.29 13.01
N ARG C 96 12.63 28.80 13.10
CA ARG C 96 13.11 30.04 12.47
C ARG C 96 14.63 29.99 12.61
N LYS C 97 15.38 30.17 11.53
CA LYS C 97 16.80 29.79 11.47
C LYS C 97 17.30 30.27 10.10
N LYS C 98 18.38 31.06 10.09
CA LYS C 98 19.16 31.37 8.89
C LYS C 98 20.43 30.52 8.99
N TYR D 1 -19.84 -8.70 -38.77
CA TYR D 1 -21.10 -7.95 -38.63
C TYR D 1 -20.83 -6.59 -37.98
N LYS D 2 -20.10 -5.73 -38.67
CA LYS D 2 -19.77 -4.40 -38.15
C LYS D 2 -21.03 -3.69 -37.65
N LYS D 3 -21.14 -3.57 -36.34
CA LYS D 3 -22.28 -2.93 -35.72
C LYS D 3 -21.92 -2.44 -34.31
N PRO D 4 -22.90 -1.94 -33.52
CA PRO D 4 -22.70 -1.45 -32.17
C PRO D 4 -21.41 -1.94 -31.50
N LYS D 5 -20.42 -1.05 -31.41
CA LYS D 5 -19.15 -1.38 -30.80
C LYS D 5 -19.15 -0.93 -29.34
N LEU D 6 -19.26 -1.87 -28.42
CA LEU D 6 -19.27 -1.55 -26.99
C LEU D 6 -17.84 -1.40 -26.47
N LEU D 7 -17.61 -0.37 -25.68
CA LEU D 7 -16.28 -0.11 -25.14
C LEU D 7 -16.38 0.45 -23.72
N TYR D 8 -15.54 -0.05 -22.82
CA TYR D 8 -15.52 0.41 -21.44
C TYR D 8 -14.17 0.08 -20.80
N CYS D 9 -13.93 0.56 -19.59
CA CYS D 9 -12.66 0.29 -18.91
C CYS D 9 -12.85 0.21 -17.40
N SER D 10 -11.82 -0.31 -16.71
CA SER D 10 -11.84 -0.47 -15.26
C SER D 10 -12.72 -1.66 -14.89
N ASN D 11 -12.12 -2.64 -14.22
CA ASN D 11 -12.84 -3.84 -13.81
C ASN D 11 -14.13 -3.46 -13.09
N GLY D 12 -15.24 -3.99 -13.56
CA GLY D 12 -16.53 -3.70 -12.96
C GLY D 12 -17.58 -3.39 -13.99
N GLY D 13 -18.78 -3.93 -13.78
CA GLY D 13 -19.86 -3.71 -14.70
C GLY D 13 -20.14 -2.22 -14.94
N HIS D 14 -19.72 -1.72 -16.09
CA HIS D 14 -19.91 -0.32 -16.47
C HIS D 14 -19.67 -0.15 -17.96
N PHE D 15 -20.66 0.34 -18.69
CA PHE D 15 -20.53 0.53 -20.13
C PHE D 15 -20.69 2.01 -20.49
N LEU D 16 -20.03 2.43 -21.55
CA LEU D 16 -20.10 3.81 -22.01
C LEU D 16 -21.46 4.09 -22.66
N ARG D 17 -22.36 4.72 -21.92
CA ARG D 17 -23.68 5.03 -22.44
C ARG D 17 -23.71 6.46 -22.96
N ILE D 18 -23.74 6.59 -24.29
CA ILE D 18 -23.75 7.89 -24.94
C ILE D 18 -25.17 8.42 -25.12
N LEU D 19 -25.32 9.73 -24.95
CA LEU D 19 -26.61 10.38 -25.11
C LEU D 19 -26.46 11.60 -26.02
N PRO D 20 -27.44 11.83 -26.91
CA PRO D 20 -27.41 12.97 -27.85
C PRO D 20 -27.01 14.28 -27.18
N ASP D 21 -27.35 14.39 -25.89
CA ASP D 21 -27.02 15.57 -25.10
C ASP D 21 -25.52 15.80 -25.05
N GLY D 22 -24.77 14.72 -24.86
CA GLY D 22 -23.33 14.81 -24.79
C GLY D 22 -22.77 14.20 -23.50
N THR D 23 -23.55 14.31 -22.42
CA THR D 23 -23.12 13.76 -21.13
C THR D 23 -23.16 12.24 -21.13
N VAL D 24 -22.07 11.64 -21.61
CA VAL D 24 -21.95 10.18 -21.64
C VAL D 24 -21.40 9.67 -20.31
N ASP D 25 -22.04 8.65 -19.76
CA ASP D 25 -21.61 8.07 -18.49
C ASP D 25 -21.39 6.56 -18.61
N GLY D 26 -20.73 5.98 -17.61
CA GLY D 26 -20.45 4.56 -17.62
C GLY D 26 -21.60 3.74 -17.05
N THR D 27 -22.72 3.76 -17.75
CA THR D 27 -23.91 3.03 -17.33
C THR D 27 -23.69 1.52 -17.43
N ARG D 28 -23.97 0.80 -16.36
CA ARG D 28 -23.79 -0.63 -16.36
C ARG D 28 -25.10 -1.34 -16.74
N ASP D 29 -25.50 -1.15 -17.99
CA ASP D 29 -26.74 -1.75 -18.49
C ASP D 29 -26.62 -2.06 -19.99
N ARG D 30 -27.35 -3.06 -20.43
CA ARG D 30 -27.35 -3.46 -21.84
C ARG D 30 -28.78 -3.69 -22.33
N SER D 31 -29.74 -3.07 -21.64
CA SER D 31 -31.14 -3.19 -21.99
C SER D 31 -31.54 -2.09 -22.96
N ASP D 32 -31.08 -0.87 -22.69
CA ASP D 32 -31.38 0.28 -23.54
C ASP D 32 -30.25 0.51 -24.54
N GLN D 33 -30.61 0.57 -25.82
CA GLN D 33 -29.61 0.78 -26.88
C GLN D 33 -29.00 2.18 -26.81
N HIS D 34 -28.10 2.39 -25.85
CA HIS D 34 -27.43 3.68 -25.71
C HIS D 34 -25.97 3.51 -25.26
N ILE D 35 -25.44 2.29 -25.39
CA ILE D 35 -24.06 2.00 -24.99
C ILE D 35 -23.30 1.36 -26.16
N GLN D 36 -23.49 1.92 -27.35
CA GLN D 36 -22.84 1.41 -28.54
C GLN D 36 -22.37 2.54 -29.44
N LEU D 37 -21.12 2.45 -29.90
CA LEU D 37 -20.54 3.45 -30.77
C LEU D 37 -19.96 2.77 -32.01
N GLN D 38 -19.87 3.50 -33.11
CA GLN D 38 -19.33 2.95 -34.34
C GLN D 38 -17.82 3.15 -34.41
N LEU D 39 -17.10 2.39 -33.59
CA LEU D 39 -15.64 2.46 -33.56
C LEU D 39 -15.05 1.78 -34.79
N SER D 40 -14.18 2.48 -35.50
CA SER D 40 -13.54 1.95 -36.69
C SER D 40 -12.26 2.73 -37.01
N ALA D 41 -11.35 2.08 -37.73
CA ALA D 41 -10.10 2.71 -38.13
C ALA D 41 -10.32 3.51 -39.41
N GLU D 42 -10.42 4.82 -39.28
CA GLU D 42 -10.65 5.70 -40.42
C GLU D 42 -9.39 5.76 -41.29
N SER D 43 -8.27 6.13 -40.66
CA SER D 43 -7.00 6.23 -41.36
C SER D 43 -6.01 5.22 -40.79
N VAL D 44 -4.84 5.13 -41.39
CA VAL D 44 -3.81 4.19 -40.93
C VAL D 44 -3.52 4.38 -39.43
N GLY D 45 -4.20 3.61 -38.61
CA GLY D 45 -4.01 3.70 -37.17
C GLY D 45 -4.95 4.69 -36.50
N GLU D 46 -5.57 5.56 -37.28
CA GLU D 46 -6.48 6.56 -36.74
C GLU D 46 -7.90 6.01 -36.63
N VAL D 47 -8.34 5.77 -35.40
CA VAL D 47 -9.68 5.25 -35.16
C VAL D 47 -10.59 6.35 -34.65
N TYR D 48 -11.84 6.32 -35.07
CA TYR D 48 -12.82 7.33 -34.67
C TYR D 48 -13.93 6.70 -33.83
N ILE D 49 -14.45 7.49 -32.90
CA ILE D 49 -15.54 7.04 -32.02
C ILE D 49 -16.80 7.85 -32.33
N LYS D 50 -17.72 7.23 -33.05
CA LYS D 50 -18.95 7.89 -33.42
C LYS D 50 -20.16 7.00 -33.12
N SER D 51 -20.98 7.43 -32.17
CA SER D 51 -22.18 6.68 -31.78
C SER D 51 -23.31 7.01 -32.75
N THR D 52 -23.08 6.71 -34.02
CA THR D 52 -24.04 6.99 -35.08
C THR D 52 -25.42 6.39 -34.78
N GLU D 53 -25.52 5.07 -34.85
CA GLU D 53 -26.79 4.38 -34.63
C GLU D 53 -27.10 4.20 -33.15
N THR D 54 -27.12 5.29 -32.39
CA THR D 54 -27.41 5.22 -30.96
C THR D 54 -27.27 6.57 -30.25
N GLY D 55 -26.24 7.35 -30.59
CA GLY D 55 -26.05 8.62 -29.94
C GLY D 55 -25.56 9.72 -30.85
N GLN D 56 -24.32 10.13 -30.64
CA GLN D 56 -23.72 11.23 -31.40
C GLN D 56 -22.24 10.99 -31.66
N TYR D 57 -21.60 11.97 -32.29
CA TYR D 57 -20.17 11.89 -32.59
C TYR D 57 -19.37 12.51 -31.45
N LEU D 58 -18.20 11.97 -31.16
CA LEU D 58 -17.38 12.50 -30.08
C LEU D 58 -16.57 13.71 -30.53
N ALA D 59 -16.22 14.55 -29.55
CA ALA D 59 -15.44 15.75 -29.79
C ALA D 59 -14.80 16.20 -28.48
N MET D 60 -13.65 15.61 -28.18
CA MET D 60 -12.92 15.91 -26.94
C MET D 60 -12.71 17.40 -26.75
N ASP D 61 -12.80 17.85 -25.50
CA ASP D 61 -12.58 19.25 -25.17
C ASP D 61 -11.13 19.44 -24.79
N THR D 62 -10.27 19.59 -25.80
CA THR D 62 -8.85 19.78 -25.58
C THR D 62 -8.28 18.56 -24.86
N ASP D 63 -8.83 17.38 -25.16
CA ASP D 63 -8.41 16.12 -24.52
C ASP D 63 -8.83 16.10 -23.04
N GLY D 64 -8.45 17.16 -22.32
CA GLY D 64 -8.79 17.29 -20.91
C GLY D 64 -10.14 16.68 -20.56
N LEU D 65 -11.18 17.14 -21.23
CA LEU D 65 -12.52 16.63 -21.01
C LEU D 65 -13.04 15.96 -22.27
N LEU D 66 -13.60 14.77 -22.12
CA LEU D 66 -14.11 14.02 -23.26
C LEU D 66 -15.61 14.22 -23.39
N TYR D 67 -16.06 14.59 -24.59
CA TYR D 67 -17.47 14.82 -24.85
C TYR D 67 -17.77 14.60 -26.33
N GLY D 68 -19.04 14.71 -26.70
CA GLY D 68 -19.43 14.53 -28.09
C GLY D 68 -20.92 14.78 -28.29
N SER D 69 -21.28 15.35 -29.42
CA SER D 69 -22.68 15.64 -29.73
C SER D 69 -22.81 16.49 -30.99
N GLN D 70 -22.27 17.71 -30.93
CA GLN D 70 -22.37 18.65 -32.05
C GLN D 70 -21.68 18.12 -33.31
N THR D 71 -20.34 18.09 -33.32
CA THR D 71 -19.60 17.64 -34.49
C THR D 71 -18.36 16.82 -34.13
N PRO D 72 -18.00 15.84 -34.98
CA PRO D 72 -16.82 15.00 -34.76
C PRO D 72 -15.54 15.74 -35.11
N ASN D 73 -15.17 16.70 -34.28
CA ASN D 73 -13.97 17.50 -34.52
C ASN D 73 -12.72 16.62 -34.45
N GLU D 74 -11.63 17.09 -35.09
CA GLU D 74 -10.36 16.33 -35.11
C GLU D 74 -10.03 15.78 -33.72
N GLU D 75 -10.43 16.49 -32.67
CA GLU D 75 -10.23 16.04 -31.29
C GLU D 75 -10.65 14.58 -31.14
N CYS D 76 -11.59 14.13 -31.98
CA CYS D 76 -12.11 12.76 -31.92
C CYS D 76 -11.22 11.75 -32.66
N LEU D 77 -10.09 12.17 -33.23
CA LEU D 77 -9.21 11.24 -33.93
C LEU D 77 -8.19 10.66 -32.95
N PHE D 78 -8.21 9.33 -32.81
CA PHE D 78 -7.30 8.65 -31.90
C PHE D 78 -6.54 7.53 -32.59
N LEU D 79 -5.30 7.33 -32.17
CA LEU D 79 -4.45 6.27 -32.71
C LEU D 79 -4.77 4.94 -32.03
N GLU D 80 -5.10 3.93 -32.81
CA GLU D 80 -5.44 2.61 -32.27
C GLU D 80 -4.19 1.87 -31.79
N ARG D 81 -4.13 1.62 -30.49
CA ARG D 81 -3.01 0.91 -29.88
C ARG D 81 -3.53 -0.23 -29.01
N LEU D 82 -2.75 -1.30 -28.89
CA LEU D 82 -3.15 -2.45 -28.10
C LEU D 82 -2.13 -2.74 -27.01
N GLU D 83 -2.61 -3.11 -25.82
CA GLU D 83 -1.73 -3.42 -24.70
C GLU D 83 -1.83 -4.90 -24.35
N GLU D 84 -0.70 -5.51 -24.03
CA GLU D 84 -0.67 -6.93 -23.66
C GLU D 84 -1.29 -7.16 -22.29
N ASN D 85 -2.51 -6.66 -22.12
CA ASN D 85 -3.24 -6.77 -20.87
C ASN D 85 -4.73 -6.98 -21.14
N HIS D 86 -5.05 -7.44 -22.35
CA HIS D 86 -6.44 -7.66 -22.77
C HIS D 86 -7.23 -6.35 -22.75
N TYR D 87 -6.61 -5.28 -23.25
CA TYR D 87 -7.25 -3.98 -23.30
C TYR D 87 -6.78 -3.18 -24.52
N ASN D 88 -7.63 -2.27 -24.96
CA ASN D 88 -7.35 -1.43 -26.12
C ASN D 88 -6.91 -0.04 -25.67
N THR D 89 -6.02 0.57 -26.44
CA THR D 89 -5.53 1.90 -26.15
C THR D 89 -5.73 2.82 -27.35
N TYR D 90 -6.18 4.04 -27.08
CA TYR D 90 -6.42 5.01 -28.15
C TYR D 90 -5.73 6.33 -27.82
N ILE D 91 -4.77 6.70 -28.64
CA ILE D 91 -4.02 7.93 -28.40
C ILE D 91 -4.62 9.10 -29.17
N SER D 92 -5.09 10.10 -28.45
CA SER D 92 -5.67 11.29 -29.06
C SER D 92 -4.58 12.10 -29.75
N LYS D 93 -4.20 11.66 -30.95
CA LYS D 93 -3.15 12.33 -31.72
C LYS D 93 -3.30 13.85 -31.67
N LYS D 94 -4.54 14.32 -31.64
CA LYS D 94 -4.83 15.75 -31.56
C LYS D 94 -4.08 16.39 -30.38
N HIS D 95 -3.82 15.60 -29.34
CA HIS D 95 -3.11 16.09 -28.16
C HIS D 95 -1.93 15.19 -27.78
N ALA D 96 -1.58 14.25 -28.68
CA ALA D 96 -0.48 13.34 -28.44
C ALA D 96 0.78 14.12 -28.07
N GLU D 97 0.90 15.33 -28.63
CA GLU D 97 2.03 16.20 -28.35
C GLU D 97 2.28 16.33 -26.85
N LYS D 98 1.21 16.32 -26.05
CA LYS D 98 1.32 16.45 -24.60
C LYS D 98 1.30 15.10 -23.91
N ASN D 99 1.43 14.03 -24.70
CA ASN D 99 1.40 12.65 -24.19
C ASN D 99 0.06 12.34 -23.55
N TRP D 100 -1.01 12.81 -24.19
CA TRP D 100 -2.36 12.61 -23.67
C TRP D 100 -3.16 11.64 -24.56
N PHE D 101 -3.69 10.60 -23.95
CA PHE D 101 -4.50 9.61 -24.66
C PHE D 101 -5.78 9.28 -23.88
N VAL D 102 -6.93 9.56 -24.54
CA VAL D 102 -8.29 9.38 -24.02
C VAL D 102 -8.38 8.46 -22.80
N GLY D 103 -8.92 9.01 -21.71
CA GLY D 103 -9.10 8.27 -20.48
C GLY D 103 -10.42 8.63 -19.83
N LEU D 104 -11.20 7.62 -19.42
CA LEU D 104 -12.50 7.87 -18.79
C LEU D 104 -12.57 7.30 -17.37
N LYS D 105 -13.52 7.81 -16.61
CA LYS D 105 -13.73 7.36 -15.23
C LYS D 105 -14.94 6.44 -15.16
N LYS D 106 -14.68 5.14 -15.03
CA LYS D 106 -15.74 4.13 -14.95
C LYS D 106 -16.91 4.59 -14.09
N ASN D 107 -16.60 5.17 -12.94
CA ASN D 107 -17.63 5.65 -12.02
C ASN D 107 -17.66 7.18 -11.98
N GLY D 108 -17.44 7.81 -13.13
CA GLY D 108 -17.46 9.26 -13.19
C GLY D 108 -17.90 9.78 -14.54
N SER D 109 -17.24 9.31 -15.59
CA SER D 109 -17.50 9.70 -16.98
C SER D 109 -16.16 9.87 -17.71
N CYS D 110 -16.22 10.14 -19.00
CA CYS D 110 -15.01 10.31 -19.80
C CYS D 110 -14.51 11.75 -19.71
N LYS D 111 -13.48 11.98 -18.89
CA LYS D 111 -12.88 13.31 -18.73
C LYS D 111 -11.73 13.26 -17.73
N ARG D 112 -10.58 12.78 -18.22
CA ARG D 112 -9.37 12.66 -17.40
C ARG D 112 -8.13 12.98 -18.22
N GLY D 113 -8.28 13.87 -19.20
CA GLY D 113 -7.18 14.26 -20.07
C GLY D 113 -5.90 14.69 -19.35
N PRO D 114 -5.97 15.54 -18.30
CA PRO D 114 -4.77 15.97 -17.56
C PRO D 114 -4.14 14.84 -16.75
N ARG D 115 -4.73 13.64 -16.83
CA ARG D 115 -4.25 12.48 -16.10
C ARG D 115 -4.15 11.26 -17.03
N THR D 116 -4.03 11.51 -18.34
CA THR D 116 -3.94 10.42 -19.31
C THR D 116 -2.49 10.04 -19.64
N HIS D 117 -1.95 9.08 -18.89
CA HIS D 117 -0.58 8.59 -19.10
C HIS D 117 -0.35 7.34 -18.26
N TYR D 118 0.89 7.14 -17.81
CA TYR D 118 1.22 5.97 -17.00
C TYR D 118 0.90 6.23 -15.53
N GLY D 119 -0.39 6.22 -15.23
CA GLY D 119 -0.88 6.43 -13.88
C GLY D 119 -2.29 5.93 -13.74
N GLN D 120 -3.18 6.47 -14.57
CA GLN D 120 -4.58 6.06 -14.59
C GLN D 120 -4.71 4.89 -15.57
N LYS D 121 -5.08 3.73 -15.02
CA LYS D 121 -5.19 2.50 -15.82
C LYS D 121 -6.46 2.52 -16.68
N ALA D 122 -7.41 3.39 -16.32
CA ALA D 122 -8.67 3.52 -17.05
C ALA D 122 -8.44 3.73 -18.56
N ILE D 123 -7.23 4.10 -18.94
CA ILE D 123 -6.89 4.30 -20.34
C ILE D 123 -6.96 2.97 -21.12
N LEU D 124 -6.78 1.87 -20.40
CA LEU D 124 -6.82 0.55 -21.02
C LEU D 124 -8.26 0.07 -21.12
N PHE D 125 -8.91 0.42 -22.22
CA PHE D 125 -10.31 0.07 -22.43
C PHE D 125 -10.48 -1.38 -22.89
N LEU D 126 -11.60 -1.97 -22.50
CA LEU D 126 -11.93 -3.35 -22.87
C LEU D 126 -13.09 -3.32 -23.85
N PRO D 127 -12.82 -3.59 -25.14
CA PRO D 127 -13.84 -3.58 -26.18
C PRO D 127 -14.58 -4.91 -26.33
N LEU D 128 -15.88 -4.82 -26.61
CA LEU D 128 -16.73 -5.99 -26.80
C LEU D 128 -17.57 -5.82 -28.07
N PRO D 129 -16.93 -5.41 -29.19
CA PRO D 129 -17.62 -5.17 -30.46
C PRO D 129 -17.88 -6.45 -31.25
N VAL D 130 -18.92 -6.43 -32.07
CA VAL D 130 -19.27 -7.58 -32.90
C VAL D 130 -18.40 -7.60 -34.14
N SER D 131 -17.24 -8.25 -34.01
CA SER D 131 -16.29 -8.37 -35.11
C SER D 131 -16.83 -9.26 -36.23
N SER D 132 -16.06 -9.40 -37.30
CA SER D 132 -16.44 -10.23 -38.43
C SER D 132 -15.54 -11.47 -38.48
N ASP D 133 -15.65 -12.31 -37.47
CA ASP D 133 -14.86 -13.52 -37.37
C ASP D 133 -15.62 -14.71 -37.95
N TYR A 1 -17.55 -30.17 26.64
CA TYR A 1 -16.72 -31.36 26.34
C TYR A 1 -15.23 -30.99 26.32
N LYS A 2 -14.70 -30.58 27.47
CA LYS A 2 -13.30 -30.18 27.57
C LYS A 2 -12.39 -31.25 26.96
N LYS A 3 -11.83 -30.94 25.81
CA LYS A 3 -10.95 -31.85 25.10
C LYS A 3 -10.04 -31.08 24.15
N PRO A 4 -9.23 -31.77 23.30
CA PRO A 4 -8.32 -31.16 22.35
C PRO A 4 -8.63 -29.70 22.01
N LYS A 5 -7.82 -28.80 22.56
CA LYS A 5 -7.99 -27.37 22.32
C LYS A 5 -7.06 -26.93 21.20
N LEU A 6 -7.63 -26.66 20.03
CA LEU A 6 -6.83 -26.23 18.89
C LEU A 6 -6.60 -24.72 18.95
N LEU A 7 -5.37 -24.31 18.69
CA LEU A 7 -5.01 -22.89 18.73
C LEU A 7 -4.00 -22.57 17.63
N TYR A 8 -4.21 -21.44 16.95
CA TYR A 8 -3.30 -20.99 15.90
C TYR A 8 -3.47 -19.49 15.68
N CYS A 9 -2.63 -18.89 14.85
CA CYS A 9 -2.71 -17.46 14.58
C CYS A 9 -2.27 -17.14 13.15
N SER A 10 -2.58 -15.92 12.71
CA SER A 10 -2.23 -15.44 11.38
C SER A 10 -3.17 -16.07 10.36
N ASN A 11 -3.89 -15.22 9.64
CA ASN A 11 -4.83 -15.69 8.62
C ASN A 11 -4.16 -16.69 7.70
N GLY A 12 -4.76 -17.86 7.56
CA GLY A 12 -4.21 -18.89 6.70
C GLY A 12 -4.22 -20.24 7.36
N GLY A 13 -4.59 -21.27 6.60
CA GLY A 13 -4.63 -22.61 7.14
C GLY A 13 -3.30 -23.04 7.75
N HIS A 14 -3.25 -23.05 9.07
CA HIS A 14 -2.06 -23.45 9.82
C HIS A 14 -2.41 -23.72 11.28
N PHE A 15 -2.16 -24.94 11.75
CA PHE A 15 -2.47 -25.30 13.14
C PHE A 15 -1.20 -25.66 13.89
N LEU A 16 -1.21 -25.42 15.20
CA LEU A 16 -0.06 -25.72 16.03
C LEU A 16 0.05 -27.23 16.27
N ARG A 17 0.95 -27.88 15.51
CA ARG A 17 1.14 -29.32 15.65
C ARG A 17 2.29 -29.61 16.59
N ILE A 18 1.97 -30.08 17.79
CA ILE A 18 2.96 -30.39 18.80
C ILE A 18 3.48 -31.82 18.67
N LEU A 19 4.77 -32.00 18.91
CA LEU A 19 5.40 -33.31 18.85
C LEU A 19 6.22 -33.54 20.13
N PRO A 20 6.19 -34.77 20.67
CA PRO A 20 6.93 -35.13 21.88
C PRO A 20 8.37 -34.61 21.87
N ASP A 21 8.94 -34.52 20.66
CA ASP A 21 10.30 -34.03 20.47
C ASP A 21 10.44 -32.60 21.01
N GLY A 22 9.45 -31.76 20.72
CA GLY A 22 9.48 -30.39 21.16
C GLY A 22 9.33 -29.41 20.00
N THR A 23 9.83 -29.78 18.83
CA THR A 23 9.74 -28.92 17.66
C THR A 23 8.31 -28.86 17.12
N VAL A 24 7.52 -27.96 17.69
CA VAL A 24 6.14 -27.76 17.28
C VAL A 24 6.08 -26.77 16.11
N ASP A 25 5.35 -27.13 15.06
CA ASP A 25 5.22 -26.25 13.89
C ASP A 25 3.75 -26.00 13.56
N GLY A 26 3.51 -25.01 12.71
CA GLY A 26 2.16 -24.66 12.31
C GLY A 26 1.65 -25.51 11.17
N THR A 27 1.48 -26.79 11.41
CA THR A 27 1.01 -27.72 10.41
C THR A 27 -0.45 -27.45 10.05
N ARG A 28 -0.74 -27.32 8.77
CA ARG A 28 -2.10 -27.06 8.34
C ARG A 28 -2.81 -28.36 8.00
N ASP A 29 -3.05 -29.17 9.02
CA ASP A 29 -3.72 -30.46 8.86
C ASP A 29 -4.51 -30.81 10.11
N ARG A 30 -5.57 -31.58 9.91
CA ARG A 30 -6.43 -32.02 11.02
C ARG A 30 -6.74 -33.52 10.91
N SER A 31 -5.87 -34.24 10.20
CA SER A 31 -6.02 -35.67 9.99
C SER A 31 -5.30 -36.43 11.09
N ASP A 32 -4.09 -35.98 11.42
CA ASP A 32 -3.28 -36.62 12.46
C ASP A 32 -3.47 -35.91 13.79
N GLN A 33 -3.82 -36.66 14.83
CA GLN A 33 -4.04 -36.08 16.15
C GLN A 33 -2.74 -35.58 16.78
N HIS A 34 -2.27 -34.43 16.30
CA HIS A 34 -1.05 -33.83 16.84
C HIS A 34 -1.14 -32.30 16.86
N ILE A 35 -2.35 -31.77 16.73
CA ILE A 35 -2.57 -30.32 16.75
C ILE A 35 -3.60 -29.94 17.81
N GLN A 36 -3.48 -30.54 18.98
CA GLN A 36 -4.39 -30.29 20.07
C GLN A 36 -3.67 -30.22 21.41
N LEU A 37 -3.98 -29.19 22.18
CA LEU A 37 -3.37 -28.99 23.49
C LEU A 37 -4.46 -28.81 24.54
N GLN A 38 -4.17 -29.14 25.79
CA GLN A 38 -5.13 -29.00 26.86
C GLN A 38 -5.04 -27.61 27.49
N LEU A 39 -5.52 -26.61 26.75
CA LEU A 39 -5.52 -25.23 27.23
C LEU A 39 -6.61 -25.03 28.27
N SER A 40 -6.24 -24.49 29.42
CA SER A 40 -7.18 -24.24 30.51
C SER A 40 -6.64 -23.20 31.48
N ALA A 41 -7.54 -22.54 32.20
CA ALA A 41 -7.15 -21.53 33.17
C ALA A 41 -6.83 -22.21 34.50
N GLU A 42 -5.54 -22.34 34.79
CA GLU A 42 -5.11 -22.99 36.02
C GLU A 42 -5.40 -22.09 37.22
N SER A 43 -4.91 -20.86 37.16
CA SER A 43 -5.11 -19.90 38.23
C SER A 43 -5.92 -18.71 37.70
N VAL A 44 -6.29 -17.79 38.60
CA VAL A 44 -7.06 -16.61 38.22
C VAL A 44 -6.38 -15.86 37.06
N GLY A 45 -6.79 -16.18 35.84
CA GLY A 45 -6.23 -15.54 34.67
C GLY A 45 -5.02 -16.26 34.11
N GLU A 46 -4.43 -17.17 34.89
CA GLU A 46 -3.26 -17.91 34.45
C GLU A 46 -3.67 -19.17 33.70
N VAL A 47 -3.45 -19.17 32.38
CA VAL A 47 -3.77 -20.31 31.55
C VAL A 47 -2.51 -21.08 31.18
N TYR A 48 -2.62 -22.40 31.13
CA TYR A 48 -1.49 -23.25 30.79
C TYR A 48 -1.72 -23.98 29.48
N ILE A 49 -0.64 -24.22 28.74
CA ILE A 49 -0.70 -24.92 27.47
C ILE A 49 0.02 -26.26 27.59
N LYS A 50 -0.75 -27.32 27.72
CA LYS A 50 -0.20 -28.66 27.86
C LYS A 50 -0.86 -29.64 26.89
N SER A 51 -0.09 -30.12 25.93
CA SER A 51 -0.59 -31.07 24.95
C SER A 51 -0.55 -32.48 25.53
N THR A 52 -1.28 -32.66 26.62
CA THR A 52 -1.32 -33.94 27.32
C THR A 52 -1.72 -35.11 26.42
N GLU A 53 -2.97 -35.13 25.99
CA GLU A 53 -3.48 -36.20 25.14
C GLU A 53 -3.13 -35.99 23.67
N THR A 54 -1.84 -35.83 23.37
CA THR A 54 -1.39 -35.64 21.99
C THR A 54 0.10 -35.37 21.87
N GLY A 55 0.65 -34.56 22.77
CA GLY A 55 2.06 -34.24 22.69
C GLY A 55 2.76 -34.16 24.03
N GLN A 56 3.15 -32.94 24.40
CA GLN A 56 3.89 -32.70 25.63
C GLN A 56 3.49 -31.37 26.27
N TYR A 57 4.15 -31.04 27.37
CA TYR A 57 3.91 -29.79 28.08
C TYR A 57 4.84 -28.71 27.56
N LEU A 58 4.37 -27.48 27.50
CA LEU A 58 5.18 -26.38 27.00
C LEU A 58 6.12 -25.84 28.08
N ALA A 59 7.23 -25.24 27.62
CA ALA A 59 8.23 -24.66 28.49
C ALA A 59 9.06 -23.66 27.70
N MET A 60 8.55 -22.44 27.61
CA MET A 60 9.21 -21.36 26.87
C MET A 60 10.67 -21.20 27.28
N ASP A 61 11.52 -20.90 26.31
CA ASP A 61 12.93 -20.67 26.56
C ASP A 61 13.16 -19.19 26.77
N THR A 62 12.91 -18.74 27.99
CA THR A 62 13.08 -17.34 28.33
C THR A 62 12.16 -16.47 27.47
N ASP A 63 10.98 -17.01 27.15
CA ASP A 63 9.99 -16.33 26.29
C ASP A 63 10.50 -16.24 24.86
N GLY A 64 11.72 -15.71 24.70
CA GLY A 64 12.34 -15.58 23.39
C GLY A 64 11.96 -16.69 22.43
N LEU A 65 12.22 -17.92 22.84
CA LEU A 65 11.89 -19.08 22.03
C LEU A 65 10.86 -19.94 22.74
N LEU A 66 9.82 -20.34 22.02
CA LEU A 66 8.76 -21.15 22.59
C LEU A 66 9.00 -22.63 22.28
N TYR A 67 8.96 -23.46 23.31
CA TYR A 67 9.14 -24.89 23.15
C TYR A 67 8.47 -25.65 24.29
N GLY A 68 8.50 -26.97 24.23
CA GLY A 68 7.89 -27.78 25.25
C GLY A 68 8.13 -29.26 25.02
N SER A 69 8.30 -30.02 26.11
CA SER A 69 8.54 -31.45 26.00
C SER A 69 8.92 -32.04 27.36
N GLN A 70 10.05 -31.60 27.90
CA GLN A 70 10.54 -32.12 29.18
C GLN A 70 9.59 -31.86 30.35
N THR A 71 9.48 -30.59 30.78
CA THR A 71 8.62 -30.25 31.90
C THR A 71 7.91 -28.91 31.71
N PRO A 72 6.68 -28.79 32.24
CA PRO A 72 5.90 -27.55 32.15
C PRO A 72 6.40 -26.50 33.14
N ASN A 73 7.57 -25.95 32.86
CA ASN A 73 8.17 -24.95 33.73
C ASN A 73 7.31 -23.68 33.79
N GLU A 74 7.47 -22.90 34.87
CA GLU A 74 6.68 -21.66 35.05
C GLU A 74 6.62 -20.86 33.75
N GLU A 75 7.68 -20.94 32.94
CA GLU A 75 7.70 -20.26 31.64
C GLU A 75 6.40 -20.52 30.86
N CYS A 76 5.74 -21.65 31.15
CA CYS A 76 4.52 -22.02 30.45
C CYS A 76 3.26 -21.38 31.06
N LEU A 77 3.41 -20.52 32.07
CA LEU A 77 2.24 -19.86 32.67
C LEU A 77 1.97 -18.54 31.95
N PHE A 78 0.78 -18.42 31.36
CA PHE A 78 0.40 -17.23 30.63
C PHE A 78 -0.93 -16.66 31.11
N LEU A 79 -1.05 -15.33 31.08
CA LEU A 79 -2.27 -14.66 31.48
C LEU A 79 -3.25 -14.64 30.31
N GLU A 80 -4.46 -15.14 30.56
CA GLU A 80 -5.49 -15.20 29.52
C GLU A 80 -6.09 -13.81 29.26
N ARG A 81 -5.89 -13.31 28.04
CA ARG A 81 -6.41 -12.02 27.63
C ARG A 81 -7.16 -12.15 26.31
N LEU A 82 -8.16 -11.31 26.10
CA LEU A 82 -8.94 -11.34 24.87
C LEU A 82 -8.90 -10.01 24.15
N GLU A 83 -8.81 -10.04 22.83
CA GLU A 83 -8.77 -8.82 22.03
C GLU A 83 -10.03 -8.71 21.19
N GLU A 84 -10.55 -7.50 21.06
CA GLU A 84 -11.77 -7.26 20.27
C GLU A 84 -11.47 -7.38 18.78
N ASN A 85 -10.88 -8.50 18.40
CA ASN A 85 -10.52 -8.78 17.00
C ASN A 85 -10.72 -10.26 16.69
N HIS A 86 -11.56 -10.93 17.50
CA HIS A 86 -11.83 -12.36 17.32
C HIS A 86 -10.55 -13.18 17.49
N TYR A 87 -9.76 -12.83 18.51
CA TYR A 87 -8.51 -13.53 18.78
C TYR A 87 -8.22 -13.55 20.28
N ASN A 88 -7.45 -14.56 20.70
CA ASN A 88 -7.07 -14.73 22.09
C ASN A 88 -5.65 -14.25 22.32
N THR A 89 -5.39 -13.70 23.50
CA THR A 89 -4.07 -13.22 23.85
C THR A 89 -3.60 -13.87 25.15
N TYR A 90 -2.34 -14.28 25.19
CA TYR A 90 -1.78 -14.92 26.37
C TYR A 90 -0.48 -14.26 26.76
N ILE A 91 -0.46 -13.64 27.93
CA ILE A 91 0.74 -12.94 28.40
C ILE A 91 1.61 -13.84 29.27
N SER A 92 2.82 -14.11 28.81
CA SER A 92 3.76 -14.92 29.56
C SER A 92 4.22 -14.17 30.81
N LYS A 93 3.39 -14.18 31.85
CA LYS A 93 3.69 -13.49 33.10
C LYS A 93 5.14 -13.72 33.51
N LYS A 94 5.65 -14.91 33.24
CA LYS A 94 7.05 -15.24 33.57
C LYS A 94 8.01 -14.19 32.99
N HIS A 95 7.61 -13.56 31.88
CA HIS A 95 8.43 -12.53 31.24
C HIS A 95 7.65 -11.23 31.01
N ALA A 96 6.44 -11.14 31.58
CA ALA A 96 5.60 -9.96 31.43
C ALA A 96 6.40 -8.71 31.79
N GLU A 97 7.34 -8.86 32.72
CA GLU A 97 8.19 -7.77 33.16
C GLU A 97 8.82 -7.04 31.96
N LYS A 98 9.10 -7.79 30.90
CA LYS A 98 9.70 -7.22 29.69
C LYS A 98 8.62 -6.94 28.65
N ASN A 99 7.36 -6.97 29.06
CA ASN A 99 6.23 -6.73 28.16
C ASN A 99 6.25 -7.76 27.03
N TRP A 100 6.65 -8.99 27.36
CA TRP A 100 6.73 -10.07 26.40
C TRP A 100 5.56 -11.04 26.57
N PHE A 101 4.86 -11.31 25.47
CA PHE A 101 3.73 -12.24 25.50
C PHE A 101 3.78 -13.18 24.30
N VAL A 102 3.91 -14.50 24.60
CA VAL A 102 3.99 -15.60 23.64
C VAL A 102 3.53 -15.23 22.22
N GLY A 103 4.45 -15.41 21.27
CA GLY A 103 4.17 -15.13 19.87
C GLY A 103 4.81 -16.18 18.97
N LEU A 104 4.04 -16.71 18.03
CA LEU A 104 4.55 -17.74 17.13
C LEU A 104 4.49 -17.31 15.67
N LYS A 105 5.28 -17.98 14.83
CA LYS A 105 5.33 -17.70 13.40
C LYS A 105 4.55 -18.76 12.63
N LYS A 106 3.37 -18.39 12.17
CA LYS A 106 2.49 -19.30 11.42
C LYS A 106 3.28 -20.14 10.42
N ASN A 107 4.20 -19.51 9.70
CA ASN A 107 5.00 -20.20 8.70
C ASN A 107 6.46 -20.32 9.16
N GLY A 108 6.66 -20.54 10.46
CA GLY A 108 8.00 -20.67 10.99
C GLY A 108 8.07 -21.56 12.21
N SER A 109 7.23 -21.24 13.21
CA SER A 109 7.15 -21.97 14.48
C SER A 109 6.99 -20.96 15.62
N CYS A 110 6.81 -21.47 16.83
CA CYS A 110 6.64 -20.60 18.00
C CYS A 110 8.00 -20.18 18.56
N LYS A 111 8.43 -18.96 18.25
CA LYS A 111 9.70 -18.43 18.74
C LYS A 111 9.92 -17.01 18.25
N ARG A 112 9.28 -16.07 18.92
CA ARG A 112 9.36 -14.67 18.57
C ARG A 112 9.34 -13.81 19.82
N GLY A 113 9.88 -14.32 20.93
CA GLY A 113 9.93 -13.56 22.18
C GLY A 113 10.51 -12.16 22.00
N PRO A 114 11.70 -12.01 21.36
CA PRO A 114 12.30 -10.67 21.15
C PRO A 114 11.40 -9.78 20.26
N ARG A 115 10.28 -10.36 19.82
CA ARG A 115 9.31 -9.68 18.98
C ARG A 115 7.88 -9.93 19.50
N THR A 116 7.74 -10.28 20.79
CA THR A 116 6.42 -10.55 21.37
C THR A 116 5.82 -9.30 22.00
N HIS A 117 5.95 -8.19 21.31
CA HIS A 117 5.41 -6.93 21.76
C HIS A 117 4.46 -6.40 20.69
N TYR A 118 3.94 -5.18 20.86
CA TYR A 118 3.03 -4.63 19.87
C TYR A 118 3.74 -4.33 18.56
N GLY A 119 3.56 -5.24 17.60
CA GLY A 119 4.17 -5.12 16.30
C GLY A 119 3.84 -6.34 15.45
N GLN A 120 3.95 -7.51 16.08
CA GLN A 120 3.63 -8.76 15.43
C GLN A 120 2.21 -9.14 15.81
N LYS A 121 1.37 -9.31 14.82
CA LYS A 121 -0.04 -9.63 15.06
C LYS A 121 -0.22 -11.11 15.42
N ALA A 122 0.79 -11.92 15.09
CA ALA A 122 0.78 -13.35 15.39
C ALA A 122 0.44 -13.64 16.86
N ILE A 123 0.54 -12.63 17.71
CA ILE A 123 0.24 -12.77 19.13
C ILE A 123 -1.27 -12.95 19.36
N LEU A 124 -2.07 -12.53 18.38
CA LEU A 124 -3.52 -12.68 18.45
C LEU A 124 -3.92 -14.04 17.90
N PHE A 125 -3.94 -15.03 18.78
CA PHE A 125 -4.26 -16.40 18.39
C PHE A 125 -5.77 -16.62 18.24
N LEU A 126 -6.13 -17.50 17.33
CA LEU A 126 -7.52 -17.84 17.07
C LEU A 126 -7.78 -19.26 17.57
N PRO A 127 -8.50 -19.41 18.69
CA PRO A 127 -8.79 -20.71 19.28
C PRO A 127 -10.06 -21.37 18.71
N LEU A 128 -10.00 -22.68 18.56
CA LEU A 128 -11.11 -23.47 18.05
C LEU A 128 -11.34 -24.69 18.96
N PRO A 129 -11.38 -24.48 20.29
CA PRO A 129 -11.57 -25.55 21.26
C PRO A 129 -13.03 -25.97 21.44
N VAL A 130 -13.23 -27.22 21.82
CA VAL A 130 -14.58 -27.75 22.04
C VAL A 130 -15.09 -27.31 23.42
N SER A 131 -15.71 -26.14 23.46
CA SER A 131 -16.25 -25.60 24.69
C SER A 131 -17.44 -26.40 25.19
N SER A 132 -17.98 -26.01 26.34
CA SER A 132 -19.13 -26.68 26.92
C SER A 132 -20.35 -25.77 26.84
N ASP A 133 -20.79 -25.49 25.62
CA ASP A 133 -21.93 -24.63 25.37
C ASP A 133 -23.20 -25.46 25.22
N MET B 1 -17.60 -4.67 1.36
CA MET B 1 -17.95 -4.71 2.81
C MET B 1 -16.85 -4.06 3.64
N ALA B 2 -16.46 -4.70 4.73
CA ALA B 2 -15.40 -4.20 5.58
C ALA B 2 -14.06 -4.32 4.86
N ALA B 3 -12.98 -3.88 5.51
CA ALA B 3 -11.66 -3.91 4.90
C ALA B 3 -11.63 -2.90 3.76
N GLU B 4 -11.97 -1.66 4.10
CA GLU B 4 -12.02 -0.59 3.12
C GLU B 4 -10.66 0.04 2.89
N PRO B 5 -10.25 0.20 1.62
CA PRO B 5 -8.96 0.79 1.28
C PRO B 5 -8.98 2.31 1.41
N LEU B 6 -7.93 2.85 2.02
CA LEU B 6 -7.81 4.29 2.20
C LEU B 6 -7.13 4.91 0.98
N THR B 7 -6.68 6.15 1.11
CA THR B 7 -6.02 6.82 0.00
C THR B 7 -4.61 6.25 -0.20
N GLU B 8 -4.08 6.42 -1.40
CA GLU B 8 -2.74 5.91 -1.77
C GLU B 8 -1.65 6.33 -0.79
N LEU B 9 -1.78 7.54 -0.25
CA LEU B 9 -0.80 8.08 0.68
C LEU B 9 -0.96 7.49 2.09
N GLU B 10 -2.20 7.23 2.52
CA GLU B 10 -2.45 6.59 3.82
C GLU B 10 -1.91 5.14 3.78
N GLU B 11 -2.15 4.43 2.65
CA GLU B 11 -1.64 3.09 2.42
C GLU B 11 -0.13 3.07 2.66
N SER B 12 0.59 3.98 1.99
CA SER B 12 2.04 3.97 2.00
C SER B 12 2.63 4.42 3.35
N ILE B 13 2.05 5.41 4.05
CA ILE B 13 2.53 5.71 5.40
C ILE B 13 2.26 4.52 6.31
N GLU B 14 1.10 3.87 6.21
CA GLU B 14 0.84 2.72 7.05
C GLU B 14 1.90 1.64 6.82
N THR B 15 2.09 1.19 5.58
CA THR B 15 2.99 0.05 5.32
C THR B 15 4.40 0.27 5.92
N VAL B 16 4.92 1.50 5.85
CA VAL B 16 6.20 1.81 6.48
C VAL B 16 6.07 1.94 8.00
N VAL B 17 4.98 2.54 8.49
CA VAL B 17 4.72 2.67 9.92
C VAL B 17 4.64 1.29 10.58
N THR B 18 3.90 0.34 10.04
CA THR B 18 3.83 -1.01 10.61
C THR B 18 5.24 -1.65 10.63
N THR B 19 5.99 -1.54 9.52
CA THR B 19 7.35 -2.07 9.46
C THR B 19 8.21 -1.44 10.56
N PHE B 20 8.23 -0.10 10.62
CA PHE B 20 8.83 0.64 11.72
C PHE B 20 8.44 0.02 13.05
N PHE B 21 7.14 -0.14 13.27
CA PHE B 21 6.60 -0.70 14.52
C PHE B 21 7.01 -2.15 14.76
N THR B 22 7.44 -2.87 13.73
CA THR B 22 7.85 -4.27 13.89
C THR B 22 9.32 -4.36 14.33
N PHE B 23 9.96 -3.20 14.49
CA PHE B 23 11.33 -3.11 14.94
C PHE B 23 11.40 -2.24 16.20
N ALA B 24 10.54 -1.21 16.25
CA ALA B 24 10.46 -0.28 17.37
C ALA B 24 10.09 -1.03 18.66
N ARG B 25 9.28 -2.06 18.55
CA ARG B 25 8.84 -2.82 19.73
C ARG B 25 9.80 -3.93 20.16
N GLN B 26 10.86 -4.16 19.40
CA GLN B 26 11.82 -5.23 19.71
C GLN B 26 12.28 -5.20 21.17
N GLU B 27 12.82 -4.07 21.59
CA GLU B 27 13.30 -3.91 22.95
C GLU B 27 12.45 -2.88 23.71
N GLY B 28 13.03 -2.30 24.77
CA GLY B 28 12.33 -1.30 25.58
C GLY B 28 11.73 -0.14 24.78
N ARG B 29 10.42 0.09 25.03
CA ARG B 29 9.61 1.13 24.39
C ARG B 29 9.29 0.79 22.92
N LYS B 30 7.99 0.70 22.59
CA LYS B 30 7.55 0.36 21.23
C LYS B 30 7.38 1.59 20.33
N ASP B 31 8.26 2.55 20.51
CA ASP B 31 8.27 3.79 19.73
C ASP B 31 9.72 4.03 19.31
N SER B 32 10.62 3.98 20.29
CA SER B 32 12.03 4.21 20.06
C SER B 32 12.72 2.93 19.59
N LEU B 33 13.58 3.08 18.57
CA LEU B 33 14.57 2.07 18.24
C LEU B 33 15.81 2.37 19.07
N SER B 34 16.26 1.44 19.92
CA SER B 34 17.60 1.56 20.50
C SER B 34 18.64 1.02 19.51
N VAL B 35 19.92 1.07 19.88
CA VAL B 35 21.04 0.84 18.97
C VAL B 35 20.88 -0.45 18.17
N ASN B 36 20.74 -1.60 18.86
CA ASN B 36 20.55 -2.92 18.22
C ASN B 36 19.33 -2.87 17.30
N GLU B 37 18.18 -2.57 17.92
CA GLU B 37 16.90 -2.35 17.27
C GLU B 37 17.07 -1.61 15.93
N PHE B 38 17.79 -0.50 15.96
CA PHE B 38 18.03 0.33 14.80
C PHE B 38 18.85 -0.46 13.78
N LYS B 39 20.00 -1.02 14.22
CA LYS B 39 20.85 -1.78 13.34
C LYS B 39 20.09 -2.93 12.66
N GLU B 40 19.13 -3.52 13.37
CA GLU B 40 18.32 -4.62 12.83
C GLU B 40 17.53 -4.23 11.58
N LEU B 41 17.12 -2.95 11.48
CA LEU B 41 16.33 -2.50 10.32
C LEU B 41 17.23 -2.58 9.09
N VAL B 42 18.38 -1.94 9.18
CA VAL B 42 19.28 -1.77 8.05
C VAL B 42 19.82 -3.12 7.65
N THR B 43 20.36 -3.86 8.61
CA THR B 43 20.97 -5.17 8.36
C THR B 43 20.00 -6.20 7.75
N GLN B 44 18.71 -6.07 8.00
CA GLN B 44 17.74 -7.03 7.48
C GLN B 44 17.06 -6.58 6.18
N GLN B 45 16.24 -5.54 6.26
CA GLN B 45 15.49 -5.07 5.09
C GLN B 45 16.15 -3.94 4.32
N LEU B 46 17.46 -3.77 4.44
CA LEU B 46 18.13 -2.70 3.68
C LEU B 46 19.56 -3.10 3.29
N PRO B 47 19.71 -3.98 2.29
CA PRO B 47 20.99 -4.46 1.80
C PRO B 47 21.53 -3.73 0.56
N HIS B 48 20.68 -2.93 -0.09
CA HIS B 48 21.10 -2.23 -1.31
C HIS B 48 21.20 -0.71 -1.09
N LEU B 49 20.08 -0.09 -0.70
CA LEU B 49 20.01 1.35 -0.47
C LEU B 49 21.22 1.86 0.32
N LEU B 50 21.30 1.47 1.58
CA LEU B 50 22.39 1.77 2.50
C LEU B 50 23.14 0.49 2.75
N LYS B 51 23.98 0.11 1.79
CA LYS B 51 24.78 -1.12 1.86
C LYS B 51 25.81 -1.09 2.98
N ASP B 52 25.87 0.03 3.71
CA ASP B 52 26.81 0.17 4.80
C ASP B 52 26.25 -0.45 6.08
N VAL B 53 26.44 -1.75 6.22
CA VAL B 53 25.96 -2.48 7.41
C VAL B 53 27.05 -2.57 8.47
N GLY B 54 28.05 -1.69 8.36
CA GLY B 54 29.14 -1.67 9.32
C GLY B 54 29.26 -0.35 10.03
N SER B 55 29.02 0.74 9.31
CA SER B 55 29.12 2.09 9.88
C SER B 55 27.74 2.62 10.29
N LEU B 56 26.97 1.77 10.97
CA LEU B 56 25.66 2.14 11.45
C LEU B 56 25.82 3.23 12.51
N ASP B 57 26.93 3.22 13.26
CA ASP B 57 27.28 4.26 14.20
C ASP B 57 27.21 5.65 13.56
N GLU B 58 27.79 5.82 12.36
CA GLU B 58 27.76 7.07 11.62
C GLU B 58 26.32 7.50 11.39
N LYS B 59 25.49 6.60 10.84
CA LYS B 59 24.08 6.90 10.63
C LYS B 59 23.46 7.33 11.96
N MET B 60 23.64 6.51 13.01
CA MET B 60 23.10 6.76 14.34
C MET B 60 23.43 8.18 14.79
N LYS B 61 24.71 8.55 14.79
CA LYS B 61 25.13 9.91 15.16
C LYS B 61 24.48 10.96 14.25
N SER B 62 24.43 10.70 12.94
CA SER B 62 23.80 11.61 11.99
C SER B 62 22.30 11.79 12.23
N LEU B 63 21.65 10.74 12.77
CA LEU B 63 20.22 10.70 13.04
C LEU B 63 19.89 11.28 14.41
N ASP B 64 20.39 10.64 15.47
CA ASP B 64 20.10 10.95 16.86
C ASP B 64 20.84 12.22 17.28
N VAL B 65 20.37 13.38 16.81
CA VAL B 65 21.01 14.68 17.05
C VAL B 65 21.35 14.92 18.53
N ASN B 66 20.47 14.48 19.43
CA ASN B 66 20.62 14.63 20.88
C ASN B 66 21.47 13.52 21.50
N GLN B 67 21.80 12.47 20.75
CA GLN B 67 22.63 11.35 21.18
C GLN B 67 22.15 10.80 22.53
N ASP B 68 20.86 10.49 22.62
CA ASP B 68 20.24 9.84 23.78
C ASP B 68 20.31 8.32 23.63
N SER B 69 20.68 7.81 22.45
CA SER B 69 20.68 6.39 22.11
C SER B 69 19.27 5.82 22.07
N GLU B 70 18.30 6.69 21.76
CA GLU B 70 16.96 6.34 21.36
C GLU B 70 16.64 7.16 20.11
N LEU B 71 16.37 6.52 18.98
CA LEU B 71 15.75 7.17 17.86
C LEU B 71 14.25 7.11 18.13
N LYS B 72 13.67 8.16 18.76
CA LYS B 72 12.22 8.33 18.88
C LYS B 72 11.59 8.24 17.48
N PHE B 73 10.28 8.01 17.39
CA PHE B 73 9.53 7.91 16.13
C PHE B 73 10.03 8.92 15.09
N ASN B 74 9.98 10.22 15.44
CA ASN B 74 10.36 11.29 14.52
C ASN B 74 11.86 11.31 14.22
N GLU B 75 12.70 10.89 15.16
CA GLU B 75 14.15 10.83 14.94
C GLU B 75 14.45 9.69 13.96
N TYR B 76 13.97 8.49 14.27
CA TYR B 76 14.07 7.32 13.40
C TYR B 76 13.60 7.69 12.00
N TRP B 77 12.41 8.31 11.93
CA TRP B 77 11.79 8.74 10.70
C TRP B 77 12.81 9.41 9.76
N ARG B 78 13.76 10.20 10.27
CA ARG B 78 14.85 10.78 9.47
C ARG B 78 15.39 9.80 8.42
N LEU B 79 15.72 8.58 8.84
CA LEU B 79 16.24 7.54 7.96
C LEU B 79 15.40 7.45 6.70
N ILE B 80 14.07 7.47 6.81
CA ILE B 80 13.17 7.27 5.68
C ILE B 80 13.39 8.36 4.64
N GLY B 81 13.90 9.51 5.06
CA GLY B 81 14.21 10.63 4.19
C GLY B 81 15.45 10.33 3.40
N GLU B 82 16.43 9.79 4.10
CA GLU B 82 17.72 9.49 3.54
C GLU B 82 17.50 8.32 2.57
N LEU B 83 16.58 7.41 2.87
CA LEU B 83 16.14 6.36 1.96
C LEU B 83 15.47 6.95 0.72
N ALA B 84 14.38 7.70 0.92
CA ALA B 84 13.57 8.31 -0.13
C ALA B 84 14.41 9.27 -0.99
N LYS B 85 15.47 9.81 -0.42
CA LYS B 85 16.47 10.58 -1.12
C LYS B 85 17.36 9.61 -1.91
N GLU B 86 18.07 8.68 -1.24
CA GLU B 86 18.98 7.72 -1.86
C GLU B 86 18.40 7.06 -3.11
N ILE B 87 17.16 6.56 -3.05
CA ILE B 87 16.56 5.90 -4.21
C ILE B 87 16.62 6.74 -5.51
N ARG B 88 16.54 8.07 -5.38
CA ARG B 88 16.73 9.01 -6.47
C ARG B 88 18.21 9.39 -6.57
N LYS B 89 18.76 9.85 -5.45
CA LYS B 89 20.05 10.51 -5.31
C LYS B 89 21.21 9.61 -5.68
N LYS B 90 21.09 8.27 -5.58
CA LYS B 90 21.93 7.51 -4.67
C LYS B 90 23.34 8.09 -4.52
N LYS B 91 24.19 8.09 -5.55
CA LYS B 91 25.53 8.66 -5.49
C LYS B 91 25.76 9.54 -6.75
N ASP B 92 24.76 10.39 -7.05
CA ASP B 92 24.68 11.39 -8.13
C ASP B 92 25.83 12.40 -7.99
N LEU B 93 27.01 11.93 -8.33
CA LEU B 93 28.29 12.56 -8.11
C LEU B 93 29.33 11.66 -8.79
N LYS B 94 29.30 10.36 -8.49
CA LYS B 94 30.12 9.34 -9.14
C LYS B 94 29.25 8.29 -9.84
N ILE B 95 28.18 7.81 -9.19
CA ILE B 95 27.41 6.65 -9.63
C ILE B 95 25.91 6.91 -9.43
N ARG B 96 25.06 7.07 -10.46
CA ARG B 96 25.27 7.21 -11.90
C ARG B 96 23.92 7.41 -12.63
N MET C 1 16.44 5.69 -16.49
CA MET C 1 15.14 6.05 -17.07
C MET C 1 14.01 5.60 -16.13
N ALA C 2 13.92 4.30 -15.83
CA ALA C 2 12.93 3.77 -14.88
C ALA C 2 13.17 2.29 -14.56
N ALA C 3 13.41 1.98 -13.28
CA ALA C 3 12.95 0.78 -12.56
C ALA C 3 12.70 -0.54 -13.32
N GLU C 4 13.65 -1.49 -13.29
CA GLU C 4 13.38 -2.92 -13.22
C GLU C 4 13.13 -3.29 -11.73
N PRO C 5 12.97 -4.59 -11.34
CA PRO C 5 12.70 -5.05 -9.96
C PRO C 5 13.20 -4.16 -8.82
N LEU C 6 12.30 -4.00 -7.84
CA LEU C 6 12.55 -3.24 -6.62
C LEU C 6 12.08 -4.09 -5.44
N THR C 7 12.26 -3.61 -4.21
CA THR C 7 11.81 -4.38 -3.04
C THR C 7 10.35 -4.06 -2.69
N GLU C 8 9.86 -4.69 -1.63
CA GLU C 8 8.48 -4.52 -1.18
C GLU C 8 8.21 -3.08 -0.72
N LEU C 9 9.16 -2.50 0.02
CA LEU C 9 9.03 -1.14 0.52
C LEU C 9 9.31 -0.09 -0.56
N GLU C 10 9.87 -0.54 -1.67
CA GLU C 10 10.20 0.36 -2.77
C GLU C 10 8.97 0.55 -3.67
N GLU C 11 8.07 -0.44 -3.69
CA GLU C 11 6.82 -0.33 -4.43
C GLU C 11 6.03 0.88 -3.92
N SER C 12 5.84 0.96 -2.61
CA SER C 12 4.95 1.96 -2.00
C SER C 12 5.52 3.37 -2.07
N ILE C 13 6.84 3.56 -2.20
CA ILE C 13 7.40 4.85 -2.59
C ILE C 13 7.21 5.08 -4.10
N GLU C 14 7.28 4.03 -4.94
CA GLU C 14 6.97 4.20 -6.36
C GLU C 14 5.55 4.71 -6.55
N THR C 15 4.53 4.03 -5.99
CA THR C 15 3.13 4.31 -6.30
C THR C 15 2.79 5.81 -6.20
N VAL C 16 3.35 6.49 -5.19
CA VAL C 16 3.16 7.93 -5.03
C VAL C 16 3.96 8.72 -6.06
N VAL C 17 5.17 8.29 -6.41
CA VAL C 17 5.97 8.90 -7.47
C VAL C 17 5.22 8.81 -8.81
N THR C 18 4.58 7.67 -9.06
CA THR C 18 3.77 7.48 -10.29
C THR C 18 2.67 8.56 -10.40
N THR C 19 2.17 9.01 -9.24
CA THR C 19 1.16 10.08 -9.20
C THR C 19 1.84 11.37 -9.64
N PHE C 20 2.95 11.63 -8.97
CA PHE C 20 3.84 12.77 -9.25
C PHE C 20 4.14 12.84 -10.74
N PHE C 21 4.64 11.72 -11.29
CA PHE C 21 5.04 11.59 -12.70
C PHE C 21 3.92 11.86 -13.69
N THR C 22 2.67 11.61 -13.30
CA THR C 22 1.56 11.83 -14.24
C THR C 22 0.80 13.12 -13.96
N PHE C 23 1.36 13.95 -13.11
CA PHE C 23 0.76 15.23 -12.78
C PHE C 23 1.72 16.35 -13.16
N ALA C 24 3.01 16.02 -13.18
CA ALA C 24 4.04 16.99 -13.52
C ALA C 24 4.35 17.01 -15.01
N ARG C 25 3.79 16.07 -15.76
CA ARG C 25 3.98 16.02 -17.22
C ARG C 25 2.96 16.91 -17.95
N GLN C 26 2.29 17.82 -17.21
CA GLN C 26 1.27 18.70 -17.77
C GLN C 26 1.84 19.74 -18.75
N GLU C 27 2.38 20.85 -18.21
CA GLU C 27 3.01 21.90 -19.04
C GLU C 27 4.39 21.39 -19.44
N GLY C 28 5.46 22.08 -19.04
CA GLY C 28 6.76 21.51 -19.32
C GLY C 28 6.96 20.24 -18.50
N ARG C 29 7.89 19.40 -18.94
CA ARG C 29 8.85 18.72 -18.07
C ARG C 29 8.23 17.97 -16.89
N LYS C 30 8.23 16.63 -17.01
CA LYS C 30 7.66 15.72 -16.01
C LYS C 30 8.58 15.56 -14.77
N ASP C 31 9.86 15.86 -14.95
CA ASP C 31 10.83 15.75 -13.87
C ASP C 31 10.72 16.88 -12.82
N SER C 32 9.96 17.96 -13.08
CA SER C 32 9.75 19.04 -12.14
C SER C 32 8.26 19.38 -12.00
N LEU C 33 7.81 19.63 -10.76
CA LEU C 33 6.48 20.18 -10.54
C LEU C 33 6.49 21.64 -10.97
N SER C 34 5.43 22.02 -11.68
CA SER C 34 5.17 23.34 -12.22
C SER C 34 3.84 23.84 -11.58
N VAL C 35 3.54 25.14 -11.62
CA VAL C 35 2.45 25.67 -10.79
C VAL C 35 1.15 25.85 -11.59
N ASN C 36 0.80 24.79 -12.30
CA ASN C 36 -0.53 24.31 -12.56
C ASN C 36 -0.36 22.82 -12.88
N GLU C 37 0.27 22.23 -11.84
CA GLU C 37 0.61 20.82 -11.69
C GLU C 37 0.62 20.58 -10.17
N PHE C 38 1.25 21.54 -9.46
CA PHE C 38 1.30 21.59 -8.01
C PHE C 38 -0.07 21.93 -7.45
N LYS C 39 -0.63 23.08 -7.83
CA LYS C 39 -1.91 23.50 -7.25
C LYS C 39 -2.99 22.47 -7.58
N GLU C 40 -2.94 21.90 -8.78
CA GLU C 40 -3.90 20.87 -9.18
C GLU C 40 -3.70 19.59 -8.35
N LEU C 41 -2.45 19.32 -7.96
CA LEU C 41 -2.12 18.14 -7.15
C LEU C 41 -2.69 18.27 -5.75
N VAL C 42 -2.47 19.43 -5.11
CA VAL C 42 -2.99 19.67 -3.77
C VAL C 42 -4.51 19.72 -3.80
N THR C 43 -5.08 20.39 -4.79
CA THR C 43 -6.54 20.53 -4.89
C THR C 43 -7.28 19.19 -5.13
N GLN C 44 -6.64 18.26 -5.83
CA GLN C 44 -7.30 16.98 -6.14
C GLN C 44 -6.80 15.82 -5.27
N GLN C 45 -5.50 15.62 -5.22
CA GLN C 45 -4.92 14.51 -4.47
C GLN C 45 -4.82 14.77 -2.97
N LEU C 46 -4.50 16.01 -2.57
CA LEU C 46 -4.38 16.33 -1.13
C LEU C 46 -5.36 17.43 -0.70
N PRO C 47 -6.69 17.25 -0.87
CA PRO C 47 -7.67 18.25 -0.47
C PRO C 47 -8.13 18.08 0.98
N HIS C 48 -7.97 16.86 1.49
CA HIS C 48 -8.35 16.54 2.86
C HIS C 48 -7.12 16.44 3.74
N LEU C 49 -6.07 15.80 3.22
CA LEU C 49 -4.82 15.65 3.93
C LEU C 49 -4.19 17.01 4.18
N LEU C 50 -4.05 17.78 3.10
CA LEU C 50 -3.51 19.13 3.19
C LEU C 50 -4.65 20.13 3.16
N LYS C 51 -4.97 20.67 4.33
CA LYS C 51 -6.05 21.64 4.46
C LYS C 51 -5.55 23.06 4.19
N ASP C 52 -4.76 23.21 3.13
CA ASP C 52 -4.21 24.50 2.74
C ASP C 52 -4.09 24.58 1.23
N VAL C 53 -5.21 24.35 0.53
CA VAL C 53 -5.23 24.39 -0.92
C VAL C 53 -5.26 25.83 -1.45
N GLY C 54 -5.65 26.76 -0.59
CA GLY C 54 -5.71 28.16 -0.99
C GLY C 54 -4.44 28.90 -0.63
N SER C 55 -3.64 28.29 0.25
CA SER C 55 -2.39 28.88 0.69
C SER C 55 -1.19 28.05 0.22
N LEU C 56 -1.35 27.41 -0.95
CA LEU C 56 -0.29 26.62 -1.55
C LEU C 56 0.95 27.48 -1.73
N ASP C 57 0.78 28.67 -2.28
CA ASP C 57 1.80 29.64 -2.62
C ASP C 57 2.86 29.79 -1.50
N GLU C 58 2.36 29.80 -0.26
CA GLU C 58 3.19 29.89 0.94
C GLU C 58 4.08 28.65 1.04
N LYS C 59 3.48 27.47 0.82
CA LYS C 59 4.20 26.20 0.85
C LYS C 59 5.20 26.15 -0.30
N MET C 60 4.74 26.51 -1.50
CA MET C 60 5.58 26.60 -2.68
C MET C 60 6.84 27.41 -2.37
N LYS C 61 6.68 28.63 -1.85
CA LYS C 61 7.82 29.46 -1.51
C LYS C 61 8.74 28.74 -0.51
N SER C 62 8.15 28.10 0.51
CA SER C 62 8.90 27.34 1.50
C SER C 62 9.64 26.15 0.89
N LEU C 63 9.02 25.49 -0.09
CA LEU C 63 9.55 24.31 -0.76
C LEU C 63 10.73 24.72 -1.66
N ASP C 64 10.46 25.64 -2.60
CA ASP C 64 11.25 25.92 -3.79
C ASP C 64 12.71 26.30 -3.57
N VAL C 65 13.11 26.62 -2.34
CA VAL C 65 13.87 27.77 -1.85
C VAL C 65 14.98 28.37 -2.73
N ASN C 66 15.54 27.64 -3.69
CA ASN C 66 16.32 28.29 -4.75
C ASN C 66 15.45 29.30 -5.50
N GLN C 67 14.13 29.09 -5.49
CA GLN C 67 13.12 30.00 -6.02
C GLN C 67 13.20 30.11 -7.55
N ASP C 68 13.83 29.14 -8.19
CA ASP C 68 13.75 28.98 -9.65
C ASP C 68 12.30 28.73 -10.09
N SER C 69 11.43 28.33 -9.15
CA SER C 69 10.03 28.03 -9.39
C SER C 69 9.82 26.76 -10.24
N GLU C 70 10.89 25.99 -10.46
CA GLU C 70 10.76 24.57 -10.72
C GLU C 70 10.81 23.91 -9.36
N LEU C 71 9.70 23.33 -8.92
CA LEU C 71 9.68 22.54 -7.69
C LEU C 71 10.42 21.24 -8.05
N LYS C 72 11.67 21.16 -7.62
CA LYS C 72 12.67 20.29 -8.21
C LYS C 72 12.51 18.87 -7.65
N PHE C 73 13.26 17.92 -8.21
CA PHE C 73 13.17 16.49 -7.90
C PHE C 73 13.96 16.27 -6.61
N ASN C 74 13.32 16.71 -5.53
CA ASN C 74 13.71 16.88 -4.12
C ASN C 74 14.10 18.35 -3.90
N GLU C 75 13.27 19.30 -4.34
CA GLU C 75 12.54 20.18 -3.45
C GLU C 75 11.18 19.54 -3.13
N TYR C 76 10.40 19.30 -4.19
CA TYR C 76 9.00 18.86 -4.16
C TYR C 76 8.75 17.84 -3.07
N TRP C 77 9.57 16.79 -3.08
CA TRP C 77 9.44 15.62 -2.25
C TRP C 77 9.07 15.96 -0.81
N ARG C 78 9.67 17.03 -0.27
CA ARG C 78 9.37 17.55 1.06
C ARG C 78 7.87 17.51 1.37
N LEU C 79 7.03 17.91 0.41
CA LEU C 79 5.58 17.93 0.56
C LEU C 79 5.05 16.61 1.12
N ILE C 80 5.45 15.49 0.52
CA ILE C 80 5.03 14.16 0.92
C ILE C 80 5.43 13.95 2.39
N GLY C 81 6.52 14.59 2.81
CA GLY C 81 7.06 14.62 4.15
C GLY C 81 6.16 15.33 5.12
N GLU C 82 5.69 16.47 4.66
CA GLU C 82 4.86 17.32 5.46
C GLU C 82 3.54 16.59 5.64
N LEU C 83 2.92 16.05 4.58
CA LEU C 83 1.76 15.17 4.81
C LEU C 83 2.11 14.00 5.73
N ALA C 84 3.25 13.33 5.50
CA ALA C 84 3.65 12.19 6.31
C ALA C 84 3.67 12.54 7.79
N LYS C 85 4.32 13.64 8.19
CA LYS C 85 4.27 14.04 9.59
C LYS C 85 2.88 14.55 9.96
N GLU C 86 2.18 15.32 9.11
CA GLU C 86 0.89 15.96 9.39
C GLU C 86 -0.07 14.99 10.09
N ILE C 87 -0.17 13.75 9.59
CA ILE C 87 -1.05 12.74 10.19
C ILE C 87 -0.81 12.62 11.70
N ARG C 88 0.46 12.68 12.12
CA ARG C 88 0.90 12.75 13.50
C ARG C 88 0.85 14.19 14.05
N LYS C 89 1.19 15.18 13.22
CA LYS C 89 1.57 16.52 13.64
C LYS C 89 0.59 17.57 13.11
N LYS C 90 -0.55 17.69 13.79
CA LYS C 90 -1.67 18.59 13.51
C LYS C 90 -1.20 19.98 13.02
N LYS C 91 -0.33 20.69 13.75
CA LYS C 91 0.16 22.01 13.32
C LYS C 91 1.54 22.37 13.91
N ASP C 92 2.10 21.51 14.75
CA ASP C 92 2.92 21.92 15.87
C ASP C 92 4.40 21.97 15.48
N LEU C 93 4.71 22.60 14.34
CA LEU C 93 6.07 22.68 13.82
C LEU C 93 6.79 23.95 14.28
N ILE C 95 9.29 26.39 14.12
CA ILE C 95 10.65 26.67 13.67
C ILE C 95 10.83 28.04 12.98
N ARG C 96 12.05 28.58 13.11
CA ARG C 96 12.53 29.81 12.51
C ARG C 96 14.04 29.79 12.69
N LYS C 97 14.83 29.97 11.63
CA LYS C 97 16.24 29.61 11.60
C LYS C 97 16.79 30.10 10.26
N LYS C 98 17.85 30.90 10.28
CA LYS C 98 18.66 31.22 9.11
C LYS C 98 19.94 30.39 9.22
N TYR D 1 -20.04 -8.51 -38.86
CA TYR D 1 -21.30 -7.74 -38.71
C TYR D 1 -21.03 -6.38 -38.06
N LYS D 2 -20.31 -5.52 -38.77
CA LYS D 2 -19.96 -4.20 -38.26
C LYS D 2 -21.22 -3.49 -37.75
N LYS D 3 -21.32 -3.35 -36.44
CA LYS D 3 -22.47 -2.71 -35.81
C LYS D 3 -22.07 -2.22 -34.42
N PRO D 4 -23.05 -1.71 -33.61
CA PRO D 4 -22.83 -1.21 -32.26
C PRO D 4 -21.54 -1.70 -31.61
N LYS D 5 -20.55 -0.82 -31.53
CA LYS D 5 -19.27 -1.14 -30.93
C LYS D 5 -19.26 -0.67 -29.48
N LEU D 6 -19.37 -1.61 -28.55
CA LEU D 6 -19.36 -1.28 -27.12
C LEU D 6 -17.93 -1.14 -26.63
N LEU D 7 -17.67 -0.09 -25.84
CA LEU D 7 -16.34 0.16 -25.30
C LEU D 7 -16.44 0.73 -23.88
N TYR D 8 -15.58 0.24 -23.00
CA TYR D 8 -15.54 0.70 -21.62
C TYR D 8 -14.18 0.37 -21.00
N CYS D 9 -13.93 0.86 -19.78
CA CYS D 9 -12.66 0.59 -19.12
C CYS D 9 -12.84 0.52 -17.60
N SER D 10 -11.81 -0.01 -16.92
CA SER D 10 -11.81 -0.16 -15.48
C SER D 10 -12.68 -1.34 -15.08
N ASN D 11 -12.07 -2.32 -14.42
CA ASN D 11 -12.79 -3.52 -13.99
C ASN D 11 -14.08 -3.12 -13.26
N GLY D 12 -15.20 -3.66 -13.72
CA GLY D 12 -16.47 -3.37 -13.10
C GLY D 12 -17.55 -3.07 -14.13
N GLY D 13 -18.73 -3.60 -13.91
CA GLY D 13 -19.83 -3.38 -14.82
C GLY D 13 -20.11 -1.91 -15.05
N HIS D 14 -19.70 -1.41 -16.22
CA HIS D 14 -19.90 -0.01 -16.60
C HIS D 14 -19.66 0.16 -18.09
N PHE D 15 -20.67 0.64 -18.82
CA PHE D 15 -20.56 0.83 -20.26
C PHE D 15 -20.71 2.30 -20.63
N LEU D 16 -20.06 2.72 -21.71
CA LEU D 16 -20.14 4.10 -22.15
C LEU D 16 -21.50 4.38 -22.79
N ARG D 17 -22.40 5.01 -22.05
CA ARG D 17 -23.72 5.32 -22.56
C ARG D 17 -23.75 6.74 -23.09
N ILE D 18 -23.81 6.86 -24.41
CA ILE D 18 -23.81 8.16 -25.07
C ILE D 18 -25.23 8.69 -25.24
N LEU D 19 -25.38 10.00 -25.07
CA LEU D 19 -26.67 10.65 -25.23
C LEU D 19 -26.53 11.86 -26.15
N PRO D 20 -27.51 12.10 -27.04
CA PRO D 20 -27.50 13.22 -27.98
C PRO D 20 -27.09 14.54 -27.30
N ASP D 21 -27.42 14.67 -26.02
CA ASP D 21 -27.09 15.85 -25.24
C ASP D 21 -25.57 16.07 -25.21
N GLY D 22 -24.83 14.99 -25.02
CA GLY D 22 -23.39 15.08 -24.96
C GLY D 22 -22.83 14.48 -23.68
N THR D 23 -23.58 14.58 -22.59
CA THR D 23 -23.14 14.06 -21.30
C THR D 23 -23.18 12.53 -21.30
N VAL D 24 -22.11 11.92 -21.77
CA VAL D 24 -21.98 10.47 -21.82
C VAL D 24 -21.42 9.97 -20.49
N ASP D 25 -22.05 8.94 -19.92
CA ASP D 25 -21.60 8.37 -18.64
C ASP D 25 -21.39 6.86 -18.77
N GLY D 26 -20.72 6.29 -17.78
CA GLY D 26 -20.44 4.87 -17.77
C GLY D 26 -21.59 4.06 -17.19
N THR D 27 -22.72 4.07 -17.89
CA THR D 27 -23.90 3.34 -17.45
C THR D 27 -23.67 1.84 -17.54
N ARG D 28 -23.95 1.12 -16.46
CA ARG D 28 -23.77 -0.33 -16.45
C ARG D 28 -25.08 -1.02 -16.81
N ASP D 29 -25.50 -0.85 -18.06
CA ASP D 29 -26.74 -1.45 -18.55
C ASP D 29 -26.63 -1.77 -20.04
N ARG D 30 -27.37 -2.77 -20.47
CA ARG D 30 -27.38 -3.17 -21.87
C ARG D 30 -28.82 -3.40 -22.36
N SER D 31 -29.77 -2.78 -21.67
CA SER D 31 -31.18 -2.90 -22.00
C SER D 31 -31.59 -1.80 -22.96
N ASP D 32 -31.12 -0.59 -22.70
CA ASP D 32 -31.43 0.56 -23.55
C ASP D 32 -30.31 0.78 -24.57
N GLN D 33 -30.67 0.84 -25.85
CA GLN D 33 -29.69 1.05 -26.91
C GLN D 33 -29.09 2.45 -26.86
N HIS D 34 -28.17 2.66 -25.92
CA HIS D 34 -27.50 3.94 -25.79
C HIS D 34 -26.04 3.78 -25.35
N ILE D 35 -25.51 2.56 -25.48
CA ILE D 35 -24.13 2.27 -25.09
C ILE D 35 -23.38 1.63 -26.26
N GLN D 36 -23.57 2.17 -27.46
CA GLN D 36 -22.93 1.66 -28.66
C GLN D 36 -22.47 2.80 -29.56
N LEU D 37 -21.24 2.69 -30.03
CA LEU D 37 -20.66 3.69 -30.92
C LEU D 37 -20.09 3.00 -32.16
N GLN D 38 -20.01 3.73 -33.27
CA GLN D 38 -19.49 3.17 -34.50
C GLN D 38 -17.98 3.38 -34.58
N LEU D 39 -17.25 2.62 -33.77
CA LEU D 39 -15.79 2.69 -33.74
C LEU D 39 -15.21 1.99 -34.98
N SER D 40 -14.35 2.71 -35.69
CA SER D 40 -13.72 2.16 -36.90
C SER D 40 -12.45 2.94 -37.24
N ALA D 41 -11.54 2.29 -37.96
CA ALA D 41 -10.30 2.91 -38.38
C ALA D 41 -10.53 3.70 -39.65
N GLU D 42 -10.62 5.02 -39.52
CA GLU D 42 -10.86 5.88 -40.68
C GLU D 42 -9.61 5.96 -41.55
N SER D 43 -8.50 6.32 -40.94
CA SER D 43 -7.23 6.43 -41.65
C SER D 43 -6.24 5.41 -41.08
N VAL D 44 -5.06 5.31 -41.70
CA VAL D 44 -4.03 4.38 -41.23
C VAL D 44 -3.72 4.58 -39.75
N GLY D 45 -4.40 3.81 -38.91
CA GLY D 45 -4.19 3.90 -37.48
C GLY D 45 -5.12 4.90 -36.80
N GLU D 46 -5.76 5.77 -37.59
CA GLU D 46 -6.66 6.77 -37.04
C GLU D 46 -8.08 6.22 -36.91
N VAL D 47 -8.51 5.98 -35.67
CA VAL D 47 -9.84 5.46 -35.41
C VAL D 47 -10.75 6.57 -34.90
N TYR D 48 -12.00 6.54 -35.32
CA TYR D 48 -12.98 7.54 -34.90
C TYR D 48 -14.08 6.93 -34.05
N ILE D 49 -14.60 7.71 -33.12
CA ILE D 49 -15.67 7.27 -32.24
C ILE D 49 -16.93 8.08 -32.53
N LYS D 50 -17.86 7.46 -33.24
CA LYS D 50 -19.10 8.12 -33.61
C LYS D 50 -20.30 7.24 -33.28
N SER D 51 -21.11 7.66 -32.33
CA SER D 51 -22.30 6.93 -31.93
C SER D 51 -23.45 7.24 -32.89
N THR D 52 -23.23 6.94 -34.16
CA THR D 52 -24.21 7.21 -35.20
C THR D 52 -25.58 6.61 -34.90
N GLU D 53 -25.68 5.30 -34.95
CA GLU D 53 -26.94 4.60 -34.72
C GLU D 53 -27.23 4.42 -33.23
N THR D 54 -27.25 5.53 -32.48
CA THR D 54 -27.54 5.47 -31.04
C THR D 54 -27.38 6.82 -30.35
N GLY D 55 -26.36 7.59 -30.70
CA GLY D 55 -26.16 8.86 -30.05
C GLY D 55 -25.68 9.96 -30.98
N GLN D 56 -24.44 10.38 -30.78
CA GLN D 56 -23.84 11.46 -31.54
C GLN D 56 -22.36 11.22 -31.82
N TYR D 57 -21.73 12.20 -32.47
CA TYR D 57 -20.31 12.12 -32.79
C TYR D 57 -19.50 12.76 -31.66
N LEU D 58 -18.33 12.21 -31.38
CA LEU D 58 -17.49 12.74 -30.30
C LEU D 58 -16.68 13.95 -30.76
N ALA D 59 -16.32 14.79 -29.80
CA ALA D 59 -15.55 16.00 -30.05
C ALA D 59 -14.90 16.45 -28.75
N MET D 60 -13.75 15.87 -28.45
CA MET D 60 -13.01 16.17 -27.22
C MET D 60 -12.79 17.67 -27.05
N ASP D 61 -12.86 18.12 -25.80
CA ASP D 61 -12.64 19.52 -25.47
C ASP D 61 -11.18 19.71 -25.11
N THR D 62 -10.35 19.86 -26.12
CA THR D 62 -8.91 20.04 -25.92
C THR D 62 -8.33 18.82 -25.19
N ASP D 63 -8.89 17.64 -25.49
CA ASP D 63 -8.48 16.38 -24.85
C ASP D 63 -8.88 16.38 -23.36
N GLY D 64 -8.49 17.44 -22.65
CA GLY D 64 -8.80 17.57 -21.23
C GLY D 64 -10.15 16.96 -20.88
N LEU D 65 -11.21 17.42 -21.54
CA LEU D 65 -12.55 16.92 -21.30
C LEU D 65 -13.07 16.23 -22.55
N LEU D 66 -13.63 15.05 -22.39
CA LEU D 66 -14.15 14.30 -23.52
C LEU D 66 -15.66 14.49 -23.64
N TYR D 67 -16.12 14.87 -24.83
CA TYR D 67 -17.54 15.09 -25.08
C TYR D 67 -17.85 14.87 -26.56
N GLY D 68 -19.12 14.97 -26.91
CA GLY D 68 -19.52 14.79 -28.30
C GLY D 68 -21.00 15.03 -28.48
N SER D 69 -21.38 15.61 -29.63
CA SER D 69 -22.79 15.89 -29.91
C SER D 69 -22.92 16.73 -31.18
N GLN D 70 -22.39 17.95 -31.13
CA GLN D 70 -22.50 18.88 -32.26
C GLN D 70 -21.82 18.35 -33.52
N THR D 71 -20.49 18.32 -33.54
CA THR D 71 -19.76 17.87 -34.72
C THR D 71 -18.51 17.04 -34.36
N PRO D 72 -18.16 16.06 -35.21
CA PRO D 72 -16.98 15.22 -34.99
C PRO D 72 -15.70 15.95 -35.37
N ASN D 73 -15.32 16.93 -34.55
CA ASN D 73 -14.12 17.71 -34.80
C ASN D 73 -12.87 16.85 -34.74
N GLU D 74 -11.80 17.31 -35.39
CA GLU D 74 -10.52 16.55 -35.41
C GLU D 74 -10.18 16.01 -34.03
N GLU D 75 -10.57 16.73 -32.98
CA GLU D 75 -10.35 16.28 -31.61
C GLU D 75 -10.78 14.82 -31.44
N CYS D 76 -11.71 14.36 -32.27
CA CYS D 76 -12.23 13.00 -32.19
C CYS D 76 -11.36 11.98 -32.95
N LEU D 77 -10.23 12.40 -33.52
CA LEU D 77 -9.36 11.47 -34.22
C LEU D 77 -8.33 10.89 -33.26
N PHE D 78 -8.35 9.56 -33.10
CA PHE D 78 -7.43 8.88 -32.20
C PHE D 78 -6.67 7.75 -32.89
N LEU D 79 -5.42 7.56 -32.47
CA LEU D 79 -4.59 6.50 -33.03
C LEU D 79 -4.90 5.18 -32.33
N GLU D 80 -5.24 4.16 -33.11
CA GLU D 80 -5.57 2.85 -32.56
C GLU D 80 -4.32 2.11 -32.09
N ARG D 81 -4.25 1.86 -30.79
CA ARG D 81 -3.12 1.15 -30.18
C ARG D 81 -3.64 0.01 -29.30
N LEU D 82 -2.86 -1.06 -29.18
CA LEU D 82 -3.26 -2.20 -28.38
C LEU D 82 -2.22 -2.48 -27.30
N GLU D 83 -2.69 -2.84 -26.11
CA GLU D 83 -1.79 -3.15 -24.99
C GLU D 83 -1.88 -4.63 -24.65
N GLU D 84 -0.76 -5.24 -24.31
CA GLU D 84 -0.72 -6.66 -23.95
C GLU D 84 -1.34 -6.87 -22.57
N ASN D 85 -2.56 -6.38 -22.39
CA ASN D 85 -3.27 -6.49 -21.12
C ASN D 85 -4.77 -6.69 -21.39
N HIS D 86 -5.09 -7.16 -22.60
CA HIS D 86 -6.49 -7.38 -23.00
C HIS D 86 -7.27 -6.08 -22.97
N TYR D 87 -6.65 -5.01 -23.50
CA TYR D 87 -7.29 -3.69 -23.54
C TYR D 87 -6.84 -2.91 -24.77
N ASN D 88 -7.70 -2.00 -25.20
CA ASN D 88 -7.43 -1.16 -26.37
C ASN D 88 -6.98 0.23 -25.93
N THR D 89 -6.10 0.83 -26.72
CA THR D 89 -5.59 2.17 -26.42
C THR D 89 -5.82 3.07 -27.63
N TYR D 90 -6.27 4.30 -27.37
CA TYR D 90 -6.52 5.26 -28.44
C TYR D 90 -5.82 6.57 -28.12
N ILE D 91 -4.86 6.95 -28.95
CA ILE D 91 -4.11 8.18 -28.74
C ILE D 91 -4.72 9.35 -29.50
N SER D 92 -5.19 10.35 -28.77
CA SER D 92 -5.77 11.54 -29.38
C SER D 92 -4.67 12.34 -30.09
N LYS D 93 -4.32 11.91 -31.30
CA LYS D 93 -3.27 12.56 -32.08
C LYS D 93 -3.43 14.09 -32.03
N LYS D 94 -4.67 14.56 -31.99
CA LYS D 94 -4.95 15.98 -31.92
C LYS D 94 -4.19 16.62 -30.76
N HIS D 95 -3.93 15.85 -29.71
CA HIS D 95 -3.20 16.34 -28.53
C HIS D 95 -2.02 15.44 -28.18
N ALA D 96 -1.68 14.50 -29.06
CA ALA D 96 -0.58 13.58 -28.84
C ALA D 96 0.68 14.37 -28.48
N GLU D 97 0.79 15.57 -29.04
CA GLU D 97 1.93 16.45 -28.79
C GLU D 97 2.20 16.59 -27.28
N LYS D 98 1.14 16.58 -26.47
CA LYS D 98 1.28 16.72 -25.02
C LYS D 98 1.21 15.36 -24.32
N ASN D 99 1.38 14.28 -25.10
CA ASN D 99 1.32 12.91 -24.58
C ASN D 99 -0.03 12.64 -23.94
N TRP D 100 -1.09 13.09 -24.61
CA TRP D 100 -2.45 12.92 -24.13
C TRP D 100 -3.24 11.92 -24.97
N PHE D 101 -3.78 10.89 -24.31
CA PHE D 101 -4.57 9.89 -25.00
C PHE D 101 -5.85 9.57 -24.20
N VAL D 102 -7.01 9.83 -24.86
CA VAL D 102 -8.36 9.65 -24.31
C VAL D 102 -8.44 8.75 -23.08
N GLY D 103 -8.96 9.31 -22.00
CA GLY D 103 -9.13 8.58 -20.76
C GLY D 103 -10.45 8.95 -20.08
N LEU D 104 -11.21 7.94 -19.66
CA LEU D 104 -12.50 8.19 -19.01
C LEU D 104 -12.55 7.64 -17.60
N LYS D 105 -13.49 8.15 -16.82
CA LYS D 105 -13.68 7.72 -15.44
C LYS D 105 -14.89 6.79 -15.34
N LYS D 106 -14.62 5.50 -15.19
CA LYS D 106 -15.67 4.48 -15.09
C LYS D 106 -16.84 4.94 -14.22
N ASN D 107 -16.52 5.54 -13.08
CA ASN D 107 -17.53 6.03 -12.16
C ASN D 107 -17.58 7.56 -12.14
N GLY D 108 -17.38 8.17 -13.29
CA GLY D 108 -17.41 9.62 -13.37
C GLY D 108 -17.86 10.13 -14.73
N SER D 109 -17.21 9.64 -15.78
CA SER D 109 -17.49 10.01 -17.17
C SER D 109 -16.17 10.19 -17.92
N CYS D 110 -16.23 10.43 -19.21
CA CYS D 110 -15.04 10.60 -20.02
C CYS D 110 -14.54 12.05 -19.96
N LYS D 111 -13.50 12.28 -19.16
CA LYS D 111 -12.93 13.62 -19.01
C LYS D 111 -11.74 13.59 -18.04
N ARG D 112 -10.59 13.12 -18.52
CA ARG D 112 -9.38 13.03 -17.70
C ARG D 112 -8.14 13.32 -18.52
N GLY D 113 -8.30 14.18 -19.53
CA GLY D 113 -7.22 14.55 -20.42
C GLY D 113 -5.95 15.06 -19.73
N PRO D 114 -6.04 15.92 -18.68
CA PRO D 114 -4.84 16.44 -18.00
C PRO D 114 -4.10 15.35 -17.19
N ARG D 115 -4.59 14.12 -17.25
CA ARG D 115 -3.98 13.00 -16.54
C ARG D 115 -3.89 11.76 -17.43
N THR D 116 -3.98 11.95 -18.74
CA THR D 116 -3.93 10.84 -19.68
C THR D 116 -2.49 10.45 -20.03
N HIS D 117 -1.85 9.71 -19.14
CA HIS D 117 -0.47 9.25 -19.35
C HIS D 117 -0.30 7.88 -18.70
N TYR D 118 0.91 7.55 -18.27
CA TYR D 118 1.15 6.25 -17.65
C TYR D 118 0.86 6.30 -16.14
N GLY D 119 -0.39 6.64 -15.81
CA GLY D 119 -0.82 6.71 -14.43
C GLY D 119 -2.23 6.19 -14.30
N GLN D 120 -3.15 6.84 -14.98
CA GLN D 120 -4.55 6.43 -14.98
C GLN D 120 -4.70 5.25 -15.92
N LYS D 121 -5.04 4.09 -15.36
CA LYS D 121 -5.17 2.86 -16.14
C LYS D 121 -6.44 2.86 -16.99
N ALA D 122 -7.38 3.73 -16.63
CA ALA D 122 -8.65 3.86 -17.34
C ALA D 122 -8.45 4.05 -18.86
N ILE D 123 -7.23 4.42 -19.25
CA ILE D 123 -6.91 4.60 -20.65
C ILE D 123 -6.98 3.27 -21.43
N LEU D 124 -6.80 2.16 -20.70
CA LEU D 124 -6.86 0.84 -21.31
C LEU D 124 -8.30 0.36 -21.39
N PHE D 125 -8.95 0.71 -22.48
CA PHE D 125 -10.36 0.36 -22.67
C PHE D 125 -10.54 -1.09 -23.12
N LEU D 126 -11.65 -1.69 -22.70
CA LEU D 126 -11.98 -3.05 -23.06
C LEU D 126 -13.16 -3.05 -24.03
N PRO D 127 -12.90 -3.34 -25.31
CA PRO D 127 -13.93 -3.33 -26.35
C PRO D 127 -14.68 -4.67 -26.48
N LEU D 128 -15.98 -4.57 -26.73
CA LEU D 128 -16.83 -5.74 -26.91
C LEU D 128 -17.68 -5.58 -28.18
N PRO D 129 -17.06 -5.19 -29.30
CA PRO D 129 -17.76 -4.97 -30.56
C PRO D 129 -18.03 -6.26 -31.34
N VAL D 130 -19.08 -6.24 -32.15
CA VAL D 130 -19.44 -7.39 -32.96
C VAL D 130 -18.57 -7.44 -34.22
N SER D 131 -17.42 -8.08 -34.09
CA SER D 131 -16.47 -8.21 -35.20
C SER D 131 -17.03 -9.11 -36.30
N SER D 132 -16.27 -9.26 -37.38
CA SER D 132 -16.67 -10.11 -38.50
C SER D 132 -15.76 -11.34 -38.55
N ASP D 133 -15.87 -12.17 -37.53
CA ASP D 133 -15.08 -13.39 -37.42
C ASP D 133 -15.84 -14.58 -37.98
N TYR A 1 -17.30 -30.58 26.75
CA TYR A 1 -16.45 -31.76 26.46
C TYR A 1 -14.98 -31.35 26.41
N LYS A 2 -14.44 -30.93 27.56
CA LYS A 2 -13.04 -30.50 27.63
C LYS A 2 -12.13 -31.56 27.01
N LYS A 3 -11.58 -31.23 25.84
CA LYS A 3 -10.69 -32.13 25.13
C LYS A 3 -9.81 -31.33 24.17
N PRO A 4 -9.00 -32.01 23.31
CA PRO A 4 -8.12 -31.40 22.34
C PRO A 4 -8.47 -29.95 22.01
N LYS A 5 -7.67 -29.02 22.54
CA LYS A 5 -7.87 -27.61 22.30
C LYS A 5 -6.96 -27.14 21.16
N LEU A 6 -7.55 -26.90 19.99
CA LEU A 6 -6.79 -26.45 18.84
C LEU A 6 -6.59 -24.94 18.89
N LEU A 7 -5.38 -24.50 18.61
CA LEU A 7 -5.04 -23.07 18.64
C LEU A 7 -4.05 -22.73 17.53
N TYR A 8 -4.29 -21.61 16.85
CA TYR A 8 -3.41 -21.15 15.78
C TYR A 8 -3.61 -19.65 15.55
N CYS A 9 -2.79 -19.05 14.72
CA CYS A 9 -2.91 -17.62 14.43
C CYS A 9 -2.49 -17.29 13.01
N SER A 10 -2.83 -16.07 12.56
CA SER A 10 -2.52 -15.60 11.22
C SER A 10 -3.46 -16.25 10.22
N ASN A 11 -4.21 -15.42 9.50
CA ASN A 11 -5.16 -15.91 8.51
C ASN A 11 -4.47 -16.90 7.57
N GLY A 12 -5.05 -18.08 7.45
CA GLY A 12 -4.49 -19.11 6.59
C GLY A 12 -4.46 -20.45 7.26
N GLY A 13 -4.82 -21.50 6.51
CA GLY A 13 -4.83 -22.83 7.05
C GLY A 13 -3.49 -23.23 7.64
N HIS A 14 -3.42 -23.24 8.97
CA HIS A 14 -2.20 -23.62 9.69
C HIS A 14 -2.53 -23.89 11.15
N PHE A 15 -2.24 -25.08 11.63
CA PHE A 15 -2.53 -25.46 13.02
C PHE A 15 -1.24 -25.79 13.77
N LEU A 16 -1.23 -25.54 15.07
CA LEU A 16 -0.07 -25.81 15.89
C LEU A 16 0.09 -27.31 16.12
N ARG A 17 0.98 -27.95 15.37
CA ARG A 17 1.20 -29.38 15.51
C ARG A 17 2.38 -29.64 16.43
N ILE A 18 2.08 -30.12 17.63
CA ILE A 18 3.10 -30.40 18.63
C ILE A 18 3.63 -31.81 18.50
N LEU A 19 4.94 -31.97 18.73
CA LEU A 19 5.59 -33.25 18.67
C LEU A 19 6.44 -33.47 19.92
N PRO A 20 6.44 -34.71 20.47
CA PRO A 20 7.21 -35.03 21.68
C PRO A 20 8.63 -34.49 21.63
N ASP A 21 9.18 -34.39 20.43
CA ASP A 21 10.53 -33.87 20.22
C ASP A 21 10.65 -32.44 20.74
N GLY A 22 9.64 -31.63 20.46
CA GLY A 22 9.64 -30.25 20.90
C GLY A 22 9.46 -29.28 19.74
N THR A 23 9.94 -29.64 18.56
CA THR A 23 9.82 -28.80 17.39
C THR A 23 8.39 -28.76 16.88
N VAL A 24 7.58 -27.88 17.45
CA VAL A 24 6.20 -27.71 17.05
C VAL A 24 6.10 -26.72 15.88
N ASP A 25 5.36 -27.10 14.84
CA ASP A 25 5.19 -26.24 13.68
C ASP A 25 3.72 -26.02 13.36
N GLY A 26 3.44 -25.03 12.50
CA GLY A 26 2.08 -24.71 12.14
C GLY A 26 1.57 -25.57 11.00
N THR A 27 1.44 -26.87 11.25
CA THR A 27 0.97 -27.82 10.25
C THR A 27 -0.50 -27.57 9.92
N ARG A 28 -0.81 -27.45 8.64
CA ARG A 28 -2.19 -27.21 8.23
C ARG A 28 -2.87 -28.55 7.91
N ASP A 29 -3.07 -29.35 8.94
CA ASP A 29 -3.72 -30.65 8.79
C ASP A 29 -4.50 -31.01 10.05
N ARG A 30 -5.54 -31.81 9.88
CA ARG A 30 -6.36 -32.26 10.99
C ARG A 30 -6.64 -33.77 10.89
N SER A 31 -5.77 -34.47 10.17
CA SER A 31 -5.89 -35.91 9.98
C SER A 31 -5.14 -36.65 11.07
N ASP A 32 -3.93 -36.17 11.37
CA ASP A 32 -3.10 -36.79 12.41
C ASP A 32 -3.28 -36.07 13.74
N GLN A 33 -3.61 -36.83 14.78
CA GLN A 33 -3.83 -36.25 16.10
C GLN A 33 -2.53 -35.72 16.71
N HIS A 34 -2.08 -34.56 16.22
CA HIS A 34 -0.88 -33.94 16.74
C HIS A 34 -0.99 -32.41 16.76
N ILE A 35 -2.22 -31.90 16.65
CA ILE A 35 -2.46 -30.46 16.66
C ILE A 35 -3.49 -30.09 17.72
N GLN A 36 -3.34 -30.69 18.91
CA GLN A 36 -4.25 -30.45 20.01
C GLN A 36 -3.50 -30.35 21.33
N LEU A 37 -3.82 -29.33 22.10
CA LEU A 37 -3.21 -29.12 23.41
C LEU A 37 -4.29 -28.95 24.47
N GLN A 38 -3.96 -29.27 25.71
CA GLN A 38 -4.92 -29.15 26.80
C GLN A 38 -4.84 -27.76 27.42
N LEU A 39 -5.35 -26.76 26.69
CA LEU A 39 -5.37 -25.39 27.15
C LEU A 39 -6.46 -25.21 28.22
N SER A 40 -6.07 -24.65 29.35
CA SER A 40 -7.01 -24.43 30.45
C SER A 40 -6.47 -23.36 31.41
N ALA A 41 -7.38 -22.72 32.14
CA ALA A 41 -7.00 -21.70 33.11
C ALA A 41 -6.64 -22.36 34.43
N GLU A 42 -5.36 -22.46 34.71
CA GLU A 42 -4.88 -23.10 35.93
C GLU A 42 -5.18 -22.21 37.13
N SER A 43 -4.72 -20.97 37.07
CA SER A 43 -4.93 -20.00 38.13
C SER A 43 -5.77 -18.84 37.62
N VAL A 44 -6.13 -17.92 38.51
CA VAL A 44 -6.94 -16.76 38.13
C VAL A 44 -6.30 -15.99 36.97
N GLY A 45 -6.72 -16.34 35.75
CA GLY A 45 -6.19 -15.68 34.57
C GLY A 45 -4.98 -16.38 34.00
N GLU A 46 -4.35 -17.27 34.77
CA GLU A 46 -3.17 -17.99 34.33
C GLU A 46 -3.56 -19.26 33.57
N VAL A 47 -3.36 -19.27 32.26
CA VAL A 47 -3.68 -20.42 31.44
C VAL A 47 -2.40 -21.15 31.05
N TYR A 48 -2.48 -22.48 31.00
CA TYR A 48 -1.33 -23.30 30.65
C TYR A 48 -1.58 -24.04 29.34
N ILE A 49 -0.50 -24.27 28.60
CA ILE A 49 -0.56 -24.97 27.34
C ILE A 49 0.19 -26.30 27.46
N LYS A 50 -0.57 -27.38 27.59
CA LYS A 50 0.02 -28.70 27.72
C LYS A 50 -0.63 -29.70 26.77
N SER A 51 0.14 -30.17 25.80
CA SER A 51 -0.36 -31.13 24.83
C SER A 51 -0.28 -32.55 25.42
N THR A 52 -0.99 -32.73 26.52
CA THR A 52 -1.00 -34.01 27.23
C THR A 52 -1.37 -35.18 26.33
N GLU A 53 -2.64 -35.23 25.92
CA GLU A 53 -3.12 -36.32 25.09
C GLU A 53 -2.81 -36.11 23.61
N THR A 54 -1.53 -35.93 23.28
CA THR A 54 -1.10 -35.73 21.90
C THR A 54 0.39 -35.42 21.76
N GLY A 55 0.94 -34.60 22.65
CA GLY A 55 2.34 -34.25 22.54
C GLY A 55 3.05 -34.15 23.88
N GLN A 56 3.42 -32.92 24.24
CA GLN A 56 4.17 -32.65 25.46
C GLN A 56 3.74 -31.35 26.10
N TYR A 57 4.42 -30.99 27.19
CA TYR A 57 4.16 -29.75 27.90
C TYR A 57 5.06 -28.65 27.35
N LEU A 58 4.56 -27.42 27.30
CA LEU A 58 5.34 -26.30 26.79
C LEU A 58 6.29 -25.74 27.85
N ALA A 59 7.37 -25.13 27.37
CA ALA A 59 8.37 -24.52 28.22
C ALA A 59 9.17 -23.50 27.42
N MET A 60 8.63 -22.29 27.34
CA MET A 60 9.27 -21.21 26.58
C MET A 60 10.72 -21.01 26.97
N ASP A 61 11.55 -20.69 25.98
CA ASP A 61 12.95 -20.45 26.21
C ASP A 61 13.16 -18.96 26.42
N THR A 62 12.92 -18.50 27.64
CA THR A 62 13.07 -17.10 27.96
C THR A 62 12.10 -16.25 27.12
N ASP A 63 10.94 -16.82 26.82
CA ASP A 63 9.92 -16.16 25.98
C ASP A 63 10.41 -16.07 24.52
N GLY A 64 11.62 -15.51 24.35
CA GLY A 64 12.22 -15.37 23.04
C GLY A 64 11.85 -16.49 22.09
N LEU A 65 12.14 -17.73 22.49
CA LEU A 65 11.83 -18.89 21.68
C LEU A 65 10.82 -19.78 22.42
N LEU A 66 9.78 -20.20 21.70
CA LEU A 66 8.75 -21.03 22.30
C LEU A 66 9.01 -22.50 21.99
N TYR A 67 9.00 -23.33 23.03
CA TYR A 67 9.23 -24.76 22.87
C TYR A 67 8.57 -25.52 24.02
N GLY A 68 8.64 -26.84 23.97
CA GLY A 68 8.05 -27.67 25.00
C GLY A 68 8.32 -29.13 24.78
N SER A 69 8.53 -29.88 25.86
CA SER A 69 8.79 -31.31 25.76
C SER A 69 9.20 -31.90 27.11
N GLN A 70 10.33 -31.42 27.64
CA GLN A 70 10.86 -31.93 28.91
C GLN A 70 9.91 -31.67 30.08
N THR A 71 9.79 -30.41 30.51
CA THR A 71 8.94 -30.09 31.66
C THR A 71 8.19 -28.76 31.47
N PRO A 72 6.96 -28.66 32.02
CA PRO A 72 6.16 -27.44 31.92
C PRO A 72 6.65 -26.38 32.90
N ASN A 73 7.80 -25.80 32.60
CA ASN A 73 8.40 -24.78 33.47
C ASN A 73 7.51 -23.55 33.53
N GLU A 74 7.66 -22.76 34.61
CA GLU A 74 6.86 -21.53 34.79
C GLU A 74 6.75 -20.74 33.50
N GLU A 75 7.80 -20.79 32.67
CA GLU A 75 7.79 -20.12 31.37
C GLU A 75 6.49 -20.41 30.60
N CYS A 76 5.87 -21.55 30.90
CA CYS A 76 4.63 -21.96 30.22
C CYS A 76 3.37 -21.33 30.85
N LEU A 77 3.51 -20.47 31.86
CA LEU A 77 2.35 -19.83 32.47
C LEU A 77 2.04 -18.52 31.74
N PHE A 78 0.83 -18.43 31.18
CA PHE A 78 0.41 -17.24 30.44
C PHE A 78 -0.91 -16.70 30.94
N LEU A 79 -1.06 -15.38 30.91
CA LEU A 79 -2.29 -14.73 31.32
C LEU A 79 -3.29 -14.74 30.17
N GLU A 80 -4.48 -15.26 30.43
CA GLU A 80 -5.53 -15.35 29.41
C GLU A 80 -6.16 -13.99 29.15
N ARG A 81 -5.98 -13.47 27.93
CA ARG A 81 -6.54 -12.20 27.53
C ARG A 81 -7.31 -12.35 26.20
N LEU A 82 -8.32 -11.53 26.01
CA LEU A 82 -9.13 -11.60 24.80
C LEU A 82 -9.12 -10.25 24.07
N GLU A 83 -9.05 -10.29 22.75
CA GLU A 83 -9.05 -9.08 21.94
C GLU A 83 -10.33 -8.99 21.12
N GLU A 84 -10.88 -7.79 20.99
CA GLU A 84 -12.11 -7.58 20.21
C GLU A 84 -11.83 -7.70 18.72
N ASN A 85 -11.21 -8.82 18.33
CA ASN A 85 -10.87 -9.09 16.95
C ASN A 85 -11.04 -10.57 16.64
N HIS A 86 -11.85 -11.26 17.46
CA HIS A 86 -12.10 -12.69 17.30
C HIS A 86 -10.80 -13.48 17.45
N TYR A 87 -10.00 -13.11 18.45
CA TYR A 87 -8.73 -13.79 18.71
C TYR A 87 -8.42 -13.80 20.21
N ASN A 88 -7.63 -14.78 20.62
CA ASN A 88 -7.23 -14.94 22.00
C ASN A 88 -5.80 -14.43 22.21
N THR A 89 -5.55 -13.88 23.38
CA THR A 89 -4.23 -13.37 23.71
C THR A 89 -3.73 -14.00 25.00
N TYR A 90 -2.46 -14.38 25.03
CA TYR A 90 -1.87 -15.01 26.20
C TYR A 90 -0.58 -14.31 26.58
N ILE A 91 -0.55 -13.69 27.75
CA ILE A 91 0.63 -12.96 28.19
C ILE A 91 1.54 -13.83 29.06
N SER A 92 2.74 -14.08 28.58
CA SER A 92 3.71 -14.88 29.32
C SER A 92 4.18 -14.11 30.55
N LYS A 93 3.36 -14.13 31.60
CA LYS A 93 3.66 -13.43 32.85
C LYS A 93 5.12 -13.62 33.25
N LYS A 94 5.66 -14.81 32.96
CA LYS A 94 7.06 -15.11 33.28
C LYS A 94 7.99 -14.04 32.69
N HIS A 95 7.56 -13.41 31.58
CA HIS A 95 8.35 -12.37 30.93
C HIS A 95 7.54 -11.10 30.69
N ALA A 96 6.34 -11.04 31.28
CA ALA A 96 5.48 -9.87 31.14
C ALA A 96 6.24 -8.60 31.49
N GLU A 97 7.21 -8.73 32.40
CA GLU A 97 8.04 -7.61 32.82
C GLU A 97 8.63 -6.87 31.61
N LYS A 98 8.92 -7.62 30.55
CA LYS A 98 9.49 -7.05 29.34
C LYS A 98 8.39 -6.79 28.31
N ASN A 99 7.13 -6.85 28.74
CA ASN A 99 6.00 -6.64 27.85
C ASN A 99 6.01 -7.67 26.72
N TRP A 100 6.43 -8.88 27.06
CA TRP A 100 6.52 -9.98 26.11
C TRP A 100 5.39 -10.97 26.33
N PHE A 101 4.62 -11.24 25.28
CA PHE A 101 3.52 -12.19 25.36
C PHE A 101 3.52 -13.12 24.15
N VAL A 102 3.67 -14.43 24.45
CA VAL A 102 3.73 -15.54 23.48
C VAL A 102 3.28 -15.17 22.06
N GLY A 103 4.19 -15.35 21.11
CA GLY A 103 3.91 -15.09 19.71
C GLY A 103 4.53 -16.14 18.82
N LEU A 104 3.77 -16.68 17.87
CA LEU A 104 4.26 -17.72 16.98
C LEU A 104 4.20 -17.29 15.51
N LYS A 105 4.98 -17.97 14.69
CA LYS A 105 5.02 -17.70 13.26
C LYS A 105 4.24 -18.76 12.49
N LYS A 106 3.05 -18.38 12.03
CA LYS A 106 2.17 -19.29 11.29
C LYS A 106 2.95 -20.15 10.29
N ASN A 107 3.86 -19.53 9.56
CA ASN A 107 4.67 -20.23 8.57
C ASN A 107 6.12 -20.36 9.02
N GLY A 108 6.32 -20.56 10.32
CA GLY A 108 7.67 -20.70 10.85
C GLY A 108 7.73 -21.58 12.08
N SER A 109 6.90 -21.26 13.07
CA SER A 109 6.82 -21.98 14.35
C SER A 109 6.67 -20.96 15.49
N CYS A 110 6.49 -21.45 16.70
CA CYS A 110 6.33 -20.58 17.86
C CYS A 110 7.70 -20.17 18.41
N LYS A 111 8.14 -18.96 18.10
CA LYS A 111 9.42 -18.43 18.59
C LYS A 111 9.64 -17.01 18.07
N ARG A 112 9.00 -16.07 18.74
CA ARG A 112 9.11 -14.66 18.39
C ARG A 112 9.07 -13.79 19.63
N GLY A 113 9.65 -14.28 20.74
CA GLY A 113 9.70 -13.51 21.98
C GLY A 113 10.22 -12.10 21.77
N PRO A 114 11.38 -11.88 21.08
CA PRO A 114 11.90 -10.52 20.87
C PRO A 114 10.93 -9.66 20.04
N ARG A 115 9.90 -10.30 19.51
CA ARG A 115 8.88 -9.62 18.70
C ARG A 115 7.46 -9.91 19.25
N THR A 116 7.34 -10.17 20.56
CA THR A 116 6.03 -10.47 21.15
C THR A 116 5.38 -9.24 21.77
N HIS A 117 5.63 -8.07 21.19
CA HIS A 117 5.04 -6.84 21.67
C HIS A 117 4.06 -6.32 20.61
N TYR A 118 3.64 -5.06 20.72
CA TYR A 118 2.70 -4.51 19.75
C TYR A 118 3.38 -4.21 18.42
N GLY A 119 3.30 -5.17 17.52
CA GLY A 119 3.90 -5.06 16.20
C GLY A 119 3.54 -6.26 15.35
N GLN A 120 3.63 -7.43 15.96
CA GLN A 120 3.28 -8.68 15.30
C GLN A 120 1.86 -9.06 15.69
N LYS A 121 1.01 -9.25 14.71
CA LYS A 121 -0.39 -9.59 14.96
C LYS A 121 -0.55 -11.09 15.29
N ALA A 122 0.47 -11.87 14.92
CA ALA A 122 0.47 -13.32 15.18
C ALA A 122 0.17 -13.65 16.64
N ILE A 123 0.28 -12.66 17.52
CA ILE A 123 0.00 -12.85 18.94
C ILE A 123 -1.50 -13.08 19.19
N LEU A 124 -2.32 -12.65 18.23
CA LEU A 124 -3.76 -12.85 18.33
C LEU A 124 -4.14 -14.21 17.79
N PHE A 125 -4.12 -15.20 18.67
CA PHE A 125 -4.42 -16.58 18.28
C PHE A 125 -5.91 -16.83 18.17
N LEU A 126 -6.28 -17.72 17.25
CA LEU A 126 -7.67 -18.10 17.03
C LEU A 126 -7.88 -19.53 17.52
N PRO A 127 -8.57 -19.68 18.66
CA PRO A 127 -8.83 -20.99 19.25
C PRO A 127 -10.09 -21.68 18.71
N LEU A 128 -10.00 -22.99 18.55
CA LEU A 128 -11.10 -23.81 18.07
C LEU A 128 -11.29 -25.03 18.98
N PRO A 129 -11.31 -24.81 20.31
CA PRO A 129 -11.45 -25.89 21.29
C PRO A 129 -12.91 -26.34 21.48
N VAL A 130 -13.08 -27.61 21.87
CA VAL A 130 -14.40 -28.17 22.12
C VAL A 130 -14.90 -27.74 23.50
N SER A 131 -15.54 -26.58 23.55
CA SER A 131 -16.07 -26.04 24.80
C SER A 131 -17.24 -26.88 25.31
N SER A 132 -17.77 -26.50 26.47
CA SER A 132 -18.89 -27.20 27.06
C SER A 132 -20.14 -26.32 27.01
N ASP A 133 -20.59 -26.05 25.80
CA ASP A 133 -21.77 -25.21 25.57
C ASP A 133 -23.02 -26.08 25.44
N MET B 1 -18.36 -4.19 2.12
CA MET B 1 -18.64 -4.13 3.58
C MET B 1 -17.48 -3.47 4.32
N ALA B 2 -17.08 -4.06 5.44
CA ALA B 2 -15.97 -3.54 6.22
C ALA B 2 -14.65 -3.79 5.48
N ALA B 3 -13.52 -3.36 6.06
CA ALA B 3 -12.23 -3.52 5.43
C ALA B 3 -12.19 -2.61 4.21
N GLU B 4 -12.44 -1.33 4.44
CA GLU B 4 -12.47 -0.34 3.37
C GLU B 4 -11.08 0.21 3.09
N PRO B 5 -10.74 0.36 1.79
CA PRO B 5 -9.44 0.89 1.37
C PRO B 5 -9.35 2.41 1.54
N LEU B 6 -8.25 2.86 2.11
CA LEU B 6 -8.03 4.27 2.33
C LEU B 6 -7.35 4.90 1.11
N THR B 7 -6.93 6.15 1.23
CA THR B 7 -6.27 6.82 0.12
C THR B 7 -4.85 6.27 -0.07
N GLU B 8 -4.30 6.45 -1.26
CA GLU B 8 -2.96 5.97 -1.62
C GLU B 8 -1.88 6.40 -0.62
N LEU B 9 -2.03 7.60 -0.07
CA LEU B 9 -1.07 8.14 0.87
C LEU B 9 -1.23 7.55 2.27
N GLU B 10 -2.48 7.28 2.70
CA GLU B 10 -2.73 6.62 3.97
C GLU B 10 -2.16 5.19 3.95
N GLU B 11 -2.38 4.48 2.81
CA GLU B 11 -1.84 3.14 2.58
C GLU B 11 -0.32 3.14 2.84
N SER B 12 0.38 4.07 2.19
CA SER B 12 1.83 4.09 2.22
C SER B 12 2.39 4.54 3.58
N ILE B 13 1.79 5.52 4.27
CA ILE B 13 2.24 5.82 5.62
C ILE B 13 1.99 4.62 6.53
N GLU B 14 0.83 3.95 6.41
CA GLU B 14 0.58 2.79 7.25
C GLU B 14 1.67 1.74 7.03
N THR B 15 1.89 1.29 5.78
CA THR B 15 2.82 0.18 5.53
C THR B 15 4.21 0.42 6.15
N VAL B 16 4.71 1.66 6.10
CA VAL B 16 5.98 1.98 6.74
C VAL B 16 5.82 2.11 8.26
N VAL B 17 4.71 2.69 8.74
CA VAL B 17 4.44 2.80 10.17
C VAL B 17 4.37 1.42 10.82
N THR B 18 3.67 0.45 10.21
CA THR B 18 3.60 -0.92 10.77
C THR B 18 4.98 -1.59 10.79
N THR B 19 5.76 -1.39 9.72
CA THR B 19 7.12 -1.90 9.64
C THR B 19 7.98 -1.28 10.74
N PHE B 20 8.00 0.05 10.83
CA PHE B 20 8.60 0.78 11.94
C PHE B 20 8.20 0.13 13.27
N PHE B 21 6.90 -0.04 13.49
CA PHE B 21 6.38 -0.60 14.74
C PHE B 21 6.80 -2.05 14.98
N THR B 22 7.27 -2.76 13.95
CA THR B 22 7.70 -4.14 14.13
C THR B 22 9.15 -4.21 14.64
N PHE B 23 9.73 -3.04 14.90
CA PHE B 23 11.09 -2.92 15.41
C PHE B 23 11.13 -1.99 16.62
N ALA B 24 10.24 -1.01 16.63
CA ALA B 24 10.11 -0.01 17.69
C ALA B 24 9.78 -0.67 19.03
N ARG B 25 8.98 -1.73 18.98
CA ARG B 25 8.55 -2.43 20.20
C ARG B 25 9.47 -3.56 20.62
N GLN B 26 10.58 -3.76 19.90
CA GLN B 26 11.51 -4.84 20.23
C GLN B 26 11.96 -4.79 21.69
N GLU B 27 12.26 -3.59 22.17
CA GLU B 27 12.72 -3.41 23.55
C GLU B 27 11.89 -2.34 24.27
N GLY B 28 12.49 -1.72 25.28
CA GLY B 28 11.85 -0.64 26.02
C GLY B 28 11.28 0.49 25.16
N ARG B 29 10.00 0.82 25.44
CA ARG B 29 9.23 1.85 24.72
C ARG B 29 8.98 1.47 23.26
N LYS B 30 7.70 1.27 22.89
CA LYS B 30 7.34 0.88 21.53
C LYS B 30 7.18 2.10 20.60
N ASP B 31 8.09 3.05 20.75
CA ASP B 31 8.11 4.26 19.92
C ASP B 31 9.56 4.47 19.48
N SER B 32 10.47 4.45 20.46
CA SER B 32 11.87 4.65 20.21
C SER B 32 12.55 3.35 19.77
N LEU B 33 13.40 3.46 18.75
CA LEU B 33 14.38 2.44 18.42
C LEU B 33 15.63 2.74 19.24
N SER B 34 16.08 1.84 20.11
CA SER B 34 17.42 1.95 20.67
C SER B 34 18.44 1.38 19.69
N VAL B 35 19.72 1.41 20.04
CA VAL B 35 20.84 1.15 19.13
C VAL B 35 20.65 -0.17 18.37
N ASN B 36 20.52 -1.31 19.08
CA ASN B 36 20.32 -2.62 18.44
C ASN B 36 19.05 -2.60 17.56
N GLU B 37 17.94 -2.25 18.20
CA GLU B 37 16.65 -2.04 17.55
C GLU B 37 16.81 -1.34 16.19
N PHE B 38 17.54 -0.23 16.19
CA PHE B 38 17.78 0.56 15.01
C PHE B 38 18.59 -0.26 14.00
N LYS B 39 19.73 -0.82 14.44
CA LYS B 39 20.56 -1.62 13.58
C LYS B 39 19.79 -2.77 12.94
N GLU B 40 18.82 -3.33 13.66
CA GLU B 40 17.99 -4.43 13.16
C GLU B 40 17.21 -4.07 11.89
N LEU B 41 16.82 -2.80 11.74
CA LEU B 41 16.05 -2.37 10.57
C LEU B 41 16.96 -2.50 9.35
N VAL B 42 18.13 -1.85 9.44
CA VAL B 42 19.03 -1.71 8.32
C VAL B 42 19.58 -3.09 7.95
N THR B 43 20.09 -3.81 8.96
CA THR B 43 20.68 -5.13 8.75
C THR B 43 19.72 -6.17 8.16
N GLN B 44 18.43 -6.07 8.47
CA GLN B 44 17.45 -7.03 8.00
C GLN B 44 16.76 -6.65 6.70
N GLN B 45 16.11 -5.48 6.67
CA GLN B 45 15.35 -5.07 5.50
C GLN B 45 16.00 -3.96 4.67
N LEU B 46 17.31 -3.77 4.77
CA LEU B 46 17.97 -2.73 3.97
C LEU B 46 19.41 -3.12 3.60
N PRO B 47 19.58 -4.05 2.65
CA PRO B 47 20.88 -4.53 2.20
C PRO B 47 21.40 -3.88 0.92
N HIS B 48 20.55 -3.09 0.24
CA HIS B 48 20.97 -2.45 -1.00
C HIS B 48 21.07 -0.94 -0.87
N LEU B 49 19.96 -0.29 -0.50
CA LEU B 49 19.91 1.15 -0.33
C LEU B 49 21.11 1.70 0.43
N LEU B 50 21.21 1.35 1.71
CA LEU B 50 22.31 1.69 2.59
C LEU B 50 23.05 0.41 2.90
N LYS B 51 23.89 -0.01 1.95
CA LYS B 51 24.67 -1.25 2.08
C LYS B 51 25.75 -1.18 3.16
N ASP B 52 25.72 -0.09 3.95
CA ASP B 52 26.69 0.08 5.03
C ASP B 52 26.13 -0.50 6.33
N VAL B 53 26.31 -1.82 6.49
CA VAL B 53 25.83 -2.52 7.69
C VAL B 53 26.91 -2.60 8.76
N GLY B 54 27.90 -1.72 8.67
CA GLY B 54 28.98 -1.72 9.65
C GLY B 54 29.19 -0.35 10.26
N SER B 55 28.83 0.70 9.53
CA SER B 55 29.00 2.07 10.00
C SER B 55 27.65 2.66 10.39
N LEU B 56 26.85 1.86 11.09
CA LEU B 56 25.54 2.24 11.56
C LEU B 56 25.70 3.36 12.60
N ASP B 57 26.82 3.36 13.34
CA ASP B 57 27.18 4.44 14.26
C ASP B 57 27.12 5.80 13.57
N GLU B 58 27.70 5.94 12.38
CA GLU B 58 27.67 7.17 11.60
C GLU B 58 26.22 7.60 11.37
N LYS B 59 25.39 6.69 10.85
CA LYS B 59 23.98 6.99 10.63
C LYS B 59 23.37 7.45 11.95
N MET B 60 23.56 6.68 13.02
CA MET B 60 23.02 6.95 14.34
C MET B 60 23.36 8.38 14.76
N LYS B 61 24.64 8.76 14.74
CA LYS B 61 25.06 10.11 15.07
C LYS B 61 24.41 11.15 14.14
N SER B 62 24.37 10.85 12.83
CA SER B 62 23.74 11.74 11.86
C SER B 62 22.24 11.93 12.11
N LEU B 63 21.58 10.91 12.68
CA LEU B 63 20.14 10.87 12.95
C LEU B 63 19.84 11.49 14.30
N ASP B 64 20.33 10.87 15.38
CA ASP B 64 20.04 11.23 16.76
C ASP B 64 20.80 12.51 17.14
N VAL B 65 20.33 13.66 16.65
CA VAL B 65 20.98 14.96 16.84
C VAL B 65 21.32 15.23 18.32
N ASN B 66 20.44 14.81 19.23
CA ASN B 66 20.60 15.01 20.68
C ASN B 66 21.45 13.91 21.33
N GLN B 67 21.77 12.84 20.60
CA GLN B 67 22.58 11.73 21.06
C GLN B 67 22.11 11.21 22.42
N ASP B 68 20.82 10.92 22.53
CA ASP B 68 20.21 10.30 23.70
C ASP B 68 20.27 8.77 23.60
N SER B 69 20.63 8.24 22.43
CA SER B 69 20.63 6.80 22.13
C SER B 69 19.21 6.24 22.11
N GLU B 70 18.25 7.10 21.78
CA GLU B 70 16.90 6.76 21.40
C GLU B 70 16.59 7.55 20.13
N LEU B 71 16.31 6.87 19.02
CA LEU B 71 15.69 7.51 17.88
C LEU B 71 14.18 7.45 18.15
N LYS B 72 13.62 8.51 18.76
CA LYS B 72 12.17 8.70 18.88
C LYS B 72 11.53 8.57 17.49
N PHE B 73 10.21 8.35 17.41
CA PHE B 73 9.47 8.22 16.15
C PHE B 73 9.97 9.20 15.08
N ASN B 74 9.93 10.50 15.39
CA ASN B 74 10.30 11.55 14.45
C ASN B 74 11.81 11.56 14.14
N GLU B 75 12.65 11.16 15.09
CA GLU B 75 14.09 11.08 14.87
C GLU B 75 14.38 9.92 13.92
N TYR B 76 13.90 8.72 14.26
CA TYR B 76 13.97 7.53 13.42
C TYR B 76 13.51 7.87 12.01
N TRP B 77 12.33 8.49 11.93
CA TRP B 77 11.70 8.89 10.69
C TRP B 77 12.73 9.53 9.73
N ARG B 78 13.70 10.33 10.22
CA ARG B 78 14.78 10.88 9.39
C ARG B 78 15.30 9.87 8.37
N LEU B 79 15.63 8.66 8.83
CA LEU B 79 16.14 7.60 7.97
C LEU B 79 15.30 7.48 6.71
N ILE B 80 13.97 7.51 6.83
CA ILE B 80 13.06 7.28 5.71
C ILE B 80 13.29 8.34 4.64
N GLY B 81 13.80 9.51 5.02
CA GLY B 81 14.11 10.60 4.12
C GLY B 81 15.34 10.27 3.35
N GLU B 82 16.33 9.75 4.05
CA GLU B 82 17.61 9.42 3.50
C GLU B 82 17.38 8.24 2.56
N LEU B 83 16.45 7.34 2.89
CA LEU B 83 16.01 6.26 2.01
C LEU B 83 15.34 6.82 0.75
N ALA B 84 14.25 7.57 0.93
CA ALA B 84 13.45 8.17 -0.13
C ALA B 84 14.28 9.09 -1.03
N LYS B 85 15.35 9.65 -0.46
CA LYS B 85 16.35 10.39 -1.18
C LYS B 85 17.23 9.39 -1.95
N GLU B 86 17.94 8.49 -1.27
CA GLU B 86 18.84 7.50 -1.86
C GLU B 86 18.25 6.81 -3.08
N ILE B 87 17.01 6.32 -3.02
CA ILE B 87 16.40 5.64 -4.15
C ILE B 87 16.47 6.44 -5.47
N ARG B 88 16.39 7.77 -5.38
CA ARG B 88 16.59 8.67 -6.50
C ARG B 88 18.07 9.05 -6.61
N LYS B 89 18.63 9.53 -5.50
CA LYS B 89 19.91 10.18 -5.39
C LYS B 89 21.08 9.27 -5.74
N LYS B 90 20.94 7.95 -5.61
CA LYS B 90 21.78 7.21 -4.68
C LYS B 90 23.19 7.79 -4.54
N LYS B 91 24.05 7.74 -5.58
CA LYS B 91 25.39 8.31 -5.54
C LYS B 91 25.62 9.15 -6.82
N ASP B 92 24.62 10.01 -7.14
CA ASP B 92 24.54 10.98 -8.24
C ASP B 92 25.68 11.98 -8.14
N LEU B 93 26.87 11.50 -8.48
CA LEU B 93 28.15 12.13 -8.27
C LEU B 93 29.19 11.21 -8.93
N LYS B 94 29.16 9.91 -8.58
CA LYS B 94 29.96 8.88 -9.23
C LYS B 94 29.08 7.81 -9.89
N ILE B 95 28.02 7.35 -9.23
CA ILE B 95 27.24 6.18 -9.63
C ILE B 95 25.74 6.46 -9.43
N ARG B 96 24.90 6.60 -10.46
CA ARG B 96 25.09 6.71 -11.90
C ARG B 96 23.74 6.87 -12.63
N MET C 1 17.01 5.61 -17.12
CA MET C 1 15.73 6.15 -17.61
C MET C 1 14.62 5.83 -16.61
N ALA C 2 14.38 4.54 -16.30
CA ALA C 2 13.40 4.14 -15.29
C ALA C 2 13.47 2.64 -14.98
N ALA C 3 13.74 2.29 -13.71
CA ALA C 3 13.18 1.16 -12.96
C ALA C 3 12.72 -0.12 -13.71
N GLU C 4 13.54 -1.18 -13.73
CA GLU C 4 13.10 -2.56 -13.64
C GLU C 4 12.90 -2.91 -12.13
N PRO C 5 12.56 -4.19 -11.77
CA PRO C 5 12.32 -4.68 -10.40
C PRO C 5 12.95 -3.87 -9.27
N LEU C 6 12.16 -3.75 -8.21
CA LEU C 6 12.55 -3.02 -7.03
C LEU C 6 12.40 -3.91 -5.78
N THR C 7 11.27 -3.76 -5.08
CA THR C 7 10.98 -4.56 -3.88
C THR C 7 9.58 -4.23 -3.36
N GLU C 8 9.20 -4.81 -2.22
CA GLU C 8 7.88 -4.60 -1.62
C GLU C 8 7.66 -3.13 -1.21
N LEU C 9 8.60 -2.56 -0.48
CA LEU C 9 8.47 -1.17 -0.02
C LEU C 9 8.81 -0.17 -1.12
N GLU C 10 9.50 -0.65 -2.16
CA GLU C 10 9.87 0.20 -3.29
C GLU C 10 8.63 0.46 -4.16
N GLU C 11 7.69 -0.51 -4.17
CA GLU C 11 6.42 -0.32 -4.88
C GLU C 11 5.70 0.91 -4.35
N SER C 12 5.54 0.97 -3.02
CA SER C 12 4.71 1.98 -2.38
C SER C 12 5.34 3.38 -2.42
N ILE C 13 6.66 3.51 -2.57
CA ILE C 13 7.26 4.79 -2.94
C ILE C 13 7.05 5.06 -4.44
N GLU C 14 7.05 4.03 -5.31
CA GLU C 14 6.73 4.24 -6.71
C GLU C 14 5.32 4.82 -6.88
N THR C 15 4.30 4.16 -6.29
CA THR C 15 2.90 4.50 -6.58
C THR C 15 2.63 6.01 -6.44
N VAL C 16 3.23 6.65 -5.43
CA VAL C 16 3.10 8.09 -5.23
C VAL C 16 3.92 8.88 -6.26
N VAL C 17 5.09 8.39 -6.65
CA VAL C 17 5.89 9.00 -7.70
C VAL C 17 5.12 8.97 -9.03
N THR C 18 4.44 7.86 -9.31
CA THR C 18 3.63 7.72 -10.52
C THR C 18 2.53 8.82 -10.58
N THR C 19 2.06 9.26 -9.39
CA THR C 19 1.06 10.34 -9.31
C THR C 19 1.76 11.64 -9.70
N PHE C 20 2.90 11.86 -9.06
CA PHE C 20 3.79 12.98 -9.32
C PHE C 20 4.06 13.09 -10.83
N PHE C 21 4.52 11.97 -11.42
CA PHE C 21 4.86 11.89 -12.84
C PHE C 21 3.71 12.26 -13.79
N THR C 22 2.46 11.97 -13.43
CA THR C 22 1.34 12.29 -14.33
C THR C 22 0.70 13.64 -14.03
N PHE C 23 1.34 14.40 -13.15
CA PHE C 23 0.84 15.73 -12.79
C PHE C 23 1.88 16.78 -13.13
N ALA C 24 3.15 16.39 -13.06
CA ALA C 24 4.25 17.29 -13.34
C ALA C 24 4.58 17.36 -14.83
N ARG C 25 4.08 16.39 -15.59
CA ARG C 25 4.24 16.36 -17.04
C ARG C 25 3.08 17.12 -17.68
N GLN C 26 2.78 18.28 -17.12
CA GLN C 26 1.65 19.06 -17.60
C GLN C 26 2.06 20.29 -18.41
N GLU C 27 2.95 21.14 -17.91
CA GLU C 27 3.24 22.34 -18.68
C GLU C 27 4.53 22.23 -19.50
N GLY C 28 5.68 22.40 -18.82
CA GLY C 28 6.98 21.82 -19.12
C GLY C 28 7.16 20.53 -18.34
N ARG C 29 8.09 19.69 -18.80
CA ARG C 29 9.04 18.97 -17.95
C ARG C 29 8.41 18.20 -16.78
N LYS C 30 8.39 16.86 -16.94
CA LYS C 30 7.83 15.92 -15.96
C LYS C 30 8.71 15.73 -14.73
N ASP C 31 10.01 16.01 -14.88
CA ASP C 31 10.97 15.87 -13.80
C ASP C 31 10.88 16.98 -12.74
N SER C 32 10.15 18.09 -13.00
CA SER C 32 9.96 19.18 -12.05
C SER C 32 8.47 19.54 -11.92
N LEU C 33 8.02 19.80 -10.69
CA LEU C 33 6.72 20.38 -10.47
C LEU C 33 6.76 21.85 -10.88
N SER C 34 5.72 22.25 -11.61
CA SER C 34 5.49 23.58 -12.14
C SER C 34 4.18 24.10 -11.51
N VAL C 35 3.90 25.43 -11.54
CA VAL C 35 2.81 25.97 -10.72
C VAL C 35 1.53 26.20 -11.52
N ASN C 36 1.16 25.15 -12.25
CA ASN C 36 -0.18 24.69 -12.53
C ASN C 36 -0.04 23.21 -12.84
N GLU C 37 0.57 22.61 -11.81
CA GLU C 37 0.86 21.19 -11.65
C GLU C 37 0.83 20.96 -10.14
N PHE C 38 1.52 21.87 -9.43
CA PHE C 38 1.56 21.91 -7.99
C PHE C 38 0.20 22.28 -7.42
N LYS C 39 -0.33 23.45 -7.79
CA LYS C 39 -1.59 23.90 -7.23
C LYS C 39 -2.71 22.90 -7.55
N GLU C 40 -2.66 22.33 -8.76
CA GLU C 40 -3.64 21.33 -9.16
C GLU C 40 -3.50 20.06 -8.32
N LEU C 41 -2.26 19.76 -7.92
CA LEU C 41 -1.98 18.59 -7.09
C LEU C 41 -2.53 18.76 -5.68
N VAL C 42 -2.28 19.91 -5.05
CA VAL C 42 -2.78 20.17 -3.72
C VAL C 42 -4.30 20.23 -3.72
N THR C 43 -4.89 20.87 -4.73
CA THR C 43 -6.36 21.00 -4.80
C THR C 43 -7.06 19.69 -5.21
N GLN C 44 -6.31 18.70 -5.68
CA GLN C 44 -6.94 17.45 -6.13
C GLN C 44 -6.57 16.24 -5.26
N GLN C 45 -5.28 16.01 -5.06
CA GLN C 45 -4.83 14.85 -4.30
C GLN C 45 -4.61 15.16 -2.81
N LEU C 46 -4.43 16.42 -2.45
CA LEU C 46 -4.20 16.78 -1.04
C LEU C 46 -5.23 17.79 -0.49
N PRO C 47 -6.53 17.73 -0.86
CA PRO C 47 -7.53 18.70 -0.38
C PRO C 47 -7.98 18.43 1.07
N HIS C 48 -7.83 17.19 1.51
CA HIS C 48 -8.23 16.81 2.86
C HIS C 48 -7.01 16.74 3.77
N LEU C 49 -5.94 16.14 3.28
CA LEU C 49 -4.71 16.00 4.02
C LEU C 49 -4.09 17.38 4.29
N LEU C 50 -3.92 18.14 3.21
CA LEU C 50 -3.38 19.50 3.31
C LEU C 50 -4.54 20.49 3.29
N LYS C 51 -4.91 20.98 4.46
CA LYS C 51 -6.02 21.93 4.58
C LYS C 51 -5.55 23.36 4.36
N ASP C 52 -4.71 23.55 3.34
CA ASP C 52 -4.18 24.86 3.01
C ASP C 52 -3.91 24.95 1.51
N VAL C 53 -4.98 24.80 0.72
CA VAL C 53 -4.88 24.86 -0.73
C VAL C 53 -4.89 26.30 -1.23
N GLY C 54 -5.28 27.22 -0.36
CA GLY C 54 -5.33 28.63 -0.75
C GLY C 54 -4.04 29.35 -0.42
N SER C 55 -3.21 28.72 0.42
CA SER C 55 -1.94 29.30 0.81
C SER C 55 -0.77 28.43 0.34
N LEU C 56 -0.95 27.81 -0.83
CA LEU C 56 0.09 26.99 -1.45
C LEU C 56 1.35 27.81 -1.60
N ASP C 57 1.23 29.02 -2.14
CA ASP C 57 2.30 29.96 -2.44
C ASP C 57 3.34 30.05 -1.32
N GLU C 58 2.90 30.06 -0.05
CA GLU C 58 3.80 30.04 1.09
C GLU C 58 4.60 28.73 1.13
N LYS C 59 3.89 27.61 0.98
CA LYS C 59 4.52 26.29 0.94
C LYS C 59 5.53 26.23 -0.19
N MET C 60 5.11 26.70 -1.36
CA MET C 60 5.96 26.79 -2.54
C MET C 60 7.24 27.54 -2.21
N LYS C 61 7.13 28.76 -1.66
CA LYS C 61 8.29 29.55 -1.30
C LYS C 61 9.18 28.77 -0.31
N SER C 62 8.56 28.13 0.69
CA SER C 62 9.27 27.33 1.68
C SER C 62 9.98 26.13 1.05
N LEU C 63 9.35 25.50 0.06
CA LEU C 63 9.84 24.32 -0.65
C LEU C 63 11.02 24.70 -1.53
N ASP C 64 10.80 25.65 -2.45
CA ASP C 64 11.60 25.92 -3.63
C ASP C 64 13.08 26.24 -3.40
N VAL C 65 13.48 26.53 -2.16
CA VAL C 65 14.28 27.65 -1.65
C VAL C 65 15.41 28.22 -2.51
N ASN C 66 15.95 27.48 -3.49
CA ASN C 66 16.76 28.13 -4.52
C ASN C 66 15.93 29.19 -5.26
N GLN C 67 14.60 29.03 -5.25
CA GLN C 67 13.63 29.98 -5.77
C GLN C 67 13.72 30.12 -7.29
N ASP C 68 14.33 29.13 -7.97
CA ASP C 68 14.24 29.01 -9.42
C ASP C 68 12.79 28.82 -9.87
N SER C 69 11.91 28.42 -8.94
CA SER C 69 10.49 28.18 -9.19
C SER C 69 10.25 26.94 -10.06
N GLU C 70 11.29 26.13 -10.31
CA GLU C 70 11.11 24.72 -10.59
C GLU C 70 11.12 24.04 -9.23
N LEU C 71 9.99 23.49 -8.82
CA LEU C 71 9.94 22.68 -7.61
C LEU C 71 10.63 21.36 -7.98
N LYS C 72 11.88 21.24 -7.55
CA LYS C 72 12.85 20.33 -8.15
C LYS C 72 12.64 18.91 -7.61
N PHE C 73 13.36 17.94 -8.19
CA PHE C 73 13.22 16.51 -7.90
C PHE C 73 13.99 16.23 -6.62
N ASN C 74 13.37 16.69 -5.53
CA ASN C 74 13.75 16.81 -4.12
C ASN C 74 14.19 18.26 -3.87
N GLU C 75 13.40 19.24 -4.29
CA GLU C 75 12.69 20.15 -3.40
C GLU C 75 11.31 19.54 -3.08
N TYR C 76 10.51 19.35 -4.16
CA TYR C 76 9.11 18.96 -4.14
C TYR C 76 8.82 17.93 -3.07
N TRP C 77 9.60 16.86 -3.11
CA TRP C 77 9.41 15.67 -2.30
C TRP C 77 9.06 15.99 -0.85
N ARG C 78 9.70 17.03 -0.28
CA ARG C 78 9.41 17.54 1.05
C ARG C 78 7.90 17.55 1.34
N LEU C 79 7.08 17.99 0.40
CA LEU C 79 5.63 18.06 0.54
C LEU C 79 5.05 16.75 1.07
N ILE C 80 5.42 15.62 0.44
CA ILE C 80 4.94 14.31 0.82
C ILE C 80 5.33 14.06 2.29
N GLY C 81 6.44 14.65 2.73
CA GLY C 81 6.97 14.63 4.07
C GLY C 81 6.10 15.35 5.05
N GLU C 82 5.67 16.52 4.61
CA GLU C 82 4.85 17.38 5.42
C GLU C 82 3.51 16.71 5.58
N LEU C 83 2.88 16.21 4.51
CA LEU C 83 1.69 15.37 4.71
C LEU C 83 1.99 14.15 5.62
N ALA C 84 3.11 13.46 5.38
CA ALA C 84 3.47 12.29 6.17
C ALA C 84 3.49 12.61 7.66
N LYS C 85 4.17 13.68 8.08
CA LYS C 85 4.14 14.06 9.48
C LYS C 85 2.75 14.60 9.86
N GLU C 86 2.09 15.41 9.02
CA GLU C 86 0.82 16.09 9.31
C GLU C 86 -0.18 15.14 9.98
N ILE C 87 -0.33 13.92 9.46
CA ILE C 87 -1.23 12.94 10.02
C ILE C 87 -1.02 12.78 11.55
N ARG C 88 0.26 12.79 11.97
CA ARG C 88 0.69 12.81 13.36
C ARG C 88 0.68 14.24 13.92
N LYS C 89 1.07 15.24 13.12
CA LYS C 89 1.49 16.56 13.56
C LYS C 89 0.55 17.65 13.04
N LYS C 90 -0.59 17.79 13.73
CA LYS C 90 -1.66 18.75 13.46
C LYS C 90 -1.15 20.12 12.99
N LYS C 91 -0.26 20.78 13.74
CA LYS C 91 0.27 22.09 13.34
C LYS C 91 1.66 22.39 13.94
N ASP C 92 2.19 21.49 14.77
CA ASP C 92 3.02 21.87 15.91
C ASP C 92 4.50 21.86 15.52
N LEU C 93 4.84 22.50 14.40
CA LEU C 93 6.21 22.54 13.89
C LEU C 93 6.97 23.78 14.37
N ILE C 95 9.55 26.13 14.28
CA ILE C 95 10.93 26.38 13.84
C ILE C 95 11.15 27.75 13.18
N ARG C 96 12.39 28.24 13.32
CA ARG C 96 12.92 29.47 12.75
C ARG C 96 14.43 29.38 12.94
N LYS C 97 15.23 29.56 11.89
CA LYS C 97 16.63 29.15 11.87
C LYS C 97 17.20 29.65 10.53
N LYS C 98 18.29 30.41 10.56
CA LYS C 98 19.13 30.72 9.41
C LYS C 98 20.36 29.84 9.51
N TYR D 1 -20.14 -8.74 -38.57
CA TYR D 1 -21.40 -7.97 -38.42
C TYR D 1 -21.12 -6.60 -37.80
N LYS D 2 -20.39 -5.75 -38.52
CA LYS D 2 -20.05 -4.42 -38.02
C LYS D 2 -21.30 -3.69 -37.52
N LYS D 3 -21.39 -3.55 -36.21
CA LYS D 3 -22.52 -2.90 -35.57
C LYS D 3 -22.13 -2.40 -34.18
N PRO D 4 -23.09 -1.87 -33.38
CA PRO D 4 -22.87 -1.36 -32.05
C PRO D 4 -21.57 -1.85 -31.40
N LYS D 5 -20.58 -0.96 -31.33
CA LYS D 5 -19.30 -1.29 -30.74
C LYS D 5 -19.27 -0.80 -29.28
N LEU D 6 -19.38 -1.74 -28.34
CA LEU D 6 -19.37 -1.39 -26.92
C LEU D 6 -17.93 -1.25 -26.44
N LEU D 7 -17.67 -0.19 -25.66
CA LEU D 7 -16.34 0.07 -25.13
C LEU D 7 -16.42 0.65 -23.73
N TYR D 8 -15.56 0.16 -22.84
CA TYR D 8 -15.51 0.65 -21.46
C TYR D 8 -14.16 0.32 -20.84
N CYS D 9 -13.89 0.82 -19.64
CA CYS D 9 -12.62 0.56 -18.98
C CYS D 9 -12.79 0.50 -17.46
N SER D 10 -11.75 -0.02 -16.79
CA SER D 10 -11.75 -0.16 -15.34
C SER D 10 -12.61 -1.33 -14.92
N ASN D 11 -12.01 -2.30 -14.25
CA ASN D 11 -12.73 -3.49 -13.81
C ASN D 11 -14.01 -3.09 -13.07
N GLY D 12 -15.13 -3.63 -13.51
CA GLY D 12 -16.40 -3.33 -12.89
C GLY D 12 -17.48 -3.03 -13.92
N GLY D 13 -18.67 -3.57 -13.68
CA GLY D 13 -19.77 -3.34 -14.60
C GLY D 13 -20.04 -1.88 -14.84
N HIS D 14 -19.64 -1.39 -16.02
CA HIS D 14 -19.84 0.00 -16.41
C HIS D 14 -19.62 0.15 -17.91
N PHE D 15 -20.62 0.63 -18.63
CA PHE D 15 -20.52 0.80 -20.07
C PHE D 15 -20.67 2.28 -20.46
N LEU D 16 -20.02 2.68 -21.55
CA LEU D 16 -20.10 4.05 -22.01
C LEU D 16 -21.46 4.33 -22.65
N ARG D 17 -22.35 4.96 -21.90
CA ARG D 17 -23.68 5.28 -22.41
C ARG D 17 -23.70 6.70 -22.96
N ILE D 18 -23.77 6.80 -24.28
CA ILE D 18 -23.78 8.09 -24.95
C ILE D 18 -25.20 8.63 -25.12
N LEU D 19 -25.34 9.94 -24.97
CA LEU D 19 -26.62 10.59 -25.13
C LEU D 19 -26.49 11.79 -26.06
N PRO D 20 -27.48 12.02 -26.94
CA PRO D 20 -27.46 13.14 -27.89
C PRO D 20 -27.05 14.46 -27.24
N ASP D 21 -27.37 14.60 -25.96
CA ASP D 21 -27.02 15.79 -25.18
C ASP D 21 -25.52 16.01 -25.17
N GLY D 22 -24.77 14.93 -24.97
CA GLY D 22 -23.33 15.00 -24.92
C GLY D 22 -22.76 14.42 -23.64
N THR D 23 -23.51 14.55 -22.55
CA THR D 23 -23.07 14.03 -21.26
C THR D 23 -23.11 12.50 -21.23
N VAL D 24 -22.04 11.89 -21.71
CA VAL D 24 -21.92 10.43 -21.73
C VAL D 24 -21.35 9.94 -20.40
N ASP D 25 -21.98 8.93 -19.81
CA ASP D 25 -21.53 8.37 -18.54
C ASP D 25 -21.33 6.86 -18.64
N GLY D 26 -20.64 6.30 -17.65
CA GLY D 26 -20.38 4.87 -17.63
C GLY D 26 -21.53 4.07 -17.04
N THR D 27 -22.66 4.08 -17.72
CA THR D 27 -23.84 3.36 -17.27
C THR D 27 -23.62 1.85 -17.35
N ARG D 28 -23.89 1.15 -16.26
CA ARG D 28 -23.71 -0.30 -16.24
C ARG D 28 -25.03 -0.98 -16.58
N ASP D 29 -25.46 -0.83 -17.83
CA ASP D 29 -26.70 -1.43 -18.30
C ASP D 29 -26.60 -1.76 -19.79
N ARG D 30 -27.35 -2.77 -20.22
CA ARG D 30 -27.37 -3.19 -21.61
C ARG D 30 -28.80 -3.42 -22.07
N SER D 31 -29.75 -2.79 -21.39
CA SER D 31 -31.16 -2.90 -21.71
C SER D 31 -31.57 -1.82 -22.69
N ASP D 32 -31.09 -0.60 -22.44
CA ASP D 32 -31.41 0.54 -23.31
C ASP D 32 -30.30 0.74 -24.33
N GLN D 33 -30.67 0.79 -25.61
CA GLN D 33 -29.68 0.98 -26.68
C GLN D 33 -29.08 2.38 -26.65
N HIS D 34 -28.16 2.60 -25.72
CA HIS D 34 -27.48 3.88 -25.60
C HIS D 34 -26.02 3.71 -25.16
N ILE D 35 -25.49 2.50 -25.28
CA ILE D 35 -24.11 2.21 -24.91
C ILE D 35 -23.37 1.54 -26.07
N GLN D 36 -23.57 2.08 -27.27
CA GLN D 36 -22.94 1.55 -28.47
C GLN D 36 -22.48 2.67 -29.39
N LEU D 37 -21.24 2.56 -29.86
CA LEU D 37 -20.67 3.55 -30.77
C LEU D 37 -20.11 2.84 -32.00
N GLN D 38 -20.03 3.56 -33.12
CA GLN D 38 -19.52 2.99 -34.35
C GLN D 38 -18.01 3.19 -34.44
N LEU D 39 -17.28 2.43 -33.62
CA LEU D 39 -15.83 2.50 -33.61
C LEU D 39 -15.26 1.79 -34.85
N SER D 40 -14.39 2.49 -35.57
CA SER D 40 -13.77 1.93 -36.76
C SER D 40 -12.50 2.70 -37.12
N ALA D 41 -11.61 2.03 -37.84
CA ALA D 41 -10.36 2.65 -38.28
C ALA D 41 -10.59 3.43 -39.56
N GLU D 42 -10.68 4.75 -39.44
CA GLU D 42 -10.92 5.60 -40.60
C GLU D 42 -9.68 5.65 -41.49
N SER D 43 -8.56 6.02 -40.89
CA SER D 43 -7.29 6.12 -41.61
C SER D 43 -6.30 5.11 -41.03
N VAL D 44 -5.13 5.00 -41.65
CA VAL D 44 -4.11 4.07 -41.19
C VAL D 44 -3.79 4.28 -39.71
N GLY D 45 -4.46 3.52 -38.86
CA GLY D 45 -4.24 3.63 -37.42
C GLY D 45 -5.17 4.64 -36.76
N GLU D 46 -5.80 5.49 -37.54
CA GLU D 46 -6.70 6.51 -37.00
C GLU D 46 -8.11 5.96 -36.86
N VAL D 47 -8.54 5.74 -35.62
CA VAL D 47 -9.88 5.24 -35.34
C VAL D 47 -10.78 6.35 -34.84
N TYR D 48 -12.04 6.31 -35.25
CA TYR D 48 -13.00 7.33 -34.84
C TYR D 48 -14.10 6.73 -33.97
N ILE D 49 -14.61 7.53 -33.05
CA ILE D 49 -15.67 7.10 -32.15
C ILE D 49 -16.94 7.91 -32.45
N LYS D 50 -17.88 7.28 -33.15
CA LYS D 50 -19.11 7.94 -33.51
C LYS D 50 -20.32 7.07 -33.17
N SER D 51 -21.12 7.51 -32.22
CA SER D 51 -22.31 6.78 -31.80
C SER D 51 -23.47 7.09 -32.76
N THR D 52 -23.25 6.77 -34.03
CA THR D 52 -24.23 7.03 -35.08
C THR D 52 -25.61 6.45 -34.75
N GLU D 53 -25.71 5.12 -34.79
CA GLU D 53 -26.97 4.44 -34.54
C GLU D 53 -27.25 4.28 -33.05
N THR D 54 -27.26 5.39 -32.31
CA THR D 54 -27.54 5.34 -30.87
C THR D 54 -27.39 6.71 -30.19
N GLY D 55 -26.36 7.47 -30.57
CA GLY D 55 -26.15 8.75 -29.93
C GLY D 55 -25.68 9.84 -30.86
N GLN D 56 -24.43 10.25 -30.68
CA GLN D 56 -23.84 11.33 -31.46
C GLN D 56 -22.36 11.07 -31.75
N TYR D 57 -21.73 12.05 -32.40
CA TYR D 57 -20.31 11.96 -32.73
C TYR D 57 -19.49 12.61 -31.61
N LEU D 58 -18.31 12.06 -31.33
CA LEU D 58 -17.47 12.60 -30.27
C LEU D 58 -16.66 13.80 -30.75
N ALA D 59 -16.29 14.65 -29.79
CA ALA D 59 -15.52 15.84 -30.06
C ALA D 59 -14.86 16.31 -28.77
N MET D 60 -13.71 15.73 -28.47
CA MET D 60 -12.96 16.04 -27.26
C MET D 60 -12.73 17.54 -27.10
N ASP D 61 -12.80 18.01 -25.86
CA ASP D 61 -12.57 19.41 -25.55
C ASP D 61 -11.11 19.61 -25.19
N THR D 62 -10.28 19.73 -26.21
CA THR D 62 -8.85 19.91 -26.01
C THR D 62 -8.27 18.70 -25.29
N ASP D 63 -8.83 17.52 -25.56
CA ASP D 63 -8.41 16.27 -24.91
C ASP D 63 -8.80 16.28 -23.43
N GLY D 64 -8.40 17.35 -22.72
CA GLY D 64 -8.72 17.51 -21.31
C GLY D 64 -10.06 16.90 -20.93
N LEU D 65 -11.12 17.36 -21.60
CA LEU D 65 -12.46 16.86 -21.34
C LEU D 65 -13.00 16.16 -22.58
N LEU D 66 -13.56 14.98 -22.40
CA LEU D 66 -14.09 14.21 -23.52
C LEU D 66 -15.60 14.42 -23.64
N TYR D 67 -16.05 14.78 -24.83
CA TYR D 67 -17.48 15.00 -25.08
C TYR D 67 -17.80 14.77 -26.55
N GLY D 68 -19.07 14.87 -26.90
CA GLY D 68 -19.49 14.67 -28.28
C GLY D 68 -20.97 14.92 -28.45
N SER D 69 -21.35 15.47 -29.60
CA SER D 69 -22.75 15.76 -29.89
C SER D 69 -22.90 16.60 -31.16
N GLN D 70 -22.36 17.81 -31.13
CA GLN D 70 -22.47 18.73 -32.26
C GLN D 70 -21.80 18.19 -33.53
N THR D 71 -20.47 18.15 -33.55
CA THR D 71 -19.74 17.68 -34.73
C THR D 71 -18.50 16.86 -34.37
N PRO D 72 -18.16 15.86 -35.21
CA PRO D 72 -16.98 15.01 -34.99
C PRO D 72 -15.69 15.75 -35.38
N ASN D 73 -15.32 16.73 -34.58
CA ASN D 73 -14.12 17.51 -34.83
C ASN D 73 -12.87 16.63 -34.78
N GLU D 74 -11.79 17.08 -35.44
CA GLU D 74 -10.53 16.33 -35.47
C GLU D 74 -10.17 15.80 -34.07
N GLU D 75 -10.56 16.53 -33.04
CA GLU D 75 -10.33 16.10 -31.66
C GLU D 75 -10.76 14.63 -31.46
N CYS D 76 -11.70 14.17 -32.28
CA CYS D 76 -12.23 12.81 -32.19
C CYS D 76 -11.36 11.78 -32.94
N LEU D 77 -10.24 12.20 -33.52
CA LEU D 77 -9.37 11.25 -34.22
C LEU D 77 -8.33 10.68 -33.26
N PHE D 78 -8.36 9.35 -33.10
CA PHE D 78 -7.43 8.68 -32.18
C PHE D 78 -6.69 7.55 -32.87
N LEU D 79 -5.43 7.35 -32.46
CA LEU D 79 -4.60 6.28 -33.00
C LEU D 79 -4.92 4.97 -32.29
N GLU D 80 -5.26 3.94 -33.05
CA GLU D 80 -5.60 2.64 -32.49
C GLU D 80 -4.35 1.90 -32.01
N ARG D 81 -4.27 1.67 -30.70
CA ARG D 81 -3.15 0.95 -30.10
C ARG D 81 -3.65 -0.17 -29.21
N LEU D 82 -2.88 -1.23 -29.08
CA LEU D 82 -3.27 -2.38 -28.26
C LEU D 82 -2.23 -2.65 -27.19
N GLU D 83 -2.69 -2.99 -25.98
CA GLU D 83 -1.79 -3.29 -24.87
C GLU D 83 -1.89 -4.76 -24.51
N GLU D 84 -0.76 -5.38 -24.18
CA GLU D 84 -0.73 -6.79 -23.80
C GLU D 84 -1.33 -6.98 -22.40
N ASN D 85 -2.55 -6.48 -22.23
CA ASN D 85 -3.26 -6.57 -20.96
C ASN D 85 -4.76 -6.77 -21.21
N HIS D 86 -5.10 -7.26 -22.42
CA HIS D 86 -6.49 -7.48 -22.80
C HIS D 86 -7.27 -6.17 -22.79
N TYR D 87 -6.65 -5.11 -23.32
CA TYR D 87 -7.29 -3.79 -23.38
C TYR D 87 -6.85 -3.03 -24.63
N ASN D 88 -7.70 -2.12 -25.07
CA ASN D 88 -7.44 -1.30 -26.25
C ASN D 88 -6.98 0.10 -25.82
N THR D 89 -6.10 0.68 -26.62
CA THR D 89 -5.59 2.02 -26.35
C THR D 89 -5.81 2.92 -27.56
N TYR D 90 -6.26 4.14 -27.31
CA TYR D 90 -6.51 5.10 -28.38
C TYR D 90 -5.81 6.42 -28.09
N ILE D 91 -4.85 6.78 -28.93
CA ILE D 91 -4.10 8.01 -28.73
C ILE D 91 -4.71 9.16 -29.51
N SER D 92 -5.17 10.19 -28.79
CA SER D 92 -5.75 11.36 -29.40
C SER D 92 -4.66 12.16 -30.13
N LYS D 93 -4.31 11.71 -31.33
CA LYS D 93 -3.26 12.35 -32.12
C LYS D 93 -3.42 13.88 -32.10
N LYS D 94 -4.66 14.35 -32.06
CA LYS D 94 -4.93 15.78 -32.00
C LYS D 94 -4.16 16.43 -30.84
N HIS D 95 -3.90 15.66 -29.78
CA HIS D 95 -3.15 16.17 -28.62
C HIS D 95 -1.97 15.27 -28.26
N ALA D 96 -1.66 14.31 -29.14
CA ALA D 96 -0.55 13.40 -28.91
C ALA D 96 0.72 14.18 -28.57
N GLU D 97 0.83 15.38 -29.15
CA GLU D 97 1.97 16.26 -28.91
C GLU D 97 2.25 16.42 -27.41
N LYS D 98 1.19 16.40 -26.59
CA LYS D 98 1.35 16.55 -25.14
C LYS D 98 1.34 15.20 -24.42
N ASN D 99 1.44 14.13 -25.21
CA ASN D 99 1.45 12.76 -24.70
C ASN D 99 0.12 12.43 -24.02
N TRP D 100 -0.97 12.92 -24.61
CA TRP D 100 -2.31 12.71 -24.08
C TRP D 100 -3.11 11.74 -24.93
N PHE D 101 -3.66 10.71 -24.29
CA PHE D 101 -4.48 9.72 -24.98
C PHE D 101 -5.75 9.41 -24.18
N VAL D 102 -6.90 9.67 -24.84
CA VAL D 102 -8.26 9.51 -24.30
C VAL D 102 -8.35 8.61 -23.06
N GLY D 103 -8.87 9.19 -21.98
CA GLY D 103 -9.04 8.47 -20.73
C GLY D 103 -10.35 8.84 -20.07
N LEU D 104 -11.14 7.85 -19.64
CA LEU D 104 -12.42 8.11 -19.00
C LEU D 104 -12.48 7.57 -17.58
N LYS D 105 -13.43 8.09 -16.80
CA LYS D 105 -13.61 7.67 -15.42
C LYS D 105 -14.84 6.76 -15.33
N LYS D 106 -14.58 5.46 -15.17
CA LYS D 106 -15.65 4.45 -15.08
C LYS D 106 -16.81 4.93 -14.20
N ASN D 107 -16.48 5.53 -13.06
CA ASN D 107 -17.49 6.03 -12.14
C ASN D 107 -17.53 7.55 -12.12
N GLY D 108 -17.32 8.16 -13.29
CA GLY D 108 -17.32 9.62 -13.37
C GLY D 108 -17.78 10.13 -14.73
N SER D 109 -17.12 9.63 -15.77
CA SER D 109 -17.40 10.00 -17.17
C SER D 109 -16.07 10.15 -17.91
N CYS D 110 -16.13 10.39 -19.21
CA CYS D 110 -14.93 10.55 -20.03
C CYS D 110 -14.42 11.99 -19.96
N LYS D 111 -13.38 12.22 -19.15
CA LYS D 111 -12.79 13.55 -19.02
C LYS D 111 -11.62 13.51 -18.04
N ARG D 112 -10.48 13.03 -18.53
CA ARG D 112 -9.26 12.91 -17.72
C ARG D 112 -8.03 13.21 -18.57
N GLY D 113 -8.21 14.07 -19.57
CA GLY D 113 -7.14 14.45 -20.48
C GLY D 113 -5.87 14.96 -19.80
N PRO D 114 -5.95 15.82 -18.75
CA PRO D 114 -4.74 16.32 -18.07
C PRO D 114 -4.00 15.22 -17.29
N ARG D 115 -4.62 14.04 -17.20
CA ARG D 115 -4.03 12.91 -16.48
C ARG D 115 -3.97 11.66 -17.37
N THR D 116 -3.83 11.85 -18.68
CA THR D 116 -3.76 10.71 -19.61
C THR D 116 -2.32 10.31 -19.91
N HIS D 117 -1.80 9.34 -19.14
CA HIS D 117 -0.44 8.84 -19.32
C HIS D 117 -0.25 7.57 -18.51
N TYR D 118 0.97 7.32 -18.05
CA TYR D 118 1.26 6.12 -17.26
C TYR D 118 0.96 6.36 -15.78
N GLY D 119 -0.32 6.52 -15.50
CA GLY D 119 -0.79 6.73 -14.14
C GLY D 119 -2.23 6.26 -14.01
N GLN D 120 -3.07 6.79 -14.89
CA GLN D 120 -4.47 6.40 -14.92
C GLN D 120 -4.63 5.22 -15.86
N LYS D 121 -4.98 4.07 -15.29
CA LYS D 121 -5.12 2.82 -16.05
C LYS D 121 -6.39 2.83 -16.90
N ALA D 122 -7.33 3.71 -16.55
CA ALA D 122 -8.59 3.83 -17.28
C ALA D 122 -8.38 3.99 -18.80
N ILE D 123 -7.16 4.33 -19.19
CA ILE D 123 -6.83 4.48 -20.62
C ILE D 123 -6.92 3.13 -21.34
N LEU D 124 -6.76 2.04 -20.60
CA LEU D 124 -6.82 0.71 -21.17
C LEU D 124 -8.27 0.25 -21.24
N PHE D 125 -8.92 0.57 -22.35
CA PHE D 125 -10.33 0.24 -22.53
C PHE D 125 -10.52 -1.22 -22.94
N LEU D 126 -11.64 -1.80 -22.52
CA LEU D 126 -11.99 -3.17 -22.85
C LEU D 126 -13.16 -3.16 -23.82
N PRO D 127 -12.90 -3.48 -25.10
CA PRO D 127 -13.93 -3.51 -26.13
C PRO D 127 -14.69 -4.82 -26.23
N LEU D 128 -15.99 -4.73 -26.49
CA LEU D 128 -16.85 -5.88 -26.66
C LEU D 128 -17.71 -5.75 -27.92
N PRO D 129 -17.07 -5.38 -29.06
CA PRO D 129 -17.77 -5.19 -30.33
C PRO D 129 -18.04 -6.49 -31.07
N VAL D 130 -19.10 -6.47 -31.88
CA VAL D 130 -19.46 -7.64 -32.67
C VAL D 130 -18.60 -7.72 -33.92
N SER D 131 -17.45 -8.38 -33.78
CA SER D 131 -16.51 -8.55 -34.88
C SER D 131 -17.07 -9.47 -35.96
N SER D 132 -16.31 -9.65 -37.03
CA SER D 132 -16.71 -10.51 -38.12
C SER D 132 -15.82 -11.76 -38.16
N ASP D 133 -15.95 -12.57 -37.11
CA ASP D 133 -15.16 -13.79 -36.98
C ASP D 133 -15.94 -14.98 -37.51
N TYR A 1 -17.21 -30.76 27.10
CA TYR A 1 -16.35 -31.94 26.82
C TYR A 1 -14.88 -31.52 26.76
N LYS A 2 -14.34 -31.08 27.90
CA LYS A 2 -12.94 -30.63 27.95
C LYS A 2 -12.03 -31.69 27.35
N LYS A 3 -11.48 -31.38 26.17
CA LYS A 3 -10.59 -32.28 25.46
C LYS A 3 -9.73 -31.49 24.48
N PRO A 4 -8.92 -32.18 23.63
CA PRO A 4 -8.05 -31.57 22.64
C PRO A 4 -8.40 -30.12 22.30
N LYS A 5 -7.61 -29.19 22.81
CA LYS A 5 -7.82 -27.77 22.56
C LYS A 5 -6.92 -27.31 21.42
N LEU A 6 -7.53 -27.09 20.25
CA LEU A 6 -6.77 -26.64 19.08
C LEU A 6 -6.58 -25.13 19.12
N LEU A 7 -5.37 -24.69 18.82
CA LEU A 7 -5.05 -23.26 18.83
C LEU A 7 -4.05 -22.92 17.72
N TYR A 8 -4.32 -21.81 17.02
CA TYR A 8 -3.45 -21.36 15.94
C TYR A 8 -3.66 -19.87 15.70
N CYS A 9 -2.85 -19.27 14.85
CA CYS A 9 -2.98 -17.84 14.55
C CYS A 9 -2.57 -17.53 13.12
N SER A 10 -2.93 -16.32 12.67
CA SER A 10 -2.62 -15.86 11.32
C SER A 10 -3.56 -16.52 10.32
N ASN A 11 -4.31 -15.71 9.60
CA ASN A 11 -5.26 -16.22 8.61
C ASN A 11 -4.58 -17.21 7.69
N GLY A 12 -5.15 -18.41 7.59
CA GLY A 12 -4.59 -19.43 6.73
C GLY A 12 -4.55 -20.78 7.42
N GLY A 13 -4.90 -21.82 6.68
CA GLY A 13 -4.89 -23.16 7.24
C GLY A 13 -3.55 -23.54 7.82
N HIS A 14 -3.48 -23.54 9.16
CA HIS A 14 -2.25 -23.89 9.88
C HIS A 14 -2.57 -24.14 11.35
N PHE A 15 -2.27 -25.34 11.84
CA PHE A 15 -2.55 -25.69 13.22
C PHE A 15 -1.25 -26.00 13.97
N LEU A 16 -1.24 -25.74 15.27
CA LEU A 16 -0.06 -26.00 16.09
C LEU A 16 0.10 -27.50 16.33
N ARG A 17 0.99 -28.13 15.59
CA ARG A 17 1.22 -29.56 15.74
C ARG A 17 2.41 -29.81 16.66
N ILE A 18 2.11 -30.27 17.86
CA ILE A 18 3.14 -30.53 18.86
C ILE A 18 3.70 -31.94 18.75
N LEU A 19 5.00 -32.08 18.96
CA LEU A 19 5.66 -33.37 18.92
C LEU A 19 6.51 -33.57 20.17
N PRO A 20 6.52 -34.79 20.73
CA PRO A 20 7.30 -35.10 21.94
C PRO A 20 8.73 -34.55 21.88
N ASP A 21 9.27 -34.47 20.66
CA ASP A 21 10.61 -33.93 20.45
C ASP A 21 10.72 -32.49 20.95
N GLY A 22 9.70 -31.69 20.66
CA GLY A 22 9.69 -30.31 21.08
C GLY A 22 9.50 -29.36 19.93
N THR A 23 9.99 -29.74 18.75
CA THR A 23 9.85 -28.90 17.56
C THR A 23 8.41 -28.88 17.06
N VAL A 24 7.61 -27.99 17.63
CA VAL A 24 6.21 -27.84 17.24
C VAL A 24 6.10 -26.87 16.06
N ASP A 25 5.35 -27.26 15.03
CA ASP A 25 5.18 -26.41 13.84
C ASP A 25 3.70 -26.21 13.53
N GLY A 26 3.42 -25.23 12.68
CA GLY A 26 2.05 -24.93 12.30
C GLY A 26 1.54 -25.81 11.18
N THR A 27 1.42 -27.10 11.45
CA THR A 27 0.95 -28.06 10.47
C THR A 27 -0.52 -27.83 10.14
N ARG A 28 -0.85 -27.73 8.86
CA ARG A 28 -2.22 -27.51 8.45
C ARG A 28 -2.90 -28.84 8.16
N ASP A 29 -3.09 -29.64 9.20
CA ASP A 29 -3.73 -30.95 9.06
C ASP A 29 -4.49 -31.30 10.33
N ARG A 30 -5.53 -32.11 10.18
CA ARG A 30 -6.35 -32.55 11.30
C ARG A 30 -6.61 -34.06 11.21
N SER A 31 -5.74 -34.76 10.49
CA SER A 31 -5.86 -36.20 10.33
C SER A 31 -5.09 -36.93 11.42
N ASP A 32 -3.90 -36.44 11.72
CA ASP A 32 -3.05 -37.04 12.74
C ASP A 32 -3.23 -36.31 14.07
N GLN A 33 -3.55 -37.05 15.13
CA GLN A 33 -3.76 -36.47 16.45
C GLN A 33 -2.46 -35.91 17.02
N HIS A 34 -2.02 -34.76 16.52
CA HIS A 34 -0.82 -34.12 17.04
C HIS A 34 -0.94 -32.59 17.04
N ILE A 35 -2.17 -32.10 16.93
CA ILE A 35 -2.43 -30.65 16.92
C ILE A 35 -3.45 -30.29 17.99
N GLN A 36 -3.28 -30.86 19.17
CA GLN A 36 -4.20 -30.61 20.28
C GLN A 36 -3.44 -30.50 21.60
N LEU A 37 -3.77 -29.48 22.36
CA LEU A 37 -3.15 -29.23 23.66
C LEU A 37 -4.21 -29.06 24.73
N GLN A 38 -3.88 -29.36 25.97
CA GLN A 38 -4.83 -29.23 27.06
C GLN A 38 -4.77 -27.83 27.67
N LEU A 39 -5.29 -26.86 26.92
CA LEU A 39 -5.32 -25.48 27.38
C LEU A 39 -6.39 -25.30 28.45
N SER A 40 -6.01 -24.72 29.57
CA SER A 40 -6.94 -24.48 30.67
C SER A 40 -6.40 -23.41 31.61
N ALA A 41 -7.31 -22.76 32.35
CA ALA A 41 -6.94 -21.73 33.29
C ALA A 41 -6.57 -22.38 34.62
N GLU A 42 -5.27 -22.46 34.89
CA GLU A 42 -4.80 -23.08 36.12
C GLU A 42 -5.09 -22.17 37.31
N SER A 43 -4.64 -20.94 37.23
CA SER A 43 -4.85 -19.96 38.29
C SER A 43 -5.70 -18.80 37.76
N VAL A 44 -6.07 -17.88 38.65
CA VAL A 44 -6.88 -16.73 38.26
C VAL A 44 -6.25 -15.98 37.09
N GLY A 45 -6.68 -16.33 35.87
CA GLY A 45 -6.15 -15.69 34.68
C GLY A 45 -4.94 -16.39 34.11
N GLU A 46 -4.31 -17.27 34.89
CA GLU A 46 -3.13 -17.98 34.45
C GLU A 46 -3.51 -19.27 33.71
N VAL A 47 -3.32 -19.28 32.40
CA VAL A 47 -3.63 -20.44 31.59
C VAL A 47 -2.35 -21.18 31.20
N TYR A 48 -2.42 -22.50 31.17
CA TYR A 48 -1.27 -23.32 30.82
C TYR A 48 -1.52 -24.09 29.53
N ILE A 49 -0.44 -24.31 28.77
CA ILE A 49 -0.51 -25.03 27.52
C ILE A 49 0.26 -26.34 27.65
N LYS A 50 -0.48 -27.43 27.80
CA LYS A 50 0.11 -28.74 27.95
C LYS A 50 -0.54 -29.75 27.02
N SER A 51 0.22 -30.24 26.04
CA SER A 51 -0.28 -31.22 25.09
C SER A 51 -0.19 -32.62 25.69
N THR A 52 -0.89 -32.80 26.81
CA THR A 52 -0.88 -34.06 27.53
C THR A 52 -1.25 -35.25 26.64
N GLU A 53 -2.52 -35.32 26.24
CA GLU A 53 -3.01 -36.42 25.42
C GLU A 53 -2.69 -36.23 23.94
N THR A 54 -1.41 -36.04 23.61
CA THR A 54 -1.00 -35.85 22.22
C THR A 54 0.48 -35.54 22.07
N GLY A 55 1.03 -34.70 22.95
CA GLY A 55 2.43 -34.35 22.83
C GLY A 55 3.14 -34.22 24.15
N GLN A 56 3.51 -32.99 24.49
CA GLN A 56 4.26 -32.71 25.71
C GLN A 56 3.84 -31.38 26.34
N TYR A 57 4.52 -31.01 27.42
CA TYR A 57 4.25 -29.76 28.12
C TYR A 57 5.15 -28.66 27.55
N LEU A 58 4.63 -27.44 27.49
CA LEU A 58 5.41 -26.32 26.96
C LEU A 58 6.35 -25.74 28.00
N ALA A 59 7.42 -25.12 27.51
CA ALA A 59 8.43 -24.50 28.35
C ALA A 59 9.22 -23.48 27.54
N MET A 60 8.68 -22.28 27.43
CA MET A 60 9.29 -21.21 26.67
C MET A 60 10.75 -20.99 27.04
N ASP A 61 11.57 -20.69 26.05
CA ASP A 61 12.98 -20.42 26.27
C ASP A 61 13.18 -18.93 26.45
N THR A 62 12.94 -18.46 27.66
CA THR A 62 13.08 -17.05 27.98
C THR A 62 12.10 -16.23 27.13
N ASP A 63 10.94 -16.81 26.84
CA ASP A 63 9.91 -16.16 25.99
C ASP A 63 10.40 -16.08 24.55
N GLY A 64 11.59 -15.51 24.36
CA GLY A 64 12.18 -15.39 23.03
C GLY A 64 11.81 -16.53 22.10
N LEU A 65 12.12 -17.75 22.52
CA LEU A 65 11.81 -18.93 21.73
C LEU A 65 10.82 -19.81 22.48
N LEU A 66 9.78 -20.24 21.78
CA LEU A 66 8.75 -21.08 22.39
C LEU A 66 9.01 -22.54 22.10
N TYR A 67 9.03 -23.37 23.14
CA TYR A 67 9.25 -24.80 23.01
C TYR A 67 8.61 -25.55 24.17
N GLY A 68 8.69 -26.88 24.13
CA GLY A 68 8.12 -27.69 25.18
C GLY A 68 8.39 -29.16 24.96
N SER A 69 8.61 -29.89 26.05
CA SER A 69 8.88 -31.33 25.98
C SER A 69 9.31 -31.88 27.33
N GLN A 70 10.43 -31.40 27.84
CA GLN A 70 10.98 -31.88 29.12
C GLN A 70 10.03 -31.62 30.29
N THR A 71 9.90 -30.36 30.70
CA THR A 71 9.05 -30.03 31.84
C THR A 71 8.30 -28.71 31.65
N PRO A 72 7.08 -28.60 32.20
CA PRO A 72 6.25 -27.40 32.11
C PRO A 72 6.75 -26.32 33.07
N ASN A 73 7.90 -25.74 32.76
CA ASN A 73 8.49 -24.70 33.60
C ASN A 73 7.59 -23.47 33.66
N GLU A 74 7.75 -22.66 34.72
CA GLU A 74 6.93 -21.45 34.90
C GLU A 74 6.82 -20.67 33.59
N GLU A 75 7.86 -20.73 32.75
CA GLU A 75 7.84 -20.07 31.45
C GLU A 75 6.54 -20.38 30.69
N CYS A 76 5.92 -21.52 31.01
CA CYS A 76 4.69 -21.94 30.35
C CYS A 76 3.42 -21.31 30.97
N LEU A 77 3.56 -20.45 31.96
CA LEU A 77 2.40 -19.81 32.57
C LEU A 77 2.07 -18.51 31.85
N PHE A 78 0.87 -18.43 31.28
CA PHE A 78 0.44 -17.25 30.53
C PHE A 78 -0.90 -16.72 31.04
N LEU A 79 -1.05 -15.40 30.97
CA LEU A 79 -2.28 -14.75 31.40
C LEU A 79 -3.29 -14.78 30.25
N GLU A 80 -4.47 -15.31 30.52
CA GLU A 80 -5.52 -15.42 29.51
C GLU A 80 -6.17 -14.06 29.24
N ARG A 81 -6.00 -13.56 28.01
CA ARG A 81 -6.58 -12.29 27.60
C ARG A 81 -7.34 -12.46 26.28
N LEU A 82 -8.36 -11.65 26.09
CA LEU A 82 -9.18 -11.74 24.88
C LEU A 82 -9.18 -10.40 24.13
N GLU A 83 -9.12 -10.45 22.81
CA GLU A 83 -9.13 -9.25 21.99
C GLU A 83 -10.41 -9.19 21.18
N GLU A 84 -10.97 -8.00 21.03
CA GLU A 84 -12.21 -7.81 20.27
C GLU A 84 -11.93 -7.95 18.77
N ASN A 85 -11.32 -9.05 18.39
CA ASN A 85 -10.98 -9.33 17.00
C ASN A 85 -11.15 -10.84 16.72
N HIS A 86 -11.95 -11.51 17.55
CA HIS A 86 -12.18 -12.94 17.41
C HIS A 86 -10.88 -13.73 17.56
N TYR A 87 -10.08 -13.34 18.55
CA TYR A 87 -8.80 -14.00 18.81
C TYR A 87 -8.47 -13.99 20.31
N ASN A 88 -7.68 -14.97 20.72
CA ASN A 88 -7.27 -15.10 22.12
C ASN A 88 -5.85 -14.58 22.30
N THR A 89 -5.59 -14.02 23.47
CA THR A 89 -4.27 -13.49 23.79
C THR A 89 -3.76 -14.10 25.08
N TYR A 90 -2.49 -14.48 25.11
CA TYR A 90 -1.89 -15.09 26.29
C TYR A 90 -0.59 -14.37 26.63
N ILE A 91 -0.56 -13.74 27.80
CA ILE A 91 0.61 -12.99 28.23
C ILE A 91 1.53 -13.85 29.10
N SER A 92 2.74 -14.09 28.62
CA SER A 92 3.71 -14.88 29.36
C SER A 92 4.18 -14.09 30.59
N LYS A 93 3.36 -14.11 31.64
CA LYS A 93 3.67 -13.40 32.87
C LYS A 93 5.13 -13.57 33.27
N LYS A 94 5.68 -14.76 33.00
CA LYS A 94 7.08 -15.04 33.31
C LYS A 94 7.99 -13.97 32.69
N HIS A 95 7.56 -13.37 31.59
CA HIS A 95 8.34 -12.33 30.92
C HIS A 95 7.52 -11.06 30.68
N ALA A 96 6.32 -11.00 31.27
CA ALA A 96 5.45 -9.84 31.11
C ALA A 96 6.21 -8.56 31.44
N GLU A 97 7.18 -8.67 32.35
CA GLU A 97 8.01 -7.54 32.76
C GLU A 97 8.59 -6.82 31.54
N LYS A 98 8.88 -7.58 30.48
CA LYS A 98 9.44 -7.00 29.26
C LYS A 98 8.32 -6.77 28.22
N ASN A 99 7.07 -6.84 28.67
CA ASN A 99 5.93 -6.65 27.78
C ASN A 99 5.94 -7.69 26.67
N TRP A 100 6.37 -8.90 27.02
CA TRP A 100 6.46 -10.00 26.07
C TRP A 100 5.33 -11.00 26.31
N PHE A 101 4.56 -11.27 25.26
CA PHE A 101 3.45 -12.21 25.35
C PHE A 101 3.46 -13.15 24.15
N VAL A 102 3.62 -14.47 24.46
CA VAL A 102 3.68 -15.58 23.50
C VAL A 102 3.23 -15.22 22.08
N GLY A 103 4.14 -15.43 21.14
CA GLY A 103 3.85 -15.16 19.73
C GLY A 103 4.48 -16.24 18.85
N LEU A 104 3.70 -16.78 17.90
CA LEU A 104 4.20 -17.83 17.01
C LEU A 104 4.15 -17.41 15.55
N LYS A 105 4.93 -18.09 14.72
CA LYS A 105 4.98 -17.83 13.30
C LYS A 105 4.19 -18.90 12.54
N LYS A 106 3.00 -18.54 12.08
CA LYS A 106 2.11 -19.44 11.34
C LYS A 106 2.89 -20.31 10.35
N ASN A 107 3.80 -19.69 9.62
CA ASN A 107 4.62 -20.40 8.63
C ASN A 107 6.06 -20.53 9.09
N GLY A 108 6.27 -20.72 10.38
CA GLY A 108 7.61 -20.85 10.92
C GLY A 108 7.67 -21.73 12.16
N SER A 109 6.84 -21.40 13.15
CA SER A 109 6.76 -22.11 14.42
C SER A 109 6.62 -21.09 15.55
N CYS A 110 6.44 -21.56 16.77
CA CYS A 110 6.28 -20.68 17.92
C CYS A 110 7.65 -20.27 18.48
N LYS A 111 8.08 -19.04 18.15
CA LYS A 111 9.36 -18.52 18.63
C LYS A 111 9.59 -17.11 18.10
N ARG A 112 8.96 -16.16 18.77
CA ARG A 112 9.06 -14.76 18.40
C ARG A 112 9.02 -13.87 19.63
N GLY A 113 9.60 -14.34 20.74
CA GLY A 113 9.65 -13.56 21.98
C GLY A 113 10.16 -12.15 21.75
N PRO A 114 11.32 -11.93 21.07
CA PRO A 114 11.83 -10.57 20.84
C PRO A 114 10.86 -9.72 20.00
N ARG A 115 9.81 -10.37 19.49
CA ARG A 115 8.79 -9.71 18.67
C ARG A 115 7.38 -9.99 19.20
N THR A 116 7.27 -10.31 20.51
CA THR A 116 5.97 -10.62 21.11
C THR A 116 5.28 -9.39 21.68
N HIS A 117 5.70 -8.21 21.23
CA HIS A 117 5.09 -6.97 21.69
C HIS A 117 4.12 -6.47 20.61
N TYR A 118 3.59 -5.26 20.78
CA TYR A 118 2.64 -4.72 19.80
C TYR A 118 3.33 -4.45 18.47
N GLY A 119 3.09 -5.32 17.51
CA GLY A 119 3.68 -5.20 16.19
C GLY A 119 3.34 -6.42 15.35
N GLN A 120 3.49 -7.59 15.96
CA GLN A 120 3.15 -8.85 15.31
C GLN A 120 1.75 -9.24 15.71
N LYS A 121 0.89 -9.44 14.72
CA LYS A 121 -0.50 -9.79 14.98
C LYS A 121 -0.65 -11.28 15.32
N ALA A 122 0.38 -12.06 14.98
CA ALA A 122 0.37 -13.50 15.26
C ALA A 122 0.07 -13.81 16.73
N ILE A 123 0.18 -12.81 17.59
CA ILE A 123 -0.11 -12.96 19.01
C ILE A 123 -1.61 -13.20 19.25
N LEU A 124 -2.43 -12.80 18.28
CA LEU A 124 -3.88 -13.01 18.38
C LEU A 124 -4.22 -14.39 17.86
N PHE A 125 -4.21 -15.37 18.75
CA PHE A 125 -4.50 -16.75 18.40
C PHE A 125 -5.99 -17.02 18.27
N LEU A 126 -6.33 -17.93 17.37
CA LEU A 126 -7.72 -18.32 17.14
C LEU A 126 -7.92 -19.74 17.66
N PRO A 127 -8.62 -19.88 18.80
CA PRO A 127 -8.87 -21.18 19.41
C PRO A 127 -10.12 -21.89 18.87
N LEU A 128 -10.01 -23.22 18.74
CA LEU A 128 -11.11 -24.05 18.26
C LEU A 128 -11.29 -25.25 19.20
N PRO A 129 -11.32 -25.02 20.52
CA PRO A 129 -11.46 -26.08 21.52
C PRO A 129 -12.91 -26.54 21.72
N VAL A 130 -13.06 -27.79 22.12
CA VAL A 130 -14.39 -28.35 22.37
C VAL A 130 -14.90 -27.91 23.74
N SER A 131 -15.56 -26.76 23.77
CA SER A 131 -16.10 -26.22 25.00
C SER A 131 -17.27 -27.05 25.53
N SER A 132 -17.79 -26.65 26.68
CA SER A 132 -18.93 -27.35 27.28
C SER A 132 -20.18 -26.47 27.20
N ASP A 133 -20.63 -26.24 25.98
CA ASP A 133 -21.81 -25.42 25.73
C ASP A 133 -23.05 -26.28 25.61
N MET B 1 -17.70 -4.20 2.51
CA MET B 1 -18.38 -4.07 3.83
C MET B 1 -17.44 -3.42 4.83
N ALA B 2 -16.49 -4.21 5.35
CA ALA B 2 -15.51 -3.73 6.30
C ALA B 2 -14.11 -3.85 5.68
N ALA B 3 -13.09 -3.33 6.37
CA ALA B 3 -11.73 -3.39 5.85
C ALA B 3 -11.68 -2.54 4.59
N GLU B 4 -12.07 -1.28 4.73
CA GLU B 4 -12.10 -0.34 3.61
C GLU B 4 -10.72 0.21 3.30
N PRO B 5 -10.40 0.35 2.00
CA PRO B 5 -9.12 0.89 1.55
C PRO B 5 -9.03 2.40 1.73
N LEU B 6 -7.89 2.87 2.20
CA LEU B 6 -7.66 4.28 2.43
C LEU B 6 -7.01 4.90 1.19
N THR B 7 -6.60 6.16 1.29
CA THR B 7 -5.96 6.82 0.15
C THR B 7 -4.54 6.29 -0.05
N GLU B 8 -3.98 6.54 -1.24
CA GLU B 8 -2.63 6.07 -1.60
C GLU B 8 -1.56 6.45 -0.57
N LEU B 9 -1.69 7.65 0.02
CA LEU B 9 -0.73 8.13 0.99
C LEU B 9 -0.96 7.50 2.38
N GLU B 10 -2.22 7.29 2.76
CA GLU B 10 -2.52 6.61 4.03
C GLU B 10 -1.97 5.17 3.99
N GLU B 11 -2.20 4.46 2.87
CA GLU B 11 -1.66 3.11 2.63
C GLU B 11 -0.15 3.12 2.89
N SER B 12 0.55 4.04 2.22
CA SER B 12 2.01 4.04 2.25
C SER B 12 2.57 4.50 3.60
N ILE B 13 1.98 5.49 4.29
CA ILE B 13 2.44 5.80 5.64
C ILE B 13 2.19 4.60 6.55
N GLU B 14 1.03 3.94 6.44
CA GLU B 14 0.79 2.78 7.28
C GLU B 14 1.86 1.73 7.06
N THR B 15 2.08 1.27 5.81
CA THR B 15 3.00 0.15 5.57
C THR B 15 4.39 0.39 6.18
N VAL B 16 4.89 1.63 6.12
CA VAL B 16 6.17 1.95 6.75
C VAL B 16 6.01 2.08 8.27
N VAL B 17 4.92 2.67 8.76
CA VAL B 17 4.65 2.79 10.19
C VAL B 17 4.58 1.42 10.85
N THR B 18 3.88 0.44 10.25
CA THR B 18 3.80 -0.92 10.82
C THR B 18 5.19 -1.60 10.86
N THR B 19 5.99 -1.40 9.79
CA THR B 19 7.35 -1.90 9.74
C THR B 19 8.20 -1.26 10.84
N PHE B 20 8.20 0.07 10.91
CA PHE B 20 8.78 0.83 12.02
C PHE B 20 8.38 0.20 13.35
N PHE B 21 7.08 0.03 13.56
CA PHE B 21 6.53 -0.51 14.81
C PHE B 21 6.93 -1.96 15.06
N THR B 22 7.31 -2.70 14.02
CA THR B 22 7.71 -4.10 14.17
C THR B 22 9.16 -4.20 14.69
N PHE B 23 9.80 -3.05 14.89
CA PHE B 23 11.16 -2.99 15.40
C PHE B 23 11.22 -2.09 16.64
N ALA B 24 10.34 -1.09 16.67
CA ALA B 24 10.24 -0.12 17.76
C ALA B 24 9.87 -0.82 19.08
N ARG B 25 9.05 -1.86 18.99
CA ARG B 25 8.59 -2.58 20.17
C ARG B 25 9.51 -3.71 20.61
N GLN B 26 10.62 -3.91 19.89
CA GLN B 26 11.56 -4.98 20.21
C GLN B 26 12.00 -4.94 21.69
N GLU B 27 12.38 -3.77 22.16
CA GLU B 27 12.85 -3.60 23.54
C GLU B 27 12.04 -2.52 24.27
N GLY B 28 12.66 -1.90 25.27
CA GLY B 28 12.04 -0.81 26.02
C GLY B 28 11.46 0.31 25.18
N ARG B 29 10.18 0.64 25.46
CA ARG B 29 9.40 1.67 24.76
C ARG B 29 9.14 1.30 23.29
N LYS B 30 7.85 1.11 22.95
CA LYS B 30 7.48 0.72 21.58
C LYS B 30 7.31 1.94 20.66
N ASP B 31 8.22 2.91 20.80
CA ASP B 31 8.23 4.12 19.99
C ASP B 31 9.68 4.33 19.54
N SER B 32 10.59 4.30 20.50
CA SER B 32 12.00 4.50 20.25
C SER B 32 12.67 3.21 19.79
N LEU B 33 13.50 3.31 18.75
CA LEU B 33 14.48 2.29 18.42
C LEU B 33 15.74 2.60 19.22
N SER B 34 16.20 1.68 20.09
CA SER B 34 17.54 1.80 20.63
C SER B 34 18.56 1.23 19.64
N VAL B 35 19.84 1.26 19.98
CA VAL B 35 20.95 1.00 19.07
C VAL B 35 20.76 -0.32 18.29
N ASN B 36 20.62 -1.44 19.01
CA ASN B 36 20.41 -2.76 18.37
C ASN B 36 19.15 -2.74 17.50
N GLU B 37 18.04 -2.39 18.14
CA GLU B 37 16.74 -2.18 17.51
C GLU B 37 16.88 -1.47 16.15
N PHE B 38 17.62 -0.36 16.15
CA PHE B 38 17.85 0.43 14.97
C PHE B 38 18.65 -0.39 13.94
N LYS B 39 19.78 -0.94 14.38
CA LYS B 39 20.62 -1.75 13.50
C LYS B 39 19.84 -2.90 12.86
N GLU B 40 18.87 -3.46 13.59
CA GLU B 40 18.04 -4.55 13.11
C GLU B 40 17.26 -4.20 11.83
N LEU B 41 16.89 -2.92 11.67
CA LEU B 41 16.12 -2.49 10.50
C LEU B 41 17.02 -2.65 9.27
N VAL B 42 18.19 -2.02 9.35
CA VAL B 42 19.09 -1.90 8.23
C VAL B 42 19.62 -3.29 7.87
N THR B 43 20.13 -4.01 8.87
CA THR B 43 20.70 -5.34 8.66
C THR B 43 19.71 -6.38 8.11
N GLN B 44 18.42 -6.24 8.43
CA GLN B 44 17.44 -7.21 7.97
C GLN B 44 16.73 -6.83 6.66
N GLN B 45 16.08 -5.67 6.63
CA GLN B 45 15.31 -5.27 5.44
C GLN B 45 15.97 -4.18 4.59
N LEU B 46 17.26 -3.92 4.77
CA LEU B 46 17.91 -2.88 3.96
C LEU B 46 19.34 -3.28 3.57
N PRO B 47 19.46 -4.19 2.58
CA PRO B 47 20.74 -4.68 2.10
C PRO B 47 21.25 -4.00 0.82
N HIS B 48 20.40 -3.21 0.17
CA HIS B 48 20.78 -2.55 -1.07
C HIS B 48 20.86 -1.03 -0.92
N LEU B 49 19.73 -0.40 -0.54
CA LEU B 49 19.65 1.03 -0.35
C LEU B 49 20.87 1.60 0.37
N LEU B 50 21.02 1.25 1.64
CA LEU B 50 22.14 1.62 2.49
C LEU B 50 22.92 0.34 2.76
N LYS B 51 23.76 -0.03 1.79
CA LYS B 51 24.59 -1.24 1.84
C LYS B 51 25.72 -1.13 2.86
N ASP B 52 25.54 -0.31 3.89
CA ASP B 52 26.54 -0.13 4.93
C ASP B 52 26.04 -0.72 6.24
N VAL B 53 26.17 -2.02 6.38
CA VAL B 53 25.74 -2.72 7.60
C VAL B 53 26.88 -2.79 8.62
N GLY B 54 27.84 -1.88 8.50
CA GLY B 54 28.96 -1.84 9.41
C GLY B 54 29.10 -0.50 10.09
N SER B 55 28.84 0.57 9.34
CA SER B 55 28.96 1.93 9.87
C SER B 55 27.59 2.49 10.29
N LEU B 56 26.82 1.67 10.98
CA LEU B 56 25.51 2.07 11.46
C LEU B 56 25.69 3.17 12.52
N ASP B 57 26.82 3.17 13.23
CA ASP B 57 27.20 4.23 14.16
C ASP B 57 27.13 5.61 13.47
N GLU B 58 27.71 5.74 12.28
CA GLU B 58 27.69 6.97 11.50
C GLU B 58 26.24 7.41 11.29
N LYS B 59 25.40 6.52 10.76
CA LYS B 59 23.99 6.83 10.56
C LYS B 59 23.39 7.29 11.89
N MET B 60 23.57 6.50 12.95
CA MET B 60 23.04 6.79 14.28
C MET B 60 23.41 8.22 14.69
N LYS B 61 24.69 8.58 14.67
CA LYS B 61 25.13 9.93 15.01
C LYS B 61 24.48 10.97 14.07
N SER B 62 24.41 10.68 12.78
CA SER B 62 23.79 11.58 11.80
C SER B 62 22.30 11.77 12.06
N LEU B 63 21.63 10.77 12.63
CA LEU B 63 20.20 10.74 12.92
C LEU B 63 19.90 11.36 14.28
N ASP B 64 20.40 10.73 15.35
CA ASP B 64 20.13 11.08 16.72
C ASP B 64 20.90 12.35 17.10
N VAL B 65 20.44 13.51 16.62
CA VAL B 65 21.09 14.80 16.82
C VAL B 65 21.45 15.07 18.29
N ASN B 66 20.57 14.66 19.20
CA ASN B 66 20.74 14.84 20.65
C ASN B 66 21.59 13.74 21.29
N GLN B 67 21.89 12.67 20.56
CA GLN B 67 22.71 11.54 21.01
C GLN B 67 22.24 11.04 22.38
N ASP B 68 20.94 10.75 22.50
CA ASP B 68 20.33 10.13 23.67
C ASP B 68 20.37 8.60 23.55
N SER B 69 20.73 8.07 22.38
CA SER B 69 20.71 6.64 22.09
C SER B 69 19.29 6.09 22.07
N GLU B 70 18.33 6.96 21.74
CA GLU B 70 16.97 6.63 21.37
C GLU B 70 16.65 7.42 20.11
N LEU B 71 16.37 6.75 18.99
CA LEU B 71 15.74 7.39 17.87
C LEU B 71 14.24 7.36 18.14
N LYS B 72 13.69 8.42 18.77
CA LYS B 72 12.24 8.62 18.89
C LYS B 72 11.60 8.51 17.50
N PHE B 73 10.28 8.29 17.43
CA PHE B 73 9.52 8.17 16.19
C PHE B 73 10.02 9.15 15.11
N ASN B 74 9.99 10.45 15.43
CA ASN B 74 10.37 11.50 14.48
C ASN B 74 11.87 11.50 14.16
N GLU B 75 12.73 11.08 15.11
CA GLU B 75 14.16 10.99 14.88
C GLU B 75 14.44 9.83 13.91
N TYR B 76 13.94 8.64 14.26
CA TYR B 76 14.00 7.45 13.42
C TYR B 76 13.53 7.80 12.01
N TRP B 77 12.36 8.43 11.95
CA TRP B 77 11.72 8.84 10.70
C TRP B 77 12.74 9.47 9.74
N ARG B 78 13.72 10.26 10.23
CA ARG B 78 14.80 10.81 9.40
C ARG B 78 15.32 9.79 8.37
N LEU B 79 15.63 8.58 8.82
CA LEU B 79 16.13 7.52 7.96
C LEU B 79 15.28 7.41 6.70
N ILE B 80 13.95 7.45 6.83
CA ILE B 80 13.02 7.23 5.72
C ILE B 80 13.27 8.29 4.64
N GLY B 81 13.78 9.45 5.03
CA GLY B 81 14.10 10.54 4.13
C GLY B 81 15.33 10.21 3.35
N GLU B 82 16.31 9.67 4.05
CA GLU B 82 17.58 9.33 3.48
C GLU B 82 17.34 8.15 2.53
N LEU B 83 16.41 7.26 2.87
CA LEU B 83 15.95 6.19 1.99
C LEU B 83 15.28 6.76 0.74
N ALA B 84 14.20 7.53 0.93
CA ALA B 84 13.38 8.13 -0.13
C ALA B 84 14.23 9.05 -1.02
N LYS B 85 15.30 9.59 -0.46
CA LYS B 85 16.31 10.33 -1.19
C LYS B 85 17.16 9.33 -1.97
N GLU B 86 17.88 8.42 -1.29
CA GLU B 86 18.77 7.42 -1.89
C GLU B 86 18.16 6.74 -3.12
N ILE B 87 16.91 6.26 -3.05
CA ILE B 87 16.29 5.58 -4.17
C ILE B 87 16.36 6.39 -5.49
N ARG B 88 16.30 7.72 -5.40
CA ARG B 88 16.48 8.64 -6.52
C ARG B 88 17.96 8.99 -6.63
N LYS B 89 18.54 9.46 -5.53
CA LYS B 89 19.83 10.11 -5.43
C LYS B 89 20.98 9.19 -5.79
N LYS B 90 20.84 7.86 -5.66
CA LYS B 90 21.68 7.10 -4.73
C LYS B 90 23.10 7.68 -4.61
N LYS B 91 23.94 7.63 -5.65
CA LYS B 91 25.30 8.19 -5.62
C LYS B 91 25.52 9.04 -6.89
N ASP B 92 24.53 9.89 -7.22
CA ASP B 92 24.45 10.87 -8.30
C ASP B 92 25.60 11.86 -8.21
N LEU B 93 26.79 11.37 -8.56
CA LEU B 93 28.08 11.99 -8.35
C LEU B 93 29.10 11.06 -9.02
N LYS B 94 29.06 9.76 -8.69
CA LYS B 94 29.85 8.71 -9.33
C LYS B 94 28.96 7.66 -10.00
N ILE B 95 27.89 7.21 -9.33
CA ILE B 95 27.10 6.05 -9.73
C ILE B 95 25.61 6.35 -9.52
N ARG B 96 24.75 6.48 -10.54
CA ARG B 96 24.94 6.60 -11.98
C ARG B 96 23.59 6.78 -12.70
N MET C 1 16.27 5.87 -17.28
CA MET C 1 14.99 6.43 -17.72
C MET C 1 13.90 6.07 -16.72
N ALA C 2 13.67 4.77 -16.46
CA ALA C 2 12.70 4.32 -15.46
C ALA C 2 12.77 2.81 -15.22
N ALA C 3 13.07 2.40 -13.97
CA ALA C 3 12.53 1.23 -13.27
C ALA C 3 12.05 0.00 -14.06
N GLU C 4 12.87 -1.05 -14.15
CA GLU C 4 12.43 -2.46 -14.12
C GLU C 4 12.25 -2.87 -12.63
N PRO C 5 11.93 -4.16 -12.30
CA PRO C 5 11.77 -4.74 -10.95
C PRO C 5 12.38 -3.97 -9.79
N LEU C 6 11.61 -3.92 -8.70
CA LEU C 6 12.01 -3.24 -7.48
C LEU C 6 11.81 -4.17 -6.27
N THR C 7 11.00 -3.73 -5.30
CA THR C 7 10.71 -4.54 -4.11
C THR C 7 9.36 -4.12 -3.52
N GLU C 8 8.98 -4.75 -2.39
CA GLU C 8 7.71 -4.47 -1.74
C GLU C 8 7.55 -2.99 -1.34
N LEU C 9 8.56 -2.43 -0.67
CA LEU C 9 8.50 -1.03 -0.23
C LEU C 9 8.80 -0.06 -1.38
N GLU C 10 9.46 -0.55 -2.41
CA GLU C 10 9.79 0.27 -3.56
C GLU C 10 8.53 0.54 -4.40
N GLU C 11 7.59 -0.40 -4.38
CA GLU C 11 6.30 -0.20 -5.04
C GLU C 11 5.60 1.04 -4.47
N SER C 12 5.49 1.08 -3.14
CA SER C 12 4.69 2.09 -2.46
C SER C 12 5.33 3.49 -2.52
N ILE C 13 6.65 3.60 -2.71
CA ILE C 13 7.25 4.88 -3.09
C ILE C 13 6.99 5.17 -4.58
N GLU C 14 6.95 4.15 -5.45
CA GLU C 14 6.58 4.38 -6.85
C GLU C 14 5.17 4.97 -6.95
N THR C 15 4.17 4.31 -6.35
CA THR C 15 2.76 4.67 -6.58
C THR C 15 2.51 6.18 -6.41
N VAL C 16 3.15 6.80 -5.41
CA VAL C 16 3.04 8.24 -5.20
C VAL C 16 3.82 9.03 -6.26
N VAL C 17 5.00 8.54 -6.69
CA VAL C 17 5.76 9.15 -7.77
C VAL C 17 4.94 9.14 -9.06
N THR C 18 4.24 8.02 -9.34
CA THR C 18 3.39 7.93 -10.52
C THR C 18 2.31 9.03 -10.53
N THR C 19 1.89 9.47 -9.33
CA THR C 19 0.91 10.57 -9.21
C THR C 19 1.62 11.86 -9.61
N PHE C 20 2.78 12.06 -9.00
CA PHE C 20 3.69 13.16 -9.28
C PHE C 20 3.90 13.28 -10.79
N PHE C 21 4.34 12.17 -11.41
CA PHE C 21 4.65 12.09 -12.84
C PHE C 21 3.45 12.44 -13.74
N THR C 22 2.23 12.13 -13.33
CA THR C 22 1.07 12.43 -14.19
C THR C 22 0.46 13.80 -13.90
N PHE C 23 1.22 14.65 -13.23
CA PHE C 23 0.77 15.99 -12.89
C PHE C 23 1.86 17.01 -13.21
N ALA C 24 3.11 16.55 -13.21
CA ALA C 24 4.25 17.41 -13.48
C ALA C 24 4.57 17.51 -14.96
N ARG C 25 4.03 16.60 -15.76
CA ARG C 25 4.22 16.67 -17.22
C ARG C 25 3.10 17.50 -17.85
N GLN C 26 2.64 18.51 -17.11
CA GLN C 26 1.51 19.32 -17.53
C GLN C 26 1.86 20.52 -18.43
N GLU C 27 2.83 21.36 -18.04
CA GLU C 27 3.10 22.56 -18.83
C GLU C 27 4.37 22.45 -19.67
N GLY C 28 5.54 22.63 -19.02
CA GLY C 28 6.83 22.06 -19.34
C GLY C 28 7.04 20.78 -18.55
N ARG C 29 7.98 19.94 -19.01
CA ARG C 29 8.95 19.25 -18.17
C ARG C 29 8.34 18.49 -16.98
N LYS C 30 8.35 17.14 -17.13
CA LYS C 30 7.81 16.21 -16.13
C LYS C 30 8.74 16.03 -14.92
N ASP C 31 10.01 16.34 -15.10
CA ASP C 31 11.01 16.21 -14.06
C ASP C 31 10.93 17.32 -12.99
N SER C 32 10.16 18.40 -13.23
CA SER C 32 9.98 19.49 -12.26
C SER C 32 8.49 19.82 -12.08
N LEU C 33 8.08 20.06 -10.84
CA LEU C 33 6.76 20.62 -10.57
C LEU C 33 6.77 22.09 -10.99
N SER C 34 5.70 22.48 -11.67
CA SER C 34 5.42 23.80 -12.20
C SER C 34 4.13 24.30 -11.53
N VAL C 35 3.82 25.61 -11.53
CA VAL C 35 2.75 26.14 -10.68
C VAL C 35 1.44 26.34 -11.45
N ASN C 36 1.07 25.29 -12.18
CA ASN C 36 -0.27 24.82 -12.42
C ASN C 36 -0.11 23.33 -12.75
N GLU C 37 0.55 22.73 -11.74
CA GLU C 37 0.87 21.32 -11.59
C GLU C 37 0.83 21.05 -10.09
N PHE C 38 1.49 21.96 -9.35
CA PHE C 38 1.54 21.97 -7.91
C PHE C 38 0.16 22.35 -7.35
N LYS C 39 -0.34 23.53 -7.71
CA LYS C 39 -1.60 24.00 -7.14
C LYS C 39 -2.73 23.01 -7.51
N GLU C 40 -2.68 22.46 -8.72
CA GLU C 40 -3.67 21.47 -9.14
C GLU C 40 -3.52 20.18 -8.34
N LEU C 41 -2.29 19.89 -7.90
CA LEU C 41 -2.00 18.68 -7.13
C LEU C 41 -2.52 18.81 -5.70
N VAL C 42 -2.25 19.96 -5.05
CA VAL C 42 -2.72 20.21 -3.71
C VAL C 42 -4.24 20.34 -3.69
N THR C 43 -4.80 21.06 -4.65
CA THR C 43 -6.25 21.27 -4.70
C THR C 43 -7.04 19.98 -4.99
N GLN C 44 -6.40 18.98 -5.61
CA GLN C 44 -7.11 17.75 -5.96
C GLN C 44 -6.72 16.55 -5.08
N GLN C 45 -5.41 16.27 -4.98
CA GLN C 45 -4.95 15.11 -4.23
C GLN C 45 -4.67 15.41 -2.75
N LEU C 46 -4.48 16.68 -2.40
CA LEU C 46 -4.21 17.03 -0.99
C LEU C 46 -5.22 18.05 -0.41
N PRO C 47 -6.54 17.99 -0.73
CA PRO C 47 -7.51 18.96 -0.22
C PRO C 47 -7.94 18.69 1.22
N HIS C 48 -7.80 17.43 1.64
CA HIS C 48 -8.18 17.03 3.00
C HIS C 48 -6.95 16.95 3.89
N LEU C 49 -5.89 16.34 3.38
CA LEU C 49 -4.65 16.19 4.13
C LEU C 49 -4.01 17.56 4.37
N LEU C 50 -3.80 18.30 3.29
CA LEU C 50 -3.25 19.64 3.38
C LEU C 50 -4.37 20.66 3.35
N LYS C 51 -4.76 21.11 4.54
CA LYS C 51 -5.85 22.09 4.68
C LYS C 51 -5.34 23.51 4.50
N ASP C 52 -4.55 23.72 3.44
CA ASP C 52 -4.00 25.02 3.13
C ASP C 52 -3.78 25.14 1.62
N VAL C 53 -4.85 24.92 0.86
CA VAL C 53 -4.81 25.00 -0.60
C VAL C 53 -4.80 26.45 -1.10
N GLY C 54 -5.17 27.37 -0.22
CA GLY C 54 -5.21 28.77 -0.59
C GLY C 54 -3.92 29.47 -0.24
N SER C 55 -3.09 28.81 0.57
CA SER C 55 -1.81 29.37 0.99
C SER C 55 -0.65 28.51 0.48
N LEU C 56 -0.85 27.89 -0.70
CA LEU C 56 0.16 27.07 -1.32
C LEU C 56 1.45 27.89 -1.49
N ASP C 57 1.32 29.10 -2.02
CA ASP C 57 2.39 30.04 -2.33
C ASP C 57 3.44 30.12 -1.22
N GLU C 58 3.01 30.13 0.05
CA GLU C 58 3.93 30.10 1.18
C GLU C 58 4.73 28.78 1.20
N LYS C 59 4.01 27.66 1.05
CA LYS C 59 4.63 26.34 1.01
C LYS C 59 5.63 26.29 -0.14
N MET C 60 5.19 26.76 -1.31
CA MET C 60 6.03 26.85 -2.50
C MET C 60 7.32 27.61 -2.17
N LYS C 61 7.22 28.82 -1.62
CA LYS C 61 8.39 29.59 -1.27
C LYS C 61 9.29 28.81 -0.29
N SER C 62 8.68 28.17 0.71
CA SER C 62 9.40 27.36 1.68
C SER C 62 10.10 26.16 1.03
N LEU C 63 9.44 25.54 0.05
CA LEU C 63 9.92 24.37 -0.65
C LEU C 63 11.10 24.75 -1.55
N ASP C 64 10.87 25.70 -2.46
CA ASP C 64 11.65 25.97 -3.65
C ASP C 64 13.14 26.30 -3.45
N VAL C 65 13.55 26.57 -2.20
CA VAL C 65 14.37 27.68 -1.69
C VAL C 65 15.48 28.26 -2.57
N ASN C 66 16.02 27.52 -3.56
CA ASN C 66 16.82 28.17 -4.60
C ASN C 66 15.97 29.24 -5.32
N GLN C 67 14.65 29.09 -5.30
CA GLN C 67 13.67 30.05 -5.80
C GLN C 67 13.75 30.19 -7.32
N ASP C 68 14.34 29.20 -8.01
CA ASP C 68 14.25 29.08 -9.46
C ASP C 68 12.78 28.90 -9.90
N SER C 69 11.90 28.50 -8.97
CA SER C 69 10.50 28.27 -9.20
C SER C 69 10.23 27.03 -10.08
N GLU C 70 11.26 26.22 -10.32
CA GLU C 70 11.08 24.82 -10.61
C GLU C 70 11.11 24.12 -9.26
N LEU C 71 9.98 23.57 -8.83
CA LEU C 71 9.93 22.76 -7.64
C LEU C 71 10.61 21.44 -8.02
N LYS C 72 11.86 21.31 -7.60
CA LYS C 72 12.84 20.40 -8.22
C LYS C 72 12.63 18.97 -7.69
N PHE C 73 13.33 18.01 -8.28
CA PHE C 73 13.19 16.59 -8.01
C PHE C 73 13.98 16.29 -6.73
N ASN C 74 13.36 16.75 -5.62
CA ASN C 74 13.76 16.85 -4.23
C ASN C 74 14.21 18.31 -3.98
N GLU C 75 13.42 19.30 -4.38
CA GLU C 75 12.73 20.19 -3.46
C GLU C 75 11.35 19.59 -3.14
N TYR C 76 10.54 19.41 -4.21
CA TYR C 76 9.13 19.03 -4.18
C TYR C 76 8.84 17.99 -3.11
N TRP C 77 9.63 16.92 -3.16
CA TRP C 77 9.44 15.72 -2.36
C TRP C 77 9.11 16.04 -0.90
N ARG C 78 9.76 17.07 -0.33
CA ARG C 78 9.49 17.59 1.00
C ARG C 78 7.99 17.59 1.32
N LEU C 79 7.16 18.04 0.37
CA LEU C 79 5.71 18.12 0.54
C LEU C 79 5.14 16.80 1.07
N ILE C 80 5.49 15.68 0.44
CA ILE C 80 5.01 14.36 0.82
C ILE C 80 5.41 14.10 2.28
N GLY C 81 6.53 14.69 2.70
CA GLY C 81 7.08 14.65 4.04
C GLY C 81 6.23 15.39 5.03
N GLU C 82 5.78 16.55 4.61
CA GLU C 82 5.00 17.42 5.43
C GLU C 82 3.65 16.74 5.60
N LEU C 83 3.00 16.25 4.54
CA LEU C 83 1.81 15.41 4.75
C LEU C 83 2.12 14.19 5.64
N ALA C 84 3.24 13.49 5.39
CA ALA C 84 3.60 12.32 6.17
C ALA C 84 3.64 12.63 7.66
N LYS C 85 4.33 13.70 8.08
CA LYS C 85 4.31 14.07 9.48
C LYS C 85 2.94 14.62 9.89
N GLU C 86 2.26 15.44 9.06
CA GLU C 86 1.00 16.11 9.36
C GLU C 86 0.00 15.18 10.04
N ILE C 87 -0.15 13.95 9.51
CA ILE C 87 -1.05 12.97 10.09
C ILE C 87 -0.82 12.79 11.60
N ARG C 88 0.46 12.80 12.01
CA ARG C 88 0.92 12.82 13.40
C ARG C 88 0.92 14.25 13.97
N LYS C 89 1.30 15.25 13.17
CA LYS C 89 1.74 16.55 13.61
C LYS C 89 0.79 17.66 13.12
N LYS C 90 -0.34 17.80 13.81
CA LYS C 90 -1.42 18.75 13.56
C LYS C 90 -0.91 20.14 13.08
N LYS C 91 0.00 20.79 13.84
CA LYS C 91 0.53 22.10 13.44
C LYS C 91 1.92 22.39 14.02
N ASP C 92 2.47 21.48 14.84
CA ASP C 92 3.31 21.85 15.97
C ASP C 92 4.79 21.83 15.56
N LEU C 93 5.12 22.48 14.44
CA LEU C 93 6.47 22.53 13.90
C LEU C 93 7.25 23.75 14.38
N ILE C 95 9.83 26.09 14.28
CA ILE C 95 11.20 26.33 13.83
C ILE C 95 11.43 27.71 13.16
N ARG C 96 12.67 28.20 13.29
CA ARG C 96 13.20 29.43 12.72
C ARG C 96 14.71 29.34 12.89
N LYS C 97 15.49 29.52 11.83
CA LYS C 97 16.89 29.11 11.79
C LYS C 97 17.45 29.60 10.44
N LYS C 98 18.54 30.37 10.48
CA LYS C 98 19.36 30.68 9.31
C LYS C 98 20.60 29.79 9.40
N TYR D 1 -19.85 -8.76 -38.73
CA TYR D 1 -21.12 -8.01 -38.60
C TYR D 1 -20.86 -6.64 -37.98
N LYS D 2 -20.13 -5.78 -38.69
CA LYS D 2 -19.80 -4.45 -38.19
C LYS D 2 -21.07 -3.73 -37.71
N LYS D 3 -21.18 -3.59 -36.40
CA LYS D 3 -22.33 -2.94 -35.78
C LYS D 3 -21.96 -2.43 -34.39
N PRO D 4 -22.93 -1.91 -33.60
CA PRO D 4 -22.73 -1.40 -32.25
C PRO D 4 -21.44 -1.88 -31.59
N LYS D 5 -20.46 -0.99 -31.52
CA LYS D 5 -19.18 -1.29 -30.90
C LYS D 5 -19.18 -0.80 -29.46
N LEU D 6 -19.28 -1.73 -28.52
CA LEU D 6 -19.30 -1.39 -27.09
C LEU D 6 -17.87 -1.23 -26.59
N LEU D 7 -17.63 -0.17 -25.81
CA LEU D 7 -16.30 0.10 -25.26
C LEU D 7 -16.41 0.70 -23.86
N TYR D 8 -15.56 0.21 -22.95
CA TYR D 8 -15.53 0.70 -21.58
C TYR D 8 -14.18 0.39 -20.94
N CYS D 9 -13.94 0.88 -19.73
CA CYS D 9 -12.67 0.63 -19.06
C CYS D 9 -12.86 0.57 -17.54
N SER D 10 -11.83 0.07 -16.86
CA SER D 10 -11.84 -0.06 -15.41
C SER D 10 -12.71 -1.25 -15.01
N ASN D 11 -12.10 -2.21 -14.32
CA ASN D 11 -12.81 -3.40 -13.89
C ASN D 11 -14.11 -3.02 -13.17
N GLY D 12 -15.22 -3.56 -13.62
CA GLY D 12 -16.50 -3.27 -13.02
C GLY D 12 -17.56 -2.99 -14.06
N GLY D 13 -18.76 -3.53 -13.84
CA GLY D 13 -19.84 -3.32 -14.77
C GLY D 13 -20.13 -1.86 -15.02
N HIS D 14 -19.71 -1.37 -16.19
CA HIS D 14 -19.92 0.02 -16.58
C HIS D 14 -19.67 0.17 -18.08
N PHE D 15 -20.67 0.64 -18.82
CA PHE D 15 -20.55 0.81 -20.27
C PHE D 15 -20.72 2.28 -20.65
N LEU D 16 -20.07 2.68 -21.73
CA LEU D 16 -20.14 4.06 -22.19
C LEU D 16 -21.50 4.32 -22.85
N ARG D 17 -22.40 4.95 -22.12
CA ARG D 17 -23.73 5.25 -22.65
C ARG D 17 -23.76 6.68 -23.20
N ILE D 18 -23.81 6.78 -24.52
CA ILE D 18 -23.82 8.06 -25.20
C ILE D 18 -25.24 8.58 -25.38
N LEU D 19 -25.40 9.89 -25.23
CA LEU D 19 -26.69 10.53 -25.41
C LEU D 19 -26.56 11.73 -26.34
N PRO D 20 -27.53 11.94 -27.23
CA PRO D 20 -27.52 13.07 -28.19
C PRO D 20 -27.12 14.39 -27.53
N ASP D 21 -27.46 14.53 -26.26
CA ASP D 21 -27.13 15.72 -25.48
C ASP D 21 -25.63 15.95 -25.45
N GLY D 22 -24.88 14.89 -25.24
CA GLY D 22 -23.44 14.98 -25.17
C GLY D 22 -22.88 14.40 -23.88
N THR D 23 -23.64 14.52 -22.80
CA THR D 23 -23.22 14.00 -21.50
C THR D 23 -23.24 12.48 -21.47
N VAL D 24 -22.15 11.88 -21.94
CA VAL D 24 -22.03 10.42 -21.94
C VAL D 24 -21.46 9.94 -20.61
N ASP D 25 -22.10 8.92 -20.04
CA ASP D 25 -21.66 8.37 -18.76
C ASP D 25 -21.44 6.86 -18.85
N GLY D 26 -20.76 6.30 -17.85
CA GLY D 26 -20.49 4.88 -17.82
C GLY D 26 -21.63 4.07 -17.25
N THR D 27 -22.76 4.07 -17.94
CA THR D 27 -23.94 3.34 -17.51
C THR D 27 -23.70 1.83 -17.57
N ARG D 28 -23.98 1.13 -16.49
CA ARG D 28 -23.79 -0.31 -16.47
C ARG D 28 -25.10 -1.02 -16.83
N ASP D 29 -25.50 -0.86 -18.08
CA ASP D 29 -26.74 -1.48 -18.58
C ASP D 29 -26.62 -1.81 -20.05
N ARG D 30 -27.35 -2.83 -20.48
CA ARG D 30 -27.34 -3.25 -21.88
C ARG D 30 -28.78 -3.49 -22.36
N SER D 31 -29.74 -2.86 -21.70
CA SER D 31 -31.15 -3.00 -22.03
C SER D 31 -31.55 -1.92 -23.02
N ASP D 32 -31.09 -0.70 -22.77
CA ASP D 32 -31.40 0.43 -23.64
C ASP D 32 -30.28 0.65 -24.64
N GLN D 33 -30.64 0.69 -25.93
CA GLN D 33 -29.65 0.89 -26.99
C GLN D 33 -29.04 2.29 -26.95
N HIS D 34 -28.14 2.52 -26.00
CA HIS D 34 -27.47 3.81 -25.88
C HIS D 34 -26.01 3.66 -25.43
N ILE D 35 -25.48 2.44 -25.54
CA ILE D 35 -24.10 2.16 -25.14
C ILE D 35 -23.33 1.51 -26.30
N GLN D 36 -23.53 2.05 -27.50
CA GLN D 36 -22.87 1.52 -28.69
C GLN D 36 -22.41 2.64 -29.61
N LEU D 37 -21.18 2.54 -30.06
CA LEU D 37 -20.59 3.53 -30.96
C LEU D 37 -20.01 2.83 -32.19
N GLN D 38 -19.93 3.54 -33.30
CA GLN D 38 -19.40 2.97 -34.52
C GLN D 38 -17.88 3.19 -34.59
N LEU D 39 -17.16 2.44 -33.77
CA LEU D 39 -15.71 2.52 -33.74
C LEU D 39 -15.12 1.82 -34.96
N SER D 40 -14.25 2.52 -35.67
CA SER D 40 -13.61 1.96 -36.87
C SER D 40 -12.34 2.75 -37.20
N ALA D 41 -11.43 2.09 -37.92
CA ALA D 41 -10.18 2.71 -38.33
C ALA D 41 -10.40 3.49 -39.62
N GLU D 42 -10.50 4.81 -39.51
CA GLU D 42 -10.74 5.67 -40.67
C GLU D 42 -9.49 5.73 -41.54
N SER D 43 -8.38 6.10 -40.93
CA SER D 43 -7.11 6.21 -41.63
C SER D 43 -6.10 5.21 -41.04
N VAL D 44 -4.93 5.11 -41.65
CA VAL D 44 -3.90 4.19 -41.17
C VAL D 44 -3.60 4.41 -39.68
N GLY D 45 -4.28 3.64 -38.83
CA GLY D 45 -4.09 3.75 -37.41
C GLY D 45 -5.03 4.75 -36.74
N GLU D 46 -5.66 5.61 -37.55
CA GLU D 46 -6.57 6.61 -37.02
C GLU D 46 -7.98 6.06 -36.89
N VAL D 47 -8.43 5.84 -35.66
CA VAL D 47 -9.76 5.31 -35.40
C VAL D 47 -10.68 6.43 -34.91
N TYR D 48 -11.93 6.38 -35.33
CA TYR D 48 -12.91 7.39 -34.94
C TYR D 48 -14.02 6.77 -34.09
N ILE D 49 -14.54 7.56 -33.17
CA ILE D 49 -15.62 7.13 -32.29
C ILE D 49 -16.88 7.93 -32.60
N LYS D 50 -17.80 7.29 -33.31
CA LYS D 50 -19.04 7.93 -33.69
C LYS D 50 -20.24 7.05 -33.36
N SER D 51 -21.07 7.48 -32.43
CA SER D 51 -22.25 6.74 -32.03
C SER D 51 -23.40 7.04 -32.99
N THR D 52 -23.17 6.72 -34.26
CA THR D 52 -24.14 6.98 -35.32
C THR D 52 -25.50 6.37 -35.01
N GLU D 53 -25.60 5.05 -35.05
CA GLU D 53 -26.86 4.36 -34.82
C GLU D 53 -27.16 4.20 -33.33
N THR D 54 -27.19 5.31 -32.60
CA THR D 54 -27.48 5.27 -31.16
C THR D 54 -27.35 6.63 -30.48
N GLY D 55 -26.32 7.39 -30.84
CA GLY D 55 -26.14 8.69 -30.20
C GLY D 55 -25.66 9.77 -31.13
N GLN D 56 -24.42 10.20 -30.93
CA GLN D 56 -23.83 11.28 -31.71
C GLN D 56 -22.34 11.04 -31.98
N TYR D 57 -21.71 12.01 -32.62
CA TYR D 57 -20.29 11.95 -32.94
C TYR D 57 -19.49 12.59 -31.81
N LEU D 58 -18.31 12.06 -31.51
CA LEU D 58 -17.48 12.61 -30.43
C LEU D 58 -16.69 13.82 -30.91
N ALA D 59 -16.33 14.67 -29.95
CA ALA D 59 -15.57 15.88 -30.20
C ALA D 59 -14.93 16.36 -28.91
N MET D 60 -13.77 15.78 -28.59
CA MET D 60 -13.04 16.10 -27.37
C MET D 60 -12.83 17.61 -27.21
N ASP D 61 -12.92 18.07 -25.97
CA ASP D 61 -12.71 19.48 -25.66
C ASP D 61 -11.26 19.69 -25.28
N THR D 62 -10.42 19.82 -26.30
CA THR D 62 -8.99 20.02 -26.08
C THR D 62 -8.40 18.81 -25.35
N ASP D 63 -8.95 17.62 -25.62
CA ASP D 63 -8.53 16.38 -24.97
C ASP D 63 -8.95 16.39 -23.49
N GLY D 64 -8.56 17.46 -22.78
CA GLY D 64 -8.90 17.62 -21.37
C GLY D 64 -10.24 16.99 -21.01
N LEU D 65 -11.29 17.44 -21.69
CA LEU D 65 -12.63 16.93 -21.45
C LEU D 65 -13.15 16.24 -22.70
N LEU D 66 -13.70 15.04 -22.53
CA LEU D 66 -14.21 14.27 -23.65
C LEU D 66 -15.72 14.47 -23.78
N TYR D 67 -16.16 14.81 -24.99
CA TYR D 67 -17.58 15.02 -25.25
C TYR D 67 -17.89 14.78 -26.73
N GLY D 68 -19.16 14.88 -27.09
CA GLY D 68 -19.54 14.67 -28.47
C GLY D 68 -21.03 14.91 -28.67
N SER D 69 -21.40 15.45 -29.82
CA SER D 69 -22.80 15.72 -30.13
C SER D 69 -22.94 16.56 -31.40
N GLN D 70 -22.41 17.78 -31.37
CA GLN D 70 -22.51 18.69 -32.51
C GLN D 70 -21.82 18.15 -33.76
N THR D 71 -20.49 18.12 -33.77
CA THR D 71 -19.75 17.67 -34.94
C THR D 71 -18.50 16.86 -34.56
N PRO D 72 -18.14 15.86 -35.39
CA PRO D 72 -16.96 15.02 -35.15
C PRO D 72 -15.67 15.76 -35.53
N ASN D 73 -15.32 16.75 -34.72
CA ASN D 73 -14.12 17.55 -34.97
C ASN D 73 -12.86 16.68 -34.90
N GLU D 74 -11.78 17.14 -35.54
CA GLU D 74 -10.51 16.40 -35.55
C GLU D 74 -10.17 15.87 -34.15
N GLU D 75 -10.57 16.61 -33.12
CA GLU D 75 -10.36 16.17 -31.74
C GLU D 75 -10.78 14.71 -31.54
N CYS D 76 -11.71 14.24 -32.38
CA CYS D 76 -12.22 12.87 -32.29
C CYS D 76 -11.34 11.85 -33.03
N LEU D 77 -10.21 12.27 -33.60
CA LEU D 77 -9.32 11.33 -34.29
C LEU D 77 -8.30 10.77 -33.31
N PHE D 78 -8.31 9.45 -33.14
CA PHE D 78 -7.39 8.79 -32.21
C PHE D 78 -6.62 7.66 -32.88
N LEU D 79 -5.38 7.47 -32.46
CA LEU D 79 -4.53 6.41 -32.99
C LEU D 79 -4.84 5.09 -32.28
N GLU D 80 -5.16 4.07 -33.04
CA GLU D 80 -5.50 2.76 -32.48
C GLU D 80 -4.24 2.04 -31.99
N ARG D 81 -4.18 1.81 -30.67
CA ARG D 81 -3.05 1.11 -30.06
C ARG D 81 -3.57 -0.03 -29.17
N LEU D 82 -2.78 -1.08 -29.04
CA LEU D 82 -3.17 -2.22 -28.22
C LEU D 82 -2.15 -2.49 -27.13
N GLU D 83 -2.61 -2.83 -25.93
CA GLU D 83 -1.73 -3.12 -24.82
C GLU D 83 -1.83 -4.59 -24.44
N GLU D 84 -0.69 -5.19 -24.09
CA GLU D 84 -0.66 -6.60 -23.71
C GLU D 84 -1.27 -6.81 -22.32
N ASN D 85 -2.49 -6.31 -22.17
CA ASN D 85 -3.22 -6.41 -20.91
C ASN D 85 -4.71 -6.63 -21.18
N HIS D 86 -5.03 -7.12 -22.38
CA HIS D 86 -6.42 -7.36 -22.79
C HIS D 86 -7.21 -6.04 -22.80
N TYR D 87 -6.60 -4.98 -23.32
CA TYR D 87 -7.24 -3.68 -23.38
C TYR D 87 -6.79 -2.90 -24.63
N ASN D 88 -7.65 -2.00 -25.08
CA ASN D 88 -7.38 -1.18 -26.26
C ASN D 88 -6.95 0.21 -25.83
N THR D 89 -6.06 0.81 -26.62
CA THR D 89 -5.56 2.15 -26.34
C THR D 89 -5.78 3.05 -27.55
N TYR D 90 -6.23 4.27 -27.31
CA TYR D 90 -6.48 5.22 -28.40
C TYR D 90 -5.80 6.55 -28.10
N ILE D 91 -4.84 6.91 -28.93
CA ILE D 91 -4.10 8.15 -28.72
C ILE D 91 -4.71 9.30 -29.51
N SER D 92 -5.18 10.31 -28.79
CA SER D 92 -5.77 11.49 -29.42
C SER D 92 -4.68 12.29 -30.13
N LYS D 93 -4.30 11.84 -31.33
CA LYS D 93 -3.25 12.49 -32.11
C LYS D 93 -3.42 14.02 -32.09
N LYS D 94 -4.66 14.48 -32.06
CA LYS D 94 -4.95 15.91 -32.01
C LYS D 94 -4.21 16.57 -30.84
N HIS D 95 -3.95 15.80 -29.79
CA HIS D 95 -3.23 16.32 -28.62
C HIS D 95 -2.04 15.43 -28.23
N ALA D 96 -1.71 14.48 -29.10
CA ALA D 96 -0.59 13.57 -28.86
C ALA D 96 0.67 14.37 -28.51
N GLU D 97 0.77 15.56 -29.08
CA GLU D 97 1.90 16.46 -28.82
C GLU D 97 2.16 16.62 -27.32
N LYS D 98 1.09 16.61 -26.53
CA LYS D 98 1.22 16.77 -25.08
C LYS D 98 1.25 15.41 -24.35
N ASN D 99 1.29 14.34 -25.14
CA ASN D 99 1.31 12.97 -24.61
C ASN D 99 -0.01 12.65 -23.93
N TRP D 100 -1.10 13.12 -24.54
CA TRP D 100 -2.44 12.91 -23.99
C TRP D 100 -3.22 11.93 -24.86
N PHE D 101 -3.75 10.89 -24.21
CA PHE D 101 -4.55 9.89 -24.91
C PHE D 101 -5.83 9.56 -24.12
N VAL D 102 -6.98 9.81 -24.79
CA VAL D 102 -8.34 9.61 -24.27
C VAL D 102 -8.43 8.73 -23.02
N GLY D 103 -8.97 9.32 -21.95
CA GLY D 103 -9.15 8.60 -20.69
C GLY D 103 -10.48 8.97 -20.05
N LEU D 104 -11.24 7.97 -19.61
CA LEU D 104 -12.55 8.22 -19.00
C LEU D 104 -12.60 7.69 -17.57
N LYS D 105 -13.56 8.21 -16.81
CA LYS D 105 -13.77 7.80 -15.43
C LYS D 105 -14.97 6.87 -15.33
N LYS D 106 -14.71 5.57 -15.16
CA LYS D 106 -15.75 4.55 -15.06
C LYS D 106 -16.93 5.02 -14.21
N ASN D 107 -16.63 5.64 -13.08
CA ASN D 107 -17.66 6.13 -12.17
C ASN D 107 -17.71 7.66 -12.18
N GLY D 108 -17.50 8.26 -13.34
CA GLY D 108 -17.53 9.71 -13.44
C GLY D 108 -17.97 10.20 -14.80
N SER D 109 -17.29 9.70 -15.84
CA SER D 109 -17.56 10.05 -17.25
C SER D 109 -16.23 10.21 -17.98
N CYS D 110 -16.28 10.44 -19.27
CA CYS D 110 -15.08 10.61 -20.08
C CYS D 110 -14.58 12.06 -20.02
N LYS D 111 -13.56 12.31 -19.21
CA LYS D 111 -12.98 13.65 -19.07
C LYS D 111 -11.82 13.64 -18.09
N ARG D 112 -10.67 13.16 -18.56
CA ARG D 112 -9.47 13.07 -17.74
C ARG D 112 -8.22 13.38 -18.58
N GLY D 113 -8.41 14.22 -19.60
CA GLY D 113 -7.33 14.61 -20.50
C GLY D 113 -6.07 15.14 -19.82
N PRO D 114 -6.16 16.01 -18.78
CA PRO D 114 -4.98 16.53 -18.10
C PRO D 114 -4.31 15.46 -17.23
N ARG D 115 -4.91 14.27 -17.21
CA ARG D 115 -4.39 13.15 -16.43
C ARG D 115 -4.30 11.89 -17.30
N THR D 116 -4.13 12.08 -18.62
CA THR D 116 -4.04 10.93 -19.54
C THR D 116 -2.59 10.55 -19.85
N HIS D 117 -1.89 10.04 -18.83
CA HIS D 117 -0.51 9.60 -18.99
C HIS D 117 -0.34 8.23 -18.35
N TYR D 118 0.89 7.89 -17.97
CA TYR D 118 1.14 6.60 -17.35
C TYR D 118 0.85 6.64 -15.85
N GLY D 119 -0.43 6.73 -15.52
CA GLY D 119 -0.88 6.78 -14.15
C GLY D 119 -2.30 6.26 -14.05
N GLN D 120 -3.20 6.91 -14.79
CA GLN D 120 -4.59 6.50 -14.84
C GLN D 120 -4.72 5.31 -15.78
N LYS D 121 -5.10 4.17 -15.23
CA LYS D 121 -5.21 2.93 -15.99
C LYS D 121 -6.48 2.92 -16.86
N ALA D 122 -7.43 3.80 -16.51
CA ALA D 122 -8.69 3.91 -17.25
C ALA D 122 -8.46 4.09 -18.76
N ILE D 123 -7.24 4.46 -19.15
CA ILE D 123 -6.90 4.62 -20.56
C ILE D 123 -6.97 3.27 -21.30
N LEU D 124 -6.79 2.18 -20.57
CA LEU D 124 -6.83 0.85 -21.15
C LEU D 124 -8.28 0.38 -21.24
N PHE D 125 -8.92 0.70 -22.35
CA PHE D 125 -10.33 0.35 -22.56
C PHE D 125 -10.49 -1.11 -22.98
N LEU D 126 -11.60 -1.71 -22.58
CA LEU D 126 -11.93 -3.07 -22.93
C LEU D 126 -13.10 -3.07 -23.91
N PRO D 127 -12.83 -3.38 -25.19
CA PRO D 127 -13.85 -3.39 -26.23
C PRO D 127 -14.58 -4.73 -26.35
N LEU D 128 -15.88 -4.64 -26.63
CA LEU D 128 -16.73 -5.81 -26.80
C LEU D 128 -17.57 -5.67 -28.08
N PRO D 129 -16.93 -5.28 -29.21
CA PRO D 129 -17.62 -5.08 -30.48
C PRO D 129 -17.87 -6.38 -31.25
N VAL D 130 -18.92 -6.37 -32.06
CA VAL D 130 -19.27 -7.53 -32.87
C VAL D 130 -18.38 -7.59 -34.11
N SER D 131 -17.23 -8.24 -33.96
CA SER D 131 -16.28 -8.38 -35.06
C SER D 131 -16.82 -9.29 -36.15
N SER D 132 -16.04 -9.45 -37.22
CA SER D 132 -16.42 -10.32 -38.32
C SER D 132 -15.52 -11.54 -38.36
N ASP D 133 -15.63 -12.36 -37.33
CA ASP D 133 -14.83 -13.58 -37.20
C ASP D 133 -15.59 -14.77 -37.75
N TYR A 1 -17.43 -30.57 26.84
CA TYR A 1 -16.58 -31.75 26.53
C TYR A 1 -15.11 -31.36 26.48
N LYS A 2 -14.57 -30.94 27.63
CA LYS A 2 -13.17 -30.52 27.71
C LYS A 2 -12.25 -31.58 27.09
N LYS A 3 -11.71 -31.25 25.93
CA LYS A 3 -10.84 -32.16 25.20
C LYS A 3 -9.94 -31.37 24.23
N PRO A 4 -9.15 -32.05 23.38
CA PRO A 4 -8.25 -31.43 22.40
C PRO A 4 -8.59 -29.98 22.08
N LYS A 5 -7.79 -29.06 22.62
CA LYS A 5 -7.98 -27.64 22.39
C LYS A 5 -7.06 -27.18 21.25
N LEU A 6 -7.65 -26.93 20.09
CA LEU A 6 -6.90 -26.48 18.92
C LEU A 6 -6.69 -24.97 18.99
N LEU A 7 -5.46 -24.54 18.71
CA LEU A 7 -5.12 -23.12 18.75
C LEU A 7 -4.12 -22.77 17.64
N TYR A 8 -4.36 -21.65 16.96
CA TYR A 8 -3.47 -21.19 15.89
C TYR A 8 -3.67 -19.70 15.67
N CYS A 9 -2.84 -19.09 14.83
CA CYS A 9 -2.95 -17.66 14.56
C CYS A 9 -2.53 -17.33 13.13
N SER A 10 -2.86 -16.11 12.70
CA SER A 10 -2.54 -15.63 11.35
C SER A 10 -3.49 -16.26 10.35
N ASN A 11 -4.24 -15.43 9.64
CA ASN A 11 -5.19 -15.91 8.64
C ASN A 11 -4.51 -16.90 7.70
N GLY A 12 -5.10 -18.08 7.57
CA GLY A 12 -4.55 -19.09 6.70
C GLY A 12 -4.53 -20.45 7.37
N GLY A 13 -4.89 -21.48 6.61
CA GLY A 13 -4.92 -22.83 7.15
C GLY A 13 -3.58 -23.24 7.74
N HIS A 14 -3.50 -23.25 9.07
CA HIS A 14 -2.29 -23.64 9.79
C HIS A 14 -2.62 -23.91 11.26
N PHE A 15 -2.34 -25.12 11.72
CA PHE A 15 -2.63 -25.49 13.10
C PHE A 15 -1.34 -25.84 13.85
N LEU A 16 -1.33 -25.59 15.15
CA LEU A 16 -0.17 -25.88 15.98
C LEU A 16 -0.02 -27.38 16.20
N ARG A 17 0.86 -28.02 15.44
CA ARG A 17 1.07 -29.46 15.57
C ARG A 17 2.25 -29.73 16.50
N ILE A 18 1.94 -30.21 17.70
CA ILE A 18 2.96 -30.50 18.69
C ILE A 18 3.49 -31.92 18.55
N LEU A 19 4.78 -32.08 18.78
CA LEU A 19 5.44 -33.39 18.71
C LEU A 19 6.28 -33.61 19.96
N PRO A 20 6.27 -34.84 20.50
CA PRO A 20 7.04 -35.19 21.71
C PRO A 20 8.47 -34.65 21.66
N ASP A 21 9.02 -34.56 20.46
CA ASP A 21 10.37 -34.04 20.25
C ASP A 21 10.50 -32.62 20.78
N GLY A 22 9.50 -31.79 20.51
CA GLY A 22 9.51 -30.41 20.95
C GLY A 22 9.33 -29.44 19.80
N THR A 23 9.82 -29.81 18.62
CA THR A 23 9.70 -28.95 17.44
C THR A 23 8.26 -28.90 16.93
N VAL A 24 7.47 -28.02 17.52
CA VAL A 24 6.08 -27.83 17.12
C VAL A 24 5.99 -26.84 15.96
N ASP A 25 5.25 -27.20 14.92
CA ASP A 25 5.09 -26.34 13.75
C ASP A 25 3.61 -26.11 13.44
N GLY A 26 3.34 -25.11 12.59
CA GLY A 26 1.98 -24.78 12.22
C GLY A 26 1.47 -25.64 11.08
N THR A 27 1.33 -26.93 11.33
CA THR A 27 0.84 -27.86 10.33
C THR A 27 -0.62 -27.60 10.00
N ARG A 28 -0.94 -27.48 8.72
CA ARG A 28 -2.31 -27.24 8.31
C ARG A 28 -3.00 -28.55 7.98
N ASP A 29 -3.22 -29.36 9.01
CA ASP A 29 -3.87 -30.66 8.86
C ASP A 29 -4.65 -31.03 10.11
N ARG A 30 -5.70 -31.81 9.94
CA ARG A 30 -6.52 -32.27 11.06
C ARG A 30 -6.81 -33.76 10.94
N SER A 31 -5.94 -34.47 10.22
CA SER A 31 -6.08 -35.90 10.02
C SER A 31 -5.33 -36.66 11.11
N ASP A 32 -4.13 -36.19 11.42
CA ASP A 32 -3.29 -36.82 12.43
C ASP A 32 -3.48 -36.11 13.78
N GLN A 33 -3.81 -36.87 14.82
CA GLN A 33 -4.01 -36.29 16.14
C GLN A 33 -2.71 -35.77 16.75
N HIS A 34 -2.26 -34.62 16.27
CA HIS A 34 -1.04 -34.00 16.78
C HIS A 34 -1.14 -32.47 16.82
N ILE A 35 -2.37 -31.96 16.71
CA ILE A 35 -2.61 -30.51 16.72
C ILE A 35 -3.62 -30.14 17.79
N GLN A 36 -3.47 -30.75 18.97
CA GLN A 36 -4.38 -30.50 20.08
C GLN A 36 -3.63 -30.42 21.40
N LEU A 37 -3.95 -29.40 22.18
CA LEU A 37 -3.33 -29.20 23.49
C LEU A 37 -4.41 -29.03 24.55
N GLN A 38 -4.08 -29.35 25.79
CA GLN A 38 -5.04 -29.23 26.88
C GLN A 38 -4.95 -27.84 27.51
N LEU A 39 -5.45 -26.84 26.77
CA LEU A 39 -5.46 -25.46 27.25
C LEU A 39 -6.54 -25.29 28.31
N SER A 40 -6.15 -24.73 29.45
CA SER A 40 -7.08 -24.50 30.55
C SER A 40 -6.54 -23.45 31.51
N ALA A 41 -7.43 -22.80 32.25
CA ALA A 41 -7.05 -21.79 33.21
C ALA A 41 -6.71 -22.47 34.54
N GLU A 42 -5.41 -22.57 34.81
CA GLU A 42 -4.94 -23.22 36.03
C GLU A 42 -5.24 -22.33 37.24
N SER A 43 -4.76 -21.09 37.18
CA SER A 43 -4.96 -20.13 38.25
C SER A 43 -5.79 -18.95 37.74
N VAL A 44 -6.15 -18.04 38.64
CA VAL A 44 -6.95 -16.88 38.26
C VAL A 44 -6.30 -16.11 37.10
N GLY A 45 -6.73 -16.44 35.89
CA GLY A 45 -6.19 -15.78 34.70
C GLY A 45 -4.98 -16.49 34.13
N GLU A 46 -4.38 -17.39 34.90
CA GLU A 46 -3.20 -18.12 34.44
C GLU A 46 -3.59 -19.39 33.69
N VAL A 47 -3.39 -19.38 32.38
CA VAL A 47 -3.72 -20.53 31.55
C VAL A 47 -2.45 -21.27 31.15
N TYR A 48 -2.55 -22.60 31.11
CA TYR A 48 -1.40 -23.43 30.75
C TYR A 48 -1.65 -24.17 29.44
N ILE A 49 -0.57 -24.39 28.69
CA ILE A 49 -0.65 -25.09 27.42
C ILE A 49 0.09 -26.42 27.53
N LYS A 50 -0.67 -27.50 27.66
CA LYS A 50 -0.09 -28.82 27.79
C LYS A 50 -0.75 -29.81 26.83
N SER A 51 0.02 -30.28 25.86
CA SER A 51 -0.49 -31.23 24.89
C SER A 51 -0.43 -32.65 25.47
N THR A 52 -1.14 -32.84 26.58
CA THR A 52 -1.16 -34.12 27.27
C THR A 52 -1.54 -35.28 26.37
N GLU A 53 -2.80 -35.32 25.97
CA GLU A 53 -3.31 -36.41 25.13
C GLU A 53 -2.98 -36.19 23.65
N THR A 54 -1.69 -36.02 23.32
CA THR A 54 -1.28 -35.81 21.94
C THR A 54 0.21 -35.53 21.80
N GLY A 55 0.77 -34.70 22.70
CA GLY A 55 2.18 -34.38 22.59
C GLY A 55 2.89 -34.28 23.92
N GLN A 56 3.27 -33.06 24.28
CA GLN A 56 4.02 -32.81 25.51
C GLN A 56 3.61 -31.48 26.16
N TYR A 57 4.30 -31.14 27.25
CA TYR A 57 4.04 -29.90 27.96
C TYR A 57 4.95 -28.81 27.42
N LEU A 58 4.45 -27.57 27.37
CA LEU A 58 5.24 -26.46 26.85
C LEU A 58 6.19 -25.91 27.92
N ALA A 59 7.28 -25.31 27.44
CA ALA A 59 8.29 -24.71 28.31
C ALA A 59 9.10 -23.70 27.50
N MET A 60 8.57 -22.48 27.42
CA MET A 60 9.20 -21.40 26.67
C MET A 60 10.67 -21.20 27.07
N ASP A 61 11.50 -20.90 26.08
CA ASP A 61 12.91 -20.66 26.30
C ASP A 61 13.13 -19.17 26.51
N THR A 62 12.90 -18.72 27.74
CA THR A 62 13.05 -17.31 28.07
C THR A 62 12.09 -16.47 27.23
N ASP A 63 10.91 -17.03 26.92
CA ASP A 63 9.91 -16.37 26.08
C ASP A 63 10.40 -16.26 24.65
N GLY A 64 11.61 -15.71 24.46
CA GLY A 64 12.20 -15.57 23.15
C GLY A 64 11.82 -16.69 22.19
N LEU A 65 12.11 -17.92 22.59
CA LEU A 65 11.79 -19.08 21.78
C LEU A 65 10.77 -19.95 22.51
N LEU A 66 9.73 -20.37 21.80
CA LEU A 66 8.69 -21.20 22.40
C LEU A 66 8.93 -22.67 22.08
N TYR A 67 8.93 -23.50 23.11
CA TYR A 67 9.14 -24.92 22.95
C TYR A 67 8.48 -25.70 24.10
N GLY A 68 8.54 -27.02 24.03
CA GLY A 68 7.94 -27.83 25.08
C GLY A 68 8.21 -29.31 24.84
N SER A 69 8.40 -30.06 25.91
CA SER A 69 8.65 -31.50 25.81
C SER A 69 9.07 -32.08 27.16
N GLN A 70 10.20 -31.62 27.68
CA GLN A 70 10.72 -32.14 28.96
C GLN A 70 9.78 -31.88 30.13
N THR A 71 9.67 -30.63 30.56
CA THR A 71 8.81 -30.30 31.71
C THR A 71 8.09 -28.96 31.53
N PRO A 72 6.86 -28.85 32.08
CA PRO A 72 6.06 -27.63 32.00
C PRO A 72 6.57 -26.58 32.98
N ASN A 73 7.73 -26.01 32.68
CA ASN A 73 8.32 -25.00 33.55
C ASN A 73 7.44 -23.75 33.62
N GLU A 74 7.60 -22.97 34.69
CA GLU A 74 6.81 -21.74 34.89
C GLU A 74 6.71 -20.94 33.59
N GLU A 75 7.76 -21.00 32.76
CA GLU A 75 7.76 -20.32 31.47
C GLU A 75 6.45 -20.60 30.70
N CYS A 76 5.82 -21.73 30.99
CA CYS A 76 4.58 -22.12 30.32
C CYS A 76 3.32 -21.49 30.95
N LEU A 77 3.48 -20.64 31.96
CA LEU A 77 2.31 -20.00 32.57
C LEU A 77 2.00 -18.68 31.86
N PHE A 78 0.81 -18.58 31.29
CA PHE A 78 0.41 -17.38 30.56
C PHE A 78 -0.93 -16.84 31.06
N LEU A 79 -1.06 -15.51 31.03
CA LEU A 79 -2.29 -14.85 31.46
C LEU A 79 -3.29 -14.85 30.30
N GLU A 80 -4.48 -15.36 30.56
CA GLU A 80 -5.54 -15.44 29.54
C GLU A 80 -6.15 -14.07 29.29
N ARG A 81 -5.97 -13.55 28.07
CA ARG A 81 -6.52 -12.26 27.68
C ARG A 81 -7.29 -12.41 26.36
N LEU A 82 -8.30 -11.57 26.16
CA LEU A 82 -9.11 -11.64 24.96
C LEU A 82 -9.10 -10.29 24.24
N GLU A 83 -9.02 -10.33 22.91
CA GLU A 83 -9.01 -9.11 22.11
C GLU A 83 -10.30 -9.01 21.29
N GLU A 84 -10.83 -7.80 21.16
CA GLU A 84 -12.06 -7.59 20.40
C GLU A 84 -11.79 -7.70 18.90
N ASN A 85 -11.19 -8.81 18.51
CA ASN A 85 -10.84 -9.07 17.11
C ASN A 85 -11.03 -10.57 16.80
N HIS A 86 -11.83 -11.24 17.62
CA HIS A 86 -12.10 -12.67 17.45
C HIS A 86 -10.80 -13.48 17.60
N TYR A 87 -10.00 -13.12 18.60
CA TYR A 87 -8.73 -13.80 18.86
C TYR A 87 -8.42 -13.82 20.35
N ASN A 88 -7.64 -14.82 20.76
CA ASN A 88 -7.24 -14.98 22.15
C ASN A 88 -5.82 -14.49 22.35
N THR A 89 -5.54 -13.94 23.53
CA THR A 89 -4.23 -13.43 23.86
C THR A 89 -3.73 -14.08 25.15
N TYR A 90 -2.47 -14.48 25.17
CA TYR A 90 -1.88 -15.11 26.34
C TYR A 90 -0.57 -14.42 26.71
N ILE A 91 -0.55 -13.81 27.88
CA ILE A 91 0.65 -13.09 28.33
C ILE A 91 1.54 -13.97 29.19
N SER A 92 2.74 -14.23 28.72
CA SER A 92 3.71 -15.04 29.45
C SER A 92 4.18 -14.27 30.69
N LYS A 93 3.36 -14.30 31.73
CA LYS A 93 3.67 -13.61 32.98
C LYS A 93 5.13 -13.81 33.37
N LYS A 94 5.67 -15.00 33.09
CA LYS A 94 7.06 -15.30 33.40
C LYS A 94 7.99 -14.24 32.81
N HIS A 95 7.57 -13.62 31.71
CA HIS A 95 8.38 -12.57 31.07
C HIS A 95 7.57 -11.30 30.84
N ALA A 96 6.37 -11.23 31.43
CA ALA A 96 5.52 -10.05 31.29
C ALA A 96 6.29 -8.79 31.64
N GLU A 97 7.25 -8.93 32.55
CA GLU A 97 8.10 -7.82 32.98
C GLU A 97 8.69 -7.08 31.78
N LYS A 98 8.98 -7.83 30.71
CA LYS A 98 9.55 -7.25 29.50
C LYS A 98 8.45 -6.98 28.46
N ASN A 99 7.19 -7.03 28.90
CA ASN A 99 6.06 -6.81 28.01
C ASN A 99 6.06 -7.84 26.87
N TRP A 100 6.46 -9.05 27.22
CA TRP A 100 6.54 -10.15 26.26
C TRP A 100 5.40 -11.14 26.48
N PHE A 101 4.63 -11.38 25.43
CA PHE A 101 3.53 -12.32 25.50
C PHE A 101 3.51 -13.25 24.28
N VAL A 102 3.66 -14.56 24.57
CA VAL A 102 3.71 -15.66 23.59
C VAL A 102 3.26 -15.28 22.19
N GLY A 103 4.17 -15.47 21.23
CA GLY A 103 3.89 -15.19 19.83
C GLY A 103 4.50 -16.25 18.93
N LEU A 104 3.72 -16.77 17.98
CA LEU A 104 4.20 -17.81 17.08
C LEU A 104 4.15 -17.37 15.62
N LYS A 105 4.92 -18.05 14.78
CA LYS A 105 4.96 -17.77 13.36
C LYS A 105 4.17 -18.81 12.59
N LYS A 106 2.98 -18.43 12.14
CA LYS A 106 2.08 -19.32 11.39
C LYS A 106 2.85 -20.17 10.38
N ASN A 107 3.77 -19.56 9.65
CA ASN A 107 4.57 -20.26 8.65
C ASN A 107 6.02 -20.40 9.11
N GLY A 108 6.22 -20.62 10.40
CA GLY A 108 7.57 -20.77 10.92
C GLY A 108 7.63 -21.67 12.15
N SER A 109 6.80 -21.35 13.14
CA SER A 109 6.72 -22.07 14.41
C SER A 109 6.59 -21.07 15.55
N CYS A 110 6.40 -21.56 16.77
CA CYS A 110 6.26 -20.69 17.93
C CYS A 110 7.63 -20.30 18.50
N LYS A 111 8.07 -19.08 18.18
CA LYS A 111 9.35 -18.57 18.67
C LYS A 111 9.60 -17.16 18.16
N ARG A 112 8.97 -16.21 18.85
CA ARG A 112 9.08 -14.80 18.49
C ARG A 112 9.04 -13.93 19.74
N GLY A 113 9.64 -14.42 20.84
CA GLY A 113 9.67 -13.65 22.09
C GLY A 113 10.18 -12.24 21.89
N PRO A 114 11.33 -12.01 21.20
CA PRO A 114 11.83 -10.64 20.97
C PRO A 114 10.82 -9.78 20.20
N ARG A 115 9.82 -10.43 19.60
CA ARG A 115 8.78 -9.76 18.84
C ARG A 115 7.38 -10.05 19.41
N THR A 116 7.28 -10.26 20.72
CA THR A 116 5.99 -10.56 21.36
C THR A 116 5.37 -9.33 22.01
N HIS A 117 5.50 -8.18 21.36
CA HIS A 117 4.93 -6.94 21.86
C HIS A 117 3.90 -6.41 20.86
N TYR A 118 3.78 -5.10 20.72
CA TYR A 118 2.83 -4.54 19.77
C TYR A 118 3.49 -4.35 18.41
N GLY A 119 3.21 -5.27 17.50
CA GLY A 119 3.77 -5.23 16.16
C GLY A 119 3.41 -6.49 15.40
N GLN A 120 3.69 -7.64 16.01
CA GLN A 120 3.37 -8.92 15.41
C GLN A 120 1.95 -9.30 15.82
N LYS A 121 1.08 -9.42 14.84
CA LYS A 121 -0.33 -9.74 15.08
C LYS A 121 -0.51 -11.22 15.42
N ALA A 122 0.50 -12.04 15.08
CA ALA A 122 0.47 -13.48 15.35
C ALA A 122 0.15 -13.78 16.81
N ILE A 123 0.28 -12.79 17.68
CA ILE A 123 -0.01 -12.97 19.10
C ILE A 123 -1.51 -13.16 19.34
N LEU A 124 -2.33 -12.74 18.38
CA LEU A 124 -3.77 -12.91 18.47
C LEU A 124 -4.16 -14.28 17.92
N PHE A 125 -4.16 -15.27 18.80
CA PHE A 125 -4.47 -16.65 18.42
C PHE A 125 -5.97 -16.88 18.28
N LEU A 126 -6.34 -17.77 17.37
CA LEU A 126 -7.73 -18.13 17.13
C LEU A 126 -7.96 -19.55 17.63
N PRO A 127 -8.67 -19.70 18.77
CA PRO A 127 -8.94 -21.01 19.36
C PRO A 127 -10.19 -21.68 18.81
N LEU A 128 -10.11 -23.00 18.65
CA LEU A 128 -11.23 -23.80 18.16
C LEU A 128 -11.43 -25.02 19.07
N PRO A 129 -11.47 -24.81 20.40
CA PRO A 129 -11.62 -25.89 21.38
C PRO A 129 -13.08 -26.32 21.56
N VAL A 130 -13.26 -27.57 21.95
CA VAL A 130 -14.59 -28.11 22.19
C VAL A 130 -15.09 -27.69 23.57
N SER A 131 -15.73 -26.52 23.62
CA SER A 131 -16.25 -25.99 24.86
C SER A 131 -17.44 -26.81 25.36
N SER A 132 -17.96 -26.43 26.52
CA SER A 132 -19.11 -27.11 27.12
C SER A 132 -20.34 -26.21 27.05
N ASP A 133 -20.79 -25.94 25.83
CA ASP A 133 -21.95 -25.09 25.61
C ASP A 133 -23.21 -25.94 25.46
N MET B 1 -18.14 -3.84 2.44
CA MET B 1 -18.39 -3.88 3.90
C MET B 1 -17.22 -3.26 4.64
N ALA B 2 -16.81 -3.90 5.75
CA ALA B 2 -15.67 -3.43 6.52
C ALA B 2 -14.38 -3.62 5.73
N ALA B 3 -13.26 -3.19 6.31
CA ALA B 3 -11.97 -3.30 5.64
C ALA B 3 -11.97 -2.31 4.48
N GLU B 4 -12.24 -1.05 4.79
CA GLU B 4 -12.31 0.00 3.78
C GLU B 4 -10.91 0.50 3.39
N PRO B 5 -10.64 0.58 2.07
CA PRO B 5 -9.36 1.05 1.56
C PRO B 5 -9.22 2.57 1.65
N LEU B 6 -8.09 3.03 2.15
CA LEU B 6 -7.83 4.45 2.29
C LEU B 6 -7.05 4.97 1.08
N THR B 7 -6.62 6.23 1.14
CA THR B 7 -5.85 6.80 0.05
C THR B 7 -4.46 6.17 0.01
N GLU B 8 -3.83 6.19 -1.16
CA GLU B 8 -2.50 5.62 -1.34
C GLU B 8 -1.47 6.21 -0.38
N LEU B 9 -1.71 7.44 0.07
CA LEU B 9 -0.81 8.12 0.97
C LEU B 9 -0.91 7.58 2.40
N GLU B 10 -2.13 7.21 2.83
CA GLU B 10 -2.33 6.59 4.14
C GLU B 10 -1.79 5.15 4.13
N GLU B 11 -2.01 4.45 3.00
CA GLU B 11 -1.50 3.10 2.77
C GLU B 11 0.01 3.05 3.04
N SER B 12 0.74 3.96 2.39
CA SER B 12 2.20 3.94 2.44
C SER B 12 2.76 4.38 3.80
N ILE B 13 2.17 5.38 4.49
CA ILE B 13 2.63 5.67 5.84
C ILE B 13 2.33 4.48 6.75
N GLU B 14 1.16 3.85 6.62
CA GLU B 14 0.88 2.69 7.46
C GLU B 14 1.94 1.61 7.24
N THR B 15 2.16 1.15 6.01
CA THR B 15 3.05 0.01 5.76
C THR B 15 4.45 0.22 6.40
N VAL B 16 4.98 1.45 6.34
CA VAL B 16 6.25 1.75 6.99
C VAL B 16 6.08 1.87 8.51
N VAL B 17 4.99 2.49 8.99
CA VAL B 17 4.70 2.60 10.41
C VAL B 17 4.60 1.23 11.07
N THR B 18 3.88 0.27 10.45
CA THR B 18 3.76 -1.09 11.02
C THR B 18 5.13 -1.79 11.06
N THR B 19 5.92 -1.64 9.99
CA THR B 19 7.27 -2.19 9.93
C THR B 19 8.15 -1.55 11.02
N PHE B 20 8.19 -0.23 11.07
CA PHE B 20 8.80 0.53 12.16
C PHE B 20 8.39 -0.07 13.49
N PHE B 21 7.08 -0.21 13.72
CA PHE B 21 6.55 -0.73 14.99
C PHE B 21 6.99 -2.16 15.31
N THR B 22 7.28 -2.98 14.29
CA THR B 22 7.70 -4.36 14.54
C THR B 22 9.17 -4.42 15.00
N PHE B 23 9.82 -3.26 15.05
CA PHE B 23 11.22 -3.15 15.51
C PHE B 23 11.32 -2.22 16.71
N ALA B 24 10.42 -1.24 16.76
CA ALA B 24 10.37 -0.25 17.84
C ALA B 24 10.09 -0.93 19.18
N ARG B 25 9.30 -2.00 19.17
CA ARG B 25 8.93 -2.70 20.39
C ARG B 25 9.89 -3.83 20.76
N GLN B 26 10.96 -4.03 19.99
CA GLN B 26 11.91 -5.10 20.27
C GLN B 26 12.43 -5.04 21.71
N GLU B 27 12.67 -3.83 22.19
CA GLU B 27 13.16 -3.60 23.54
C GLU B 27 12.33 -2.53 24.26
N GLY B 28 12.94 -1.91 25.26
CA GLY B 28 12.31 -0.82 26.02
C GLY B 28 11.70 0.29 25.17
N ARG B 29 10.43 0.60 25.47
CA ARG B 29 9.64 1.63 24.77
C ARG B 29 9.35 1.25 23.31
N LYS B 30 8.07 1.01 22.99
CA LYS B 30 7.68 0.63 21.63
C LYS B 30 7.49 1.84 20.70
N ASP B 31 8.40 2.80 20.83
CA ASP B 31 8.39 4.00 20.00
C ASP B 31 9.82 4.23 19.53
N SER B 32 10.75 4.22 20.48
CA SER B 32 12.16 4.44 20.21
C SER B 32 12.83 3.15 19.76
N LEU B 33 13.65 3.26 18.71
CA LEU B 33 14.64 2.24 18.37
C LEU B 33 15.90 2.57 19.15
N SER B 34 16.38 1.67 20.01
CA SER B 34 17.73 1.80 20.55
C SER B 34 18.74 1.23 19.54
N VAL B 35 20.02 1.28 19.88
CA VAL B 35 21.13 1.03 18.93
C VAL B 35 20.94 -0.29 18.18
N ASN B 36 20.82 -1.42 18.90
CA ASN B 36 20.62 -2.74 18.27
C ASN B 36 19.35 -2.74 17.43
N GLU B 37 18.24 -2.40 18.07
CA GLU B 37 16.94 -2.20 17.45
C GLU B 37 17.06 -1.51 16.09
N PHE B 38 17.78 -0.39 16.07
CA PHE B 38 17.99 0.40 14.88
C PHE B 38 18.77 -0.42 13.86
N LYS B 39 19.93 -0.96 14.27
CA LYS B 39 20.76 -1.76 13.39
C LYS B 39 19.98 -2.92 12.77
N GLU B 40 19.03 -3.49 13.52
CA GLU B 40 18.21 -4.60 13.05
C GLU B 40 17.37 -4.25 11.81
N LEU B 41 16.95 -2.98 11.69
CA LEU B 41 16.13 -2.56 10.55
C LEU B 41 17.00 -2.65 9.30
N VAL B 42 18.15 -1.96 9.35
CA VAL B 42 19.01 -1.79 8.20
C VAL B 42 19.58 -3.15 7.80
N THR B 43 20.16 -3.86 8.76
CA THR B 43 20.79 -5.16 8.50
C THR B 43 19.81 -6.22 7.95
N GLN B 44 18.52 -6.08 8.19
CA GLN B 44 17.56 -7.08 7.72
C GLN B 44 16.83 -6.68 6.43
N GLN B 45 16.16 -5.54 6.45
CA GLN B 45 15.38 -5.10 5.29
C GLN B 45 16.06 -4.04 4.42
N LEU B 46 17.34 -3.79 4.63
CA LEU B 46 18.05 -2.79 3.81
C LEU B 46 19.46 -3.26 3.44
N PRO B 47 19.56 -4.13 2.42
CA PRO B 47 20.83 -4.66 1.94
C PRO B 47 21.39 -3.95 0.69
N HIS B 48 20.57 -3.13 0.04
CA HIS B 48 21.01 -2.44 -1.18
C HIS B 48 21.08 -0.93 -1.01
N LEU B 49 19.95 -0.32 -0.61
CA LEU B 49 19.87 1.13 -0.42
C LEU B 49 21.07 1.68 0.34
N LEU B 50 21.19 1.31 1.62
CA LEU B 50 22.28 1.66 2.50
C LEU B 50 23.06 0.38 2.77
N LYS B 51 23.89 -0.01 1.79
CA LYS B 51 24.69 -1.23 1.87
C LYS B 51 25.74 -1.18 2.99
N ASP B 52 25.81 -0.06 3.70
CA ASP B 52 26.75 0.10 4.79
C ASP B 52 26.19 -0.54 6.06
N VAL B 53 26.44 -1.83 6.22
CA VAL B 53 25.95 -2.56 7.39
C VAL B 53 27.02 -2.67 8.47
N GLY B 54 28.00 -1.77 8.43
CA GLY B 54 29.06 -1.78 9.42
C GLY B 54 29.30 -0.40 10.01
N SER B 55 28.89 0.63 9.27
CA SER B 55 29.07 2.01 9.73
C SER B 55 27.72 2.60 10.16
N LEU B 56 26.95 1.80 10.87
CA LEU B 56 25.66 2.18 11.37
C LEU B 56 25.83 3.28 12.41
N ASP B 57 26.96 3.29 13.12
CA ASP B 57 27.33 4.35 14.05
C ASP B 57 27.25 5.73 13.38
N GLU B 58 27.81 5.87 12.17
CA GLU B 58 27.77 7.11 11.41
C GLU B 58 26.32 7.53 11.20
N LYS B 59 25.48 6.62 10.68
CA LYS B 59 24.07 6.92 10.49
C LYS B 59 23.48 7.38 11.83
N MET B 60 23.69 6.59 12.89
CA MET B 60 23.16 6.86 14.21
C MET B 60 23.51 8.29 14.63
N LYS B 61 24.79 8.67 14.60
CA LYS B 61 25.21 10.02 14.93
C LYS B 61 24.55 11.06 14.02
N SER B 62 24.48 10.77 12.72
CA SER B 62 23.83 11.67 11.75
C SER B 62 22.34 11.85 12.03
N LEU B 63 21.69 10.82 12.60
CA LEU B 63 20.27 10.79 12.89
C LEU B 63 19.97 11.40 14.26
N ASP B 64 20.49 10.77 15.32
CA ASP B 64 20.22 11.11 16.71
C ASP B 64 20.97 12.38 17.08
N VAL B 65 20.50 13.54 16.61
CA VAL B 65 21.15 14.84 16.81
C VAL B 65 21.51 15.11 18.28
N ASN B 66 20.65 14.68 19.20
CA ASN B 66 20.83 14.86 20.64
C ASN B 66 21.68 13.77 21.28
N GLN B 67 22.00 12.70 20.54
CA GLN B 67 22.83 11.59 20.97
C GLN B 67 22.38 11.06 22.35
N ASP B 68 21.08 10.76 22.47
CA ASP B 68 20.48 10.14 23.65
C ASP B 68 20.54 8.60 23.52
N SER B 69 20.89 8.08 22.34
CA SER B 69 20.89 6.65 22.04
C SER B 69 19.47 6.08 22.03
N GLU B 70 18.50 6.95 21.73
CA GLU B 70 17.14 6.61 21.35
C GLU B 70 16.81 7.41 20.10
N LEU B 71 16.52 6.73 18.98
CA LEU B 71 15.88 7.37 17.87
C LEU B 71 14.38 7.33 18.16
N LYS B 72 13.82 8.38 18.79
CA LYS B 72 12.38 8.56 18.92
C LYS B 72 11.72 8.44 17.55
N PHE B 73 10.40 8.22 17.48
CA PHE B 73 9.64 8.10 16.24
C PHE B 73 10.12 9.08 15.17
N ASN B 74 10.08 10.38 15.49
CA ASN B 74 10.44 11.44 14.55
C ASN B 74 11.94 11.45 14.21
N GLU B 75 12.80 11.04 15.15
CA GLU B 75 14.24 10.96 14.90
C GLU B 75 14.52 9.82 13.94
N TYR B 76 14.04 8.61 14.28
CA TYR B 76 14.11 7.44 13.43
C TYR B 76 13.62 7.78 12.03
N TRP B 77 12.44 8.39 11.97
CA TRP B 77 11.79 8.80 10.74
C TRP B 77 12.79 9.46 9.78
N ARG B 78 13.77 10.25 10.25
CA ARG B 78 14.84 10.81 9.42
C ARG B 78 15.35 9.82 8.38
N LEU B 79 15.69 8.59 8.82
CA LEU B 79 16.19 7.54 7.95
C LEU B 79 15.33 7.43 6.70
N ILE B 80 14.00 7.45 6.85
CA ILE B 80 13.07 7.23 5.74
C ILE B 80 13.29 8.31 4.67
N GLY B 81 13.80 9.46 5.06
CA GLY B 81 14.10 10.56 4.16
C GLY B 81 15.32 10.25 3.36
N GLU B 82 16.31 9.72 4.05
CA GLU B 82 17.58 9.40 3.47
C GLU B 82 17.34 8.22 2.52
N LEU B 83 16.42 7.31 2.86
CA LEU B 83 15.97 6.24 1.99
C LEU B 83 15.29 6.81 0.73
N ALA B 84 14.19 7.57 0.94
CA ALA B 84 13.38 8.17 -0.10
C ALA B 84 14.20 9.10 -1.01
N LYS B 85 15.27 9.64 -0.46
CA LYS B 85 16.26 10.40 -1.19
C LYS B 85 17.13 9.42 -1.97
N GLU B 86 17.84 8.50 -1.30
CA GLU B 86 18.75 7.52 -1.92
C GLU B 86 18.14 6.84 -3.14
N ILE B 87 16.90 6.34 -3.06
CA ILE B 87 16.27 5.67 -4.19
C ILE B 87 16.33 6.47 -5.50
N ARG B 88 16.24 7.81 -5.40
CA ARG B 88 16.42 8.73 -6.52
C ARG B 88 17.90 9.09 -6.65
N LYS B 89 18.47 9.57 -5.55
CA LYS B 89 19.75 10.23 -5.45
C LYS B 89 20.91 9.32 -5.82
N LYS B 90 20.79 8.00 -5.70
CA LYS B 90 21.64 7.25 -4.78
C LYS B 90 23.06 7.83 -4.67
N LYS B 91 23.89 7.80 -5.72
CA LYS B 91 25.24 8.38 -5.69
C LYS B 91 25.44 9.23 -6.97
N ASP B 92 24.44 10.07 -7.27
CA ASP B 92 24.33 11.05 -8.36
C ASP B 92 25.49 12.06 -8.27
N LEU B 93 26.68 11.59 -8.63
CA LEU B 93 27.96 12.21 -8.43
C LEU B 93 28.98 11.29 -9.12
N LYS B 94 28.95 10.00 -8.78
CA LYS B 94 29.75 8.96 -9.44
C LYS B 94 28.87 7.90 -10.10
N ILE B 95 27.81 7.44 -9.42
CA ILE B 95 27.03 6.27 -9.82
C ILE B 95 25.53 6.55 -9.59
N ARG B 96 24.67 6.69 -10.62
CA ARG B 96 24.85 6.81 -12.06
C ARG B 96 23.49 6.98 -12.77
N MET C 1 15.45 5.88 -17.30
CA MET C 1 14.19 6.32 -17.90
C MET C 1 13.02 5.93 -16.99
N ALA C 2 12.85 4.62 -16.69
CA ALA C 2 11.82 4.14 -15.76
C ALA C 2 11.97 2.64 -15.45
N ALA C 3 12.17 2.32 -14.17
CA ALA C 3 11.64 1.14 -13.46
C ALA C 3 11.33 -0.15 -14.24
N GLU C 4 12.22 -1.16 -14.19
CA GLU C 4 11.88 -2.57 -14.15
C GLU C 4 11.59 -2.93 -12.66
N PRO C 5 11.33 -4.25 -12.30
CA PRO C 5 11.10 -4.78 -10.95
C PRO C 5 11.52 -3.90 -9.77
N LEU C 6 10.61 -3.84 -8.80
CA LEU C 6 10.79 -3.07 -7.58
C LEU C 6 10.35 -3.91 -6.38
N THR C 7 10.96 -3.70 -5.22
CA THR C 7 10.61 -4.45 -4.02
C THR C 7 9.28 -3.93 -3.44
N GLU C 8 8.81 -4.58 -2.37
CA GLU C 8 7.55 -4.23 -1.71
C GLU C 8 7.40 -2.72 -1.46
N LEU C 9 8.43 -2.08 -0.90
CA LEU C 9 8.36 -0.66 -0.62
C LEU C 9 8.71 0.20 -1.83
N GLU C 10 9.59 -0.31 -2.69
CA GLU C 10 9.97 0.39 -3.90
C GLU C 10 8.73 0.67 -4.78
N GLU C 11 7.82 -0.32 -4.84
CA GLU C 11 6.56 -0.14 -5.56
C GLU C 11 5.79 1.06 -4.97
N SER C 12 5.62 1.05 -3.64
CA SER C 12 4.76 2.00 -2.97
C SER C 12 5.35 3.43 -2.94
N ILE C 13 6.68 3.59 -3.07
CA ILE C 13 7.25 4.90 -3.38
C ILE C 13 7.05 5.23 -4.87
N GLU C 14 7.08 4.25 -5.78
CA GLU C 14 6.77 4.51 -7.18
C GLU C 14 5.35 5.06 -7.32
N THR C 15 4.34 4.36 -6.79
CA THR C 15 2.94 4.68 -7.08
C THR C 15 2.62 6.17 -6.85
N VAL C 16 3.20 6.77 -5.81
CA VAL C 16 3.04 8.20 -5.55
C VAL C 16 3.84 9.05 -6.54
N VAL C 17 5.04 8.62 -6.94
CA VAL C 17 5.83 9.29 -7.95
C VAL C 17 5.07 9.31 -9.28
N THR C 18 4.42 8.19 -9.62
CA THR C 18 3.62 8.08 -10.84
C THR C 18 2.51 9.16 -10.86
N THR C 19 2.02 9.54 -9.66
CA THR C 19 1.00 10.59 -9.54
C THR C 19 1.66 11.92 -9.89
N PHE C 20 2.79 12.16 -9.24
CA PHE C 20 3.67 13.31 -9.46
C PHE C 20 3.91 13.48 -10.96
N PHE C 21 4.40 12.40 -11.59
CA PHE C 21 4.75 12.35 -13.02
C PHE C 21 3.60 12.80 -13.94
N THR C 22 2.36 12.43 -13.62
CA THR C 22 1.23 12.81 -14.49
C THR C 22 0.65 14.18 -14.18
N PHE C 23 1.13 14.82 -13.13
CA PHE C 23 0.63 16.14 -12.77
C PHE C 23 1.66 17.20 -13.13
N ALA C 24 2.93 16.79 -13.11
CA ALA C 24 4.02 17.70 -13.42
C ALA C 24 4.35 17.73 -14.90
N ARG C 25 3.87 16.75 -15.67
CA ARG C 25 4.06 16.78 -17.13
C ARG C 25 2.94 17.63 -17.75
N GLN C 26 2.75 18.84 -17.20
CA GLN C 26 1.65 19.70 -17.65
C GLN C 26 2.06 20.92 -18.48
N GLU C 27 2.78 21.91 -17.92
CA GLU C 27 3.05 23.10 -18.72
C GLU C 27 4.33 22.97 -19.56
N GLY C 28 5.49 23.09 -18.89
CA GLY C 28 6.77 22.49 -19.22
C GLY C 28 6.93 21.18 -18.47
N ARG C 29 7.84 20.33 -18.96
CA ARG C 29 8.78 19.58 -18.14
C ARG C 29 8.15 18.80 -16.98
N LYS C 30 8.10 17.47 -17.17
CA LYS C 30 7.53 16.52 -16.20
C LYS C 30 8.44 16.28 -14.98
N ASP C 31 9.72 16.55 -15.15
CA ASP C 31 10.70 16.37 -14.09
C ASP C 31 10.63 17.46 -12.99
N SER C 32 9.90 18.56 -13.20
CA SER C 32 9.72 19.62 -12.21
C SER C 32 8.25 19.99 -12.04
N LEU C 33 7.81 20.19 -10.80
CA LEU C 33 6.51 20.78 -10.53
C LEU C 33 6.55 22.26 -10.90
N SER C 34 5.51 22.69 -11.59
CA SER C 34 5.27 24.04 -12.07
C SER C 34 3.97 24.54 -11.40
N VAL C 35 3.69 25.85 -11.38
CA VAL C 35 2.62 26.39 -10.52
C VAL C 35 1.34 26.63 -11.29
N ASN C 36 0.95 25.62 -12.06
CA ASN C 36 -0.40 25.18 -12.33
C ASN C 36 -0.27 23.70 -12.70
N GLU C 37 0.36 23.06 -11.70
CA GLU C 37 0.65 21.63 -11.60
C GLU C 37 0.65 21.35 -10.10
N PHE C 38 1.34 22.24 -9.36
CA PHE C 38 1.44 22.23 -7.92
C PHE C 38 0.09 22.59 -7.31
N LYS C 39 -0.44 23.78 -7.63
CA LYS C 39 -1.69 24.22 -7.02
C LYS C 39 -2.82 23.23 -7.36
N GLU C 40 -2.80 22.70 -8.59
CA GLU C 40 -3.81 21.71 -9.00
C GLU C 40 -3.62 20.41 -8.24
N LEU C 41 -2.37 20.10 -7.88
CA LEU C 41 -2.04 18.89 -7.13
C LEU C 41 -2.58 18.95 -5.71
N VAL C 42 -2.31 20.05 -5.01
CA VAL C 42 -2.79 20.21 -3.65
C VAL C 42 -4.31 20.32 -3.64
N THR C 43 -4.89 21.08 -4.55
CA THR C 43 -6.35 21.27 -4.60
C THR C 43 -7.11 19.99 -4.96
N GLN C 44 -6.47 19.07 -5.70
CA GLN C 44 -7.16 17.85 -6.13
C GLN C 44 -6.74 16.62 -5.31
N GLN C 45 -5.44 16.36 -5.22
CA GLN C 45 -4.95 15.17 -4.53
C GLN C 45 -4.80 15.36 -3.01
N LEU C 46 -4.45 16.58 -2.57
CA LEU C 46 -4.26 16.83 -1.14
C LEU C 46 -5.20 17.92 -0.60
N PRO C 47 -6.53 17.80 -0.77
CA PRO C 47 -7.47 18.80 -0.29
C PRO C 47 -7.92 18.55 1.16
N HIS C 48 -7.76 17.31 1.60
CA HIS C 48 -8.15 16.91 2.94
C HIS C 48 -6.91 16.80 3.84
N LEU C 49 -5.85 16.21 3.28
CA LEU C 49 -4.60 16.03 4.01
C LEU C 49 -3.96 17.40 4.25
N LEU C 50 -3.85 18.19 3.19
CA LEU C 50 -3.29 19.53 3.29
C LEU C 50 -4.43 20.54 3.30
N LYS C 51 -4.77 21.00 4.50
CA LYS C 51 -5.85 21.97 4.68
C LYS C 51 -5.35 23.39 4.54
N ASP C 52 -4.55 23.63 3.50
CA ASP C 52 -3.99 24.94 3.22
C ASP C 52 -3.77 25.11 1.73
N VAL C 53 -4.85 24.96 0.96
CA VAL C 53 -4.80 25.08 -0.50
C VAL C 53 -4.84 26.53 -0.95
N GLY C 54 -5.18 27.43 -0.04
CA GLY C 54 -5.29 28.84 -0.37
C GLY C 54 -3.99 29.57 -0.04
N SER C 55 -3.11 28.89 0.69
CA SER C 55 -1.82 29.46 1.07
C SER C 55 -0.67 28.59 0.55
N LEU C 56 -0.87 27.99 -0.63
CA LEU C 56 0.14 27.17 -1.27
C LEU C 56 1.41 27.98 -1.44
N ASP C 57 1.29 29.20 -1.95
CA ASP C 57 2.36 30.13 -2.26
C ASP C 57 3.43 30.19 -1.15
N GLU C 58 3.00 30.19 0.13
CA GLU C 58 3.92 30.15 1.25
C GLU C 58 4.71 28.83 1.26
N LYS C 59 3.99 27.71 1.09
CA LYS C 59 4.61 26.38 1.04
C LYS C 59 5.60 26.34 -0.12
N MET C 60 5.15 26.82 -1.27
CA MET C 60 5.99 26.93 -2.47
C MET C 60 7.28 27.66 -2.14
N LYS C 61 7.18 28.87 -1.58
CA LYS C 61 8.37 29.63 -1.22
C LYS C 61 9.26 28.85 -0.26
N SER C 62 8.66 28.20 0.74
CA SER C 62 9.38 27.37 1.70
C SER C 62 10.06 26.17 1.05
N LEU C 63 9.40 25.56 0.06
CA LEU C 63 9.87 24.40 -0.67
C LEU C 63 11.05 24.78 -1.57
N ASP C 64 10.82 25.74 -2.47
CA ASP C 64 11.60 26.02 -3.66
C ASP C 64 13.09 26.33 -3.45
N VAL C 65 13.52 26.58 -2.20
CA VAL C 65 14.33 27.69 -1.69
C VAL C 65 15.45 28.27 -2.57
N ASN C 66 15.98 27.54 -3.56
CA ASN C 66 16.77 28.19 -4.60
C ASN C 66 15.94 29.27 -5.30
N GLN C 67 14.61 29.13 -5.29
CA GLN C 67 13.64 30.09 -5.76
C GLN C 67 13.71 30.25 -7.30
N ASP C 68 14.29 29.27 -7.99
CA ASP C 68 14.19 29.16 -9.44
C ASP C 68 12.72 29.00 -9.87
N SER C 69 11.85 28.60 -8.94
CA SER C 69 10.43 28.38 -9.18
C SER C 69 10.16 27.15 -10.05
N GLU C 70 11.19 26.34 -10.32
CA GLU C 70 10.99 24.93 -10.63
C GLU C 70 11.02 24.23 -9.29
N LEU C 71 9.88 23.68 -8.85
CA LEU C 71 9.84 22.85 -7.66
C LEU C 71 10.52 21.54 -8.06
N LYS C 72 11.77 21.39 -7.65
CA LYS C 72 12.73 20.49 -8.28
C LYS C 72 12.51 19.06 -7.77
N PHE C 73 13.21 18.09 -8.37
CA PHE C 73 13.06 16.66 -8.11
C PHE C 73 13.85 16.35 -6.82
N ASN C 74 13.24 16.80 -5.72
CA ASN C 74 13.65 16.90 -4.33
C ASN C 74 14.11 18.34 -4.06
N GLU C 75 13.32 19.34 -4.45
CA GLU C 75 12.63 20.23 -3.53
C GLU C 75 11.26 19.63 -3.20
N TYR C 76 10.45 19.47 -4.26
CA TYR C 76 9.03 19.10 -4.23
C TYR C 76 8.75 18.05 -3.17
N TRP C 77 9.52 16.97 -3.24
CA TRP C 77 9.33 15.77 -2.45
C TRP C 77 9.00 16.08 -0.99
N ARG C 78 9.66 17.09 -0.42
CA ARG C 78 9.40 17.59 0.93
C ARG C 78 7.90 17.61 1.25
N LEU C 79 7.06 18.07 0.32
CA LEU C 79 5.63 18.16 0.49
C LEU C 79 5.04 16.84 1.01
N ILE C 80 5.38 15.72 0.36
CA ILE C 80 4.91 14.40 0.73
C ILE C 80 5.30 14.13 2.19
N GLY C 81 6.43 14.71 2.62
CA GLY C 81 6.98 14.65 3.95
C GLY C 81 6.13 15.38 4.95
N GLU C 82 5.71 16.56 4.54
CA GLU C 82 4.92 17.42 5.37
C GLU C 82 3.57 16.74 5.54
N LEU C 83 2.92 16.27 4.48
CA LEU C 83 1.73 15.44 4.68
C LEU C 83 2.02 14.22 5.57
N ALA C 84 3.13 13.51 5.31
CA ALA C 84 3.49 12.32 6.07
C ALA C 84 3.54 12.61 7.57
N LYS C 85 4.25 13.68 7.98
CA LYS C 85 4.23 14.03 9.39
C LYS C 85 2.86 14.59 9.80
N GLU C 86 2.19 15.42 8.99
CA GLU C 86 0.93 16.10 9.31
C GLU C 86 -0.07 15.16 9.97
N ILE C 87 -0.23 13.95 9.44
CA ILE C 87 -1.14 12.96 10.01
C ILE C 87 -0.90 12.77 11.52
N ARG C 88 0.38 12.76 11.93
CA ARG C 88 0.84 12.77 13.30
C ARG C 88 0.86 14.19 13.90
N LYS C 89 1.24 15.20 13.11
CA LYS C 89 1.69 16.50 13.55
C LYS C 89 0.74 17.60 13.07
N LYS C 90 -0.38 17.75 13.76
CA LYS C 90 -1.46 18.72 13.53
C LYS C 90 -0.93 20.09 13.08
N LYS C 91 -0.03 20.74 13.84
CA LYS C 91 0.51 22.05 13.44
C LYS C 91 1.91 22.32 14.02
N ASP C 92 2.45 21.41 14.83
CA ASP C 92 3.30 21.75 15.96
C ASP C 92 4.78 21.73 15.54
N LEU C 93 5.11 22.39 14.43
CA LEU C 93 6.47 22.43 13.88
C LEU C 93 7.24 23.65 14.38
N ILE C 95 9.85 25.98 14.29
CA ILE C 95 11.21 26.21 13.83
C ILE C 95 11.45 27.60 13.19
N ARG C 96 12.70 28.07 13.31
CA ARG C 96 13.22 29.31 12.75
C ARG C 96 14.74 29.20 12.92
N LYS C 97 15.52 29.39 11.84
CA LYS C 97 16.92 28.97 11.79
C LYS C 97 17.47 29.46 10.46
N LYS C 98 18.58 30.22 10.49
CA LYS C 98 19.38 30.54 9.33
C LYS C 98 20.62 29.65 9.41
N TYR D 1 -19.75 -9.08 -38.36
CA TYR D 1 -21.02 -8.34 -38.22
C TYR D 1 -20.77 -6.95 -37.62
N LYS D 2 -20.05 -6.10 -38.36
CA LYS D 2 -19.73 -4.75 -37.88
C LYS D 2 -21.00 -4.04 -37.40
N LYS D 3 -21.10 -3.88 -36.09
CA LYS D 3 -22.26 -3.24 -35.49
C LYS D 3 -21.88 -2.70 -34.10
N PRO D 4 -22.86 -2.17 -33.32
CA PRO D 4 -22.65 -1.64 -31.99
C PRO D 4 -21.35 -2.09 -31.31
N LYS D 5 -20.38 -1.19 -31.26
CA LYS D 5 -19.09 -1.47 -30.65
C LYS D 5 -19.09 -0.96 -29.22
N LEU D 6 -19.18 -1.88 -28.25
CA LEU D 6 -19.19 -1.51 -26.84
C LEU D 6 -17.75 -1.33 -26.35
N LEU D 7 -17.52 -0.25 -25.59
CA LEU D 7 -16.19 0.03 -25.06
C LEU D 7 -16.30 0.64 -23.66
N TYR D 8 -15.43 0.18 -22.76
CA TYR D 8 -15.40 0.69 -21.39
C TYR D 8 -14.04 0.41 -20.75
N CYS D 9 -13.81 0.92 -19.55
CA CYS D 9 -12.53 0.70 -18.89
C CYS D 9 -12.70 0.67 -17.37
N SER D 10 -11.67 0.18 -16.67
CA SER D 10 -11.67 0.07 -15.22
C SER D 10 -12.52 -1.11 -14.80
N ASN D 11 -11.90 -2.06 -14.11
CA ASN D 11 -12.61 -3.25 -13.65
C ASN D 11 -13.90 -2.86 -12.92
N GLY D 12 -15.01 -3.43 -13.36
CA GLY D 12 -16.29 -3.13 -12.76
C GLY D 12 -17.36 -2.88 -13.79
N GLY D 13 -18.54 -3.43 -13.56
CA GLY D 13 -19.64 -3.25 -14.48
C GLY D 13 -19.93 -1.78 -14.76
N HIS D 14 -19.53 -1.32 -15.94
CA HIS D 14 -19.75 0.07 -16.36
C HIS D 14 -19.52 0.19 -17.86
N PHE D 15 -20.53 0.64 -18.60
CA PHE D 15 -20.42 0.80 -20.05
C PHE D 15 -20.60 2.25 -20.45
N LEU D 16 -19.95 2.64 -21.53
CA LEU D 16 -20.05 4.01 -22.04
C LEU D 16 -21.41 4.25 -22.69
N ARG D 17 -22.32 4.88 -21.96
CA ARG D 17 -23.65 5.16 -22.48
C ARG D 17 -23.70 6.57 -23.06
N ILE D 18 -23.75 6.65 -24.38
CA ILE D 18 -23.77 7.93 -25.07
C ILE D 18 -25.20 8.43 -25.26
N LEU D 19 -25.38 9.74 -25.14
CA LEU D 19 -26.67 10.37 -25.31
C LEU D 19 -26.55 11.56 -26.26
N PRO D 20 -27.53 11.75 -27.15
CA PRO D 20 -27.53 12.85 -28.13
C PRO D 20 -27.14 14.19 -27.50
N ASP D 21 -27.48 14.35 -26.22
CA ASP D 21 -27.16 15.56 -25.47
C ASP D 21 -25.65 15.80 -25.45
N GLY D 22 -24.89 14.74 -25.22
CA GLY D 22 -23.45 14.85 -25.16
C GLY D 22 -22.88 14.31 -23.87
N THR D 23 -23.64 14.43 -22.78
CA THR D 23 -23.20 13.94 -21.48
C THR D 23 -23.21 12.42 -21.43
N VAL D 24 -22.13 11.82 -21.89
CA VAL D 24 -21.98 10.36 -21.88
C VAL D 24 -21.41 9.90 -20.54
N ASP D 25 -22.03 8.89 -19.93
CA ASP D 25 -21.58 8.36 -18.65
C ASP D 25 -21.35 6.85 -18.73
N GLY D 26 -20.66 6.32 -17.72
CA GLY D 26 -20.37 4.90 -17.67
C GLY D 26 -21.50 4.09 -17.07
N THR D 27 -22.63 4.07 -17.77
CA THR D 27 -23.80 3.33 -17.31
C THR D 27 -23.56 1.83 -17.36
N ARG D 28 -23.83 1.15 -16.26
CA ARG D 28 -23.63 -0.29 -16.21
C ARG D 28 -24.93 -1.02 -16.55
N ASP D 29 -25.34 -0.88 -17.80
CA ASP D 29 -26.58 -1.52 -18.27
C ASP D 29 -26.46 -1.88 -19.75
N ARG D 30 -27.18 -2.91 -20.16
CA ARG D 30 -27.19 -3.35 -21.54
C ARG D 30 -28.62 -3.62 -22.02
N SER D 31 -29.58 -2.99 -21.35
CA SER D 31 -30.99 -3.14 -21.67
C SER D 31 -31.41 -2.07 -22.69
N ASP D 32 -30.95 -0.84 -22.45
CA ASP D 32 -31.29 0.27 -23.34
C ASP D 32 -30.17 0.48 -24.35
N GLN D 33 -30.54 0.50 -25.64
CA GLN D 33 -29.55 0.68 -26.70
C GLN D 33 -28.96 2.09 -26.70
N HIS D 34 -28.06 2.34 -25.75
CA HIS D 34 -27.40 3.65 -25.67
C HIS D 34 -25.93 3.51 -25.23
N ILE D 35 -25.40 2.29 -25.31
CA ILE D 35 -24.01 2.04 -24.92
C ILE D 35 -23.24 1.38 -26.07
N GLN D 36 -23.45 1.88 -27.28
CA GLN D 36 -22.80 1.34 -28.46
C GLN D 36 -22.35 2.45 -29.40
N LEU D 37 -21.11 2.35 -29.86
CA LEU D 37 -20.55 3.33 -30.78
C LEU D 37 -19.97 2.62 -32.00
N GLN D 38 -19.90 3.31 -33.13
CA GLN D 38 -19.37 2.72 -34.34
C GLN D 38 -17.86 2.95 -34.42
N LEU D 39 -17.12 2.23 -33.59
CA LEU D 39 -15.66 2.32 -33.57
C LEU D 39 -15.08 1.61 -34.79
N SER D 40 -14.22 2.30 -35.52
CA SER D 40 -13.58 1.72 -36.70
C SER D 40 -12.32 2.52 -37.07
N ALA D 41 -11.41 1.86 -37.77
CA ALA D 41 -10.17 2.48 -38.20
C ALA D 41 -10.41 3.23 -39.50
N GLU D 42 -10.52 4.55 -39.42
CA GLU D 42 -10.77 5.38 -40.58
C GLU D 42 -9.52 5.44 -41.46
N SER D 43 -8.41 5.84 -40.87
CA SER D 43 -7.14 5.94 -41.57
C SER D 43 -6.13 4.96 -40.98
N VAL D 44 -4.96 4.85 -41.58
CA VAL D 44 -3.92 3.95 -41.10
C VAL D 44 -3.62 4.20 -39.62
N GLY D 45 -4.28 3.44 -38.76
CA GLY D 45 -4.08 3.58 -37.33
C GLY D 45 -5.03 4.58 -36.68
N GLU D 46 -5.68 5.42 -37.49
CA GLU D 46 -6.59 6.43 -36.98
C GLU D 46 -8.00 5.86 -36.83
N VAL D 47 -8.43 5.65 -35.60
CA VAL D 47 -9.75 5.12 -35.32
C VAL D 47 -10.68 6.24 -34.84
N TYR D 48 -11.93 6.18 -35.26
CA TYR D 48 -12.92 7.17 -34.87
C TYR D 48 -14.01 6.57 -34.00
N ILE D 49 -14.55 7.38 -33.10
CA ILE D 49 -15.61 6.95 -32.20
C ILE D 49 -16.88 7.72 -32.52
N LYS D 50 -17.80 7.07 -33.21
CA LYS D 50 -19.06 7.70 -33.59
C LYS D 50 -20.24 6.81 -33.25
N SER D 51 -21.06 7.26 -32.30
CA SER D 51 -22.24 6.51 -31.89
C SER D 51 -23.39 6.79 -32.86
N THR D 52 -23.17 6.44 -34.12
CA THR D 52 -24.14 6.67 -35.17
C THR D 52 -25.51 6.07 -34.85
N GLU D 53 -25.59 4.75 -34.87
CA GLU D 53 -26.84 4.05 -34.61
C GLU D 53 -27.13 3.91 -33.11
N THR D 54 -27.16 5.03 -32.40
CA THR D 54 -27.45 5.01 -30.97
C THR D 54 -27.32 6.38 -30.31
N GLY D 55 -26.31 7.16 -30.69
CA GLY D 55 -26.13 8.45 -30.07
C GLY D 55 -25.67 9.53 -31.03
N GLN D 56 -24.42 9.97 -30.85
CA GLN D 56 -23.85 11.04 -31.64
C GLN D 56 -22.36 10.81 -31.91
N TYR D 57 -21.74 11.78 -32.58
CA TYR D 57 -20.31 11.72 -32.90
C TYR D 57 -19.52 12.39 -31.79
N LEU D 58 -18.34 11.87 -31.49
CA LEU D 58 -17.51 12.44 -30.43
C LEU D 58 -16.73 13.65 -30.92
N ALA D 59 -16.37 14.52 -29.98
CA ALA D 59 -15.62 15.73 -30.26
C ALA D 59 -14.98 16.23 -28.98
N MET D 60 -13.82 15.67 -28.66
CA MET D 60 -13.08 16.03 -27.45
C MET D 60 -12.88 17.53 -27.31
N ASP D 61 -12.97 18.02 -26.09
CA ASP D 61 -12.77 19.43 -25.80
C ASP D 61 -11.31 19.66 -25.44
N THR D 62 -10.48 19.78 -26.46
CA THR D 62 -9.05 19.99 -26.26
C THR D 62 -8.45 18.81 -25.50
N ASP D 63 -8.99 17.60 -25.76
CA ASP D 63 -8.55 16.38 -25.08
C ASP D 63 -8.95 16.41 -23.60
N GLY D 64 -8.58 17.49 -22.91
CA GLY D 64 -8.91 17.67 -21.51
C GLY D 64 -10.25 17.05 -21.12
N LEU D 65 -11.30 17.47 -21.80
CA LEU D 65 -12.64 16.96 -21.55
C LEU D 65 -13.15 16.23 -22.78
N LEU D 66 -13.70 15.04 -22.58
CA LEU D 66 -14.21 14.25 -23.70
C LEU D 66 -15.72 14.42 -23.82
N TYR D 67 -16.18 14.75 -25.03
CA TYR D 67 -17.60 14.94 -25.28
C TYR D 67 -17.91 14.68 -26.75
N GLY D 68 -19.18 14.75 -27.11
CA GLY D 68 -19.58 14.53 -28.49
C GLY D 68 -21.06 14.74 -28.68
N SER D 69 -21.45 15.26 -29.84
CA SER D 69 -22.86 15.52 -30.14
C SER D 69 -23.01 16.33 -31.42
N GLN D 70 -22.48 17.56 -31.42
CA GLN D 70 -22.60 18.44 -32.57
C GLN D 70 -21.92 17.90 -33.82
N THR D 71 -20.59 17.88 -33.83
CA THR D 71 -19.85 17.40 -35.00
C THR D 71 -18.59 16.61 -34.62
N PRO D 72 -18.22 15.60 -35.43
CA PRO D 72 -17.04 14.78 -35.19
C PRO D 72 -15.76 15.53 -35.59
N ASN D 73 -15.40 16.53 -34.80
CA ASN D 73 -14.21 17.34 -35.07
C ASN D 73 -12.95 16.48 -34.98
N GLU D 74 -11.87 16.94 -35.64
CA GLU D 74 -10.60 16.21 -35.65
C GLU D 74 -10.24 15.69 -34.25
N GLU D 75 -10.65 16.44 -33.22
CA GLU D 75 -10.42 16.05 -31.84
C GLU D 75 -10.83 14.58 -31.61
N CYS D 76 -11.76 14.09 -32.43
CA CYS D 76 -12.25 12.72 -32.32
C CYS D 76 -11.37 11.69 -33.04
N LEU D 77 -10.25 12.12 -33.63
CA LEU D 77 -9.36 11.18 -34.31
C LEU D 77 -8.33 10.63 -33.32
N PHE D 78 -8.33 9.31 -33.14
CA PHE D 78 -7.40 8.68 -32.20
C PHE D 78 -6.62 7.54 -32.86
N LEU D 79 -5.37 7.37 -32.44
CA LEU D 79 -4.52 6.31 -32.96
C LEU D 79 -4.81 5.01 -32.23
N GLU D 80 -5.14 3.95 -32.97
CA GLU D 80 -5.45 2.66 -32.38
C GLU D 80 -4.19 1.95 -31.88
N ARG D 81 -4.12 1.74 -30.57
CA ARG D 81 -2.98 1.07 -29.95
C ARG D 81 -3.49 -0.05 -29.04
N LEU D 82 -2.68 -1.10 -28.89
CA LEU D 82 -3.06 -2.23 -28.05
C LEU D 82 -2.03 -2.47 -26.96
N GLU D 83 -2.48 -2.80 -25.76
CA GLU D 83 -1.59 -3.06 -24.64
C GLU D 83 -1.67 -4.53 -24.25
N GLU D 84 -0.53 -5.11 -23.90
CA GLU D 84 -0.48 -6.52 -23.49
C GLU D 84 -1.09 -6.69 -22.10
N ASN D 85 -2.31 -6.21 -21.94
CA ASN D 85 -3.04 -6.30 -20.67
C ASN D 85 -4.52 -6.53 -20.93
N HIS D 86 -4.84 -7.04 -22.12
CA HIS D 86 -6.23 -7.29 -22.52
C HIS D 86 -7.03 -5.99 -22.53
N TYR D 87 -6.44 -4.94 -23.09
CA TYR D 87 -7.10 -3.64 -23.18
C TYR D 87 -6.66 -2.89 -24.43
N ASN D 88 -7.52 -2.00 -24.89
CA ASN D 88 -7.27 -1.19 -26.08
C ASN D 88 -6.84 0.21 -25.68
N THR D 89 -5.96 0.81 -26.49
CA THR D 89 -5.47 2.15 -26.24
C THR D 89 -5.71 3.02 -27.46
N TYR D 90 -6.17 4.25 -27.24
CA TYR D 90 -6.43 5.17 -28.33
C TYR D 90 -5.77 6.52 -28.05
N ILE D 91 -4.81 6.87 -28.89
CA ILE D 91 -4.07 8.12 -28.72
C ILE D 91 -4.70 9.26 -29.52
N SER D 92 -5.18 10.28 -28.82
CA SER D 92 -5.78 11.43 -29.47
C SER D 92 -4.70 12.24 -30.20
N LYS D 93 -4.33 11.77 -31.39
CA LYS D 93 -3.29 12.42 -32.19
C LYS D 93 -3.46 13.93 -32.19
N LYS D 94 -4.72 14.39 -32.16
CA LYS D 94 -5.02 15.82 -32.14
C LYS D 94 -4.26 16.51 -30.98
N HIS D 95 -4.00 15.76 -29.91
CA HIS D 95 -3.28 16.30 -28.76
C HIS D 95 -2.08 15.43 -28.37
N ALA D 96 -1.74 14.46 -29.23
CA ALA D 96 -0.61 13.57 -28.97
C ALA D 96 0.64 14.38 -28.65
N GLU D 97 0.73 15.57 -29.24
CA GLU D 97 1.85 16.48 -29.01
C GLU D 97 2.12 16.67 -27.51
N LYS D 98 1.05 16.65 -26.70
CA LYS D 98 1.19 16.84 -25.25
C LYS D 98 1.20 15.50 -24.52
N ASN D 99 1.32 14.41 -25.27
CA ASN D 99 1.34 13.06 -24.72
C ASN D 99 0.00 12.73 -24.05
N TRP D 100 -1.08 13.21 -24.66
CA TRP D 100 -2.42 12.99 -24.14
C TRP D 100 -3.21 12.01 -24.99
N PHE D 101 -3.74 10.97 -24.36
CA PHE D 101 -4.53 9.97 -25.03
C PHE D 101 -5.81 9.64 -24.24
N VAL D 102 -6.96 9.90 -24.90
CA VAL D 102 -8.32 9.72 -24.37
C VAL D 102 -8.40 8.83 -23.13
N GLY D 103 -8.94 9.41 -22.05
CA GLY D 103 -9.11 8.69 -20.79
C GLY D 103 -10.43 9.06 -20.14
N LEU D 104 -11.20 8.07 -19.71
CA LEU D 104 -12.49 8.31 -19.09
C LEU D 104 -12.55 7.77 -17.65
N LYS D 105 -13.50 8.30 -16.89
CA LYS D 105 -13.70 7.88 -15.51
C LYS D 105 -14.91 6.95 -15.41
N LYS D 106 -14.63 5.66 -15.24
CA LYS D 106 -15.68 4.64 -15.14
C LYS D 106 -16.86 5.12 -14.28
N ASN D 107 -16.54 5.72 -13.15
CA ASN D 107 -17.57 6.22 -12.22
C ASN D 107 -17.62 7.74 -12.22
N GLY D 108 -17.42 8.35 -13.39
CA GLY D 108 -17.44 9.79 -13.48
C GLY D 108 -17.89 10.29 -14.84
N SER D 109 -17.23 9.79 -15.89
CA SER D 109 -17.50 10.15 -17.29
C SER D 109 -16.17 10.31 -18.03
N CYS D 110 -16.23 10.54 -19.33
CA CYS D 110 -15.03 10.71 -20.13
C CYS D 110 -14.53 12.16 -20.08
N LYS D 111 -13.51 12.40 -19.27
CA LYS D 111 -12.91 13.74 -19.14
C LYS D 111 -11.75 13.72 -18.16
N ARG D 112 -10.60 13.24 -18.64
CA ARG D 112 -9.39 13.14 -17.83
C ARG D 112 -8.17 13.47 -18.66
N GLY D 113 -8.36 14.27 -19.70
CA GLY D 113 -7.29 14.67 -20.60
C GLY D 113 -6.07 15.27 -19.92
N PRO D 114 -6.21 16.17 -18.91
CA PRO D 114 -5.05 16.76 -18.24
C PRO D 114 -4.26 15.73 -17.39
N ARG D 115 -4.77 14.50 -17.33
CA ARG D 115 -4.12 13.44 -16.57
C ARG D 115 -4.01 12.14 -17.39
N THR D 116 -3.98 12.26 -18.72
CA THR D 116 -3.89 11.09 -19.58
C THR D 116 -2.44 10.72 -19.90
N HIS D 117 -1.91 9.74 -19.16
CA HIS D 117 -0.54 9.26 -19.36
C HIS D 117 -0.31 8.00 -18.50
N TYR D 118 0.93 7.80 -18.05
CA TYR D 118 1.25 6.64 -17.23
C TYR D 118 0.93 6.89 -15.76
N GLY D 119 -0.37 6.92 -15.47
CA GLY D 119 -0.86 7.13 -14.12
C GLY D 119 -2.29 6.66 -14.00
N GLN D 120 -3.14 7.18 -14.88
CA GLN D 120 -4.54 6.78 -14.92
C GLN D 120 -4.66 5.58 -15.84
N LYS D 121 -4.99 4.43 -15.25
CA LYS D 121 -5.09 3.17 -15.99
C LYS D 121 -6.37 3.13 -16.84
N ALA D 122 -7.32 3.99 -16.51
CA ALA D 122 -8.60 4.08 -17.23
C ALA D 122 -8.38 4.23 -18.75
N ILE D 123 -7.17 4.61 -19.16
CA ILE D 123 -6.85 4.74 -20.57
C ILE D 123 -6.90 3.40 -21.28
N LEU D 124 -6.70 2.31 -20.53
CA LEU D 124 -6.74 0.97 -21.09
C LEU D 124 -8.17 0.47 -21.15
N PHE D 125 -8.83 0.76 -22.27
CA PHE D 125 -10.23 0.39 -22.45
C PHE D 125 -10.39 -1.08 -22.86
N LEU D 126 -11.49 -1.68 -22.43
CA LEU D 126 -11.80 -3.06 -22.74
C LEU D 126 -12.98 -3.10 -23.70
N PRO D 127 -12.71 -3.42 -24.98
CA PRO D 127 -13.74 -3.47 -26.02
C PRO D 127 -14.46 -4.81 -26.11
N LEU D 128 -15.76 -4.74 -26.37
CA LEU D 128 -16.59 -5.94 -26.51
C LEU D 128 -17.45 -5.82 -27.78
N PRO D 129 -16.82 -5.46 -28.92
CA PRO D 129 -17.53 -5.29 -30.20
C PRO D 129 -17.77 -6.60 -30.93
N VAL D 130 -18.82 -6.63 -31.74
CA VAL D 130 -19.16 -7.82 -32.51
C VAL D 130 -18.29 -7.89 -33.76
N SER D 131 -17.13 -8.51 -33.62
CA SER D 131 -16.19 -8.66 -34.72
C SER D 131 -16.72 -9.60 -35.78
N SER D 132 -15.96 -9.77 -36.86
CA SER D 132 -16.33 -10.66 -37.95
C SER D 132 -15.41 -11.88 -37.97
N ASP D 133 -15.51 -12.68 -36.91
CA ASP D 133 -14.69 -13.88 -36.77
C ASP D 133 -15.45 -15.10 -37.30
N TYR A 1 -17.24 -30.79 26.94
CA TYR A 1 -16.37 -31.96 26.65
C TYR A 1 -14.90 -31.54 26.59
N LYS A 2 -14.37 -31.11 27.74
CA LYS A 2 -12.97 -30.67 27.80
C LYS A 2 -12.05 -31.72 27.18
N LYS A 3 -11.51 -31.39 26.03
CA LYS A 3 -10.61 -32.29 25.30
C LYS A 3 -9.74 -31.49 24.34
N PRO A 4 -8.93 -32.17 23.48
CA PRO A 4 -8.05 -31.55 22.50
C PRO A 4 -8.41 -30.10 22.16
N LYS A 5 -7.62 -29.17 22.69
CA LYS A 5 -7.84 -27.75 22.45
C LYS A 5 -6.94 -27.29 21.31
N LEU A 6 -7.53 -27.06 20.14
CA LEU A 6 -6.78 -26.59 18.98
C LEU A 6 -6.59 -25.09 19.03
N LEU A 7 -5.37 -24.63 18.75
CA LEU A 7 -5.06 -23.21 18.77
C LEU A 7 -4.07 -22.86 17.65
N TYR A 8 -4.33 -21.75 16.97
CA TYR A 8 -3.45 -21.28 15.89
C TYR A 8 -3.67 -19.79 15.66
N CYS A 9 -2.85 -19.18 14.81
CA CYS A 9 -2.99 -17.75 14.53
C CYS A 9 -2.57 -17.43 13.10
N SER A 10 -2.93 -16.21 12.66
CA SER A 10 -2.62 -15.75 11.32
C SER A 10 -3.55 -16.41 10.31
N ASN A 11 -4.32 -15.58 9.59
CA ASN A 11 -5.25 -16.09 8.60
C ASN A 11 -4.56 -17.08 7.66
N GLY A 12 -5.13 -18.27 7.55
CA GLY A 12 -4.57 -19.29 6.69
C GLY A 12 -4.53 -20.64 7.37
N GLY A 13 -4.87 -21.68 6.63
CA GLY A 13 -4.88 -23.02 7.17
C GLY A 13 -3.52 -23.40 7.76
N HIS A 14 -3.45 -23.41 9.09
CA HIS A 14 -2.23 -23.76 9.81
C HIS A 14 -2.56 -24.03 11.27
N PHE A 15 -2.25 -25.23 11.76
CA PHE A 15 -2.54 -25.59 13.15
C PHE A 15 -1.24 -25.91 13.89
N LEU A 16 -1.24 -25.66 15.20
CA LEU A 16 -0.06 -25.92 16.01
C LEU A 16 0.11 -27.42 16.26
N ARG A 17 1.00 -28.04 15.50
CA ARG A 17 1.23 -29.47 15.65
C ARG A 17 2.42 -29.72 16.57
N ILE A 18 2.12 -30.20 17.76
CA ILE A 18 3.15 -30.46 18.76
C ILE A 18 3.70 -31.88 18.64
N LEU A 19 4.99 -32.01 18.86
CA LEU A 19 5.66 -33.30 18.81
C LEU A 19 6.51 -33.50 20.06
N PRO A 20 6.53 -34.73 20.62
CA PRO A 20 7.30 -35.05 21.82
C PRO A 20 8.72 -34.49 21.78
N ASP A 21 9.27 -34.40 20.56
CA ASP A 21 10.61 -33.86 20.34
C ASP A 21 10.72 -32.43 20.88
N GLY A 22 9.70 -31.63 20.59
CA GLY A 22 9.69 -30.24 21.02
C GLY A 22 9.49 -29.28 19.86
N THR A 23 9.99 -29.65 18.68
CA THR A 23 9.85 -28.81 17.50
C THR A 23 8.41 -28.78 16.99
N VAL A 24 7.62 -27.91 17.57
CA VAL A 24 6.22 -27.75 17.17
C VAL A 24 6.11 -26.77 16.00
N ASP A 25 5.37 -27.16 14.97
CA ASP A 25 5.19 -26.31 13.79
C ASP A 25 3.71 -26.10 13.48
N GLY A 26 3.43 -25.12 12.62
CA GLY A 26 2.06 -24.82 12.24
C GLY A 26 1.56 -25.69 11.11
N THR A 27 1.44 -26.98 11.37
CA THR A 27 0.97 -27.94 10.38
C THR A 27 -0.50 -27.70 10.06
N ARG A 28 -0.81 -27.59 8.77
CA ARG A 28 -2.19 -27.37 8.36
C ARG A 28 -2.87 -28.70 8.05
N ASP A 29 -3.06 -29.51 9.08
CA ASP A 29 -3.70 -30.81 8.94
C ASP A 29 -4.47 -31.19 10.20
N ARG A 30 -5.49 -31.99 10.04
CA ARG A 30 -6.32 -32.44 11.16
C ARG A 30 -6.58 -33.95 11.06
N SER A 31 -5.71 -34.65 10.35
CA SER A 31 -5.82 -36.08 10.15
C SER A 31 -5.06 -36.82 11.25
N ASP A 32 -3.86 -36.33 11.56
CA ASP A 32 -3.01 -36.94 12.58
C ASP A 32 -3.20 -36.21 13.91
N GLN A 33 -3.52 -36.97 14.96
CA GLN A 33 -3.74 -36.39 16.28
C GLN A 33 -2.43 -35.84 16.87
N HIS A 34 -2.01 -34.68 16.38
CA HIS A 34 -0.80 -34.04 16.91
C HIS A 34 -0.93 -32.51 16.91
N ILE A 35 -2.17 -32.02 16.80
CA ILE A 35 -2.42 -30.58 16.80
C ILE A 35 -3.45 -30.22 17.88
N GLN A 36 -3.28 -30.81 19.05
CA GLN A 36 -4.20 -30.57 20.17
C GLN A 36 -3.45 -30.47 21.48
N LEU A 37 -3.78 -29.45 22.25
CA LEU A 37 -3.16 -29.22 23.56
C LEU A 37 -4.24 -29.06 24.62
N GLN A 38 -3.90 -29.36 25.86
CA GLN A 38 -4.86 -29.24 26.95
C GLN A 38 -4.80 -27.85 27.57
N LEU A 39 -5.32 -26.87 26.83
CA LEU A 39 -5.35 -25.48 27.28
C LEU A 39 -6.43 -25.32 28.36
N SER A 40 -6.06 -24.75 29.49
CA SER A 40 -6.99 -24.52 30.58
C SER A 40 -6.46 -23.46 31.54
N ALA A 41 -7.37 -22.81 32.26
CA ALA A 41 -7.00 -21.79 33.22
C ALA A 41 -6.64 -22.44 34.55
N GLU A 42 -5.34 -22.53 34.83
CA GLU A 42 -4.86 -23.15 36.06
C GLU A 42 -5.17 -22.26 37.26
N SER A 43 -4.71 -21.02 37.19
CA SER A 43 -4.93 -20.05 38.25
C SER A 43 -5.79 -18.89 37.72
N VAL A 44 -6.16 -17.98 38.61
CA VAL A 44 -6.97 -16.82 38.23
C VAL A 44 -6.33 -16.06 37.07
N GLY A 45 -6.76 -16.41 35.85
CA GLY A 45 -6.23 -15.76 34.66
C GLY A 45 -5.01 -16.45 34.08
N GLU A 46 -4.39 -17.33 34.87
CA GLU A 46 -3.20 -18.04 34.41
C GLU A 46 -3.58 -19.32 33.67
N VAL A 47 -3.38 -19.32 32.37
CA VAL A 47 -3.69 -20.48 31.54
C VAL A 47 -2.41 -21.21 31.15
N TYR A 48 -2.48 -22.53 31.12
CA TYR A 48 -1.32 -23.35 30.77
C TYR A 48 -1.56 -24.10 29.46
N ILE A 49 -0.49 -24.32 28.71
CA ILE A 49 -0.54 -25.03 27.46
C ILE A 49 0.22 -26.35 27.57
N LYS A 50 -0.52 -27.44 27.71
CA LYS A 50 0.08 -28.75 27.86
C LYS A 50 -0.57 -29.75 26.91
N SER A 51 0.20 -30.22 25.94
CA SER A 51 -0.29 -31.20 24.97
C SER A 51 -0.20 -32.60 25.57
N THR A 52 -0.91 -32.80 26.68
CA THR A 52 -0.90 -34.07 27.40
C THR A 52 -1.27 -35.25 26.50
N GLU A 53 -2.54 -35.31 26.09
CA GLU A 53 -3.02 -36.41 25.27
C GLU A 53 -2.70 -36.20 23.78
N THR A 54 -1.42 -36.01 23.46
CA THR A 54 -1.01 -35.82 22.07
C THR A 54 0.48 -35.50 21.93
N GLY A 55 1.02 -34.67 22.81
CA GLY A 55 2.43 -34.31 22.70
C GLY A 55 3.14 -34.19 24.03
N GLN A 56 3.50 -32.97 24.38
CA GLN A 56 4.25 -32.68 25.60
C GLN A 56 3.81 -31.36 26.24
N TYR A 57 4.49 -31.00 27.32
CA TYR A 57 4.21 -29.76 28.04
C TYR A 57 5.11 -28.65 27.48
N LEU A 58 4.59 -27.43 27.43
CA LEU A 58 5.37 -26.32 26.90
C LEU A 58 6.31 -25.73 27.95
N ALA A 59 7.38 -25.11 27.47
CA ALA A 59 8.39 -24.50 28.32
C ALA A 59 9.17 -23.48 27.51
N MET A 60 8.63 -22.27 27.42
CA MET A 60 9.24 -21.18 26.66
C MET A 60 10.71 -20.97 27.05
N ASP A 61 11.53 -20.66 26.05
CA ASP A 61 12.94 -20.39 26.29
C ASP A 61 13.13 -18.89 26.47
N THR A 62 12.88 -18.44 27.69
CA THR A 62 13.02 -17.03 28.02
C THR A 62 12.05 -16.21 27.17
N ASP A 63 10.88 -16.79 26.87
CA ASP A 63 9.86 -16.14 26.03
C ASP A 63 10.35 -16.04 24.58
N GLY A 64 11.54 -15.47 24.40
CA GLY A 64 12.15 -15.33 23.08
C GLY A 64 11.78 -16.46 22.14
N LEU A 65 12.09 -17.68 22.55
CA LEU A 65 11.77 -18.86 21.75
C LEU A 65 10.78 -19.75 22.48
N LEU A 66 9.75 -20.19 21.79
CA LEU A 66 8.72 -21.03 22.38
C LEU A 66 8.99 -22.50 22.08
N TYR A 67 8.99 -23.32 23.12
CA TYR A 67 9.23 -24.75 22.97
C TYR A 67 8.58 -25.52 24.13
N GLY A 68 8.67 -26.83 24.07
CA GLY A 68 8.09 -27.66 25.12
C GLY A 68 8.36 -29.12 24.90
N SER A 69 8.59 -29.87 25.98
CA SER A 69 8.86 -31.29 25.89
C SER A 69 9.28 -31.86 27.24
N GLN A 70 10.41 -31.38 27.76
CA GLN A 70 10.93 -31.87 29.04
C GLN A 70 9.99 -31.62 30.21
N THR A 71 9.86 -30.37 30.64
CA THR A 71 9.01 -30.05 31.77
C THR A 71 8.25 -28.73 31.58
N PRO A 72 7.02 -28.63 32.13
CA PRO A 72 6.21 -27.41 32.04
C PRO A 72 6.69 -26.34 33.01
N ASN A 73 7.84 -25.77 32.72
CA ASN A 73 8.43 -24.73 33.57
C ASN A 73 7.52 -23.50 33.64
N GLU A 74 7.68 -22.70 34.70
CA GLU A 74 6.86 -21.49 34.88
C GLU A 74 6.75 -20.71 33.58
N GLU A 75 7.79 -20.75 32.75
CA GLU A 75 7.78 -20.09 31.44
C GLU A 75 6.48 -20.39 30.68
N CYS A 76 5.86 -21.53 30.99
CA CYS A 76 4.64 -21.95 30.33
C CYS A 76 3.36 -21.34 30.95
N LEU A 77 3.50 -20.46 31.95
CA LEU A 77 2.34 -19.84 32.56
C LEU A 77 2.01 -18.54 31.83
N PHE A 78 0.80 -18.47 31.26
CA PHE A 78 0.38 -17.28 30.52
C PHE A 78 -0.96 -16.75 31.02
N LEU A 79 -1.11 -15.43 30.98
CA LEU A 79 -2.36 -14.78 31.40
C LEU A 79 -3.36 -14.81 30.25
N GLU A 80 -4.54 -15.34 30.52
CA GLU A 80 -5.59 -15.44 29.49
C GLU A 80 -6.23 -14.09 29.23
N ARG A 81 -6.06 -13.58 28.01
CA ARG A 81 -6.64 -12.31 27.60
C ARG A 81 -7.40 -12.48 26.29
N LEU A 82 -8.43 -11.66 26.09
CA LEU A 82 -9.24 -11.74 24.88
C LEU A 82 -9.23 -10.40 24.14
N GLU A 83 -9.17 -10.44 22.82
CA GLU A 83 -9.18 -9.23 22.01
C GLU A 83 -10.46 -9.16 21.19
N GLU A 84 -11.02 -7.97 21.06
CA GLU A 84 -12.25 -7.77 20.29
C GLU A 84 -11.97 -7.90 18.79
N ASN A 85 -11.36 -9.01 18.42
CA ASN A 85 -11.02 -9.28 17.01
C ASN A 85 -11.18 -10.77 16.71
N HIS A 86 -11.98 -11.46 17.54
CA HIS A 86 -12.21 -12.90 17.39
C HIS A 86 -10.91 -13.67 17.54
N TYR A 87 -10.10 -13.29 18.54
CA TYR A 87 -8.83 -13.96 18.80
C TYR A 87 -8.51 -13.96 20.30
N ASN A 88 -7.72 -14.94 20.70
CA ASN A 88 -7.31 -15.08 22.09
C ASN A 88 -5.89 -14.57 22.29
N THR A 89 -5.63 -14.00 23.47
CA THR A 89 -4.32 -13.47 23.79
C THR A 89 -3.81 -14.09 25.08
N TYR A 90 -2.53 -14.47 25.11
CA TYR A 90 -1.94 -15.08 26.29
C TYR A 90 -0.65 -14.38 26.65
N ILE A 91 -0.62 -13.75 27.81
CA ILE A 91 0.55 -13.01 28.25
C ILE A 91 1.46 -13.86 29.12
N SER A 92 2.67 -14.10 28.64
CA SER A 92 3.65 -14.89 29.38
C SER A 92 4.11 -14.11 30.62
N LYS A 93 3.28 -14.14 31.67
CA LYS A 93 3.59 -13.43 32.91
C LYS A 93 5.06 -13.61 33.30
N LYS A 94 5.60 -14.79 33.02
CA LYS A 94 7.00 -15.07 33.33
C LYS A 94 7.92 -14.00 32.73
N HIS A 95 7.50 -13.38 31.63
CA HIS A 95 8.27 -12.34 30.98
C HIS A 95 7.44 -11.07 30.74
N ALA A 96 6.25 -11.01 31.33
CA ALA A 96 5.37 -9.86 31.18
C ALA A 96 6.13 -8.58 31.51
N GLU A 97 7.09 -8.69 32.44
CA GLU A 97 7.92 -7.57 32.85
C GLU A 97 8.50 -6.84 31.64
N LYS A 98 8.80 -7.58 30.58
CA LYS A 98 9.36 -7.01 29.35
C LYS A 98 8.25 -6.77 28.32
N ASN A 99 6.99 -6.83 28.76
CA ASN A 99 5.85 -6.64 27.88
C ASN A 99 5.87 -7.68 26.75
N TRP A 100 6.33 -8.88 27.10
CA TRP A 100 6.43 -9.98 26.15
C TRP A 100 5.32 -11.00 26.38
N PHE A 101 4.54 -11.27 25.34
CA PHE A 101 3.46 -12.23 25.43
C PHE A 101 3.46 -13.18 24.23
N VAL A 102 3.61 -14.49 24.54
CA VAL A 102 3.68 -15.60 23.57
C VAL A 102 3.20 -15.24 22.17
N GLY A 103 4.11 -15.43 21.20
CA GLY A 103 3.81 -15.17 19.80
C GLY A 103 4.44 -16.22 18.92
N LEU A 104 3.66 -16.77 17.98
CA LEU A 104 4.17 -17.80 17.08
C LEU A 104 4.09 -17.39 15.62
N LYS A 105 4.87 -18.06 14.79
CA LYS A 105 4.90 -17.79 13.35
C LYS A 105 4.12 -18.87 12.61
N LYS A 106 2.91 -18.52 12.15
CA LYS A 106 2.04 -19.44 11.42
C LYS A 106 2.82 -20.29 10.41
N ASN A 107 3.72 -19.65 9.68
CA ASN A 107 4.53 -20.35 8.68
C ASN A 107 5.98 -20.45 9.12
N GLY A 108 6.20 -20.65 10.42
CA GLY A 108 7.56 -20.76 10.93
C GLY A 108 7.65 -21.64 12.16
N SER A 109 6.82 -21.33 13.16
CA SER A 109 6.77 -22.04 14.44
C SER A 109 6.62 -21.02 15.58
N CYS A 110 6.46 -21.51 16.80
CA CYS A 110 6.30 -20.63 17.95
C CYS A 110 7.66 -20.20 18.49
N LYS A 111 8.08 -18.98 18.16
CA LYS A 111 9.35 -18.42 18.63
C LYS A 111 9.56 -17.01 18.11
N ARG A 112 8.92 -16.06 18.78
CA ARG A 112 9.00 -14.66 18.41
C ARG A 112 8.99 -13.77 19.64
N GLY A 113 9.57 -14.27 20.76
CA GLY A 113 9.64 -13.50 21.99
C GLY A 113 10.17 -12.08 21.77
N PRO A 114 11.32 -11.89 21.06
CA PRO A 114 11.86 -10.54 20.81
C PRO A 114 10.85 -9.61 20.11
N ARG A 115 9.80 -10.20 19.55
CA ARG A 115 8.75 -9.45 18.85
C ARG A 115 7.36 -9.83 19.36
N THR A 116 7.21 -10.03 20.67
CA THR A 116 5.91 -10.41 21.25
C THR A 116 5.22 -9.21 21.89
N HIS A 117 5.34 -8.05 21.27
CA HIS A 117 4.70 -6.84 21.76
C HIS A 117 3.68 -6.34 20.73
N TYR A 118 3.53 -5.03 20.58
CA TYR A 118 2.59 -4.50 19.61
C TYR A 118 3.27 -4.33 18.25
N GLY A 119 2.96 -5.26 17.34
CA GLY A 119 3.52 -5.23 16.01
C GLY A 119 3.19 -6.50 15.25
N GLN A 120 3.50 -7.64 15.88
CA GLN A 120 3.19 -8.93 15.31
C GLN A 120 1.79 -9.33 15.72
N LYS A 121 0.90 -9.47 14.75
CA LYS A 121 -0.49 -9.82 15.01
C LYS A 121 -0.65 -11.30 15.35
N ALA A 122 0.37 -12.09 15.01
CA ALA A 122 0.37 -13.53 15.30
C ALA A 122 0.07 -13.83 16.76
N ILE A 123 0.19 -12.83 17.63
CA ILE A 123 -0.10 -13.00 19.05
C ILE A 123 -1.59 -13.24 19.29
N LEU A 124 -2.42 -12.82 18.34
CA LEU A 124 -3.86 -13.01 18.44
C LEU A 124 -4.23 -14.39 17.90
N PHE A 125 -4.20 -15.37 18.78
CA PHE A 125 -4.49 -16.75 18.41
C PHE A 125 -5.99 -17.01 18.28
N LEU A 126 -6.35 -17.91 17.38
CA LEU A 126 -7.74 -18.29 17.15
C LEU A 126 -7.94 -19.71 17.66
N PRO A 127 -8.64 -19.87 18.79
CA PRO A 127 -8.89 -21.18 19.40
C PRO A 127 -10.14 -21.88 18.85
N LEU A 128 -10.04 -23.20 18.70
CA LEU A 128 -11.15 -24.02 18.22
C LEU A 128 -11.32 -25.24 19.13
N PRO A 129 -11.34 -25.02 20.47
CA PRO A 129 -11.49 -26.10 21.45
C PRO A 129 -12.93 -26.55 21.64
N VAL A 130 -13.09 -27.82 22.04
CA VAL A 130 -14.41 -28.38 22.29
C VAL A 130 -14.91 -27.95 23.67
N SER A 131 -15.56 -26.80 23.71
CA SER A 131 -16.09 -26.26 24.96
C SER A 131 -17.26 -27.10 25.47
N SER A 132 -17.78 -26.73 26.64
CA SER A 132 -18.90 -27.42 27.24
C SER A 132 -20.15 -26.55 27.19
N ASP A 133 -20.61 -26.29 25.97
CA ASP A 133 -21.79 -25.46 25.74
C ASP A 133 -23.04 -26.32 25.63
N MET B 1 -18.51 -3.66 2.59
CA MET B 1 -18.67 -3.84 4.06
C MET B 1 -17.49 -3.20 4.79
N ALA B 2 -17.13 -3.77 5.94
CA ALA B 2 -16.00 -3.28 6.73
C ALA B 2 -14.69 -3.56 5.99
N ALA B 3 -13.57 -3.15 6.59
CA ALA B 3 -12.26 -3.35 5.97
C ALA B 3 -12.18 -2.42 4.75
N GLU B 4 -12.40 -1.14 4.99
CA GLU B 4 -12.39 -0.14 3.93
C GLU B 4 -10.98 0.36 3.63
N PRO B 5 -10.65 0.50 2.33
CA PRO B 5 -9.35 0.99 1.89
C PRO B 5 -9.20 2.50 2.07
N LEU B 6 -8.01 2.92 2.47
CA LEU B 6 -7.71 4.33 2.68
C LEU B 6 -7.07 4.93 1.43
N THR B 7 -6.64 6.19 1.50
CA THR B 7 -6.01 6.84 0.36
C THR B 7 -4.60 6.27 0.14
N GLU B 8 -4.02 6.52 -1.04
CA GLU B 8 -2.70 6.00 -1.37
C GLU B 8 -1.61 6.44 -0.38
N LEU B 9 -1.80 7.60 0.25
CA LEU B 9 -0.83 8.08 1.22
C LEU B 9 -1.05 7.48 2.61
N GLU B 10 -2.31 7.25 3.01
CA GLU B 10 -2.60 6.59 4.28
C GLU B 10 -2.05 5.15 4.24
N GLU B 11 -2.30 4.44 3.11
CA GLU B 11 -1.78 3.10 2.88
C GLU B 11 -0.26 3.08 3.14
N SER B 12 0.45 3.99 2.48
CA SER B 12 1.90 3.98 2.50
C SER B 12 2.48 4.44 3.86
N ILE B 13 1.89 5.43 4.55
CA ILE B 13 2.36 5.73 5.89
C ILE B 13 2.09 4.54 6.80
N GLU B 14 0.92 3.89 6.70
CA GLU B 14 0.66 2.74 7.54
C GLU B 14 1.74 1.67 7.32
N THR B 15 1.95 1.21 6.08
CA THR B 15 2.85 0.08 5.83
C THR B 15 4.25 0.30 6.44
N VAL B 16 4.77 1.53 6.37
CA VAL B 16 6.05 1.85 7.00
C VAL B 16 5.88 1.99 8.53
N VAL B 17 4.79 2.58 9.02
CA VAL B 17 4.53 2.71 10.45
C VAL B 17 4.45 1.33 11.10
N THR B 18 3.74 0.36 10.50
CA THR B 18 3.64 -1.00 11.07
C THR B 18 5.02 -1.69 11.08
N THR B 19 5.79 -1.51 10.01
CA THR B 19 7.14 -2.05 9.91
C THR B 19 8.02 -1.44 11.01
N PHE B 20 8.06 -0.11 11.09
CA PHE B 20 8.67 0.63 12.18
C PHE B 20 8.29 -0.01 13.52
N PHE B 21 6.99 -0.16 13.75
CA PHE B 21 6.46 -0.71 15.01
C PHE B 21 6.89 -2.16 15.28
N THR B 22 7.22 -2.91 14.23
CA THR B 22 7.62 -4.31 14.39
C THR B 22 9.05 -4.42 14.95
N PHE B 23 9.75 -3.28 15.02
CA PHE B 23 11.10 -3.21 15.55
C PHE B 23 11.17 -2.23 16.73
N ALA B 24 10.22 -1.29 16.76
CA ALA B 24 10.12 -0.28 17.79
C ALA B 24 9.93 -0.93 19.17
N ARG B 25 9.19 -2.02 19.21
CA ARG B 25 8.88 -2.71 20.46
C ARG B 25 9.83 -3.87 20.76
N GLN B 26 10.93 -3.96 20.01
CA GLN B 26 11.89 -5.04 20.22
C GLN B 26 12.42 -5.04 21.65
N GLU B 27 12.52 -3.84 22.24
CA GLU B 27 13.01 -3.67 23.59
C GLU B 27 12.22 -2.58 24.33
N GLY B 28 12.87 -1.93 25.30
CA GLY B 28 12.27 -0.83 26.05
C GLY B 28 11.65 0.28 25.20
N ARG B 29 10.39 0.59 25.52
CA ARG B 29 9.59 1.63 24.83
C ARG B 29 9.30 1.25 23.37
N LYS B 30 8.01 1.04 23.05
CA LYS B 30 7.61 0.66 21.69
C LYS B 30 7.44 1.87 20.76
N ASP B 31 8.33 2.83 20.91
CA ASP B 31 8.33 4.03 20.08
C ASP B 31 9.77 4.25 19.61
N SER B 32 10.70 4.24 20.56
CA SER B 32 12.10 4.44 20.29
C SER B 32 12.77 3.15 19.84
N LEU B 33 13.60 3.26 18.79
CA LEU B 33 14.58 2.24 18.46
C LEU B 33 15.84 2.55 19.25
N SER B 34 16.31 1.65 20.12
CA SER B 34 17.66 1.78 20.65
C SER B 34 18.68 1.20 19.64
N VAL B 35 19.96 1.25 19.98
CA VAL B 35 21.05 0.99 19.05
C VAL B 35 20.87 -0.34 18.29
N ASN B 36 20.75 -1.46 19.02
CA ASN B 36 20.54 -2.79 18.39
C ASN B 36 19.27 -2.77 17.53
N GLU B 37 18.16 -2.43 18.18
CA GLU B 37 16.86 -2.22 17.54
C GLU B 37 16.98 -1.53 16.19
N PHE B 38 17.71 -0.42 16.17
CA PHE B 38 17.93 0.37 14.98
C PHE B 38 18.71 -0.45 13.96
N LYS B 39 19.86 -0.99 14.38
CA LYS B 39 20.70 -1.80 13.50
C LYS B 39 19.91 -2.96 12.88
N GLU B 40 18.95 -3.51 13.63
CA GLU B 40 18.13 -4.63 13.15
C GLU B 40 17.31 -4.27 11.90
N LEU B 41 16.92 -3.00 11.75
CA LEU B 41 16.12 -2.58 10.59
C LEU B 41 16.99 -2.72 9.35
N VAL B 42 18.16 -2.08 9.40
CA VAL B 42 19.05 -1.97 8.25
C VAL B 42 19.56 -3.35 7.88
N THR B 43 20.12 -4.05 8.86
CA THR B 43 20.72 -5.37 8.66
C THR B 43 19.73 -6.42 8.09
N GLN B 44 18.45 -6.24 8.33
CA GLN B 44 17.46 -7.22 7.85
C GLN B 44 16.75 -6.80 6.58
N GLN B 45 16.02 -5.68 6.63
CA GLN B 45 15.23 -5.24 5.49
C GLN B 45 15.89 -4.14 4.65
N LEU B 46 17.21 -3.97 4.76
CA LEU B 46 17.88 -2.93 3.96
C LEU B 46 19.30 -3.34 3.57
N PRO B 47 19.43 -4.27 2.59
CA PRO B 47 20.71 -4.77 2.13
C PRO B 47 21.24 -4.12 0.84
N HIS B 48 20.41 -3.30 0.18
CA HIS B 48 20.82 -2.66 -1.06
C HIS B 48 20.90 -1.14 -0.93
N LEU B 49 19.79 -0.52 -0.51
CA LEU B 49 19.72 0.93 -0.34
C LEU B 49 20.94 1.49 0.38
N LEU B 50 21.08 1.14 1.67
CA LEU B 50 22.19 1.50 2.52
C LEU B 50 22.95 0.22 2.81
N LYS B 51 23.77 -0.19 1.83
CA LYS B 51 24.58 -1.42 1.93
C LYS B 51 25.67 -1.34 3.00
N ASP B 52 25.64 -0.28 3.81
CA ASP B 52 26.61 -0.10 4.87
C ASP B 52 26.10 -0.70 6.18
N VAL B 53 26.22 -2.02 6.31
CA VAL B 53 25.77 -2.72 7.50
C VAL B 53 26.88 -2.80 8.55
N GLY B 54 27.87 -1.92 8.42
CA GLY B 54 28.97 -1.90 9.36
C GLY B 54 29.13 -0.55 10.04
N SER B 55 28.88 0.52 9.30
CA SER B 55 29.00 1.88 9.82
C SER B 55 27.64 2.44 10.25
N LEU B 56 26.86 1.61 10.94
CA LEU B 56 25.56 2.01 11.44
C LEU B 56 25.75 3.12 12.48
N ASP B 57 26.88 3.12 13.20
CA ASP B 57 27.26 4.18 14.12
C ASP B 57 27.19 5.56 13.43
N GLU B 58 27.76 5.69 12.23
CA GLU B 58 27.72 6.92 11.45
C GLU B 58 26.28 7.35 11.24
N LYS B 59 25.44 6.46 10.72
CA LYS B 59 24.03 6.77 10.54
C LYS B 59 23.44 7.23 11.87
N MET B 60 23.64 6.45 12.93
CA MET B 60 23.12 6.73 14.26
C MET B 60 23.48 8.16 14.68
N LYS B 61 24.76 8.52 14.64
CA LYS B 61 25.20 9.87 14.97
C LYS B 61 24.54 10.90 14.05
N SER B 62 24.46 10.62 12.74
CA SER B 62 23.83 11.51 11.77
C SER B 62 22.34 11.71 12.05
N LEU B 63 21.67 10.70 12.62
CA LEU B 63 20.25 10.67 12.92
C LEU B 63 19.97 11.29 14.28
N ASP B 64 20.47 10.67 15.35
CA ASP B 64 20.21 11.02 16.73
C ASP B 64 20.97 12.29 17.10
N VAL B 65 20.51 13.45 16.62
CA VAL B 65 21.17 14.74 16.82
C VAL B 65 21.54 15.00 18.29
N ASN B 66 20.66 14.60 19.21
CA ASN B 66 20.84 14.78 20.65
C ASN B 66 21.69 13.68 21.29
N GLN B 67 22.01 12.61 20.55
CA GLN B 67 22.82 11.49 21.00
C GLN B 67 22.36 10.97 22.37
N ASP B 68 21.06 10.69 22.49
CA ASP B 68 20.46 10.08 23.68
C ASP B 68 20.51 8.55 23.56
N SER B 69 20.86 8.01 22.38
CA SER B 69 20.84 6.58 22.09
C SER B 69 19.41 6.02 22.09
N GLU B 70 18.45 6.89 21.76
CA GLU B 70 17.09 6.56 21.40
C GLU B 70 16.76 7.35 20.14
N LEU B 71 16.48 6.69 19.03
CA LEU B 71 15.84 7.32 17.91
C LEU B 71 14.34 7.28 18.20
N LYS B 72 13.79 8.34 18.82
CA LYS B 72 12.34 8.55 18.96
C LYS B 72 11.69 8.43 17.58
N PHE B 73 10.37 8.21 17.52
CA PHE B 73 9.60 8.09 16.27
C PHE B 73 10.10 9.07 15.20
N ASN B 74 10.07 10.37 15.51
CA ASN B 74 10.43 11.42 14.57
C ASN B 74 11.93 11.42 14.23
N GLU B 75 12.79 11.00 15.17
CA GLU B 75 14.23 10.92 14.93
C GLU B 75 14.50 9.76 13.97
N TYR B 76 14.01 8.57 14.31
CA TYR B 76 14.06 7.38 13.48
C TYR B 76 13.58 7.72 12.07
N TRP B 77 12.40 8.35 12.01
CA TRP B 77 11.76 8.76 10.77
C TRP B 77 12.78 9.39 9.81
N ARG B 78 13.75 10.18 10.29
CA ARG B 78 14.83 10.74 9.44
C ARG B 78 15.34 9.73 8.42
N LEU B 79 15.66 8.50 8.86
CA LEU B 79 16.14 7.44 8.00
C LEU B 79 15.29 7.33 6.75
N ILE B 80 13.95 7.36 6.89
CA ILE B 80 13.02 7.15 5.78
C ILE B 80 13.25 8.21 4.70
N GLY B 81 13.78 9.38 5.08
CA GLY B 81 14.08 10.46 4.18
C GLY B 81 15.30 10.13 3.38
N GLU B 82 16.29 9.59 4.09
CA GLU B 82 17.56 9.26 3.51
C GLU B 82 17.31 8.08 2.56
N LEU B 83 16.39 7.18 2.91
CA LEU B 83 15.92 6.11 2.04
C LEU B 83 15.24 6.68 0.78
N ALA B 84 14.16 7.45 0.98
CA ALA B 84 13.34 8.06 -0.07
C ALA B 84 14.17 8.97 -0.98
N LYS B 85 15.24 9.52 -0.42
CA LYS B 85 16.25 10.25 -1.15
C LYS B 85 17.10 9.25 -1.94
N GLU B 86 17.82 8.34 -1.27
CA GLU B 86 18.71 7.34 -1.87
C GLU B 86 18.09 6.67 -3.10
N ILE B 87 16.85 6.17 -3.01
CA ILE B 87 16.22 5.50 -4.14
C ILE B 87 16.28 6.31 -5.45
N ARG B 88 16.21 7.64 -5.35
CA ARG B 88 16.39 8.54 -6.48
C ARG B 88 17.87 8.91 -6.61
N LYS B 89 18.45 9.38 -5.51
CA LYS B 89 19.74 10.03 -5.41
C LYS B 89 20.89 9.11 -5.78
N LYS B 90 20.76 7.79 -5.65
CA LYS B 90 21.60 7.03 -4.74
C LYS B 90 23.03 7.61 -4.63
N LYS B 91 23.85 7.56 -5.67
CA LYS B 91 25.20 8.12 -5.65
C LYS B 91 25.42 8.96 -6.93
N ASP B 92 24.43 9.82 -7.24
CA ASP B 92 24.33 10.80 -8.33
C ASP B 92 25.49 11.79 -8.25
N LEU B 93 26.67 11.30 -8.60
CA LEU B 93 27.96 11.92 -8.41
C LEU B 93 28.98 10.99 -9.09
N LYS B 94 28.93 9.69 -8.75
CA LYS B 94 29.73 8.66 -9.40
C LYS B 94 28.83 7.59 -10.06
N ILE B 95 27.76 7.15 -9.38
CA ILE B 95 26.98 5.98 -9.77
C ILE B 95 25.49 6.27 -9.55
N ARG B 96 24.63 6.42 -10.57
CA ARG B 96 24.81 6.53 -12.02
C ARG B 96 23.44 6.71 -12.72
N MET C 1 15.57 5.90 -17.42
CA MET C 1 14.27 6.42 -17.85
C MET C 1 13.19 6.04 -16.84
N ALA C 2 13.01 4.74 -16.58
CA ALA C 2 12.05 4.26 -15.57
C ALA C 2 12.18 2.75 -15.31
N ALA C 3 12.48 2.36 -14.07
CA ALA C 3 11.99 1.17 -13.36
C ALA C 3 11.54 -0.08 -14.15
N GLU C 4 12.38 -1.11 -14.24
CA GLU C 4 11.98 -2.51 -14.19
C GLU C 4 11.83 -2.92 -12.70
N PRO C 5 11.53 -4.23 -12.37
CA PRO C 5 11.36 -4.79 -11.01
C PRO C 5 11.98 -4.01 -9.85
N LEU C 6 11.21 -3.98 -8.75
CA LEU C 6 11.63 -3.30 -7.53
C LEU C 6 11.38 -4.23 -6.32
N THR C 7 10.70 -3.70 -5.30
CA THR C 7 10.39 -4.48 -4.10
C THR C 7 9.03 -4.03 -3.52
N GLU C 8 8.62 -4.64 -2.42
CA GLU C 8 7.33 -4.33 -1.77
C GLU C 8 7.19 -2.83 -1.44
N LEU C 9 8.17 -2.27 -0.74
CA LEU C 9 8.14 -0.86 -0.35
C LEU C 9 8.45 0.07 -1.52
N GLU C 10 9.27 -0.40 -2.46
CA GLU C 10 9.62 0.39 -3.63
C GLU C 10 8.36 0.69 -4.45
N GLU C 11 7.40 -0.25 -4.45
CA GLU C 11 6.11 -0.03 -5.11
C GLU C 11 5.43 1.21 -4.52
N SER C 12 5.32 1.26 -3.19
CA SER C 12 4.54 2.27 -2.51
C SER C 12 5.19 3.66 -2.56
N ILE C 13 6.51 3.76 -2.75
CA ILE C 13 7.13 5.03 -3.13
C ILE C 13 6.87 5.32 -4.61
N GLU C 14 6.82 4.31 -5.49
CA GLU C 14 6.45 4.55 -6.88
C GLU C 14 5.05 5.17 -6.98
N THR C 15 4.04 4.53 -6.38
CA THR C 15 2.64 4.89 -6.61
C THR C 15 2.41 6.41 -6.43
N VAL C 16 3.05 7.01 -5.43
CA VAL C 16 2.96 8.45 -5.21
C VAL C 16 3.76 9.24 -6.26
N VAL C 17 4.92 8.75 -6.69
CA VAL C 17 5.69 9.35 -7.77
C VAL C 17 4.87 9.36 -9.06
N THR C 18 4.17 8.26 -9.34
CA THR C 18 3.32 8.17 -10.54
C THR C 18 2.23 9.28 -10.52
N THR C 19 1.83 9.72 -9.32
CA THR C 19 0.86 10.81 -9.17
C THR C 19 1.56 12.11 -9.59
N PHE C 20 2.72 12.30 -8.98
CA PHE C 20 3.63 13.40 -9.26
C PHE C 20 3.83 13.53 -10.78
N PHE C 21 4.21 12.41 -11.40
CA PHE C 21 4.50 12.34 -12.84
C PHE C 21 3.32 12.71 -13.74
N THR C 22 2.08 12.43 -13.32
CA THR C 22 0.93 12.77 -14.16
C THR C 22 0.34 14.14 -13.85
N PHE C 23 1.00 14.90 -13.01
CA PHE C 23 0.54 16.23 -12.65
C PHE C 23 1.57 17.27 -13.11
N ALA C 24 2.83 16.87 -13.12
CA ALA C 24 3.91 17.75 -13.52
C ALA C 24 4.13 17.77 -15.02
N ARG C 25 3.58 16.76 -15.70
CA ARG C 25 3.64 16.68 -17.17
C ARG C 25 2.48 17.52 -17.73
N GLN C 26 2.37 18.75 -17.24
CA GLN C 26 1.28 19.61 -17.62
C GLN C 26 1.71 20.84 -18.42
N GLU C 27 2.62 21.67 -17.91
CA GLU C 27 2.93 22.88 -18.66
C GLU C 27 4.20 22.75 -19.50
N GLY C 28 5.37 22.85 -18.86
CA GLY C 28 6.63 22.23 -19.20
C GLY C 28 6.79 20.93 -18.44
N ARG C 29 7.68 20.06 -18.94
CA ARG C 29 8.63 19.31 -18.12
C ARG C 29 8.00 18.53 -16.95
N LYS C 30 7.94 17.21 -17.13
CA LYS C 30 7.36 16.28 -16.14
C LYS C 30 8.28 16.03 -14.94
N ASP C 31 9.57 16.26 -15.13
CA ASP C 31 10.57 16.07 -14.08
C ASP C 31 10.53 17.17 -13.00
N SER C 32 9.84 18.29 -13.21
CA SER C 32 9.70 19.37 -12.23
C SER C 32 8.23 19.77 -12.05
N LEU C 33 7.82 20.02 -10.80
CA LEU C 33 6.54 20.63 -10.54
C LEU C 33 6.61 22.10 -10.92
N SER C 34 5.57 22.56 -11.60
CA SER C 34 5.36 23.90 -12.11
C SER C 34 4.08 24.45 -11.43
N VAL C 35 3.84 25.78 -11.42
CA VAL C 35 2.80 26.34 -10.55
C VAL C 35 1.50 26.61 -11.32
N ASN C 36 1.08 25.60 -12.06
CA ASN C 36 -0.28 25.19 -12.31
C ASN C 36 -0.19 23.70 -12.67
N GLU C 37 0.42 23.06 -11.66
CA GLU C 37 0.68 21.63 -11.55
C GLU C 37 0.68 21.37 -10.03
N PHE C 38 1.40 22.25 -9.32
CA PHE C 38 1.49 22.26 -7.88
C PHE C 38 0.15 22.64 -7.27
N LYS C 39 -0.36 23.84 -7.60
CA LYS C 39 -1.59 24.29 -6.99
C LYS C 39 -2.74 23.33 -7.31
N GLU C 40 -2.75 22.79 -8.54
CA GLU C 40 -3.75 21.82 -8.95
C GLU C 40 -3.61 20.52 -8.14
N LEU C 41 -2.38 20.18 -7.76
CA LEU C 41 -2.09 18.98 -6.98
C LEU C 41 -2.65 19.11 -5.57
N VAL C 42 -2.40 20.24 -4.91
CA VAL C 42 -2.89 20.47 -3.57
C VAL C 42 -4.41 20.55 -3.57
N THR C 43 -4.99 21.22 -4.56
CA THR C 43 -6.45 21.37 -4.64
C THR C 43 -7.16 20.10 -5.15
N GLN C 44 -6.41 19.07 -5.55
CA GLN C 44 -7.03 17.85 -6.08
C GLN C 44 -6.71 16.60 -5.26
N GLN C 45 -5.42 16.31 -5.09
CA GLN C 45 -4.99 15.12 -4.36
C GLN C 45 -4.72 15.37 -2.88
N LEU C 46 -4.52 16.63 -2.49
CA LEU C 46 -4.24 16.94 -1.08
C LEU C 46 -5.21 17.97 -0.46
N PRO C 47 -6.53 17.95 -0.80
CA PRO C 47 -7.48 18.94 -0.27
C PRO C 47 -7.92 18.65 1.17
N HIS C 48 -7.80 17.40 1.58
CA HIS C 48 -8.19 16.99 2.92
C HIS C 48 -6.98 16.92 3.83
N LEU C 49 -5.91 16.30 3.34
CA LEU C 49 -4.68 16.17 4.11
C LEU C 49 -4.05 17.53 4.34
N LEU C 50 -3.83 18.27 3.25
CA LEU C 50 -3.28 19.62 3.34
C LEU C 50 -4.42 20.62 3.35
N LYS C 51 -4.77 21.08 4.55
CA LYS C 51 -5.86 22.04 4.73
C LYS C 51 -5.37 23.48 4.56
N ASP C 52 -4.59 23.70 3.51
CA ASP C 52 -4.05 25.03 3.22
C ASP C 52 -3.78 25.15 1.72
N VAL C 53 -4.83 25.03 0.92
CA VAL C 53 -4.74 25.11 -0.54
C VAL C 53 -4.72 26.57 -1.02
N GLY C 54 -5.07 27.48 -0.12
CA GLY C 54 -5.11 28.89 -0.47
C GLY C 54 -3.80 29.58 -0.17
N SER C 55 -2.97 28.93 0.67
CA SER C 55 -1.68 29.48 1.05
C SER C 55 -0.53 28.60 0.55
N LEU C 56 -0.74 27.99 -0.62
CA LEU C 56 0.26 27.16 -1.27
C LEU C 56 1.55 27.96 -1.44
N ASP C 57 1.43 29.18 -1.96
CA ASP C 57 2.50 30.10 -2.27
C ASP C 57 3.57 30.16 -1.17
N GLU C 58 3.15 30.17 0.10
CA GLU C 58 4.07 30.13 1.24
C GLU C 58 4.85 28.81 1.24
N LYS C 59 4.12 27.70 1.08
CA LYS C 59 4.72 26.37 1.03
C LYS C 59 5.72 26.30 -0.12
N MET C 60 5.27 26.79 -1.29
CA MET C 60 6.11 26.88 -2.47
C MET C 60 7.41 27.60 -2.16
N LYS C 61 7.32 28.82 -1.60
CA LYS C 61 8.51 29.57 -1.24
C LYS C 61 9.40 28.79 -0.28
N SER C 62 8.79 28.15 0.72
CA SER C 62 9.50 27.33 1.69
C SER C 62 10.18 26.12 1.04
N LEU C 63 9.52 25.51 0.06
CA LEU C 63 9.98 24.33 -0.66
C LEU C 63 11.16 24.71 -1.57
N ASP C 64 10.93 25.67 -2.47
CA ASP C 64 11.72 25.93 -3.66
C ASP C 64 13.20 26.23 -3.46
N VAL C 65 13.63 26.49 -2.22
CA VAL C 65 14.45 27.60 -1.71
C VAL C 65 15.58 28.16 -2.59
N ASN C 66 16.10 27.42 -3.58
CA ASN C 66 16.90 28.06 -4.63
C ASN C 66 16.07 29.15 -5.35
N GLN C 67 14.74 29.00 -5.32
CA GLN C 67 13.77 29.98 -5.80
C GLN C 67 13.84 30.13 -7.33
N ASP C 68 14.42 29.13 -8.02
CA ASP C 68 14.31 29.02 -9.47
C ASP C 68 12.85 28.87 -9.90
N SER C 69 11.97 28.47 -8.96
CA SER C 69 10.55 28.26 -9.19
C SER C 69 10.27 27.03 -10.07
N GLU C 70 11.29 26.21 -10.33
CA GLU C 70 11.10 24.81 -10.62
C GLU C 70 11.12 24.11 -9.27
N LEU C 71 9.98 23.57 -8.84
CA LEU C 71 9.93 22.75 -7.65
C LEU C 71 10.60 21.43 -8.04
N LYS C 72 11.85 21.27 -7.63
CA LYS C 72 12.80 20.36 -8.25
C LYS C 72 12.58 18.94 -7.73
N PHE C 73 13.27 17.96 -8.33
CA PHE C 73 13.11 16.54 -8.06
C PHE C 73 13.90 16.23 -6.78
N ASN C 74 13.31 16.69 -5.68
CA ASN C 74 13.71 16.78 -4.28
C ASN C 74 14.18 18.23 -4.03
N GLU C 75 13.40 19.23 -4.42
CA GLU C 75 12.71 20.14 -3.50
C GLU C 75 11.34 19.54 -3.18
N TYR C 76 10.52 19.38 -4.24
CA TYR C 76 9.10 19.02 -4.20
C TYR C 76 8.81 17.98 -3.13
N TRP C 77 9.59 16.89 -3.19
CA TRP C 77 9.40 15.70 -2.39
C TRP C 77 9.06 16.03 -0.93
N ARG C 78 9.73 17.04 -0.36
CA ARG C 78 9.47 17.55 0.98
C ARG C 78 7.97 17.58 1.30
N LEU C 79 7.14 18.04 0.37
CA LEU C 79 5.70 18.13 0.53
C LEU C 79 5.11 16.82 1.06
N ILE C 80 5.45 15.69 0.43
CA ILE C 80 4.95 14.38 0.80
C ILE C 80 5.37 14.11 2.26
N GLY C 81 6.48 14.68 2.68
CA GLY C 81 7.05 14.64 4.02
C GLY C 81 6.20 15.37 5.02
N GLU C 82 5.78 16.55 4.60
CA GLU C 82 5.00 17.42 5.43
C GLU C 82 3.64 16.76 5.60
N LEU C 83 2.98 16.28 4.55
CA LEU C 83 1.79 15.45 4.76
C LEU C 83 2.08 14.23 5.64
N ALA C 84 3.19 13.52 5.38
CA ALA C 84 3.55 12.34 6.15
C ALA C 84 3.60 12.65 7.65
N LYS C 85 4.30 13.70 8.07
CA LYS C 85 4.30 14.07 9.48
C LYS C 85 2.93 14.63 9.88
N GLU C 86 2.27 15.47 9.06
CA GLU C 86 1.01 16.16 9.37
C GLU C 86 0.01 15.22 10.06
N ILE C 87 -0.17 14.00 9.53
CA ILE C 87 -1.07 13.03 10.10
C ILE C 87 -0.83 12.85 11.62
N ARG C 88 0.44 12.83 12.01
CA ARG C 88 0.91 12.85 13.39
C ARG C 88 0.93 14.27 13.98
N LYS C 89 1.32 15.27 13.18
CA LYS C 89 1.77 16.57 13.62
C LYS C 89 0.84 17.68 13.13
N LYS C 90 -0.29 17.84 13.82
CA LYS C 90 -1.35 18.81 13.58
C LYS C 90 -0.83 20.19 13.13
N LYS C 91 0.09 20.82 13.87
CA LYS C 91 0.64 22.13 13.47
C LYS C 91 2.04 22.40 14.04
N ASP C 92 2.57 21.49 14.86
CA ASP C 92 3.43 21.83 15.99
C ASP C 92 4.89 21.80 15.57
N LEU C 93 5.23 22.45 14.45
CA LEU C 93 6.59 22.48 13.92
C LEU C 93 7.37 23.70 14.39
N ILE C 95 9.99 26.01 14.27
CA ILE C 95 11.37 26.23 13.81
C ILE C 95 11.60 27.61 13.16
N ARG C 96 12.85 28.07 13.29
CA ARG C 96 13.38 29.31 12.72
C ARG C 96 14.90 29.20 12.88
N LYS C 97 15.68 29.37 11.81
CA LYS C 97 17.07 28.94 11.76
C LYS C 97 17.62 29.43 10.42
N LYS C 98 18.73 30.17 10.45
CA LYS C 98 19.55 30.49 9.28
C LYS C 98 20.77 29.58 9.36
N TYR D 1 -19.86 -8.90 -38.56
CA TYR D 1 -21.13 -8.14 -38.41
C TYR D 1 -20.87 -6.77 -37.80
N LYS D 2 -20.16 -5.92 -38.52
CA LYS D 2 -19.83 -4.58 -38.04
C LYS D 2 -21.10 -3.86 -37.55
N LYS D 3 -21.20 -3.71 -36.24
CA LYS D 3 -22.34 -3.07 -35.62
C LYS D 3 -21.95 -2.55 -34.23
N PRO D 4 -22.93 -2.03 -33.43
CA PRO D 4 -22.72 -1.50 -32.10
C PRO D 4 -21.41 -1.97 -31.44
N LYS D 5 -20.44 -1.07 -31.38
CA LYS D 5 -19.15 -1.37 -30.78
C LYS D 5 -19.13 -0.87 -29.34
N LEU D 6 -19.23 -1.80 -28.38
CA LEU D 6 -19.23 -1.44 -26.96
C LEU D 6 -17.79 -1.27 -26.47
N LEU D 7 -17.55 -0.21 -25.72
CA LEU D 7 -16.22 0.08 -25.18
C LEU D 7 -16.32 0.68 -23.79
N TYR D 8 -15.45 0.20 -22.88
CA TYR D 8 -15.41 0.69 -21.51
C TYR D 8 -14.05 0.40 -20.88
N CYS D 9 -13.81 0.91 -19.69
CA CYS D 9 -12.53 0.67 -19.03
C CYS D 9 -12.69 0.62 -17.50
N SER D 10 -11.65 0.13 -16.82
CA SER D 10 -11.65 0.00 -15.37
C SER D 10 -12.51 -1.18 -14.95
N ASN D 11 -11.89 -2.14 -14.28
CA ASN D 11 -12.59 -3.34 -13.81
C ASN D 11 -13.88 -2.95 -13.09
N GLY D 12 -15.00 -3.51 -13.53
CA GLY D 12 -16.27 -3.22 -12.92
C GLY D 12 -17.35 -2.94 -13.95
N GLY D 13 -18.53 -3.49 -13.71
CA GLY D 13 -19.63 -3.30 -14.63
C GLY D 13 -19.92 -1.83 -14.89
N HIS D 14 -19.53 -1.35 -16.06
CA HIS D 14 -19.75 0.04 -16.47
C HIS D 14 -19.51 0.18 -17.97
N PHE D 15 -20.53 0.63 -18.70
CA PHE D 15 -20.42 0.79 -20.14
C PHE D 15 -20.60 2.26 -20.53
N LEU D 16 -19.96 2.66 -21.62
CA LEU D 16 -20.04 4.03 -22.10
C LEU D 16 -21.40 4.28 -22.75
N ARG D 17 -22.32 4.91 -22.00
CA ARG D 17 -23.64 5.21 -22.52
C ARG D 17 -23.69 6.61 -23.08
N ILE D 18 -23.76 6.71 -24.41
CA ILE D 18 -23.78 8.00 -25.08
C ILE D 18 -25.20 8.51 -25.26
N LEU D 19 -25.37 9.81 -25.13
CA LEU D 19 -26.67 10.45 -25.28
C LEU D 19 -26.54 11.65 -26.23
N PRO D 20 -27.54 11.85 -27.11
CA PRO D 20 -27.54 12.96 -28.08
C PRO D 20 -27.14 14.29 -27.43
N ASP D 21 -27.47 14.43 -26.15
CA ASP D 21 -27.14 15.64 -25.39
C ASP D 21 -25.63 15.88 -25.37
N GLY D 22 -24.87 14.81 -25.17
CA GLY D 22 -23.43 14.92 -25.11
C GLY D 22 -22.86 14.35 -23.82
N THR D 23 -23.61 14.48 -22.73
CA THR D 23 -23.17 13.97 -21.44
C THR D 23 -23.19 12.45 -21.40
N VAL D 24 -22.10 11.85 -21.88
CA VAL D 24 -21.96 10.39 -21.88
C VAL D 24 -21.39 9.92 -20.54
N ASP D 25 -22.01 8.90 -19.95
CA ASP D 25 -21.55 8.36 -18.67
C ASP D 25 -21.32 6.84 -18.76
N GLY D 26 -20.64 6.30 -17.76
CA GLY D 26 -20.36 4.88 -17.73
C GLY D 26 -21.48 4.07 -17.14
N THR D 27 -22.61 4.05 -17.82
CA THR D 27 -23.79 3.32 -17.37
C THR D 27 -23.54 1.82 -17.43
N ARG D 28 -23.81 1.12 -16.33
CA ARG D 28 -23.61 -0.32 -16.30
C ARG D 28 -24.92 -1.03 -16.64
N ASP D 29 -25.34 -0.89 -17.89
CA ASP D 29 -26.57 -1.52 -18.37
C ASP D 29 -26.47 -1.86 -19.85
N ARG D 30 -27.20 -2.88 -20.27
CA ARG D 30 -27.21 -3.31 -21.66
C ARG D 30 -28.64 -3.57 -22.13
N SER D 31 -29.61 -2.94 -21.44
CA SER D 31 -31.01 -3.09 -21.76
C SER D 31 -31.43 -2.01 -22.76
N ASP D 32 -30.98 -0.78 -22.52
CA ASP D 32 -31.31 0.34 -23.40
C ASP D 32 -30.19 0.56 -24.42
N GLN D 33 -30.56 0.59 -25.70
CA GLN D 33 -29.58 0.78 -26.77
C GLN D 33 -28.98 2.18 -26.75
N HIS D 34 -28.09 2.43 -25.81
CA HIS D 34 -27.42 3.72 -25.71
C HIS D 34 -25.95 3.58 -25.27
N ILE D 35 -25.41 2.36 -25.38
CA ILE D 35 -24.03 2.10 -24.99
C ILE D 35 -23.27 1.44 -26.15
N GLN D 36 -23.48 1.97 -27.35
CA GLN D 36 -22.84 1.44 -28.54
C GLN D 36 -22.39 2.55 -29.48
N LEU D 37 -21.16 2.46 -29.94
CA LEU D 37 -20.59 3.45 -30.86
C LEU D 37 -20.02 2.74 -32.08
N GLN D 38 -19.96 3.44 -33.21
CA GLN D 38 -19.43 2.86 -34.43
C GLN D 38 -17.92 3.09 -34.52
N LEU D 39 -17.18 2.35 -33.69
CA LEU D 39 -15.72 2.44 -33.68
C LEU D 39 -15.14 1.74 -34.90
N SER D 40 -14.29 2.44 -35.63
CA SER D 40 -13.66 1.88 -36.83
C SER D 40 -12.40 2.66 -37.19
N ALA D 41 -11.49 2.01 -37.90
CA ALA D 41 -10.25 2.64 -38.33
C ALA D 41 -10.50 3.40 -39.62
N GLU D 42 -10.60 4.72 -39.52
CA GLU D 42 -10.85 5.56 -40.68
C GLU D 42 -9.61 5.63 -41.57
N SER D 43 -8.49 6.01 -40.97
CA SER D 43 -7.23 6.11 -41.68
C SER D 43 -6.22 5.13 -41.09
N VAL D 44 -5.05 5.03 -41.72
CA VAL D 44 -4.00 4.12 -41.25
C VAL D 44 -3.70 4.36 -39.76
N GLY D 45 -4.37 3.59 -38.90
CA GLY D 45 -4.16 3.70 -37.47
C GLY D 45 -5.10 4.71 -36.82
N GLU D 46 -5.74 5.56 -37.61
CA GLU D 46 -6.65 6.56 -37.08
C GLU D 46 -8.06 6.00 -36.94
N VAL D 47 -8.48 5.79 -35.70
CA VAL D 47 -9.81 5.25 -35.42
C VAL D 47 -10.73 6.36 -34.93
N TYR D 48 -11.99 6.31 -35.34
CA TYR D 48 -12.97 7.31 -34.94
C TYR D 48 -14.06 6.69 -34.08
N ILE D 49 -14.59 7.49 -33.16
CA ILE D 49 -15.65 7.06 -32.27
C ILE D 49 -16.92 7.85 -32.57
N LYS D 50 -17.84 7.20 -33.26
CA LYS D 50 -19.10 7.84 -33.63
C LYS D 50 -20.29 6.94 -33.29
N SER D 51 -21.10 7.39 -32.34
CA SER D 51 -22.27 6.63 -31.92
C SER D 51 -23.43 6.93 -32.88
N THR D 52 -23.21 6.59 -34.15
CA THR D 52 -24.20 6.84 -35.20
C THR D 52 -25.56 6.24 -34.87
N GLU D 53 -25.64 4.91 -34.91
CA GLU D 53 -26.90 4.21 -34.65
C GLU D 53 -27.18 4.06 -33.16
N THR D 54 -27.21 5.18 -32.43
CA THR D 54 -27.48 5.14 -30.99
C THR D 54 -27.35 6.51 -30.32
N GLY D 55 -26.34 7.28 -30.70
CA GLY D 55 -26.15 8.57 -30.07
C GLY D 55 -25.69 9.66 -31.02
N GLN D 56 -24.45 10.10 -30.83
CA GLN D 56 -23.87 11.17 -31.62
C GLN D 56 -22.39 10.94 -31.90
N TYR D 57 -21.77 11.91 -32.57
CA TYR D 57 -20.35 11.85 -32.89
C TYR D 57 -19.54 12.50 -31.77
N LEU D 58 -18.35 11.98 -31.49
CA LEU D 58 -17.53 12.54 -30.43
C LEU D 58 -16.74 13.76 -30.91
N ALA D 59 -16.39 14.61 -29.97
CA ALA D 59 -15.62 15.82 -30.24
C ALA D 59 -14.96 16.31 -28.95
N MET D 60 -13.81 15.74 -28.64
CA MET D 60 -13.07 16.08 -27.43
C MET D 60 -12.87 17.58 -27.28
N ASP D 61 -12.94 18.06 -26.05
CA ASP D 61 -12.74 19.47 -25.75
C ASP D 61 -11.28 19.68 -25.40
N THR D 62 -10.44 19.82 -26.42
CA THR D 62 -9.02 20.02 -26.22
C THR D 62 -8.42 18.83 -25.48
N ASP D 63 -8.97 17.64 -25.74
CA ASP D 63 -8.53 16.39 -25.07
C ASP D 63 -8.93 16.41 -23.60
N GLY D 64 -8.55 17.49 -22.90
CA GLY D 64 -8.87 17.65 -21.49
C GLY D 64 -10.20 17.04 -21.11
N LEU D 65 -11.26 17.47 -21.77
CA LEU D 65 -12.59 16.95 -21.52
C LEU D 65 -13.12 16.24 -22.76
N LEU D 66 -13.67 15.05 -22.57
CA LEU D 66 -14.19 14.28 -23.69
C LEU D 66 -15.70 14.45 -23.81
N TYR D 67 -16.16 14.79 -25.00
CA TYR D 67 -17.58 14.99 -25.26
C TYR D 67 -17.89 14.74 -26.72
N GLY D 68 -19.17 14.81 -27.08
CA GLY D 68 -19.58 14.61 -28.45
C GLY D 68 -21.06 14.83 -28.64
N SER D 69 -21.45 15.38 -29.79
CA SER D 69 -22.85 15.63 -30.07
C SER D 69 -23.01 16.45 -31.36
N GLN D 70 -22.48 17.67 -31.35
CA GLN D 70 -22.61 18.58 -32.48
C GLN D 70 -21.92 18.04 -33.74
N THR D 71 -20.59 18.02 -33.76
CA THR D 71 -19.86 17.56 -34.94
C THR D 71 -18.61 16.75 -34.57
N PRO D 72 -18.24 15.75 -35.39
CA PRO D 72 -17.06 14.93 -35.17
C PRO D 72 -15.78 15.68 -35.57
N ASN D 73 -15.42 16.67 -34.76
CA ASN D 73 -14.24 17.47 -35.03
C ASN D 73 -12.97 16.61 -34.96
N GLU D 74 -11.90 17.07 -35.62
CA GLU D 74 -10.62 16.33 -35.64
C GLU D 74 -10.27 15.81 -34.25
N GLU D 75 -10.66 16.55 -33.21
CA GLU D 75 -10.43 16.14 -31.82
C GLU D 75 -10.84 14.67 -31.62
N CYS D 76 -11.78 14.19 -32.44
CA CYS D 76 -12.28 12.82 -32.34
C CYS D 76 -11.39 11.80 -33.07
N LEU D 77 -10.28 12.22 -33.66
CA LEU D 77 -9.40 11.29 -34.36
C LEU D 77 -8.36 10.73 -33.38
N PHE D 78 -8.37 9.41 -33.21
CA PHE D 78 -7.43 8.76 -32.29
C PHE D 78 -6.66 7.63 -32.96
N LEU D 79 -5.41 7.45 -32.54
CA LEU D 79 -4.56 6.39 -33.08
C LEU D 79 -4.86 5.08 -32.35
N GLU D 80 -5.18 4.04 -33.11
CA GLU D 80 -5.51 2.74 -32.53
C GLU D 80 -4.24 2.02 -32.05
N ARG D 81 -4.16 1.80 -30.74
CA ARG D 81 -3.03 1.11 -30.13
C ARG D 81 -3.53 -0.01 -29.23
N LEU D 82 -2.73 -1.06 -29.08
CA LEU D 82 -3.11 -2.20 -28.26
C LEU D 82 -2.07 -2.45 -27.18
N GLU D 83 -2.52 -2.79 -25.98
CA GLU D 83 -1.63 -3.06 -24.87
C GLU D 83 -1.71 -4.54 -24.49
N GLU D 84 -0.57 -5.12 -24.14
CA GLU D 84 -0.52 -6.54 -23.75
C GLU D 84 -1.12 -6.73 -22.36
N ASN D 85 -2.35 -6.25 -22.20
CA ASN D 85 -3.06 -6.34 -20.92
C ASN D 85 -4.56 -6.56 -21.18
N HIS D 86 -4.88 -7.07 -22.37
CA HIS D 86 -6.27 -7.31 -22.77
C HIS D 86 -7.07 -6.01 -22.76
N TYR D 87 -6.48 -4.95 -23.31
CA TYR D 87 -7.12 -3.64 -23.38
C TYR D 87 -6.69 -2.88 -24.63
N ASN D 88 -7.55 -1.98 -25.08
CA ASN D 88 -7.30 -1.17 -26.27
C ASN D 88 -6.87 0.23 -25.85
N THR D 89 -6.00 0.83 -26.65
CA THR D 89 -5.50 2.18 -26.39
C THR D 89 -5.73 3.07 -27.61
N TYR D 90 -6.19 4.29 -27.37
CA TYR D 90 -6.46 5.22 -28.45
C TYR D 90 -5.79 6.55 -28.16
N ILE D 91 -4.84 6.92 -29.01
CA ILE D 91 -4.09 8.16 -28.82
C ILE D 91 -4.71 9.31 -29.61
N SER D 92 -5.20 10.32 -28.90
CA SER D 92 -5.79 11.49 -29.53
C SER D 92 -4.71 12.29 -30.26
N LYS D 93 -4.35 11.83 -31.45
CA LYS D 93 -3.31 12.49 -32.25
C LYS D 93 -3.49 14.01 -32.24
N LYS D 94 -4.74 14.46 -32.19
CA LYS D 94 -5.03 15.90 -32.15
C LYS D 94 -4.27 16.58 -31.00
N HIS D 95 -4.00 15.81 -29.94
CA HIS D 95 -3.27 16.34 -28.78
C HIS D 95 -2.08 15.46 -28.41
N ALA D 96 -1.74 14.50 -29.28
CA ALA D 96 -0.61 13.60 -29.04
C ALA D 96 0.63 14.40 -28.71
N GLU D 97 0.73 15.59 -29.29
CA GLU D 97 1.86 16.50 -29.05
C GLU D 97 2.13 16.67 -27.56
N LYS D 98 1.07 16.68 -26.74
CA LYS D 98 1.21 16.85 -25.29
C LYS D 98 1.18 15.51 -24.56
N ASN D 99 1.32 14.42 -25.32
CA ASN D 99 1.31 13.06 -24.78
C ASN D 99 -0.05 12.76 -24.13
N TRP D 100 -1.11 13.22 -24.79
CA TRP D 100 -2.46 13.04 -24.28
C TRP D 100 -3.23 12.01 -25.11
N PHE D 101 -3.77 11.00 -24.42
CA PHE D 101 -4.55 9.95 -25.09
C PHE D 101 -5.82 9.63 -24.29
N VAL D 102 -6.98 9.81 -24.96
CA VAL D 102 -8.33 9.63 -24.42
C VAL D 102 -8.39 8.74 -23.16
N GLY D 103 -8.92 9.33 -22.09
CA GLY D 103 -9.08 8.62 -20.82
C GLY D 103 -10.40 8.99 -20.16
N LEU D 104 -11.15 7.98 -19.71
CA LEU D 104 -12.44 8.23 -19.08
C LEU D 104 -12.48 7.71 -17.65
N LYS D 105 -13.43 8.23 -16.87
CA LYS D 105 -13.61 7.82 -15.49
C LYS D 105 -14.81 6.89 -15.38
N LYS D 106 -14.53 5.60 -15.20
CA LYS D 106 -15.58 4.57 -15.08
C LYS D 106 -16.74 5.04 -14.21
N ASN D 107 -16.43 5.67 -13.08
CA ASN D 107 -17.45 6.15 -12.16
C ASN D 107 -17.50 7.68 -12.17
N GLY D 108 -17.32 8.28 -13.35
CA GLY D 108 -17.36 9.72 -13.45
C GLY D 108 -17.82 10.21 -14.81
N SER D 109 -17.16 9.71 -15.86
CA SER D 109 -17.45 10.04 -17.26
C SER D 109 -16.12 10.21 -18.01
N CYS D 110 -16.19 10.44 -19.32
CA CYS D 110 -15.00 10.60 -20.12
C CYS D 110 -14.52 12.05 -20.09
N LYS D 111 -13.48 12.31 -19.29
CA LYS D 111 -12.91 13.66 -19.17
C LYS D 111 -11.73 13.65 -18.20
N ARG D 112 -10.58 13.19 -18.69
CA ARG D 112 -9.37 13.11 -17.87
C ARG D 112 -8.13 13.40 -18.72
N GLY D 113 -8.31 14.26 -19.73
CA GLY D 113 -7.23 14.62 -20.65
C GLY D 113 -5.95 15.11 -19.98
N PRO D 114 -6.00 15.99 -18.95
CA PRO D 114 -4.77 16.48 -18.29
C PRO D 114 -4.01 15.39 -17.53
N ARG D 115 -4.61 14.21 -17.40
CA ARG D 115 -3.97 13.11 -16.68
C ARG D 115 -3.89 11.85 -17.56
N THR D 116 -3.96 12.03 -18.88
CA THR D 116 -3.90 10.90 -19.81
C THR D 116 -2.46 10.49 -20.13
N HIS D 117 -1.87 9.67 -19.27
CA HIS D 117 -0.50 9.19 -19.45
C HIS D 117 -0.27 7.95 -18.60
N TYR D 118 0.97 7.71 -18.20
CA TYR D 118 1.30 6.56 -17.37
C TYR D 118 1.00 6.84 -15.91
N GLY D 119 -0.28 6.76 -15.57
CA GLY D 119 -0.76 6.98 -14.23
C GLY D 119 -2.19 6.52 -14.10
N GLN D 120 -3.04 7.04 -14.97
CA GLN D 120 -4.45 6.65 -15.01
C GLN D 120 -4.59 5.45 -15.94
N LYS D 121 -4.93 4.31 -15.36
CA LYS D 121 -5.05 3.06 -16.10
C LYS D 121 -6.33 3.03 -16.95
N ALA D 122 -7.28 3.90 -16.61
CA ALA D 122 -8.54 4.01 -17.34
C ALA D 122 -8.33 4.16 -18.85
N ILE D 123 -7.12 4.52 -19.26
CA ILE D 123 -6.79 4.67 -20.67
C ILE D 123 -6.86 3.32 -21.39
N LEU D 124 -6.67 2.24 -20.64
CA LEU D 124 -6.73 0.90 -21.22
C LEU D 124 -8.17 0.42 -21.28
N PHE D 125 -8.82 0.73 -22.39
CA PHE D 125 -10.22 0.36 -22.58
C PHE D 125 -10.40 -1.09 -22.98
N LEU D 126 -11.50 -1.69 -22.56
CA LEU D 126 -11.82 -3.07 -22.87
C LEU D 126 -13.01 -3.08 -23.85
N PRO D 127 -12.75 -3.41 -25.12
CA PRO D 127 -13.77 -3.44 -26.16
C PRO D 127 -14.51 -4.77 -26.25
N LEU D 128 -15.81 -4.69 -26.52
CA LEU D 128 -16.65 -5.87 -26.67
C LEU D 128 -17.51 -5.74 -27.94
N PRO D 129 -16.88 -5.38 -29.07
CA PRO D 129 -17.57 -5.20 -30.35
C PRO D 129 -17.83 -6.50 -31.09
N VAL D 130 -18.89 -6.51 -31.89
CA VAL D 130 -19.24 -7.69 -32.68
C VAL D 130 -18.37 -7.76 -33.93
N SER D 131 -17.22 -8.40 -33.80
CA SER D 131 -16.28 -8.56 -34.89
C SER D 131 -16.82 -9.49 -35.97
N SER D 132 -16.06 -9.66 -37.04
CA SER D 132 -16.44 -10.53 -38.13
C SER D 132 -15.54 -11.76 -38.15
N ASP D 133 -15.64 -12.57 -37.10
CA ASP D 133 -14.84 -13.78 -36.98
C ASP D 133 -15.61 -14.99 -37.50
N TYR A 1 -17.23 -30.82 26.72
CA TYR A 1 -16.36 -31.99 26.44
C TYR A 1 -14.90 -31.56 26.40
N LYS A 2 -14.37 -31.13 27.54
CA LYS A 2 -12.98 -30.68 27.63
C LYS A 2 -12.04 -31.72 27.02
N LYS A 3 -11.49 -31.40 25.87
CA LYS A 3 -10.59 -32.29 25.16
C LYS A 3 -9.71 -31.50 24.20
N PRO A 4 -8.89 -32.17 23.36
CA PRO A 4 -8.00 -31.56 22.38
C PRO A 4 -8.37 -30.10 22.03
N LYS A 5 -7.58 -29.17 22.57
CA LYS A 5 -7.80 -27.75 22.32
C LYS A 5 -6.89 -27.29 21.18
N LEU A 6 -7.47 -27.07 20.01
CA LEU A 6 -6.71 -26.62 18.86
C LEU A 6 -6.53 -25.10 18.89
N LEU A 7 -5.31 -24.65 18.63
CA LEU A 7 -5.00 -23.23 18.64
C LEU A 7 -4.01 -22.87 17.54
N TYR A 8 -4.25 -21.77 16.84
CA TYR A 8 -3.37 -21.31 15.77
C TYR A 8 -3.59 -19.81 15.53
N CYS A 9 -2.77 -19.20 14.69
CA CYS A 9 -2.91 -17.78 14.40
C CYS A 9 -2.48 -17.45 12.97
N SER A 10 -2.84 -16.25 12.52
CA SER A 10 -2.52 -15.79 11.18
C SER A 10 -3.44 -16.45 10.17
N ASN A 11 -4.20 -15.63 9.44
CA ASN A 11 -5.13 -16.15 8.44
C ASN A 11 -4.42 -17.15 7.52
N GLY A 12 -4.98 -18.33 7.40
CA GLY A 12 -4.40 -19.35 6.55
C GLY A 12 -4.36 -20.70 7.23
N GLY A 13 -4.70 -21.75 6.50
CA GLY A 13 -4.69 -23.09 7.04
C GLY A 13 -3.35 -23.46 7.65
N HIS A 14 -3.29 -23.45 8.98
CA HIS A 14 -2.08 -23.81 9.72
C HIS A 14 -2.43 -24.06 11.18
N PHE A 15 -2.11 -25.26 11.67
CA PHE A 15 -2.41 -25.62 13.06
C PHE A 15 -1.12 -25.93 13.82
N LEU A 16 -1.13 -25.67 15.12
CA LEU A 16 0.03 -25.92 15.96
C LEU A 16 0.20 -27.41 16.20
N ARG A 17 1.11 -28.05 15.46
CA ARG A 17 1.35 -29.47 15.62
C ARG A 17 2.52 -29.71 16.55
N ILE A 18 2.21 -30.19 17.75
CA ILE A 18 3.23 -30.44 18.75
C ILE A 18 3.79 -31.85 18.65
N LEU A 19 5.08 -31.98 18.89
CA LEU A 19 5.76 -33.27 18.84
C LEU A 19 6.60 -33.46 20.10
N PRO A 20 6.62 -34.68 20.66
CA PRO A 20 7.37 -34.99 21.88
C PRO A 20 8.80 -34.43 21.84
N ASP A 21 9.35 -34.34 20.64
CA ASP A 21 10.70 -33.80 20.44
C ASP A 21 10.79 -32.36 20.95
N GLY A 22 9.77 -31.56 20.65
CA GLY A 22 9.76 -30.18 21.08
C GLY A 22 9.56 -29.23 19.92
N THR A 23 10.07 -29.60 18.74
CA THR A 23 9.94 -28.77 17.55
C THR A 23 8.51 -28.75 17.03
N VAL A 24 7.70 -27.87 17.60
CA VAL A 24 6.31 -27.72 17.19
C VAL A 24 6.21 -26.74 16.01
N ASP A 25 5.48 -27.14 14.96
CA ASP A 25 5.31 -26.29 13.79
C ASP A 25 3.84 -26.10 13.46
N GLY A 26 3.55 -25.13 12.59
CA GLY A 26 2.19 -24.83 12.21
C GLY A 26 1.71 -25.71 11.07
N THR A 27 1.59 -26.99 11.34
CA THR A 27 1.14 -27.96 10.34
C THR A 27 -0.33 -27.73 10.00
N ARG A 28 -0.64 -27.63 8.71
CA ARG A 28 -2.01 -27.42 8.29
C ARG A 28 -2.67 -28.76 7.98
N ASP A 29 -2.88 -29.56 9.01
CA ASP A 29 -3.50 -30.87 8.86
C ASP A 29 -4.29 -31.24 10.12
N ARG A 30 -5.31 -32.05 9.95
CA ARG A 30 -6.14 -32.50 11.06
C ARG A 30 -6.39 -34.00 10.98
N SER A 31 -5.50 -34.70 10.27
CA SER A 31 -5.61 -36.14 10.08
C SER A 31 -4.86 -36.86 11.19
N ASP A 32 -3.67 -36.36 11.50
CA ASP A 32 -2.83 -36.96 12.54
C ASP A 32 -3.04 -36.24 13.87
N GLN A 33 -3.36 -36.99 14.91
CA GLN A 33 -3.60 -36.40 16.23
C GLN A 33 -2.31 -35.85 16.84
N HIS A 34 -1.88 -34.70 16.35
CA HIS A 34 -0.68 -34.04 16.88
C HIS A 34 -0.82 -32.52 16.87
N ILE A 35 -2.05 -32.03 16.75
CA ILE A 35 -2.31 -30.59 16.74
C ILE A 35 -3.35 -30.24 17.80
N GLN A 36 -3.20 -30.81 18.98
CA GLN A 36 -4.12 -30.57 20.08
C GLN A 36 -3.39 -30.46 21.41
N LEU A 37 -3.73 -29.43 22.17
CA LEU A 37 -3.13 -29.20 23.48
C LEU A 37 -4.21 -29.04 24.53
N GLN A 38 -3.90 -29.34 25.78
CA GLN A 38 -4.86 -29.21 26.85
C GLN A 38 -4.82 -27.82 27.46
N LEU A 39 -5.33 -26.85 26.72
CA LEU A 39 -5.38 -25.46 27.17
C LEU A 39 -6.47 -25.29 28.22
N SER A 40 -6.10 -24.72 29.36
CA SER A 40 -7.05 -24.49 30.45
C SER A 40 -6.54 -23.42 31.40
N ALA A 41 -7.46 -22.78 32.11
CA ALA A 41 -7.10 -21.74 33.08
C ALA A 41 -6.75 -22.39 34.40
N GLU A 42 -5.46 -22.48 34.70
CA GLU A 42 -4.99 -23.09 35.93
C GLU A 42 -5.31 -22.20 37.12
N SER A 43 -4.86 -20.94 37.04
CA SER A 43 -5.09 -19.97 38.10
C SER A 43 -5.95 -18.82 37.57
N VAL A 44 -6.33 -17.90 38.46
CA VAL A 44 -7.15 -16.76 38.06
C VAL A 44 -6.50 -16.00 36.90
N GLY A 45 -6.91 -16.35 35.68
CA GLY A 45 -6.38 -15.70 34.49
C GLY A 45 -5.15 -16.39 33.93
N GLU A 46 -4.52 -17.27 34.72
CA GLU A 46 -3.33 -17.97 34.28
C GLU A 46 -3.69 -19.26 33.55
N VAL A 47 -3.48 -19.26 32.24
CA VAL A 47 -3.78 -20.43 31.42
C VAL A 47 -2.49 -21.16 31.05
N TYR A 48 -2.56 -22.49 31.02
CA TYR A 48 -1.39 -23.30 30.68
C TYR A 48 -1.61 -24.06 29.38
N ILE A 49 -0.53 -24.27 28.65
CA ILE A 49 -0.58 -24.99 27.38
C ILE A 49 0.20 -26.30 27.52
N LYS A 50 -0.54 -27.39 27.66
CA LYS A 50 0.06 -28.70 27.81
C LYS A 50 -0.57 -29.71 26.86
N SER A 51 0.21 -30.19 25.90
CA SER A 51 -0.27 -31.16 24.94
C SER A 51 -0.18 -32.56 25.54
N THR A 52 -0.89 -32.75 26.64
CA THR A 52 -0.89 -34.02 27.36
C THR A 52 -1.24 -35.21 26.46
N GLU A 53 -2.51 -35.28 26.04
CA GLU A 53 -2.97 -36.39 25.21
C GLU A 53 -2.64 -36.18 23.74
N THR A 54 -1.35 -35.99 23.43
CA THR A 54 -0.93 -35.80 22.04
C THR A 54 0.56 -35.48 21.92
N GLY A 55 1.09 -34.64 22.80
CA GLY A 55 2.49 -34.27 22.71
C GLY A 55 3.19 -34.14 24.05
N GLN A 56 3.54 -32.92 24.39
CA GLN A 56 4.27 -32.62 25.62
C GLN A 56 3.82 -31.31 26.24
N TYR A 57 4.49 -30.93 27.33
CA TYR A 57 4.21 -29.69 28.04
C TYR A 57 5.10 -28.59 27.48
N LEU A 58 4.58 -27.36 27.41
CA LEU A 58 5.35 -26.24 26.90
C LEU A 58 6.28 -25.66 27.95
N ALA A 59 7.36 -25.03 27.48
CA ALA A 59 8.35 -24.41 28.35
C ALA A 59 9.15 -23.39 27.54
N MET A 60 8.59 -22.18 27.44
CA MET A 60 9.21 -21.11 26.67
C MET A 60 10.66 -20.88 27.08
N ASP A 61 11.50 -20.56 26.09
CA ASP A 61 12.90 -20.29 26.33
C ASP A 61 13.09 -18.80 26.53
N THR A 62 12.83 -18.33 27.74
CA THR A 62 12.95 -16.92 28.06
C THR A 62 11.99 -16.10 27.19
N ASP A 63 10.83 -16.69 26.89
CA ASP A 63 9.82 -16.06 26.03
C ASP A 63 10.31 -15.96 24.59
N GLY A 64 11.52 -15.40 24.42
CA GLY A 64 12.12 -15.25 23.10
C GLY A 64 11.77 -16.39 22.16
N LEU A 65 12.07 -17.61 22.58
CA LEU A 65 11.78 -18.80 21.79
C LEU A 65 10.79 -19.68 22.51
N LEU A 66 9.76 -20.12 21.80
CA LEU A 66 8.73 -20.96 22.39
C LEU A 66 9.01 -22.43 22.10
N TYR A 67 9.01 -23.25 23.14
CA TYR A 67 9.25 -24.69 23.00
C TYR A 67 8.60 -25.44 24.15
N GLY A 68 8.68 -26.76 24.11
CA GLY A 68 8.10 -27.59 25.15
C GLY A 68 8.39 -29.05 24.94
N SER A 69 8.59 -29.79 26.03
CA SER A 69 8.88 -31.22 25.95
C SER A 69 9.29 -31.78 27.31
N GLN A 70 10.39 -31.29 27.84
CA GLN A 70 10.92 -31.77 29.12
C GLN A 70 9.97 -31.52 30.29
N THR A 71 9.82 -30.26 30.69
CA THR A 71 8.95 -29.94 31.82
C THR A 71 8.20 -28.62 31.62
N PRO A 72 6.96 -28.53 32.16
CA PRO A 72 6.14 -27.32 32.05
C PRO A 72 6.61 -26.25 33.03
N ASN A 73 7.76 -25.66 32.73
CA ASN A 73 8.34 -24.62 33.59
C ASN A 73 7.42 -23.39 33.64
N GLU A 74 7.57 -22.59 34.71
CA GLU A 74 6.74 -21.38 34.88
C GLU A 74 6.64 -20.59 33.56
N GLU A 75 7.69 -20.65 32.75
CA GLU A 75 7.69 -19.99 31.44
C GLU A 75 6.40 -20.30 30.67
N CYS A 76 5.78 -21.44 30.97
CA CYS A 76 4.56 -21.87 30.30
C CYS A 76 3.29 -21.26 30.90
N LEU A 77 3.42 -20.39 31.90
CA LEU A 77 2.24 -19.76 32.49
C LEU A 77 1.91 -18.47 31.76
N PHE A 78 0.71 -18.40 31.18
CA PHE A 78 0.29 -17.22 30.43
C PHE A 78 -1.06 -16.69 30.92
N LEU A 79 -1.22 -15.37 30.86
CA LEU A 79 -2.46 -14.73 31.26
C LEU A 79 -3.46 -14.76 30.10
N GLU A 80 -4.64 -15.30 30.36
CA GLU A 80 -5.68 -15.41 29.34
C GLU A 80 -6.32 -14.05 29.05
N ARG A 81 -6.14 -13.56 27.83
CA ARG A 81 -6.71 -12.29 27.41
C ARG A 81 -7.47 -12.46 26.09
N LEU A 82 -8.49 -11.66 25.87
CA LEU A 82 -9.29 -11.74 24.66
C LEU A 82 -9.29 -10.41 23.92
N GLU A 83 -9.21 -10.46 22.59
CA GLU A 83 -9.21 -9.25 21.78
C GLU A 83 -10.49 -9.19 20.95
N GLU A 84 -11.05 -8.00 20.80
CA GLU A 84 -12.28 -7.82 20.02
C GLU A 84 -11.98 -7.94 18.52
N ASN A 85 -11.36 -9.05 18.15
CA ASN A 85 -11.01 -9.32 16.77
C ASN A 85 -11.15 -10.82 16.47
N HIS A 86 -11.96 -11.51 17.29
CA HIS A 86 -12.18 -12.95 17.14
C HIS A 86 -10.87 -13.72 17.31
N TYR A 87 -10.09 -13.33 18.32
CA TYR A 87 -8.81 -13.98 18.60
C TYR A 87 -8.51 -13.98 20.10
N ASN A 88 -7.71 -14.95 20.51
CA ASN A 88 -7.32 -15.09 21.91
C ASN A 88 -5.91 -14.56 22.12
N THR A 89 -5.67 -14.00 23.30
CA THR A 89 -4.35 -13.46 23.63
C THR A 89 -3.86 -14.07 24.93
N TYR A 90 -2.59 -14.44 24.97
CA TYR A 90 -2.00 -15.05 26.16
C TYR A 90 -0.72 -14.33 26.53
N ILE A 91 -0.71 -13.70 27.69
CA ILE A 91 0.46 -12.95 28.14
C ILE A 91 1.37 -13.80 29.02
N SER A 92 2.59 -14.04 28.56
CA SER A 92 3.56 -14.82 29.31
C SER A 92 4.00 -14.03 30.55
N LYS A 93 3.17 -14.07 31.59
CA LYS A 93 3.46 -13.34 32.83
C LYS A 93 4.91 -13.51 33.24
N LYS A 94 5.48 -14.69 32.97
CA LYS A 94 6.87 -14.97 33.30
C LYS A 94 7.80 -13.89 32.70
N HIS A 95 7.38 -13.29 31.59
CA HIS A 95 8.16 -12.23 30.94
C HIS A 95 7.33 -10.98 30.69
N ALA A 96 6.12 -10.92 31.27
CA ALA A 96 5.25 -9.77 31.10
C ALA A 96 6.00 -8.49 31.44
N GLU A 97 6.94 -8.60 32.37
CA GLU A 97 7.76 -7.45 32.79
C GLU A 97 8.36 -6.73 31.58
N LYS A 98 8.67 -7.49 30.53
CA LYS A 98 9.23 -6.91 29.30
C LYS A 98 8.14 -6.68 28.27
N ASN A 99 6.88 -6.76 28.69
CA ASN A 99 5.75 -6.57 27.79
C ASN A 99 5.79 -7.60 26.67
N TRP A 100 6.23 -8.80 27.02
CA TRP A 100 6.34 -9.91 26.08
C TRP A 100 5.21 -10.91 26.28
N PHE A 101 4.48 -11.21 25.20
CA PHE A 101 3.38 -12.16 25.27
C PHE A 101 3.43 -13.13 24.10
N VAL A 102 3.55 -14.41 24.44
CA VAL A 102 3.63 -15.53 23.48
C VAL A 102 3.19 -15.17 22.06
N GLY A 103 4.11 -15.36 21.12
CA GLY A 103 3.83 -15.10 19.71
C GLY A 103 4.48 -16.17 18.83
N LEU A 104 3.71 -16.71 17.88
CA LEU A 104 4.23 -17.76 17.00
C LEU A 104 4.18 -17.34 15.53
N LYS A 105 4.97 -18.02 14.72
CA LYS A 105 5.02 -17.75 13.28
C LYS A 105 4.25 -18.83 12.53
N LYS A 106 3.06 -18.47 12.05
CA LYS A 106 2.19 -19.40 11.31
C LYS A 106 2.99 -20.26 10.32
N ASN A 107 3.90 -19.62 9.60
CA ASN A 107 4.73 -20.32 8.61
C ASN A 107 6.18 -20.43 9.08
N GLY A 108 6.37 -20.63 10.38
CA GLY A 108 7.71 -20.73 10.92
C GLY A 108 7.79 -21.61 12.15
N SER A 109 6.95 -21.29 13.14
CA SER A 109 6.86 -22.00 14.42
C SER A 109 6.70 -20.98 15.55
N CYS A 110 6.51 -21.46 16.76
CA CYS A 110 6.34 -20.58 17.91
C CYS A 110 7.69 -20.15 18.48
N LYS A 111 8.11 -18.92 18.15
CA LYS A 111 9.39 -18.38 18.65
C LYS A 111 9.60 -16.96 18.12
N ARG A 112 8.94 -16.03 18.79
CA ARG A 112 9.00 -14.62 18.42
C ARG A 112 9.00 -13.73 19.65
N GLY A 113 9.57 -14.23 20.76
CA GLY A 113 9.62 -13.45 22.00
C GLY A 113 10.16 -12.04 21.78
N PRO A 114 11.31 -11.85 21.09
CA PRO A 114 11.84 -10.49 20.85
C PRO A 114 10.87 -9.62 20.03
N ARG A 115 9.84 -10.26 19.48
CA ARG A 115 8.82 -9.58 18.69
C ARG A 115 7.41 -9.90 19.21
N THR A 116 7.28 -10.15 20.52
CA THR A 116 5.97 -10.47 21.10
C THR A 116 5.26 -9.25 21.66
N HIS A 117 5.65 -8.07 21.19
CA HIS A 117 5.01 -6.85 21.65
C HIS A 117 4.00 -6.39 20.58
N TYR A 118 3.44 -5.18 20.73
CA TYR A 118 2.47 -4.69 19.77
C TYR A 118 3.13 -4.35 18.43
N GLY A 119 3.06 -5.31 17.51
CA GLY A 119 3.63 -5.15 16.18
C GLY A 119 3.30 -6.34 15.32
N GLN A 120 3.48 -7.53 15.89
CA GLN A 120 3.15 -8.76 15.21
C GLN A 120 1.75 -9.19 15.59
N LYS A 121 0.91 -9.39 14.60
CA LYS A 121 -0.49 -9.75 14.86
C LYS A 121 -0.62 -11.25 15.20
N ALA A 122 0.40 -12.02 14.85
CA ALA A 122 0.43 -13.46 15.14
C ALA A 122 0.12 -13.78 16.60
N ILE A 123 0.21 -12.78 17.46
CA ILE A 123 -0.08 -12.94 18.88
C ILE A 123 -1.58 -13.18 19.12
N LEU A 124 -2.40 -12.78 18.15
CA LEU A 124 -3.84 -12.98 18.24
C LEU A 124 -4.20 -14.37 17.71
N PHE A 125 -4.18 -15.34 18.60
CA PHE A 125 -4.45 -16.73 18.23
C PHE A 125 -5.95 -16.99 18.09
N LEU A 126 -6.29 -17.90 17.19
CA LEU A 126 -7.68 -18.29 16.96
C LEU A 126 -7.89 -19.72 17.46
N PRO A 127 -8.59 -19.87 18.60
CA PRO A 127 -8.84 -21.17 19.20
C PRO A 127 -10.08 -21.88 18.65
N LEU A 128 -9.97 -23.19 18.51
CA LEU A 128 -11.06 -24.03 18.03
C LEU A 128 -11.25 -25.24 18.95
N PRO A 129 -11.28 -25.01 20.28
CA PRO A 129 -11.42 -26.08 21.27
C PRO A 129 -12.87 -26.54 21.45
N VAL A 130 -13.03 -27.80 21.86
CA VAL A 130 -14.35 -28.36 22.10
C VAL A 130 -14.86 -27.94 23.47
N SER A 131 -15.52 -26.79 23.51
CA SER A 131 -16.07 -26.25 24.74
C SER A 131 -17.23 -27.09 25.26
N SER A 132 -17.77 -26.71 26.41
CA SER A 132 -18.89 -27.40 27.00
C SER A 132 -20.15 -26.54 26.93
N ASP A 133 -20.60 -26.29 25.71
CA ASP A 133 -21.78 -25.48 25.46
C ASP A 133 -23.02 -26.34 25.34
N MET B 1 -17.94 -3.69 1.98
CA MET B 1 -18.55 -3.31 3.29
C MET B 1 -17.48 -2.67 4.17
N ALA B 2 -17.12 -3.36 5.25
CA ALA B 2 -16.07 -2.87 6.13
C ALA B 2 -14.73 -3.05 5.45
N ALA B 3 -13.66 -2.60 6.10
CA ALA B 3 -12.33 -2.70 5.53
C ALA B 3 -12.27 -1.77 4.32
N GLU B 4 -12.58 -0.50 4.55
CA GLU B 4 -12.60 0.50 3.49
C GLU B 4 -11.20 1.02 3.18
N PRO B 5 -10.88 1.14 1.88
CA PRO B 5 -9.58 1.64 1.44
C PRO B 5 -9.47 3.16 1.58
N LEU B 6 -8.36 3.61 2.13
CA LEU B 6 -8.12 5.04 2.31
C LEU B 6 -7.44 5.60 1.08
N THR B 7 -6.96 6.84 1.17
CA THR B 7 -6.27 7.46 0.04
C THR B 7 -4.90 6.83 -0.16
N GLU B 8 -4.37 6.94 -1.37
CA GLU B 8 -3.07 6.37 -1.75
C GLU B 8 -1.94 6.77 -0.78
N LEU B 9 -2.03 7.98 -0.25
CA LEU B 9 -1.03 8.50 0.65
C LEU B 9 -1.18 7.94 2.07
N GLU B 10 -2.42 7.72 2.53
CA GLU B 10 -2.65 7.10 3.83
C GLU B 10 -2.16 5.64 3.79
N GLU B 11 -2.44 4.94 2.68
CA GLU B 11 -1.97 3.57 2.45
C GLU B 11 -0.46 3.50 2.68
N SER B 12 0.28 4.38 2.00
CA SER B 12 1.73 4.32 2.01
C SER B 12 2.34 4.76 3.35
N ILE B 13 1.80 5.77 4.05
CA ILE B 13 2.31 6.06 5.39
C ILE B 13 2.00 4.89 6.31
N GLU B 14 0.82 4.28 6.22
CA GLU B 14 0.52 3.14 7.07
C GLU B 14 1.55 2.03 6.84
N THR B 15 1.72 1.56 5.59
CA THR B 15 2.58 0.40 5.34
C THR B 15 4.00 0.58 5.93
N VAL B 16 4.56 1.78 5.85
CA VAL B 16 5.85 2.06 6.46
C VAL B 16 5.73 2.20 7.98
N VAL B 17 4.66 2.84 8.49
CA VAL B 17 4.43 2.97 9.92
C VAL B 17 4.30 1.61 10.59
N THR B 18 3.52 0.67 10.05
CA THR B 18 3.42 -0.67 10.62
C THR B 18 4.79 -1.35 10.64
N THR B 19 5.55 -1.27 9.53
CA THR B 19 6.89 -1.85 9.46
C THR B 19 7.78 -1.24 10.55
N PHE B 20 7.85 0.09 10.61
CA PHE B 20 8.48 0.83 11.70
C PHE B 20 8.06 0.21 13.04
N PHE B 21 6.76 0.13 13.28
CA PHE B 21 6.22 -0.37 14.54
C PHE B 21 6.61 -1.82 14.85
N THR B 22 6.95 -2.61 13.84
CA THR B 22 7.34 -4.01 14.06
C THR B 22 8.80 -4.11 14.53
N PHE B 23 9.43 -2.95 14.73
CA PHE B 23 10.82 -2.88 15.19
C PHE B 23 10.90 -1.96 16.41
N ALA B 24 10.02 -0.96 16.44
CA ALA B 24 9.95 0.03 17.53
C ALA B 24 9.58 -0.63 18.85
N ARG B 25 8.73 -1.66 18.79
CA ARG B 25 8.27 -2.35 19.98
C ARG B 25 9.19 -3.49 20.44
N GLN B 26 10.30 -3.70 19.74
CA GLN B 26 11.24 -4.77 20.09
C GLN B 26 11.67 -4.72 21.55
N GLU B 27 12.11 -3.55 22.00
CA GLU B 27 12.58 -3.36 23.37
C GLU B 27 11.76 -2.27 24.08
N GLY B 28 12.37 -1.68 25.12
CA GLY B 28 11.75 -0.58 25.86
C GLY B 28 11.18 0.55 24.99
N ARG B 29 9.91 0.89 25.27
CA ARG B 29 9.17 1.93 24.57
C ARG B 29 8.90 1.56 23.09
N LYS B 30 7.62 1.37 22.74
CA LYS B 30 7.25 0.99 21.37
C LYS B 30 7.10 2.20 20.44
N ASP B 31 8.01 3.14 20.58
CA ASP B 31 8.05 4.35 19.76
C ASP B 31 9.49 4.54 19.30
N SER B 32 10.41 4.51 20.27
CA SER B 32 11.83 4.69 20.02
C SER B 32 12.47 3.38 19.57
N LEU B 33 13.32 3.47 18.55
CA LEU B 33 14.28 2.42 18.22
C LEU B 33 15.54 2.71 19.03
N SER B 34 15.98 1.79 19.89
CA SER B 34 17.32 1.90 20.44
C SER B 34 18.33 1.29 19.45
N VAL B 35 19.62 1.32 19.80
CA VAL B 35 20.71 1.03 18.88
C VAL B 35 20.50 -0.29 18.11
N ASN B 36 20.35 -1.42 18.84
CA ASN B 36 20.12 -2.74 18.21
C ASN B 36 18.87 -2.69 17.34
N GLU B 37 17.75 -2.32 17.98
CA GLU B 37 16.47 -2.09 17.33
C GLU B 37 16.62 -1.40 15.98
N PHE B 38 17.37 -0.30 15.96
CA PHE B 38 17.62 0.48 14.77
C PHE B 38 18.40 -0.36 13.76
N LYS B 39 19.53 -0.93 14.20
CA LYS B 39 20.36 -1.75 13.33
C LYS B 39 19.55 -2.90 12.70
N GLU B 40 18.58 -3.43 13.43
CA GLU B 40 17.73 -4.52 12.95
C GLU B 40 16.94 -4.15 11.68
N LEU B 41 16.56 -2.87 11.53
CA LEU B 41 15.79 -2.44 10.37
C LEU B 41 16.68 -2.57 9.14
N VAL B 42 17.85 -1.94 9.22
CA VAL B 42 18.76 -1.83 8.08
C VAL B 42 19.27 -3.22 7.71
N THR B 43 19.80 -3.94 8.70
CA THR B 43 20.36 -5.27 8.48
C THR B 43 19.37 -6.29 7.90
N GLN B 44 18.07 -6.08 8.10
CA GLN B 44 17.08 -7.03 7.61
C GLN B 44 16.40 -6.60 6.30
N GLN B 45 15.73 -5.46 6.30
CA GLN B 45 15.00 -5.00 5.12
C GLN B 45 15.68 -3.88 4.35
N LEU B 46 17.01 -3.81 4.39
CA LEU B 46 17.72 -2.76 3.65
C LEU B 46 19.14 -3.21 3.27
N PRO B 47 19.26 -4.20 2.36
CA PRO B 47 20.55 -4.72 1.92
C PRO B 47 21.10 -4.06 0.65
N HIS B 48 20.30 -3.22 -0.01
CA HIS B 48 20.75 -2.57 -1.24
C HIS B 48 20.89 -1.06 -1.07
N LEU B 49 19.80 -0.39 -0.69
CA LEU B 49 19.77 1.05 -0.51
C LEU B 49 20.98 1.56 0.28
N LEU B 50 21.04 1.19 1.56
CA LEU B 50 22.14 1.51 2.46
C LEU B 50 22.85 0.20 2.76
N LYS B 51 23.68 -0.23 1.80
CA LYS B 51 24.44 -1.48 1.90
C LYS B 51 25.48 -1.44 3.00
N ASP B 52 25.58 -0.30 3.69
CA ASP B 52 26.53 -0.16 4.78
C ASP B 52 25.96 -0.75 6.07
N VAL B 53 26.12 -2.06 6.23
CA VAL B 53 25.61 -2.75 7.42
C VAL B 53 26.70 -2.85 8.49
N GLY B 54 27.70 -1.98 8.38
CA GLY B 54 28.79 -1.97 9.34
C GLY B 54 28.95 -0.63 10.01
N SER B 55 28.71 0.44 9.26
CA SER B 55 28.85 1.79 9.79
C SER B 55 27.50 2.38 10.20
N LEU B 56 26.70 1.57 10.91
CA LEU B 56 25.41 1.99 11.38
C LEU B 56 25.59 3.10 12.41
N ASP B 57 26.71 3.09 13.14
CA ASP B 57 27.11 4.15 14.06
C ASP B 57 27.07 5.52 13.37
N GLU B 58 27.66 5.64 12.19
CA GLU B 58 27.65 6.87 11.40
C GLU B 58 26.22 7.33 11.18
N LYS B 59 25.36 6.44 10.65
CA LYS B 59 23.96 6.78 10.45
C LYS B 59 23.36 7.26 11.77
N MET B 60 23.53 6.47 12.84
CA MET B 60 23.00 6.77 14.16
C MET B 60 23.38 8.20 14.57
N LYS B 61 24.67 8.53 14.55
CA LYS B 61 25.13 9.87 14.88
C LYS B 61 24.51 10.93 13.95
N SER B 62 24.44 10.63 12.65
CA SER B 62 23.84 11.54 11.67
C SER B 62 22.34 11.76 11.93
N LEU B 63 21.66 10.76 12.50
CA LEU B 63 20.23 10.76 12.77
C LEU B 63 19.94 11.40 14.13
N ASP B 64 20.43 10.76 15.20
CA ASP B 64 20.15 11.13 16.58
C ASP B 64 20.93 12.37 16.96
N VAL B 65 20.50 13.53 16.47
CA VAL B 65 21.18 14.81 16.67
C VAL B 65 21.53 15.08 18.13
N ASN B 66 20.64 14.70 19.05
CA ASN B 66 20.81 14.88 20.50
C ASN B 66 21.63 13.77 21.15
N GLN B 67 21.93 12.68 20.42
CA GLN B 67 22.72 11.56 20.88
C GLN B 67 22.23 11.05 22.24
N ASP B 68 20.93 10.79 22.35
CA ASP B 68 20.31 10.19 23.53
C ASP B 68 20.33 8.66 23.43
N SER B 69 20.68 8.11 22.25
CA SER B 69 20.63 6.69 21.96
C SER B 69 19.20 6.16 21.94
N GLU B 70 18.26 7.03 21.61
CA GLU B 70 16.90 6.74 21.23
C GLU B 70 16.60 7.52 19.96
N LEU B 71 16.31 6.86 18.85
CA LEU B 71 15.69 7.51 17.71
C LEU B 71 14.19 7.49 18.00
N LYS B 72 13.65 8.57 18.60
CA LYS B 72 12.22 8.79 18.73
C LYS B 72 11.57 8.69 17.34
N PHE B 73 10.25 8.49 17.26
CA PHE B 73 9.50 8.38 16.02
C PHE B 73 10.02 9.35 14.94
N ASN B 74 10.01 10.65 15.25
CA ASN B 74 10.41 11.69 14.30
C ASN B 74 11.91 11.66 13.98
N GLU B 75 12.75 11.23 14.93
CA GLU B 75 14.19 11.12 14.71
C GLU B 75 14.45 9.96 13.76
N TYR B 76 13.93 8.77 14.10
CA TYR B 76 13.98 7.58 13.26
C TYR B 76 13.52 7.93 11.85
N TRP B 77 12.36 8.58 11.77
CA TRP B 77 11.74 9.00 10.54
C TRP B 77 12.77 9.61 9.57
N ARG B 78 13.75 10.38 10.06
CA ARG B 78 14.85 10.91 9.24
C ARG B 78 15.36 9.88 8.22
N LEU B 79 15.65 8.66 8.66
CA LEU B 79 16.13 7.59 7.81
C LEU B 79 15.28 7.49 6.55
N ILE B 80 13.95 7.55 6.68
CA ILE B 80 13.04 7.35 5.56
C ILE B 80 13.28 8.41 4.48
N GLY B 81 13.83 9.56 4.86
CA GLY B 81 14.16 10.64 3.96
C GLY B 81 15.38 10.28 3.19
N GLU B 82 16.35 9.73 3.89
CA GLU B 82 17.63 9.37 3.33
C GLU B 82 17.37 8.19 2.38
N LEU B 83 16.42 7.31 2.72
CA LEU B 83 15.95 6.25 1.85
C LEU B 83 15.28 6.83 0.58
N ALA B 84 14.23 7.61 0.77
CA ALA B 84 13.43 8.23 -0.29
C ALA B 84 14.29 9.13 -1.18
N LYS B 85 15.37 9.65 -0.63
CA LYS B 85 16.39 10.38 -1.35
C LYS B 85 17.23 9.35 -2.12
N GLU B 86 17.92 8.43 -1.44
CA GLU B 86 18.80 7.41 -2.02
C GLU B 86 18.19 6.74 -3.26
N ILE B 87 16.93 6.28 -3.19
CA ILE B 87 16.31 5.61 -4.32
C ILE B 87 16.40 6.41 -5.63
N ARG B 88 16.34 7.75 -5.54
CA ARG B 88 16.56 8.65 -6.67
C ARG B 88 18.04 8.98 -6.78
N LYS B 89 18.63 9.45 -5.67
CA LYS B 89 19.93 10.08 -5.56
C LYS B 89 21.06 9.13 -5.92
N LYS B 90 20.90 7.81 -5.79
CA LYS B 90 21.72 7.05 -4.86
C LYS B 90 23.16 7.60 -4.73
N LYS B 91 23.99 7.52 -5.76
CA LYS B 91 25.36 8.06 -5.74
C LYS B 91 25.60 8.90 -7.01
N ASP B 92 24.63 9.78 -7.33
CA ASP B 92 24.56 10.74 -8.43
C ASP B 92 25.73 11.72 -8.33
N LEU B 93 26.92 11.21 -8.67
CA LEU B 93 28.21 11.81 -8.47
C LEU B 93 29.21 10.85 -9.13
N LYS B 94 29.15 9.56 -8.79
CA LYS B 94 29.93 8.50 -9.43
C LYS B 94 29.02 7.46 -10.09
N ILE B 95 27.95 7.03 -9.42
CA ILE B 95 27.14 5.89 -9.82
C ILE B 95 25.65 6.20 -9.61
N ARG B 96 24.80 6.36 -10.65
CA ARG B 96 25.00 6.46 -12.09
C ARG B 96 23.65 6.67 -12.82
N MET C 1 15.68 5.59 -17.11
CA MET C 1 14.38 6.05 -17.63
C MET C 1 13.27 5.62 -16.68
N ALA C 2 13.12 4.31 -16.41
CA ALA C 2 12.12 3.79 -15.47
C ALA C 2 12.29 2.29 -15.21
N ALA C 3 12.55 1.91 -13.95
CA ALA C 3 12.05 0.71 -13.27
C ALA C 3 11.70 -0.56 -14.08
N GLU C 4 12.60 -1.56 -14.11
CA GLU C 4 12.25 -2.98 -14.09
C GLU C 4 12.03 -3.39 -12.61
N PRO C 5 11.79 -4.71 -12.28
CA PRO C 5 11.53 -5.23 -10.91
C PRO C 5 12.07 -4.41 -9.74
N LEU C 6 11.21 -4.32 -8.71
CA LEU C 6 11.51 -3.62 -7.47
C LEU C 6 11.15 -4.54 -6.31
N THR C 7 10.95 -3.98 -5.12
CA THR C 7 10.56 -4.78 -3.95
C THR C 7 9.15 -4.39 -3.47
N GLU C 8 8.68 -5.04 -2.40
CA GLU C 8 7.35 -4.79 -1.84
C GLU C 8 7.14 -3.31 -1.50
N LEU C 9 8.05 -2.74 -0.70
CA LEU C 9 7.96 -1.35 -0.29
C LEU C 9 8.30 -0.38 -1.42
N GLU C 10 9.20 -0.80 -2.31
CA GLU C 10 9.59 0.02 -3.45
C GLU C 10 8.36 0.31 -4.33
N GLU C 11 7.41 -0.64 -4.39
CA GLU C 11 6.16 -0.42 -5.10
C GLU C 11 5.44 0.80 -4.55
N SER C 12 5.26 0.84 -3.22
CA SER C 12 4.43 1.84 -2.57
C SER C 12 5.08 3.24 -2.57
N ILE C 13 6.41 3.35 -2.70
CA ILE C 13 7.03 4.63 -3.05
C ILE C 13 6.86 4.94 -4.54
N GLU C 14 6.85 3.93 -5.43
CA GLU C 14 6.55 4.17 -6.84
C GLU C 14 5.15 4.78 -7.00
N THR C 15 4.12 4.12 -6.46
CA THR C 15 2.72 4.48 -6.76
C THR C 15 2.47 5.99 -6.57
N VAL C 16 3.07 6.60 -5.55
CA VAL C 16 2.96 8.03 -5.31
C VAL C 16 3.79 8.83 -6.32
N VAL C 17 4.97 8.34 -6.71
CA VAL C 17 5.79 8.96 -7.74
C VAL C 17 5.04 8.97 -9.06
N THR C 18 4.36 7.87 -9.38
CA THR C 18 3.56 7.76 -10.60
C THR C 18 2.46 8.84 -10.64
N THR C 19 1.96 9.24 -9.46
CA THR C 19 0.96 10.31 -9.36
C THR C 19 1.64 11.63 -9.69
N PHE C 20 2.75 11.84 -8.97
CA PHE C 20 3.65 12.97 -9.17
C PHE C 20 3.94 13.15 -10.66
N PHE C 21 4.43 12.07 -11.29
CA PHE C 21 4.83 12.05 -12.70
C PHE C 21 3.71 12.44 -13.67
N THR C 22 2.49 11.97 -13.42
CA THR C 22 1.38 12.28 -14.32
C THR C 22 0.73 13.63 -14.05
N PHE C 23 1.24 14.36 -13.07
CA PHE C 23 0.70 15.67 -12.73
C PHE C 23 1.71 16.75 -13.10
N ALA C 24 2.98 16.35 -13.14
CA ALA C 24 4.06 17.26 -13.47
C ALA C 24 4.34 17.33 -14.95
N ARG C 25 3.72 16.44 -15.73
CA ARG C 25 3.83 16.44 -17.19
C ARG C 25 2.70 17.27 -17.82
N GLN C 26 2.30 18.36 -17.14
CA GLN C 26 1.22 19.23 -17.61
C GLN C 26 1.74 20.31 -18.57
N GLU C 27 2.36 21.35 -18.02
CA GLU C 27 2.94 22.43 -18.84
C GLU C 27 4.29 21.91 -19.33
N GLY C 28 5.40 22.53 -18.92
CA GLY C 28 6.67 21.93 -19.28
C GLY C 28 6.87 20.64 -18.50
N ARG C 29 7.77 19.78 -19.00
CA ARG C 29 8.74 19.06 -18.18
C ARG C 29 8.15 18.30 -16.98
N LYS C 30 8.11 16.97 -17.14
CA LYS C 30 7.57 16.04 -16.14
C LYS C 30 8.51 15.83 -14.93
N ASP C 31 9.80 16.12 -15.14
CA ASP C 31 10.81 15.98 -14.09
C ASP C 31 10.75 17.10 -13.04
N SER C 32 10.02 18.19 -13.27
CA SER C 32 9.86 19.29 -12.31
C SER C 32 8.38 19.65 -12.11
N LEU C 33 7.98 19.91 -10.86
CA LEU C 33 6.68 20.48 -10.59
C LEU C 33 6.70 21.95 -11.00
N SER C 34 5.64 22.36 -11.68
CA SER C 34 5.38 23.68 -12.21
C SER C 34 4.10 24.21 -11.52
N VAL C 35 3.82 25.52 -11.54
CA VAL C 35 2.76 26.08 -10.67
C VAL C 35 1.45 26.29 -11.43
N ASN C 36 1.06 25.25 -12.14
CA ASN C 36 -0.30 24.80 -12.37
C ASN C 36 -0.16 23.30 -12.69
N GLU C 37 0.51 22.70 -11.69
CA GLU C 37 0.81 21.28 -11.54
C GLU C 37 0.77 21.02 -10.04
N PHE C 38 1.45 21.92 -9.30
CA PHE C 38 1.51 21.94 -7.86
C PHE C 38 0.16 22.35 -7.29
N LYS C 39 -0.34 23.55 -7.65
CA LYS C 39 -1.57 24.02 -7.08
C LYS C 39 -2.72 23.06 -7.42
N GLU C 40 -2.70 22.49 -8.63
CA GLU C 40 -3.72 21.52 -9.02
C GLU C 40 -3.58 20.24 -8.20
N LEU C 41 -2.35 19.92 -7.80
CA LEU C 41 -2.06 18.73 -7.01
C LEU C 41 -2.61 18.86 -5.59
N VAL C 42 -2.34 19.98 -4.94
CA VAL C 42 -2.83 20.22 -3.59
C VAL C 42 -4.35 20.36 -3.59
N THR C 43 -4.90 21.08 -4.56
CA THR C 43 -6.34 21.30 -4.63
C THR C 43 -7.14 20.02 -4.95
N GLN C 44 -6.53 19.05 -5.64
CA GLN C 44 -7.24 17.83 -6.02
C GLN C 44 -6.81 16.61 -5.20
N GLN C 45 -5.52 16.31 -5.21
CA GLN C 45 -5.00 15.13 -4.51
C GLN C 45 -4.89 15.33 -2.99
N LEU C 46 -4.51 16.52 -2.54
CA LEU C 46 -4.37 16.76 -1.09
C LEU C 46 -5.27 17.89 -0.58
N PRO C 47 -6.61 17.78 -0.74
CA PRO C 47 -7.54 18.81 -0.27
C PRO C 47 -7.99 18.58 1.17
N HIS C 48 -7.84 17.35 1.65
CA HIS C 48 -8.23 16.98 3.01
C HIS C 48 -7.00 16.90 3.90
N LEU C 49 -5.94 16.28 3.36
CA LEU C 49 -4.69 16.14 4.10
C LEU C 49 -4.04 17.50 4.30
N LEU C 50 -3.94 18.26 3.22
CA LEU C 50 -3.39 19.60 3.29
C LEU C 50 -4.52 20.62 3.25
N LYS C 51 -4.87 21.13 4.42
CA LYS C 51 -5.94 22.11 4.57
C LYS C 51 -5.43 23.54 4.37
N ASP C 52 -4.54 23.70 3.39
CA ASP C 52 -3.99 25.01 3.07
C ASP C 52 -3.75 25.12 1.57
N VAL C 53 -4.84 25.05 0.81
CA VAL C 53 -4.77 25.12 -0.65
C VAL C 53 -4.80 26.55 -1.14
N GLY C 54 -5.12 27.48 -0.25
CA GLY C 54 -5.19 28.88 -0.62
C GLY C 54 -3.90 29.60 -0.30
N SER C 55 -3.04 28.93 0.47
CA SER C 55 -1.76 29.48 0.86
C SER C 55 -0.60 28.60 0.37
N LEU C 56 -0.81 27.98 -0.80
CA LEU C 56 0.20 27.13 -1.42
C LEU C 56 1.48 27.93 -1.60
N ASP C 57 1.37 29.14 -2.14
CA ASP C 57 2.45 30.05 -2.47
C ASP C 57 3.51 30.14 -1.36
N GLU C 58 3.08 30.17 -0.09
CA GLU C 58 3.99 30.14 1.05
C GLU C 58 4.78 28.82 1.09
N LYS C 59 4.05 27.72 0.95
CA LYS C 59 4.65 26.38 0.93
C LYS C 59 5.65 26.30 -0.22
N MET C 60 5.21 26.76 -1.39
CA MET C 60 6.05 26.83 -2.59
C MET C 60 7.35 27.57 -2.28
N LYS C 61 7.26 28.79 -1.74
CA LYS C 61 8.45 29.55 -1.40
C LYS C 61 9.33 28.78 -0.41
N SER C 62 8.72 28.16 0.60
CA SER C 62 9.43 27.35 1.58
C SER C 62 10.10 26.13 0.95
N LEU C 63 9.45 25.51 -0.02
CA LEU C 63 9.91 24.32 -0.72
C LEU C 63 11.09 24.67 -1.63
N ASP C 64 10.87 25.62 -2.54
CA ASP C 64 11.67 25.86 -3.74
C ASP C 64 13.15 26.16 -3.53
N VAL C 65 13.58 26.45 -2.30
CA VAL C 65 14.40 27.56 -1.80
C VAL C 65 15.53 28.11 -2.69
N ASN C 66 16.05 27.35 -3.66
CA ASN C 66 16.86 27.98 -4.71
C ASN C 66 16.03 29.05 -5.45
N GLN C 67 14.70 28.91 -5.43
CA GLN C 67 13.74 29.87 -5.93
C GLN C 67 13.81 30.00 -7.46
N ASP C 68 14.39 28.99 -8.14
CA ASP C 68 14.29 28.85 -9.59
C ASP C 68 12.83 28.69 -10.02
N SER C 69 11.95 28.32 -9.08
CA SER C 69 10.53 28.10 -9.30
C SER C 69 10.25 26.85 -10.16
N GLU C 70 11.27 26.02 -10.41
CA GLU C 70 11.07 24.62 -10.68
C GLU C 70 11.09 23.94 -9.32
N LEU C 71 9.95 23.42 -8.88
CA LEU C 71 9.90 22.61 -7.68
C LEU C 71 10.56 21.29 -8.05
N LYS C 72 11.82 21.14 -7.63
CA LYS C 72 12.77 20.22 -8.23
C LYS C 72 12.55 18.80 -7.68
N PHE C 73 13.24 17.82 -8.26
CA PHE C 73 13.08 16.40 -7.97
C PHE C 73 13.86 16.11 -6.68
N ASN C 74 13.26 16.59 -5.58
CA ASN C 74 13.66 16.71 -4.19
C ASN C 74 14.13 18.15 -3.96
N GLU C 75 13.34 19.15 -4.37
CA GLU C 75 12.66 20.07 -3.47
C GLU C 75 11.28 19.48 -3.14
N TYR C 76 10.47 19.31 -4.21
CA TYR C 76 9.05 18.94 -4.17
C TYR C 76 8.76 17.92 -3.09
N TRP C 77 9.53 16.83 -3.13
CA TRP C 77 9.33 15.66 -2.31
C TRP C 77 9.00 16.00 -0.85
N ARG C 78 9.66 17.03 -0.31
CA ARG C 78 9.39 17.56 1.03
C ARG C 78 7.90 17.58 1.35
N LEU C 79 7.07 18.03 0.40
CA LEU C 79 5.62 18.13 0.56
C LEU C 79 5.04 16.84 1.10
N ILE C 80 5.37 15.70 0.50
CA ILE C 80 4.88 14.39 0.89
C ILE C 80 5.28 14.15 2.36
N GLY C 81 6.40 14.73 2.77
CA GLY C 81 6.95 14.70 4.11
C GLY C 81 6.10 15.45 5.09
N GLU C 82 5.68 16.62 4.65
CA GLU C 82 4.91 17.50 5.46
C GLU C 82 3.54 16.85 5.65
N LEU C 83 2.89 16.36 4.59
CA LEU C 83 1.70 15.53 4.81
C LEU C 83 1.98 14.33 5.71
N ALA C 84 3.08 13.60 5.48
CA ALA C 84 3.44 12.44 6.26
C ALA C 84 3.48 12.77 7.75
N LYS C 85 4.19 13.83 8.16
CA LYS C 85 4.18 14.22 9.55
C LYS C 85 2.80 14.79 9.95
N GLU C 86 2.15 15.61 9.11
CA GLU C 86 0.89 16.31 9.42
C GLU C 86 -0.12 15.38 10.10
N ILE C 87 -0.29 14.16 9.59
CA ILE C 87 -1.21 13.19 10.18
C ILE C 87 -0.97 13.04 11.69
N ARG C 88 0.30 13.03 12.10
CA ARG C 88 0.77 13.06 13.48
C ARG C 88 0.79 14.50 14.04
N LYS C 89 1.18 15.48 13.22
CA LYS C 89 1.63 16.79 13.64
C LYS C 89 0.70 17.90 13.14
N LYS C 90 -0.43 18.06 13.83
CA LYS C 90 -1.49 19.03 13.57
C LYS C 90 -0.97 20.40 13.08
N LYS C 91 -0.06 21.06 13.83
CA LYS C 91 0.49 22.35 13.41
C LYS C 91 1.90 22.63 13.99
N ASP C 92 2.42 21.73 14.81
CA ASP C 92 3.27 22.09 15.94
C ASP C 92 4.75 22.06 15.53
N LEU C 93 5.09 22.69 14.40
CA LEU C 93 6.44 22.70 13.87
C LEU C 93 7.23 23.94 14.33
N ILE C 95 9.85 26.24 14.20
CA ILE C 95 11.22 26.46 13.73
C ILE C 95 11.47 27.82 13.06
N ARG C 96 12.71 28.29 13.18
CA ARG C 96 13.25 29.51 12.59
C ARG C 96 14.76 29.41 12.77
N LYS C 97 15.56 29.56 11.70
CA LYS C 97 16.94 29.12 11.66
C LYS C 97 17.50 29.59 10.32
N LYS C 98 18.61 30.34 10.33
CA LYS C 98 19.43 30.64 9.17
C LYS C 98 20.66 29.74 9.27
N TYR D 1 -19.92 -8.70 -38.55
CA TYR D 1 -21.19 -7.94 -38.40
C TYR D 1 -20.92 -6.58 -37.77
N LYS D 2 -20.19 -5.72 -38.49
CA LYS D 2 -19.86 -4.40 -37.99
C LYS D 2 -21.12 -3.67 -37.48
N LYS D 3 -21.21 -3.53 -36.18
CA LYS D 3 -22.35 -2.89 -35.54
C LYS D 3 -21.97 -2.39 -34.14
N PRO D 4 -22.94 -1.87 -33.35
CA PRO D 4 -22.73 -1.36 -32.01
C PRO D 4 -21.43 -1.85 -31.36
N LYS D 5 -20.44 -0.96 -31.29
CA LYS D 5 -19.15 -1.28 -30.68
C LYS D 5 -19.14 -0.79 -29.23
N LEU D 6 -19.24 -1.73 -28.30
CA LEU D 6 -19.23 -1.39 -26.87
C LEU D 6 -17.80 -1.24 -26.38
N LEU D 7 -17.55 -0.19 -25.61
CA LEU D 7 -16.22 0.08 -25.07
C LEU D 7 -16.31 0.66 -23.66
N TYR D 8 -15.46 0.17 -22.76
CA TYR D 8 -15.42 0.65 -21.39
C TYR D 8 -14.06 0.33 -20.76
N CYS D 9 -13.81 0.82 -19.56
CA CYS D 9 -12.54 0.57 -18.89
C CYS D 9 -12.70 0.50 -17.38
N SER D 10 -11.68 -0.01 -16.70
CA SER D 10 -11.67 -0.15 -15.25
C SER D 10 -12.54 -1.33 -14.85
N ASN D 11 -11.93 -2.31 -14.18
CA ASN D 11 -12.64 -3.49 -13.74
C ASN D 11 -13.92 -3.11 -13.00
N GLY D 12 -15.04 -3.65 -13.46
CA GLY D 12 -16.32 -3.36 -12.84
C GLY D 12 -17.39 -3.07 -13.86
N GLY D 13 -18.57 -3.60 -13.64
CA GLY D 13 -19.68 -3.39 -14.55
C GLY D 13 -19.96 -1.92 -14.79
N HIS D 14 -19.55 -1.43 -15.96
CA HIS D 14 -19.76 -0.04 -16.36
C HIS D 14 -19.52 0.12 -17.86
N PHE D 15 -20.53 0.59 -18.58
CA PHE D 15 -20.43 0.77 -20.03
C PHE D 15 -20.59 2.25 -20.40
N LEU D 16 -19.94 2.66 -21.49
CA LEU D 16 -20.02 4.03 -21.94
C LEU D 16 -21.38 4.31 -22.59
N ARG D 17 -22.28 4.93 -21.85
CA ARG D 17 -23.61 5.23 -22.36
C ARG D 17 -23.64 6.66 -22.91
N ILE D 18 -23.70 6.77 -24.22
CA ILE D 18 -23.71 8.06 -24.88
C ILE D 18 -25.13 8.58 -25.06
N LEU D 19 -25.29 9.89 -24.90
CA LEU D 19 -26.58 10.54 -25.06
C LEU D 19 -26.44 11.75 -25.99
N PRO D 20 -27.43 11.97 -26.88
CA PRO D 20 -27.41 13.10 -27.82
C PRO D 20 -27.01 14.41 -27.16
N ASP D 21 -27.34 14.54 -25.89
CA ASP D 21 -27.01 15.74 -25.11
C ASP D 21 -25.50 15.96 -25.09
N GLY D 22 -24.75 14.88 -24.88
CA GLY D 22 -23.30 14.98 -24.83
C GLY D 22 -22.74 14.39 -23.54
N THR D 23 -23.49 14.50 -22.46
CA THR D 23 -23.05 13.99 -21.17
C THR D 23 -23.08 12.46 -21.15
N VAL D 24 -22.01 11.86 -21.63
CA VAL D 24 -21.87 10.40 -21.65
C VAL D 24 -21.31 9.91 -20.32
N ASP D 25 -21.95 8.89 -19.74
CA ASP D 25 -21.49 8.33 -18.47
C ASP D 25 -21.28 6.82 -18.57
N GLY D 26 -20.59 6.25 -17.58
CA GLY D 26 -20.32 4.83 -17.56
C GLY D 26 -21.46 4.02 -16.98
N THR D 27 -22.59 4.03 -17.67
CA THR D 27 -23.78 3.30 -17.22
C THR D 27 -23.54 1.79 -17.30
N ARG D 28 -23.82 1.09 -16.22
CA ARG D 28 -23.63 -0.35 -16.21
C ARG D 28 -24.94 -1.06 -16.56
N ASP D 29 -25.36 -0.89 -17.80
CA ASP D 29 -26.60 -1.51 -18.29
C ASP D 29 -26.50 -1.83 -19.76
N ARG D 30 -27.23 -2.84 -20.19
CA ARG D 30 -27.24 -3.26 -21.60
C ARG D 30 -28.68 -3.50 -22.07
N SER D 31 -29.63 -2.87 -21.38
CA SER D 31 -31.04 -3.00 -21.71
C SER D 31 -31.46 -1.90 -22.69
N ASP D 32 -30.98 -0.69 -22.44
CA ASP D 32 -31.30 0.45 -23.30
C ASP D 32 -30.19 0.67 -24.32
N GLN D 33 -30.56 0.72 -25.60
CA GLN D 33 -29.58 0.91 -26.66
C GLN D 33 -28.97 2.31 -26.62
N HIS D 34 -28.06 2.55 -25.68
CA HIS D 34 -27.38 3.83 -25.57
C HIS D 34 -25.93 3.67 -25.13
N ILE D 35 -25.39 2.45 -25.24
CA ILE D 35 -24.01 2.17 -24.86
C ILE D 35 -23.26 1.52 -26.02
N GLN D 36 -23.46 2.06 -27.22
CA GLN D 36 -22.82 1.54 -28.43
C GLN D 36 -22.37 2.66 -29.34
N LEU D 37 -21.13 2.56 -29.81
CA LEU D 37 -20.56 3.55 -30.71
C LEU D 37 -19.99 2.85 -31.94
N GLN D 38 -19.92 3.57 -33.05
CA GLN D 38 -19.39 2.99 -34.28
C GLN D 38 -17.88 3.21 -34.37
N LEU D 39 -17.15 2.46 -33.55
CA LEU D 39 -15.69 2.54 -33.53
C LEU D 39 -15.12 1.84 -34.77
N SER D 40 -14.25 2.55 -35.49
CA SER D 40 -13.63 1.99 -36.68
C SER D 40 -12.35 2.77 -37.03
N ALA D 41 -11.46 2.11 -37.76
CA ALA D 41 -10.21 2.74 -38.18
C ALA D 41 -10.45 3.52 -39.46
N GLU D 42 -10.54 4.84 -39.34
CA GLU D 42 -10.78 5.69 -40.49
C GLU D 42 -9.55 5.76 -41.38
N SER D 43 -8.42 6.13 -40.77
CA SER D 43 -7.15 6.24 -41.48
C SER D 43 -6.16 5.23 -40.91
N VAL D 44 -4.99 5.12 -41.53
CA VAL D 44 -3.95 4.20 -41.06
C VAL D 44 -3.65 4.42 -39.58
N GLY D 45 -4.32 3.64 -38.73
CA GLY D 45 -4.11 3.75 -37.29
C GLY D 45 -5.05 4.75 -36.63
N GLU D 46 -5.67 5.61 -37.42
CA GLU D 46 -6.58 6.62 -36.88
C GLU D 46 -7.99 6.06 -36.74
N VAL D 47 -8.42 5.84 -35.51
CA VAL D 47 -9.75 5.32 -35.24
C VAL D 47 -10.66 6.43 -34.73
N TYR D 48 -11.92 6.38 -35.14
CA TYR D 48 -12.89 7.40 -34.74
C TYR D 48 -13.99 6.79 -33.88
N ILE D 49 -14.51 7.58 -32.95
CA ILE D 49 -15.58 7.14 -32.06
C ILE D 49 -16.85 7.94 -32.36
N LYS D 50 -17.77 7.31 -33.06
CA LYS D 50 -19.02 7.96 -33.43
C LYS D 50 -20.21 7.08 -33.09
N SER D 51 -21.03 7.51 -32.14
CA SER D 51 -22.21 6.77 -31.74
C SER D 51 -23.36 7.08 -32.70
N THR D 52 -23.14 6.76 -33.97
CA THR D 52 -24.12 7.03 -35.02
C THR D 52 -25.49 6.43 -34.70
N GLU D 53 -25.59 5.11 -34.75
CA GLU D 53 -26.85 4.42 -34.50
C GLU D 53 -27.14 4.25 -33.01
N THR D 54 -27.16 5.36 -32.27
CA THR D 54 -27.43 5.30 -30.83
C THR D 54 -27.29 6.67 -30.14
N GLY D 55 -26.27 7.43 -30.51
CA GLY D 55 -26.07 8.71 -29.87
C GLY D 55 -25.60 9.82 -30.80
N GLN D 56 -24.35 10.23 -30.62
CA GLN D 56 -23.77 11.32 -31.39
C GLN D 56 -22.29 11.07 -31.67
N TYR D 57 -21.65 12.04 -32.32
CA TYR D 57 -20.23 11.97 -32.64
C TYR D 57 -19.43 12.61 -31.52
N LEU D 58 -18.25 12.07 -31.23
CA LEU D 58 -17.41 12.62 -30.17
C LEU D 58 -16.61 13.82 -30.64
N ALA D 59 -16.26 14.68 -29.68
CA ALA D 59 -15.48 15.88 -29.94
C ALA D 59 -14.82 16.34 -28.65
N MET D 60 -13.67 15.75 -28.34
CA MET D 60 -12.93 16.08 -27.12
C MET D 60 -12.72 17.58 -26.96
N ASP D 61 -12.79 18.04 -25.71
CA ASP D 61 -12.57 19.43 -25.40
C ASP D 61 -11.12 19.64 -25.04
N THR D 62 -10.27 19.78 -26.06
CA THR D 62 -8.85 19.97 -25.86
C THR D 62 -8.26 18.76 -25.13
N ASP D 63 -8.82 17.58 -25.42
CA ASP D 63 -8.39 16.33 -24.75
C ASP D 63 -8.79 16.34 -23.28
N GLY D 64 -8.40 17.40 -22.57
CA GLY D 64 -8.72 17.55 -21.16
C GLY D 64 -10.07 16.93 -20.79
N LEU D 65 -11.12 17.39 -21.45
CA LEU D 65 -12.46 16.88 -21.20
C LEU D 65 -12.99 16.19 -22.45
N LEU D 66 -13.54 14.99 -22.29
CA LEU D 66 -14.06 14.24 -23.41
C LEU D 66 -15.58 14.43 -23.51
N TYR D 67 -16.03 14.79 -24.71
CA TYR D 67 -17.46 15.00 -24.96
C TYR D 67 -17.77 14.78 -26.44
N GLY D 68 -19.04 14.87 -26.80
CA GLY D 68 -19.44 14.68 -28.17
C GLY D 68 -20.94 14.92 -28.36
N SER D 69 -21.31 15.47 -29.50
CA SER D 69 -22.71 15.74 -29.79
C SER D 69 -22.86 16.59 -31.06
N GLN D 70 -22.32 17.80 -31.03
CA GLN D 70 -22.43 18.72 -32.16
C GLN D 70 -21.76 18.19 -33.43
N THR D 71 -20.43 18.16 -33.44
CA THR D 71 -19.70 17.70 -34.62
C THR D 71 -18.45 16.89 -34.26
N PRO D 72 -18.10 15.89 -35.10
CA PRO D 72 -16.91 15.05 -34.88
C PRO D 72 -15.64 15.80 -35.26
N ASN D 73 -15.26 16.77 -34.45
CA ASN D 73 -14.07 17.56 -34.71
C ASN D 73 -12.81 16.70 -34.64
N GLU D 74 -11.74 17.16 -35.30
CA GLU D 74 -10.46 16.40 -35.32
C GLU D 74 -10.12 15.87 -33.93
N GLU D 75 -10.51 16.60 -32.90
CA GLU D 75 -10.28 16.16 -31.51
C GLU D 75 -10.70 14.69 -31.33
N CYS D 76 -11.65 14.23 -32.15
CA CYS D 76 -12.15 12.88 -32.07
C CYS D 76 -11.28 11.85 -32.82
N LEU D 77 -10.16 12.27 -33.39
CA LEU D 77 -9.28 11.33 -34.09
C LEU D 77 -8.26 10.76 -33.13
N PHE D 78 -8.27 9.44 -32.97
CA PHE D 78 -7.35 8.77 -32.06
C PHE D 78 -6.59 7.64 -32.74
N LEU D 79 -5.34 7.44 -32.33
CA LEU D 79 -4.50 6.39 -32.88
C LEU D 79 -4.80 5.07 -32.16
N GLU D 80 -5.14 4.04 -32.92
CA GLU D 80 -5.47 2.73 -32.37
C GLU D 80 -4.22 2.01 -31.89
N ARG D 81 -4.14 1.77 -30.58
CA ARG D 81 -3.01 1.06 -29.99
C ARG D 81 -3.52 -0.07 -29.10
N LEU D 82 -2.75 -1.13 -28.97
CA LEU D 82 -3.13 -2.28 -28.15
C LEU D 82 -2.09 -2.55 -27.07
N GLU D 83 -2.55 -2.90 -25.87
CA GLU D 83 -1.66 -3.19 -24.77
C GLU D 83 -1.75 -4.67 -24.41
N GLU D 84 -0.62 -5.27 -24.07
CA GLU D 84 -0.58 -6.69 -23.70
C GLU D 84 -1.19 -6.89 -22.31
N ASN D 85 -2.41 -6.40 -22.13
CA ASN D 85 -3.13 -6.50 -20.87
C ASN D 85 -4.62 -6.71 -21.13
N HIS D 86 -4.95 -7.19 -22.33
CA HIS D 86 -6.34 -7.42 -22.72
C HIS D 86 -7.12 -6.11 -22.71
N TYR D 87 -6.52 -5.06 -23.23
CA TYR D 87 -7.16 -3.74 -23.30
C TYR D 87 -6.72 -2.97 -24.53
N ASN D 88 -7.57 -2.05 -24.98
CA ASN D 88 -7.31 -1.23 -26.15
C ASN D 88 -6.87 0.16 -25.72
N THR D 89 -5.99 0.77 -26.51
CA THR D 89 -5.48 2.09 -26.24
C THR D 89 -5.71 3.00 -27.44
N TYR D 90 -6.16 4.22 -27.20
CA TYR D 90 -6.42 5.18 -28.27
C TYR D 90 -5.72 6.49 -27.96
N ILE D 91 -4.77 6.87 -28.80
CA ILE D 91 -4.02 8.10 -28.60
C ILE D 91 -4.63 9.26 -29.37
N SER D 92 -5.10 10.27 -28.64
CA SER D 92 -5.69 11.45 -29.26
C SER D 92 -4.60 12.25 -29.98
N LYS D 93 -4.24 11.80 -31.18
CA LYS D 93 -3.20 12.47 -31.97
C LYS D 93 -3.35 13.98 -31.94
N LYS D 94 -4.61 14.45 -31.89
CA LYS D 94 -4.88 15.88 -31.84
C LYS D 94 -4.12 16.54 -30.67
N HIS D 95 -3.86 15.76 -29.62
CA HIS D 95 -3.13 16.27 -28.45
C HIS D 95 -1.94 15.37 -28.09
N ALA D 96 -1.62 14.43 -28.97
CA ALA D 96 -0.50 13.51 -28.74
C ALA D 96 0.77 14.31 -28.39
N GLU D 97 0.87 15.51 -28.96
CA GLU D 97 2.00 16.39 -28.72
C GLU D 97 2.27 16.54 -27.22
N LYS D 98 1.22 16.53 -26.41
CA LYS D 98 1.36 16.68 -24.95
C LYS D 98 1.32 15.32 -24.24
N ASN D 99 1.46 14.25 -25.01
CA ASN D 99 1.42 12.88 -24.50
C ASN D 99 0.07 12.59 -23.84
N TRP D 100 -0.98 13.08 -24.47
CA TRP D 100 -2.34 12.90 -23.96
C TRP D 100 -3.14 11.92 -24.82
N PHE D 101 -3.64 10.86 -24.19
CA PHE D 101 -4.46 9.88 -24.88
C PHE D 101 -5.73 9.55 -24.09
N VAL D 102 -6.89 9.82 -24.73
CA VAL D 102 -8.24 9.64 -24.20
C VAL D 102 -8.32 8.73 -22.96
N GLY D 103 -8.84 9.29 -21.87
CA GLY D 103 -9.01 8.56 -20.64
C GLY D 103 -10.33 8.93 -19.96
N LEU D 104 -11.10 7.93 -19.55
CA LEU D 104 -12.39 8.17 -18.90
C LEU D 104 -12.44 7.62 -17.48
N LYS D 105 -13.39 8.13 -16.70
CA LYS D 105 -13.57 7.69 -15.32
C LYS D 105 -14.78 6.78 -15.24
N LYS D 106 -14.52 5.48 -15.09
CA LYS D 106 -15.58 4.46 -14.99
C LYS D 106 -16.74 4.92 -14.12
N ASN D 107 -16.42 5.53 -12.98
CA ASN D 107 -17.44 6.01 -12.05
C ASN D 107 -17.48 7.53 -12.02
N GLY D 108 -17.27 8.15 -13.18
CA GLY D 108 -17.29 9.60 -13.25
C GLY D 108 -17.75 10.13 -14.61
N SER D 109 -17.09 9.63 -15.66
CA SER D 109 -17.37 10.01 -17.06
C SER D 109 -16.04 10.18 -17.80
N CYS D 110 -16.11 10.44 -19.09
CA CYS D 110 -14.92 10.60 -19.90
C CYS D 110 -14.41 12.05 -19.83
N LYS D 111 -13.37 12.28 -19.03
CA LYS D 111 -12.79 13.60 -18.87
C LYS D 111 -11.61 13.57 -17.90
N ARG D 112 -10.46 13.11 -18.40
CA ARG D 112 -9.25 13.00 -17.58
C ARG D 112 -8.01 13.27 -18.43
N GLY D 113 -8.17 14.15 -19.42
CA GLY D 113 -7.08 14.51 -20.32
C GLY D 113 -5.80 14.98 -19.63
N PRO D 114 -5.86 15.85 -18.59
CA PRO D 114 -4.66 16.33 -17.90
C PRO D 114 -3.96 15.23 -17.08
N ARG D 115 -4.52 14.02 -17.09
CA ARG D 115 -3.95 12.90 -16.35
C ARG D 115 -3.84 11.64 -17.22
N THR D 116 -3.78 11.83 -18.54
CA THR D 116 -3.70 10.69 -19.46
C THR D 116 -2.26 10.29 -19.77
N HIS D 117 -1.75 9.30 -19.01
CA HIS D 117 -0.40 8.80 -19.21
C HIS D 117 -0.21 7.48 -18.44
N TYR D 118 0.98 7.25 -17.90
CA TYR D 118 1.25 6.03 -17.16
C TYR D 118 0.92 6.20 -15.67
N GLY D 119 -0.31 6.66 -15.42
CA GLY D 119 -0.78 6.86 -14.07
C GLY D 119 -2.20 6.36 -13.94
N GLN D 120 -3.08 6.88 -14.80
CA GLN D 120 -4.47 6.48 -14.83
C GLN D 120 -4.61 5.28 -15.77
N LYS D 121 -4.95 4.13 -15.21
CA LYS D 121 -5.07 2.90 -15.97
C LYS D 121 -6.35 2.89 -16.81
N ALA D 122 -7.29 3.75 -16.46
CA ALA D 122 -8.56 3.87 -17.19
C ALA D 122 -8.36 4.04 -18.70
N ILE D 123 -7.14 4.41 -19.10
CA ILE D 123 -6.81 4.58 -20.51
C ILE D 123 -6.88 3.23 -21.25
N LEU D 124 -6.69 2.13 -20.52
CA LEU D 124 -6.75 0.80 -21.10
C LEU D 124 -8.19 0.33 -21.18
N PHE D 125 -8.85 0.65 -22.28
CA PHE D 125 -10.25 0.30 -22.48
C PHE D 125 -10.43 -1.16 -22.90
N LEU D 126 -11.53 -1.75 -22.48
CA LEU D 126 -11.85 -3.13 -22.82
C LEU D 126 -13.04 -3.13 -23.80
N PRO D 127 -12.77 -3.44 -25.07
CA PRO D 127 -13.80 -3.45 -26.10
C PRO D 127 -14.54 -4.78 -26.22
N LEU D 128 -15.84 -4.70 -26.48
CA LEU D 128 -16.69 -5.87 -26.65
C LEU D 128 -17.54 -5.73 -27.92
N PRO D 129 -16.92 -5.34 -29.05
CA PRO D 129 -17.62 -5.15 -30.32
C PRO D 129 -17.88 -6.45 -31.08
N VAL D 130 -18.93 -6.44 -31.88
CA VAL D 130 -19.29 -7.60 -32.68
C VAL D 130 -18.41 -7.66 -33.94
N SER D 131 -17.26 -8.30 -33.81
CA SER D 131 -16.32 -8.44 -34.91
C SER D 131 -16.87 -9.37 -36.00
N SER D 132 -16.11 -9.52 -37.07
CA SER D 132 -16.49 -10.38 -38.17
C SER D 132 -15.59 -11.61 -38.22
N ASP D 133 -15.70 -12.43 -37.17
CA ASP D 133 -14.89 -13.65 -37.06
C ASP D 133 -15.66 -14.85 -37.60
N TYR A 1 -17.04 -30.89 27.09
CA TYR A 1 -16.17 -32.07 26.80
C TYR A 1 -14.71 -31.64 26.74
N LYS A 2 -14.17 -31.18 27.89
CA LYS A 2 -12.79 -30.72 27.94
C LYS A 2 -11.85 -31.78 27.34
N LYS A 3 -11.31 -31.46 26.18
CA LYS A 3 -10.41 -32.35 25.46
C LYS A 3 -9.54 -31.56 24.48
N PRO A 4 -8.73 -32.23 23.64
CA PRO A 4 -7.86 -31.62 22.65
C PRO A 4 -8.23 -30.17 22.30
N LYS A 5 -7.44 -29.24 22.82
CA LYS A 5 -7.68 -27.82 22.56
C LYS A 5 -6.78 -27.36 21.42
N LEU A 6 -7.37 -27.15 20.25
CA LEU A 6 -6.62 -26.70 19.08
C LEU A 6 -6.44 -25.19 19.12
N LEU A 7 -5.23 -24.73 18.82
CA LEU A 7 -4.93 -23.30 18.83
C LEU A 7 -3.94 -22.95 17.72
N TYR A 8 -4.21 -21.85 17.02
CA TYR A 8 -3.33 -21.39 15.94
C TYR A 8 -3.56 -19.90 15.69
N CYS A 9 -2.75 -19.29 14.84
CA CYS A 9 -2.90 -17.86 14.55
C CYS A 9 -2.48 -17.55 13.11
N SER A 10 -2.85 -16.35 12.65
CA SER A 10 -2.55 -15.89 11.30
C SER A 10 -3.48 -16.56 10.31
N ASN A 11 -4.25 -15.75 9.59
CA ASN A 11 -5.18 -16.28 8.60
C ASN A 11 -4.49 -17.27 7.67
N GLY A 12 -5.05 -18.46 7.57
CA GLY A 12 -4.48 -19.49 6.72
C GLY A 12 -4.42 -20.83 7.42
N GLY A 13 -4.77 -21.88 6.68
CA GLY A 13 -4.75 -23.22 7.23
C GLY A 13 -3.40 -23.58 7.83
N HIS A 14 -3.32 -23.58 9.16
CA HIS A 14 -2.10 -23.92 9.89
C HIS A 14 -2.43 -24.16 11.36
N PHE A 15 -2.11 -25.37 11.85
CA PHE A 15 -2.39 -25.72 13.23
C PHE A 15 -1.10 -26.01 13.99
N LEU A 16 -1.09 -25.74 15.28
CA LEU A 16 0.08 -25.98 16.11
C LEU A 16 0.26 -27.48 16.36
N ARG A 17 1.16 -28.12 15.60
CA ARG A 17 1.40 -29.54 15.76
C ARG A 17 2.59 -29.76 16.69
N ILE A 18 2.31 -30.24 17.90
CA ILE A 18 3.33 -30.48 18.90
C ILE A 18 3.89 -31.90 18.79
N LEU A 19 5.19 -32.02 19.02
CA LEU A 19 5.87 -33.30 18.96
C LEU A 19 6.72 -33.48 20.22
N PRO A 20 6.75 -34.70 20.79
CA PRO A 20 7.52 -35.01 22.00
C PRO A 20 8.95 -34.44 21.95
N ASP A 21 9.48 -34.35 20.73
CA ASP A 21 10.82 -33.81 20.51
C ASP A 21 10.91 -32.37 21.02
N GLY A 22 9.89 -31.59 20.73
CA GLY A 22 9.88 -30.20 21.15
C GLY A 22 9.66 -29.24 19.98
N THR A 23 10.16 -29.63 18.80
CA THR A 23 10.03 -28.79 17.61
C THR A 23 8.58 -28.79 17.10
N VAL A 24 7.78 -27.91 17.67
CA VAL A 24 6.38 -27.77 17.27
C VAL A 24 6.26 -26.80 16.09
N ASP A 25 5.53 -27.20 15.06
CA ASP A 25 5.34 -26.37 13.88
C ASP A 25 3.86 -26.16 13.57
N GLY A 26 3.57 -25.20 12.70
CA GLY A 26 2.20 -24.91 12.33
C GLY A 26 1.71 -25.80 11.20
N THR A 27 1.60 -27.09 11.48
CA THR A 27 1.13 -28.06 10.49
C THR A 27 -0.34 -27.83 10.16
N ARG A 28 -0.66 -27.74 8.88
CA ARG A 28 -2.04 -27.54 8.47
C ARG A 28 -2.70 -28.88 8.17
N ASP A 29 -2.89 -29.67 9.22
CA ASP A 29 -3.51 -30.99 9.09
C ASP A 29 -4.28 -31.35 10.35
N ARG A 30 -5.31 -32.17 10.19
CA ARG A 30 -6.12 -32.61 11.32
C ARG A 30 -6.37 -34.12 11.24
N SER A 31 -5.49 -34.82 10.52
CA SER A 31 -5.59 -36.26 10.35
C SER A 31 -4.83 -36.98 11.45
N ASP A 32 -3.62 -36.48 11.75
CA ASP A 32 -2.79 -37.06 12.78
C ASP A 32 -2.98 -36.33 14.10
N GLN A 33 -3.29 -37.08 15.16
CA GLN A 33 -3.51 -36.48 16.48
C GLN A 33 -2.21 -35.92 17.06
N HIS A 34 -1.79 -34.77 16.56
CA HIS A 34 -0.59 -34.11 17.07
C HIS A 34 -0.73 -32.59 17.07
N ILE A 35 -1.97 -32.10 16.96
CA ILE A 35 -2.24 -30.66 16.94
C ILE A 35 -3.27 -30.30 18.01
N GLN A 36 -3.10 -30.88 19.20
CA GLN A 36 -4.01 -30.64 20.30
C GLN A 36 -3.26 -30.51 21.62
N LEU A 37 -3.60 -29.49 22.38
CA LEU A 37 -2.98 -29.24 23.67
C LEU A 37 -4.06 -29.08 24.74
N GLN A 38 -3.72 -29.38 25.99
CA GLN A 38 -4.68 -29.25 27.07
C GLN A 38 -4.63 -27.85 27.67
N LEU A 39 -5.15 -26.88 26.93
CA LEU A 39 -5.20 -25.50 27.38
C LEU A 39 -6.28 -25.32 28.45
N SER A 40 -5.91 -24.74 29.57
CA SER A 40 -6.84 -24.52 30.67
C SER A 40 -6.32 -23.43 31.61
N ALA A 41 -7.24 -22.79 32.33
CA ALA A 41 -6.88 -21.75 33.28
C ALA A 41 -6.51 -22.39 34.61
N GLU A 42 -5.21 -22.47 34.89
CA GLU A 42 -4.72 -23.08 36.12
C GLU A 42 -5.03 -22.17 37.31
N SER A 43 -4.59 -20.93 37.22
CA SER A 43 -4.81 -19.95 38.28
C SER A 43 -5.67 -18.80 37.75
N VAL A 44 -6.06 -17.89 38.63
CA VAL A 44 -6.88 -16.74 38.24
C VAL A 44 -6.26 -15.99 37.06
N GLY A 45 -6.68 -16.34 35.86
CA GLY A 45 -6.15 -15.70 34.66
C GLY A 45 -4.93 -16.39 34.09
N GLU A 46 -4.30 -17.27 34.87
CA GLU A 46 -3.11 -17.96 34.43
C GLU A 46 -3.47 -19.25 33.71
N VAL A 47 -3.27 -19.27 32.39
CA VAL A 47 -3.57 -20.44 31.59
C VAL A 47 -2.29 -21.17 31.21
N TYR A 48 -2.35 -22.49 31.18
CA TYR A 48 -1.19 -23.30 30.83
C TYR A 48 -1.42 -24.06 29.54
N ILE A 49 -0.34 -24.28 28.79
CA ILE A 49 -0.40 -25.00 27.54
C ILE A 49 0.37 -26.31 27.67
N LYS A 50 -0.35 -27.40 27.82
CA LYS A 50 0.26 -28.71 27.98
C LYS A 50 -0.38 -29.73 27.04
N SER A 51 0.39 -30.20 26.07
CA SER A 51 -0.10 -31.18 25.12
C SER A 51 0.00 -32.59 25.72
N THR A 52 -0.70 -32.77 26.84
CA THR A 52 -0.69 -34.04 27.56
C THR A 52 -1.05 -35.23 26.68
N GLU A 53 -2.31 -35.32 26.27
CA GLU A 53 -2.78 -36.42 25.45
C GLU A 53 -2.47 -36.23 23.98
N THR A 54 -1.18 -36.03 23.65
CA THR A 54 -0.78 -35.84 22.26
C THR A 54 0.71 -35.51 22.11
N GLY A 55 1.25 -34.66 22.99
CA GLY A 55 2.64 -34.31 22.87
C GLY A 55 3.36 -34.16 24.19
N GLN A 56 3.71 -32.93 24.54
CA GLN A 56 4.45 -32.64 25.74
C GLN A 56 4.02 -31.31 26.37
N TYR A 57 4.69 -30.93 27.45
CA TYR A 57 4.41 -29.68 28.17
C TYR A 57 5.28 -28.58 27.59
N LEU A 58 4.77 -27.36 27.53
CA LEU A 58 5.52 -26.24 26.99
C LEU A 58 6.46 -25.65 28.04
N ALA A 59 7.53 -25.02 27.55
CA ALA A 59 8.54 -24.39 28.39
C ALA A 59 9.31 -23.37 27.57
N MET A 60 8.76 -22.17 27.47
CA MET A 60 9.37 -21.09 26.69
C MET A 60 10.82 -20.86 27.08
N ASP A 61 11.64 -20.54 26.09
CA ASP A 61 13.05 -20.26 26.31
C ASP A 61 13.23 -18.77 26.49
N THR A 62 12.99 -18.30 27.71
CA THR A 62 13.11 -16.89 28.02
C THR A 62 12.13 -16.08 27.16
N ASP A 63 10.97 -16.67 26.87
CA ASP A 63 9.94 -16.04 26.02
C ASP A 63 10.42 -15.96 24.57
N GLY A 64 11.62 -15.38 24.38
CA GLY A 64 12.21 -15.25 23.06
C GLY A 64 11.85 -16.39 22.14
N LEU A 65 12.18 -17.61 22.55
CA LEU A 65 11.88 -18.80 21.77
C LEU A 65 10.88 -19.68 22.51
N LEU A 66 9.85 -20.13 21.81
CA LEU A 66 8.84 -20.96 22.43
C LEU A 66 9.11 -22.45 22.13
N TYR A 67 9.13 -23.25 23.18
CA TYR A 67 9.38 -24.68 23.04
C TYR A 67 8.73 -25.45 24.21
N GLY A 68 8.83 -26.76 24.17
CA GLY A 68 8.26 -27.58 25.23
C GLY A 68 8.55 -29.05 25.02
N SER A 69 8.77 -29.78 26.10
CA SER A 69 9.05 -31.21 26.03
C SER A 69 9.48 -31.77 27.39
N GLN A 70 10.60 -31.26 27.90
CA GLN A 70 11.14 -31.74 29.18
C GLN A 70 10.19 -31.48 30.36
N THR A 71 10.05 -30.22 30.76
CA THR A 71 9.20 -29.89 31.91
C THR A 71 8.43 -28.59 31.69
N PRO A 72 7.20 -28.49 32.25
CA PRO A 72 6.37 -27.29 32.14
C PRO A 72 6.85 -26.21 33.12
N ASN A 73 8.00 -25.63 32.80
CA ASN A 73 8.57 -24.57 33.64
C ASN A 73 7.66 -23.35 33.70
N GLU A 74 7.81 -22.54 34.75
CA GLU A 74 6.99 -21.33 34.93
C GLU A 74 6.86 -20.55 33.61
N GLU A 75 7.91 -20.61 32.79
CA GLU A 75 7.89 -19.95 31.48
C GLU A 75 6.59 -20.27 30.72
N CYS A 76 5.99 -21.42 31.03
CA CYS A 76 4.76 -21.86 30.38
C CYS A 76 3.49 -21.24 30.99
N LEU A 77 3.62 -20.37 31.99
CA LEU A 77 2.45 -19.74 32.60
C LEU A 77 2.10 -18.45 31.85
N PHE A 78 0.90 -18.39 31.28
CA PHE A 78 0.47 -17.22 30.53
C PHE A 78 -0.88 -16.68 31.03
N LEU A 79 -1.04 -15.38 30.98
CA LEU A 79 -2.28 -14.73 31.39
C LEU A 79 -3.29 -14.77 30.24
N GLU A 80 -4.47 -15.31 30.50
CA GLU A 80 -5.51 -15.43 29.49
C GLU A 80 -6.17 -14.08 29.21
N ARG A 81 -6.00 -13.59 27.98
CA ARG A 81 -6.58 -12.32 27.56
C ARG A 81 -7.35 -12.51 26.25
N LEU A 82 -8.38 -11.70 26.04
CA LEU A 82 -9.19 -11.79 24.84
C LEU A 82 -9.20 -10.46 24.09
N GLU A 83 -9.13 -10.53 22.77
CA GLU A 83 -9.16 -9.32 21.94
C GLU A 83 -10.44 -9.27 21.13
N GLU A 84 -11.01 -8.08 20.98
CA GLU A 84 -12.24 -7.90 20.21
C GLU A 84 -11.97 -8.04 18.72
N ASN A 85 -11.34 -9.15 18.35
CA ASN A 85 -10.99 -9.43 16.95
C ASN A 85 -11.14 -10.93 16.67
N HIS A 86 -11.94 -11.61 17.50
CA HIS A 86 -12.16 -13.05 17.36
C HIS A 86 -10.85 -13.82 17.52
N TYR A 87 -10.06 -13.42 18.51
CA TYR A 87 -8.77 -14.07 18.78
C TYR A 87 -8.45 -14.06 20.27
N ASN A 88 -7.65 -15.02 20.70
CA ASN A 88 -7.24 -15.16 22.08
C ASN A 88 -5.83 -14.62 22.29
N THR A 89 -5.57 -14.04 23.44
CA THR A 89 -4.26 -13.50 23.77
C THR A 89 -3.75 -14.12 25.07
N TYR A 90 -2.47 -14.48 25.09
CA TYR A 90 -1.87 -15.08 26.28
C TYR A 90 -0.58 -14.35 26.63
N ILE A 91 -0.57 -13.72 27.79
CA ILE A 91 0.60 -12.96 28.22
C ILE A 91 1.52 -13.80 29.10
N SER A 92 2.74 -14.04 28.62
CA SER A 92 3.72 -14.81 29.37
C SER A 92 4.17 -14.01 30.59
N LYS A 93 3.36 -14.04 31.64
CA LYS A 93 3.65 -13.32 32.88
C LYS A 93 5.12 -13.48 33.27
N LYS A 94 5.67 -14.66 33.00
CA LYS A 94 7.08 -14.93 33.31
C LYS A 94 7.99 -13.86 32.71
N HIS A 95 7.54 -13.25 31.60
CA HIS A 95 8.32 -12.21 30.93
C HIS A 95 7.48 -10.94 30.68
N ALA A 96 6.29 -10.90 31.28
CA ALA A 96 5.40 -9.76 31.11
C ALA A 96 6.15 -8.46 31.44
N GLU A 97 7.11 -8.56 32.36
CA GLU A 97 7.93 -7.42 32.75
C GLU A 97 8.51 -6.70 31.54
N LYS A 98 8.82 -7.46 30.49
CA LYS A 98 9.36 -6.88 29.26
C LYS A 98 8.25 -6.66 28.23
N ASN A 99 7.01 -6.75 28.66
CA ASN A 99 5.85 -6.57 27.79
C ASN A 99 5.85 -7.61 26.67
N TRP A 100 6.27 -8.81 27.01
CA TRP A 100 6.34 -9.90 26.05
C TRP A 100 5.22 -10.92 26.27
N PHE A 101 4.53 -11.26 25.20
CA PHE A 101 3.43 -12.23 25.26
C PHE A 101 3.48 -13.17 24.05
N VAL A 102 3.62 -14.48 24.37
CA VAL A 102 3.73 -15.60 23.41
C VAL A 102 3.26 -15.25 21.99
N GLY A 103 4.17 -15.41 21.04
CA GLY A 103 3.87 -15.16 19.63
C GLY A 103 4.54 -16.20 18.74
N LEU A 104 3.79 -16.77 17.80
CA LEU A 104 4.34 -17.79 16.92
C LEU A 104 4.25 -17.37 15.45
N LYS A 105 5.07 -18.03 14.62
CA LYS A 105 5.09 -17.76 13.20
C LYS A 105 4.35 -18.86 12.44
N LYS A 106 3.15 -18.55 11.98
CA LYS A 106 2.30 -19.51 11.25
C LYS A 106 3.12 -20.33 10.24
N ASN A 107 4.00 -19.66 9.52
CA ASN A 107 4.84 -20.34 8.52
C ASN A 107 6.29 -20.39 8.97
N GLY A 108 6.52 -20.58 10.27
CA GLY A 108 7.87 -20.64 10.80
C GLY A 108 7.98 -21.51 12.03
N SER A 109 7.14 -21.23 13.02
CA SER A 109 7.09 -21.95 14.30
C SER A 109 6.90 -20.92 15.44
N CYS A 110 6.75 -21.41 16.66
CA CYS A 110 6.56 -20.54 17.81
C CYS A 110 7.90 -20.07 18.36
N LYS A 111 8.27 -18.83 18.03
CA LYS A 111 9.53 -18.24 18.50
C LYS A 111 9.69 -16.82 17.98
N ARG A 112 9.01 -15.90 18.65
CA ARG A 112 9.04 -14.50 18.29
C ARG A 112 9.00 -13.61 19.52
N GLY A 113 9.60 -14.08 20.62
CA GLY A 113 9.63 -13.29 21.86
C GLY A 113 10.12 -11.88 21.65
N PRO A 114 11.28 -11.65 20.99
CA PRO A 114 11.76 -10.27 20.73
C PRO A 114 10.73 -9.43 19.97
N ARG A 115 9.76 -10.12 19.36
CA ARG A 115 8.69 -9.47 18.59
C ARG A 115 7.30 -9.85 19.15
N THR A 116 7.20 -10.05 20.47
CA THR A 116 5.90 -10.41 21.08
C THR A 116 5.23 -9.20 21.71
N HIS A 117 5.35 -8.05 21.07
CA HIS A 117 4.72 -6.83 21.57
C HIS A 117 3.72 -6.34 20.52
N TYR A 118 3.28 -5.09 20.61
CA TYR A 118 2.32 -4.56 19.65
C TYR A 118 3.01 -4.27 18.31
N GLY A 119 2.91 -5.23 17.40
CA GLY A 119 3.50 -5.12 16.09
C GLY A 119 3.18 -6.33 15.26
N GLN A 120 3.40 -7.51 15.86
CA GLN A 120 3.10 -8.77 15.21
C GLN A 120 1.71 -9.20 15.63
N LYS A 121 0.84 -9.41 14.65
CA LYS A 121 -0.55 -9.78 14.92
C LYS A 121 -0.66 -11.27 15.27
N ALA A 122 0.37 -12.05 14.89
CA ALA A 122 0.41 -13.49 15.17
C ALA A 122 0.12 -13.81 16.65
N ILE A 123 0.22 -12.80 17.51
CA ILE A 123 -0.05 -12.99 18.93
C ILE A 123 -1.54 -13.24 19.19
N LEU A 124 -2.38 -12.83 18.24
CA LEU A 124 -3.82 -13.05 18.35
C LEU A 124 -4.17 -14.42 17.82
N PHE A 125 -4.13 -15.41 18.72
CA PHE A 125 -4.42 -16.80 18.36
C PHE A 125 -5.91 -17.07 18.25
N LEU A 126 -6.27 -17.97 17.35
CA LEU A 126 -7.65 -18.37 17.13
C LEU A 126 -7.84 -19.79 17.66
N PRO A 127 -8.52 -19.95 18.80
CA PRO A 127 -8.76 -21.25 19.41
C PRO A 127 -10.00 -21.97 18.88
N LEU A 128 -9.89 -23.29 18.74
CA LEU A 128 -10.99 -24.12 18.27
C LEU A 128 -11.15 -25.33 19.20
N PRO A 129 -11.17 -25.10 20.53
CA PRO A 129 -11.30 -26.17 21.52
C PRO A 129 -12.73 -26.64 21.73
N VAL A 130 -12.87 -27.89 22.14
CA VAL A 130 -14.19 -28.47 22.40
C VAL A 130 -14.68 -28.04 23.78
N SER A 131 -15.34 -26.89 23.83
CA SER A 131 -15.88 -26.35 25.06
C SER A 131 -17.03 -27.19 25.60
N SER A 132 -17.55 -26.81 26.76
CA SER A 132 -18.65 -27.52 27.38
C SER A 132 -19.92 -26.66 27.32
N ASP A 133 -20.39 -26.41 26.11
CA ASP A 133 -21.58 -25.59 25.88
C ASP A 133 -22.82 -26.47 25.77
N MET B 1 -17.87 -3.90 1.96
CA MET B 1 -18.48 -3.55 3.27
C MET B 1 -17.44 -2.94 4.20
N ALA B 2 -16.80 -3.78 5.00
CA ALA B 2 -15.76 -3.33 5.91
C ALA B 2 -14.41 -3.49 5.23
N ALA B 3 -13.34 -2.99 5.87
CA ALA B 3 -11.99 -3.08 5.31
C ALA B 3 -11.95 -2.20 4.06
N GLU B 4 -12.31 -0.94 4.24
CA GLU B 4 -12.35 0.02 3.14
C GLU B 4 -10.97 0.59 2.85
N PRO B 5 -10.63 0.71 1.55
CA PRO B 5 -9.33 1.25 1.12
C PRO B 5 -9.28 2.77 1.24
N LEU B 6 -8.18 3.26 1.80
CA LEU B 6 -7.98 4.69 1.98
C LEU B 6 -7.29 5.28 0.76
N THR B 7 -6.83 6.52 0.85
CA THR B 7 -6.14 7.15 -0.26
C THR B 7 -4.75 6.56 -0.43
N GLU B 8 -4.18 6.71 -1.62
CA GLU B 8 -2.86 6.18 -1.96
C GLU B 8 -1.77 6.62 -0.97
N LEU B 9 -1.90 7.83 -0.44
CA LEU B 9 -0.93 8.36 0.49
C LEU B 9 -1.11 7.79 1.90
N GLU B 10 -2.35 7.55 2.32
CA GLU B 10 -2.61 6.91 3.61
C GLU B 10 -2.09 5.47 3.59
N GLU B 11 -2.32 4.75 2.46
CA GLU B 11 -1.82 3.40 2.24
C GLU B 11 -0.31 3.36 2.51
N SER B 12 0.42 4.26 1.85
CA SER B 12 1.87 4.23 1.90
C SER B 12 2.45 4.69 3.24
N ILE B 13 1.86 5.69 3.93
CA ILE B 13 2.32 5.98 5.28
C ILE B 13 2.03 4.80 6.19
N GLU B 14 0.85 4.16 6.08
CA GLU B 14 0.57 3.01 6.92
C GLU B 14 1.63 1.93 6.72
N THR B 15 1.84 1.47 5.47
CA THR B 15 2.73 0.33 5.23
C THR B 15 4.13 0.53 5.85
N VAL B 16 4.67 1.75 5.79
CA VAL B 16 5.95 2.05 6.44
C VAL B 16 5.78 2.19 7.96
N VAL B 17 4.70 2.81 8.43
CA VAL B 17 4.41 2.93 9.86
C VAL B 17 4.31 1.56 10.52
N THR B 18 3.55 0.61 9.97
CA THR B 18 3.47 -0.72 10.54
C THR B 18 4.86 -1.39 10.58
N THR B 19 5.65 -1.29 9.50
CA THR B 19 6.99 -1.83 9.45
C THR B 19 7.85 -1.20 10.56
N PHE B 20 7.88 0.12 10.62
CA PHE B 20 8.47 0.87 11.73
C PHE B 20 8.04 0.25 13.06
N PHE B 21 6.73 0.14 13.27
CA PHE B 21 6.16 -0.37 14.52
C PHE B 21 6.55 -1.83 14.82
N THR B 22 6.86 -2.62 13.79
CA THR B 22 7.23 -4.01 13.99
C THR B 22 8.69 -4.14 14.45
N PHE B 23 9.31 -2.99 14.72
CA PHE B 23 10.70 -2.92 15.18
C PHE B 23 10.79 -2.00 16.41
N ALA B 24 9.90 -1.01 16.45
CA ALA B 24 9.84 -0.01 17.52
C ALA B 24 9.48 -0.66 18.85
N ARG B 25 8.67 -1.71 18.81
CA ARG B 25 8.23 -2.39 20.03
C ARG B 25 9.14 -3.53 20.48
N GLN B 26 10.33 -3.67 19.87
CA GLN B 26 11.25 -4.75 20.23
C GLN B 26 11.70 -4.62 21.69
N GLU B 27 12.27 -3.48 22.05
CA GLU B 27 12.75 -3.24 23.41
C GLU B 27 11.73 -2.41 24.21
N GLY B 28 12.24 -1.50 25.04
CA GLY B 28 11.38 -0.66 25.85
C GLY B 28 10.72 0.44 25.04
N ARG B 29 9.42 0.66 25.28
CA ARG B 29 8.64 1.69 24.59
C ARG B 29 8.44 1.35 23.12
N LYS B 30 7.19 1.21 22.69
CA LYS B 30 6.89 0.87 21.31
C LYS B 30 6.80 2.12 20.41
N ASP B 31 7.80 2.98 20.50
CA ASP B 31 7.84 4.19 19.69
C ASP B 31 9.30 4.40 19.26
N SER B 32 10.20 4.36 20.25
CA SER B 32 11.61 4.56 20.02
C SER B 32 12.28 3.25 19.58
N LEU B 33 13.14 3.35 18.57
CA LEU B 33 14.12 2.31 18.27
C LEU B 33 15.36 2.61 19.10
N SER B 34 15.79 1.70 19.97
CA SER B 34 17.12 1.80 20.55
C SER B 34 18.15 1.22 19.58
N VAL B 35 19.43 1.25 19.96
CA VAL B 35 20.55 0.97 19.05
C VAL B 35 20.37 -0.34 18.28
N ASN B 36 20.20 -1.47 19.00
CA ASN B 36 20.00 -2.79 18.36
C ASN B 36 18.76 -2.75 17.46
N GLU B 37 17.63 -2.39 18.08
CA GLU B 37 16.36 -2.17 17.40
C GLU B 37 16.54 -1.48 16.06
N PHE B 38 17.28 -0.37 16.06
CA PHE B 38 17.55 0.42 14.89
C PHE B 38 18.36 -0.41 13.89
N LYS B 39 19.48 -0.97 14.34
CA LYS B 39 20.33 -1.78 13.49
C LYS B 39 19.55 -2.93 12.83
N GLU B 40 18.57 -3.48 13.55
CA GLU B 40 17.74 -4.58 13.04
C GLU B 40 16.95 -4.20 11.78
N LEU B 41 16.58 -2.92 11.63
CA LEU B 41 15.82 -2.48 10.46
C LEU B 41 16.71 -2.63 9.24
N VAL B 42 17.89 -2.01 9.31
CA VAL B 42 18.79 -1.89 8.18
C VAL B 42 19.29 -3.28 7.81
N THR B 43 19.80 -4.01 8.80
CA THR B 43 20.38 -5.34 8.60
C THR B 43 19.40 -6.35 7.98
N GLN B 44 18.09 -6.18 8.20
CA GLN B 44 17.12 -7.12 7.68
C GLN B 44 16.46 -6.66 6.37
N GLN B 45 15.72 -5.56 6.43
CA GLN B 45 14.98 -5.09 5.26
C GLN B 45 15.71 -3.99 4.47
N LEU B 46 17.02 -3.86 4.61
CA LEU B 46 17.74 -2.84 3.84
C LEU B 46 19.17 -3.28 3.51
N PRO B 47 19.31 -4.19 2.53
CA PRO B 47 20.60 -4.71 2.11
C PRO B 47 21.18 -4.04 0.86
N HIS B 48 20.39 -3.23 0.17
CA HIS B 48 20.86 -2.58 -1.05
C HIS B 48 20.97 -1.07 -0.89
N LEU B 49 19.86 -0.42 -0.52
CA LEU B 49 19.80 1.03 -0.34
C LEU B 49 21.01 1.56 0.43
N LEU B 50 21.09 1.20 1.71
CA LEU B 50 22.19 1.54 2.61
C LEU B 50 22.93 0.25 2.91
N LYS B 51 23.77 -0.16 1.95
CA LYS B 51 24.56 -1.40 2.05
C LYS B 51 25.61 -1.35 3.17
N ASP B 52 25.59 -0.29 3.96
CA ASP B 52 26.52 -0.14 5.07
C ASP B 52 25.95 -0.75 6.34
N VAL B 53 26.08 -2.07 6.48
CA VAL B 53 25.58 -2.77 7.66
C VAL B 53 26.66 -2.86 8.73
N GLY B 54 27.66 -1.99 8.64
CA GLY B 54 28.73 -1.98 9.61
C GLY B 54 28.88 -0.64 10.30
N SER B 55 28.66 0.43 9.56
CA SER B 55 28.79 1.79 10.10
C SER B 55 27.41 2.36 10.48
N LEU B 56 26.61 1.55 11.16
CA LEU B 56 25.30 1.96 11.61
C LEU B 56 25.47 3.08 12.66
N ASP B 57 26.58 3.06 13.41
CA ASP B 57 26.95 4.11 14.34
C ASP B 57 26.92 5.48 13.65
N GLU B 58 27.53 5.62 12.47
CA GLU B 58 27.54 6.84 11.70
C GLU B 58 26.11 7.30 11.44
N LYS B 59 25.27 6.41 10.90
CA LYS B 59 23.87 6.75 10.66
C LYS B 59 23.25 7.22 11.98
N MET B 60 23.39 6.43 13.04
CA MET B 60 22.84 6.73 14.36
C MET B 60 23.20 8.15 14.77
N LYS B 61 24.50 8.49 14.79
CA LYS B 61 24.94 9.84 15.13
C LYS B 61 24.33 10.89 14.18
N SER B 62 24.30 10.59 12.88
CA SER B 62 23.71 11.50 11.89
C SER B 62 22.21 11.72 12.12
N LEU B 63 21.51 10.71 12.68
CA LEU B 63 20.08 10.71 12.92
C LEU B 63 19.76 11.34 14.28
N ASP B 64 20.23 10.71 15.36
CA ASP B 64 19.92 11.06 16.74
C ASP B 64 20.70 12.31 17.13
N VAL B 65 20.27 13.49 16.62
CA VAL B 65 20.94 14.76 16.84
C VAL B 65 21.26 15.03 18.32
N ASN B 66 20.36 14.63 19.22
CA ASN B 66 20.49 14.82 20.67
C ASN B 66 21.31 13.71 21.34
N GLN B 67 21.62 12.63 20.61
CA GLN B 67 22.41 11.50 21.08
C GLN B 67 21.91 10.99 22.43
N ASP B 68 20.60 10.72 22.51
CA ASP B 68 19.95 10.13 23.69
C ASP B 68 19.98 8.59 23.57
N SER B 69 20.35 8.05 22.40
CA SER B 69 20.32 6.61 22.11
C SER B 69 18.88 6.09 22.06
N GLU B 70 17.94 6.97 21.71
CA GLU B 70 16.60 6.66 21.30
C GLU B 70 16.33 7.45 20.04
N LEU B 71 16.06 6.79 18.92
CA LEU B 71 15.46 7.44 17.77
C LEU B 71 13.96 7.42 18.02
N LYS B 72 13.40 8.50 18.63
CA LYS B 72 11.96 8.71 18.71
C LYS B 72 11.34 8.60 17.31
N PHE B 73 10.02 8.41 17.21
CA PHE B 73 9.29 8.29 15.96
C PHE B 73 9.83 9.26 14.89
N ASN B 74 9.82 10.56 15.20
CA ASN B 74 10.23 11.61 14.27
C ASN B 74 11.74 11.57 13.98
N GLU B 75 12.56 11.16 14.94
CA GLU B 75 13.99 11.05 14.75
C GLU B 75 14.28 9.89 13.80
N TYR B 76 13.76 8.70 14.12
CA TYR B 76 13.83 7.51 13.29
C TYR B 76 13.40 7.86 11.88
N TRP B 77 12.22 8.50 11.77
CA TRP B 77 11.63 8.92 10.52
C TRP B 77 12.68 9.54 9.59
N ARG B 78 13.66 10.32 10.09
CA ARG B 78 14.77 10.85 9.29
C ARG B 78 15.29 9.83 8.27
N LEU B 79 15.58 8.60 8.73
CA LEU B 79 16.08 7.54 7.88
C LEU B 79 15.26 7.44 6.60
N ILE B 80 13.93 7.50 6.70
CA ILE B 80 13.03 7.29 5.57
C ILE B 80 13.31 8.35 4.49
N GLY B 81 13.84 9.50 4.90
CA GLY B 81 14.18 10.58 4.01
C GLY B 81 15.42 10.23 3.24
N GLU B 82 16.37 9.68 3.96
CA GLU B 82 17.66 9.33 3.43
C GLU B 82 17.42 8.15 2.48
N LEU B 83 16.47 7.27 2.80
CA LEU B 83 16.02 6.20 1.91
C LEU B 83 15.38 6.78 0.63
N ALA B 84 14.31 7.57 0.80
CA ALA B 84 13.54 8.18 -0.27
C ALA B 84 14.41 9.09 -1.15
N LYS B 85 15.48 9.61 -0.56
CA LYS B 85 16.50 10.34 -1.27
C LYS B 85 17.37 9.32 -2.02
N GLU B 86 18.05 8.40 -1.33
CA GLU B 86 18.95 7.39 -1.91
C GLU B 86 18.36 6.72 -3.15
N ILE B 87 17.10 6.25 -3.10
CA ILE B 87 16.50 5.58 -4.25
C ILE B 87 16.61 6.39 -5.56
N ARG B 88 16.56 7.73 -5.47
CA ARG B 88 16.78 8.63 -6.59
C ARG B 88 18.28 8.96 -6.66
N LYS B 89 18.83 9.43 -5.55
CA LYS B 89 20.13 10.06 -5.42
C LYS B 89 21.27 9.12 -5.75
N LYS B 90 21.11 7.80 -5.62
CA LYS B 90 21.92 7.04 -4.68
C LYS B 90 23.35 7.59 -4.52
N LYS B 91 24.21 7.52 -5.54
CA LYS B 91 25.57 8.07 -5.49
C LYS B 91 25.83 8.91 -6.75
N ASP B 92 24.86 9.78 -7.09
CA ASP B 92 24.82 10.75 -8.20
C ASP B 92 25.99 11.73 -8.07
N LEU B 93 27.17 11.22 -8.39
CA LEU B 93 28.46 11.82 -8.15
C LEU B 93 29.48 10.87 -8.80
N LYS B 94 29.42 9.58 -8.47
CA LYS B 94 30.22 8.53 -9.09
C LYS B 94 29.32 7.48 -9.77
N ILE B 95 28.23 7.05 -9.13
CA ILE B 95 27.43 5.89 -9.54
C ILE B 95 25.94 6.21 -9.36
N ARG B 96 25.11 6.36 -10.42
CA ARG B 96 25.33 6.48 -11.85
C ARG B 96 24.00 6.68 -12.60
N MET C 1 17.10 5.36 -16.75
CA MET C 1 15.83 5.88 -17.27
C MET C 1 14.70 5.53 -16.29
N ALA C 2 14.48 4.24 -16.00
CA ALA C 2 13.47 3.81 -15.03
C ALA C 2 13.55 2.30 -14.73
N ALA C 3 13.81 1.94 -13.48
CA ALA C 3 13.25 0.78 -12.75
C ALA C 3 12.82 -0.48 -13.53
N GLU C 4 13.66 -1.53 -13.56
CA GLU C 4 13.23 -2.93 -13.50
C GLU C 4 13.01 -3.30 -12.00
N PRO C 5 12.71 -4.60 -11.63
CA PRO C 5 12.45 -5.07 -10.26
C PRO C 5 13.05 -4.25 -9.12
N LEU C 6 12.25 -4.13 -8.06
CA LEU C 6 12.63 -3.41 -6.84
C LEU C 6 12.40 -4.33 -5.63
N THR C 7 11.50 -3.94 -4.73
CA THR C 7 11.18 -4.76 -3.55
C THR C 7 9.75 -4.46 -3.06
N GLU C 8 9.37 -5.06 -1.93
CA GLU C 8 8.02 -4.87 -1.37
C GLU C 8 7.75 -3.41 -0.97
N LEU C 9 8.67 -2.82 -0.20
CA LEU C 9 8.49 -1.43 0.25
C LEU C 9 8.84 -0.43 -0.85
N GLU C 10 9.56 -0.89 -1.87
CA GLU C 10 9.94 -0.04 -2.99
C GLU C 10 8.72 0.20 -3.90
N GLU C 11 7.80 -0.78 -3.95
CA GLU C 11 6.55 -0.61 -4.69
C GLU C 11 5.79 0.61 -4.17
N SER C 12 5.59 0.66 -2.85
CA SER C 12 4.73 1.66 -2.24
C SER C 12 5.33 3.07 -2.26
N ILE C 13 6.66 3.22 -2.36
CA ILE C 13 7.25 4.51 -2.73
C ILE C 13 7.08 4.78 -4.23
N GLU C 14 7.12 3.75 -5.10
CA GLU C 14 6.85 3.95 -6.51
C GLU C 14 5.43 4.51 -6.71
N THR C 15 4.40 3.84 -6.17
CA THR C 15 3.01 4.15 -6.50
C THR C 15 2.70 5.66 -6.35
N VAL C 16 3.27 6.31 -5.32
CA VAL C 16 3.10 7.74 -5.13
C VAL C 16 3.94 8.54 -6.14
N VAL C 17 5.14 8.08 -6.49
CA VAL C 17 5.97 8.70 -7.52
C VAL C 17 5.23 8.66 -8.87
N THR C 18 4.57 7.53 -9.17
CA THR C 18 3.78 7.40 -10.41
C THR C 18 2.70 8.50 -10.50
N THR C 19 2.19 8.95 -9.34
CA THR C 19 1.20 10.03 -9.29
C THR C 19 1.92 11.31 -9.68
N PHE C 20 3.03 11.54 -8.98
CA PHE C 20 3.94 12.65 -9.21
C PHE C 20 4.26 12.76 -10.71
N PHE C 21 4.75 11.66 -11.28
CA PHE C 21 5.17 11.56 -12.67
C PHE C 21 4.09 11.96 -13.68
N THR C 22 2.83 11.62 -13.41
CA THR C 22 1.76 11.95 -14.36
C THR C 22 1.13 13.32 -14.10
N PHE C 23 1.59 14.01 -13.09
CA PHE C 23 1.08 15.34 -12.79
C PHE C 23 2.15 16.36 -13.09
N ALA C 24 3.41 15.92 -13.06
CA ALA C 24 4.54 16.78 -13.32
C ALA C 24 4.91 16.83 -14.79
N ARG C 25 4.41 15.90 -15.59
CA ARG C 25 4.67 15.91 -17.04
C ARG C 25 3.60 16.74 -17.76
N GLN C 26 3.04 17.71 -17.06
CA GLN C 26 1.95 18.53 -17.58
C GLN C 26 2.34 19.71 -18.48
N GLU C 27 3.28 20.57 -18.06
CA GLU C 27 3.55 21.75 -18.87
C GLU C 27 4.86 21.64 -19.67
N GLY C 28 6.00 21.85 -19.00
CA GLY C 28 7.31 21.28 -19.27
C GLY C 28 7.51 20.03 -18.44
N ARG C 29 8.46 19.19 -18.86
CA ARG C 29 9.42 18.53 -17.98
C ARG C 29 8.79 17.78 -16.79
N LYS C 30 8.81 16.45 -16.91
CA LYS C 30 8.25 15.53 -15.90
C LYS C 30 9.15 15.39 -14.65
N ASP C 31 10.43 15.68 -14.81
CA ASP C 31 11.39 15.60 -13.72
C ASP C 31 11.27 16.74 -12.70
N SER C 32 10.53 17.82 -13.00
CA SER C 32 10.31 18.94 -12.09
C SER C 32 8.83 19.29 -11.97
N LEU C 33 8.36 19.57 -10.75
CA LEU C 33 7.04 20.13 -10.55
C LEU C 33 7.06 21.59 -11.02
N SER C 34 6.01 21.96 -11.76
CA SER C 34 5.76 23.26 -12.34
C SER C 34 4.44 23.78 -11.73
N VAL C 35 4.14 25.09 -11.80
CA VAL C 35 3.04 25.65 -11.00
C VAL C 35 1.75 25.81 -11.81
N ASN C 36 1.41 24.75 -12.51
CA ASN C 36 0.08 24.26 -12.78
C ASN C 36 0.24 22.77 -13.04
N GLU C 37 0.87 22.20 -11.99
CA GLU C 37 1.17 20.79 -11.78
C GLU C 37 1.08 20.59 -10.27
N PHE C 38 1.74 21.52 -9.55
CA PHE C 38 1.73 21.59 -8.10
C PHE C 38 0.34 22.00 -7.60
N LYS C 39 -0.15 23.16 -8.03
CA LYS C 39 -1.42 23.64 -7.52
C LYS C 39 -2.54 22.65 -7.89
N GLU C 40 -2.46 22.05 -9.08
CA GLU C 40 -3.45 21.05 -9.51
C GLU C 40 -3.32 19.79 -8.65
N LEU C 41 -2.11 19.52 -8.15
CA LEU C 41 -1.85 18.35 -7.32
C LEU C 41 -2.42 18.55 -5.91
N VAL C 42 -2.12 19.69 -5.29
CA VAL C 42 -2.62 19.98 -3.96
C VAL C 42 -4.14 20.11 -3.99
N THR C 43 -4.67 20.79 -4.99
CA THR C 43 -6.12 21.02 -5.08
C THR C 43 -6.94 19.74 -5.31
N GLN C 44 -6.41 18.78 -6.07
CA GLN C 44 -7.17 17.55 -6.35
C GLN C 44 -6.72 16.35 -5.53
N GLN C 45 -5.41 16.11 -5.47
CA GLN C 45 -4.88 14.94 -4.77
C GLN C 45 -4.79 15.16 -3.25
N LEU C 46 -4.45 16.38 -2.82
CA LEU C 46 -4.33 16.66 -1.37
C LEU C 46 -5.29 17.78 -0.93
N PRO C 47 -6.62 17.61 -1.10
CA PRO C 47 -7.59 18.64 -0.72
C PRO C 47 -8.05 18.49 0.74
N HIS C 48 -7.88 17.29 1.28
CA HIS C 48 -8.27 16.99 2.64
C HIS C 48 -7.03 16.87 3.53
N LEU C 49 -6.01 16.20 3.01
CA LEU C 49 -4.77 16.00 3.74
C LEU C 49 -4.09 17.35 3.97
N LEU C 50 -4.04 18.16 2.92
CA LEU C 50 -3.45 19.49 3.01
C LEU C 50 -4.57 20.52 2.98
N LYS C 51 -4.89 21.06 4.15
CA LYS C 51 -5.95 22.05 4.28
C LYS C 51 -5.42 23.46 4.06
N ASP C 52 -4.63 23.62 3.02
CA ASP C 52 -4.05 24.92 2.67
C ASP C 52 -3.81 25.00 1.16
N VAL C 53 -4.87 24.77 0.40
CA VAL C 53 -4.80 24.80 -1.06
C VAL C 53 -4.78 26.23 -1.59
N GLY C 54 -5.20 27.17 -0.75
CA GLY C 54 -5.24 28.57 -1.16
C GLY C 54 -3.94 29.28 -0.82
N SER C 55 -3.16 28.66 0.08
CA SER C 55 -1.88 29.23 0.51
C SER C 55 -0.71 28.34 0.07
N LEU C 56 -0.86 27.72 -1.10
CA LEU C 56 0.16 26.88 -1.68
C LEU C 56 1.45 27.69 -1.84
N ASP C 57 1.34 28.90 -2.39
CA ASP C 57 2.40 29.82 -2.70
C ASP C 57 3.43 29.93 -1.56
N GLU C 58 2.97 29.97 -0.30
CA GLU C 58 3.85 29.96 0.86
C GLU C 58 4.65 28.66 0.93
N LYS C 59 3.94 27.53 0.79
CA LYS C 59 4.57 26.21 0.79
C LYS C 59 5.60 26.13 -0.32
N MET C 60 5.19 26.58 -1.52
CA MET C 60 6.06 26.64 -2.68
C MET C 60 7.34 27.40 -2.34
N LYS C 61 7.22 28.63 -1.82
CA LYS C 61 8.39 29.41 -1.46
C LYS C 61 9.25 28.65 -0.44
N SER C 62 8.62 28.04 0.56
CA SER C 62 9.31 27.25 1.58
C SER C 62 10.02 26.04 0.97
N LEU C 63 9.40 25.40 -0.01
CA LEU C 63 9.90 24.20 -0.69
C LEU C 63 11.10 24.57 -1.56
N ASP C 64 10.90 25.49 -2.49
CA ASP C 64 11.72 25.74 -3.67
C ASP C 64 13.19 26.06 -3.41
N VAL C 65 13.58 26.37 -2.18
CA VAL C 65 14.37 27.50 -1.67
C VAL C 65 15.52 28.05 -2.53
N ASN C 66 16.08 27.29 -3.48
CA ASN C 66 16.90 27.92 -4.51
C ASN C 66 16.08 28.96 -5.28
N GLN C 67 14.75 28.81 -5.30
CA GLN C 67 13.79 29.76 -5.85
C GLN C 67 13.91 29.86 -7.37
N ASP C 68 14.52 28.86 -8.01
CA ASP C 68 14.46 28.70 -9.47
C ASP C 68 13.02 28.51 -9.94
N SER C 69 12.11 28.14 -9.02
CA SER C 69 10.70 27.90 -9.30
C SER C 69 10.47 26.64 -10.14
N GLU C 70 11.51 25.82 -10.35
CA GLU C 70 11.34 24.41 -10.61
C GLU C 70 11.33 23.75 -9.24
N LEU C 71 10.18 23.21 -8.82
CA LEU C 71 10.10 22.42 -7.61
C LEU C 71 10.79 21.10 -7.95
N LYS C 72 12.04 20.98 -7.49
CA LYS C 72 13.02 20.06 -8.05
C LYS C 72 12.80 18.65 -7.50
N PHE C 73 13.52 17.67 -8.05
CA PHE C 73 13.37 16.25 -7.74
C PHE C 73 14.12 15.98 -6.43
N ASN C 74 13.48 16.46 -5.36
CA ASN C 74 13.84 16.61 -3.95
C ASN C 74 14.28 18.07 -3.72
N GLU C 75 13.50 19.04 -4.17
CA GLU C 75 12.78 19.97 -3.30
C GLU C 75 11.40 19.37 -3.01
N TYR C 76 10.62 19.16 -4.09
CA TYR C 76 9.21 18.78 -4.09
C TYR C 76 8.89 17.77 -3.00
N TRP C 77 9.68 16.69 -3.00
CA TRP C 77 9.48 15.52 -2.18
C TRP C 77 9.10 15.87 -0.74
N ARG C 78 9.73 16.91 -0.18
CA ARG C 78 9.42 17.46 1.14
C ARG C 78 7.91 17.47 1.40
N LEU C 79 7.11 17.89 0.43
CA LEU C 79 5.66 17.98 0.55
C LEU C 79 5.07 16.68 1.10
N ILE C 80 5.44 15.53 0.50
CA ILE C 80 4.95 14.22 0.90
C ILE C 80 5.31 14.00 2.38
N GLY C 81 6.42 14.60 2.82
CA GLY C 81 6.93 14.60 4.18
C GLY C 81 6.04 15.35 5.12
N GLU C 82 5.62 16.51 4.65
CA GLU C 82 4.81 17.39 5.44
C GLU C 82 3.44 16.71 5.60
N LEU C 83 2.83 16.20 4.52
CA LEU C 83 1.64 15.36 4.71
C LEU C 83 1.92 14.18 5.64
N ALA C 84 3.04 13.47 5.45
CA ALA C 84 3.38 12.31 6.26
C ALA C 84 3.39 12.66 7.75
N LYS C 85 4.07 13.74 8.15
CA LYS C 85 4.01 14.14 9.55
C LYS C 85 2.62 14.71 9.90
N GLU C 86 1.97 15.50 9.04
CA GLU C 86 0.69 16.18 9.28
C GLU C 86 -0.32 15.26 9.95
N ILE C 87 -0.46 14.03 9.45
CA ILE C 87 -1.38 13.05 10.03
C ILE C 87 -1.18 12.91 11.55
N ARG C 88 0.08 12.93 11.99
CA ARG C 88 0.50 12.99 13.39
C ARG C 88 0.49 14.42 13.93
N LYS C 89 0.89 15.41 13.12
CA LYS C 89 1.31 16.72 13.54
C LYS C 89 0.38 17.81 12.99
N LYS C 90 -0.77 17.97 13.64
CA LYS C 90 -1.84 18.92 13.34
C LYS C 90 -1.31 20.29 12.86
N LYS C 91 -0.44 20.96 13.61
CA LYS C 91 0.11 22.26 13.20
C LYS C 91 1.49 22.57 13.82
N ASP C 92 2.01 21.68 14.66
CA ASP C 92 2.81 22.07 15.81
C ASP C 92 4.30 22.05 15.44
N LEU C 93 4.67 22.67 14.31
CA LEU C 93 6.04 22.70 13.83
C LEU C 93 6.79 23.95 14.29
N ILE C 95 9.38 26.29 14.20
CA ILE C 95 10.77 26.52 13.78
C ILE C 95 11.02 27.88 13.10
N ARG C 96 12.25 28.37 13.25
CA ARG C 96 12.78 29.58 12.67
C ARG C 96 14.30 29.50 12.87
N LYS C 97 15.11 29.66 11.83
CA LYS C 97 16.51 29.25 11.84
C LYS C 97 17.10 29.70 10.51
N LYS C 98 18.20 30.47 10.55
CA LYS C 98 19.05 30.75 9.40
C LYS C 98 20.28 29.88 9.55
N TYR D 1 -20.03 -8.58 -38.63
CA TYR D 1 -21.30 -7.82 -38.49
C TYR D 1 -21.03 -6.45 -37.86
N LYS D 2 -20.31 -5.60 -38.58
CA LYS D 2 -19.97 -4.26 -38.08
C LYS D 2 -21.23 -3.55 -37.59
N LYS D 3 -21.33 -3.40 -36.27
CA LYS D 3 -22.47 -2.76 -35.65
C LYS D 3 -22.09 -2.24 -34.26
N PRO D 4 -23.05 -1.72 -33.47
CA PRO D 4 -22.84 -1.21 -32.13
C PRO D 4 -21.55 -1.69 -31.47
N LYS D 5 -20.56 -0.80 -31.41
CA LYS D 5 -19.27 -1.11 -30.80
C LYS D 5 -19.26 -0.63 -29.36
N LEU D 6 -19.37 -1.55 -28.41
CA LEU D 6 -19.35 -1.20 -27.00
C LEU D 6 -17.92 -1.05 -26.50
N LEU D 7 -17.68 0.01 -25.73
CA LEU D 7 -16.35 0.28 -25.20
C LEU D 7 -16.43 0.87 -23.79
N TYR D 8 -15.58 0.39 -22.90
CA TYR D 8 -15.54 0.87 -21.51
C TYR D 8 -14.18 0.56 -20.89
N CYS D 9 -13.93 1.06 -19.69
CA CYS D 9 -12.66 0.81 -19.02
C CYS D 9 -12.82 0.75 -17.51
N SER D 10 -11.79 0.25 -16.83
CA SER D 10 -11.78 0.11 -15.38
C SER D 10 -12.65 -1.07 -14.97
N ASN D 11 -12.04 -2.03 -14.29
CA ASN D 11 -12.75 -3.22 -13.85
C ASN D 11 -14.04 -2.83 -13.12
N GLY D 12 -15.15 -3.38 -13.56
CA GLY D 12 -16.43 -3.08 -12.96
C GLY D 12 -17.51 -2.80 -13.98
N GLY D 13 -18.69 -3.33 -13.75
CA GLY D 13 -19.79 -3.13 -14.66
C GLY D 13 -20.08 -1.66 -14.91
N HIS D 14 -19.66 -1.18 -16.09
CA HIS D 14 -19.87 0.22 -16.49
C HIS D 14 -19.64 0.36 -17.99
N PHE D 15 -20.65 0.83 -18.71
CA PHE D 15 -20.55 1.00 -20.16
C PHE D 15 -20.71 2.47 -20.53
N LEU D 16 -20.06 2.87 -21.62
CA LEU D 16 -20.15 4.25 -22.09
C LEU D 16 -21.50 4.51 -22.74
N ARG D 17 -22.41 5.15 -21.99
CA ARG D 17 -23.73 5.45 -22.51
C ARG D 17 -23.77 6.86 -23.06
N ILE D 18 -23.82 6.97 -24.39
CA ILE D 18 -23.84 8.26 -25.06
C ILE D 18 -25.26 8.78 -25.24
N LEU D 19 -25.42 10.09 -25.09
CA LEU D 19 -26.71 10.73 -25.25
C LEU D 19 -26.58 11.93 -26.18
N PRO D 20 -27.57 12.15 -27.07
CA PRO D 20 -27.56 13.28 -28.02
C PRO D 20 -27.15 14.58 -27.37
N ASP D 21 -27.48 14.73 -26.10
CA ASP D 21 -27.15 15.92 -25.32
C ASP D 21 -25.63 16.15 -25.31
N GLY D 22 -24.88 15.08 -25.10
CA GLY D 22 -23.44 15.18 -25.04
C GLY D 22 -22.88 14.60 -23.75
N THR D 23 -23.64 14.72 -22.66
CA THR D 23 -23.19 14.21 -21.38
C THR D 23 -23.21 12.68 -21.35
N VAL D 24 -22.14 12.07 -21.82
CA VAL D 24 -22.01 10.62 -21.84
C VAL D 24 -21.44 10.13 -20.50
N ASP D 25 -22.07 9.11 -19.92
CA ASP D 25 -21.62 8.56 -18.64
C ASP D 25 -21.41 7.05 -18.74
N GLY D 26 -20.72 6.49 -17.74
CA GLY D 26 -20.44 5.07 -17.72
C GLY D 26 -21.59 4.27 -17.13
N THR D 27 -22.71 4.26 -17.82
CA THR D 27 -23.90 3.54 -17.37
C THR D 27 -23.66 2.03 -17.44
N ARG D 28 -23.94 1.33 -16.35
CA ARG D 28 -23.75 -0.11 -16.33
C ARG D 28 -25.06 -0.82 -16.68
N ASP D 29 -25.48 -0.67 -17.92
CA ASP D 29 -26.72 -1.27 -18.40
C ASP D 29 -26.60 -1.61 -19.88
N ARG D 30 -27.35 -2.62 -20.31
CA ARG D 30 -27.37 -3.04 -21.70
C ARG D 30 -28.80 -3.29 -22.18
N SER D 31 -29.75 -2.66 -21.49
CA SER D 31 -31.16 -2.79 -21.82
C SER D 31 -31.57 -1.70 -22.80
N ASP D 32 -31.11 -0.49 -22.55
CA ASP D 32 -31.43 0.64 -23.43
C ASP D 32 -30.32 0.86 -24.45
N GLN D 33 -30.68 0.91 -25.72
CA GLN D 33 -29.70 1.09 -26.79
C GLN D 33 -29.09 2.50 -26.76
N HIS D 34 -28.18 2.73 -25.83
CA HIS D 34 -27.51 4.02 -25.72
C HIS D 34 -26.05 3.86 -25.28
N ILE D 35 -25.52 2.64 -25.39
CA ILE D 35 -24.14 2.37 -25.00
C ILE D 35 -23.38 1.71 -26.16
N GLN D 36 -23.58 2.24 -27.36
CA GLN D 36 -22.94 1.71 -28.56
C GLN D 36 -22.49 2.83 -29.48
N LEU D 37 -21.25 2.73 -29.95
CA LEU D 37 -20.69 3.73 -30.85
C LEU D 37 -20.12 3.02 -32.08
N GLN D 38 -20.04 3.73 -33.20
CA GLN D 38 -19.52 3.15 -34.43
C GLN D 38 -18.01 3.36 -34.51
N LEU D 39 -17.27 2.63 -33.69
CA LEU D 39 -15.82 2.70 -33.68
C LEU D 39 -15.24 1.99 -34.90
N SER D 40 -14.38 2.69 -35.63
CA SER D 40 -13.75 2.14 -36.82
C SER D 40 -12.48 2.92 -37.17
N ALA D 41 -11.58 2.25 -37.89
CA ALA D 41 -10.33 2.88 -38.32
C ALA D 41 -10.57 3.65 -39.61
N GLU D 42 -10.67 4.97 -39.50
CA GLU D 42 -10.91 5.82 -40.65
C GLU D 42 -9.67 5.88 -41.54
N SER D 43 -8.55 6.26 -40.94
CA SER D 43 -7.29 6.36 -41.64
C SER D 43 -6.28 5.36 -41.07
N VAL D 44 -5.11 5.25 -41.68
CA VAL D 44 -4.08 4.34 -41.21
C VAL D 44 -3.77 4.56 -39.72
N GLY D 45 -4.43 3.79 -38.88
CA GLY D 45 -4.23 3.90 -37.45
C GLY D 45 -5.17 4.90 -36.79
N GLU D 46 -5.80 5.76 -37.58
CA GLU D 46 -6.71 6.77 -37.04
C GLU D 46 -8.13 6.21 -36.90
N VAL D 47 -8.55 6.00 -35.67
CA VAL D 47 -9.89 5.47 -35.39
C VAL D 47 -10.79 6.59 -34.90
N TYR D 48 -12.06 6.54 -35.31
CA TYR D 48 -13.03 7.55 -34.90
C TYR D 48 -14.13 6.94 -34.04
N ILE D 49 -14.64 7.73 -33.12
CA ILE D 49 -15.72 7.31 -32.23
C ILE D 49 -16.98 8.10 -32.53
N LYS D 50 -17.90 7.47 -33.23
CA LYS D 50 -19.15 8.11 -33.60
C LYS D 50 -20.35 7.23 -33.26
N SER D 51 -21.15 7.67 -32.31
CA SER D 51 -22.34 6.93 -31.90
C SER D 51 -23.49 7.23 -32.87
N THR D 52 -23.28 6.91 -34.14
CA THR D 52 -24.25 7.16 -35.18
C THR D 52 -25.63 6.57 -34.86
N GLU D 53 -25.72 5.25 -34.90
CA GLU D 53 -26.98 4.55 -34.65
C GLU D 53 -27.27 4.39 -33.16
N THR D 54 -27.29 5.51 -32.42
CA THR D 54 -27.56 5.46 -30.98
C THR D 54 -27.42 6.83 -30.30
N GLY D 55 -26.39 7.60 -30.67
CA GLY D 55 -26.20 8.88 -30.04
C GLY D 55 -25.73 9.97 -30.98
N GLN D 56 -24.50 10.39 -30.80
CA GLN D 56 -23.91 11.48 -31.58
C GLN D 56 -22.43 11.23 -31.86
N TYR D 57 -21.79 12.20 -32.51
CA TYR D 57 -20.37 12.13 -32.83
C TYR D 57 -19.56 12.79 -31.71
N LEU D 58 -18.38 12.25 -31.43
CA LEU D 58 -17.55 12.79 -30.36
C LEU D 58 -16.75 14.00 -30.84
N ALA D 59 -16.40 14.85 -29.89
CA ALA D 59 -15.62 16.06 -30.15
C ALA D 59 -14.97 16.53 -28.86
N MET D 60 -13.81 15.95 -28.56
CA MET D 60 -13.07 16.27 -27.34
C MET D 60 -12.86 17.77 -27.19
N ASP D 61 -12.92 18.24 -25.94
CA ASP D 61 -12.72 19.65 -25.65
C ASP D 61 -11.26 19.86 -25.28
N THR D 62 -10.42 19.99 -26.30
CA THR D 62 -9.00 20.18 -26.10
C THR D 62 -8.41 18.98 -25.36
N ASP D 63 -8.96 17.79 -25.64
CA ASP D 63 -8.54 16.54 -24.98
C ASP D 63 -8.93 16.56 -23.50
N GLY D 64 -8.54 17.62 -22.80
CA GLY D 64 -8.87 17.78 -21.38
C GLY D 64 -10.21 17.17 -21.01
N LEU D 65 -11.26 17.62 -21.68
CA LEU D 65 -12.60 17.11 -21.42
C LEU D 65 -13.13 16.41 -22.68
N LEU D 66 -13.68 15.22 -22.49
CA LEU D 66 -14.21 14.45 -23.61
C LEU D 66 -15.72 14.65 -23.73
N TYR D 67 -16.18 15.00 -24.92
CA TYR D 67 -17.59 15.21 -25.17
C TYR D 67 -17.91 14.97 -26.65
N GLY D 68 -19.19 15.06 -27.00
CA GLY D 68 -19.59 14.86 -28.38
C GLY D 68 -21.07 15.09 -28.57
N SER D 69 -21.45 15.65 -29.71
CA SER D 69 -22.86 15.91 -30.00
C SER D 69 -23.00 16.75 -31.28
N GLN D 70 -22.47 17.96 -31.26
CA GLN D 70 -22.59 18.88 -32.39
C GLN D 70 -21.90 18.34 -33.66
N THR D 71 -20.57 18.32 -33.67
CA THR D 71 -19.84 17.85 -34.85
C THR D 71 -18.59 17.04 -34.48
N PRO D 72 -18.24 16.04 -35.32
CA PRO D 72 -17.06 15.20 -35.09
C PRO D 72 -15.77 15.94 -35.48
N ASN D 73 -15.41 16.93 -34.67
CA ASN D 73 -14.21 17.72 -34.93
C ASN D 73 -12.96 16.85 -34.87
N GLU D 74 -11.88 17.31 -35.53
CA GLU D 74 -10.61 16.56 -35.55
C GLU D 74 -10.26 16.03 -34.15
N GLU D 75 -10.65 16.77 -33.11
CA GLU D 75 -10.42 16.34 -31.73
C GLU D 75 -10.85 14.88 -31.54
N CYS D 76 -11.78 14.41 -32.36
CA CYS D 76 -12.30 13.04 -32.26
C CYS D 76 -11.43 12.02 -33.01
N LEU D 77 -10.30 12.44 -33.59
CA LEU D 77 -9.43 11.50 -34.29
C LEU D 77 -8.39 10.93 -33.31
N PHE D 78 -8.40 9.61 -33.15
CA PHE D 78 -7.48 8.95 -32.23
C PHE D 78 -6.72 7.81 -32.92
N LEU D 79 -5.47 7.62 -32.50
CA LEU D 79 -4.63 6.56 -33.04
C LEU D 79 -4.93 5.25 -32.31
N GLU D 80 -5.27 4.22 -33.08
CA GLU D 80 -5.60 2.91 -32.51
C GLU D 80 -4.34 2.18 -32.03
N ARG D 81 -4.27 1.96 -30.72
CA ARG D 81 -3.14 1.26 -30.12
C ARG D 81 -3.64 0.13 -29.22
N LEU D 82 -2.86 -0.93 -29.09
CA LEU D 82 -3.24 -2.07 -28.27
C LEU D 82 -2.21 -2.33 -27.19
N GLU D 83 -2.67 -2.68 -25.99
CA GLU D 83 -1.77 -2.97 -24.87
C GLU D 83 -1.87 -4.44 -24.50
N GLU D 84 -0.73 -5.04 -24.16
CA GLU D 84 -0.69 -6.46 -23.79
C GLU D 84 -1.30 -6.65 -22.39
N ASN D 85 -2.52 -6.16 -22.23
CA ASN D 85 -3.24 -6.26 -20.96
C ASN D 85 -4.73 -6.47 -21.21
N HIS D 86 -5.06 -6.96 -22.42
CA HIS D 86 -6.45 -7.19 -22.81
C HIS D 86 -7.24 -5.87 -22.80
N TYR D 87 -6.63 -4.82 -23.34
CA TYR D 87 -7.27 -3.52 -23.40
C TYR D 87 -6.83 -2.74 -24.64
N ASN D 88 -7.69 -1.84 -25.09
CA ASN D 88 -7.43 -1.02 -26.27
C ASN D 88 -6.99 0.37 -25.85
N THR D 89 -6.11 0.97 -26.64
CA THR D 89 -5.60 2.31 -26.37
C THR D 89 -5.84 3.20 -27.58
N TYR D 90 -6.29 4.43 -27.34
CA TYR D 90 -6.54 5.38 -28.42
C TYR D 90 -5.85 6.70 -28.12
N ILE D 91 -4.90 7.07 -28.97
CA ILE D 91 -4.15 8.31 -28.77
C ILE D 91 -4.76 9.46 -29.55
N SER D 92 -5.24 10.47 -28.84
CA SER D 92 -5.82 11.65 -29.45
C SER D 92 -4.74 12.44 -30.18
N LYS D 93 -4.38 11.99 -31.38
CA LYS D 93 -3.34 12.65 -32.17
C LYS D 93 -3.50 14.16 -32.14
N LYS D 94 -4.74 14.63 -32.11
CA LYS D 94 -5.03 16.06 -32.05
C LYS D 94 -4.27 16.72 -30.90
N HIS D 95 -4.00 15.96 -29.84
CA HIS D 95 -3.27 16.47 -28.68
C HIS D 95 -2.08 15.58 -28.31
N ALA D 96 -1.75 14.63 -29.17
CA ALA D 96 -0.64 13.72 -28.94
C ALA D 96 0.63 14.51 -28.60
N GLU D 97 0.73 15.71 -29.18
CA GLU D 97 1.86 16.60 -28.94
C GLU D 97 2.13 16.76 -27.44
N LYS D 98 1.08 16.74 -26.63
CA LYS D 98 1.21 16.90 -25.17
C LYS D 98 1.20 15.55 -24.46
N ASN D 99 1.34 14.47 -25.22
CA ASN D 99 1.34 13.10 -24.69
C ASN D 99 0.00 12.78 -24.03
N TRP D 100 -1.08 13.27 -24.64
CA TRP D 100 -2.42 13.05 -24.12
C TRP D 100 -3.21 12.07 -24.98
N PHE D 101 -3.77 11.05 -24.34
CA PHE D 101 -4.58 10.05 -25.03
C PHE D 101 -5.84 9.74 -24.24
N VAL D 102 -7.01 10.00 -24.90
CA VAL D 102 -8.37 9.82 -24.36
C VAL D 102 -8.44 8.92 -23.11
N GLY D 103 -8.97 9.50 -22.04
CA GLY D 103 -9.14 8.77 -20.79
C GLY D 103 -10.45 9.15 -20.13
N LEU D 104 -11.23 8.15 -19.70
CA LEU D 104 -12.53 8.40 -19.06
C LEU D 104 -12.58 7.87 -17.64
N LYS D 105 -13.52 8.38 -16.86
CA LYS D 105 -13.71 7.96 -15.49
C LYS D 105 -14.93 7.04 -15.39
N LYS D 106 -14.66 5.74 -15.23
CA LYS D 106 -15.72 4.72 -15.13
C LYS D 106 -16.89 5.20 -14.26
N ASN D 107 -16.57 5.80 -13.12
CA ASN D 107 -17.59 6.30 -12.20
C ASN D 107 -17.62 7.83 -12.19
N GLY D 108 -17.43 8.43 -13.35
CA GLY D 108 -17.44 9.88 -13.44
C GLY D 108 -17.89 10.39 -14.80
N SER D 109 -17.24 9.89 -15.85
CA SER D 109 -17.51 10.25 -17.25
C SER D 109 -16.18 10.41 -17.98
N CYS D 110 -16.25 10.66 -19.28
CA CYS D 110 -15.05 10.82 -20.09
C CYS D 110 -14.54 12.26 -20.04
N LYS D 111 -13.51 12.50 -19.22
CA LYS D 111 -12.92 13.83 -19.09
C LYS D 111 -11.75 13.81 -18.12
N ARG D 112 -10.60 13.33 -18.60
CA ARG D 112 -9.40 13.23 -17.77
C ARG D 112 -8.15 13.54 -18.61
N GLY D 113 -8.34 14.38 -19.63
CA GLY D 113 -7.26 14.77 -20.51
C GLY D 113 -6.02 15.34 -19.82
N PRO D 114 -6.15 16.22 -18.79
CA PRO D 114 -4.98 16.78 -18.10
C PRO D 114 -4.23 15.73 -17.26
N ARG D 115 -4.73 14.50 -17.26
CA ARG D 115 -4.11 13.42 -16.51
C ARG D 115 -3.99 12.14 -17.36
N THR D 116 -3.94 12.30 -18.68
CA THR D 116 -3.84 11.14 -19.57
C THR D 116 -2.38 10.77 -19.87
N HIS D 117 -1.87 9.79 -19.14
CA HIS D 117 -0.50 9.31 -19.31
C HIS D 117 -0.34 7.93 -18.68
N TYR D 118 0.85 7.62 -18.17
CA TYR D 118 1.08 6.32 -17.55
C TYR D 118 0.77 6.36 -16.05
N GLY D 119 -0.43 6.85 -15.74
CA GLY D 119 -0.88 6.93 -14.36
C GLY D 119 -2.30 6.43 -14.24
N GLN D 120 -3.20 7.10 -14.96
CA GLN D 120 -4.60 6.72 -14.98
C GLN D 120 -4.75 5.53 -15.92
N LYS D 121 -5.06 4.38 -15.35
CA LYS D 121 -5.18 3.13 -16.11
C LYS D 121 -6.46 3.12 -16.95
N ALA D 122 -7.41 3.99 -16.60
CA ALA D 122 -8.68 4.11 -17.32
C ALA D 122 -8.47 4.28 -18.83
N ILE D 123 -7.25 4.63 -19.24
CA ILE D 123 -6.93 4.79 -20.66
C ILE D 123 -7.00 3.45 -21.38
N LEU D 124 -6.82 2.36 -20.65
CA LEU D 124 -6.87 1.02 -21.23
C LEU D 124 -8.31 0.54 -21.29
N PHE D 125 -8.97 0.86 -22.41
CA PHE D 125 -10.37 0.51 -22.59
C PHE D 125 -10.55 -0.94 -23.01
N LEU D 126 -11.66 -1.53 -22.59
CA LEU D 126 -11.99 -2.91 -22.92
C LEU D 126 -13.16 -2.91 -23.89
N PRO D 127 -12.91 -3.22 -25.17
CA PRO D 127 -13.94 -3.25 -26.20
C PRO D 127 -14.68 -4.58 -26.31
N LEU D 128 -15.98 -4.49 -26.56
CA LEU D 128 -16.84 -5.67 -26.72
C LEU D 128 -17.69 -5.52 -27.99
N PRO D 129 -17.06 -5.15 -29.12
CA PRO D 129 -17.77 -4.95 -30.40
C PRO D 129 -18.03 -6.25 -31.15
N VAL D 130 -19.09 -6.24 -31.95
CA VAL D 130 -19.44 -7.41 -32.75
C VAL D 130 -18.57 -7.48 -34.00
N SER D 131 -17.42 -8.12 -33.87
CA SER D 131 -16.49 -8.27 -34.97
C SER D 131 -17.04 -9.20 -36.05
N SER D 132 -16.27 -9.35 -37.14
CA SER D 132 -16.66 -10.22 -38.23
C SER D 132 -15.77 -11.45 -38.27
N ASP D 133 -15.87 -12.27 -37.23
CA ASP D 133 -15.07 -13.48 -37.11
C ASP D 133 -15.84 -14.69 -37.64
N TYR A 1 -17.20 -30.73 27.01
CA TYR A 1 -16.34 -31.90 26.73
C TYR A 1 -14.88 -31.48 26.67
N LYS A 2 -14.34 -31.04 27.81
CA LYS A 2 -12.94 -30.60 27.88
C LYS A 2 -12.02 -31.65 27.27
N LYS A 3 -11.47 -31.33 26.11
CA LYS A 3 -10.58 -32.24 25.40
C LYS A 3 -9.71 -31.44 24.42
N PRO A 4 -8.90 -32.12 23.58
CA PRO A 4 -8.02 -31.51 22.59
C PRO A 4 -8.38 -30.07 22.25
N LYS A 5 -7.59 -29.13 22.77
CA LYS A 5 -7.81 -27.71 22.51
C LYS A 5 -6.90 -27.25 21.37
N LEU A 6 -7.50 -27.04 20.21
CA LEU A 6 -6.74 -26.60 19.03
C LEU A 6 -6.55 -25.09 19.08
N LEU A 7 -5.34 -24.63 18.78
CA LEU A 7 -5.02 -23.21 18.79
C LEU A 7 -4.03 -22.86 17.69
N TYR A 8 -4.28 -21.76 16.99
CA TYR A 8 -3.41 -21.29 15.91
C TYR A 8 -3.63 -19.81 15.67
N CYS A 9 -2.81 -19.20 14.82
CA CYS A 9 -2.95 -17.78 14.52
C CYS A 9 -2.53 -17.46 13.09
N SER A 10 -2.89 -16.26 12.63
CA SER A 10 -2.58 -15.80 11.29
C SER A 10 -3.51 -16.46 10.29
N ASN A 11 -4.27 -15.65 9.57
CA ASN A 11 -5.21 -16.17 8.58
C ASN A 11 -4.52 -17.16 7.66
N GLY A 12 -5.09 -18.35 7.54
CA GLY A 12 -4.52 -19.38 6.70
C GLY A 12 -4.48 -20.72 7.38
N GLY A 13 -4.82 -21.77 6.65
CA GLY A 13 -4.82 -23.10 7.20
C GLY A 13 -3.47 -23.47 7.79
N HIS A 14 -3.40 -23.47 9.12
CA HIS A 14 -2.18 -23.82 9.86
C HIS A 14 -2.51 -24.07 11.32
N PHE A 15 -2.20 -25.27 11.81
CA PHE A 15 -2.48 -25.63 13.20
C PHE A 15 -1.20 -25.94 13.96
N LEU A 16 -1.19 -25.67 15.25
CA LEU A 16 -0.02 -25.92 16.08
C LEU A 16 0.15 -27.42 16.33
N ARG A 17 1.04 -28.06 15.57
CA ARG A 17 1.28 -29.49 15.73
C ARG A 17 2.45 -29.72 16.66
N ILE A 18 2.16 -30.19 17.86
CA ILE A 18 3.19 -30.44 18.87
C ILE A 18 3.74 -31.86 18.75
N LEU A 19 5.04 -32.00 18.98
CA LEU A 19 5.70 -33.28 18.94
C LEU A 19 6.56 -33.47 20.19
N PRO A 20 6.57 -34.69 20.75
CA PRO A 20 7.34 -35.01 21.97
C PRO A 20 8.77 -34.44 21.92
N ASP A 21 9.31 -34.36 20.70
CA ASP A 21 10.65 -33.83 20.49
C ASP A 21 10.76 -32.39 21.00
N GLY A 22 9.74 -31.59 20.71
CA GLY A 22 9.74 -30.21 21.13
C GLY A 22 9.53 -29.26 19.96
N THR A 23 10.03 -29.63 18.78
CA THR A 23 9.89 -28.80 17.60
C THR A 23 8.46 -28.78 17.09
N VAL A 24 7.65 -27.90 17.66
CA VAL A 24 6.26 -27.74 17.26
C VAL A 24 6.15 -26.78 16.08
N ASP A 25 5.41 -27.17 15.05
CA ASP A 25 5.23 -26.33 13.86
C ASP A 25 3.76 -26.13 13.54
N GLY A 26 3.48 -25.15 12.68
CA GLY A 26 2.10 -24.86 12.30
C GLY A 26 1.61 -25.73 11.18
N THR A 27 1.49 -27.02 11.45
CA THR A 27 1.02 -27.99 10.46
C THR A 27 -0.44 -27.76 10.13
N ARG A 28 -0.76 -27.66 8.85
CA ARG A 28 -2.15 -27.44 8.43
C ARG A 28 -2.82 -28.78 8.13
N ASP A 29 -3.01 -29.58 9.17
CA ASP A 29 -3.64 -30.89 9.04
C ASP A 29 -4.41 -31.24 10.30
N ARG A 30 -5.45 -32.05 10.14
CA ARG A 30 -6.27 -32.50 11.26
C ARG A 30 -6.53 -34.00 11.17
N SER A 31 -5.64 -34.70 10.47
CA SER A 31 -5.76 -36.14 10.29
C SER A 31 -4.99 -36.87 11.39
N ASP A 32 -3.80 -36.38 11.69
CA ASP A 32 -2.97 -36.97 12.72
C ASP A 32 -3.14 -36.24 14.05
N GLN A 33 -3.47 -36.99 15.10
CA GLN A 33 -3.68 -36.39 16.42
C GLN A 33 -2.38 -35.84 17.01
N HIS A 34 -1.96 -34.69 16.51
CA HIS A 34 -0.75 -34.04 17.03
C HIS A 34 -0.89 -32.52 17.03
N ILE A 35 -2.12 -32.02 16.91
CA ILE A 35 -2.38 -30.58 16.90
C ILE A 35 -3.40 -30.22 17.97
N GLN A 36 -3.24 -30.80 19.15
CA GLN A 36 -4.16 -30.56 20.26
C GLN A 36 -3.41 -30.44 21.57
N LEU A 37 -3.75 -29.41 22.33
CA LEU A 37 -3.12 -29.17 23.64
C LEU A 37 -4.20 -29.00 24.70
N GLN A 38 -3.88 -29.30 25.94
CA GLN A 38 -4.83 -29.17 27.03
C GLN A 38 -4.78 -27.77 27.64
N LEU A 39 -5.29 -26.80 26.89
CA LEU A 39 -5.33 -25.42 27.33
C LEU A 39 -6.41 -25.24 28.40
N SER A 40 -6.03 -24.66 29.54
CA SER A 40 -6.97 -24.42 30.63
C SER A 40 -6.45 -23.35 31.57
N ALA A 41 -7.35 -22.70 32.29
CA ALA A 41 -6.99 -21.67 33.25
C ALA A 41 -6.63 -22.31 34.57
N GLU A 42 -5.33 -22.40 34.86
CA GLU A 42 -4.85 -23.02 36.09
C GLU A 42 -5.16 -22.10 37.28
N SER A 43 -4.70 -20.87 37.19
CA SER A 43 -4.93 -19.89 38.25
C SER A 43 -5.78 -18.74 37.72
N VAL A 44 -6.16 -17.82 38.61
CA VAL A 44 -6.97 -16.66 38.21
C VAL A 44 -6.34 -15.91 37.03
N GLY A 45 -6.76 -16.26 35.82
CA GLY A 45 -6.23 -15.62 34.64
C GLY A 45 -5.01 -16.33 34.06
N GLU A 46 -4.38 -17.20 34.86
CA GLU A 46 -3.19 -17.91 34.41
C GLU A 46 -3.57 -19.20 33.68
N VAL A 47 -3.37 -19.21 32.37
CA VAL A 47 -3.68 -20.38 31.56
C VAL A 47 -2.40 -21.11 31.17
N TYR A 48 -2.46 -22.44 31.15
CA TYR A 48 -1.31 -23.25 30.81
C TYR A 48 -1.54 -24.01 29.51
N ILE A 49 -0.46 -24.23 28.76
CA ILE A 49 -0.52 -24.95 27.51
C ILE A 49 0.24 -26.26 27.64
N LYS A 50 -0.50 -27.35 27.78
CA LYS A 50 0.10 -28.66 27.95
C LYS A 50 -0.54 -29.68 26.99
N SER A 51 0.23 -30.16 26.03
CA SER A 51 -0.26 -31.14 25.07
C SER A 51 -0.17 -32.54 25.69
N THR A 52 -0.87 -32.72 26.79
CA THR A 52 -0.87 -33.99 27.52
C THR A 52 -1.24 -35.17 26.62
N GLU A 53 -2.50 -35.24 26.22
CA GLU A 53 -2.98 -36.36 25.40
C GLU A 53 -2.66 -36.15 23.92
N THR A 54 -1.38 -35.97 23.60
CA THR A 54 -0.96 -35.77 22.20
C THR A 54 0.53 -35.46 22.06
N GLY A 55 1.06 -34.62 22.95
CA GLY A 55 2.46 -34.26 22.84
C GLY A 55 3.17 -34.13 24.16
N GLN A 56 3.53 -32.91 24.50
CA GLN A 56 4.28 -32.61 25.72
C GLN A 56 3.84 -31.29 26.35
N TYR A 57 4.52 -30.92 27.43
CA TYR A 57 4.25 -29.67 28.14
C TYR A 57 5.14 -28.56 27.57
N LEU A 58 4.62 -27.35 27.51
CA LEU A 58 5.40 -26.23 26.97
C LEU A 58 6.34 -25.64 28.02
N ALA A 59 7.40 -25.03 27.54
CA ALA A 59 8.41 -24.41 28.38
C ALA A 59 9.20 -23.39 27.57
N MET A 60 8.66 -22.19 27.46
CA MET A 60 9.27 -21.11 26.69
C MET A 60 10.72 -20.88 27.09
N ASP A 61 11.55 -20.58 26.10
CA ASP A 61 12.96 -20.30 26.32
C ASP A 61 13.14 -18.82 26.50
N THR A 62 12.90 -18.34 27.72
CA THR A 62 13.03 -16.94 28.03
C THR A 62 12.07 -16.12 27.17
N ASP A 63 10.90 -16.70 26.88
CA ASP A 63 9.88 -16.07 26.03
C ASP A 63 10.37 -15.98 24.58
N GLY A 64 11.57 -15.41 24.40
CA GLY A 64 12.17 -15.27 23.08
C GLY A 64 11.80 -16.42 22.15
N LEU A 65 12.11 -17.64 22.56
CA LEU A 65 11.81 -18.82 21.77
C LEU A 65 10.81 -19.70 22.52
N LEU A 66 9.77 -20.14 21.82
CA LEU A 66 8.76 -20.98 22.42
C LEU A 66 9.02 -22.45 22.13
N TYR A 67 9.02 -23.27 23.18
CA TYR A 67 9.26 -24.70 23.03
C TYR A 67 8.62 -25.45 24.19
N GLY A 68 8.69 -26.78 24.16
CA GLY A 68 8.12 -27.59 25.21
C GLY A 68 8.41 -29.06 25.00
N SER A 69 8.61 -29.78 26.08
CA SER A 69 8.89 -31.22 26.00
C SER A 69 9.31 -31.78 27.37
N GLN A 70 10.43 -31.29 27.88
CA GLN A 70 10.96 -31.77 29.16
C GLN A 70 10.02 -31.51 30.33
N THR A 71 9.88 -30.26 30.74
CA THR A 71 9.02 -29.92 31.88
C THR A 71 8.27 -28.60 31.68
N PRO A 72 7.04 -28.50 32.23
CA PRO A 72 6.23 -27.30 32.12
C PRO A 72 6.71 -26.23 33.10
N ASN A 73 7.86 -25.64 32.79
CA ASN A 73 8.44 -24.59 33.63
C ASN A 73 7.54 -23.36 33.69
N GLU A 74 7.69 -22.56 34.75
CA GLU A 74 6.87 -21.35 34.92
C GLU A 74 6.76 -20.57 33.60
N GLU A 75 7.81 -20.62 32.78
CA GLU A 75 7.80 -19.97 31.47
C GLU A 75 6.50 -20.28 30.71
N CYS A 76 5.88 -21.42 31.02
CA CYS A 76 4.65 -21.85 30.36
C CYS A 76 3.38 -21.22 30.97
N LEU A 77 3.52 -20.36 31.97
CA LEU A 77 2.34 -19.72 32.58
C LEU A 77 2.01 -18.42 31.84
N PHE A 78 0.81 -18.35 31.26
CA PHE A 78 0.39 -17.17 30.52
C PHE A 78 -0.95 -16.65 31.02
N LEU A 79 -1.10 -15.32 30.95
CA LEU A 79 -2.34 -14.67 31.37
C LEU A 79 -3.35 -14.72 30.22
N GLU A 80 -4.53 -15.24 30.49
CA GLU A 80 -5.58 -15.36 29.47
C GLU A 80 -6.22 -13.99 29.19
N ARG A 81 -6.05 -13.50 27.96
CA ARG A 81 -6.62 -12.23 27.54
C ARG A 81 -7.39 -12.41 26.23
N LEU A 82 -8.41 -11.61 26.02
CA LEU A 82 -9.22 -11.68 24.81
C LEU A 82 -9.22 -10.35 24.07
N GLU A 83 -9.16 -10.41 22.75
CA GLU A 83 -9.17 -9.20 21.93
C GLU A 83 -10.45 -9.14 21.10
N GLU A 84 -11.00 -7.96 20.96
CA GLU A 84 -12.23 -7.76 20.19
C GLU A 84 -11.96 -7.90 18.69
N ASN A 85 -11.34 -9.01 18.32
CA ASN A 85 -10.99 -9.29 16.93
C ASN A 85 -11.15 -10.79 16.64
N HIS A 86 -11.95 -11.47 17.47
CA HIS A 86 -12.18 -12.91 17.33
C HIS A 86 -10.87 -13.68 17.49
N TYR A 87 -10.08 -13.29 18.49
CA TYR A 87 -8.80 -13.96 18.75
C TYR A 87 -8.49 -13.94 20.25
N ASN A 88 -7.69 -14.91 20.67
CA ASN A 88 -7.29 -15.04 22.06
C ASN A 88 -5.87 -14.53 22.26
N THR A 89 -5.61 -13.96 23.42
CA THR A 89 -4.30 -13.42 23.76
C THR A 89 -3.79 -14.04 25.05
N TYR A 90 -2.52 -14.41 25.08
CA TYR A 90 -1.93 -15.02 26.27
C TYR A 90 -0.63 -14.30 26.62
N ILE A 91 -0.61 -13.67 27.78
CA ILE A 91 0.56 -12.92 28.22
C ILE A 91 1.47 -13.77 29.10
N SER A 92 2.68 -14.01 28.62
CA SER A 92 3.66 -14.79 29.37
C SER A 92 4.11 -14.01 30.60
N LYS A 93 3.29 -14.03 31.64
CA LYS A 93 3.60 -13.30 32.87
C LYS A 93 5.06 -13.47 33.28
N LYS A 94 5.61 -14.66 33.01
CA LYS A 94 7.01 -14.94 33.32
C LYS A 94 7.93 -13.87 32.72
N HIS A 95 7.50 -13.26 31.61
CA HIS A 95 8.28 -12.22 30.94
C HIS A 95 7.45 -10.96 30.70
N ALA A 96 6.25 -10.90 31.28
CA ALA A 96 5.38 -9.74 31.12
C ALA A 96 6.13 -8.47 31.45
N GLU A 97 7.09 -8.57 32.37
CA GLU A 97 7.92 -7.44 32.78
C GLU A 97 8.51 -6.71 31.56
N LYS A 98 8.80 -7.48 30.51
CA LYS A 98 9.36 -6.90 29.29
C LYS A 98 8.26 -6.67 28.25
N ASN A 99 7.01 -6.75 28.68
CA ASN A 99 5.85 -6.59 27.80
C ASN A 99 5.87 -7.64 26.71
N TRP A 100 6.30 -8.85 27.09
CA TRP A 100 6.38 -9.96 26.17
C TRP A 100 5.25 -10.96 26.38
N PHE A 101 4.49 -11.20 25.32
CA PHE A 101 3.38 -12.14 25.38
C PHE A 101 3.38 -13.08 24.17
N VAL A 102 3.60 -14.39 24.47
CA VAL A 102 3.66 -15.51 23.51
C VAL A 102 3.22 -15.15 22.09
N GLY A 103 4.13 -15.35 21.15
CA GLY A 103 3.86 -15.09 19.74
C GLY A 103 4.48 -16.16 18.86
N LEU A 104 3.72 -16.71 17.92
CA LEU A 104 4.22 -17.75 17.04
C LEU A 104 4.17 -17.34 15.57
N LYS A 105 4.96 -18.03 14.75
CA LYS A 105 5.01 -17.76 13.32
C LYS A 105 4.22 -18.83 12.56
N LYS A 106 3.04 -18.48 12.09
CA LYS A 106 2.16 -19.39 11.36
C LYS A 106 2.95 -20.26 10.36
N ASN A 107 3.86 -19.64 9.63
CA ASN A 107 4.68 -20.35 8.65
C ASN A 107 6.12 -20.46 9.12
N GLY A 108 6.33 -20.66 10.42
CA GLY A 108 7.66 -20.78 10.96
C GLY A 108 7.74 -21.65 12.19
N SER A 109 6.89 -21.32 13.18
CA SER A 109 6.82 -22.03 14.46
C SER A 109 6.66 -21.00 15.58
N CYS A 110 6.47 -21.48 16.80
CA CYS A 110 6.31 -20.60 17.95
C CYS A 110 7.67 -20.18 18.51
N LYS A 111 8.10 -18.96 18.19
CA LYS A 111 9.38 -18.43 18.67
C LYS A 111 9.60 -17.01 18.14
N ARG A 112 8.96 -16.06 18.80
CA ARG A 112 9.05 -14.66 18.43
C ARG A 112 8.99 -13.77 19.67
N GLY A 113 9.59 -14.24 20.77
CA GLY A 113 9.61 -13.45 22.01
C GLY A 113 10.10 -12.02 21.78
N PRO A 114 11.25 -11.79 21.09
CA PRO A 114 11.73 -10.42 20.85
C PRO A 114 10.74 -9.59 20.01
N ARG A 115 9.71 -10.26 19.49
CA ARG A 115 8.68 -9.63 18.67
C ARG A 115 7.28 -9.92 19.23
N THR A 116 7.18 -10.22 20.54
CA THR A 116 5.88 -10.52 21.15
C THR A 116 5.20 -9.28 21.73
N HIS A 117 5.50 -8.14 21.15
CA HIS A 117 4.90 -6.88 21.58
C HIS A 117 3.95 -6.39 20.49
N TYR A 118 3.51 -5.14 20.58
CA TYR A 118 2.60 -4.59 19.59
C TYR A 118 3.32 -4.37 18.27
N GLY A 119 3.00 -5.21 17.29
CA GLY A 119 3.62 -5.15 15.98
C GLY A 119 3.31 -6.40 15.19
N GLN A 120 3.45 -7.54 15.87
CA GLN A 120 3.14 -8.83 15.27
C GLN A 120 1.73 -9.23 15.66
N LYS A 121 0.89 -9.43 14.66
CA LYS A 121 -0.52 -9.77 14.92
C LYS A 121 -0.65 -11.26 15.27
N ALA A 122 0.38 -12.05 14.94
CA ALA A 122 0.39 -13.48 15.23
C ALA A 122 0.08 -13.78 16.70
N ILE A 123 0.18 -12.77 17.56
CA ILE A 123 -0.11 -12.92 18.98
C ILE A 123 -1.61 -13.16 19.21
N LEU A 124 -2.43 -12.77 18.25
CA LEU A 124 -3.87 -12.97 18.34
C LEU A 124 -4.23 -14.35 17.82
N PHE A 125 -4.21 -15.33 18.72
CA PHE A 125 -4.49 -16.71 18.36
C PHE A 125 -5.99 -16.98 18.23
N LEU A 126 -6.34 -17.89 17.33
CA LEU A 126 -7.72 -18.28 17.10
C LEU A 126 -7.93 -19.70 17.62
N PRO A 127 -8.63 -19.84 18.75
CA PRO A 127 -8.88 -21.14 19.37
C PRO A 127 -10.11 -21.86 18.82
N LEU A 128 -10.01 -23.17 18.70
CA LEU A 128 -11.11 -24.01 18.22
C LEU A 128 -11.29 -25.22 19.15
N PRO A 129 -11.32 -24.98 20.47
CA PRO A 129 -11.46 -26.05 21.47
C PRO A 129 -12.91 -26.50 21.66
N VAL A 130 -13.07 -27.75 22.08
CA VAL A 130 -14.39 -28.32 22.32
C VAL A 130 -14.90 -27.88 23.69
N SER A 131 -15.56 -26.73 23.72
CA SER A 131 -16.10 -26.18 24.95
C SER A 131 -17.27 -27.01 25.48
N SER A 132 -17.80 -26.62 26.63
CA SER A 132 -18.93 -27.31 27.23
C SER A 132 -20.17 -26.44 27.14
N ASP A 133 -20.63 -26.21 25.92
CA ASP A 133 -21.81 -25.39 25.68
C ASP A 133 -23.05 -26.25 25.55
N MET B 1 -17.48 -4.58 2.39
CA MET B 1 -18.14 -4.29 3.69
C MET B 1 -17.15 -3.64 4.65
N ALA B 2 -16.28 -4.47 5.23
CA ALA B 2 -15.25 -3.99 6.14
C ALA B 2 -13.90 -4.06 5.44
N ALA B 3 -12.84 -3.58 6.08
CA ALA B 3 -11.51 -3.60 5.50
C ALA B 3 -11.53 -2.68 4.28
N GLU B 4 -11.92 -1.43 4.51
CA GLU B 4 -12.02 -0.44 3.43
C GLU B 4 -10.66 0.16 3.09
N PRO B 5 -10.35 0.24 1.79
CA PRO B 5 -9.07 0.81 1.32
C PRO B 5 -9.07 2.33 1.39
N LEU B 6 -8.02 2.88 1.97
CA LEU B 6 -7.88 4.33 2.09
C LEU B 6 -7.12 4.88 0.89
N THR B 7 -6.71 6.14 0.98
CA THR B 7 -5.95 6.76 -0.11
C THR B 7 -4.56 6.15 -0.17
N GLU B 8 -3.93 6.23 -1.35
CA GLU B 8 -2.59 5.67 -1.55
C GLU B 8 -1.57 6.23 -0.57
N LEU B 9 -1.79 7.46 -0.12
CA LEU B 9 -0.88 8.12 0.79
C LEU B 9 -1.00 7.56 2.22
N GLU B 10 -2.23 7.19 2.63
CA GLU B 10 -2.45 6.56 3.93
C GLU B 10 -1.87 5.12 3.91
N GLU B 11 -2.09 4.42 2.78
CA GLU B 11 -1.55 3.08 2.55
C GLU B 11 -0.03 3.07 2.82
N SER B 12 0.68 3.99 2.16
CA SER B 12 2.12 4.00 2.20
C SER B 12 2.68 4.45 3.56
N ILE B 13 2.08 5.42 4.25
CA ILE B 13 2.54 5.73 5.61
C ILE B 13 2.26 4.53 6.52
N GLU B 14 1.11 3.87 6.39
CA GLU B 14 0.85 2.71 7.22
C GLU B 14 1.93 1.65 7.00
N THR B 15 2.15 1.20 5.76
CA THR B 15 3.07 0.09 5.52
C THR B 15 4.46 0.32 6.15
N VAL B 16 4.97 1.55 6.09
CA VAL B 16 6.24 1.88 6.73
C VAL B 16 6.07 2.00 8.26
N VAL B 17 4.96 2.58 8.74
CA VAL B 17 4.69 2.70 10.17
C VAL B 17 4.61 1.31 10.82
N THR B 18 3.91 0.34 10.19
CA THR B 18 3.82 -1.02 10.76
C THR B 18 5.20 -1.71 10.78
N THR B 19 5.99 -1.50 9.71
CA THR B 19 7.34 -2.02 9.64
C THR B 19 8.21 -1.43 10.75
N PHE B 20 8.24 -0.09 10.84
CA PHE B 20 8.83 0.63 11.96
C PHE B 20 8.44 -0.02 13.28
N PHE B 21 7.13 -0.16 13.51
CA PHE B 21 6.60 -0.74 14.75
C PHE B 21 7.02 -2.20 14.98
N THR B 22 7.51 -2.85 13.93
CA THR B 22 7.96 -4.24 14.02
C THR B 22 9.34 -4.33 14.70
N PHE B 23 10.06 -3.22 14.71
CA PHE B 23 11.39 -3.17 15.34
C PHE B 23 11.39 -2.24 16.55
N ALA B 24 10.46 -1.29 16.54
CA ALA B 24 10.29 -0.29 17.59
C ALA B 24 10.02 -0.95 18.94
N ARG B 25 9.31 -2.06 18.94
CA ARG B 25 8.95 -2.75 20.18
C ARG B 25 9.87 -3.91 20.53
N GLN B 26 11.03 -3.99 19.89
CA GLN B 26 11.97 -5.08 20.15
C GLN B 26 12.49 -5.05 21.59
N GLU B 27 12.76 -3.86 22.11
CA GLU B 27 13.28 -3.70 23.47
C GLU B 27 12.31 -2.88 24.34
N GLY B 28 12.85 -1.91 25.09
CA GLY B 28 12.04 -1.07 25.93
C GLY B 28 11.39 0.06 25.15
N ARG B 29 10.09 0.28 25.41
CA ARG B 29 9.32 1.33 24.74
C ARG B 29 9.10 0.99 23.27
N LYS B 30 7.84 0.87 22.87
CA LYS B 30 7.50 0.52 21.49
C LYS B 30 7.38 1.75 20.60
N ASP B 31 8.30 2.71 20.77
CA ASP B 31 8.32 3.92 19.96
C ASP B 31 9.75 4.14 19.51
N SER B 32 10.67 4.12 20.47
CA SER B 32 12.07 4.34 20.22
C SER B 32 12.75 3.06 19.76
N LEU B 33 13.60 3.17 18.73
CA LEU B 33 14.58 2.15 18.40
C LEU B 33 15.83 2.46 19.20
N SER B 34 16.30 1.55 20.06
CA SER B 34 17.64 1.67 20.61
C SER B 34 18.66 1.11 19.61
N VAL B 35 19.95 1.15 19.96
CA VAL B 35 21.04 0.91 19.04
C VAL B 35 20.87 -0.41 18.25
N ASN B 36 20.74 -1.55 18.97
CA ASN B 36 20.55 -2.86 18.32
C ASN B 36 19.28 -2.83 17.45
N GLU B 37 18.16 -2.51 18.10
CA GLU B 37 16.87 -2.29 17.45
C GLU B 37 17.01 -1.57 16.10
N PHE B 38 17.74 -0.47 16.10
CA PHE B 38 17.97 0.34 14.92
C PHE B 38 18.77 -0.47 13.91
N LYS B 39 19.91 -1.02 14.34
CA LYS B 39 20.76 -1.80 13.45
C LYS B 39 19.99 -2.96 12.81
N GLU B 40 19.01 -3.53 13.53
CA GLU B 40 18.20 -4.63 13.03
C GLU B 40 17.39 -4.26 11.77
N LEU B 41 17.01 -2.99 11.63
CA LEU B 41 16.23 -2.55 10.48
C LEU B 41 17.12 -2.68 9.25
N VAL B 42 18.28 -2.04 9.32
CA VAL B 42 19.17 -1.91 8.17
C VAL B 42 19.71 -3.29 7.80
N THR B 43 20.22 -4.02 8.79
CA THR B 43 20.81 -5.34 8.57
C THR B 43 19.81 -6.38 8.00
N GLN B 44 18.53 -6.25 8.34
CA GLN B 44 17.54 -7.22 7.87
C GLN B 44 16.81 -6.81 6.60
N GLN B 45 16.11 -5.67 6.63
CA GLN B 45 15.32 -5.23 5.48
C GLN B 45 15.96 -4.12 4.64
N LEU B 46 17.27 -3.93 4.71
CA LEU B 46 17.90 -2.89 3.90
C LEU B 46 19.33 -3.27 3.50
N PRO B 47 19.47 -4.19 2.53
CA PRO B 47 20.76 -4.68 2.04
C PRO B 47 21.24 -4.01 0.75
N HIS B 48 20.38 -3.22 0.09
CA HIS B 48 20.75 -2.58 -1.15
C HIS B 48 20.89 -1.06 -1.00
N LEU B 49 19.78 -0.40 -0.61
CA LEU B 49 19.75 1.04 -0.43
C LEU B 49 20.97 1.56 0.32
N LEU B 50 21.08 1.21 1.60
CA LEU B 50 22.19 1.53 2.47
C LEU B 50 22.92 0.23 2.77
N LYS B 51 23.74 -0.19 1.80
CA LYS B 51 24.52 -1.43 1.90
C LYS B 51 25.59 -1.36 2.99
N ASP B 52 25.64 -0.25 3.72
CA ASP B 52 26.62 -0.08 4.79
C ASP B 52 26.08 -0.67 6.10
N VAL B 53 26.27 -1.97 6.27
CA VAL B 53 25.82 -2.67 7.48
C VAL B 53 26.94 -2.73 8.52
N GLY B 54 27.92 -1.85 8.38
CA GLY B 54 29.02 -1.81 9.32
C GLY B 54 29.16 -0.48 10.01
N SER B 55 28.93 0.60 9.27
CA SER B 55 29.03 1.96 9.82
C SER B 55 27.66 2.50 10.24
N LEU B 56 26.90 1.67 10.94
CA LEU B 56 25.60 2.05 11.43
C LEU B 56 25.76 3.15 12.47
N ASP B 57 26.88 3.16 13.19
CA ASP B 57 27.26 4.22 14.12
C ASP B 57 27.18 5.60 13.44
N GLU B 58 27.75 5.74 12.25
CA GLU B 58 27.71 6.98 11.48
C GLU B 58 26.27 7.40 11.26
N LYS B 59 25.43 6.49 10.74
CA LYS B 59 24.02 6.80 10.55
C LYS B 59 23.42 7.26 11.87
N MET B 60 23.62 6.47 12.94
CA MET B 60 23.09 6.73 14.26
C MET B 60 23.43 8.16 14.69
N LYS B 61 24.71 8.54 14.66
CA LYS B 61 25.14 9.89 15.00
C LYS B 61 24.48 10.93 14.08
N SER B 62 24.41 10.64 12.77
CA SER B 62 23.78 11.54 11.81
C SER B 62 22.29 11.72 12.08
N LEU B 63 21.63 10.70 12.64
CA LEU B 63 20.20 10.66 12.93
C LEU B 63 19.90 11.28 14.30
N ASP B 64 20.41 10.66 15.35
CA ASP B 64 20.13 10.99 16.74
C ASP B 64 20.89 12.27 17.12
N VAL B 65 20.42 13.42 16.64
CA VAL B 65 21.07 14.71 16.85
C VAL B 65 21.42 14.98 18.32
N ASN B 66 20.55 14.56 19.24
CA ASN B 66 20.72 14.75 20.68
C ASN B 66 21.58 13.64 21.32
N GLN B 67 21.90 12.58 20.57
CA GLN B 67 22.72 11.46 21.02
C GLN B 67 22.26 10.94 22.38
N ASP B 68 20.97 10.64 22.50
CA ASP B 68 20.37 10.02 23.69
C ASP B 68 20.43 8.49 23.55
N SER B 69 20.78 7.96 22.38
CA SER B 69 20.77 6.53 22.08
C SER B 69 19.36 5.96 22.07
N GLU B 70 18.39 6.83 21.74
CA GLU B 70 17.03 6.49 21.37
C GLU B 70 16.71 7.28 20.11
N LEU B 71 16.44 6.62 19.00
CA LEU B 71 15.79 7.26 17.87
C LEU B 71 14.29 7.20 18.16
N LYS B 72 13.72 8.26 18.78
CA LYS B 72 12.28 8.44 18.91
C LYS B 72 11.63 8.33 17.53
N PHE B 73 10.32 8.10 17.46
CA PHE B 73 9.55 7.98 16.22
C PHE B 73 10.04 8.97 15.15
N ASN B 74 10.00 10.27 15.47
CA ASN B 74 10.37 11.32 14.53
C ASN B 74 11.88 11.33 14.20
N GLU B 75 12.73 10.92 15.14
CA GLU B 75 14.16 10.86 14.90
C GLU B 75 14.45 9.70 13.94
N TYR B 76 13.97 8.49 14.28
CA TYR B 76 14.04 7.32 13.43
C TYR B 76 13.56 7.67 12.03
N TRP B 77 12.38 8.28 11.96
CA TRP B 77 11.74 8.69 10.73
C TRP B 77 12.74 9.34 9.77
N ARG B 78 13.73 10.13 10.25
CA ARG B 78 14.80 10.70 9.43
C ARG B 78 15.32 9.69 8.39
N LEU B 79 15.65 8.48 8.83
CA LEU B 79 16.15 7.42 7.96
C LEU B 79 15.29 7.31 6.71
N ILE B 80 13.96 7.34 6.85
CA ILE B 80 13.04 7.12 5.73
C ILE B 80 13.27 8.19 4.66
N GLY B 81 13.79 9.36 5.06
CA GLY B 81 14.08 10.44 4.16
C GLY B 81 15.31 10.13 3.36
N GLU B 82 16.30 9.60 4.06
CA GLU B 82 17.57 9.27 3.49
C GLU B 82 17.34 8.09 2.54
N LEU B 83 16.42 7.19 2.88
CA LEU B 83 15.97 6.12 2.00
C LEU B 83 15.28 6.70 0.75
N ALA B 84 14.19 7.45 0.95
CA ALA B 84 13.38 8.06 -0.11
C ALA B 84 14.21 8.98 -1.00
N LYS B 85 15.28 9.54 -0.45
CA LYS B 85 16.27 10.29 -1.17
C LYS B 85 17.14 9.29 -1.95
N GLU B 86 17.86 8.38 -1.28
CA GLU B 86 18.76 7.39 -1.89
C GLU B 86 18.16 6.72 -3.12
N ILE B 87 16.92 6.22 -3.04
CA ILE B 87 16.30 5.55 -4.18
C ILE B 87 16.36 6.36 -5.49
N ARG B 88 16.27 7.69 -5.39
CA ARG B 88 16.46 8.61 -6.51
C ARG B 88 17.94 8.97 -6.62
N LYS B 89 18.50 9.45 -5.52
CA LYS B 89 19.78 10.11 -5.41
C LYS B 89 20.95 9.19 -5.78
N LYS B 90 20.83 7.88 -5.66
CA LYS B 90 21.67 7.13 -4.74
C LYS B 90 23.09 7.71 -4.61
N LYS B 91 23.93 7.67 -5.66
CA LYS B 91 25.26 8.25 -5.64
C LYS B 91 25.48 9.10 -6.90
N ASP B 92 24.49 9.95 -7.21
CA ASP B 92 24.39 10.93 -8.31
C ASP B 92 25.54 11.93 -8.21
N LEU B 93 26.73 11.46 -8.56
CA LEU B 93 28.01 12.09 -8.35
C LEU B 93 29.03 11.17 -9.04
N LYS B 94 29.01 9.86 -8.70
CA LYS B 94 29.81 8.83 -9.36
C LYS B 94 28.92 7.77 -10.03
N ILE B 95 27.86 7.31 -9.35
CA ILE B 95 27.09 6.14 -9.75
C ILE B 95 25.58 6.42 -9.54
N ARG B 96 24.73 6.56 -10.56
CA ARG B 96 24.91 6.68 -12.00
C ARG B 96 23.55 6.86 -12.72
N MET C 1 16.14 5.77 -17.24
CA MET C 1 14.87 6.28 -17.76
C MET C 1 13.75 5.88 -16.80
N ALA C 2 13.55 4.57 -16.56
CA ALA C 2 12.54 4.08 -15.61
C ALA C 2 12.66 2.57 -15.36
N ALA C 3 12.90 2.18 -14.11
CA ALA C 3 12.36 0.98 -13.44
C ALA C 3 11.98 -0.26 -14.26
N GLU C 4 12.83 -1.29 -14.30
CA GLU C 4 12.44 -2.70 -14.29
C GLU C 4 12.22 -3.12 -12.81
N PRO C 5 11.91 -4.43 -12.51
CA PRO C 5 11.66 -5.00 -11.16
C PRO C 5 12.19 -4.22 -9.97
N LEU C 6 11.35 -4.19 -8.92
CA LEU C 6 11.65 -3.52 -7.67
C LEU C 6 11.25 -4.43 -6.50
N THR C 7 11.22 -3.89 -5.28
CA THR C 7 10.84 -4.65 -4.10
C THR C 7 9.44 -4.23 -3.60
N GLU C 8 9.03 -4.77 -2.45
CA GLU C 8 7.71 -4.47 -1.86
C GLU C 8 7.52 -2.98 -1.57
N LEU C 9 8.46 -2.38 -0.84
CA LEU C 9 8.39 -0.97 -0.48
C LEU C 9 8.69 -0.06 -1.66
N GLU C 10 9.54 -0.52 -2.57
CA GLU C 10 9.89 0.25 -3.75
C GLU C 10 8.64 0.52 -4.59
N GLU C 11 7.70 -0.43 -4.60
CA GLU C 11 6.42 -0.23 -5.27
C GLU C 11 5.69 0.98 -4.67
N SER C 12 5.57 1.00 -3.35
CA SER C 12 4.75 1.98 -2.65
C SER C 12 5.37 3.39 -2.67
N ILE C 13 6.70 3.52 -2.84
CA ILE C 13 7.29 4.81 -3.19
C ILE C 13 7.04 5.13 -4.68
N GLU C 14 7.02 4.14 -5.57
CA GLU C 14 6.66 4.40 -6.96
C GLU C 14 5.25 4.97 -7.06
N THR C 15 4.24 4.30 -6.48
CA THR C 15 2.84 4.64 -6.73
C THR C 15 2.57 6.14 -6.52
N VAL C 16 3.19 6.74 -5.51
CA VAL C 16 3.07 8.18 -5.26
C VAL C 16 3.85 9.01 -6.28
N VAL C 17 5.03 8.54 -6.71
CA VAL C 17 5.80 9.19 -7.77
C VAL C 17 4.99 9.20 -9.07
N THR C 18 4.30 8.09 -9.38
CA THR C 18 3.47 7.99 -10.57
C THR C 18 2.38 9.09 -10.57
N THR C 19 1.96 9.53 -9.36
CA THR C 19 0.97 10.62 -9.22
C THR C 19 1.67 11.92 -9.62
N PHE C 20 2.83 12.11 -8.99
CA PHE C 20 3.74 13.23 -9.26
C PHE C 20 3.97 13.37 -10.76
N PHE C 21 4.36 12.25 -11.39
CA PHE C 21 4.68 12.19 -12.82
C PHE C 21 3.51 12.54 -13.74
N THR C 22 2.27 12.27 -13.33
CA THR C 22 1.11 12.59 -14.19
C THR C 22 0.51 13.96 -13.90
N PHE C 23 1.14 14.70 -13.02
CA PHE C 23 0.66 16.04 -12.67
C PHE C 23 1.66 17.10 -13.13
N ALA C 24 2.94 16.70 -13.11
CA ALA C 24 4.02 17.60 -13.51
C ALA C 24 4.27 17.59 -15.00
N ARG C 25 3.77 16.56 -15.69
CA ARG C 25 3.86 16.46 -17.14
C ARG C 25 2.75 17.29 -17.76
N GLN C 26 2.61 18.52 -17.29
CA GLN C 26 1.52 19.38 -17.73
C GLN C 26 1.97 20.62 -18.51
N GLU C 27 2.86 21.46 -17.95
CA GLU C 27 3.18 22.67 -18.70
C GLU C 27 4.48 22.55 -19.50
N GLY C 28 5.62 22.67 -18.82
CA GLY C 28 6.90 22.06 -19.12
C GLY C 28 7.05 20.77 -18.35
N ARG C 29 7.97 19.91 -18.82
CA ARG C 29 8.90 19.16 -17.98
C ARG C 29 8.23 18.38 -16.83
N LYS C 30 8.20 17.05 -17.01
CA LYS C 30 7.59 16.12 -16.04
C LYS C 30 8.48 15.87 -14.82
N ASP C 31 9.78 16.10 -14.98
CA ASP C 31 10.75 15.90 -13.91
C ASP C 31 10.69 16.99 -12.82
N SER C 32 9.99 18.12 -13.05
CA SER C 32 9.83 19.19 -12.06
C SER C 32 8.37 19.59 -11.92
N LEU C 33 7.93 19.83 -10.68
CA LEU C 33 6.63 20.45 -10.44
C LEU C 33 6.71 21.92 -10.82
N SER C 34 5.69 22.38 -11.53
CA SER C 34 5.50 23.73 -12.03
C SER C 34 4.20 24.27 -11.38
N VAL C 35 3.97 25.60 -11.37
CA VAL C 35 2.90 26.16 -10.54
C VAL C 35 1.62 26.43 -11.33
N ASN C 36 1.21 25.42 -12.08
CA ASN C 36 -0.14 25.02 -12.37
C ASN C 36 -0.04 23.53 -12.72
N GLU C 37 0.55 22.88 -11.71
CA GLU C 37 0.81 21.46 -11.59
C GLU C 37 0.79 21.18 -10.08
N PHE C 38 1.49 22.08 -9.36
CA PHE C 38 1.56 22.09 -7.91
C PHE C 38 0.20 22.45 -7.32
N LYS C 39 -0.32 23.63 -7.66
CA LYS C 39 -1.57 24.07 -7.06
C LYS C 39 -2.70 23.08 -7.40
N GLU C 40 -2.67 22.54 -8.62
CA GLU C 40 -3.66 21.55 -9.04
C GLU C 40 -3.50 20.25 -8.23
N LEU C 41 -2.27 19.98 -7.79
CA LEU C 41 -1.96 18.79 -7.01
C LEU C 41 -2.52 18.91 -5.59
N VAL C 42 -2.26 20.05 -4.94
CA VAL C 42 -2.76 20.29 -3.60
C VAL C 42 -4.28 20.35 -3.58
N THR C 43 -4.87 21.03 -4.54
CA THR C 43 -6.33 21.18 -4.60
C THR C 43 -7.07 19.90 -5.02
N GLN C 44 -6.39 18.99 -5.72
CA GLN C 44 -7.04 17.76 -6.19
C GLN C 44 -6.67 16.53 -5.37
N GLN C 45 -5.37 16.25 -5.26
CA GLN C 45 -4.91 15.06 -4.56
C GLN C 45 -4.81 15.25 -3.04
N LEU C 46 -4.48 16.46 -2.59
CA LEU C 46 -4.35 16.72 -1.15
C LEU C 46 -5.31 17.82 -0.66
N PRO C 47 -6.64 17.66 -0.85
CA PRO C 47 -7.60 18.67 -0.42
C PRO C 47 -8.05 18.48 1.03
N HIS C 48 -7.90 17.26 1.52
CA HIS C 48 -8.28 16.93 2.89
C HIS C 48 -7.04 16.81 3.77
N LEU C 49 -6.02 16.16 3.25
CA LEU C 49 -4.77 15.97 3.97
C LEU C 49 -4.10 17.32 4.20
N LEU C 50 -3.97 18.10 3.14
CA LEU C 50 -3.41 19.44 3.22
C LEU C 50 -4.53 20.46 3.25
N LYS C 51 -4.88 20.92 4.43
CA LYS C 51 -5.95 21.89 4.60
C LYS C 51 -5.44 23.33 4.44
N ASP C 52 -4.65 23.54 3.39
CA ASP C 52 -4.10 24.85 3.10
C ASP C 52 -3.85 24.99 1.60
N VAL C 53 -4.92 24.83 0.82
CA VAL C 53 -4.84 24.92 -0.63
C VAL C 53 -4.84 26.37 -1.11
N GLY C 54 -5.22 27.29 -0.21
CA GLY C 54 -5.27 28.70 -0.57
C GLY C 54 -3.98 29.40 -0.23
N SER C 55 -3.16 28.75 0.60
CA SER C 55 -1.87 29.32 1.02
C SER C 55 -0.71 28.44 0.52
N LEU C 56 -0.89 27.84 -0.66
CA LEU C 56 0.13 27.04 -1.29
C LEU C 56 1.40 27.85 -1.44
N ASP C 57 1.28 29.06 -1.96
CA ASP C 57 2.35 30.00 -2.26
C ASP C 57 3.40 30.07 -1.14
N GLU C 58 2.97 30.07 0.13
CA GLU C 58 3.87 30.04 1.28
C GLU C 58 4.67 28.72 1.28
N LYS C 59 3.95 27.60 1.12
CA LYS C 59 4.58 26.28 1.07
C LYS C 59 5.58 26.23 -0.07
N MET C 60 5.15 26.71 -1.24
CA MET C 60 6.00 26.82 -2.41
C MET C 60 7.28 27.56 -2.08
N LYS C 61 7.17 28.77 -1.52
CA LYS C 61 8.35 29.55 -1.15
C LYS C 61 9.23 28.77 -0.17
N SER C 62 8.62 28.12 0.82
CA SER C 62 9.33 27.30 1.80
C SER C 62 10.03 26.10 1.15
N LEU C 63 9.39 25.49 0.15
CA LEU C 63 9.87 24.32 -0.56
C LEU C 63 11.06 24.70 -1.45
N ASP C 64 10.83 25.67 -2.35
CA ASP C 64 11.63 25.94 -3.53
C ASP C 64 13.11 26.26 -3.31
N VAL C 65 13.52 26.52 -2.07
CA VAL C 65 14.32 27.63 -1.54
C VAL C 65 15.45 28.21 -2.40
N ASN C 66 16.00 27.49 -3.39
CA ASN C 66 16.80 28.14 -4.43
C ASN C 66 15.97 29.22 -5.14
N GLN C 67 14.64 29.06 -5.14
CA GLN C 67 13.67 30.02 -5.64
C GLN C 67 13.75 30.17 -7.16
N ASP C 68 14.35 29.19 -7.85
CA ASP C 68 14.26 29.08 -9.30
C ASP C 68 12.81 28.90 -9.74
N SER C 69 11.93 28.50 -8.83
CA SER C 69 10.51 28.28 -9.08
C SER C 69 10.26 27.05 -9.96
N GLU C 70 11.29 26.23 -10.20
CA GLU C 70 11.11 24.83 -10.51
C GLU C 70 11.13 24.13 -9.16
N LEU C 71 9.99 23.58 -8.74
CA LEU C 71 9.94 22.76 -7.55
C LEU C 71 10.62 21.44 -7.93
N LYS C 72 11.88 21.30 -7.51
CA LYS C 72 12.84 20.40 -8.13
C LYS C 72 12.64 18.97 -7.61
N PHE C 73 13.34 18.01 -8.20
CA PHE C 73 13.20 16.59 -7.94
C PHE C 73 13.97 16.28 -6.65
N ASN C 74 13.35 16.72 -5.55
CA ASN C 74 13.74 16.83 -4.15
C ASN C 74 14.18 18.27 -3.88
N GLU C 75 13.40 19.27 -4.28
CA GLU C 75 12.70 20.16 -3.38
C GLU C 75 11.32 19.56 -3.07
N TYR C 76 10.52 19.39 -4.14
CA TYR C 76 9.11 18.99 -4.12
C TYR C 76 8.82 17.96 -3.07
N TRP C 77 9.60 16.88 -3.12
CA TRP C 77 9.41 15.68 -2.32
C TRP C 77 9.06 15.99 -0.87
N ARG C 78 9.71 17.02 -0.28
CA ARG C 78 9.43 17.52 1.06
C ARG C 78 7.92 17.52 1.36
N LEU C 79 7.09 17.98 0.41
CA LEU C 79 5.65 18.06 0.57
C LEU C 79 5.07 16.74 1.08
N ILE C 80 5.43 15.62 0.44
CA ILE C 80 4.95 14.30 0.80
C ILE C 80 5.34 14.03 2.27
N GLY C 81 6.45 14.62 2.71
CA GLY C 81 6.99 14.58 4.05
C GLY C 81 6.13 15.30 5.04
N GLU C 82 5.70 16.47 4.62
CA GLU C 82 4.89 17.32 5.44
C GLU C 82 3.54 16.64 5.60
N LEU C 83 2.90 16.16 4.53
CA LEU C 83 1.72 15.32 4.72
C LEU C 83 2.01 14.10 5.61
N ALA C 84 3.13 13.41 5.36
CA ALA C 84 3.49 12.22 6.13
C ALA C 84 3.52 12.53 7.63
N LYS C 85 4.21 13.59 8.06
CA LYS C 85 4.18 13.95 9.47
C LYS C 85 2.80 14.49 9.86
N GLU C 86 2.14 15.33 9.03
CA GLU C 86 0.86 16.01 9.33
C GLU C 86 -0.14 15.06 9.99
N ILE C 87 -0.28 13.84 9.45
CA ILE C 87 -1.19 12.85 10.02
C ILE C 87 -0.97 12.66 11.54
N ARG C 88 0.30 12.67 11.95
CA ARG C 88 0.75 12.68 13.34
C ARG C 88 0.75 14.10 13.93
N LYS C 89 1.13 15.10 13.14
CA LYS C 89 1.57 16.42 13.59
C LYS C 89 0.62 17.52 13.09
N LYS C 90 -0.51 17.65 13.77
CA LYS C 90 -1.59 18.61 13.52
C LYS C 90 -1.07 19.99 13.07
N LYS C 91 -0.18 20.64 13.83
CA LYS C 91 0.37 21.96 13.44
C LYS C 91 1.76 22.24 14.04
N ASP C 92 2.28 21.33 14.85
CA ASP C 92 3.11 21.69 15.99
C ASP C 92 4.60 21.68 15.59
N LEU C 93 4.94 22.34 14.47
CA LEU C 93 6.31 22.38 13.96
C LEU C 93 7.07 23.61 14.45
N ILE C 95 9.66 25.95 14.38
CA ILE C 95 11.04 26.18 13.94
C ILE C 95 11.27 27.57 13.30
N ARG C 96 12.51 28.05 13.44
CA ARG C 96 13.03 29.29 12.88
C ARG C 96 14.55 29.19 13.06
N LYS C 97 15.34 29.38 12.00
CA LYS C 97 16.74 28.97 11.97
C LYS C 97 17.30 29.47 10.64
N LYS C 98 18.41 30.23 10.68
CA LYS C 98 19.23 30.56 9.52
C LYS C 98 20.47 29.67 9.62
N TYR D 1 -19.93 -8.75 -38.64
CA TYR D 1 -21.20 -8.00 -38.51
C TYR D 1 -20.94 -6.63 -37.88
N LYS D 2 -20.21 -5.77 -38.60
CA LYS D 2 -19.88 -4.44 -38.11
C LYS D 2 -21.15 -3.72 -37.61
N LYS D 3 -21.24 -3.58 -36.30
CA LYS D 3 -22.39 -2.93 -35.68
C LYS D 3 -22.00 -2.43 -34.28
N PRO D 4 -22.97 -1.90 -33.49
CA PRO D 4 -22.75 -1.39 -32.15
C PRO D 4 -21.46 -1.86 -31.48
N LYS D 5 -20.48 -0.97 -31.42
CA LYS D 5 -19.19 -1.28 -30.82
C LYS D 5 -19.18 -0.79 -29.38
N LEU D 6 -19.28 -1.72 -28.43
CA LEU D 6 -19.27 -1.37 -27.01
C LEU D 6 -17.84 -1.21 -26.52
N LEU D 7 -17.60 -0.15 -25.75
CA LEU D 7 -16.27 0.12 -25.22
C LEU D 7 -16.35 0.70 -23.81
N TYR D 8 -15.50 0.23 -22.91
CA TYR D 8 -15.46 0.71 -21.54
C TYR D 8 -14.10 0.40 -20.91
N CYS D 9 -13.85 0.90 -19.71
CA CYS D 9 -12.58 0.65 -19.04
C CYS D 9 -12.75 0.59 -17.52
N SER D 10 -11.71 0.09 -16.84
CA SER D 10 -11.71 -0.04 -15.40
C SER D 10 -12.58 -1.23 -14.98
N ASN D 11 -11.97 -2.19 -14.31
CA ASN D 11 -12.67 -3.38 -13.86
C ASN D 11 -13.96 -2.99 -13.14
N GLY D 12 -15.08 -3.55 -13.58
CA GLY D 12 -16.35 -3.25 -12.96
C GLY D 12 -17.43 -2.97 -13.99
N GLY D 13 -18.61 -3.51 -13.77
CA GLY D 13 -19.71 -3.30 -14.68
C GLY D 13 -20.00 -1.83 -14.93
N HIS D 14 -19.59 -1.35 -16.11
CA HIS D 14 -19.80 0.04 -16.51
C HIS D 14 -19.57 0.19 -18.01
N PHE D 15 -20.58 0.66 -18.73
CA PHE D 15 -20.47 0.83 -20.18
C PHE D 15 -20.63 2.30 -20.56
N LEU D 16 -20.00 2.70 -21.65
CA LEU D 16 -20.08 4.08 -22.11
C LEU D 16 -21.43 4.34 -22.76
N ARG D 17 -22.34 4.97 -22.02
CA ARG D 17 -23.67 5.27 -22.54
C ARG D 17 -23.70 6.69 -23.09
N ILE D 18 -23.76 6.79 -24.41
CA ILE D 18 -23.77 8.08 -25.08
C ILE D 18 -25.20 8.60 -25.26
N LEU D 19 -25.36 9.91 -25.12
CA LEU D 19 -26.65 10.55 -25.27
C LEU D 19 -26.51 11.75 -26.20
N PRO D 20 -27.51 11.97 -27.09
CA PRO D 20 -27.49 13.08 -28.05
C PRO D 20 -27.10 14.41 -27.40
N ASP D 21 -27.42 14.55 -26.12
CA ASP D 21 -27.08 15.74 -25.35
C ASP D 21 -25.57 15.97 -25.33
N GLY D 22 -24.83 14.90 -25.12
CA GLY D 22 -23.38 15.00 -25.07
C GLY D 22 -22.82 14.43 -23.78
N THR D 23 -23.57 14.54 -22.69
CA THR D 23 -23.13 14.02 -21.40
C THR D 23 -23.16 12.50 -21.37
N VAL D 24 -22.08 11.90 -21.85
CA VAL D 24 -21.95 10.44 -21.86
C VAL D 24 -21.38 9.95 -20.52
N ASP D 25 -22.00 8.94 -19.94
CA ASP D 25 -21.55 8.39 -18.67
C ASP D 25 -21.34 6.88 -18.76
N GLY D 26 -20.66 6.32 -17.77
CA GLY D 26 -20.37 4.91 -17.74
C GLY D 26 -21.52 4.10 -17.15
N THR D 27 -22.64 4.09 -17.84
CA THR D 27 -23.83 3.37 -17.39
C THR D 27 -23.59 1.86 -17.47
N ARG D 28 -23.86 1.15 -16.37
CA ARG D 28 -23.68 -0.29 -16.35
C ARG D 28 -24.98 -0.99 -16.70
N ASP D 29 -25.41 -0.84 -17.95
CA ASP D 29 -26.64 -1.45 -18.43
C ASP D 29 -26.53 -1.79 -19.90
N ARG D 30 -27.27 -2.81 -20.33
CA ARG D 30 -27.28 -3.22 -21.72
C ARG D 30 -28.71 -3.47 -22.20
N SER D 31 -29.67 -2.85 -21.51
CA SER D 31 -31.08 -2.98 -21.84
C SER D 31 -31.49 -1.89 -22.84
N ASP D 32 -31.03 -0.67 -22.58
CA ASP D 32 -31.35 0.45 -23.45
C ASP D 32 -30.24 0.68 -24.47
N GLN D 33 -30.60 0.71 -25.75
CA GLN D 33 -29.62 0.91 -26.82
C GLN D 33 -29.01 2.31 -26.78
N HIS D 34 -28.11 2.54 -25.84
CA HIS D 34 -27.43 3.84 -25.74
C HIS D 34 -25.98 3.67 -25.30
N ILE D 35 -25.44 2.46 -25.41
CA ILE D 35 -24.06 2.18 -25.03
C ILE D 35 -23.30 1.53 -26.19
N GLN D 36 -23.51 2.07 -27.38
CA GLN D 36 -22.87 1.54 -28.57
C GLN D 36 -22.41 2.65 -29.50
N LEU D 37 -21.18 2.55 -29.97
CA LEU D 37 -20.61 3.54 -30.88
C LEU D 37 -20.04 2.84 -32.10
N GLN D 38 -19.97 3.55 -33.21
CA GLN D 38 -19.44 2.97 -34.45
C GLN D 38 -17.93 3.19 -34.54
N LEU D 39 -17.19 2.44 -33.72
CA LEU D 39 -15.74 2.52 -33.69
C LEU D 39 -15.16 1.83 -34.92
N SER D 40 -14.30 2.52 -35.65
CA SER D 40 -13.67 1.97 -36.84
C SER D 40 -12.40 2.74 -37.19
N ALA D 41 -11.50 2.09 -37.91
CA ALA D 41 -10.26 2.72 -38.33
C ALA D 41 -10.49 3.49 -39.63
N GLU D 42 -10.59 4.81 -39.51
CA GLU D 42 -10.84 5.66 -40.67
C GLU D 42 -9.59 5.72 -41.55
N SER D 43 -8.48 6.10 -40.95
CA SER D 43 -7.21 6.20 -41.67
C SER D 43 -6.20 5.20 -41.08
N VAL D 44 -5.03 5.10 -41.70
CA VAL D 44 -4.00 4.18 -41.23
C VAL D 44 -3.69 4.41 -39.74
N GLY D 45 -4.35 3.63 -38.90
CA GLY D 45 -4.15 3.74 -37.46
C GLY D 45 -5.09 4.75 -36.79
N GLU D 46 -5.73 5.61 -37.60
CA GLU D 46 -6.63 6.61 -37.05
C GLU D 46 -8.05 6.06 -36.92
N VAL D 47 -8.47 5.84 -35.69
CA VAL D 47 -9.80 5.31 -35.41
C VAL D 47 -10.72 6.42 -34.91
N TYR D 48 -11.98 6.38 -35.32
CA TYR D 48 -12.95 7.38 -34.92
C TYR D 48 -14.05 6.77 -34.07
N ILE D 49 -14.57 7.57 -33.14
CA ILE D 49 -15.63 7.14 -32.25
C ILE D 49 -16.90 7.94 -32.55
N LYS D 50 -17.83 7.30 -33.25
CA LYS D 50 -19.08 7.94 -33.62
C LYS D 50 -20.28 7.06 -33.29
N SER D 51 -21.08 7.50 -32.33
CA SER D 51 -22.27 6.75 -31.93
C SER D 51 -23.42 7.06 -32.89
N THR D 52 -23.20 6.73 -34.16
CA THR D 52 -24.18 6.99 -35.21
C THR D 52 -25.55 6.39 -34.88
N GLU D 53 -25.64 5.06 -34.92
CA GLU D 53 -26.91 4.37 -34.68
C GLU D 53 -27.19 4.21 -33.18
N THR D 54 -27.21 5.33 -32.45
CA THR D 54 -27.48 5.28 -31.01
C THR D 54 -27.35 6.64 -30.33
N GLY D 55 -26.33 7.41 -30.71
CA GLY D 55 -26.14 8.70 -30.07
C GLY D 55 -25.67 9.79 -31.01
N GLN D 56 -24.42 10.22 -30.83
CA GLN D 56 -23.84 11.29 -31.60
C GLN D 56 -22.36 11.05 -31.88
N TYR D 57 -21.72 12.02 -32.54
CA TYR D 57 -20.31 11.95 -32.86
C TYR D 57 -19.50 12.61 -31.74
N LEU D 58 -18.32 12.07 -31.45
CA LEU D 58 -17.48 12.62 -30.39
C LEU D 58 -16.69 13.83 -30.87
N ALA D 59 -16.33 14.69 -29.92
CA ALA D 59 -15.56 15.88 -30.18
C ALA D 59 -14.91 16.36 -28.88
N MET D 60 -13.75 15.79 -28.58
CA MET D 60 -13.02 16.12 -27.37
C MET D 60 -12.80 17.62 -27.21
N ASP D 61 -12.88 18.08 -25.97
CA ASP D 61 -12.67 19.49 -25.66
C ASP D 61 -11.21 19.69 -25.30
N THR D 62 -10.37 19.83 -26.32
CA THR D 62 -8.94 20.03 -26.12
C THR D 62 -8.35 18.82 -25.38
N ASP D 63 -8.91 17.63 -25.65
CA ASP D 63 -8.48 16.39 -24.99
C ASP D 63 -8.87 16.40 -23.52
N GLY D 64 -8.49 17.47 -22.81
CA GLY D 64 -8.82 17.63 -21.40
C GLY D 64 -10.15 17.02 -21.03
N LEU D 65 -11.21 17.46 -21.70
CA LEU D 65 -12.55 16.94 -21.44
C LEU D 65 -13.07 16.24 -22.70
N LEU D 66 -13.63 15.06 -22.52
CA LEU D 66 -14.15 14.29 -23.63
C LEU D 66 -15.66 14.48 -23.75
N TYR D 67 -16.12 14.83 -24.95
CA TYR D 67 -17.54 15.03 -25.20
C TYR D 67 -17.85 14.80 -26.67
N GLY D 68 -19.12 14.89 -27.03
CA GLY D 68 -19.53 14.69 -28.41
C GLY D 68 -21.01 14.92 -28.59
N SER D 69 -21.39 15.47 -29.73
CA SER D 69 -22.80 15.74 -30.04
C SER D 69 -22.95 16.57 -31.30
N GLN D 70 -22.41 17.79 -31.28
CA GLN D 70 -22.53 18.70 -32.42
C GLN D 70 -21.85 18.16 -33.68
N THR D 71 -20.52 18.13 -33.69
CA THR D 71 -19.78 17.67 -34.88
C THR D 71 -18.54 16.86 -34.51
N PRO D 72 -18.18 15.86 -35.33
CA PRO D 72 -17.00 15.02 -35.11
C PRO D 72 -15.72 15.77 -35.50
N ASN D 73 -15.35 16.76 -34.70
CA ASN D 73 -14.15 17.56 -34.95
C ASN D 73 -12.90 16.69 -34.89
N GLU D 74 -11.82 17.14 -35.54
CA GLU D 74 -10.55 16.40 -35.57
C GLU D 74 -10.20 15.86 -34.17
N GLU D 75 -10.59 16.61 -33.13
CA GLU D 75 -10.36 16.17 -31.75
C GLU D 75 -10.79 14.72 -31.56
N CYS D 76 -11.72 14.24 -32.38
CA CYS D 76 -12.23 12.88 -32.29
C CYS D 76 -11.35 11.85 -33.02
N LEU D 77 -10.23 12.27 -33.61
CA LEU D 77 -9.35 11.34 -34.30
C LEU D 77 -8.32 10.77 -33.33
N PHE D 78 -8.34 9.45 -33.17
CA PHE D 78 -7.42 8.79 -32.25
C PHE D 78 -6.65 7.66 -32.92
N LEU D 79 -5.40 7.47 -32.52
CA LEU D 79 -4.55 6.41 -33.05
C LEU D 79 -4.86 5.10 -32.33
N GLU D 80 -5.19 4.07 -33.10
CA GLU D 80 -5.52 2.76 -32.52
C GLU D 80 -4.27 2.04 -32.04
N ARG D 81 -4.19 1.80 -30.73
CA ARG D 81 -3.06 1.10 -30.13
C ARG D 81 -3.56 -0.03 -29.24
N LEU D 82 -2.78 -1.08 -29.10
CA LEU D 82 -3.17 -2.22 -28.29
C LEU D 82 -2.12 -2.49 -27.20
N GLU D 83 -2.59 -2.83 -26.00
CA GLU D 83 -1.69 -3.11 -24.88
C GLU D 83 -1.78 -4.59 -24.52
N GLU D 84 -0.65 -5.19 -24.18
CA GLU D 84 -0.61 -6.60 -23.80
C GLU D 84 -1.21 -6.80 -22.41
N ASN D 85 -2.43 -6.31 -22.24
CA ASN D 85 -3.15 -6.40 -20.97
C ASN D 85 -4.64 -6.62 -21.23
N HIS D 86 -4.97 -7.11 -22.43
CA HIS D 86 -6.36 -7.34 -22.82
C HIS D 86 -7.15 -6.04 -22.81
N TYR D 87 -6.54 -4.97 -23.35
CA TYR D 87 -7.19 -3.67 -23.42
C TYR D 87 -6.75 -2.90 -24.66
N ASN D 88 -7.61 -2.00 -25.10
CA ASN D 88 -7.35 -1.18 -26.28
C ASN D 88 -6.91 0.22 -25.87
N THR D 89 -6.03 0.82 -26.66
CA THR D 89 -5.53 2.15 -26.39
C THR D 89 -5.76 3.05 -27.60
N TYR D 90 -6.21 4.28 -27.36
CA TYR D 90 -6.47 5.22 -28.44
C TYR D 90 -5.79 6.54 -28.13
N ILE D 91 -4.83 6.91 -28.98
CA ILE D 91 -4.08 8.15 -28.79
C ILE D 91 -4.69 9.30 -29.57
N SER D 92 -5.17 10.32 -28.86
CA SER D 92 -5.76 11.50 -29.48
C SER D 92 -4.67 12.29 -30.20
N LYS D 93 -4.31 11.84 -31.39
CA LYS D 93 -3.27 12.49 -32.19
C LYS D 93 -3.44 14.01 -32.15
N LYS D 94 -4.68 14.47 -32.13
CA LYS D 94 -4.96 15.91 -32.07
C LYS D 94 -4.21 16.58 -30.92
N HIS D 95 -3.94 15.81 -29.85
CA HIS D 95 -3.21 16.32 -28.69
C HIS D 95 -2.02 15.44 -28.32
N ALA D 96 -1.69 14.48 -29.20
CA ALA D 96 -0.57 13.57 -28.96
C ALA D 96 0.69 14.37 -28.62
N GLU D 97 0.79 15.57 -29.19
CA GLU D 97 1.92 16.46 -28.95
C GLU D 97 2.18 16.62 -27.45
N LYS D 98 1.13 16.62 -26.65
CA LYS D 98 1.27 16.79 -25.20
C LYS D 98 1.23 15.44 -24.47
N ASN D 99 1.37 14.36 -25.24
CA ASN D 99 1.35 13.00 -24.71
C ASN D 99 -0.01 12.70 -24.06
N TRP D 100 -1.06 13.19 -24.68
CA TRP D 100 -2.42 13.02 -24.19
C TRP D 100 -3.20 12.00 -25.03
N PHE D 101 -3.75 10.99 -24.36
CA PHE D 101 -4.54 9.96 -25.04
C PHE D 101 -5.81 9.63 -24.24
N VAL D 102 -6.97 9.84 -24.91
CA VAL D 102 -8.32 9.66 -24.37
C VAL D 102 -8.38 8.77 -23.13
N GLY D 103 -8.91 9.35 -22.04
CA GLY D 103 -9.07 8.63 -20.79
C GLY D 103 -10.39 9.00 -20.12
N LEU D 104 -11.15 8.00 -19.68
CA LEU D 104 -12.45 8.25 -19.05
C LEU D 104 -12.49 7.72 -17.62
N LYS D 105 -13.43 8.24 -16.84
CA LYS D 105 -13.62 7.82 -15.46
C LYS D 105 -14.83 6.89 -15.35
N LYS D 106 -14.56 5.61 -15.20
CA LYS D 106 -15.61 4.58 -15.08
C LYS D 106 -16.77 5.04 -14.21
N ASN D 107 -16.45 5.66 -13.08
CA ASN D 107 -17.47 6.15 -12.16
C ASN D 107 -17.52 7.68 -12.15
N GLY D 108 -17.32 8.29 -13.32
CA GLY D 108 -17.34 9.73 -13.41
C GLY D 108 -17.81 10.22 -14.77
N SER D 109 -17.15 9.73 -15.82
CA SER D 109 -17.43 10.09 -17.21
C SER D 109 -16.11 10.26 -17.97
N CYS D 110 -16.18 10.49 -19.26
CA CYS D 110 -14.99 10.65 -20.07
C CYS D 110 -14.49 12.10 -20.03
N LYS D 111 -13.45 12.35 -19.23
CA LYS D 111 -12.87 13.68 -19.09
C LYS D 111 -11.69 13.66 -18.12
N ARG D 112 -10.54 13.20 -18.61
CA ARG D 112 -9.32 13.11 -17.79
C ARG D 112 -8.09 13.39 -18.63
N GLY D 113 -8.26 14.22 -19.65
CA GLY D 113 -7.18 14.60 -20.56
C GLY D 113 -5.90 15.09 -19.90
N PRO D 114 -5.96 15.97 -18.86
CA PRO D 114 -4.74 16.47 -18.19
C PRO D 114 -3.97 15.39 -17.42
N ARG D 115 -4.54 14.19 -17.32
CA ARG D 115 -3.90 13.09 -16.61
C ARG D 115 -3.82 11.83 -17.47
N THR D 116 -3.90 11.99 -18.80
CA THR D 116 -3.85 10.86 -19.71
C THR D 116 -2.41 10.44 -20.05
N HIS D 117 -1.85 9.55 -19.22
CA HIS D 117 -0.49 9.06 -19.43
C HIS D 117 -0.26 7.79 -18.60
N TYR D 118 0.97 7.59 -18.15
CA TYR D 118 1.29 6.41 -17.35
C TYR D 118 0.97 6.65 -15.87
N GLY D 119 -0.32 6.65 -15.58
CA GLY D 119 -0.80 6.86 -14.22
C GLY D 119 -2.23 6.40 -14.10
N GLN D 120 -3.08 6.96 -14.94
CA GLN D 120 -4.49 6.58 -14.99
C GLN D 120 -4.63 5.38 -15.92
N LYS D 121 -4.98 4.24 -15.35
CA LYS D 121 -5.10 2.99 -16.10
C LYS D 121 -6.37 2.98 -16.96
N ALA D 122 -7.32 3.84 -16.60
CA ALA D 122 -8.60 3.96 -17.33
C ALA D 122 -8.38 4.12 -18.84
N ILE D 123 -7.17 4.49 -19.24
CA ILE D 123 -6.84 4.65 -20.66
C ILE D 123 -6.90 3.30 -21.39
N LEU D 124 -6.73 2.21 -20.65
CA LEU D 124 -6.77 0.88 -21.23
C LEU D 124 -8.21 0.39 -21.30
N PHE D 125 -8.87 0.71 -22.40
CA PHE D 125 -10.28 0.36 -22.60
C PHE D 125 -10.45 -1.10 -23.01
N LEU D 126 -11.56 -1.69 -22.59
CA LEU D 126 -11.89 -3.07 -22.92
C LEU D 126 -13.06 -3.08 -23.90
N PRO D 127 -12.80 -3.39 -25.18
CA PRO D 127 -13.83 -3.41 -26.21
C PRO D 127 -14.57 -4.74 -26.32
N LEU D 128 -15.88 -4.66 -26.58
CA LEU D 128 -16.72 -5.83 -26.74
C LEU D 128 -17.58 -5.69 -28.01
N PRO D 129 -16.94 -5.32 -29.14
CA PRO D 129 -17.65 -5.12 -30.41
C PRO D 129 -17.91 -6.42 -31.16
N VAL D 130 -18.96 -6.43 -31.97
CA VAL D 130 -19.32 -7.59 -32.76
C VAL D 130 -18.45 -7.66 -34.01
N SER D 131 -17.29 -8.29 -33.88
CA SER D 131 -16.35 -8.45 -34.98
C SER D 131 -16.90 -9.37 -36.07
N SER D 132 -16.13 -9.53 -37.14
CA SER D 132 -16.53 -10.40 -38.24
C SER D 132 -15.62 -11.63 -38.27
N ASP D 133 -15.73 -12.44 -37.23
CA ASP D 133 -14.93 -13.66 -37.11
C ASP D 133 -15.69 -14.86 -37.65
N TYR A 1 -17.16 -30.77 27.09
CA TYR A 1 -16.30 -31.95 26.80
C TYR A 1 -14.83 -31.52 26.73
N LYS A 2 -14.28 -31.09 27.87
CA LYS A 2 -12.89 -30.65 27.93
C LYS A 2 -11.97 -31.70 27.32
N LYS A 3 -11.43 -31.37 26.14
CA LYS A 3 -10.55 -32.27 25.42
C LYS A 3 -9.67 -31.47 24.44
N PRO A 4 -8.87 -32.15 23.59
CA PRO A 4 -8.00 -31.54 22.60
C PRO A 4 -8.37 -30.08 22.27
N LYS A 5 -7.57 -29.15 22.79
CA LYS A 5 -7.78 -27.74 22.54
C LYS A 5 -6.89 -27.27 21.40
N LEU A 6 -7.49 -27.05 20.23
CA LEU A 6 -6.74 -26.60 19.07
C LEU A 6 -6.55 -25.09 19.11
N LEU A 7 -5.34 -24.63 18.82
CA LEU A 7 -5.02 -23.21 18.83
C LEU A 7 -4.04 -22.86 17.72
N TYR A 8 -4.30 -21.75 17.03
CA TYR A 8 -3.44 -21.29 15.95
C TYR A 8 -3.65 -19.79 15.71
N CYS A 9 -2.84 -19.19 14.86
CA CYS A 9 -2.98 -17.75 14.58
C CYS A 9 -2.57 -17.44 13.15
N SER A 10 -2.92 -16.22 12.71
CA SER A 10 -2.62 -15.76 11.37
C SER A 10 -3.56 -16.41 10.36
N ASN A 11 -4.33 -15.60 9.65
CA ASN A 11 -5.28 -16.10 8.66
C ASN A 11 -4.59 -17.09 7.73
N GLY A 12 -5.17 -18.28 7.62
CA GLY A 12 -4.61 -19.30 6.76
C GLY A 12 -4.56 -20.65 7.43
N GLY A 13 -4.92 -21.69 6.70
CA GLY A 13 -4.91 -23.04 7.24
C GLY A 13 -3.56 -23.42 7.82
N HIS A 14 -3.47 -23.42 9.15
CA HIS A 14 -2.25 -23.77 9.87
C HIS A 14 -2.57 -24.03 11.33
N PHE A 15 -2.26 -25.24 11.82
CA PHE A 15 -2.53 -25.60 13.20
C PHE A 15 -1.23 -25.91 13.94
N LEU A 16 -1.22 -25.66 15.24
CA LEU A 16 -0.05 -25.92 16.06
C LEU A 16 0.12 -27.42 16.30
N ARG A 17 1.01 -28.05 15.54
CA ARG A 17 1.24 -29.48 15.69
C ARG A 17 2.43 -29.72 16.61
N ILE A 18 2.14 -30.20 17.81
CA ILE A 18 3.17 -30.46 18.80
C ILE A 18 3.72 -31.88 18.67
N LEU A 19 5.02 -32.02 18.89
CA LEU A 19 5.69 -33.31 18.83
C LEU A 19 6.55 -33.50 20.08
N PRO A 20 6.56 -34.73 20.64
CA PRO A 20 7.34 -35.05 21.84
C PRO A 20 8.76 -34.50 21.78
N ASP A 21 9.30 -34.39 20.56
CA ASP A 21 10.64 -33.87 20.34
C ASP A 21 10.76 -32.43 20.87
N GLY A 22 9.74 -31.63 20.58
CA GLY A 22 9.74 -30.25 21.01
C GLY A 22 9.52 -29.29 19.86
N THR A 23 10.02 -29.66 18.67
CA THR A 23 9.88 -28.82 17.49
C THR A 23 8.44 -28.80 17.00
N VAL A 24 7.64 -27.92 17.57
CA VAL A 24 6.23 -27.76 17.19
C VAL A 24 6.12 -26.78 16.01
N ASP A 25 5.38 -27.17 14.98
CA ASP A 25 5.19 -26.31 13.80
C ASP A 25 3.71 -26.11 13.50
N GLY A 26 3.42 -25.13 12.65
CA GLY A 26 2.05 -24.82 12.28
C GLY A 26 1.55 -25.70 11.15
N THR A 27 1.42 -26.99 11.42
CA THR A 27 0.96 -27.95 10.42
C THR A 27 -0.52 -27.71 10.10
N ARG A 28 -0.85 -27.61 8.82
CA ARG A 28 -2.22 -27.39 8.42
C ARG A 28 -2.90 -28.72 8.11
N ASP A 29 -3.09 -29.52 9.16
CA ASP A 29 -3.73 -30.82 9.02
C ASP A 29 -4.49 -31.20 10.28
N ARG A 30 -5.52 -32.01 10.12
CA ARG A 30 -6.33 -32.45 11.26
C ARG A 30 -6.60 -33.95 11.16
N SER A 31 -5.73 -34.66 10.43
CA SER A 31 -5.85 -36.09 10.25
C SER A 31 -5.07 -36.82 11.34
N ASP A 32 -3.87 -36.33 11.63
CA ASP A 32 -3.02 -36.95 12.66
C ASP A 32 -3.21 -36.22 13.99
N GLN A 33 -3.52 -36.97 15.04
CA GLN A 33 -3.73 -36.39 16.36
C GLN A 33 -2.42 -35.84 16.95
N HIS A 34 -2.00 -34.69 16.46
CA HIS A 34 -0.78 -34.05 16.96
C HIS A 34 -0.91 -32.52 16.97
N ILE A 35 -2.14 -32.02 16.87
CA ILE A 35 -2.40 -30.58 16.86
C ILE A 35 -3.42 -30.22 17.95
N GLN A 36 -3.25 -30.80 19.12
CA GLN A 36 -4.16 -30.57 20.24
C GLN A 36 -3.40 -30.46 21.56
N LEU A 37 -3.73 -29.44 22.33
CA LEU A 37 -3.10 -29.21 23.62
C LEU A 37 -4.17 -29.05 24.69
N GLN A 38 -3.83 -29.35 25.94
CA GLN A 38 -4.78 -29.23 27.03
C GLN A 38 -4.72 -27.83 27.64
N LEU A 39 -5.24 -26.86 26.90
CA LEU A 39 -5.27 -25.48 27.36
C LEU A 39 -6.34 -25.30 28.44
N SER A 40 -5.96 -24.74 29.57
CA SER A 40 -6.89 -24.51 30.67
C SER A 40 -6.35 -23.44 31.62
N ALA A 41 -7.25 -22.79 32.35
CA ALA A 41 -6.88 -21.77 33.31
C ALA A 41 -6.52 -22.42 34.63
N GLU A 42 -5.21 -22.51 34.90
CA GLU A 42 -4.73 -23.13 36.13
C GLU A 42 -5.02 -22.23 37.32
N SER A 43 -4.57 -20.99 37.25
CA SER A 43 -4.78 -20.02 38.31
C SER A 43 -5.64 -18.86 37.79
N VAL A 44 -6.00 -17.95 38.68
CA VAL A 44 -6.83 -16.80 38.31
C VAL A 44 -6.19 -16.04 37.13
N GLY A 45 -6.62 -16.38 35.92
CA GLY A 45 -6.10 -15.73 34.73
C GLY A 45 -4.88 -16.43 34.15
N GLU A 46 -4.25 -17.31 34.93
CA GLU A 46 -3.08 -18.02 34.47
C GLU A 46 -3.46 -19.30 33.74
N VAL A 47 -3.27 -19.31 32.43
CA VAL A 47 -3.58 -20.46 31.60
C VAL A 47 -2.30 -21.20 31.21
N TYR A 48 -2.38 -22.52 31.17
CA TYR A 48 -1.22 -23.34 30.82
C TYR A 48 -1.47 -24.09 29.52
N ILE A 49 -0.40 -24.31 28.77
CA ILE A 49 -0.46 -25.02 27.50
C ILE A 49 0.30 -26.33 27.62
N LYS A 50 -0.44 -27.42 27.77
CA LYS A 50 0.16 -28.73 27.91
C LYS A 50 -0.49 -29.74 26.96
N SER A 51 0.27 -30.21 25.99
CA SER A 51 -0.23 -31.19 25.03
C SER A 51 -0.14 -32.59 25.63
N THR A 52 -0.83 -32.79 26.74
CA THR A 52 -0.83 -34.05 27.45
C THR A 52 -1.19 -35.24 26.55
N GLU A 53 -2.46 -35.30 26.16
CA GLU A 53 -2.95 -36.41 25.34
C GLU A 53 -2.64 -36.20 23.86
N THR A 54 -1.36 -36.00 23.53
CA THR A 54 -0.97 -35.81 22.13
C THR A 54 0.53 -35.49 21.98
N GLY A 55 1.07 -34.66 22.87
CA GLY A 55 2.47 -34.30 22.74
C GLY A 55 3.20 -34.18 24.07
N GLN A 56 3.56 -32.96 24.41
CA GLN A 56 4.32 -32.68 25.63
C GLN A 56 3.89 -31.35 26.27
N TYR A 57 4.57 -30.99 27.35
CA TYR A 57 4.31 -29.74 28.06
C TYR A 57 5.19 -28.64 27.50
N LEU A 58 4.68 -27.42 27.45
CA LEU A 58 5.45 -26.31 26.91
C LEU A 58 6.40 -25.73 27.96
N ALA A 59 7.46 -25.11 27.47
CA ALA A 59 8.48 -24.49 28.31
C ALA A 59 9.26 -23.47 27.50
N MET A 60 8.71 -22.26 27.40
CA MET A 60 9.33 -21.18 26.64
C MET A 60 10.79 -20.97 27.03
N ASP A 61 11.60 -20.65 26.02
CA ASP A 61 13.02 -20.39 26.24
C ASP A 61 13.21 -18.89 26.43
N THR A 62 12.97 -18.44 27.66
CA THR A 62 13.11 -17.02 27.97
C THR A 62 12.14 -16.20 27.13
N ASP A 63 10.97 -16.78 26.85
CA ASP A 63 9.94 -16.14 26.01
C ASP A 63 10.42 -16.04 24.55
N GLY A 64 11.61 -15.48 24.37
CA GLY A 64 12.20 -15.33 23.04
C GLY A 64 11.84 -16.47 22.11
N LEU A 65 12.14 -17.69 22.52
CA LEU A 65 11.84 -18.87 21.71
C LEU A 65 10.84 -19.75 22.46
N LEU A 66 9.80 -20.19 21.77
CA LEU A 66 8.78 -21.03 22.37
C LEU A 66 9.04 -22.50 22.06
N TYR A 67 9.06 -23.32 23.11
CA TYR A 67 9.29 -24.75 22.96
C TYR A 67 8.65 -25.51 24.12
N GLY A 68 8.73 -26.83 24.07
CA GLY A 68 8.16 -27.65 25.12
C GLY A 68 8.44 -29.12 24.90
N SER A 69 8.66 -29.86 25.98
CA SER A 69 8.93 -31.29 25.89
C SER A 69 9.36 -31.86 27.25
N GLN A 70 10.48 -31.37 27.76
CA GLN A 70 11.02 -31.87 29.03
C GLN A 70 10.09 -31.62 30.21
N THR A 71 9.96 -30.36 30.62
CA THR A 71 9.11 -30.03 31.76
C THR A 71 8.36 -28.72 31.58
N PRO A 72 7.13 -28.62 32.14
CA PRO A 72 6.32 -27.40 32.05
C PRO A 72 6.80 -26.34 33.02
N ASN A 73 7.95 -25.76 32.72
CA ASN A 73 8.55 -24.72 33.56
C ASN A 73 7.65 -23.49 33.63
N GLU A 74 7.81 -22.69 34.69
CA GLU A 74 6.99 -21.47 34.88
C GLU A 74 6.87 -20.68 33.57
N GLU A 75 7.91 -20.74 32.74
CA GLU A 75 7.89 -20.07 31.44
C GLU A 75 6.59 -20.38 30.69
N CYS A 76 5.97 -21.52 31.00
CA CYS A 76 4.74 -21.94 30.33
C CYS A 76 3.47 -21.32 30.96
N LEU A 77 3.62 -20.46 31.97
CA LEU A 77 2.45 -19.82 32.58
C LEU A 77 2.12 -18.52 31.85
N PHE A 78 0.91 -18.45 31.30
CA PHE A 78 0.48 -17.27 30.55
C PHE A 78 -0.85 -16.74 31.06
N LEU A 79 -1.00 -15.42 31.02
CA LEU A 79 -2.24 -14.77 31.45
C LEU A 79 -3.25 -14.79 30.30
N GLU A 80 -4.44 -15.33 30.57
CA GLU A 80 -5.49 -15.42 29.57
C GLU A 80 -6.14 -14.07 29.30
N ARG A 81 -5.97 -13.57 28.07
CA ARG A 81 -6.54 -12.28 27.67
C ARG A 81 -7.31 -12.46 26.35
N LEU A 82 -8.34 -11.65 26.17
CA LEU A 82 -9.16 -11.72 24.96
C LEU A 82 -9.16 -10.38 24.23
N GLU A 83 -9.11 -10.43 22.90
CA GLU A 83 -9.12 -9.22 22.09
C GLU A 83 -10.41 -9.16 21.28
N GLU A 84 -10.97 -7.96 21.15
CA GLU A 84 -12.20 -7.77 20.38
C GLU A 84 -11.94 -7.89 18.88
N ASN A 85 -11.32 -9.00 18.50
CA ASN A 85 -10.98 -9.28 17.11
C ASN A 85 -11.14 -10.77 16.81
N HIS A 86 -11.95 -11.45 17.64
CA HIS A 86 -12.18 -12.89 17.49
C HIS A 86 -10.87 -13.67 17.63
N TYR A 87 -10.07 -13.29 18.62
CA TYR A 87 -8.79 -13.95 18.89
C TYR A 87 -8.46 -13.95 20.37
N ASN A 88 -7.66 -14.92 20.78
CA ASN A 88 -7.25 -15.08 22.17
C ASN A 88 -5.83 -14.55 22.36
N THR A 89 -5.56 -13.99 23.53
CA THR A 89 -4.25 -13.46 23.85
C THR A 89 -3.73 -14.09 25.14
N TYR A 90 -2.47 -14.46 25.15
CA TYR A 90 -1.86 -15.08 26.33
C TYR A 90 -0.57 -14.36 26.68
N ILE A 91 -0.53 -13.73 27.84
CA ILE A 91 0.64 -12.99 28.27
C ILE A 91 1.56 -13.85 29.15
N SER A 92 2.77 -14.09 28.66
CA SER A 92 3.75 -14.87 29.39
C SER A 92 4.22 -14.10 30.63
N LYS A 93 3.40 -14.13 31.68
CA LYS A 93 3.72 -13.41 32.91
C LYS A 93 5.17 -13.59 33.30
N LYS A 94 5.73 -14.77 33.02
CA LYS A 94 7.13 -15.06 33.32
C LYS A 94 8.04 -13.98 32.72
N HIS A 95 7.60 -13.37 31.62
CA HIS A 95 8.38 -12.33 30.95
C HIS A 95 7.55 -11.06 30.72
N ALA A 96 6.36 -11.00 31.32
CA ALA A 96 5.48 -9.84 31.17
C ALA A 96 6.25 -8.57 31.50
N GLU A 97 7.21 -8.69 32.42
CA GLU A 97 8.04 -7.56 32.83
C GLU A 97 8.62 -6.82 31.61
N LYS A 98 8.91 -7.58 30.54
CA LYS A 98 9.46 -7.00 29.32
C LYS A 98 8.35 -6.76 28.29
N ASN A 99 7.10 -6.83 28.75
CA ASN A 99 5.96 -6.64 27.86
C ASN A 99 5.97 -7.66 26.73
N TRP A 100 6.41 -8.87 27.08
CA TRP A 100 6.49 -9.97 26.13
C TRP A 100 5.38 -10.98 26.38
N PHE A 101 4.60 -11.26 25.33
CA PHE A 101 3.51 -12.21 25.43
C PHE A 101 3.50 -13.16 24.22
N VAL A 102 3.67 -14.46 24.53
CA VAL A 102 3.73 -15.58 23.56
C VAL A 102 3.26 -15.21 22.16
N GLY A 103 4.16 -15.41 21.19
CA GLY A 103 3.86 -15.14 19.79
C GLY A 103 4.49 -16.20 18.89
N LEU A 104 3.70 -16.75 17.97
CA LEU A 104 4.20 -17.79 17.07
C LEU A 104 4.12 -17.36 15.60
N LYS A 105 4.90 -18.04 14.76
CA LYS A 105 4.92 -17.77 13.33
C LYS A 105 4.14 -18.84 12.59
N LYS A 106 2.94 -18.49 12.14
CA LYS A 106 2.06 -19.40 11.41
C LYS A 106 2.83 -20.26 10.41
N ASN A 107 3.73 -19.63 9.67
CA ASN A 107 4.53 -20.32 8.66
C ASN A 107 6.00 -20.43 9.11
N GLY A 108 6.21 -20.64 10.41
CA GLY A 108 7.57 -20.76 10.92
C GLY A 108 7.65 -21.64 12.14
N SER A 109 6.83 -21.32 13.15
CA SER A 109 6.77 -22.04 14.43
C SER A 109 6.63 -21.01 15.56
N CYS A 110 6.47 -21.50 16.78
CA CYS A 110 6.32 -20.62 17.93
C CYS A 110 7.69 -20.19 18.47
N LYS A 111 8.10 -18.98 18.15
CA LYS A 111 9.38 -18.44 18.61
C LYS A 111 9.59 -17.02 18.10
N ARG A 112 8.95 -16.07 18.77
CA ARG A 112 9.04 -14.68 18.41
C ARG A 112 9.01 -13.79 19.65
N GLY A 113 9.60 -14.27 20.75
CA GLY A 113 9.64 -13.49 21.98
C GLY A 113 10.14 -12.07 21.75
N PRO A 114 11.30 -11.84 21.07
CA PRO A 114 11.78 -10.47 20.84
C PRO A 114 10.79 -9.64 20.03
N ARG A 115 9.78 -10.30 19.48
CA ARG A 115 8.74 -9.64 18.68
C ARG A 115 7.34 -9.94 19.24
N THR A 116 7.24 -10.20 20.56
CA THR A 116 5.94 -10.52 21.18
C THR A 116 5.27 -9.28 21.78
N HIS A 117 5.51 -8.12 21.19
CA HIS A 117 4.90 -6.89 21.67
C HIS A 117 3.93 -6.37 20.60
N TYR A 118 3.52 -5.10 20.69
CA TYR A 118 2.61 -4.55 19.71
C TYR A 118 3.32 -4.30 18.37
N GLY A 119 3.09 -5.20 17.43
CA GLY A 119 3.70 -5.11 16.11
C GLY A 119 3.38 -6.34 15.30
N GLN A 120 3.47 -7.50 15.96
CA GLN A 120 3.16 -8.77 15.33
C GLN A 120 1.76 -9.17 15.74
N LYS A 121 0.89 -9.36 14.76
CA LYS A 121 -0.51 -9.71 15.04
C LYS A 121 -0.65 -11.20 15.37
N ALA A 122 0.36 -11.99 15.01
CA ALA A 122 0.38 -13.43 15.28
C ALA A 122 0.10 -13.74 16.75
N ILE A 123 0.20 -12.75 17.62
CA ILE A 123 -0.07 -12.93 19.04
C ILE A 123 -1.56 -13.16 19.29
N LEU A 124 -2.40 -12.76 18.35
CA LEU A 124 -3.83 -12.96 18.46
C LEU A 124 -4.20 -14.34 17.93
N PHE A 125 -4.17 -15.32 18.81
CA PHE A 125 -4.46 -16.70 18.44
C PHE A 125 -5.95 -16.96 18.33
N LEU A 126 -6.31 -17.86 17.42
CA LEU A 126 -7.70 -18.26 17.21
C LEU A 126 -7.90 -19.68 17.71
N PRO A 127 -8.58 -19.84 18.85
CA PRO A 127 -8.83 -21.14 19.45
C PRO A 127 -10.07 -21.84 18.93
N LEU A 128 -9.97 -23.16 18.78
CA LEU A 128 -11.08 -23.99 18.30
C LEU A 128 -11.25 -25.21 19.22
N PRO A 129 -11.27 -24.99 20.56
CA PRO A 129 -11.39 -26.06 21.54
C PRO A 129 -12.84 -26.52 21.75
N VAL A 130 -12.99 -27.77 22.14
CA VAL A 130 -14.31 -28.34 22.40
C VAL A 130 -14.80 -27.92 23.78
N SER A 131 -15.46 -26.76 23.83
CA SER A 131 -15.99 -26.22 25.08
C SER A 131 -17.14 -27.07 25.60
N SER A 132 -17.66 -26.69 26.76
CA SER A 132 -18.79 -27.39 27.37
C SER A 132 -20.03 -26.52 27.32
N ASP A 133 -20.51 -26.27 26.10
CA ASP A 133 -21.68 -25.44 25.88
C ASP A 133 -22.93 -26.31 25.76
N MET B 1 -18.05 -3.73 2.96
CA MET B 1 -18.70 -3.46 4.28
C MET B 1 -17.68 -2.84 5.23
N ALA B 2 -16.90 -3.69 5.90
CA ALA B 2 -15.86 -3.23 6.81
C ALA B 2 -14.50 -3.37 6.14
N ALA B 3 -13.45 -2.84 6.79
CA ALA B 3 -12.11 -2.92 6.23
C ALA B 3 -12.08 -2.04 4.97
N GLU B 4 -12.45 -0.78 5.14
CA GLU B 4 -12.52 0.17 4.03
C GLU B 4 -11.13 0.70 3.68
N PRO B 5 -10.82 0.78 2.37
CA PRO B 5 -9.53 1.28 1.88
C PRO B 5 -9.44 2.80 1.97
N LEU B 6 -8.34 3.29 2.53
CA LEU B 6 -8.11 4.71 2.68
C LEU B 6 -7.41 5.26 1.43
N THR B 7 -6.93 6.50 1.51
CA THR B 7 -6.23 7.09 0.39
C THR B 7 -4.84 6.48 0.23
N GLU B 8 -4.29 6.56 -0.98
CA GLU B 8 -2.98 6.00 -1.30
C GLU B 8 -1.87 6.50 -0.36
N LEU B 9 -2.04 7.71 0.15
CA LEU B 9 -1.07 8.33 1.03
C LEU B 9 -1.17 7.78 2.46
N GLU B 10 -2.39 7.48 2.93
CA GLU B 10 -2.59 6.87 4.24
C GLU B 10 -2.07 5.42 4.21
N GLU B 11 -2.35 4.71 3.09
CA GLU B 11 -1.86 3.35 2.85
C GLU B 11 -0.35 3.28 3.08
N SER B 12 0.37 4.18 2.40
CA SER B 12 1.83 4.13 2.39
C SER B 12 2.45 4.58 3.72
N ILE B 13 1.90 5.58 4.43
CA ILE B 13 2.40 5.88 5.77
C ILE B 13 2.12 4.70 6.69
N GLU B 14 0.93 4.08 6.61
CA GLU B 14 0.66 2.94 7.46
C GLU B 14 1.69 1.84 7.22
N THR B 15 1.86 1.37 5.97
CA THR B 15 2.74 0.22 5.72
C THR B 15 4.15 0.40 6.30
N VAL B 16 4.71 1.63 6.21
CA VAL B 16 6.00 1.90 6.82
C VAL B 16 5.88 2.05 8.34
N VAL B 17 4.82 2.68 8.85
CA VAL B 17 4.58 2.81 10.28
C VAL B 17 4.48 1.43 10.95
N THR B 18 3.73 0.49 10.37
CA THR B 18 3.61 -0.87 10.95
C THR B 18 4.98 -1.58 10.97
N THR B 19 5.76 -1.42 9.88
CA THR B 19 7.10 -1.98 9.81
C THR B 19 7.99 -1.37 10.89
N PHE B 20 8.04 -0.03 10.95
CA PHE B 20 8.67 0.70 12.04
C PHE B 20 8.28 0.09 13.37
N PHE B 21 6.98 -0.01 13.63
CA PHE B 21 6.44 -0.52 14.89
C PHE B 21 6.81 -1.99 15.16
N THR B 22 7.18 -2.73 14.12
CA THR B 22 7.54 -4.13 14.28
C THR B 22 9.00 -4.27 14.80
N PHE B 23 9.67 -3.13 14.94
CA PHE B 23 11.05 -3.09 15.44
C PHE B 23 11.14 -2.17 16.67
N ALA B 24 10.27 -1.16 16.70
CA ALA B 24 10.19 -0.16 17.76
C ALA B 24 9.87 -0.81 19.10
N ARG B 25 9.06 -1.87 19.07
CA ARG B 25 8.63 -2.56 20.29
C ARG B 25 9.56 -3.71 20.71
N GLN B 26 10.64 -3.92 19.97
CA GLN B 26 11.57 -5.02 20.28
C GLN B 26 12.04 -4.98 21.74
N GLU B 27 12.40 -3.79 22.21
CA GLU B 27 12.88 -3.62 23.58
C GLU B 27 12.08 -2.53 24.31
N GLY B 28 12.71 -1.90 25.30
CA GLY B 28 12.10 -0.82 26.07
C GLY B 28 11.50 0.32 25.21
N ARG B 29 10.23 0.63 25.52
CA ARG B 29 9.45 1.68 24.83
C ARG B 29 9.16 1.30 23.38
N LYS B 30 7.87 1.10 23.04
CA LYS B 30 7.49 0.73 21.68
C LYS B 30 7.30 1.94 20.76
N ASP B 31 8.25 2.88 20.87
CA ASP B 31 8.25 4.09 20.04
C ASP B 31 9.69 4.30 19.58
N SER B 32 10.62 4.26 20.53
CA SER B 32 12.02 4.46 20.26
C SER B 32 12.68 3.16 19.79
N LEU B 33 13.51 3.25 18.75
CA LEU B 33 14.47 2.21 18.41
C LEU B 33 15.74 2.52 19.20
N SER B 34 16.20 1.62 20.05
CA SER B 34 17.56 1.71 20.58
C SER B 34 18.55 1.14 19.57
N VAL B 35 19.85 1.16 19.90
CA VAL B 35 20.93 0.89 18.96
C VAL B 35 20.73 -0.43 18.20
N ASN B 36 20.59 -1.55 18.94
CA ASN B 36 20.35 -2.88 18.32
C ASN B 36 19.10 -2.84 17.46
N GLU B 37 17.99 -2.49 18.10
CA GLU B 37 16.69 -2.26 17.48
C GLU B 37 16.82 -1.58 16.13
N PHE B 38 17.56 -0.47 16.09
CA PHE B 38 17.77 0.32 14.91
C PHE B 38 18.56 -0.51 13.89
N LYS B 39 19.70 -1.07 14.30
CA LYS B 39 20.52 -1.88 13.42
C LYS B 39 19.71 -3.03 12.79
N GLU B 40 18.75 -3.58 13.54
CA GLU B 40 17.91 -4.68 13.07
C GLU B 40 17.10 -4.31 11.81
N LEU B 41 16.72 -3.03 11.66
CA LEU B 41 15.95 -2.61 10.50
C LEU B 41 16.82 -2.74 9.26
N VAL B 42 17.99 -2.10 9.34
CA VAL B 42 18.88 -1.97 8.20
C VAL B 42 19.41 -3.36 7.82
N THR B 43 19.93 -4.08 8.82
CA THR B 43 20.51 -5.40 8.60
C THR B 43 19.52 -6.44 8.05
N GLN B 44 18.24 -6.32 8.39
CA GLN B 44 17.25 -7.30 7.94
C GLN B 44 16.54 -6.91 6.63
N GLN B 45 15.87 -5.76 6.61
CA GLN B 45 15.09 -5.35 5.44
C GLN B 45 15.72 -4.23 4.61
N LEU B 46 17.02 -4.01 4.71
CA LEU B 46 17.66 -2.97 3.91
C LEU B 46 19.11 -3.35 3.51
N PRO B 47 19.26 -4.27 2.55
CA PRO B 47 20.55 -4.74 2.08
C PRO B 47 21.05 -4.06 0.80
N HIS B 48 20.19 -3.31 0.13
CA HIS B 48 20.58 -2.64 -1.11
C HIS B 48 20.67 -1.12 -0.96
N LEU B 49 19.55 -0.50 -0.56
CA LEU B 49 19.48 0.95 -0.38
C LEU B 49 20.71 1.50 0.33
N LEU B 50 20.86 1.15 1.60
CA LEU B 50 21.98 1.51 2.45
C LEU B 50 22.76 0.24 2.72
N LYS B 51 23.58 -0.14 1.74
CA LYS B 51 24.41 -1.35 1.78
C LYS B 51 25.56 -1.25 2.80
N ASP B 52 25.38 -0.44 3.83
CA ASP B 52 26.39 -0.27 4.85
C ASP B 52 25.91 -0.87 6.17
N VAL B 53 26.03 -2.19 6.29
CA VAL B 53 25.62 -2.89 7.49
C VAL B 53 26.76 -2.97 8.51
N GLY B 54 27.72 -2.06 8.39
CA GLY B 54 28.84 -2.04 9.30
C GLY B 54 29.01 -0.68 9.98
N SER B 55 28.73 0.39 9.24
CA SER B 55 28.87 1.74 9.76
C SER B 55 27.51 2.31 10.19
N LEU B 56 26.74 1.50 10.90
CA LEU B 56 25.44 1.90 11.39
C LEU B 56 25.63 3.00 12.44
N ASP B 57 26.76 3.00 13.15
CA ASP B 57 27.16 4.06 14.07
C ASP B 57 27.09 5.43 13.38
N GLU B 58 27.67 5.56 12.19
CA GLU B 58 27.64 6.79 11.41
C GLU B 58 26.19 7.25 11.20
N LYS B 59 25.34 6.35 10.68
CA LYS B 59 23.94 6.67 10.49
C LYS B 59 23.35 7.15 11.83
N MET B 60 23.54 6.35 12.89
CA MET B 60 23.03 6.64 14.22
C MET B 60 23.39 8.06 14.64
N LYS B 61 24.68 8.41 14.61
CA LYS B 61 25.13 9.76 14.93
C LYS B 61 24.48 10.80 14.02
N SER B 62 24.41 10.51 12.71
CA SER B 62 23.78 11.42 11.75
C SER B 62 22.29 11.63 12.02
N LEU B 63 21.62 10.62 12.59
CA LEU B 63 20.19 10.60 12.88
C LEU B 63 19.91 11.23 14.25
N ASP B 64 20.41 10.60 15.31
CA ASP B 64 20.15 10.95 16.70
C ASP B 64 20.93 12.22 17.07
N VAL B 65 20.48 13.37 16.59
CA VAL B 65 21.15 14.65 16.79
C VAL B 65 21.51 14.93 18.25
N ASN B 66 20.64 14.52 19.18
CA ASN B 66 20.82 14.70 20.62
C ASN B 66 21.66 13.59 21.25
N GLN B 67 21.96 12.51 20.52
CA GLN B 67 22.77 11.39 20.96
C GLN B 67 22.31 10.88 22.34
N ASP B 68 21.00 10.60 22.46
CA ASP B 68 20.41 9.99 23.64
C ASP B 68 20.43 8.46 23.52
N SER B 69 20.78 7.92 22.33
CA SER B 69 20.74 6.49 22.05
C SER B 69 19.31 5.95 22.04
N GLU B 70 18.37 6.82 21.72
CA GLU B 70 17.00 6.51 21.36
C GLU B 70 16.69 7.31 20.10
N LEU B 71 16.39 6.64 18.99
CA LEU B 71 15.76 7.28 17.86
C LEU B 71 14.25 7.26 18.16
N LYS B 72 13.71 8.32 18.78
CA LYS B 72 12.27 8.53 18.92
C LYS B 72 11.61 8.42 17.54
N PHE B 73 10.29 8.21 17.48
CA PHE B 73 9.52 8.11 16.23
C PHE B 73 10.02 9.09 15.17
N ASN B 74 10.00 10.39 15.48
CA ASN B 74 10.38 11.42 14.53
C ASN B 74 11.88 11.41 14.19
N GLU B 75 12.74 10.99 15.14
CA GLU B 75 14.17 10.90 14.89
C GLU B 75 14.43 9.73 13.93
N TYR B 76 13.93 8.55 14.28
CA TYR B 76 13.98 7.36 13.44
C TYR B 76 13.50 7.71 12.04
N TRP B 77 12.33 8.34 11.97
CA TRP B 77 11.69 8.76 10.74
C TRP B 77 12.71 9.39 9.77
N ARG B 78 13.69 10.16 10.25
CA ARG B 78 14.77 10.71 9.41
C ARG B 78 15.27 9.70 8.38
N LEU B 79 15.59 8.48 8.82
CA LEU B 79 16.06 7.41 7.95
C LEU B 79 15.20 7.31 6.71
N ILE B 80 13.87 7.35 6.85
CA ILE B 80 12.94 7.15 5.74
C ILE B 80 13.18 8.21 4.66
N GLY B 81 13.71 9.37 5.05
CA GLY B 81 14.02 10.45 4.15
C GLY B 81 15.24 10.11 3.35
N GLU B 82 16.23 9.57 4.04
CA GLU B 82 17.50 9.23 3.47
C GLU B 82 17.24 8.04 2.52
N LEU B 83 16.30 7.16 2.87
CA LEU B 83 15.83 6.10 1.99
C LEU B 83 15.15 6.67 0.74
N ALA B 84 14.07 7.44 0.95
CA ALA B 84 13.27 8.05 -0.11
C ALA B 84 14.10 8.96 -1.00
N LYS B 85 15.18 9.50 -0.45
CA LYS B 85 16.19 10.23 -1.19
C LYS B 85 17.03 9.23 -1.97
N GLU B 86 17.74 8.31 -1.30
CA GLU B 86 18.62 7.31 -1.91
C GLU B 86 18.00 6.63 -3.13
N ILE B 87 16.76 6.16 -3.05
CA ILE B 87 16.12 5.49 -4.18
C ILE B 87 16.18 6.29 -5.50
N ARG B 88 16.13 7.63 -5.40
CA ARG B 88 16.32 8.54 -6.53
C ARG B 88 17.80 8.89 -6.65
N LYS B 89 18.38 9.36 -5.55
CA LYS B 89 19.68 9.99 -5.45
C LYS B 89 20.82 9.06 -5.82
N LYS B 90 20.67 7.74 -5.70
CA LYS B 90 21.52 6.98 -4.77
C LYS B 90 22.94 7.54 -4.66
N LYS B 91 23.77 7.49 -5.71
CA LYS B 91 25.13 8.04 -5.70
C LYS B 91 25.35 8.88 -6.97
N ASP B 92 24.36 9.75 -7.27
CA ASP B 92 24.27 10.72 -8.37
C ASP B 92 25.44 11.71 -8.28
N LEU B 93 26.62 11.22 -8.64
CA LEU B 93 27.91 11.82 -8.45
C LEU B 93 28.92 10.89 -9.13
N LYS B 94 28.87 9.59 -8.79
CA LYS B 94 29.65 8.53 -9.44
C LYS B 94 28.75 7.48 -10.10
N ILE B 95 27.69 7.06 -9.42
CA ILE B 95 26.88 5.90 -9.81
C ILE B 95 25.39 6.20 -9.59
N ARG B 96 24.53 6.34 -10.61
CA ARG B 96 24.71 6.46 -12.05
C ARG B 96 23.36 6.65 -12.76
N MET C 1 16.16 5.72 -17.23
CA MET C 1 14.88 6.28 -17.68
C MET C 1 13.78 5.94 -16.68
N ALA C 2 13.54 4.65 -16.41
CA ALA C 2 12.56 4.22 -15.40
C ALA C 2 12.62 2.70 -15.15
N ALA C 3 12.91 2.29 -13.91
CA ALA C 3 12.36 1.14 -13.19
C ALA C 3 11.86 -0.10 -13.98
N GLU C 4 12.68 -1.16 -14.06
CA GLU C 4 12.22 -2.55 -14.01
C GLU C 4 12.04 -2.95 -12.53
N PRO C 5 11.71 -4.25 -12.19
CA PRO C 5 11.50 -4.76 -10.82
C PRO C 5 12.17 -4.00 -9.68
N LEU C 6 11.41 -3.90 -8.59
CA LEU C 6 11.85 -3.22 -7.38
C LEU C 6 11.66 -4.15 -6.17
N THR C 7 10.72 -3.80 -5.29
CA THR C 7 10.40 -4.62 -4.11
C THR C 7 9.04 -4.22 -3.53
N GLU C 8 8.65 -4.86 -2.42
CA GLU C 8 7.36 -4.58 -1.78
C GLU C 8 7.21 -3.12 -1.35
N LEU C 9 8.20 -2.59 -0.61
CA LEU C 9 8.14 -1.20 -0.15
C LEU C 9 8.47 -0.20 -1.25
N GLU C 10 9.13 -0.69 -2.30
CA GLU C 10 9.49 0.16 -3.44
C GLU C 10 8.25 0.46 -4.29
N GLU C 11 7.28 -0.47 -4.28
CA GLU C 11 6.00 -0.25 -4.97
C GLU C 11 5.32 1.00 -4.41
N SER C 12 5.19 1.05 -3.07
CA SER C 12 4.40 2.07 -2.41
C SER C 12 5.07 3.46 -2.45
N ILE C 13 6.39 3.55 -2.62
CA ILE C 13 7.02 4.82 -3.01
C ILE C 13 6.79 5.11 -4.49
N GLU C 14 6.75 4.10 -5.36
CA GLU C 14 6.41 4.32 -6.77
C GLU C 14 5.01 4.93 -6.88
N THR C 15 3.99 4.31 -6.30
CA THR C 15 2.59 4.69 -6.55
C THR C 15 2.36 6.20 -6.38
N VAL C 16 3.01 6.81 -5.39
CA VAL C 16 2.92 8.25 -5.17
C VAL C 16 3.73 9.03 -6.21
N VAL C 17 4.89 8.52 -6.63
CA VAL C 17 5.69 9.11 -7.70
C VAL C 17 4.89 9.11 -9.00
N THR C 18 4.17 8.01 -9.28
CA THR C 18 3.34 7.92 -10.49
C THR C 18 2.26 9.04 -10.49
N THR C 19 1.83 9.47 -9.29
CA THR C 19 0.85 10.56 -9.17
C THR C 19 1.56 11.86 -9.56
N PHE C 20 2.71 12.05 -8.93
CA PHE C 20 3.62 13.16 -9.20
C PHE C 20 3.85 13.29 -10.71
N PHE C 21 4.26 12.17 -11.33
CA PHE C 21 4.60 12.10 -12.76
C PHE C 21 3.45 12.53 -13.67
N THR C 22 2.20 12.19 -13.34
CA THR C 22 1.07 12.57 -14.20
C THR C 22 0.52 13.96 -13.91
N PHE C 23 1.11 14.65 -12.95
CA PHE C 23 0.67 15.99 -12.61
C PHE C 23 1.72 17.01 -13.01
N ALA C 24 2.97 16.58 -12.99
CA ALA C 24 4.10 17.43 -13.33
C ALA C 24 4.36 17.49 -14.83
N ARG C 25 3.79 16.51 -15.55
CA ARG C 25 3.89 16.46 -17.01
C ARG C 25 2.74 17.29 -17.59
N GLN C 26 2.54 18.48 -17.04
CA GLN C 26 1.43 19.32 -17.44
C GLN C 26 1.81 20.53 -18.29
N GLU C 27 2.74 21.39 -17.82
CA GLU C 27 3.01 22.58 -18.60
C GLU C 27 4.28 22.45 -19.46
N GLY C 28 5.45 22.61 -18.81
CA GLY C 28 6.72 22.01 -19.15
C GLY C 28 6.92 20.72 -18.38
N ARG C 29 7.83 19.87 -18.86
CA ARG C 29 8.79 19.15 -18.02
C ARG C 29 8.18 18.39 -16.85
N LYS C 30 8.15 17.06 -17.00
CA LYS C 30 7.61 16.13 -15.99
C LYS C 30 8.54 15.93 -14.79
N ASP C 31 9.83 16.20 -14.99
CA ASP C 31 10.83 16.04 -13.94
C ASP C 31 10.77 17.16 -12.89
N SER C 32 10.04 18.26 -13.11
CA SER C 32 9.89 19.34 -12.15
C SER C 32 8.41 19.73 -11.97
N LEU C 33 8.00 19.98 -10.73
CA LEU C 33 6.70 20.56 -10.46
C LEU C 33 6.74 22.04 -10.87
N SER C 34 5.68 22.45 -11.56
CA SER C 34 5.44 23.77 -12.08
C SER C 34 4.15 24.30 -11.40
N VAL C 35 3.87 25.62 -11.42
CA VAL C 35 2.82 26.17 -10.57
C VAL C 35 1.52 26.41 -11.33
N ASN C 36 1.12 25.36 -12.04
CA ASN C 36 -0.24 24.92 -12.28
C ASN C 36 -0.11 23.42 -12.61
N GLU C 37 0.52 22.82 -11.60
CA GLU C 37 0.81 21.39 -11.44
C GLU C 37 0.77 21.14 -9.94
N PHE C 38 1.48 22.03 -9.21
CA PHE C 38 1.52 22.05 -7.77
C PHE C 38 0.16 22.46 -7.21
N LYS C 39 -0.32 23.66 -7.57
CA LYS C 39 -1.56 24.14 -7.00
C LYS C 39 -2.71 23.19 -7.36
N GLU C 40 -2.68 22.62 -8.56
CA GLU C 40 -3.70 21.66 -8.98
C GLU C 40 -3.57 20.36 -8.17
N LEU C 41 -2.34 20.05 -7.75
CA LEU C 41 -2.07 18.84 -6.97
C LEU C 41 -2.58 18.98 -5.54
N VAL C 42 -2.29 20.12 -4.91
CA VAL C 42 -2.75 20.37 -3.55
C VAL C 42 -4.27 20.54 -3.52
N THR C 43 -4.83 21.25 -4.49
CA THR C 43 -6.27 21.49 -4.53
C THR C 43 -7.08 20.21 -4.83
N GLN C 44 -6.47 19.22 -5.47
CA GLN C 44 -7.20 17.99 -5.82
C GLN C 44 -6.81 16.77 -4.98
N GLN C 45 -5.52 16.48 -4.90
CA GLN C 45 -5.05 15.30 -4.17
C GLN C 45 -4.78 15.56 -2.68
N LEU C 46 -4.56 16.83 -2.29
CA LEU C 46 -4.29 17.14 -0.89
C LEU C 46 -5.28 18.16 -0.28
N PRO C 47 -6.60 18.11 -0.60
CA PRO C 47 -7.56 19.09 -0.07
C PRO C 47 -7.98 18.79 1.37
N HIS C 48 -7.87 17.53 1.77
CA HIS C 48 -8.24 17.12 3.12
C HIS C 48 -7.01 17.02 4.01
N LEU C 49 -5.94 16.45 3.47
CA LEU C 49 -4.70 16.28 4.21
C LEU C 49 -4.07 17.66 4.46
N LEU C 50 -3.83 18.40 3.38
CA LEU C 50 -3.26 19.74 3.49
C LEU C 50 -4.39 20.76 3.51
N LYS C 51 -4.73 21.22 4.72
CA LYS C 51 -5.80 22.19 4.90
C LYS C 51 -5.30 23.62 4.71
N ASP C 52 -4.57 23.85 3.62
CA ASP C 52 -4.04 25.16 3.31
C ASP C 52 -3.74 25.25 1.81
N VAL C 53 -4.79 25.09 1.01
CA VAL C 53 -4.68 25.14 -0.44
C VAL C 53 -4.65 26.58 -0.96
N GLY C 54 -5.02 27.52 -0.10
CA GLY C 54 -5.05 28.92 -0.49
C GLY C 54 -3.74 29.61 -0.18
N SER C 55 -2.92 28.97 0.66
CA SER C 55 -1.62 29.51 1.05
C SER C 55 -0.48 28.62 0.55
N LEU C 56 -0.69 28.02 -0.62
CA LEU C 56 0.32 27.18 -1.26
C LEU C 56 1.60 27.96 -1.42
N ASP C 57 1.51 29.18 -1.94
CA ASP C 57 2.59 30.10 -2.26
C ASP C 57 3.65 30.16 -1.14
N GLU C 58 3.22 30.17 0.12
CA GLU C 58 4.13 30.12 1.27
C GLU C 58 4.90 28.79 1.28
N LYS C 59 4.16 27.69 1.13
CA LYS C 59 4.76 26.35 1.08
C LYS C 59 5.76 26.28 -0.06
N MET C 60 5.33 26.76 -1.23
CA MET C 60 6.17 26.85 -2.41
C MET C 60 7.48 27.56 -2.09
N LYS C 61 7.40 28.77 -1.54
CA LYS C 61 8.58 29.53 -1.18
C LYS C 61 9.46 28.74 -0.20
N SER C 62 8.84 28.10 0.80
CA SER C 62 9.54 27.28 1.78
C SER C 62 10.22 26.06 1.13
N LEU C 63 9.55 25.45 0.14
CA LEU C 63 10.01 24.27 -0.58
C LEU C 63 11.20 24.63 -1.46
N ASP C 64 10.99 25.60 -2.37
CA ASP C 64 11.78 25.84 -3.56
C ASP C 64 13.27 26.14 -3.34
N VAL C 65 13.69 26.40 -2.10
CA VAL C 65 14.52 27.50 -1.59
C VAL C 65 15.66 28.05 -2.47
N ASN C 66 16.18 27.31 -3.45
CA ASN C 66 16.99 27.94 -4.49
C ASN C 66 16.18 29.02 -5.21
N GLN C 67 14.84 28.90 -5.21
CA GLN C 67 13.89 29.88 -5.69
C GLN C 67 13.97 30.01 -7.22
N ASP C 68 14.55 29.02 -7.91
CA ASP C 68 14.44 28.90 -9.35
C ASP C 68 12.99 28.76 -9.80
N SER C 69 12.09 28.38 -8.87
CA SER C 69 10.68 28.17 -9.11
C SER C 69 10.39 26.94 -9.98
N GLU C 70 11.41 26.11 -10.23
CA GLU C 70 11.20 24.71 -10.53
C GLU C 70 11.21 24.01 -9.17
N LEU C 71 10.07 23.49 -8.75
CA LEU C 71 10.01 22.67 -7.54
C LEU C 71 10.67 21.34 -7.93
N LYS C 72 11.92 21.18 -7.51
CA LYS C 72 12.86 20.26 -8.12
C LYS C 72 12.62 18.83 -7.60
N PHE C 73 13.32 17.85 -8.20
CA PHE C 73 13.14 16.44 -7.92
C PHE C 73 13.92 16.12 -6.63
N ASN C 74 13.31 16.59 -5.54
CA ASN C 74 13.71 16.69 -4.14
C ASN C 74 14.19 18.13 -3.87
N GLU C 75 13.42 19.14 -4.29
CA GLU C 75 12.73 20.04 -3.37
C GLU C 75 11.35 19.47 -3.06
N TYR C 76 10.55 19.31 -4.13
CA TYR C 76 9.13 18.95 -4.09
C TYR C 76 8.81 17.92 -3.03
N TRP C 77 9.58 16.83 -3.08
CA TRP C 77 9.36 15.64 -2.28
C TRP C 77 9.04 15.97 -0.82
N ARG C 78 9.70 16.98 -0.26
CA ARG C 78 9.44 17.49 1.08
C ARG C 78 7.94 17.53 1.40
N LEU C 79 7.12 18.00 0.46
CA LEU C 79 5.67 18.11 0.61
C LEU C 79 5.07 16.81 1.14
N ILE C 80 5.40 15.67 0.51
CA ILE C 80 4.89 14.36 0.88
C ILE C 80 5.29 14.10 2.35
N GLY C 81 6.42 14.66 2.78
CA GLY C 81 6.97 14.62 4.12
C GLY C 81 6.12 15.36 5.11
N GLU C 82 5.70 16.54 4.68
CA GLU C 82 4.93 17.41 5.50
C GLU C 82 3.57 16.77 5.67
N LEU C 83 2.91 16.29 4.61
CA LEU C 83 1.71 15.48 4.81
C LEU C 83 1.99 14.25 5.70
N ALA C 84 3.09 13.53 5.45
CA ALA C 84 3.43 12.35 6.23
C ALA C 84 3.47 12.66 7.73
N LYS C 85 4.19 13.71 8.14
CA LYS C 85 4.17 14.08 9.55
C LYS C 85 2.81 14.65 9.94
N GLU C 86 2.15 15.49 9.12
CA GLU C 86 0.89 16.20 9.42
C GLU C 86 -0.12 15.27 10.09
N ILE C 87 -0.29 14.06 9.57
CA ILE C 87 -1.22 13.09 10.14
C ILE C 87 -0.98 12.91 11.66
N ARG C 88 0.29 12.88 12.07
CA ARG C 88 0.74 12.89 13.45
C ARG C 88 0.77 14.32 14.03
N LYS C 89 1.17 15.31 13.23
CA LYS C 89 1.63 16.62 13.67
C LYS C 89 0.71 17.73 13.17
N LYS C 90 -0.42 17.90 13.86
CA LYS C 90 -1.48 18.88 13.61
C LYS C 90 -0.94 20.25 13.15
N LYS C 91 -0.03 20.88 13.90
CA LYS C 91 0.54 22.18 13.50
C LYS C 91 1.94 22.44 14.09
N ASP C 92 2.46 21.52 14.90
CA ASP C 92 3.30 21.87 16.04
C ASP C 92 4.79 21.83 15.63
N LEU C 93 5.12 22.47 14.51
CA LEU C 93 6.49 22.49 13.99
C LEU C 93 7.28 23.70 14.47
N ILE C 95 9.92 25.99 14.37
CA ILE C 95 11.29 26.20 13.91
C ILE C 95 11.55 27.58 13.26
N ARG C 96 12.80 28.04 13.39
CA ARG C 96 13.35 29.26 12.83
C ARG C 96 14.86 29.14 13.00
N LYS C 97 15.65 29.29 11.94
CA LYS C 97 17.05 28.86 11.89
C LYS C 97 17.61 29.34 10.56
N LYS C 98 18.72 30.08 10.59
CA LYS C 98 19.55 30.39 9.43
C LYS C 98 20.77 29.47 9.52
N TYR D 1 -19.83 -8.86 -38.67
CA TYR D 1 -21.11 -8.10 -38.55
C TYR D 1 -20.85 -6.73 -37.93
N LYS D 2 -20.12 -5.88 -38.65
CA LYS D 2 -19.80 -4.54 -38.16
C LYS D 2 -21.06 -3.82 -37.68
N LYS D 3 -21.17 -3.67 -36.37
CA LYS D 3 -22.32 -3.02 -35.76
C LYS D 3 -21.95 -2.50 -34.37
N PRO D 4 -22.92 -1.98 -33.58
CA PRO D 4 -22.72 -1.45 -32.25
C PRO D 4 -21.43 -1.92 -31.57
N LYS D 5 -20.44 -1.02 -31.52
CA LYS D 5 -19.17 -1.32 -30.90
C LYS D 5 -19.16 -0.82 -29.45
N LEU D 6 -19.26 -1.74 -28.50
CA LEU D 6 -19.27 -1.39 -27.09
C LEU D 6 -17.84 -1.22 -26.59
N LEU D 7 -17.60 -0.16 -25.83
CA LEU D 7 -16.27 0.12 -25.28
C LEU D 7 -16.38 0.73 -23.88
N TYR D 8 -15.52 0.25 -22.98
CA TYR D 8 -15.50 0.75 -21.60
C TYR D 8 -14.14 0.44 -20.97
N CYS D 9 -13.90 0.95 -19.77
CA CYS D 9 -12.63 0.72 -19.09
C CYS D 9 -12.81 0.67 -17.57
N SER D 10 -11.78 0.17 -16.89
CA SER D 10 -11.78 0.06 -15.43
C SER D 10 -12.65 -1.13 -15.02
N ASN D 11 -12.04 -2.09 -14.34
CA ASN D 11 -12.75 -3.28 -13.89
C ASN D 11 -14.03 -2.89 -13.17
N GLY D 12 -15.15 -3.45 -13.62
CA GLY D 12 -16.43 -3.16 -13.01
C GLY D 12 -17.49 -2.89 -14.05
N GLY D 13 -18.69 -3.42 -13.83
CA GLY D 13 -19.78 -3.23 -14.75
C GLY D 13 -20.07 -1.76 -15.02
N HIS D 14 -19.65 -1.29 -16.18
CA HIS D 14 -19.86 0.10 -16.59
C HIS D 14 -19.62 0.24 -18.09
N PHE D 15 -20.63 0.69 -18.83
CA PHE D 15 -20.51 0.86 -20.28
C PHE D 15 -20.68 2.32 -20.67
N LEU D 16 -20.03 2.72 -21.75
CA LEU D 16 -20.12 4.10 -22.23
C LEU D 16 -21.48 4.35 -22.89
N ARG D 17 -22.39 4.98 -22.16
CA ARG D 17 -23.70 5.27 -22.69
C ARG D 17 -23.74 6.68 -23.25
N ILE D 18 -23.79 6.78 -24.57
CA ILE D 18 -23.81 8.06 -25.25
C ILE D 18 -25.24 8.58 -25.44
N LEU D 19 -25.40 9.88 -25.31
CA LEU D 19 -26.70 10.52 -25.48
C LEU D 19 -26.56 11.71 -26.43
N PRO D 20 -27.54 11.91 -27.32
CA PRO D 20 -27.53 13.03 -28.28
C PRO D 20 -27.14 14.35 -27.64
N ASP D 21 -27.47 14.50 -26.36
CA ASP D 21 -27.15 15.71 -25.61
C ASP D 21 -25.65 15.95 -25.57
N GLY D 22 -24.89 14.88 -25.35
CA GLY D 22 -23.45 14.98 -25.29
C GLY D 22 -22.89 14.42 -23.99
N THR D 23 -23.65 14.54 -22.90
CA THR D 23 -23.22 14.04 -21.61
C THR D 23 -23.24 12.51 -21.57
N VAL D 24 -22.16 11.90 -22.03
CA VAL D 24 -22.01 10.45 -22.03
C VAL D 24 -21.45 9.99 -20.70
N ASP D 25 -22.08 8.96 -20.10
CA ASP D 25 -21.64 8.42 -18.83
C ASP D 25 -21.41 6.91 -18.91
N GLY D 26 -20.73 6.37 -17.90
CA GLY D 26 -20.45 4.95 -17.87
C GLY D 26 -21.59 4.14 -17.29
N THR D 27 -22.72 4.13 -17.98
CA THR D 27 -23.90 3.40 -17.53
C THR D 27 -23.65 1.89 -17.59
N ARG D 28 -23.93 1.19 -16.50
CA ARG D 28 -23.73 -0.24 -16.46
C ARG D 28 -25.04 -0.96 -16.81
N ASP D 29 -25.46 -0.81 -18.06
CA ASP D 29 -26.68 -1.44 -18.55
C ASP D 29 -26.57 -1.78 -20.03
N ARG D 30 -27.30 -2.80 -20.44
CA ARG D 30 -27.31 -3.23 -21.84
C ARG D 30 -28.73 -3.49 -22.32
N SER D 31 -29.69 -2.85 -21.65
CA SER D 31 -31.10 -3.00 -21.98
C SER D 31 -31.51 -1.92 -22.98
N ASP D 32 -31.05 -0.69 -22.73
CA ASP D 32 -31.37 0.42 -23.62
C ASP D 32 -30.25 0.64 -24.62
N GLN D 33 -30.61 0.67 -25.90
CA GLN D 33 -29.62 0.86 -26.97
C GLN D 33 -29.03 2.26 -26.95
N HIS D 34 -28.12 2.50 -26.00
CA HIS D 34 -27.46 3.79 -25.91
C HIS D 34 -26.00 3.65 -25.46
N ILE D 35 -25.46 2.43 -25.55
CA ILE D 35 -24.08 2.17 -25.16
C ILE D 35 -23.32 1.51 -26.30
N GLN D 36 -23.51 2.03 -27.51
CA GLN D 36 -22.86 1.49 -28.69
C GLN D 36 -22.41 2.60 -29.62
N LEU D 37 -21.16 2.51 -30.08
CA LEU D 37 -20.60 3.49 -30.99
C LEU D 37 -20.02 2.79 -32.22
N GLN D 38 -19.94 3.49 -33.34
CA GLN D 38 -19.41 2.90 -34.55
C GLN D 38 -17.90 3.13 -34.63
N LEU D 39 -17.16 2.39 -33.80
CA LEU D 39 -15.71 2.48 -33.78
C LEU D 39 -15.12 1.77 -35.00
N SER D 40 -14.26 2.46 -35.72
CA SER D 40 -13.62 1.90 -36.90
C SER D 40 -12.35 2.69 -37.26
N ALA D 41 -11.44 2.03 -37.97
CA ALA D 41 -10.20 2.65 -38.39
C ALA D 41 -10.42 3.41 -39.68
N GLU D 42 -10.53 4.73 -39.58
CA GLU D 42 -10.77 5.57 -40.75
C GLU D 42 -9.53 5.62 -41.63
N SER D 43 -8.41 6.01 -41.02
CA SER D 43 -7.14 6.12 -41.72
C SER D 43 -6.14 5.13 -41.12
N VAL D 44 -4.96 5.03 -41.73
CA VAL D 44 -3.93 4.11 -41.25
C VAL D 44 -3.63 4.35 -39.77
N GLY D 45 -4.30 3.58 -38.92
CA GLY D 45 -4.11 3.71 -37.49
C GLY D 45 -5.05 4.71 -36.83
N GLU D 46 -5.69 5.56 -37.64
CA GLU D 46 -6.59 6.57 -37.11
C GLU D 46 -8.01 6.00 -36.98
N VAL D 47 -8.45 5.79 -35.75
CA VAL D 47 -9.77 5.27 -35.47
C VAL D 47 -10.69 6.38 -34.99
N TYR D 48 -11.95 6.33 -35.41
CA TYR D 48 -12.93 7.33 -35.03
C TYR D 48 -14.03 6.73 -34.17
N ILE D 49 -14.56 7.53 -33.25
CA ILE D 49 -15.63 7.09 -32.37
C ILE D 49 -16.90 7.88 -32.68
N LYS D 50 -17.81 7.24 -33.38
CA LYS D 50 -19.06 7.88 -33.76
C LYS D 50 -20.26 6.99 -33.43
N SER D 51 -21.08 7.44 -32.49
CA SER D 51 -22.26 6.69 -32.08
C SER D 51 -23.41 6.98 -33.05
N THR D 52 -23.19 6.65 -34.32
CA THR D 52 -24.15 6.89 -35.37
C THR D 52 -25.52 6.29 -35.05
N GLU D 53 -25.61 4.97 -35.08
CA GLU D 53 -26.87 4.27 -34.84
C GLU D 53 -27.17 4.12 -33.36
N THR D 54 -27.20 5.24 -32.62
CA THR D 54 -27.48 5.21 -31.18
C THR D 54 -27.35 6.58 -30.52
N GLY D 55 -26.33 7.35 -30.89
CA GLY D 55 -26.14 8.64 -30.26
C GLY D 55 -25.68 9.72 -31.20
N GLN D 56 -24.44 10.15 -31.01
CA GLN D 56 -23.85 11.23 -31.79
C GLN D 56 -22.36 10.99 -32.06
N TYR D 57 -21.73 11.95 -32.73
CA TYR D 57 -20.31 11.89 -33.04
C TYR D 57 -19.52 12.56 -31.92
N LEU D 58 -18.34 12.03 -31.62
CA LEU D 58 -17.51 12.59 -30.55
C LEU D 58 -16.71 13.80 -31.04
N ALA D 59 -16.37 14.66 -30.09
CA ALA D 59 -15.60 15.86 -30.36
C ALA D 59 -14.95 16.35 -29.06
N MET D 60 -13.80 15.77 -28.74
CA MET D 60 -13.07 16.11 -27.53
C MET D 60 -12.86 17.62 -27.38
N ASP D 61 -12.94 18.09 -26.14
CA ASP D 61 -12.74 19.51 -25.85
C ASP D 61 -11.29 19.72 -25.49
N THR D 62 -10.44 19.85 -26.50
CA THR D 62 -9.02 20.05 -26.29
C THR D 62 -8.42 18.85 -25.54
N ASP D 63 -8.97 17.66 -25.81
CA ASP D 63 -8.55 16.42 -25.13
C ASP D 63 -8.96 16.45 -23.66
N GLY D 64 -8.58 17.52 -22.97
CA GLY D 64 -8.91 17.69 -21.56
C GLY D 64 -10.25 17.06 -21.19
N LEU D 65 -11.30 17.50 -21.86
CA LEU D 65 -12.63 16.99 -21.62
C LEU D 65 -13.16 16.29 -22.86
N LEU D 66 -13.70 15.09 -22.68
CA LEU D 66 -14.22 14.31 -23.79
C LEU D 66 -15.73 14.50 -23.91
N TYR D 67 -16.18 14.84 -25.12
CA TYR D 67 -17.60 15.04 -25.38
C TYR D 67 -17.90 14.79 -26.86
N GLY D 68 -19.17 14.87 -27.22
CA GLY D 68 -19.57 14.66 -28.60
C GLY D 68 -21.05 14.88 -28.80
N SER D 69 -21.42 15.43 -29.95
CA SER D 69 -22.83 15.69 -30.26
C SER D 69 -22.98 16.51 -31.54
N GLN D 70 -22.44 17.73 -31.52
CA GLN D 70 -22.56 18.63 -32.66
C GLN D 70 -21.87 18.09 -33.91
N THR D 71 -20.54 18.07 -33.92
CA THR D 71 -19.80 17.60 -35.09
C THR D 71 -18.55 16.80 -34.71
N PRO D 72 -18.18 15.79 -35.53
CA PRO D 72 -17.00 14.97 -35.29
C PRO D 72 -15.72 15.70 -35.68
N ASN D 73 -15.36 16.70 -34.88
CA ASN D 73 -14.17 17.49 -35.14
C ASN D 73 -12.91 16.64 -35.06
N GLU D 74 -11.83 17.09 -35.70
CA GLU D 74 -10.56 16.35 -35.72
C GLU D 74 -10.21 15.83 -34.32
N GLU D 75 -10.61 16.57 -33.29
CA GLU D 75 -10.39 16.16 -31.90
C GLU D 75 -10.81 14.69 -31.70
N CYS D 76 -11.74 14.21 -32.53
CA CYS D 76 -12.25 12.85 -32.43
C CYS D 76 -11.36 11.82 -33.15
N LEU D 77 -10.24 12.25 -33.73
CA LEU D 77 -9.35 11.30 -34.41
C LEU D 77 -8.32 10.75 -33.43
N PHE D 78 -8.32 9.42 -33.25
CA PHE D 78 -7.41 8.78 -32.32
C PHE D 78 -6.64 7.64 -32.99
N LEU D 79 -5.39 7.46 -32.57
CA LEU D 79 -4.54 6.40 -33.10
C LEU D 79 -4.85 5.09 -32.37
N GLU D 80 -5.17 4.05 -33.13
CA GLU D 80 -5.49 2.75 -32.55
C GLU D 80 -4.25 2.03 -32.05
N ARG D 81 -4.17 1.82 -30.75
CA ARG D 81 -3.04 1.12 -30.13
C ARG D 81 -3.55 0.00 -29.22
N LEU D 82 -2.77 -1.05 -29.08
CA LEU D 82 -3.15 -2.20 -28.26
C LEU D 82 -2.12 -2.45 -27.17
N GLU D 83 -2.58 -2.77 -25.97
CA GLU D 83 -1.69 -3.06 -24.85
C GLU D 83 -1.78 -4.53 -24.46
N GLU D 84 -0.65 -5.12 -24.12
CA GLU D 84 -0.61 -6.54 -23.72
C GLU D 84 -1.21 -6.72 -22.34
N ASN D 85 -2.44 -6.23 -22.17
CA ASN D 85 -3.16 -6.32 -20.91
C ASN D 85 -4.66 -6.54 -21.18
N HIS D 86 -4.97 -7.04 -22.38
CA HIS D 86 -6.36 -7.28 -22.78
C HIS D 86 -7.16 -5.98 -22.79
N TYR D 87 -6.55 -4.93 -23.32
CA TYR D 87 -7.20 -3.62 -23.41
C TYR D 87 -6.75 -2.85 -24.66
N ASN D 88 -7.61 -1.95 -25.10
CA ASN D 88 -7.35 -1.15 -26.28
C ASN D 88 -6.91 0.25 -25.88
N THR D 89 -6.04 0.84 -26.67
CA THR D 89 -5.54 2.19 -26.41
C THR D 89 -5.77 3.08 -27.63
N TYR D 90 -6.22 4.30 -27.40
CA TYR D 90 -6.48 5.24 -28.49
C TYR D 90 -5.80 6.56 -28.19
N ILE D 91 -4.84 6.94 -29.03
CA ILE D 91 -4.10 8.17 -28.84
C ILE D 91 -4.72 9.32 -29.63
N SER D 92 -5.20 10.34 -28.92
CA SER D 92 -5.78 11.50 -29.56
C SER D 92 -4.69 12.30 -30.28
N LYS D 93 -4.32 11.84 -31.47
CA LYS D 93 -3.29 12.49 -32.27
C LYS D 93 -3.45 14.01 -32.25
N LYS D 94 -4.70 14.47 -32.23
CA LYS D 94 -4.99 15.91 -32.19
C LYS D 94 -4.24 16.58 -31.03
N HIS D 95 -3.98 15.83 -29.96
CA HIS D 95 -3.26 16.35 -28.81
C HIS D 95 -2.06 15.46 -28.42
N ALA D 96 -1.73 14.50 -29.28
CA ALA D 96 -0.61 13.60 -29.02
C ALA D 96 0.64 14.41 -28.69
N GLU D 97 0.75 15.61 -29.27
CA GLU D 97 1.88 16.50 -29.03
C GLU D 97 2.13 16.67 -27.53
N LYS D 98 1.07 16.66 -26.73
CA LYS D 98 1.20 16.82 -25.27
C LYS D 98 1.17 15.47 -24.54
N ASN D 99 1.30 14.39 -25.31
CA ASN D 99 1.27 13.03 -24.77
C ASN D 99 -0.07 12.74 -24.10
N TRP D 100 -1.14 13.18 -24.76
CA TRP D 100 -2.49 12.99 -24.25
C TRP D 100 -3.28 11.99 -25.09
N PHE D 101 -3.79 10.96 -24.44
CA PHE D 101 -4.58 9.94 -25.11
C PHE D 101 -5.86 9.62 -24.32
N VAL D 102 -7.02 9.86 -24.98
CA VAL D 102 -8.37 9.68 -24.45
C VAL D 102 -8.44 8.80 -23.19
N GLY D 103 -8.97 9.38 -22.12
CA GLY D 103 -9.15 8.68 -20.86
C GLY D 103 -10.47 9.05 -20.21
N LEU D 104 -11.23 8.05 -19.76
CA LEU D 104 -12.52 8.30 -19.14
C LEU D 104 -12.57 7.78 -17.70
N LYS D 105 -13.53 8.30 -16.94
CA LYS D 105 -13.72 7.89 -15.55
C LYS D 105 -14.92 6.96 -15.44
N LYS D 106 -14.65 5.67 -15.27
CA LYS D 106 -15.69 4.65 -15.16
C LYS D 106 -16.87 5.11 -14.29
N ASN D 107 -16.55 5.74 -13.17
CA ASN D 107 -17.57 6.24 -12.25
C ASN D 107 -17.63 7.76 -12.26
N GLY D 108 -17.43 8.36 -13.44
CA GLY D 108 -17.47 9.80 -13.54
C GLY D 108 -17.92 10.29 -14.91
N SER D 109 -17.26 9.78 -15.95
CA SER D 109 -17.53 10.12 -17.35
C SER D 109 -16.21 10.29 -18.09
N CYS D 110 -16.27 10.51 -19.39
CA CYS D 110 -15.07 10.67 -20.21
C CYS D 110 -14.58 12.12 -20.16
N LYS D 111 -13.56 12.39 -19.36
CA LYS D 111 -12.97 13.72 -19.24
C LYS D 111 -11.80 13.72 -18.26
N ARG D 112 -10.65 13.26 -18.74
CA ARG D 112 -9.44 13.19 -17.91
C ARG D 112 -8.19 13.46 -18.76
N GLY D 113 -8.35 14.30 -19.77
CA GLY D 113 -7.27 14.65 -20.68
C GLY D 113 -5.98 15.15 -20.01
N PRO D 114 -6.04 16.05 -19.00
CA PRO D 114 -4.83 16.57 -18.34
C PRO D 114 -4.14 15.52 -17.45
N ARG D 115 -4.68 14.30 -17.43
CA ARG D 115 -4.11 13.22 -16.63
C ARG D 115 -3.93 11.94 -17.46
N THR D 116 -4.01 12.07 -18.78
CA THR D 116 -3.89 10.91 -19.67
C THR D 116 -2.42 10.55 -19.95
N HIS D 117 -1.92 9.57 -19.21
CA HIS D 117 -0.54 9.09 -19.38
C HIS D 117 -0.33 7.83 -18.56
N TYR D 118 0.89 7.62 -18.07
CA TYR D 118 1.20 6.44 -17.27
C TYR D 118 0.86 6.68 -15.80
N GLY D 119 -0.44 6.77 -15.54
CA GLY D 119 -0.93 6.98 -14.19
C GLY D 119 -2.37 6.51 -14.09
N GLN D 120 -3.20 7.07 -14.96
CA GLN D 120 -4.62 6.70 -15.02
C GLN D 120 -4.74 5.49 -15.95
N LYS D 121 -5.08 4.35 -15.37
CA LYS D 121 -5.19 3.10 -16.12
C LYS D 121 -6.46 3.08 -16.98
N ALA D 122 -7.42 3.94 -16.65
CA ALA D 122 -8.68 4.05 -17.39
C ALA D 122 -8.45 4.20 -18.90
N ILE D 123 -7.23 4.56 -19.29
CA ILE D 123 -6.90 4.70 -20.70
C ILE D 123 -6.96 3.35 -21.43
N LEU D 124 -6.78 2.27 -20.68
CA LEU D 124 -6.82 0.93 -21.24
C LEU D 124 -8.26 0.45 -21.32
N PHE D 125 -8.91 0.75 -22.44
CA PHE D 125 -10.31 0.39 -22.64
C PHE D 125 -10.48 -1.07 -23.04
N LEU D 126 -11.59 -1.66 -22.62
CA LEU D 126 -11.91 -3.04 -22.94
C LEU D 126 -13.07 -3.06 -23.92
N PRO D 127 -12.80 -3.38 -25.20
CA PRO D 127 -13.82 -3.41 -26.25
C PRO D 127 -14.56 -4.75 -26.34
N LEU D 128 -15.86 -4.67 -26.61
CA LEU D 128 -16.70 -5.85 -26.77
C LEU D 128 -17.54 -5.73 -28.05
N PRO D 129 -16.90 -5.36 -29.18
CA PRO D 129 -17.60 -5.18 -30.46
C PRO D 129 -17.85 -6.49 -31.20
N VAL D 130 -18.89 -6.50 -32.01
CA VAL D 130 -19.24 -7.68 -32.80
C VAL D 130 -18.35 -7.75 -34.05
N SER D 131 -17.20 -8.39 -33.90
CA SER D 131 -16.26 -8.54 -34.99
C SER D 131 -16.78 -9.48 -36.06
N SER D 132 -16.01 -9.65 -37.13
CA SER D 132 -16.39 -10.53 -38.23
C SER D 132 -15.49 -11.76 -38.25
N ASP D 133 -15.60 -12.56 -37.19
CA ASP D 133 -14.79 -13.78 -37.05
C ASP D 133 -15.55 -14.98 -37.58
N TYR A 1 -17.34 -30.72 26.86
CA TYR A 1 -16.49 -31.90 26.57
C TYR A 1 -15.01 -31.48 26.53
N LYS A 2 -14.48 -31.05 27.68
CA LYS A 2 -13.09 -30.61 27.77
C LYS A 2 -12.16 -31.65 27.15
N LYS A 3 -11.61 -31.33 25.99
CA LYS A 3 -10.71 -32.22 25.28
C LYS A 3 -9.83 -31.42 24.32
N PRO A 4 -9.02 -32.10 23.47
CA PRO A 4 -8.13 -31.48 22.50
C PRO A 4 -8.49 -30.03 22.16
N LYS A 5 -7.70 -29.10 22.70
CA LYS A 5 -7.91 -27.68 22.46
C LYS A 5 -7.00 -27.21 21.32
N LEU A 6 -7.58 -26.98 20.16
CA LEU A 6 -6.82 -26.53 19.00
C LEU A 6 -6.63 -25.01 19.06
N LEU A 7 -5.41 -24.56 18.78
CA LEU A 7 -5.10 -23.14 18.81
C LEU A 7 -4.09 -22.78 17.71
N TYR A 8 -4.34 -21.67 17.02
CA TYR A 8 -3.47 -21.20 15.95
C TYR A 8 -3.68 -19.70 15.72
N CYS A 9 -2.86 -19.09 14.88
CA CYS A 9 -2.99 -17.67 14.61
C CYS A 9 -2.56 -17.34 13.18
N SER A 10 -2.91 -16.13 12.73
CA SER A 10 -2.60 -15.66 11.39
C SER A 10 -3.52 -16.31 10.38
N ASN A 11 -4.28 -15.49 9.66
CA ASN A 11 -5.21 -15.99 8.67
C ASN A 11 -4.51 -16.97 7.73
N GLY A 12 -5.08 -18.17 7.61
CA GLY A 12 -4.51 -19.18 6.75
C GLY A 12 -4.48 -20.53 7.43
N GLY A 13 -4.82 -21.57 6.67
CA GLY A 13 -4.82 -22.92 7.22
C GLY A 13 -3.48 -23.30 7.82
N HIS A 14 -3.41 -23.31 9.14
CA HIS A 14 -2.20 -23.67 9.88
C HIS A 14 -2.54 -23.93 11.34
N PHE A 15 -2.24 -25.13 11.82
CA PHE A 15 -2.54 -25.50 13.20
C PHE A 15 -1.24 -25.82 13.96
N LEU A 16 -1.25 -25.57 15.26
CA LEU A 16 -0.08 -25.83 16.09
C LEU A 16 0.08 -27.34 16.33
N ARG A 17 0.98 -27.97 15.58
CA ARG A 17 1.21 -29.40 15.72
C ARG A 17 2.39 -29.64 16.66
N ILE A 18 2.08 -30.13 17.85
CA ILE A 18 3.09 -30.39 18.85
C ILE A 18 3.65 -31.81 18.73
N LEU A 19 4.94 -31.94 18.96
CA LEU A 19 5.61 -33.24 18.91
C LEU A 19 6.46 -33.44 20.16
N PRO A 20 6.47 -34.66 20.72
CA PRO A 20 7.23 -34.99 21.94
C PRO A 20 8.65 -34.43 21.90
N ASP A 21 9.20 -34.34 20.68
CA ASP A 21 10.55 -33.80 20.49
C ASP A 21 10.65 -32.37 21.02
N GLY A 22 9.64 -31.57 20.73
CA GLY A 22 9.63 -30.19 21.16
C GLY A 22 9.44 -29.23 20.00
N THR A 23 9.94 -29.59 18.83
CA THR A 23 9.82 -28.75 17.65
C THR A 23 8.38 -28.72 17.13
N VAL A 24 7.58 -27.84 17.70
CA VAL A 24 6.19 -27.68 17.29
C VAL A 24 6.08 -26.70 16.12
N ASP A 25 5.36 -27.08 15.08
CA ASP A 25 5.18 -26.23 13.90
C ASP A 25 3.71 -26.02 13.58
N GLY A 26 3.43 -25.04 12.73
CA GLY A 26 2.07 -24.73 12.34
C GLY A 26 1.58 -25.60 11.20
N THR A 27 1.45 -26.88 11.47
CA THR A 27 0.99 -27.85 10.46
C THR A 27 -0.47 -27.61 10.12
N ARG A 28 -0.78 -27.50 8.84
CA ARG A 28 -2.16 -27.28 8.43
C ARG A 28 -2.83 -28.61 8.09
N ASP A 29 -3.03 -29.41 9.14
CA ASP A 29 -3.66 -30.71 8.97
C ASP A 29 -4.45 -31.09 10.23
N ARG A 30 -5.48 -31.90 10.06
CA ARG A 30 -6.31 -32.35 11.17
C ARG A 30 -6.57 -33.85 11.07
N SER A 31 -5.69 -34.55 10.36
CA SER A 31 -5.80 -35.99 10.16
C SER A 31 -5.05 -36.72 11.26
N ASP A 32 -3.85 -36.23 11.58
CA ASP A 32 -3.01 -36.85 12.60
C ASP A 32 -3.22 -36.13 13.94
N GLN A 33 -3.54 -36.88 14.98
CA GLN A 33 -3.77 -36.30 16.30
C GLN A 33 -2.47 -35.76 16.90
N HIS A 34 -2.04 -34.61 16.43
CA HIS A 34 -0.84 -33.97 16.95
C HIS A 34 -0.96 -32.44 16.96
N ILE A 35 -2.20 -31.94 16.85
CA ILE A 35 -2.45 -30.50 16.84
C ILE A 35 -3.48 -30.15 17.91
N GLN A 36 -3.33 -30.74 19.10
CA GLN A 36 -4.26 -30.50 20.19
C GLN A 36 -3.52 -30.40 21.52
N LEU A 37 -3.85 -29.38 22.29
CA LEU A 37 -3.24 -29.15 23.59
C LEU A 37 -4.32 -29.00 24.65
N GLN A 38 -4.00 -29.31 25.90
CA GLN A 38 -4.97 -29.19 26.98
C GLN A 38 -4.91 -27.79 27.60
N LEU A 39 -5.42 -26.81 26.86
CA LEU A 39 -5.46 -25.44 27.32
C LEU A 39 -6.55 -25.26 28.38
N SER A 40 -6.18 -24.70 29.52
CA SER A 40 -7.12 -24.48 30.62
C SER A 40 -6.60 -23.41 31.57
N ALA A 41 -7.51 -22.77 32.29
CA ALA A 41 -7.15 -21.75 33.26
C ALA A 41 -6.80 -22.41 34.59
N GLU A 42 -5.50 -22.49 34.87
CA GLU A 42 -5.04 -23.13 36.10
C GLU A 42 -5.35 -22.23 37.30
N SER A 43 -4.89 -20.99 37.23
CA SER A 43 -5.12 -20.02 38.30
C SER A 43 -5.96 -18.86 37.78
N VAL A 44 -6.35 -17.96 38.66
CA VAL A 44 -7.16 -16.81 38.27
C VAL A 44 -6.52 -16.04 37.12
N GLY A 45 -6.93 -16.38 35.90
CA GLY A 45 -6.40 -15.73 34.72
C GLY A 45 -5.17 -16.41 34.15
N GLU A 46 -4.55 -17.30 34.94
CA GLU A 46 -3.36 -18.01 34.49
C GLU A 46 -3.73 -19.28 33.74
N VAL A 47 -3.52 -19.28 32.43
CA VAL A 47 -3.83 -20.45 31.61
C VAL A 47 -2.54 -21.17 31.22
N TYR A 48 -2.62 -22.50 31.19
CA TYR A 48 -1.46 -23.32 30.83
C TYR A 48 -1.69 -24.06 29.53
N ILE A 49 -0.60 -24.27 28.79
CA ILE A 49 -0.66 -24.98 27.52
C ILE A 49 0.10 -26.30 27.66
N LYS A 50 -0.64 -27.38 27.78
CA LYS A 50 -0.04 -28.70 27.93
C LYS A 50 -0.68 -29.70 26.97
N SER A 51 0.10 -30.17 26.01
CA SER A 51 -0.39 -31.14 25.03
C SER A 51 -0.31 -32.55 25.63
N THR A 52 -1.02 -32.75 26.73
CA THR A 52 -1.01 -34.02 27.44
C THR A 52 -1.39 -35.19 26.54
N GLU A 53 -2.64 -35.25 26.12
CA GLU A 53 -3.12 -36.36 25.29
C GLU A 53 -2.79 -36.15 23.81
N THR A 54 -1.50 -35.96 23.49
CA THR A 54 -1.08 -35.75 22.12
C THR A 54 0.41 -35.43 21.99
N GLY A 55 0.94 -34.61 22.88
CA GLY A 55 2.34 -34.25 22.78
C GLY A 55 3.05 -34.13 24.11
N GLN A 56 3.41 -32.91 24.46
CA GLN A 56 4.15 -32.64 25.69
C GLN A 56 3.71 -31.32 26.33
N TYR A 57 4.38 -30.95 27.42
CA TYR A 57 4.10 -29.71 28.13
C TYR A 57 4.99 -28.61 27.59
N LEU A 58 4.48 -27.39 27.54
CA LEU A 58 5.26 -26.26 27.01
C LEU A 58 6.20 -25.70 28.07
N ALA A 59 7.28 -25.07 27.61
CA ALA A 59 8.27 -24.47 28.47
C ALA A 59 9.06 -23.43 27.66
N MET A 60 8.52 -22.23 27.57
CA MET A 60 9.15 -21.15 26.82
C MET A 60 10.60 -20.93 27.22
N ASP A 61 11.43 -20.61 26.23
CA ASP A 61 12.84 -20.35 26.47
C ASP A 61 13.03 -18.86 26.67
N THR A 62 12.77 -18.40 27.90
CA THR A 62 12.91 -16.99 28.22
C THR A 62 11.95 -16.16 27.37
N ASP A 63 10.78 -16.75 27.06
CA ASP A 63 9.77 -16.09 26.21
C ASP A 63 10.26 -16.00 24.77
N GLY A 64 11.47 -15.43 24.60
CA GLY A 64 12.07 -15.28 23.28
C GLY A 64 11.72 -16.42 22.34
N LEU A 65 12.02 -17.65 22.75
CA LEU A 65 11.72 -18.81 21.94
C LEU A 65 10.71 -19.70 22.67
N LEU A 66 9.69 -20.13 21.95
CA LEU A 66 8.66 -20.98 22.54
C LEU A 66 8.92 -22.45 22.24
N TYR A 67 8.92 -23.27 23.28
CA TYR A 67 9.16 -24.70 23.12
C TYR A 67 8.51 -25.46 24.27
N GLY A 68 8.58 -26.79 24.22
CA GLY A 68 8.00 -27.61 25.26
C GLY A 68 8.28 -29.08 25.03
N SER A 69 8.49 -29.82 26.11
CA SER A 69 8.76 -31.25 26.02
C SER A 69 9.16 -31.82 27.37
N GLN A 70 10.29 -31.34 27.91
CA GLN A 70 10.81 -31.84 29.18
C GLN A 70 9.85 -31.59 30.35
N THR A 71 9.72 -30.34 30.78
CA THR A 71 8.86 -30.01 31.91
C THR A 71 8.11 -28.69 31.71
N PRO A 72 6.87 -28.60 32.26
CA PRO A 72 6.06 -27.39 32.16
C PRO A 72 6.54 -26.32 33.15
N ASN A 73 7.69 -25.74 32.86
CA ASN A 73 8.27 -24.70 33.71
C ASN A 73 7.37 -23.48 33.78
N GLU A 74 7.51 -22.68 34.84
CA GLU A 74 6.69 -21.47 35.02
C GLU A 74 6.59 -20.67 33.72
N GLU A 75 7.65 -20.72 32.90
CA GLU A 75 7.65 -20.06 31.60
C GLU A 75 6.35 -20.35 30.82
N CYS A 76 5.72 -21.50 31.12
CA CYS A 76 4.51 -21.92 30.45
C CYS A 76 3.23 -21.30 31.06
N LEU A 77 3.37 -20.44 32.06
CA LEU A 77 2.19 -19.81 32.67
C LEU A 77 1.87 -18.50 31.94
N PHE A 78 0.66 -18.43 31.36
CA PHE A 78 0.25 -17.24 30.63
C PHE A 78 -1.09 -16.71 31.11
N LEU A 79 -1.25 -15.39 31.07
CA LEU A 79 -2.49 -14.74 31.49
C LEU A 79 -3.48 -14.77 30.33
N GLU A 80 -4.67 -15.30 30.59
CA GLU A 80 -5.70 -15.40 29.55
C GLU A 80 -6.35 -14.03 29.29
N ARG A 81 -6.16 -13.53 28.07
CA ARG A 81 -6.74 -12.25 27.66
C ARG A 81 -7.49 -12.42 26.34
N LEU A 82 -8.51 -11.60 26.13
CA LEU A 82 -9.31 -11.67 24.92
C LEU A 82 -9.31 -10.33 24.19
N GLU A 83 -9.23 -10.38 22.87
CA GLU A 83 -9.24 -9.16 22.06
C GLU A 83 -10.51 -9.09 21.23
N GLU A 84 -11.07 -7.89 21.09
CA GLU A 84 -12.29 -7.70 20.31
C GLU A 84 -12.00 -7.82 18.82
N ASN A 85 -11.38 -8.93 18.44
CA ASN A 85 -11.03 -9.19 17.05
C ASN A 85 -11.18 -10.69 16.75
N HIS A 86 -12.00 -11.37 17.56
CA HIS A 86 -12.23 -12.81 17.41
C HIS A 86 -10.93 -13.59 17.56
N TYR A 87 -10.13 -13.21 18.58
CA TYR A 87 -8.86 -13.88 18.84
C TYR A 87 -8.55 -13.88 20.34
N ASN A 88 -7.76 -14.86 20.75
CA ASN A 88 -7.37 -15.02 22.14
C ASN A 88 -5.96 -14.49 22.35
N THR A 89 -5.70 -13.94 23.53
CA THR A 89 -4.39 -13.41 23.86
C THR A 89 -3.89 -14.04 25.16
N TYR A 90 -2.63 -14.42 25.20
CA TYR A 90 -2.03 -15.03 26.38
C TYR A 90 -0.75 -14.32 26.74
N ILE A 91 -0.73 -13.70 27.92
CA ILE A 91 0.44 -12.96 28.36
C ILE A 91 1.34 -13.82 29.24
N SER A 92 2.56 -14.06 28.78
CA SER A 92 3.53 -14.85 29.51
C SER A 92 3.98 -14.08 30.76
N LYS A 93 3.16 -14.11 31.80
CA LYS A 93 3.44 -13.39 33.05
C LYS A 93 4.91 -13.58 33.45
N LYS A 94 5.46 -14.76 33.18
CA LYS A 94 6.86 -15.05 33.49
C LYS A 94 7.79 -13.97 32.91
N HIS A 95 7.36 -13.35 31.80
CA HIS A 95 8.14 -12.30 31.15
C HIS A 95 7.32 -11.04 30.91
N ALA A 96 6.13 -10.98 31.49
CA ALA A 96 5.25 -9.83 31.34
C ALA A 96 6.00 -8.55 31.69
N GLU A 97 6.95 -8.67 32.62
CA GLU A 97 7.78 -7.54 33.04
C GLU A 97 8.38 -6.81 31.83
N LYS A 98 8.68 -7.55 30.77
CA LYS A 98 9.25 -6.97 29.56
C LYS A 98 8.15 -6.73 28.52
N ASN A 99 6.89 -6.80 28.94
CA ASN A 99 5.76 -6.60 28.05
C ASN A 99 5.78 -7.63 26.92
N TRP A 100 6.21 -8.84 27.27
CA TRP A 100 6.31 -9.94 26.32
C TRP A 100 5.19 -10.95 26.54
N PHE A 101 4.42 -11.22 25.49
CA PHE A 101 3.34 -12.17 25.57
C PHE A 101 3.33 -13.11 24.36
N VAL A 102 3.52 -14.42 24.66
CA VAL A 102 3.59 -15.53 23.69
C VAL A 102 3.15 -15.16 22.28
N GLY A 103 4.06 -15.35 21.33
CA GLY A 103 3.78 -15.08 19.93
C GLY A 103 4.42 -16.14 19.04
N LEU A 104 3.65 -16.68 18.09
CA LEU A 104 4.16 -17.72 17.20
C LEU A 104 4.11 -17.30 15.73
N LYS A 105 4.90 -17.97 14.91
CA LYS A 105 4.94 -17.69 13.48
C LYS A 105 4.16 -18.77 12.71
N LYS A 106 2.97 -18.41 12.24
CA LYS A 106 2.10 -19.33 11.50
C LYS A 106 2.88 -20.18 10.51
N ASN A 107 3.81 -19.55 9.78
CA ASN A 107 4.62 -20.25 8.79
C ASN A 107 6.07 -20.35 9.26
N GLY A 108 6.27 -20.55 10.55
CA GLY A 108 7.62 -20.67 11.08
C GLY A 108 7.69 -21.55 12.32
N SER A 109 6.85 -21.24 13.30
CA SER A 109 6.77 -21.96 14.58
C SER A 109 6.62 -20.95 15.71
N CYS A 110 6.44 -21.43 16.93
CA CYS A 110 6.27 -20.56 18.09
C CYS A 110 7.63 -20.13 18.65
N LYS A 111 8.05 -18.91 18.33
CA LYS A 111 9.32 -18.38 18.81
C LYS A 111 9.54 -16.96 18.31
N ARG A 112 8.88 -16.01 18.97
CA ARG A 112 8.95 -14.61 18.62
C ARG A 112 8.92 -13.74 19.86
N GLY A 113 9.52 -14.21 20.96
CA GLY A 113 9.55 -13.43 22.19
C GLY A 113 10.05 -12.01 21.98
N PRO A 114 11.20 -11.79 21.28
CA PRO A 114 11.70 -10.42 21.03
C PRO A 114 10.69 -9.56 20.24
N ARG A 115 9.66 -10.22 19.71
CA ARG A 115 8.62 -9.55 18.95
C ARG A 115 7.22 -9.92 19.47
N THR A 116 7.10 -10.11 20.78
CA THR A 116 5.80 -10.46 21.39
C THR A 116 5.11 -9.23 21.96
N HIS A 117 5.43 -8.06 21.44
CA HIS A 117 4.82 -6.82 21.89
C HIS A 117 3.80 -6.37 20.85
N TYR A 118 3.47 -5.08 20.83
CA TYR A 118 2.51 -4.57 19.85
C TYR A 118 3.20 -4.32 18.51
N GLY A 119 2.99 -5.25 17.58
CA GLY A 119 3.58 -5.16 16.26
C GLY A 119 3.22 -6.38 15.45
N GLN A 120 3.48 -7.54 16.02
CA GLN A 120 3.15 -8.81 15.36
C GLN A 120 1.74 -9.21 15.79
N LYS A 121 0.88 -9.38 14.81
CA LYS A 121 -0.52 -9.72 15.06
C LYS A 121 -0.67 -11.21 15.41
N ALA A 122 0.35 -12.00 15.07
CA ALA A 122 0.36 -13.44 15.34
C ALA A 122 0.06 -13.75 16.82
N ILE A 123 0.16 -12.75 17.68
CA ILE A 123 -0.12 -12.92 19.10
C ILE A 123 -1.62 -13.14 19.34
N LEU A 124 -2.44 -12.72 18.38
CA LEU A 124 -3.88 -12.91 18.49
C LEU A 124 -4.25 -14.29 17.94
N PHE A 125 -4.23 -15.28 18.82
CA PHE A 125 -4.52 -16.66 18.44
C PHE A 125 -6.03 -16.91 18.32
N LEU A 126 -6.38 -17.81 17.40
CA LEU A 126 -7.77 -18.19 17.18
C LEU A 126 -7.98 -19.61 17.67
N PRO A 127 -8.67 -19.77 18.81
CA PRO A 127 -8.93 -21.08 19.41
C PRO A 127 -10.18 -21.77 18.85
N LEU A 128 -10.08 -23.09 18.70
CA LEU A 128 -11.18 -23.91 18.22
C LEU A 128 -11.37 -25.14 19.14
N PRO A 129 -11.39 -24.93 20.46
CA PRO A 129 -11.54 -25.99 21.44
C PRO A 129 -12.98 -26.45 21.63
N VAL A 130 -13.14 -27.71 22.03
CA VAL A 130 -14.47 -28.26 22.27
C VAL A 130 -14.97 -27.84 23.65
N SER A 131 -15.63 -26.69 23.70
CA SER A 131 -16.15 -26.16 24.94
C SER A 131 -17.33 -27.00 25.46
N SER A 132 -17.85 -26.62 26.62
CA SER A 132 -18.97 -27.32 27.21
C SER A 132 -20.23 -26.44 27.15
N ASP A 133 -20.68 -26.17 25.94
CA ASP A 133 -21.86 -25.35 25.71
C ASP A 133 -23.11 -26.20 25.58
N MET B 1 -18.04 -3.62 1.62
CA MET B 1 -18.41 -3.60 3.06
C MET B 1 -17.28 -2.98 3.88
N ALA B 2 -16.93 -3.61 4.99
CA ALA B 2 -15.84 -3.14 5.83
C ALA B 2 -14.50 -3.34 5.12
N ALA B 3 -13.40 -2.94 5.76
CA ALA B 3 -12.08 -3.07 5.16
C ALA B 3 -12.01 -2.09 4.00
N GLU B 4 -12.29 -0.83 4.30
CA GLU B 4 -12.28 0.21 3.27
C GLU B 4 -10.88 0.78 3.07
N PRO B 5 -10.46 0.89 1.79
CA PRO B 5 -9.13 1.42 1.45
C PRO B 5 -9.09 2.94 1.56
N LEU B 6 -8.03 3.45 2.17
CA LEU B 6 -7.85 4.89 2.34
C LEU B 6 -7.15 5.46 1.12
N THR B 7 -6.65 6.69 1.23
CA THR B 7 -5.95 7.31 0.12
C THR B 7 -4.58 6.68 -0.07
N GLU B 8 -4.05 6.78 -1.28
CA GLU B 8 -2.75 6.21 -1.65
C GLU B 8 -1.62 6.64 -0.70
N LEU B 9 -1.73 7.84 -0.16
CA LEU B 9 -0.73 8.39 0.73
C LEU B 9 -0.86 7.83 2.15
N GLU B 10 -2.10 7.60 2.61
CA GLU B 10 -2.33 6.98 3.92
C GLU B 10 -1.83 5.52 3.89
N GLU B 11 -2.09 4.82 2.77
CA GLU B 11 -1.62 3.45 2.54
C GLU B 11 -0.12 3.37 2.79
N SER B 12 0.64 4.26 2.12
CA SER B 12 2.08 4.19 2.15
C SER B 12 2.68 4.63 3.49
N ILE B 13 2.14 5.64 4.18
CA ILE B 13 2.62 5.92 5.54
C ILE B 13 2.30 4.75 6.45
N GLU B 14 1.11 4.14 6.34
CA GLU B 14 0.81 2.99 7.19
C GLU B 14 1.84 1.89 6.96
N THR B 15 2.02 1.42 5.72
CA THR B 15 2.87 0.26 5.47
C THR B 15 4.29 0.43 6.07
N VAL B 16 4.86 1.63 6.01
CA VAL B 16 6.15 1.90 6.63
C VAL B 16 6.01 2.04 8.16
N VAL B 17 4.94 2.68 8.65
CA VAL B 17 4.68 2.81 10.09
C VAL B 17 4.54 1.44 10.74
N THR B 18 3.77 0.52 10.20
CA THR B 18 3.65 -0.82 10.76
C THR B 18 5.03 -1.52 10.79
N THR B 19 5.80 -1.43 9.68
CA THR B 19 7.14 -2.01 9.63
C THR B 19 8.01 -1.41 10.73
N PHE B 20 8.09 -0.08 10.80
CA PHE B 20 8.70 0.65 11.90
C PHE B 20 8.27 0.03 13.23
N PHE B 21 6.97 -0.06 13.46
CA PHE B 21 6.41 -0.56 14.72
C PHE B 21 6.84 -1.99 15.06
N THR B 22 7.10 -2.84 14.07
CA THR B 22 7.51 -4.22 14.34
C THR B 22 8.96 -4.29 14.80
N PHE B 23 9.63 -3.13 14.84
CA PHE B 23 11.02 -3.03 15.29
C PHE B 23 11.12 -2.11 16.52
N ALA B 24 10.22 -1.12 16.57
CA ALA B 24 10.16 -0.14 17.64
C ALA B 24 9.88 -0.81 18.98
N ARG B 25 9.07 -1.87 18.97
CA ARG B 25 8.69 -2.55 20.21
C ARG B 25 9.63 -3.69 20.59
N GLN B 26 10.72 -3.88 19.84
CA GLN B 26 11.67 -4.97 20.12
C GLN B 26 12.13 -4.95 21.59
N GLU B 27 12.36 -3.74 22.11
CA GLU B 27 12.82 -3.57 23.48
C GLU B 27 12.00 -2.49 24.19
N GLY B 28 12.61 -1.86 25.19
CA GLY B 28 11.98 -0.78 25.94
C GLY B 28 11.39 0.35 25.07
N ARG B 29 10.12 0.66 25.37
CA ARG B 29 9.34 1.69 24.65
C ARG B 29 9.09 1.31 23.19
N LYS B 30 7.81 1.12 22.83
CA LYS B 30 7.44 0.74 21.47
C LYS B 30 7.28 1.95 20.55
N ASP B 31 8.18 2.91 20.70
CA ASP B 31 8.21 4.12 19.88
C ASP B 31 9.65 4.33 19.44
N SER B 32 10.56 4.31 20.41
CA SER B 32 11.97 4.53 20.18
C SER B 32 12.65 3.24 19.72
N LEU B 33 13.50 3.35 18.70
CA LEU B 33 14.48 2.33 18.38
C LEU B 33 15.73 2.64 19.20
N SER B 34 16.18 1.73 20.06
CA SER B 34 17.53 1.86 20.63
C SER B 34 18.55 1.29 19.63
N VAL B 35 19.83 1.33 20.00
CA VAL B 35 20.95 1.08 19.08
C VAL B 35 20.77 -0.24 18.31
N ASN B 36 20.63 -1.38 19.02
CA ASN B 36 20.44 -2.70 18.39
C ASN B 36 19.19 -2.67 17.50
N GLU B 37 18.06 -2.33 18.14
CA GLU B 37 16.78 -2.12 17.48
C GLU B 37 16.92 -1.42 16.13
N PHE B 38 17.66 -0.31 16.14
CA PHE B 38 17.90 0.48 14.95
C PHE B 38 18.71 -0.33 13.94
N LYS B 39 19.84 -0.87 14.38
CA LYS B 39 20.70 -1.68 13.52
C LYS B 39 19.91 -2.83 12.87
N GLU B 40 18.95 -3.39 13.59
CA GLU B 40 18.13 -4.51 13.09
C GLU B 40 17.34 -4.13 11.83
N LEU B 41 16.94 -2.86 11.69
CA LEU B 41 16.16 -2.44 10.54
C LEU B 41 17.05 -2.56 9.30
N VAL B 42 18.22 -1.91 9.39
CA VAL B 42 19.11 -1.77 8.24
C VAL B 42 19.65 -3.15 7.87
N THR B 43 20.16 -3.88 8.85
CA THR B 43 20.76 -5.20 8.63
C THR B 43 19.81 -6.21 7.95
N GLN B 44 18.52 -6.14 8.27
CA GLN B 44 17.56 -7.10 7.71
C GLN B 44 16.91 -6.65 6.40
N GLN B 45 16.13 -5.57 6.45
CA GLN B 45 15.39 -5.11 5.27
C GLN B 45 16.09 -4.00 4.46
N LEU B 46 17.38 -3.78 4.66
CA LEU B 46 18.07 -2.73 3.90
C LEU B 46 19.50 -3.15 3.53
N PRO B 47 19.63 -4.04 2.53
CA PRO B 47 20.92 -4.54 2.07
C PRO B 47 21.46 -3.83 0.82
N HIS B 48 20.63 -3.02 0.16
CA HIS B 48 21.07 -2.33 -1.05
C HIS B 48 21.16 -0.82 -0.86
N LEU B 49 20.04 -0.19 -0.49
CA LEU B 49 19.97 1.25 -0.27
C LEU B 49 21.17 1.79 0.50
N LEU B 50 21.26 1.40 1.78
CA LEU B 50 22.34 1.74 2.68
C LEU B 50 23.10 0.45 2.95
N LYS B 51 23.95 0.08 1.99
CA LYS B 51 24.76 -1.14 2.06
C LYS B 51 25.81 -1.08 3.18
N ASP B 52 25.79 -0.02 3.98
CA ASP B 52 26.74 0.13 5.07
C ASP B 52 26.19 -0.49 6.35
N VAL B 53 26.34 -1.81 6.47
CA VAL B 53 25.88 -2.53 7.65
C VAL B 53 26.97 -2.61 8.71
N GLY B 54 27.94 -1.71 8.61
CA GLY B 54 29.03 -1.68 9.57
C GLY B 54 29.18 -0.33 10.26
N SER B 55 28.94 0.74 9.51
CA SER B 55 29.05 2.08 10.05
C SER B 55 27.69 2.64 10.46
N LEU B 56 26.90 1.81 11.13
CA LEU B 56 25.59 2.20 11.60
C LEU B 56 25.76 3.30 12.65
N ASP B 57 26.87 3.30 13.39
CA ASP B 57 27.24 4.36 14.32
C ASP B 57 27.18 5.74 13.64
N GLU B 58 27.77 5.88 12.46
CA GLU B 58 27.76 7.11 11.68
C GLU B 58 26.31 7.55 11.45
N LYS B 59 25.47 6.65 10.91
CA LYS B 59 24.06 6.96 10.69
C LYS B 59 23.46 7.43 12.02
N MET B 60 23.63 6.63 13.08
CA MET B 60 23.08 6.90 14.41
C MET B 60 23.44 8.33 14.83
N LYS B 61 24.71 8.70 14.82
CA LYS B 61 25.15 10.05 15.17
C LYS B 61 24.51 11.09 14.23
N SER B 62 24.46 10.81 12.93
CA SER B 62 23.86 11.71 11.96
C SER B 62 22.35 11.90 12.20
N LEU B 63 21.68 10.88 12.76
CA LEU B 63 20.25 10.85 13.03
C LEU B 63 19.93 11.47 14.39
N ASP B 64 20.42 10.84 15.46
CA ASP B 64 20.12 11.19 16.84
C ASP B 64 20.90 12.45 17.23
N VAL B 65 20.43 13.61 16.75
CA VAL B 65 21.09 14.90 16.96
C VAL B 65 21.43 15.17 18.44
N ASN B 66 20.54 14.76 19.35
CA ASN B 66 20.69 14.93 20.79
C ASN B 66 21.53 13.83 21.44
N GLN B 67 21.85 12.76 20.71
CA GLN B 67 22.66 11.63 21.16
C GLN B 67 22.18 11.12 22.52
N ASP B 68 20.88 10.82 22.61
CA ASP B 68 20.26 10.20 23.79
C ASP B 68 20.31 8.67 23.66
N SER B 69 20.67 8.15 22.48
CA SER B 69 20.66 6.72 22.18
C SER B 69 19.24 6.16 22.15
N GLU B 70 18.28 7.03 21.82
CA GLU B 70 16.93 6.71 21.42
C GLU B 70 16.62 7.50 20.17
N LEU B 71 16.37 6.84 19.05
CA LEU B 71 15.74 7.49 17.91
C LEU B 71 14.23 7.44 18.18
N LYS B 72 13.68 8.50 18.79
CA LYS B 72 12.22 8.69 18.90
C LYS B 72 11.60 8.59 17.51
N PHE B 73 10.27 8.37 17.43
CA PHE B 73 9.53 8.26 16.17
C PHE B 73 10.05 9.24 15.11
N ASN B 74 10.01 10.53 15.43
CA ASN B 74 10.40 11.60 14.50
C ASN B 74 11.91 11.59 14.18
N GLU B 75 12.75 11.18 15.14
CA GLU B 75 14.19 11.09 14.93
C GLU B 75 14.47 9.93 13.97
N TYR B 76 13.98 8.74 14.29
CA TYR B 76 14.05 7.56 13.45
C TYR B 76 13.60 7.92 12.04
N TRP B 77 12.42 8.54 11.96
CA TRP B 77 11.80 8.96 10.71
C TRP B 77 12.83 9.59 9.77
N ARG B 78 13.80 10.39 10.27
CA ARG B 78 14.89 10.93 9.46
C ARG B 78 15.42 9.93 8.42
N LEU B 79 15.73 8.71 8.87
CA LEU B 79 16.24 7.65 8.01
C LEU B 79 15.41 7.54 6.74
N ILE B 80 14.07 7.58 6.86
CA ILE B 80 13.17 7.37 5.73
C ILE B 80 13.41 8.45 4.67
N GLY B 81 13.93 9.60 5.07
CA GLY B 81 14.25 10.69 4.17
C GLY B 81 15.48 10.36 3.40
N GLU B 82 16.46 9.82 4.11
CA GLU B 82 17.74 9.49 3.56
C GLU B 82 17.51 8.32 2.61
N LEU B 83 16.58 7.42 2.93
CA LEU B 83 16.12 6.36 2.04
C LEU B 83 15.46 6.93 0.78
N ALA B 84 14.38 7.69 0.97
CA ALA B 84 13.59 8.30 -0.11
C ALA B 84 14.43 9.23 -0.98
N LYS B 85 15.50 9.77 -0.41
CA LYS B 85 16.51 10.51 -1.12
C LYS B 85 17.38 9.52 -1.89
N GLU B 86 18.08 8.60 -1.21
CA GLU B 86 18.98 7.61 -1.81
C GLU B 86 18.40 6.93 -3.04
N ILE B 87 17.15 6.45 -2.99
CA ILE B 87 16.55 5.77 -4.13
C ILE B 87 16.62 6.59 -5.44
N ARG B 88 16.55 7.92 -5.33
CA ARG B 88 16.75 8.84 -6.46
C ARG B 88 18.24 9.20 -6.55
N LYS B 89 18.80 9.67 -5.44
CA LYS B 89 20.08 10.32 -5.32
C LYS B 89 21.24 9.40 -5.66
N LYS B 90 21.10 8.07 -5.55
CA LYS B 90 21.93 7.32 -4.62
C LYS B 90 23.35 7.89 -4.47
N LYS B 91 24.20 7.85 -5.50
CA LYS B 91 25.55 8.40 -5.46
C LYS B 91 25.79 9.26 -6.73
N ASP B 92 24.81 10.11 -7.05
CA ASP B 92 24.73 11.09 -8.14
C ASP B 92 25.88 12.08 -8.03
N LEU B 93 27.08 11.61 -8.36
CA LEU B 93 28.35 12.23 -8.14
C LEU B 93 29.38 11.30 -8.81
N LYS B 94 29.34 10.00 -8.47
CA LYS B 94 30.14 8.96 -9.12
C LYS B 94 29.26 7.90 -9.80
N ILE B 95 28.19 7.46 -9.13
CA ILE B 95 27.41 6.29 -9.55
C ILE B 95 25.91 6.58 -9.35
N ARG B 96 25.07 6.73 -10.40
CA ARG B 96 25.27 6.85 -11.83
C ARG B 96 23.93 7.04 -12.57
N MET C 1 16.72 5.34 -16.29
CA MET C 1 15.45 5.75 -16.88
C MET C 1 14.30 5.36 -15.95
N ALA C 2 14.15 4.06 -15.63
CA ALA C 2 13.13 3.59 -14.69
C ALA C 2 13.31 2.10 -14.35
N ALA C 3 13.52 1.79 -13.06
CA ALA C 3 13.01 0.63 -12.33
C ALA C 3 12.72 -0.70 -13.08
N GLU C 4 13.62 -1.67 -13.03
CA GLU C 4 13.29 -3.10 -12.94
C GLU C 4 13.02 -3.44 -11.45
N PRO C 5 12.80 -4.73 -11.05
CA PRO C 5 12.50 -5.16 -9.67
C PRO C 5 13.01 -4.29 -8.52
N LEU C 6 12.11 -4.06 -7.57
CA LEU C 6 12.38 -3.30 -6.36
C LEU C 6 11.86 -4.12 -5.18
N THR C 7 12.06 -3.65 -3.95
CA THR C 7 11.58 -4.40 -2.78
C THR C 7 10.12 -4.05 -2.46
N GLU C 8 9.60 -4.64 -1.37
CA GLU C 8 8.23 -4.41 -0.94
C GLU C 8 7.99 -2.97 -0.51
N LEU C 9 8.96 -2.39 0.20
CA LEU C 9 8.86 -1.02 0.69
C LEU C 9 9.18 0.00 -0.41
N GLU C 10 9.73 -0.48 -1.52
CA GLU C 10 10.07 0.40 -2.63
C GLU C 10 8.86 0.59 -3.55
N GLU C 11 7.94 -0.39 -3.53
CA GLU C 11 6.68 -0.27 -4.28
C GLU C 11 5.92 0.97 -3.82
N SER C 12 5.73 1.09 -2.51
CA SER C 12 4.86 2.10 -1.93
C SER C 12 5.46 3.52 -2.03
N ILE C 13 6.79 3.67 -2.15
CA ILE C 13 7.37 4.94 -2.57
C ILE C 13 7.20 5.14 -4.08
N GLU C 14 7.24 4.07 -4.89
CA GLU C 14 6.95 4.20 -6.32
C GLU C 14 5.54 4.74 -6.54
N THR C 15 4.52 4.10 -5.96
CA THR C 15 3.12 4.39 -6.30
C THR C 15 2.81 5.90 -6.23
N VAL C 16 3.37 6.59 -5.24
CA VAL C 16 3.21 8.03 -5.11
C VAL C 16 4.03 8.79 -6.16
N VAL C 17 5.24 8.32 -6.50
CA VAL C 17 6.06 8.89 -7.56
C VAL C 17 5.31 8.78 -8.90
N THR C 18 4.64 7.64 -9.13
CA THR C 18 3.84 7.44 -10.35
C THR C 18 2.76 8.54 -10.49
N THR C 19 2.26 9.05 -9.35
CA THR C 19 1.27 10.14 -9.36
C THR C 19 1.99 11.41 -9.81
N PHE C 20 3.10 11.65 -9.13
CA PHE C 20 4.02 12.74 -9.41
C PHE C 20 4.35 12.79 -10.90
N PHE C 21 4.81 11.65 -11.42
CA PHE C 21 5.23 11.50 -12.82
C PHE C 21 4.12 11.80 -13.84
N THR C 22 2.87 11.52 -13.50
CA THR C 22 1.78 11.78 -14.45
C THR C 22 1.03 13.07 -14.16
N PHE C 23 1.63 13.91 -13.34
CA PHE C 23 1.04 15.21 -13.01
C PHE C 23 2.06 16.30 -13.30
N ALA C 24 3.34 15.92 -13.26
CA ALA C 24 4.42 16.85 -13.52
C ALA C 24 4.80 16.92 -14.99
N ARG C 25 4.24 16.02 -15.79
CA ARG C 25 4.49 16.01 -17.23
C ARG C 25 3.43 16.86 -17.97
N GLN C 26 2.77 17.76 -17.24
CA GLN C 26 1.73 18.62 -17.82
C GLN C 26 2.31 19.59 -18.84
N GLU C 27 2.86 20.71 -18.35
CA GLU C 27 3.51 21.70 -19.23
C GLU C 27 4.90 21.17 -19.58
N GLY C 28 5.97 21.86 -19.17
CA GLY C 28 7.28 21.28 -19.42
C GLY C 28 7.46 20.03 -18.58
N ARG C 29 8.41 19.18 -18.99
CA ARG C 29 9.35 18.51 -18.08
C ARG C 29 8.70 17.78 -16.91
N LYS C 30 8.71 16.45 -17.01
CA LYS C 30 8.13 15.54 -16.00
C LYS C 30 9.01 15.40 -14.75
N ASP C 31 10.30 15.70 -14.90
CA ASP C 31 11.26 15.61 -13.81
C ASP C 31 11.13 16.75 -12.78
N SER C 32 10.38 17.83 -13.07
CA SER C 32 10.16 18.94 -12.15
C SER C 32 8.67 19.28 -12.05
N LEU C 33 8.19 19.56 -10.82
CA LEU C 33 6.87 20.12 -10.64
C LEU C 33 6.88 21.58 -11.10
N SER C 34 5.85 21.94 -11.84
CA SER C 34 5.60 23.24 -12.42
C SER C 34 4.26 23.76 -11.82
N VAL C 35 3.96 25.07 -11.88
CA VAL C 35 2.85 25.61 -11.09
C VAL C 35 1.57 25.79 -11.91
N ASN C 36 1.23 24.72 -12.61
CA ASN C 36 -0.09 24.22 -12.89
C ASN C 36 0.08 22.73 -13.17
N GLU C 37 0.69 22.17 -12.12
CA GLU C 37 1.01 20.76 -11.90
C GLU C 37 0.98 20.55 -10.39
N PHE C 38 1.64 21.51 -9.70
CA PHE C 38 1.67 21.58 -8.25
C PHE C 38 0.30 21.96 -7.71
N LYS C 39 -0.23 23.12 -8.13
CA LYS C 39 -1.50 23.58 -7.58
C LYS C 39 -2.61 22.57 -7.91
N GLU C 40 -2.55 21.97 -9.09
CA GLU C 40 -3.54 20.96 -9.48
C GLU C 40 -3.37 19.69 -8.64
N LEU C 41 -2.13 19.44 -8.17
CA LEU C 41 -1.83 18.28 -7.34
C LEU C 41 -2.39 18.45 -5.94
N VAL C 42 -2.13 19.61 -5.33
CA VAL C 42 -2.64 19.90 -4.00
C VAL C 42 -4.16 19.99 -4.01
N THR C 43 -4.72 20.65 -5.01
CA THR C 43 -6.17 20.82 -5.10
C THR C 43 -6.93 19.50 -5.36
N GLN C 44 -6.35 18.58 -6.11
CA GLN C 44 -7.03 17.32 -6.43
C GLN C 44 -6.58 16.14 -5.55
N GLN C 45 -5.28 15.92 -5.47
CA GLN C 45 -4.75 14.79 -4.71
C GLN C 45 -4.69 15.03 -3.20
N LEU C 46 -4.39 16.27 -2.79
CA LEU C 46 -4.30 16.58 -1.35
C LEU C 46 -5.29 17.69 -0.92
N PRO C 47 -6.62 17.48 -1.10
CA PRO C 47 -7.61 18.49 -0.74
C PRO C 47 -8.08 18.36 0.71
N HIS C 48 -7.88 17.17 1.29
CA HIS C 48 -8.27 16.90 2.66
C HIS C 48 -7.03 16.82 3.55
N LEU C 49 -6.00 16.16 3.04
CA LEU C 49 -4.75 16.01 3.77
C LEU C 49 -4.09 17.37 3.96
N LEU C 50 -4.03 18.15 2.90
CA LEU C 50 -3.46 19.49 2.94
C LEU C 50 -4.58 20.52 2.91
N LYS C 51 -4.89 21.08 4.06
CA LYS C 51 -5.95 22.08 4.18
C LYS C 51 -5.42 23.48 3.88
N ASP C 52 -4.58 23.58 2.86
CA ASP C 52 -4.00 24.86 2.44
C ASP C 52 -3.83 24.90 0.94
N VAL C 53 -4.94 24.72 0.23
CA VAL C 53 -4.93 24.72 -1.24
C VAL C 53 -4.91 26.15 -1.79
N GLY C 54 -5.31 27.11 -0.96
CA GLY C 54 -5.33 28.50 -1.39
C GLY C 54 -4.04 29.21 -1.02
N SER C 55 -3.27 28.60 -0.12
CA SER C 55 -2.00 29.17 0.34
C SER C 55 -0.82 28.30 -0.12
N LEU C 56 -0.98 27.66 -1.27
CA LEU C 56 0.06 26.84 -1.85
C LEU C 56 1.33 27.66 -2.02
N ASP C 57 1.19 28.85 -2.61
CA ASP C 57 2.25 29.79 -2.94
C ASP C 57 3.29 29.94 -1.81
N GLU C 58 2.83 29.98 -0.55
CA GLU C 58 3.72 30.02 0.61
C GLU C 58 4.54 28.73 0.69
N LYS C 59 3.85 27.59 0.57
CA LYS C 59 4.50 26.28 0.59
C LYS C 59 5.52 26.20 -0.54
N MET C 60 5.09 26.61 -1.73
CA MET C 60 5.95 26.68 -2.91
C MET C 60 7.21 27.46 -2.59
N LYS C 61 7.08 28.68 -2.09
CA LYS C 61 8.23 29.50 -1.74
C LYS C 61 9.13 28.78 -0.72
N SER C 62 8.51 28.17 0.29
CA SER C 62 9.23 27.42 1.32
C SER C 62 9.96 26.21 0.73
N LEU C 63 9.34 25.53 -0.24
CA LEU C 63 9.85 24.34 -0.90
C LEU C 63 11.03 24.71 -1.79
N ASP C 64 10.80 25.62 -2.73
CA ASP C 64 11.61 25.85 -3.92
C ASP C 64 13.09 26.21 -3.70
N VAL C 65 13.47 26.54 -2.46
CA VAL C 65 14.25 27.69 -1.99
C VAL C 65 15.38 28.24 -2.87
N ASN C 66 15.94 27.48 -3.81
CA ASN C 66 16.74 28.10 -4.85
C ASN C 66 15.90 29.13 -5.64
N GLN C 67 14.58 28.94 -5.64
CA GLN C 67 13.59 29.87 -6.19
C GLN C 67 13.69 29.95 -7.72
N ASP C 68 14.32 28.95 -8.36
CA ASP C 68 14.25 28.77 -9.80
C ASP C 68 12.80 28.54 -10.26
N SER C 69 11.92 28.17 -9.33
CA SER C 69 10.51 27.90 -9.58
C SER C 69 10.29 26.62 -10.40
N GLU C 70 11.34 25.82 -10.60
CA GLU C 70 11.19 24.40 -10.84
C GLU C 70 11.20 23.76 -9.47
N LEU C 71 10.07 23.21 -9.02
CA LEU C 71 10.02 22.45 -7.80
C LEU C 71 10.74 21.14 -8.11
N LYS C 72 11.98 21.03 -7.67
CA LYS C 72 12.97 20.13 -8.23
C LYS C 72 12.78 18.72 -7.66
N PHE C 73 13.52 17.74 -8.19
CA PHE C 73 13.39 16.32 -7.86
C PHE C 73 14.17 16.10 -6.55
N ASN C 74 13.52 16.59 -5.49
CA ASN C 74 13.89 16.76 -4.09
C ASN C 74 14.31 18.23 -3.88
N GLU C 75 13.51 19.19 -4.34
CA GLU C 75 12.78 20.10 -3.48
C GLU C 75 11.41 19.49 -3.16
N TYR C 76 10.63 19.25 -4.23
CA TYR C 76 9.22 18.85 -4.21
C TYR C 76 8.94 17.85 -3.11
N TRP C 77 9.74 16.78 -3.10
CA TRP C 77 9.56 15.62 -2.25
C TRP C 77 9.20 16.00 -0.81
N ARG C 78 9.82 17.06 -0.28
CA ARG C 78 9.51 17.61 1.04
C ARG C 78 8.00 17.60 1.33
N LEU C 79 7.17 18.00 0.35
CA LEU C 79 5.73 18.06 0.49
C LEU C 79 5.17 16.76 1.06
N ILE C 80 5.56 15.62 0.47
CA ILE C 80 5.09 14.30 0.90
C ILE C 80 5.48 14.11 2.38
N GLY C 81 6.57 14.74 2.80
CA GLY C 81 7.09 14.77 4.15
C GLY C 81 6.21 15.53 5.09
N GLU C 82 5.76 16.66 4.61
CA GLU C 82 4.93 17.54 5.38
C GLU C 82 3.60 16.85 5.55
N LEU C 83 2.98 16.31 4.50
CA LEU C 83 1.80 15.46 4.73
C LEU C 83 2.11 14.28 5.67
N ALA C 84 3.24 13.59 5.47
CA ALA C 84 3.61 12.46 6.30
C ALA C 84 3.62 12.83 7.77
N LYS C 85 4.29 13.93 8.16
CA LYS C 85 4.24 14.35 9.56
C LYS C 85 2.85 14.88 9.90
N GLU C 86 2.18 15.67 9.04
CA GLU C 86 0.88 16.32 9.29
C GLU C 86 -0.11 15.39 9.98
N ILE C 87 -0.22 14.15 9.51
CA ILE C 87 -1.12 13.18 10.11
C ILE C 87 -0.91 13.07 11.63
N ARG C 88 0.36 13.11 12.06
CA ARG C 88 0.79 13.20 13.45
C ARG C 88 0.75 14.65 13.96
N LYS C 89 1.13 15.61 13.13
CA LYS C 89 1.54 16.95 13.52
C LYS C 89 0.57 18.01 12.96
N LYS C 90 -0.57 18.16 13.63
CA LYS C 90 -1.65 19.09 13.32
C LYS C 90 -1.16 20.45 12.81
N LYS C 91 -0.29 21.16 13.55
CA LYS C 91 0.23 22.46 13.11
C LYS C 91 1.60 22.80 13.70
N ASP C 92 2.15 21.94 14.56
CA ASP C 92 2.96 22.36 15.70
C ASP C 92 4.45 22.37 15.32
N LEU C 93 4.79 22.98 14.17
CA LEU C 93 6.16 23.02 13.67
C LEU C 93 6.89 24.28 14.11
N ILE C 95 9.45 26.66 13.96
CA ILE C 95 10.82 26.91 13.51
C ILE C 95 11.03 28.26 12.81
N ARG C 96 12.26 28.78 12.94
CA ARG C 96 12.77 29.99 12.33
C ARG C 96 14.28 29.94 12.52
N LYS C 97 15.09 30.10 11.47
CA LYS C 97 16.50 29.70 11.47
C LYS C 97 17.06 30.15 10.12
N LYS C 98 18.14 30.93 10.14
CA LYS C 98 18.98 31.23 8.98
C LYS C 98 20.23 30.36 9.12
N TYR D 1 -19.80 -8.52 -38.87
CA TYR D 1 -21.08 -7.77 -38.73
C TYR D 1 -20.82 -6.41 -38.08
N LYS D 2 -20.10 -5.54 -38.80
CA LYS D 2 -19.78 -4.21 -38.28
C LYS D 2 -21.05 -3.51 -37.78
N LYS D 3 -21.15 -3.38 -36.48
CA LYS D 3 -22.31 -2.75 -35.86
C LYS D 3 -21.94 -2.25 -34.45
N PRO D 4 -22.92 -1.74 -33.66
CA PRO D 4 -22.72 -1.24 -32.32
C PRO D 4 -21.43 -1.72 -31.65
N LYS D 5 -20.45 -0.82 -31.57
CA LYS D 5 -19.17 -1.13 -30.95
C LYS D 5 -19.17 -0.66 -29.51
N LEU D 6 -19.27 -1.60 -28.57
CA LEU D 6 -19.28 -1.27 -27.15
C LEU D 6 -17.86 -1.11 -26.64
N LEU D 7 -17.62 -0.06 -25.86
CA LEU D 7 -16.31 0.21 -25.31
C LEU D 7 -16.41 0.79 -23.90
N TYR D 8 -15.56 0.29 -23.00
CA TYR D 8 -15.54 0.77 -21.62
C TYR D 8 -14.18 0.46 -20.99
N CYS D 9 -13.94 0.94 -19.77
CA CYS D 9 -12.67 0.69 -19.10
C CYS D 9 -12.86 0.62 -17.58
N SER D 10 -11.83 0.12 -16.90
CA SER D 10 -11.85 -0.04 -15.45
C SER D 10 -12.70 -1.24 -15.06
N ASN D 11 -12.08 -2.20 -14.39
CA ASN D 11 -12.80 -3.40 -13.97
C ASN D 11 -14.09 -3.02 -13.24
N GLY D 12 -15.20 -3.57 -13.70
CA GLY D 12 -16.49 -3.29 -13.10
C GLY D 12 -17.55 -3.00 -14.14
N GLY D 13 -18.74 -3.55 -13.92
CA GLY D 13 -19.83 -3.34 -14.85
C GLY D 13 -20.12 -1.87 -15.08
N HIS D 14 -19.71 -1.37 -16.24
CA HIS D 14 -19.92 0.02 -16.63
C HIS D 14 -19.67 0.19 -18.12
N PHE D 15 -20.68 0.66 -18.86
CA PHE D 15 -20.55 0.85 -20.30
C PHE D 15 -20.72 2.32 -20.67
N LEU D 16 -20.08 2.74 -21.75
CA LEU D 16 -20.16 4.12 -22.19
C LEU D 16 -21.51 4.39 -22.85
N ARG D 17 -22.43 5.00 -22.10
CA ARG D 17 -23.75 5.30 -22.64
C ARG D 17 -23.79 6.72 -23.17
N ILE D 18 -23.84 6.84 -24.49
CA ILE D 18 -23.85 8.13 -25.15
C ILE D 18 -25.27 8.64 -25.33
N LEU D 19 -25.45 9.95 -25.18
CA LEU D 19 -26.74 10.59 -25.34
C LEU D 19 -26.60 11.81 -26.26
N PRO D 20 -27.59 12.02 -27.15
CA PRO D 20 -27.57 13.16 -28.10
C PRO D 20 -27.18 14.47 -27.43
N ASP D 21 -27.52 14.59 -26.15
CA ASP D 21 -27.21 15.78 -25.37
C ASP D 21 -25.70 16.03 -25.32
N GLY D 22 -24.94 14.95 -25.13
CA GLY D 22 -23.50 15.06 -25.05
C GLY D 22 -22.95 14.47 -23.77
N THR D 23 -23.71 14.57 -22.68
CA THR D 23 -23.28 14.05 -21.39
C THR D 23 -23.30 12.52 -21.38
N VAL D 24 -22.21 11.93 -21.85
CA VAL D 24 -22.07 10.48 -21.88
C VAL D 24 -21.51 9.97 -20.55
N ASP D 25 -22.14 8.95 -19.98
CA ASP D 25 -21.69 8.38 -18.71
C ASP D 25 -21.47 6.88 -18.82
N GLY D 26 -20.79 6.31 -17.82
CA GLY D 26 -20.50 4.89 -17.81
C GLY D 26 -21.65 4.07 -17.24
N THR D 27 -22.77 4.07 -17.94
CA THR D 27 -23.95 3.33 -17.52
C THR D 27 -23.71 1.83 -17.60
N ARG D 28 -23.98 1.12 -16.52
CA ARG D 28 -23.79 -0.33 -16.52
C ARG D 28 -25.09 -1.04 -16.89
N ASP D 29 -25.50 -0.88 -18.13
CA ASP D 29 -26.73 -1.49 -18.63
C ASP D 29 -26.61 -1.81 -20.12
N ARG D 30 -27.34 -2.82 -20.55
CA ARG D 30 -27.33 -3.22 -21.96
C ARG D 30 -28.77 -3.47 -22.45
N SER D 31 -29.73 -2.85 -21.77
CA SER D 31 -31.13 -3.00 -22.10
C SER D 31 -31.54 -1.91 -23.09
N ASP D 32 -31.08 -0.68 -22.82
CA ASP D 32 -31.40 0.46 -23.67
C ASP D 32 -30.28 0.69 -24.68
N GLN D 33 -30.63 0.76 -25.96
CA GLN D 33 -29.65 0.95 -27.02
C GLN D 33 -29.05 2.36 -26.97
N HIS D 34 -28.15 2.58 -26.02
CA HIS D 34 -27.49 3.88 -25.89
C HIS D 34 -26.03 3.73 -25.44
N ILE D 35 -25.49 2.52 -25.56
CA ILE D 35 -24.11 2.24 -25.17
C ILE D 35 -23.35 1.61 -26.32
N GLN D 36 -23.54 2.15 -27.52
CA GLN D 36 -22.88 1.64 -28.72
C GLN D 36 -22.42 2.77 -29.62
N LEU D 37 -21.19 2.68 -30.08
CA LEU D 37 -20.61 3.68 -30.96
C LEU D 37 -20.03 3.00 -32.20
N GLN D 38 -19.95 3.72 -33.30
CA GLN D 38 -19.41 3.16 -34.53
C GLN D 38 -17.90 3.39 -34.61
N LEU D 39 -17.17 2.64 -33.78
CA LEU D 39 -15.71 2.73 -33.75
C LEU D 39 -15.12 2.04 -34.99
N SER D 40 -14.26 2.75 -35.70
CA SER D 40 -13.61 2.22 -36.89
C SER D 40 -12.35 3.01 -37.22
N ALA D 41 -11.43 2.36 -37.93
CA ALA D 41 -10.19 2.99 -38.34
C ALA D 41 -10.41 3.78 -39.63
N GLU D 42 -10.53 5.10 -39.50
CA GLU D 42 -10.77 5.96 -40.65
C GLU D 42 -9.51 6.03 -41.52
N SER D 43 -8.39 6.41 -40.91
CA SER D 43 -7.13 6.53 -41.60
C SER D 43 -6.13 5.53 -41.02
N VAL D 44 -4.95 5.44 -41.62
CA VAL D 44 -3.91 4.52 -41.16
C VAL D 44 -3.62 4.73 -39.67
N GLY D 45 -4.29 3.94 -38.83
CA GLY D 45 -4.10 4.05 -37.40
C GLY D 45 -5.05 5.04 -36.74
N GLU D 46 -5.68 5.89 -37.53
CA GLU D 46 -6.60 6.89 -36.99
C GLU D 46 -8.01 6.32 -36.87
N VAL D 47 -8.45 6.09 -35.64
CA VAL D 47 -9.78 5.56 -35.38
C VAL D 47 -10.70 6.66 -34.88
N TYR D 48 -11.96 6.61 -35.30
CA TYR D 48 -12.94 7.60 -34.90
C TYR D 48 -14.04 6.98 -34.06
N ILE D 49 -14.57 7.77 -33.13
CA ILE D 49 -15.64 7.32 -32.25
C ILE D 49 -16.92 8.11 -32.57
N LYS D 50 -17.83 7.48 -33.27
CA LYS D 50 -19.08 8.11 -33.65
C LYS D 50 -20.27 7.22 -33.33
N SER D 51 -21.09 7.65 -32.38
CA SER D 51 -22.28 6.89 -31.99
C SER D 51 -23.42 7.20 -32.97
N THR D 52 -23.19 6.90 -34.23
CA THR D 52 -24.16 7.15 -35.29
C THR D 52 -25.53 6.55 -34.98
N GLU D 53 -25.61 5.22 -35.04
CA GLU D 53 -26.87 4.53 -34.81
C GLU D 53 -27.18 4.35 -33.33
N THR D 54 -27.21 5.46 -32.58
CA THR D 54 -27.50 5.39 -31.14
C THR D 54 -27.38 6.75 -30.46
N GLY D 55 -26.36 7.53 -30.80
CA GLY D 55 -26.17 8.80 -30.15
C GLY D 55 -25.70 9.91 -31.08
N GLN D 56 -24.46 10.33 -30.87
CA GLN D 56 -23.87 11.43 -31.63
C GLN D 56 -22.39 11.19 -31.91
N TYR D 57 -21.76 12.18 -32.54
CA TYR D 57 -20.33 12.12 -32.85
C TYR D 57 -19.54 12.76 -31.71
N LEU D 58 -18.36 12.23 -31.42
CA LEU D 58 -17.54 12.77 -30.35
C LEU D 58 -16.74 13.99 -30.81
N ALA D 59 -16.40 14.83 -29.84
CA ALA D 59 -15.64 16.04 -30.08
C ALA D 59 -15.00 16.51 -28.78
N MET D 60 -13.84 15.93 -28.47
CA MET D 60 -13.11 16.25 -27.25
C MET D 60 -12.91 17.75 -27.07
N ASP D 61 -13.00 18.20 -25.83
CA ASP D 61 -12.80 19.60 -25.49
C ASP D 61 -11.35 19.82 -25.12
N THR D 62 -10.50 19.96 -26.13
CA THR D 62 -9.07 20.17 -25.92
C THR D 62 -8.49 18.95 -25.19
N ASP D 63 -9.03 17.76 -25.48
CA ASP D 63 -8.60 16.52 -24.83
C ASP D 63 -9.02 16.51 -23.36
N GLY D 64 -8.64 17.58 -22.64
CA GLY D 64 -8.98 17.71 -21.23
C GLY D 64 -10.31 17.09 -20.87
N LEU D 65 -11.37 17.54 -21.55
CA LEU D 65 -12.71 17.02 -21.31
C LEU D 65 -13.22 16.33 -22.57
N LEU D 66 -13.77 15.14 -22.41
CA LEU D 66 -14.28 14.37 -23.55
C LEU D 66 -15.79 14.56 -23.67
N TYR D 67 -16.23 14.93 -24.87
CA TYR D 67 -17.64 15.12 -25.13
C TYR D 67 -17.95 14.91 -26.61
N GLY D 68 -19.22 14.99 -26.98
CA GLY D 68 -19.61 14.81 -28.36
C GLY D 68 -21.09 15.03 -28.55
N SER D 69 -21.47 15.59 -29.70
CA SER D 69 -22.87 15.85 -30.00
C SER D 69 -23.01 16.70 -31.27
N GLN D 70 -22.49 17.92 -31.22
CA GLN D 70 -22.60 18.84 -32.36
C GLN D 70 -21.90 18.33 -33.61
N THR D 71 -20.57 18.30 -33.61
CA THR D 71 -19.83 17.86 -34.79
C THR D 71 -18.57 17.05 -34.42
N PRO D 72 -18.20 16.07 -35.27
CA PRO D 72 -17.02 15.24 -35.04
C PRO D 72 -15.74 15.99 -35.40
N ASN D 73 -15.39 16.97 -34.58
CA ASN D 73 -14.20 17.77 -34.83
C ASN D 73 -12.94 16.91 -34.76
N GLU D 74 -11.85 17.38 -35.39
CA GLU D 74 -10.58 16.64 -35.42
C GLU D 74 -10.24 16.10 -34.02
N GLU D 75 -10.64 16.82 -32.98
CA GLU D 75 -10.42 16.38 -31.60
C GLU D 75 -10.84 14.91 -31.43
N CYS D 76 -11.77 14.45 -32.27
CA CYS D 76 -12.27 13.08 -32.19
C CYS D 76 -11.38 12.06 -32.94
N LEU D 77 -10.26 12.50 -33.50
CA LEU D 77 -9.38 11.57 -34.21
C LEU D 77 -8.34 10.99 -33.23
N PHE D 78 -8.35 9.68 -33.07
CA PHE D 78 -7.43 9.01 -32.16
C PHE D 78 -6.65 7.89 -32.85
N LEU D 79 -5.41 7.70 -32.42
CA LEU D 79 -4.56 6.65 -32.96
C LEU D 79 -4.86 5.33 -32.26
N GLU D 80 -5.19 4.31 -33.04
CA GLU D 80 -5.51 3.00 -32.49
C GLU D 80 -4.25 2.27 -32.01
N ARG D 81 -4.18 2.03 -30.70
CA ARG D 81 -3.05 1.32 -30.10
C ARG D 81 -3.56 0.19 -29.21
N LEU D 82 -2.78 -0.87 -29.08
CA LEU D 82 -3.16 -2.03 -28.28
C LEU D 82 -2.13 -2.29 -27.19
N GLU D 83 -2.60 -2.65 -26.00
CA GLU D 83 -1.71 -2.95 -24.88
C GLU D 83 -1.80 -4.43 -24.53
N GLU D 84 -0.67 -5.03 -24.19
CA GLU D 84 -0.62 -6.45 -23.82
C GLU D 84 -1.24 -6.67 -22.44
N ASN D 85 -2.46 -6.18 -22.28
CA ASN D 85 -3.20 -6.29 -21.01
C ASN D 85 -4.68 -6.51 -21.29
N HIS D 86 -5.00 -6.99 -22.50
CA HIS D 86 -6.38 -7.22 -22.91
C HIS D 86 -7.18 -5.92 -22.90
N TYR D 87 -6.58 -4.85 -23.42
CA TYR D 87 -7.23 -3.55 -23.46
C TYR D 87 -6.78 -2.76 -24.71
N ASN D 88 -7.64 -1.86 -25.14
CA ASN D 88 -7.37 -1.02 -26.30
C ASN D 88 -6.95 0.37 -25.87
N THR D 89 -6.06 0.98 -26.65
CA THR D 89 -5.57 2.31 -26.36
C THR D 89 -5.79 3.22 -27.56
N TYR D 90 -6.25 4.45 -27.31
CA TYR D 90 -6.50 5.40 -28.38
C TYR D 90 -5.83 6.73 -28.06
N ILE D 91 -4.88 7.11 -28.89
CA ILE D 91 -4.13 8.35 -28.67
C ILE D 91 -4.74 9.51 -29.44
N SER D 92 -5.23 10.51 -28.72
CA SER D 92 -5.81 11.69 -29.34
C SER D 92 -4.73 12.50 -30.04
N LYS D 93 -4.35 12.06 -31.24
CA LYS D 93 -3.31 12.73 -32.02
C LYS D 93 -3.48 14.25 -31.97
N LYS D 94 -4.73 14.71 -31.95
CA LYS D 94 -5.02 16.14 -31.88
C LYS D 94 -4.27 16.80 -30.70
N HIS D 95 -4.01 16.02 -29.65
CA HIS D 95 -3.30 16.52 -28.48
C HIS D 95 -2.11 15.64 -28.11
N ALA D 96 -1.77 14.69 -28.99
CA ALA D 96 -0.64 13.79 -28.75
C ALA D 96 0.61 14.58 -28.40
N GLU D 97 0.71 15.79 -28.96
CA GLU D 97 1.83 16.69 -28.69
C GLU D 97 2.08 16.83 -27.19
N LYS D 98 1.02 16.81 -26.39
CA LYS D 98 1.15 16.96 -24.93
C LYS D 98 1.14 15.59 -24.23
N ASN D 99 1.27 14.52 -25.01
CA ASN D 99 1.27 13.16 -24.51
C ASN D 99 -0.07 12.83 -23.85
N TRP D 100 -1.14 13.33 -24.47
CA TRP D 100 -2.49 13.12 -23.97
C TRP D 100 -3.27 12.13 -24.84
N PHE D 101 -3.81 11.10 -24.21
CA PHE D 101 -4.60 10.10 -24.92
C PHE D 101 -5.89 9.76 -24.14
N VAL D 102 -7.03 10.03 -24.80
CA VAL D 102 -8.40 9.83 -24.28
C VAL D 102 -8.48 8.92 -23.05
N GLY D 103 -9.02 9.47 -21.97
CA GLY D 103 -9.19 8.74 -20.72
C GLY D 103 -10.52 9.09 -20.07
N LEU D 104 -11.28 8.07 -19.65
CA LEU D 104 -12.59 8.30 -19.03
C LEU D 104 -12.65 7.75 -17.62
N LYS D 105 -13.60 8.25 -16.83
CA LYS D 105 -13.79 7.81 -15.47
C LYS D 105 -15.00 6.88 -15.39
N LYS D 106 -14.73 5.58 -15.25
CA LYS D 106 -15.77 4.56 -15.17
C LYS D 106 -16.96 5.00 -14.30
N ASN D 107 -16.64 5.60 -13.16
CA ASN D 107 -17.68 6.07 -12.24
C ASN D 107 -17.73 7.60 -12.21
N GLY D 108 -17.52 8.23 -13.36
CA GLY D 108 -17.57 9.67 -13.43
C GLY D 108 -18.00 10.19 -14.78
N SER D 109 -17.34 9.72 -15.84
CA SER D 109 -17.60 10.10 -17.23
C SER D 109 -16.27 10.27 -17.96
N CYS D 110 -16.33 10.53 -19.25
CA CYS D 110 -15.12 10.72 -20.05
C CYS D 110 -14.63 12.16 -19.97
N LYS D 111 -13.61 12.40 -19.15
CA LYS D 111 -13.04 13.74 -19.00
C LYS D 111 -11.87 13.71 -18.01
N ARG D 112 -10.70 13.26 -18.49
CA ARG D 112 -9.50 13.17 -17.66
C ARG D 112 -8.26 13.48 -18.49
N GLY D 113 -8.43 14.34 -19.49
CA GLY D 113 -7.34 14.73 -20.37
C GLY D 113 -6.10 15.27 -19.66
N PRO D 114 -6.21 16.13 -18.62
CA PRO D 114 -5.05 16.66 -17.92
C PRO D 114 -4.34 15.61 -17.05
N ARG D 115 -4.85 14.37 -17.10
CA ARG D 115 -4.28 13.27 -16.33
C ARG D 115 -4.11 12.01 -17.19
N THR D 116 -4.10 12.18 -18.51
CA THR D 116 -3.95 11.05 -19.42
C THR D 116 -2.48 10.71 -19.67
N HIS D 117 -1.99 9.68 -18.98
CA HIS D 117 -0.61 9.22 -19.12
C HIS D 117 -0.46 7.82 -18.51
N TYR D 118 0.72 7.51 -17.99
CA TYR D 118 0.95 6.20 -17.38
C TYR D 118 0.58 6.21 -15.90
N GLY D 119 -0.49 6.92 -15.57
CA GLY D 119 -0.95 7.00 -14.19
C GLY D 119 -2.36 6.47 -14.08
N GLN D 120 -3.25 7.05 -14.87
CA GLN D 120 -4.64 6.61 -14.89
C GLN D 120 -4.77 5.43 -15.84
N LYS D 121 -5.14 4.28 -15.30
CA LYS D 121 -5.24 3.04 -16.08
C LYS D 121 -6.51 3.03 -16.93
N ALA D 122 -7.47 3.89 -16.58
CA ALA D 122 -8.73 4.01 -17.31
C ALA D 122 -8.52 4.19 -18.83
N ILE D 123 -7.30 4.57 -19.21
CA ILE D 123 -6.96 4.75 -20.62
C ILE D 123 -7.02 3.41 -21.38
N LEU D 124 -6.83 2.31 -20.65
CA LEU D 124 -6.86 0.99 -21.25
C LEU D 124 -8.30 0.50 -21.33
N PHE D 125 -8.95 0.82 -22.44
CA PHE D 125 -10.35 0.46 -22.64
C PHE D 125 -10.51 -0.99 -23.08
N LEU D 126 -11.61 -1.60 -22.68
CA LEU D 126 -11.93 -2.97 -23.03
C LEU D 126 -13.10 -2.97 -24.01
N PRO D 127 -12.83 -3.26 -25.29
CA PRO D 127 -13.86 -3.28 -26.33
C PRO D 127 -14.58 -4.61 -26.46
N LEU D 128 -15.88 -4.54 -26.73
CA LEU D 128 -16.72 -5.72 -26.92
C LEU D 128 -17.57 -5.57 -28.19
N PRO D 129 -16.92 -5.18 -29.31
CA PRO D 129 -17.62 -4.98 -30.58
C PRO D 129 -17.86 -6.26 -31.35
N VAL D 130 -18.91 -6.26 -32.17
CA VAL D 130 -19.25 -7.43 -32.98
C VAL D 130 -18.37 -7.47 -34.23
N SER D 131 -17.21 -8.09 -34.09
CA SER D 131 -16.27 -8.22 -35.20
C SER D 131 -16.80 -9.14 -36.28
N SER D 132 -16.03 -9.27 -37.36
CA SER D 132 -16.40 -10.13 -38.48
C SER D 132 -15.49 -11.36 -38.52
N ASP D 133 -15.59 -12.18 -37.49
CA ASP D 133 -14.79 -13.39 -37.37
C ASP D 133 -15.54 -14.60 -37.93
N TYR A 1 -17.61 -30.14 26.80
CA TYR A 1 -16.77 -31.34 26.51
C TYR A 1 -15.29 -30.96 26.46
N LYS A 2 -14.75 -30.55 27.62
CA LYS A 2 -13.35 -30.15 27.70
C LYS A 2 -12.45 -31.23 27.09
N LYS A 3 -11.89 -30.92 25.93
CA LYS A 3 -11.03 -31.83 25.22
C LYS A 3 -10.11 -31.05 24.25
N PRO A 4 -9.32 -31.75 23.41
CA PRO A 4 -8.42 -31.15 22.44
C PRO A 4 -8.73 -29.69 22.11
N LYS A 5 -7.91 -28.79 22.64
CA LYS A 5 -8.08 -27.36 22.41
C LYS A 5 -7.16 -26.92 21.28
N LEU A 6 -7.73 -26.66 20.10
CA LEU A 6 -6.95 -26.23 18.95
C LEU A 6 -6.72 -24.73 19.01
N LEU A 7 -5.49 -24.31 18.74
CA LEU A 7 -5.13 -22.89 18.77
C LEU A 7 -4.13 -22.57 17.67
N TYR A 8 -4.34 -21.44 16.99
CA TYR A 8 -3.44 -21.00 15.92
C TYR A 8 -3.61 -19.50 15.69
N CYS A 9 -2.77 -18.91 14.86
CA CYS A 9 -2.86 -17.47 14.59
C CYS A 9 -2.43 -17.16 13.16
N SER A 10 -2.74 -15.94 12.72
CA SER A 10 -2.40 -15.47 11.39
C SER A 10 -3.35 -16.09 10.37
N ASN A 11 -4.08 -15.25 9.65
CA ASN A 11 -5.03 -15.72 8.65
C ASN A 11 -4.36 -16.72 7.72
N GLY A 12 -4.97 -17.90 7.58
CA GLY A 12 -4.42 -18.92 6.73
C GLY A 12 -4.43 -20.28 7.39
N GLY A 13 -4.80 -21.30 6.65
CA GLY A 13 -4.84 -22.65 7.19
C GLY A 13 -3.51 -23.07 7.79
N HIS A 14 -3.45 -23.08 9.11
CA HIS A 14 -2.25 -23.48 9.84
C HIS A 14 -2.60 -23.74 11.30
N PHE A 15 -2.33 -24.96 11.79
CA PHE A 15 -2.64 -25.32 13.17
C PHE A 15 -1.36 -25.68 13.92
N LEU A 16 -1.36 -25.44 15.22
CA LEU A 16 -0.20 -25.73 16.05
C LEU A 16 -0.08 -27.24 16.29
N ARG A 17 0.80 -27.89 15.53
CA ARG A 17 0.99 -29.33 15.67
C ARG A 17 2.15 -29.61 16.61
N ILE A 18 1.83 -30.10 17.80
CA ILE A 18 2.85 -30.39 18.80
C ILE A 18 3.36 -31.82 18.68
N LEU A 19 4.65 -31.99 18.92
CA LEU A 19 5.28 -33.30 18.85
C LEU A 19 6.10 -33.54 20.11
N PRO A 20 6.08 -34.77 20.66
CA PRO A 20 6.83 -35.12 21.87
C PRO A 20 8.27 -34.60 21.84
N ASP A 21 8.83 -34.52 20.63
CA ASP A 21 10.19 -34.02 20.44
C ASP A 21 10.33 -32.60 20.96
N GLY A 22 9.34 -31.76 20.67
CA GLY A 22 9.38 -30.39 21.12
C GLY A 22 9.21 -29.41 19.96
N THR A 23 9.71 -29.78 18.78
CA THR A 23 9.61 -28.93 17.60
C THR A 23 8.18 -28.87 17.09
N VAL A 24 7.40 -27.97 17.66
CA VAL A 24 6.00 -27.77 17.26
C VAL A 24 5.94 -26.78 16.09
N ASP A 25 5.20 -27.14 15.04
CA ASP A 25 5.05 -26.27 13.87
C ASP A 25 3.59 -26.02 13.54
N GLY A 26 3.34 -25.02 12.69
CA GLY A 26 1.99 -24.68 12.31
C GLY A 26 1.48 -25.53 11.16
N THR A 27 1.31 -26.82 11.42
CA THR A 27 0.82 -27.75 10.42
C THR A 27 -0.64 -27.48 10.08
N ARG A 28 -0.95 -27.35 8.80
CA ARG A 28 -2.30 -27.09 8.37
C ARG A 28 -3.02 -28.40 8.05
N ASP A 29 -3.25 -29.20 9.08
CA ASP A 29 -3.92 -30.49 8.92
C ASP A 29 -4.71 -30.84 10.18
N ARG A 30 -5.77 -31.62 10.00
CA ARG A 30 -6.61 -32.04 11.11
C ARG A 30 -6.92 -33.54 10.99
N SER A 31 -6.06 -34.26 10.28
CA SER A 31 -6.21 -35.70 10.09
C SER A 31 -5.48 -36.46 11.18
N ASP A 32 -4.26 -36.00 11.50
CA ASP A 32 -3.46 -36.64 12.53
C ASP A 32 -3.63 -35.92 13.87
N GLN A 33 -3.98 -36.67 14.90
CA GLN A 33 -4.19 -36.09 16.22
C GLN A 33 -2.88 -35.58 16.84
N HIS A 34 -2.41 -34.44 16.36
CA HIS A 34 -1.19 -33.84 16.88
C HIS A 34 -1.28 -32.31 16.91
N ILE A 35 -2.50 -31.77 16.79
CA ILE A 35 -2.69 -30.33 16.79
C ILE A 35 -3.73 -29.95 17.86
N GLN A 36 -3.60 -30.55 19.04
CA GLN A 36 -4.52 -30.29 20.14
C GLN A 36 -3.77 -30.21 21.47
N LEU A 37 -4.08 -29.18 22.24
CA LEU A 37 -3.46 -28.98 23.54
C LEU A 37 -4.54 -28.79 24.61
N GLN A 38 -4.23 -29.11 25.85
CA GLN A 38 -5.19 -28.97 26.93
C GLN A 38 -5.09 -27.58 27.55
N LEU A 39 -5.57 -26.59 26.81
CA LEU A 39 -5.57 -25.21 27.28
C LEU A 39 -6.65 -25.02 28.34
N SER A 40 -6.27 -24.46 29.48
CA SER A 40 -7.21 -24.21 30.57
C SER A 40 -6.65 -23.17 31.54
N ALA A 41 -7.55 -22.50 32.26
CA ALA A 41 -7.15 -21.49 33.22
C ALA A 41 -6.83 -22.16 34.55
N GLU A 42 -5.53 -22.29 34.84
CA GLU A 42 -5.09 -22.94 36.07
C GLU A 42 -5.37 -22.05 37.26
N SER A 43 -4.88 -20.81 37.20
CA SER A 43 -5.08 -19.84 38.27
C SER A 43 -5.89 -18.66 37.75
N VAL A 44 -6.24 -17.74 38.64
CA VAL A 44 -7.03 -16.56 38.26
C VAL A 44 -6.35 -15.81 37.10
N GLY A 45 -6.78 -16.13 35.88
CA GLY A 45 -6.22 -15.50 34.70
C GLY A 45 -5.02 -16.22 34.13
N GLU A 46 -4.42 -17.13 34.91
CA GLU A 46 -3.25 -17.87 34.47
C GLU A 46 -3.67 -19.13 33.72
N VAL A 47 -3.45 -19.14 32.41
CA VAL A 47 -3.79 -20.28 31.57
C VAL A 47 -2.53 -21.05 31.20
N TYR A 48 -2.64 -22.36 31.15
CA TYR A 48 -1.52 -23.22 30.80
C TYR A 48 -1.76 -23.95 29.50
N ILE A 49 -0.69 -24.20 28.76
CA ILE A 49 -0.75 -24.89 27.49
C ILE A 49 -0.03 -26.23 27.61
N LYS A 50 -0.81 -27.30 27.73
CA LYS A 50 -0.25 -28.64 27.88
C LYS A 50 -0.92 -29.61 26.92
N SER A 51 -0.15 -30.10 25.95
CA SER A 51 -0.67 -31.06 24.98
C SER A 51 -0.63 -32.47 25.56
N THR A 52 -1.35 -32.65 26.67
CA THR A 52 -1.39 -33.92 27.38
C THR A 52 -1.78 -35.09 26.46
N GLU A 53 -3.04 -35.10 26.05
CA GLU A 53 -3.55 -36.19 25.22
C GLU A 53 -3.21 -35.98 23.74
N THR A 54 -1.92 -35.83 23.42
CA THR A 54 -1.49 -35.63 22.04
C THR A 54 0.01 -35.37 21.91
N GLY A 55 0.56 -34.56 22.81
CA GLY A 55 1.97 -34.24 22.71
C GLY A 55 2.68 -34.15 24.05
N GLN A 56 3.07 -32.93 24.41
CA GLN A 56 3.82 -32.69 25.64
C GLN A 56 3.42 -31.35 26.28
N TYR A 57 4.11 -31.02 27.37
CA TYR A 57 3.85 -29.77 28.09
C TYR A 57 4.79 -28.69 27.54
N LEU A 58 4.31 -27.46 27.49
CA LEU A 58 5.12 -26.36 26.98
C LEU A 58 6.08 -25.81 28.04
N ALA A 59 7.17 -25.22 27.57
CA ALA A 59 8.18 -24.64 28.44
C ALA A 59 9.01 -23.63 27.63
N MET A 60 8.50 -22.42 27.54
CA MET A 60 9.15 -21.35 26.80
C MET A 60 10.61 -21.18 27.21
N ASP A 61 11.46 -20.88 26.22
CA ASP A 61 12.88 -20.66 26.46
C ASP A 61 13.11 -19.17 26.67
N THR A 62 12.87 -18.72 27.88
CA THR A 62 13.04 -17.31 28.22
C THR A 62 12.11 -16.46 27.37
N ASP A 63 10.92 -17.00 27.05
CA ASP A 63 9.93 -16.33 26.21
C ASP A 63 10.43 -16.22 24.77
N GLY A 64 11.65 -15.70 24.60
CA GLY A 64 12.26 -15.57 23.28
C GLY A 64 11.87 -16.69 22.33
N LEU A 65 12.13 -17.92 22.73
CA LEU A 65 11.80 -19.08 21.93
C LEU A 65 10.77 -19.94 22.64
N LEU A 66 9.73 -20.35 21.93
CA LEU A 66 8.67 -21.15 22.52
C LEU A 66 8.89 -22.63 22.21
N TYR A 67 8.87 -23.45 23.25
CA TYR A 67 9.06 -24.89 23.09
C TYR A 67 8.38 -25.64 24.24
N GLY A 68 8.43 -26.96 24.18
CA GLY A 68 7.82 -27.77 25.22
C GLY A 68 8.06 -29.25 24.99
N SER A 69 8.24 -30.00 26.06
CA SER A 69 8.47 -31.44 25.97
C SER A 69 8.86 -32.03 27.33
N GLN A 70 10.00 -31.58 27.86
CA GLN A 70 10.50 -32.09 29.13
C GLN A 70 9.55 -31.83 30.31
N THR A 71 9.46 -30.56 30.73
CA THR A 71 8.60 -30.22 31.87
C THR A 71 7.89 -28.88 31.67
N PRO A 72 6.66 -28.75 32.21
CA PRO A 72 5.88 -27.52 32.12
C PRO A 72 6.39 -26.47 33.11
N ASN A 73 7.56 -25.92 32.82
CA ASN A 73 8.17 -24.91 33.68
C ASN A 73 7.30 -23.65 33.75
N GLU A 74 7.47 -22.87 34.81
CA GLU A 74 6.69 -21.62 35.00
C GLU A 74 6.62 -20.82 33.70
N GLU A 75 7.66 -20.91 32.88
CA GLU A 75 7.68 -20.23 31.58
C GLU A 75 6.38 -20.49 30.81
N CYS A 76 5.73 -21.62 31.10
CA CYS A 76 4.49 -21.99 30.43
C CYS A 76 3.24 -21.35 31.04
N LEU A 77 3.40 -20.49 32.04
CA LEU A 77 2.24 -19.82 32.65
C LEU A 77 1.95 -18.51 31.93
N PHE A 78 0.75 -18.39 31.35
CA PHE A 78 0.38 -17.20 30.62
C PHE A 78 -0.94 -16.63 31.10
N LEU A 79 -1.06 -15.31 31.07
CA LEU A 79 -2.28 -14.61 31.48
C LEU A 79 -3.28 -14.61 30.32
N GLU A 80 -4.48 -15.12 30.57
CA GLU A 80 -5.53 -15.17 29.54
C GLU A 80 -6.12 -13.79 29.28
N ARG A 81 -5.92 -13.29 28.06
CA ARG A 81 -6.45 -11.99 27.66
C ARG A 81 -7.21 -12.13 26.33
N LEU A 82 -8.22 -11.29 26.13
CA LEU A 82 -9.01 -11.33 24.92
C LEU A 82 -8.97 -9.99 24.19
N GLU A 83 -8.90 -10.03 22.87
CA GLU A 83 -8.86 -8.81 22.06
C GLU A 83 -10.13 -8.71 21.23
N GLU A 84 -10.65 -7.49 21.10
CA GLU A 84 -11.87 -7.26 20.32
C GLU A 84 -11.58 -7.37 18.83
N ASN A 85 -10.99 -8.51 18.44
CA ASN A 85 -10.65 -8.78 17.06
C ASN A 85 -10.85 -10.27 16.75
N HIS A 86 -11.67 -10.93 17.56
CA HIS A 86 -11.96 -12.36 17.40
C HIS A 86 -10.68 -13.18 17.55
N TYR A 87 -9.88 -12.83 18.56
CA TYR A 87 -8.62 -13.52 18.83
C TYR A 87 -8.31 -13.54 20.33
N ASN A 88 -7.55 -14.55 20.74
CA ASN A 88 -7.16 -14.72 22.14
C ASN A 88 -5.74 -14.24 22.35
N THR A 89 -5.46 -13.69 23.52
CA THR A 89 -4.15 -13.21 23.87
C THR A 89 -3.66 -13.86 25.16
N TYR A 90 -2.41 -14.27 25.20
CA TYR A 90 -1.84 -14.90 26.37
C TYR A 90 -0.53 -14.24 26.74
N ILE A 91 -0.49 -13.61 27.91
CA ILE A 91 0.70 -12.91 28.37
C ILE A 91 1.57 -13.80 29.24
N SER A 92 2.78 -14.08 28.77
CA SER A 92 3.73 -14.90 29.52
C SER A 92 4.20 -14.15 30.76
N LYS A 93 3.36 -14.15 31.80
CA LYS A 93 3.68 -13.46 33.05
C LYS A 93 5.14 -13.68 33.45
N LYS A 94 5.66 -14.88 33.18
CA LYS A 94 7.05 -15.21 33.49
C LYS A 94 8.00 -14.16 32.91
N HIS A 95 7.60 -13.53 31.80
CA HIS A 95 8.42 -12.50 31.16
C HIS A 95 7.63 -11.21 30.92
N ALA A 96 6.43 -11.12 31.51
CA ALA A 96 5.59 -9.93 31.35
C ALA A 96 6.38 -8.68 31.70
N GLU A 97 7.33 -8.83 32.63
CA GLU A 97 8.19 -7.73 33.06
C GLU A 97 8.81 -7.01 31.85
N LYS A 98 9.09 -7.77 30.79
CA LYS A 98 9.67 -7.19 29.58
C LYS A 98 8.59 -6.92 28.54
N ASN A 99 7.32 -6.95 28.97
CA ASN A 99 6.20 -6.72 28.07
C ASN A 99 6.19 -7.74 26.94
N TRP A 100 6.61 -8.96 27.28
CA TRP A 100 6.67 -10.06 26.32
C TRP A 100 5.50 -11.02 26.49
N PHE A 101 4.80 -11.29 25.39
CA PHE A 101 3.67 -12.21 25.41
C PHE A 101 3.72 -13.16 24.22
N VAL A 102 3.85 -14.47 24.53
CA VAL A 102 3.92 -15.58 23.56
C VAL A 102 3.45 -15.21 22.16
N GLY A 103 4.36 -15.38 21.19
CA GLY A 103 4.07 -15.11 19.79
C GLY A 103 4.69 -16.16 18.89
N LEU A 104 3.92 -16.70 17.95
CA LEU A 104 4.43 -17.74 17.05
C LEU A 104 4.36 -17.30 15.59
N LYS A 105 5.14 -17.97 14.76
CA LYS A 105 5.18 -17.70 13.32
C LYS A 105 4.40 -18.77 12.56
N LYS A 106 3.20 -18.40 12.11
CA LYS A 106 2.32 -19.32 11.37
C LYS A 106 3.11 -20.17 10.37
N ASN A 107 4.02 -19.53 9.64
CA ASN A 107 4.82 -20.22 8.63
C ASN A 107 6.27 -20.33 9.08
N GLY A 108 6.49 -20.53 10.37
CA GLY A 108 7.84 -20.64 10.89
C GLY A 108 7.93 -21.54 12.12
N SER A 109 7.10 -21.23 13.12
CA SER A 109 7.03 -21.95 14.40
C SER A 109 6.88 -20.94 15.53
N CYS A 110 6.72 -21.44 16.75
CA CYS A 110 6.56 -20.57 17.90
C CYS A 110 7.92 -20.14 18.46
N LYS A 111 8.33 -18.92 18.14
CA LYS A 111 9.60 -18.38 18.62
C LYS A 111 9.82 -16.95 18.10
N ARG A 112 9.16 -16.03 18.79
CA ARG A 112 9.24 -14.61 18.43
C ARG A 112 9.22 -13.75 19.69
N GLY A 113 9.78 -14.26 20.79
CA GLY A 113 9.83 -13.49 22.04
C GLY A 113 10.41 -12.09 21.84
N PRO A 114 11.60 -11.93 21.21
CA PRO A 114 12.18 -10.60 20.97
C PRO A 114 11.25 -9.70 20.15
N ARG A 115 10.17 -10.31 19.64
CA ARG A 115 9.18 -9.60 18.83
C ARG A 115 7.77 -9.84 19.39
N THR A 116 7.65 -10.16 20.69
CA THR A 116 6.34 -10.39 21.31
C THR A 116 5.79 -9.12 21.97
N HIS A 117 5.73 -8.07 21.18
CA HIS A 117 5.22 -6.80 21.65
C HIS A 117 4.21 -6.28 20.61
N TYR A 118 3.80 -5.02 20.70
CA TYR A 118 2.85 -4.48 19.74
C TYR A 118 3.54 -4.18 18.42
N GLY A 119 3.52 -5.18 17.55
CA GLY A 119 4.13 -5.08 16.22
C GLY A 119 3.76 -6.29 15.39
N GLN A 120 3.88 -7.45 16.01
CA GLN A 120 3.53 -8.71 15.37
C GLN A 120 2.11 -9.08 15.77
N LYS A 121 1.24 -9.24 14.79
CA LYS A 121 -0.17 -9.55 15.04
C LYS A 121 -0.35 -11.03 15.39
N ALA A 122 0.65 -11.85 15.04
CA ALA A 122 0.63 -13.28 15.33
C ALA A 122 0.31 -13.58 16.80
N ILE A 123 0.43 -12.57 17.67
CA ILE A 123 0.14 -12.73 19.09
C ILE A 123 -1.37 -12.92 19.33
N LEU A 124 -2.18 -12.49 18.36
CA LEU A 124 -3.62 -12.65 18.45
C LEU A 124 -4.02 -14.01 17.91
N PHE A 125 -4.04 -15.01 18.78
CA PHE A 125 -4.35 -16.38 18.40
C PHE A 125 -5.86 -16.59 18.26
N LEU A 126 -6.24 -17.48 17.35
CA LEU A 126 -7.63 -17.82 17.11
C LEU A 126 -7.88 -19.24 17.61
N PRO A 127 -8.58 -19.39 18.75
CA PRO A 127 -8.87 -20.68 19.34
C PRO A 127 -10.14 -21.36 18.78
N LEU A 128 -10.06 -22.67 18.63
CA LEU A 128 -11.19 -23.46 18.15
C LEU A 128 -11.41 -24.68 19.05
N PRO A 129 -11.44 -24.47 20.38
CA PRO A 129 -11.61 -25.54 21.36
C PRO A 129 -13.07 -25.96 21.54
N VAL A 130 -13.27 -27.21 21.93
CA VAL A 130 -14.60 -27.74 22.17
C VAL A 130 -15.10 -27.30 23.55
N SER A 131 -15.72 -26.14 23.59
CA SER A 131 -16.25 -25.59 24.83
C SER A 131 -17.44 -26.40 25.35
N SER A 132 -17.96 -26.01 26.50
CA SER A 132 -19.11 -26.68 27.09
C SER A 132 -20.33 -25.77 27.03
N ASP A 133 -20.78 -25.50 25.80
CA ASP A 133 -21.94 -24.64 25.58
C ASP A 133 -23.21 -25.47 25.44
N MET B 1 -17.56 -4.02 1.23
CA MET B 1 -18.30 -3.80 2.51
C MET B 1 -17.39 -3.13 3.53
N ALA B 2 -16.53 -3.92 4.15
CA ALA B 2 -15.58 -3.41 5.12
C ALA B 2 -14.17 -3.53 4.54
N ALA B 3 -13.16 -3.04 5.27
CA ALA B 3 -11.79 -3.11 4.79
C ALA B 3 -11.68 -2.20 3.58
N GLU B 4 -12.05 -0.94 3.78
CA GLU B 4 -12.04 0.06 2.72
C GLU B 4 -10.63 0.59 2.46
N PRO B 5 -10.26 0.73 1.18
CA PRO B 5 -8.95 1.25 0.79
C PRO B 5 -8.85 2.76 0.96
N LEU B 6 -7.71 3.21 1.48
CA LEU B 6 -7.48 4.62 1.70
C LEU B 6 -6.80 5.23 0.47
N THR B 7 -6.34 6.48 0.59
CA THR B 7 -5.67 7.13 -0.53
C THR B 7 -4.28 6.53 -0.74
N GLU B 8 -3.71 6.76 -1.92
CA GLU B 8 -2.39 6.22 -2.29
C GLU B 8 -1.31 6.55 -1.26
N LEU B 9 -1.36 7.76 -0.71
CA LEU B 9 -0.39 8.20 0.27
C LEU B 9 -0.64 7.59 1.66
N GLU B 10 -1.91 7.41 2.05
CA GLU B 10 -2.23 6.75 3.32
C GLU B 10 -1.72 5.30 3.29
N GLU B 11 -1.97 4.60 2.15
CA GLU B 11 -1.47 3.24 1.93
C GLU B 11 0.04 3.19 2.20
N SER B 12 0.77 4.09 1.53
CA SER B 12 2.22 4.06 1.56
C SER B 12 2.80 4.50 2.91
N ILE B 13 2.23 5.50 3.60
CA ILE B 13 2.70 5.80 4.94
C ILE B 13 2.40 4.63 5.87
N GLU B 14 1.22 3.99 5.75
CA GLU B 14 0.93 2.85 6.60
C GLU B 14 2.00 1.76 6.39
N THR B 15 2.20 1.29 5.14
CA THR B 15 3.08 0.14 4.91
C THR B 15 4.48 0.34 5.52
N VAL B 16 5.03 1.56 5.45
CA VAL B 16 6.31 1.86 6.09
C VAL B 16 6.14 2.00 7.61
N VAL B 17 5.06 2.62 8.09
CA VAL B 17 4.79 2.75 9.52
C VAL B 17 4.69 1.38 10.19
N THR B 18 3.93 0.43 9.64
CA THR B 18 3.85 -0.91 10.20
C THR B 18 5.23 -1.57 10.24
N THR B 19 6.01 -1.47 9.16
CA THR B 19 7.35 -2.02 9.10
C THR B 19 8.22 -1.41 10.21
N PHE B 20 8.26 -0.08 10.27
CA PHE B 20 8.85 0.67 11.38
C PHE B 20 8.43 0.06 12.70
N PHE B 21 7.12 -0.07 12.91
CA PHE B 21 6.56 -0.58 14.17
C PHE B 21 6.96 -2.03 14.47
N THR B 22 7.26 -2.83 13.44
CA THR B 22 7.64 -4.23 13.67
C THR B 22 9.12 -4.34 14.08
N PHE B 23 9.73 -3.19 14.37
CA PHE B 23 11.11 -3.11 14.80
C PHE B 23 11.26 -2.19 16.01
N ALA B 24 10.35 -1.22 16.11
CA ALA B 24 10.37 -0.23 17.20
C ALA B 24 9.83 -0.78 18.51
N ARG B 25 9.34 -2.01 18.51
CA ARG B 25 8.79 -2.60 19.72
C ARG B 25 9.66 -3.75 20.22
N GLN B 26 10.80 -3.95 19.59
CA GLN B 26 11.73 -5.01 19.96
C GLN B 26 12.19 -4.87 21.42
N GLU B 27 12.78 -3.73 21.72
CA GLU B 27 13.26 -3.45 23.07
C GLU B 27 12.25 -2.62 23.85
N GLY B 28 12.76 -1.73 24.72
CA GLY B 28 11.90 -0.90 25.52
C GLY B 28 11.24 0.22 24.72
N ARG B 29 9.95 0.43 24.98
CA ARG B 29 9.14 1.47 24.31
C ARG B 29 8.92 1.14 22.84
N LYS B 30 7.64 1.03 22.45
CA LYS B 30 7.29 0.70 21.06
C LYS B 30 7.17 1.95 20.18
N ASP B 31 8.15 2.85 20.29
CA ASP B 31 8.18 4.07 19.48
C ASP B 31 9.63 4.29 19.07
N SER B 32 10.53 4.25 20.05
CA SER B 32 11.94 4.46 19.83
C SER B 32 12.62 3.17 19.37
N LEU B 33 13.48 3.29 18.36
CA LEU B 33 14.47 2.27 18.04
C LEU B 33 15.70 2.57 18.88
N SER B 34 16.14 1.64 19.74
CA SER B 34 17.47 1.76 20.32
C SER B 34 18.51 1.20 19.34
N VAL B 35 19.79 1.23 19.72
CA VAL B 35 20.92 0.98 18.82
C VAL B 35 20.74 -0.33 18.03
N ASN B 36 20.59 -1.46 18.74
CA ASN B 36 20.40 -2.79 18.09
C ASN B 36 19.16 -2.74 17.18
N GLU B 37 18.03 -2.41 17.79
CA GLU B 37 16.76 -2.18 17.12
C GLU B 37 16.93 -1.47 15.78
N PHE B 38 17.66 -0.36 15.81
CA PHE B 38 17.92 0.46 14.64
C PHE B 38 18.74 -0.35 13.63
N LYS B 39 19.86 -0.91 14.08
CA LYS B 39 20.72 -1.70 13.21
C LYS B 39 19.95 -2.85 12.54
N GLU B 40 18.97 -3.42 13.25
CA GLU B 40 18.16 -4.52 12.72
C GLU B 40 17.38 -4.12 11.46
N LEU B 41 17.00 -2.85 11.32
CA LEU B 41 16.24 -2.41 10.16
C LEU B 41 17.14 -2.52 8.94
N VAL B 42 18.31 -1.88 9.04
CA VAL B 42 19.23 -1.73 7.92
C VAL B 42 19.76 -3.10 7.54
N THR B 43 20.28 -3.83 8.52
CA THR B 43 20.87 -5.15 8.30
C THR B 43 19.90 -6.18 7.68
N GLN B 44 18.60 -6.01 7.90
CA GLN B 44 17.63 -6.98 7.37
C GLN B 44 16.96 -6.54 6.06
N GLN B 45 16.21 -5.45 6.10
CA GLN B 45 15.47 -4.99 4.93
C GLN B 45 16.16 -3.87 4.15
N LEU B 46 17.47 -3.70 4.31
CA LEU B 46 18.17 -2.66 3.56
C LEU B 46 19.60 -3.06 3.21
N PRO B 47 19.77 -3.96 2.21
CA PRO B 47 21.07 -4.44 1.77
C PRO B 47 21.64 -3.73 0.54
N HIS B 48 20.80 -2.95 -0.15
CA HIS B 48 21.24 -2.26 -1.37
C HIS B 48 21.36 -0.75 -1.18
N LEU B 49 20.25 -0.11 -0.81
CA LEU B 49 20.19 1.33 -0.60
C LEU B 49 21.38 1.84 0.18
N LEU B 50 21.46 1.46 1.46
CA LEU B 50 22.55 1.78 2.37
C LEU B 50 23.28 0.48 2.66
N LYS B 51 24.12 0.07 1.71
CA LYS B 51 24.89 -1.17 1.81
C LYS B 51 25.99 -1.10 2.90
N ASP B 52 25.94 -0.05 3.72
CA ASP B 52 26.90 0.11 4.80
C ASP B 52 26.35 -0.49 6.10
N VAL B 53 26.52 -1.80 6.24
CA VAL B 53 26.04 -2.50 7.44
C VAL B 53 27.13 -2.59 8.50
N GLY B 54 28.09 -1.67 8.41
CA GLY B 54 29.19 -1.64 9.37
C GLY B 54 29.33 -0.30 10.06
N SER B 55 29.08 0.78 9.32
CA SER B 55 29.19 2.12 9.86
C SER B 55 27.82 2.67 10.25
N LEU B 56 27.03 1.84 10.92
CA LEU B 56 25.72 2.22 11.38
C LEU B 56 25.86 3.32 12.44
N ASP B 57 26.97 3.31 13.19
CA ASP B 57 27.31 4.36 14.13
C ASP B 57 27.25 5.75 13.46
N GLU B 58 27.86 5.90 12.28
CA GLU B 58 27.84 7.15 11.53
C GLU B 58 26.40 7.58 11.28
N LYS B 59 25.57 6.68 10.73
CA LYS B 59 24.16 6.98 10.50
C LYS B 59 23.53 7.42 11.82
N MET B 60 23.71 6.63 12.88
CA MET B 60 23.14 6.89 14.19
C MET B 60 23.48 8.31 14.63
N LYS B 61 24.76 8.68 14.65
CA LYS B 61 25.19 10.03 15.01
C LYS B 61 24.55 11.07 14.08
N SER B 62 24.51 10.80 12.78
CA SER B 62 23.91 11.71 11.80
C SER B 62 22.40 11.90 12.04
N LEU B 63 21.73 10.87 12.57
CA LEU B 63 20.30 10.83 12.83
C LEU B 63 19.96 11.43 14.19
N ASP B 64 20.45 10.79 15.26
CA ASP B 64 20.13 11.12 16.64
C ASP B 64 20.89 12.39 17.05
N VAL B 65 20.43 13.55 16.57
CA VAL B 65 21.08 14.84 16.81
C VAL B 65 21.39 15.09 18.28
N ASN B 66 20.50 14.67 19.18
CA ASN B 66 20.64 14.84 20.63
C ASN B 66 21.48 13.73 21.28
N GLN B 67 21.81 12.67 20.54
CA GLN B 67 22.62 11.55 20.98
C GLN B 67 22.13 11.01 22.34
N ASP B 68 20.83 10.71 22.42
CA ASP B 68 20.21 10.08 23.58
C ASP B 68 20.26 8.56 23.44
N SER B 69 20.65 8.03 22.27
CA SER B 69 20.65 6.61 21.95
C SER B 69 19.22 6.04 21.89
N GLU B 70 18.26 6.91 21.57
CA GLU B 70 16.92 6.59 21.15
C GLU B 70 16.63 7.39 19.90
N LEU B 71 16.38 6.73 18.77
CA LEU B 71 15.76 7.39 17.63
C LEU B 71 14.25 7.33 17.88
N LYS B 72 13.68 8.38 18.50
CA LYS B 72 12.23 8.57 18.60
C LYS B 72 11.62 8.46 17.20
N PHE B 73 10.30 8.24 17.10
CA PHE B 73 9.58 8.13 15.83
C PHE B 73 10.09 9.13 14.79
N ASN B 74 10.04 10.43 15.11
CA ASN B 74 10.43 11.49 14.20
C ASN B 74 11.95 11.50 13.90
N GLU B 75 12.78 11.09 14.86
CA GLU B 75 14.22 11.01 14.66
C GLU B 75 14.52 9.86 13.70
N TYR B 76 14.03 8.66 14.01
CA TYR B 76 14.12 7.49 13.15
C TYR B 76 13.68 7.85 11.74
N TRP B 77 12.50 8.46 11.65
CA TRP B 77 11.89 8.89 10.40
C TRP B 77 12.92 9.55 9.47
N ARG B 78 13.88 10.34 9.99
CA ARG B 78 14.98 10.91 9.20
C ARG B 78 15.52 9.92 8.17
N LEU B 79 15.84 8.69 8.60
CA LEU B 79 16.37 7.64 7.74
C LEU B 79 15.54 7.55 6.45
N ILE B 80 14.20 7.57 6.57
CA ILE B 80 13.31 7.37 5.43
C ILE B 80 13.57 8.45 4.37
N GLY B 81 14.07 9.61 4.79
CA GLY B 81 14.39 10.71 3.91
C GLY B 81 15.64 10.40 3.15
N GLU B 82 16.60 9.85 3.86
CA GLU B 82 17.90 9.54 3.32
C GLU B 82 17.68 8.36 2.35
N LEU B 83 16.75 7.46 2.66
CA LEU B 83 16.32 6.40 1.75
C LEU B 83 15.66 6.99 0.49
N ALA B 84 14.58 7.74 0.67
CA ALA B 84 13.79 8.35 -0.39
C ALA B 84 14.64 9.29 -1.26
N LYS B 85 15.70 9.83 -0.67
CA LYS B 85 16.71 10.60 -1.36
C LYS B 85 17.59 9.60 -2.13
N GLU B 86 18.30 8.69 -1.45
CA GLU B 86 19.21 7.71 -2.05
C GLU B 86 18.63 7.04 -3.30
N ILE B 87 17.40 6.54 -3.26
CA ILE B 87 16.80 5.88 -4.41
C ILE B 87 16.89 6.70 -5.72
N ARG B 88 16.81 8.04 -5.60
CA ARG B 88 17.03 8.97 -6.72
C ARG B 88 18.50 9.34 -6.79
N LYS B 89 19.04 9.79 -5.67
CA LYS B 89 20.33 10.45 -5.52
C LYS B 89 21.50 9.54 -5.86
N LYS B 90 21.37 8.22 -5.77
CA LYS B 90 22.20 7.45 -4.83
C LYS B 90 23.60 8.04 -4.67
N LYS B 91 24.47 8.01 -5.69
CA LYS B 91 25.81 8.57 -5.63
C LYS B 91 26.06 9.44 -6.89
N ASP B 92 25.07 10.30 -7.21
CA ASP B 92 25.00 11.28 -8.29
C ASP B 92 26.15 12.29 -8.16
N LEU B 93 27.35 11.81 -8.48
CA LEU B 93 28.63 12.44 -8.25
C LEU B 93 29.66 11.52 -8.91
N LYS B 94 29.62 10.22 -8.59
CA LYS B 94 30.44 9.20 -9.24
C LYS B 94 29.57 8.14 -9.94
N ILE B 95 28.49 7.67 -9.29
CA ILE B 95 27.72 6.51 -9.71
C ILE B 95 26.23 6.79 -9.53
N ARG B 96 25.39 6.94 -10.58
CA ARG B 96 25.61 7.07 -12.02
C ARG B 96 24.28 7.26 -12.76
N MET C 1 16.25 5.71 -16.80
CA MET C 1 14.96 6.07 -17.38
C MET C 1 13.82 5.58 -16.47
N ALA C 2 13.76 4.27 -16.19
CA ALA C 2 12.75 3.71 -15.28
C ALA C 2 13.01 2.22 -14.98
N ALA C 3 13.23 1.87 -13.72
CA ALA C 3 12.79 0.65 -13.04
C ALA C 3 12.56 -0.65 -13.84
N GLU C 4 13.52 -1.58 -13.82
CA GLU C 4 13.26 -3.03 -13.79
C GLU C 4 13.00 -3.43 -12.31
N PRO C 5 12.85 -4.76 -11.96
CA PRO C 5 12.58 -5.27 -10.61
C PRO C 5 13.00 -4.40 -9.42
N LEU C 6 12.10 -4.33 -8.46
CA LEU C 6 12.29 -3.59 -7.23
C LEU C 6 11.79 -4.44 -6.05
N THR C 7 12.07 -4.01 -4.82
CA THR C 7 11.62 -4.78 -3.66
C THR C 7 10.22 -4.31 -3.22
N GLU C 8 9.70 -4.94 -2.16
CA GLU C 8 8.36 -4.63 -1.64
C GLU C 8 8.17 -3.14 -1.33
N LEU C 9 9.11 -2.55 -0.58
CA LEU C 9 9.03 -1.14 -0.20
C LEU C 9 9.33 -0.21 -1.38
N GLU C 10 10.08 -0.71 -2.35
CA GLU C 10 10.44 0.05 -3.53
C GLU C 10 9.21 0.26 -4.42
N GLU C 11 8.34 -0.77 -4.50
CA GLU C 11 7.07 -0.64 -5.22
C GLU C 11 6.25 0.50 -4.63
N SER C 12 6.06 0.48 -3.31
CA SER C 12 5.15 1.39 -2.63
C SER C 12 5.67 2.83 -2.59
N ILE C 13 6.98 3.06 -2.71
CA ILE C 13 7.49 4.40 -3.00
C ILE C 13 7.29 4.74 -4.49
N GLU C 14 7.37 3.77 -5.40
CA GLU C 14 7.06 4.03 -6.81
C GLU C 14 5.61 4.50 -6.96
N THR C 15 4.64 3.74 -6.45
CA THR C 15 3.22 3.98 -6.73
C THR C 15 2.82 5.46 -6.51
N VAL C 16 3.37 6.08 -5.46
CA VAL C 16 3.12 7.50 -5.18
C VAL C 16 3.89 8.41 -6.16
N VAL C 17 5.11 8.04 -6.55
CA VAL C 17 5.88 8.76 -7.56
C VAL C 17 5.12 8.74 -8.89
N THR C 18 4.53 7.59 -9.25
CA THR C 18 3.76 7.47 -10.50
C THR C 18 2.64 8.54 -10.54
N THR C 19 2.11 8.92 -9.36
CA THR C 19 1.09 9.96 -9.27
C THR C 19 1.76 11.29 -9.60
N PHE C 20 2.85 11.53 -8.89
CA PHE C 20 3.73 12.68 -9.08
C PHE C 20 4.04 12.86 -10.56
N PHE C 21 4.60 11.81 -11.17
CA PHE C 21 5.01 11.81 -12.58
C PHE C 21 3.90 12.18 -13.57
N THR C 22 2.66 11.74 -13.33
CA THR C 22 1.56 12.04 -14.26
C THR C 22 0.93 13.41 -14.03
N PHE C 23 1.28 14.06 -12.93
CA PHE C 23 0.75 15.38 -12.64
C PHE C 23 1.80 16.43 -12.98
N ALA C 24 3.06 16.03 -12.93
CA ALA C 24 4.17 16.92 -13.20
C ALA C 24 4.54 16.96 -14.67
N ARG C 25 3.95 16.09 -15.47
CA ARG C 25 4.20 16.10 -16.92
C ARG C 25 3.11 16.89 -17.68
N GLN C 26 2.33 17.71 -16.95
CA GLN C 26 1.23 18.48 -17.54
C GLN C 26 1.72 19.59 -18.49
N GLU C 27 2.19 20.72 -17.94
CA GLU C 27 2.73 21.81 -18.78
C GLU C 27 4.12 21.38 -19.22
N GLY C 28 5.17 22.12 -18.82
CA GLY C 28 6.49 21.61 -19.15
C GLY C 28 6.76 20.34 -18.36
N ARG C 29 7.72 19.55 -18.83
CA ARG C 29 8.73 18.90 -17.99
C ARG C 29 8.16 18.10 -16.81
N LYS C 30 8.22 16.77 -16.95
CA LYS C 30 7.73 15.82 -15.94
C LYS C 30 8.67 15.70 -14.73
N ASP C 31 9.93 16.04 -14.92
CA ASP C 31 10.93 15.98 -13.87
C ASP C 31 10.80 17.09 -12.81
N SER C 32 9.99 18.14 -13.07
CA SER C 32 9.76 19.22 -12.11
C SER C 32 8.26 19.50 -11.93
N LEU C 33 7.83 19.73 -10.69
CA LEU C 33 6.49 20.23 -10.44
C LEU C 33 6.43 21.70 -10.87
N SER C 34 5.35 22.03 -11.56
CA SER C 34 5.02 23.33 -12.09
C SER C 34 3.70 23.78 -11.43
N VAL C 35 3.33 25.08 -11.46
CA VAL C 35 2.24 25.56 -10.61
C VAL C 35 0.92 25.70 -11.39
N ASN C 36 0.66 24.51 -11.91
CA ASN C 36 -0.49 24.08 -12.68
C ASN C 36 -0.36 22.57 -12.73
N GLU C 37 0.19 22.05 -11.63
CA GLU C 37 0.58 20.66 -11.47
C GLU C 37 0.54 20.40 -9.95
N PHE C 38 1.17 21.35 -9.23
CA PHE C 38 1.21 21.38 -7.78
C PHE C 38 -0.18 21.71 -7.23
N LYS C 39 -0.74 22.87 -7.61
CA LYS C 39 -2.01 23.27 -7.05
C LYS C 39 -3.09 22.24 -7.40
N GLU C 40 -3.02 21.68 -8.61
CA GLU C 40 -3.97 20.65 -9.04
C GLU C 40 -3.74 19.35 -8.27
N LEU C 41 -2.51 19.14 -7.78
CA LEU C 41 -2.16 17.94 -7.02
C LEU C 41 -2.67 18.05 -5.59
N VAL C 42 -2.42 19.20 -4.95
CA VAL C 42 -2.89 19.42 -3.60
C VAL C 42 -4.41 19.49 -3.56
N THR C 43 -5.01 20.19 -4.51
CA THR C 43 -6.47 20.35 -4.55
C THR C 43 -7.23 19.03 -4.79
N GLN C 44 -6.62 18.08 -5.51
CA GLN C 44 -7.32 16.82 -5.80
C GLN C 44 -6.83 15.63 -4.96
N GLN C 45 -5.51 15.45 -4.88
CA GLN C 45 -4.95 14.31 -4.16
C GLN C 45 -4.77 14.58 -2.66
N LEU C 46 -4.40 15.80 -2.28
CA LEU C 46 -4.20 16.12 -0.86
C LEU C 46 -5.12 17.26 -0.36
N PRO C 47 -6.46 17.17 -0.56
CA PRO C 47 -7.38 18.21 -0.11
C PRO C 47 -7.85 17.98 1.34
N HIS C 48 -7.76 16.74 1.79
CA HIS C 48 -8.18 16.38 3.14
C HIS C 48 -6.95 16.22 4.04
N LEU C 49 -5.91 15.59 3.49
CA LEU C 49 -4.67 15.40 4.24
C LEU C 49 -4.02 16.75 4.50
N LEU C 50 -3.82 17.52 3.43
CA LEU C 50 -3.28 18.86 3.55
C LEU C 50 -4.42 19.85 3.61
N LYS C 51 -4.72 20.30 4.82
CA LYS C 51 -5.82 21.24 5.03
C LYS C 51 -5.38 22.68 4.80
N ASP C 52 -4.77 22.92 3.64
CA ASP C 52 -4.30 24.24 3.27
C ASP C 52 -4.10 24.34 1.76
N VAL C 53 -5.20 24.12 1.02
CA VAL C 53 -5.15 24.17 -0.44
C VAL C 53 -5.24 25.61 -0.96
N GLY C 54 -5.67 26.52 -0.10
CA GLY C 54 -5.80 27.92 -0.49
C GLY C 54 -4.54 28.70 -0.18
N SER C 55 -3.67 28.10 0.63
CA SER C 55 -2.42 28.72 1.01
C SER C 55 -1.22 27.91 0.51
N LEU C 56 -1.38 27.27 -0.65
CA LEU C 56 -0.33 26.49 -1.28
C LEU C 56 0.90 27.37 -1.47
N ASP C 57 0.71 28.56 -2.02
CA ASP C 57 1.72 29.54 -2.36
C ASP C 57 2.79 29.70 -1.25
N GLU C 58 2.31 29.70 -0.01
CA GLU C 58 3.15 29.79 1.18
C GLU C 58 4.04 28.55 1.26
N LYS C 59 3.46 27.37 1.05
CA LYS C 59 4.19 26.10 1.07
C LYS C 59 5.18 26.07 -0.09
N MET C 60 4.70 26.43 -1.29
CA MET C 60 5.52 26.54 -2.48
C MET C 60 6.78 27.36 -2.19
N LYS C 61 6.61 28.57 -1.66
CA LYS C 61 7.75 29.42 -1.32
C LYS C 61 8.69 28.71 -0.35
N SER C 62 8.12 28.05 0.67
CA SER C 62 8.88 27.31 1.66
C SER C 62 9.63 26.12 1.03
N LEU C 63 9.02 25.45 0.07
CA LEU C 63 9.54 24.29 -0.63
C LEU C 63 10.70 24.71 -1.55
N ASP C 64 10.41 25.63 -2.46
CA ASP C 64 11.17 25.92 -3.67
C ASP C 64 12.64 26.31 -3.47
N VAL C 65 13.06 26.63 -2.24
CA VAL C 65 13.81 27.80 -1.76
C VAL C 65 14.89 28.41 -2.66
N ASN C 66 15.46 27.68 -3.63
CA ASN C 66 16.22 28.35 -4.69
C ASN C 66 15.32 29.35 -5.43
N GLN C 67 14.00 29.14 -5.40
CA GLN C 67 12.98 30.04 -5.90
C GLN C 67 13.03 30.16 -7.44
N ASP C 68 13.67 29.18 -8.11
CA ASP C 68 13.57 29.03 -9.55
C ASP C 68 12.12 28.77 -9.97
N SER C 69 11.26 28.35 -9.03
CA SER C 69 9.87 28.04 -9.25
C SER C 69 9.66 26.78 -10.09
N GLU C 70 10.73 26.01 -10.34
CA GLU C 70 10.62 24.60 -10.61
C GLU C 70 10.69 23.93 -9.24
N LEU C 71 9.58 23.34 -8.78
CA LEU C 71 9.59 22.54 -7.57
C LEU C 71 10.34 21.25 -7.94
N LYS C 72 11.60 21.19 -7.52
CA LYS C 72 12.60 20.32 -8.13
C LYS C 72 12.47 18.90 -7.57
N PHE C 73 13.22 17.96 -8.15
CA PHE C 73 13.15 16.53 -7.85
C PHE C 73 13.96 16.30 -6.57
N ASN C 74 13.33 16.75 -5.47
CA ASN C 74 13.74 16.91 -4.08
C ASN C 74 14.11 18.38 -3.85
N GLU C 75 13.26 19.32 -4.26
CA GLU C 75 12.53 20.21 -3.37
C GLU C 75 11.19 19.53 -3.03
N TYR C 76 10.40 19.30 -4.08
CA TYR C 76 9.00 18.84 -4.03
C TYR C 76 8.77 17.82 -2.95
N TRP C 77 9.61 16.79 -2.98
CA TRP C 77 9.49 15.59 -2.15
C TRP C 77 9.15 15.93 -0.70
N ARG C 78 9.75 17.00 -0.16
CA ARG C 78 9.45 17.52 1.17
C ARG C 78 7.96 17.47 1.50
N LEU C 79 7.11 17.85 0.55
CA LEU C 79 5.66 17.86 0.73
C LEU C 79 5.16 16.53 1.28
N ILE C 80 5.56 15.41 0.67
CA ILE C 80 5.15 14.08 1.08
C ILE C 80 5.57 13.87 2.55
N GLY C 81 6.66 14.52 2.95
CA GLY C 81 7.22 14.55 4.29
C GLY C 81 6.33 15.25 5.27
N GLU C 82 5.84 16.39 4.82
CA GLU C 82 5.00 17.22 5.64
C GLU C 82 3.70 16.48 5.83
N LEU C 83 3.06 15.94 4.78
CA LEU C 83 1.92 15.05 5.02
C LEU C 83 2.30 13.87 5.93
N ALA C 84 3.44 13.22 5.68
CA ALA C 84 3.87 12.07 6.48
C ALA C 84 3.91 12.43 7.97
N LYS C 85 4.55 13.53 8.36
CA LYS C 85 4.52 13.93 9.76
C LYS C 85 3.13 14.42 10.16
N GLU C 86 2.40 15.18 9.32
CA GLU C 86 1.10 15.80 9.62
C GLU C 86 0.16 14.83 10.32
N ILE C 87 0.07 13.58 9.82
CA ILE C 87 -0.79 12.58 10.42
C ILE C 87 -0.53 12.44 11.94
N ARG C 88 0.75 12.52 12.34
CA ARG C 88 1.21 12.59 13.71
C ARG C 88 1.15 14.03 14.26
N LYS C 89 1.47 15.03 13.44
CA LYS C 89 1.85 16.36 13.85
C LYS C 89 0.85 17.41 13.33
N LYS C 90 -0.29 17.51 14.04
CA LYS C 90 -1.41 18.40 13.78
C LYS C 90 -0.97 19.80 13.28
N LYS C 91 -0.11 20.51 14.01
CA LYS C 91 0.37 21.84 13.58
C LYS C 91 1.75 22.21 14.14
N ASP C 92 2.34 21.35 14.97
CA ASP C 92 3.17 21.78 16.09
C ASP C 92 4.64 21.83 15.67
N LEU C 93 4.93 22.47 14.54
CA LEU C 93 6.29 22.57 13.99
C LEU C 93 7.00 23.84 14.45
N ILE C 95 9.46 26.30 14.27
CA ILE C 95 10.82 26.60 13.80
C ILE C 95 10.97 27.98 13.12
N ARG C 96 12.18 28.53 13.23
CA ARG C 96 12.64 29.77 12.63
C ARG C 96 14.16 29.76 12.79
N LYS C 97 14.93 29.95 11.72
CA LYS C 97 16.34 29.61 11.67
C LYS C 97 16.87 30.10 10.32
N LYS C 98 17.93 30.92 10.32
CA LYS C 98 18.72 31.26 9.15
C LYS C 98 20.00 30.44 9.24
N TYR D 1 -19.72 -8.57 -38.88
CA TYR D 1 -21.00 -7.83 -38.73
C TYR D 1 -20.76 -6.47 -38.08
N LYS D 2 -20.04 -5.59 -38.78
CA LYS D 2 -19.72 -4.26 -38.26
C LYS D 2 -21.00 -3.57 -37.76
N LYS D 3 -21.10 -3.45 -36.45
CA LYS D 3 -22.26 -2.83 -35.82
C LYS D 3 -21.88 -2.33 -34.41
N PRO D 4 -22.87 -1.84 -33.62
CA PRO D 4 -22.66 -1.34 -32.27
C PRO D 4 -21.37 -1.82 -31.62
N LYS D 5 -20.40 -0.92 -31.53
CA LYS D 5 -19.12 -1.23 -30.92
C LYS D 5 -19.11 -0.76 -29.47
N LEU D 6 -19.21 -1.71 -28.54
CA LEU D 6 -19.22 -1.39 -27.11
C LEU D 6 -17.79 -1.23 -26.61
N LEU D 7 -17.56 -0.17 -25.82
CA LEU D 7 -16.23 0.11 -25.27
C LEU D 7 -16.34 0.67 -23.86
N TYR D 8 -15.48 0.18 -22.97
CA TYR D 8 -15.46 0.65 -21.58
C TYR D 8 -14.10 0.34 -20.96
N CYS D 9 -13.86 0.82 -19.74
CA CYS D 9 -12.59 0.57 -19.07
C CYS D 9 -12.77 0.48 -17.56
N SER D 10 -11.74 -0.02 -16.87
CA SER D 10 -11.74 -0.18 -15.43
C SER D 10 -12.59 -1.38 -15.04
N ASN D 11 -11.97 -2.35 -14.38
CA ASN D 11 -12.68 -3.55 -13.96
C ASN D 11 -13.97 -3.19 -13.24
N GLY D 12 -15.08 -3.74 -13.69
CA GLY D 12 -16.36 -3.47 -13.08
C GLY D 12 -17.43 -3.19 -14.12
N GLY D 13 -18.62 -3.74 -13.90
CA GLY D 13 -19.72 -3.53 -14.82
C GLY D 13 -20.01 -2.06 -15.05
N HIS D 14 -19.60 -1.56 -16.21
CA HIS D 14 -19.83 -0.15 -16.59
C HIS D 14 -19.58 0.02 -18.08
N PHE D 15 -20.60 0.50 -18.81
CA PHE D 15 -20.48 0.69 -20.25
C PHE D 15 -20.66 2.16 -20.61
N LEU D 16 -20.01 2.58 -21.68
CA LEU D 16 -20.10 3.97 -22.12
C LEU D 16 -21.46 4.23 -22.79
N ARG D 17 -22.38 4.84 -22.03
CA ARG D 17 -23.70 5.14 -22.55
C ARG D 17 -23.75 6.56 -23.09
N ILE D 18 -23.80 6.68 -24.39
CA ILE D 18 -23.83 7.99 -25.05
C ILE D 18 -25.25 8.49 -25.22
N LEU D 19 -25.42 9.79 -25.06
CA LEU D 19 -26.73 10.43 -25.21
C LEU D 19 -26.60 11.65 -26.13
N PRO D 20 -27.59 11.87 -27.02
CA PRO D 20 -27.58 13.01 -27.96
C PRO D 20 -27.20 14.32 -27.27
N ASP D 21 -27.54 14.43 -26.00
CA ASP D 21 -27.22 15.62 -25.21
C ASP D 21 -25.71 15.86 -25.18
N GLY D 22 -24.95 14.80 -24.98
CA GLY D 22 -23.51 14.91 -24.91
C GLY D 22 -22.95 14.32 -23.63
N THR D 23 -23.71 14.41 -22.54
CA THR D 23 -23.27 13.88 -21.25
C THR D 23 -23.28 12.35 -21.25
N VAL D 24 -22.19 11.76 -21.74
CA VAL D 24 -22.05 10.31 -21.78
C VAL D 24 -21.48 9.81 -20.45
N ASP D 25 -22.10 8.77 -19.88
CA ASP D 25 -21.65 8.21 -18.61
C ASP D 25 -21.41 6.70 -18.74
N GLY D 26 -20.74 6.14 -17.75
CA GLY D 26 -20.44 4.72 -17.74
C GLY D 26 -21.58 3.89 -17.18
N THR D 27 -22.70 3.88 -17.87
CA THR D 27 -23.87 3.13 -17.45
C THR D 27 -23.62 1.64 -17.54
N ARG D 28 -23.89 0.91 -16.46
CA ARG D 28 -23.69 -0.53 -16.46
C ARG D 28 -24.99 -1.24 -16.84
N ASP D 29 -25.41 -1.07 -18.08
CA ASP D 29 -26.64 -1.69 -18.58
C ASP D 29 -26.52 -1.99 -20.06
N ARG D 30 -27.24 -3.02 -20.51
CA ARG D 30 -27.24 -3.41 -21.91
C ARG D 30 -28.67 -3.67 -22.40
N SER D 31 -29.63 -3.06 -21.71
CA SER D 31 -31.03 -3.20 -22.05
C SER D 31 -31.46 -2.10 -23.02
N ASP D 32 -31.01 -0.89 -22.75
CA ASP D 32 -31.33 0.26 -23.60
C ASP D 32 -30.21 0.50 -24.61
N GLN D 33 -30.57 0.57 -25.89
CA GLN D 33 -29.59 0.78 -26.95
C GLN D 33 -29.00 2.19 -26.89
N HIS D 34 -28.10 2.42 -25.94
CA HIS D 34 -27.44 3.71 -25.81
C HIS D 34 -25.99 3.56 -25.35
N ILE D 35 -25.44 2.36 -25.49
CA ILE D 35 -24.05 2.09 -25.10
C ILE D 35 -23.28 1.47 -26.26
N GLN D 36 -23.49 2.02 -27.46
CA GLN D 36 -22.83 1.51 -28.65
C GLN D 36 -22.38 2.65 -29.55
N LEU D 37 -21.14 2.57 -30.01
CA LEU D 37 -20.58 3.58 -30.89
C LEU D 37 -20.00 2.91 -32.13
N GLN D 38 -19.93 3.64 -33.24
CA GLN D 38 -19.38 3.09 -34.48
C GLN D 38 -17.87 3.32 -34.54
N LEU D 39 -17.14 2.58 -33.74
CA LEU D 39 -15.68 2.67 -33.70
C LEU D 39 -15.09 1.99 -34.94
N SER D 40 -14.23 2.72 -35.65
CA SER D 40 -13.59 2.19 -36.85
C SER D 40 -12.33 2.98 -37.18
N ALA D 41 -11.41 2.35 -37.90
CA ALA D 41 -10.17 2.99 -38.31
C ALA D 41 -10.41 3.79 -39.58
N GLU D 42 -10.52 5.10 -39.45
CA GLU D 42 -10.77 5.97 -40.60
C GLU D 42 -9.52 6.05 -41.47
N SER D 43 -8.42 6.43 -40.85
CA SER D 43 -7.14 6.57 -41.56
C SER D 43 -6.14 5.57 -40.99
N VAL D 44 -4.96 5.49 -41.59
CA VAL D 44 -3.92 4.57 -41.14
C VAL D 44 -3.61 4.77 -39.65
N GLY D 45 -4.29 3.98 -38.81
CA GLY D 45 -4.09 4.07 -37.38
C GLY D 45 -5.04 5.05 -36.71
N GLU D 46 -5.68 5.92 -37.49
CA GLU D 46 -6.60 6.91 -36.95
C GLU D 46 -8.01 6.33 -36.82
N VAL D 47 -8.44 6.09 -35.60
CA VAL D 47 -9.77 5.55 -35.34
C VAL D 47 -10.70 6.64 -34.83
N TYR D 48 -11.95 6.58 -35.24
CA TYR D 48 -12.95 7.57 -34.84
C TYR D 48 -14.04 6.94 -33.99
N ILE D 49 -14.57 7.71 -33.06
CA ILE D 49 -15.64 7.25 -32.19
C ILE D 49 -16.91 8.04 -32.47
N LYS D 50 -17.82 7.41 -33.19
CA LYS D 50 -19.08 8.04 -33.57
C LYS D 50 -20.26 7.14 -33.25
N SER D 51 -21.09 7.55 -32.29
CA SER D 51 -22.26 6.79 -31.90
C SER D 51 -23.42 7.10 -32.87
N THR D 52 -23.19 6.80 -34.14
CA THR D 52 -24.16 7.06 -35.19
C THR D 52 -25.53 6.44 -34.89
N GLU D 53 -25.60 5.12 -34.95
CA GLU D 53 -26.86 4.41 -34.72
C GLU D 53 -27.16 4.23 -33.24
N THR D 54 -27.19 5.32 -32.48
CA THR D 54 -27.48 5.25 -31.05
C THR D 54 -27.36 6.61 -30.35
N GLY D 55 -26.34 7.39 -30.70
CA GLY D 55 -26.17 8.67 -30.04
C GLY D 55 -25.70 9.78 -30.95
N GLN D 56 -24.46 10.21 -30.76
CA GLN D 56 -23.89 11.31 -31.52
C GLN D 56 -22.40 11.09 -31.78
N TYR D 57 -21.78 12.08 -32.42
CA TYR D 57 -20.35 12.03 -32.73
C TYR D 57 -19.56 12.67 -31.60
N LEU D 58 -18.38 12.14 -31.31
CA LEU D 58 -17.55 12.68 -30.23
C LEU D 58 -16.77 13.91 -30.69
N ALA D 59 -16.42 14.75 -29.72
CA ALA D 59 -15.67 15.97 -29.96
C ALA D 59 -15.02 16.42 -28.65
N MET D 60 -13.87 15.85 -28.35
CA MET D 60 -13.14 16.17 -27.13
C MET D 60 -12.95 17.66 -26.94
N ASP D 61 -13.03 18.11 -25.70
CA ASP D 61 -12.84 19.52 -25.36
C ASP D 61 -11.39 19.73 -24.98
N THR D 62 -10.54 19.90 -26.00
CA THR D 62 -9.12 20.10 -25.79
C THR D 62 -8.52 18.89 -25.07
N ASP D 63 -9.06 17.71 -25.36
CA ASP D 63 -8.63 16.45 -24.73
C ASP D 63 -9.03 16.43 -23.25
N GLY D 64 -8.66 17.49 -22.52
CA GLY D 64 -9.00 17.62 -21.11
C GLY D 64 -10.32 16.99 -20.76
N LEU D 65 -11.38 17.44 -21.42
CA LEU D 65 -12.72 16.91 -21.20
C LEU D 65 -13.23 16.22 -22.45
N LEU D 66 -13.77 15.03 -22.30
CA LEU D 66 -14.28 14.27 -23.43
C LEU D 66 -15.79 14.45 -23.55
N TYR D 67 -16.24 14.81 -24.75
CA TYR D 67 -17.66 15.01 -25.01
C TYR D 67 -17.97 14.80 -26.49
N GLY D 68 -19.24 14.88 -26.85
CA GLY D 68 -19.63 14.70 -28.23
C GLY D 68 -21.12 14.91 -28.42
N SER D 69 -21.50 15.48 -29.56
CA SER D 69 -22.90 15.74 -29.86
C SER D 69 -23.05 16.60 -31.12
N GLN D 70 -22.53 17.81 -31.07
CA GLN D 70 -22.65 18.74 -32.19
C GLN D 70 -21.96 18.23 -33.46
N THR D 71 -20.62 18.23 -33.46
CA THR D 71 -19.88 17.79 -34.64
C THR D 71 -18.62 16.98 -34.28
N PRO D 72 -18.25 16.01 -35.13
CA PRO D 72 -17.06 15.18 -34.92
C PRO D 72 -15.79 15.94 -35.29
N ASN D 73 -15.44 16.92 -34.45
CA ASN D 73 -14.25 17.73 -34.69
C ASN D 73 -12.99 16.88 -34.64
N GLU D 74 -11.90 17.35 -35.28
CA GLU D 74 -10.63 16.62 -35.30
C GLU D 74 -10.28 16.07 -33.92
N GLU D 75 -10.69 16.80 -32.87
CA GLU D 75 -10.46 16.34 -31.49
C GLU D 75 -10.87 14.86 -31.33
N CYS D 76 -11.80 14.40 -32.17
CA CYS D 76 -12.29 13.03 -32.10
C CYS D 76 -11.40 12.02 -32.85
N LEU D 77 -10.28 12.47 -33.42
CA LEU D 77 -9.39 11.55 -34.13
C LEU D 77 -8.36 10.98 -33.16
N PHE D 78 -8.35 9.66 -33.00
CA PHE D 78 -7.43 8.99 -32.10
C PHE D 78 -6.65 7.88 -32.80
N LEU D 79 -5.40 7.70 -32.37
CA LEU D 79 -4.55 6.66 -32.93
C LEU D 79 -4.84 5.33 -32.23
N GLU D 80 -5.16 4.30 -33.01
CA GLU D 80 -5.47 2.99 -32.47
C GLU D 80 -4.21 2.27 -31.99
N ARG D 81 -4.14 2.01 -30.69
CA ARG D 81 -3.01 1.32 -30.09
C ARG D 81 -3.51 0.17 -29.22
N LEU D 82 -2.71 -0.89 -29.09
CA LEU D 82 -3.09 -2.05 -28.30
C LEU D 82 -2.06 -2.31 -27.21
N GLU D 83 -2.52 -2.68 -26.03
CA GLU D 83 -1.63 -2.98 -24.92
C GLU D 83 -1.71 -4.46 -24.57
N GLU D 84 -0.57 -5.05 -24.23
CA GLU D 84 -0.52 -6.48 -23.87
C GLU D 84 -1.13 -6.70 -22.50
N ASN D 85 -2.35 -6.23 -22.32
CA ASN D 85 -3.07 -6.35 -21.06
C ASN D 85 -4.56 -6.58 -21.33
N HIS D 86 -4.89 -7.05 -22.54
CA HIS D 86 -6.26 -7.29 -22.95
C HIS D 86 -7.08 -5.99 -22.93
N TYR D 87 -6.48 -4.93 -23.44
CA TYR D 87 -7.13 -3.62 -23.48
C TYR D 87 -6.69 -2.82 -24.71
N ASN D 88 -7.56 -1.92 -25.14
CA ASN D 88 -7.30 -1.08 -26.30
C ASN D 88 -6.88 0.32 -25.86
N THR D 89 -6.00 0.94 -26.64
CA THR D 89 -5.52 2.27 -26.35
C THR D 89 -5.75 3.19 -27.54
N TYR D 90 -6.21 4.40 -27.28
CA TYR D 90 -6.47 5.37 -28.34
C TYR D 90 -5.80 6.70 -28.02
N ILE D 91 -4.86 7.08 -28.84
CA ILE D 91 -4.12 8.32 -28.62
C ILE D 91 -4.74 9.49 -29.40
N SER D 92 -5.23 10.48 -28.66
CA SER D 92 -5.83 11.66 -29.27
C SER D 92 -4.75 12.48 -29.97
N LYS D 93 -4.37 12.05 -31.17
CA LYS D 93 -3.34 12.73 -31.95
C LYS D 93 -3.51 14.25 -31.89
N LYS D 94 -4.76 14.70 -31.86
CA LYS D 94 -5.06 16.13 -31.79
C LYS D 94 -4.32 16.78 -30.61
N HIS D 95 -4.05 16.00 -29.56
CA HIS D 95 -3.33 16.50 -28.39
C HIS D 95 -2.14 15.62 -28.03
N ALA D 96 -1.79 14.68 -28.91
CA ALA D 96 -0.66 13.78 -28.68
C ALA D 96 0.58 14.58 -28.33
N GLU D 97 0.68 15.80 -28.88
CA GLU D 97 1.79 16.70 -28.61
C GLU D 97 2.06 16.84 -27.11
N LYS D 98 0.99 16.81 -26.31
CA LYS D 98 1.11 16.95 -24.85
C LYS D 98 1.13 15.58 -24.16
N ASN D 99 1.28 14.52 -24.95
CA ASN D 99 1.30 13.15 -24.45
C ASN D 99 -0.04 12.80 -23.79
N TRP D 100 -1.11 13.30 -24.39
CA TRP D 100 -2.46 13.06 -23.87
C TRP D 100 -3.24 12.10 -24.76
N PHE D 101 -3.77 11.05 -24.15
CA PHE D 101 -4.56 10.06 -24.87
C PHE D 101 -5.83 9.70 -24.09
N VAL D 102 -6.99 9.96 -24.75
CA VAL D 102 -8.35 9.75 -24.23
C VAL D 102 -8.43 8.84 -23.01
N GLY D 103 -8.97 9.38 -21.92
CA GLY D 103 -9.15 8.64 -20.68
C GLY D 103 -10.48 8.97 -20.02
N LEU D 104 -11.24 7.96 -19.62
CA LEU D 104 -12.54 8.18 -19.00
C LEU D 104 -12.60 7.61 -17.58
N LYS D 105 -13.56 8.10 -16.81
CA LYS D 105 -13.75 7.65 -15.44
C LYS D 105 -14.96 6.71 -15.37
N LYS D 106 -14.68 5.42 -15.24
CA LYS D 106 -15.72 4.39 -15.17
C LYS D 106 -16.90 4.83 -14.30
N ASN D 107 -16.61 5.41 -13.14
CA ASN D 107 -17.63 5.88 -12.23
C ASN D 107 -17.69 7.41 -12.17
N GLY D 108 -17.48 8.04 -13.33
CA GLY D 108 -17.52 9.49 -13.38
C GLY D 108 -17.97 10.01 -14.73
N SER D 109 -17.29 9.55 -15.79
CA SER D 109 -17.56 9.94 -17.18
C SER D 109 -16.23 10.13 -17.90
N CYS D 110 -16.29 10.40 -19.20
CA CYS D 110 -15.08 10.59 -19.99
C CYS D 110 -14.60 12.04 -19.90
N LYS D 111 -13.58 12.27 -19.08
CA LYS D 111 -13.00 13.61 -18.91
C LYS D 111 -11.84 13.57 -17.93
N ARG D 112 -10.69 13.13 -18.42
CA ARG D 112 -9.48 13.03 -17.59
C ARG D 112 -8.23 13.38 -18.40
N GLY D 113 -8.43 14.21 -19.41
CA GLY D 113 -7.35 14.64 -20.29
C GLY D 113 -6.13 15.22 -19.57
N PRO D 114 -6.28 16.08 -18.54
CA PRO D 114 -5.14 16.65 -17.82
C PRO D 114 -4.39 15.62 -16.96
N ARG D 115 -4.87 14.36 -17.00
CA ARG D 115 -4.26 13.28 -16.24
C ARG D 115 -4.08 12.02 -17.11
N THR D 116 -4.12 12.18 -18.43
CA THR D 116 -3.96 11.04 -19.34
C THR D 116 -2.50 10.72 -19.63
N HIS D 117 -2.01 9.65 -19.00
CA HIS D 117 -0.63 9.20 -19.18
C HIS D 117 -0.43 7.83 -18.50
N TYR D 118 0.79 7.57 -18.02
CA TYR D 118 1.05 6.30 -17.36
C TYR D 118 0.74 6.36 -15.87
N GLY D 119 -0.50 6.77 -15.57
CA GLY D 119 -0.97 6.86 -14.20
C GLY D 119 -2.37 6.34 -14.09
N GLN D 120 -3.26 6.94 -14.87
CA GLN D 120 -4.65 6.53 -14.90
C GLN D 120 -4.78 5.34 -15.85
N LYS D 121 -5.08 4.18 -15.29
CA LYS D 121 -5.18 2.94 -16.08
C LYS D 121 -6.45 2.93 -16.93
N ALA D 122 -7.41 3.79 -16.57
CA ALA D 122 -8.67 3.90 -17.31
C ALA D 122 -8.46 4.09 -18.82
N ILE D 123 -7.24 4.47 -19.20
CA ILE D 123 -6.91 4.66 -20.61
C ILE D 123 -6.97 3.32 -21.37
N LEU D 124 -6.77 2.23 -20.64
CA LEU D 124 -6.80 0.90 -21.25
C LEU D 124 -8.24 0.41 -21.33
N PHE D 125 -8.89 0.73 -22.44
CA PHE D 125 -10.29 0.37 -22.64
C PHE D 125 -10.44 -1.09 -23.09
N LEU D 126 -11.55 -1.70 -22.68
CA LEU D 126 -11.85 -3.07 -23.04
C LEU D 126 -13.03 -3.07 -24.02
N PRO D 127 -12.76 -3.36 -25.30
CA PRO D 127 -13.78 -3.38 -26.35
C PRO D 127 -14.50 -4.72 -26.48
N LEU D 128 -15.80 -4.65 -26.74
CA LEU D 128 -16.63 -5.83 -26.93
C LEU D 128 -17.48 -5.67 -28.20
N PRO D 129 -16.85 -5.28 -29.32
CA PRO D 129 -17.54 -5.07 -30.59
C PRO D 129 -17.79 -6.37 -31.37
N VAL D 130 -18.83 -6.36 -32.18
CA VAL D 130 -19.17 -7.52 -33.00
C VAL D 130 -18.29 -7.56 -34.25
N SER D 131 -17.13 -8.18 -34.11
CA SER D 131 -16.19 -8.30 -35.21
C SER D 131 -16.72 -9.22 -36.32
N SER D 132 -15.94 -9.34 -37.39
CA SER D 132 -16.32 -10.21 -38.50
C SER D 132 -15.40 -11.43 -38.55
N ASP D 133 -15.50 -12.25 -37.52
CA ASP D 133 -14.69 -13.46 -37.42
C ASP D 133 -15.43 -14.67 -37.97
N TYR A 1 -17.35 -30.61 26.97
CA TYR A 1 -16.50 -31.79 26.68
C TYR A 1 -15.02 -31.38 26.63
N LYS A 2 -14.48 -30.96 27.76
CA LYS A 2 -13.08 -30.52 27.83
C LYS A 2 -12.17 -31.58 27.21
N LYS A 3 -11.63 -31.27 26.06
CA LYS A 3 -10.73 -32.17 25.34
C LYS A 3 -9.86 -31.37 24.36
N PRO A 4 -9.06 -32.05 23.51
CA PRO A 4 -8.17 -31.44 22.53
C PRO A 4 -8.52 -29.99 22.20
N LYS A 5 -7.72 -29.08 22.72
CA LYS A 5 -7.93 -27.65 22.48
C LYS A 5 -7.03 -27.19 21.34
N LEU A 6 -7.62 -26.96 20.17
CA LEU A 6 -6.86 -26.52 19.00
C LEU A 6 -6.66 -25.01 19.06
N LEU A 7 -5.44 -24.56 18.77
CA LEU A 7 -5.11 -23.13 18.79
C LEU A 7 -4.12 -22.80 17.68
N TYR A 8 -4.36 -21.68 16.99
CA TYR A 8 -3.49 -21.22 15.92
C TYR A 8 -3.70 -19.73 15.69
N CYS A 9 -2.88 -19.12 14.84
CA CYS A 9 -3.00 -17.70 14.56
C CYS A 9 -2.58 -17.37 13.13
N SER A 10 -2.93 -16.16 12.68
CA SER A 10 -2.62 -15.69 11.34
C SER A 10 -3.56 -16.35 10.33
N ASN A 11 -4.32 -15.52 9.61
CA ASN A 11 -5.26 -16.02 8.62
C ASN A 11 -4.58 -17.02 7.69
N GLY A 12 -5.16 -18.20 7.57
CA GLY A 12 -4.60 -19.22 6.71
C GLY A 12 -4.57 -20.57 7.39
N GLY A 13 -4.93 -21.61 6.66
CA GLY A 13 -4.93 -22.95 7.20
C GLY A 13 -3.59 -23.34 7.79
N HIS A 14 -3.52 -23.35 9.11
CA HIS A 14 -2.30 -23.71 9.84
C HIS A 14 -2.62 -23.97 11.31
N PHE A 15 -2.32 -25.18 11.79
CA PHE A 15 -2.61 -25.54 13.18
C PHE A 15 -1.32 -25.86 13.91
N LEU A 16 -1.31 -25.61 15.22
CA LEU A 16 -0.14 -25.87 16.04
C LEU A 16 0.01 -27.38 16.28
N ARG A 17 0.90 -28.02 15.52
CA ARG A 17 1.12 -29.45 15.67
C ARG A 17 2.30 -29.71 16.59
N ILE A 18 2.01 -30.18 17.79
CA ILE A 18 3.03 -30.45 18.79
C ILE A 18 3.57 -31.87 18.66
N LEU A 19 4.87 -32.02 18.89
CA LEU A 19 5.53 -33.31 18.83
C LEU A 19 6.38 -33.51 20.09
N PRO A 20 6.38 -34.74 20.63
CA PRO A 20 7.15 -35.08 21.85
C PRO A 20 8.58 -34.53 21.79
N ASP A 21 9.12 -34.43 20.59
CA ASP A 21 10.46 -33.91 20.37
C ASP A 21 10.59 -32.48 20.90
N GLY A 22 9.57 -31.67 20.61
CA GLY A 22 9.58 -30.29 21.04
C GLY A 22 9.38 -29.33 19.89
N THR A 23 9.88 -29.70 18.70
CA THR A 23 9.76 -28.85 17.52
C THR A 23 8.31 -28.82 17.01
N VAL A 24 7.52 -27.94 17.60
CA VAL A 24 6.12 -27.77 17.20
C VAL A 24 6.02 -26.79 16.02
N ASP A 25 5.28 -27.17 14.99
CA ASP A 25 5.10 -26.32 13.82
C ASP A 25 3.63 -26.10 13.50
N GLY A 26 3.35 -25.11 12.64
CA GLY A 26 1.99 -24.80 12.28
C GLY A 26 1.48 -25.66 11.14
N THR A 27 1.35 -26.96 11.41
CA THR A 27 0.88 -27.91 10.41
C THR A 27 -0.60 -27.67 10.08
N ARG A 28 -0.91 -27.56 8.80
CA ARG A 28 -2.29 -27.32 8.39
C ARG A 28 -2.98 -28.65 8.07
N ASP A 29 -3.18 -29.46 9.12
CA ASP A 29 -3.81 -30.75 8.97
C ASP A 29 -4.59 -31.12 10.24
N ARG A 30 -5.63 -31.91 10.07
CA ARG A 30 -6.45 -32.36 11.19
C ARG A 30 -6.73 -33.87 11.09
N SER A 31 -5.86 -34.57 10.37
CA SER A 31 -5.98 -36.00 10.19
C SER A 31 -5.22 -36.75 11.28
N ASP A 32 -4.02 -36.27 11.58
CA ASP A 32 -3.19 -36.88 12.61
C ASP A 32 -3.37 -36.16 13.94
N GLN A 33 -3.69 -36.91 14.99
CA GLN A 33 -3.90 -36.32 16.31
C GLN A 33 -2.60 -35.78 16.91
N HIS A 34 -2.16 -34.64 16.41
CA HIS A 34 -0.94 -34.00 16.93
C HIS A 34 -1.06 -32.48 16.95
N ILE A 35 -2.29 -31.97 16.83
CA ILE A 35 -2.54 -30.52 16.83
C ILE A 35 -3.56 -30.15 17.91
N GLN A 36 -3.40 -30.75 19.08
CA GLN A 36 -4.31 -30.50 20.19
C GLN A 36 -3.56 -30.40 21.51
N LEU A 37 -3.89 -29.38 22.28
CA LEU A 37 -3.26 -29.15 23.57
C LEU A 37 -4.34 -28.99 24.65
N GLN A 38 -4.00 -29.29 25.89
CA GLN A 38 -4.96 -29.17 26.98
C GLN A 38 -4.89 -27.77 27.59
N LEU A 39 -5.40 -26.79 26.86
CA LEU A 39 -5.42 -25.41 27.32
C LEU A 39 -6.50 -25.23 28.39
N SER A 40 -6.12 -24.67 29.52
CA SER A 40 -7.05 -24.42 30.61
C SER A 40 -6.51 -23.37 31.57
N ALA A 41 -7.41 -22.72 32.29
CA ALA A 41 -7.04 -21.69 33.26
C ALA A 41 -6.68 -22.35 34.58
N GLU A 42 -5.39 -22.45 34.85
CA GLU A 42 -4.91 -23.08 36.09
C GLU A 42 -5.21 -22.19 37.28
N SER A 43 -4.74 -20.93 37.21
CA SER A 43 -4.96 -19.97 38.27
C SER A 43 -5.80 -18.81 37.76
N VAL A 44 -6.17 -17.89 38.63
CA VAL A 44 -6.97 -16.73 38.25
C VAL A 44 -6.33 -15.98 37.09
N GLY A 45 -6.76 -16.32 35.87
CA GLY A 45 -6.22 -15.67 34.69
C GLY A 45 -5.01 -16.38 34.11
N GLU A 46 -4.39 -17.26 34.89
CA GLU A 46 -3.21 -17.98 34.44
C GLU A 46 -3.60 -19.25 33.70
N VAL A 47 -3.40 -19.26 32.39
CA VAL A 47 -3.71 -20.41 31.57
C VAL A 47 -2.44 -21.16 31.18
N TYR A 48 -2.52 -22.49 31.14
CA TYR A 48 -1.38 -23.30 30.79
C TYR A 48 -1.62 -24.05 29.48
N ILE A 49 -0.55 -24.28 28.74
CA ILE A 49 -0.61 -25.00 27.48
C ILE A 49 0.14 -26.31 27.60
N LYS A 50 -0.60 -27.39 27.74
CA LYS A 50 -0.03 -28.71 27.88
C LYS A 50 -0.67 -29.70 26.94
N SER A 51 0.09 -30.19 25.97
CA SER A 51 -0.42 -31.16 25.00
C SER A 51 -0.33 -32.56 25.60
N THR A 52 -1.03 -32.76 26.70
CA THR A 52 -1.04 -34.02 27.42
C THR A 52 -1.42 -35.20 26.53
N GLU A 53 -2.68 -35.26 26.12
CA GLU A 53 -3.17 -36.35 25.29
C GLU A 53 -2.86 -36.15 23.81
N THR A 54 -1.58 -35.96 23.49
CA THR A 54 -1.17 -35.77 22.10
C THR A 54 0.33 -35.46 21.95
N GLY A 55 0.88 -34.64 22.84
CA GLY A 55 2.28 -34.29 22.72
C GLY A 55 3.00 -34.18 24.06
N GLN A 56 3.36 -32.96 24.40
CA GLN A 56 4.12 -32.68 25.62
C GLN A 56 3.70 -31.36 26.26
N TYR A 57 4.38 -30.99 27.35
CA TYR A 57 4.11 -29.75 28.06
C TYR A 57 5.01 -28.66 27.50
N LEU A 58 4.51 -27.43 27.45
CA LEU A 58 5.29 -26.32 26.92
C LEU A 58 6.24 -25.75 27.97
N ALA A 59 7.31 -25.14 27.49
CA ALA A 59 8.33 -24.52 28.34
C ALA A 59 9.13 -23.51 27.53
N MET A 60 8.59 -22.30 27.44
CA MET A 60 9.21 -21.23 26.68
C MET A 60 10.67 -21.02 27.07
N ASP A 61 11.49 -20.71 26.07
CA ASP A 61 12.91 -20.46 26.30
C ASP A 61 13.11 -18.96 26.50
N THR A 62 12.87 -18.50 27.71
CA THR A 62 13.02 -17.09 28.03
C THR A 62 12.06 -16.26 27.19
N ASP A 63 10.88 -16.83 26.89
CA ASP A 63 9.87 -16.18 26.05
C ASP A 63 10.35 -16.09 24.60
N GLY A 64 11.56 -15.54 24.43
CA GLY A 64 12.15 -15.39 23.10
C GLY A 64 11.78 -16.53 22.15
N LEU A 65 12.08 -17.75 22.56
CA LEU A 65 11.76 -18.92 21.77
C LEU A 65 10.76 -19.80 22.51
N LEU A 66 9.71 -20.23 21.81
CA LEU A 66 8.68 -21.06 22.40
C LEU A 66 8.94 -22.53 22.11
N TYR A 67 8.94 -23.36 23.15
CA TYR A 67 9.16 -24.79 23.00
C TYR A 67 8.51 -25.54 24.14
N GLY A 68 8.58 -26.87 24.10
CA GLY A 68 8.00 -27.69 25.14
C GLY A 68 8.27 -29.15 24.92
N SER A 69 8.48 -29.90 26.00
CA SER A 69 8.74 -31.33 25.92
C SER A 69 9.16 -31.91 27.27
N GLN A 70 10.28 -31.43 27.79
CA GLN A 70 10.82 -31.92 29.06
C GLN A 70 9.88 -31.66 30.23
N THR A 71 9.75 -30.41 30.66
CA THR A 71 8.90 -30.08 31.79
C THR A 71 8.16 -28.76 31.60
N PRO A 72 6.93 -28.65 32.16
CA PRO A 72 6.12 -27.43 32.07
C PRO A 72 6.62 -26.37 33.04
N ASN A 73 7.77 -25.79 32.73
CA ASN A 73 8.37 -24.76 33.59
C ASN A 73 7.47 -23.52 33.66
N GLU A 74 7.63 -22.73 34.71
CA GLU A 74 6.83 -21.51 34.90
C GLU A 74 6.71 -20.71 33.60
N GLU A 75 7.76 -20.77 32.77
CA GLU A 75 7.76 -20.11 31.47
C GLU A 75 6.45 -20.40 30.71
N CYS A 76 5.82 -21.55 31.01
CA CYS A 76 4.60 -21.95 30.35
C CYS A 76 3.33 -21.33 30.96
N LEU A 77 3.48 -20.47 31.97
CA LEU A 77 2.31 -19.83 32.59
C LEU A 77 2.00 -18.52 31.85
N PHE A 78 0.79 -18.43 31.29
CA PHE A 78 0.38 -17.25 30.55
C PHE A 78 -0.96 -16.70 31.05
N LEU A 79 -1.10 -15.39 31.01
CA LEU A 79 -2.33 -14.73 31.42
C LEU A 79 -3.34 -14.74 30.27
N GLU A 80 -4.53 -15.27 30.54
CA GLU A 80 -5.57 -15.36 29.52
C GLU A 80 -6.21 -13.99 29.26
N ARG A 81 -6.03 -13.49 28.04
CA ARG A 81 -6.60 -12.21 27.63
C ARG A 81 -7.37 -12.37 26.31
N LEU A 82 -8.38 -11.56 26.11
CA LEU A 82 -9.19 -11.62 24.90
C LEU A 82 -9.19 -10.28 24.17
N GLU A 83 -9.12 -10.33 22.85
CA GLU A 83 -9.12 -9.12 22.03
C GLU A 83 -10.40 -9.05 21.22
N GLU A 84 -10.95 -7.85 21.08
CA GLU A 84 -12.18 -7.64 20.31
C GLU A 84 -11.91 -7.77 18.82
N ASN A 85 -11.30 -8.89 18.43
CA ASN A 85 -10.96 -9.16 17.04
C ASN A 85 -11.13 -10.65 16.75
N HIS A 86 -11.94 -11.33 17.57
CA HIS A 86 -12.18 -12.76 17.42
C HIS A 86 -10.88 -13.55 17.57
N TYR A 87 -10.08 -13.18 18.57
CA TYR A 87 -8.81 -13.85 18.82
C TYR A 87 -8.48 -13.85 20.32
N ASN A 88 -7.70 -14.83 20.74
CA ASN A 88 -7.30 -14.99 22.13
C ASN A 88 -5.87 -14.48 22.32
N THR A 89 -5.61 -13.92 23.49
CA THR A 89 -4.30 -13.40 23.82
C THR A 89 -3.79 -14.03 25.11
N TYR A 90 -2.52 -14.41 25.14
CA TYR A 90 -1.94 -15.03 26.32
C TYR A 90 -0.63 -14.33 26.67
N ILE A 91 -0.60 -13.71 27.84
CA ILE A 91 0.57 -12.97 28.27
C ILE A 91 1.49 -13.84 29.15
N SER A 92 2.70 -14.09 28.67
CA SER A 92 3.67 -14.88 29.41
C SER A 92 4.13 -14.10 30.64
N LYS A 93 3.31 -14.13 31.69
CA LYS A 93 3.62 -13.42 32.93
C LYS A 93 5.08 -13.61 33.33
N LYS A 94 5.62 -14.80 33.05
CA LYS A 94 7.02 -15.09 33.35
C LYS A 94 7.94 -14.02 32.75
N HIS A 95 7.52 -13.41 31.65
CA HIS A 95 8.31 -12.37 30.99
C HIS A 95 7.49 -11.10 30.75
N ALA A 96 6.30 -11.03 31.35
CA ALA A 96 5.43 -9.87 31.20
C ALA A 96 6.19 -8.59 31.53
N GLU A 97 7.16 -8.72 32.46
CA GLU A 97 7.99 -7.59 32.87
C GLU A 97 8.58 -6.87 31.65
N LYS A 98 8.88 -7.62 30.60
CA LYS A 98 9.43 -7.05 29.37
C LYS A 98 8.33 -6.79 28.34
N ASN A 99 7.08 -6.86 28.79
CA ASN A 99 5.93 -6.66 27.89
C ASN A 99 5.94 -7.69 26.77
N TRP A 100 6.39 -8.89 27.12
CA TRP A 100 6.48 -9.99 26.16
C TRP A 100 5.33 -10.99 26.35
N PHE A 101 4.59 -11.24 25.26
CA PHE A 101 3.48 -12.18 25.31
C PHE A 101 3.53 -13.14 24.11
N VAL A 102 3.70 -14.44 24.43
CA VAL A 102 3.80 -15.55 23.47
C VAL A 102 3.30 -15.21 22.06
N GLY A 103 4.21 -15.38 21.10
CA GLY A 103 3.91 -15.13 19.70
C GLY A 103 4.55 -16.17 18.80
N LEU A 104 3.78 -16.74 17.87
CA LEU A 104 4.31 -17.77 16.98
C LEU A 104 4.21 -17.35 15.52
N LYS A 105 5.00 -18.02 14.68
CA LYS A 105 5.02 -17.75 13.24
C LYS A 105 4.26 -18.85 12.51
N LYS A 106 3.05 -18.52 12.06
CA LYS A 106 2.19 -19.47 11.33
C LYS A 106 2.99 -20.31 10.33
N ASN A 107 3.87 -19.66 9.58
CA ASN A 107 4.69 -20.34 8.58
C ASN A 107 6.15 -20.41 9.02
N GLY A 108 6.37 -20.60 10.32
CA GLY A 108 7.73 -20.68 10.83
C GLY A 108 7.84 -21.55 12.06
N SER A 109 7.02 -21.24 13.07
CA SER A 109 6.98 -21.96 14.34
C SER A 109 6.81 -20.95 15.48
N CYS A 110 6.67 -21.43 16.70
CA CYS A 110 6.50 -20.54 17.85
C CYS A 110 7.85 -20.08 18.39
N LYS A 111 8.24 -18.85 18.06
CA LYS A 111 9.50 -18.28 18.52
C LYS A 111 9.67 -16.86 17.99
N ARG A 112 9.01 -15.93 18.66
CA ARG A 112 9.07 -14.53 18.29
C ARG A 112 9.04 -13.64 19.53
N GLY A 113 9.64 -14.12 20.63
CA GLY A 113 9.70 -13.33 21.86
C GLY A 113 10.20 -11.91 21.63
N PRO A 114 11.38 -11.71 20.98
CA PRO A 114 11.88 -10.35 20.70
C PRO A 114 10.87 -9.50 19.93
N ARG A 115 9.84 -10.16 19.37
CA ARG A 115 8.80 -9.47 18.60
C ARG A 115 7.40 -9.67 19.23
N THR A 116 7.34 -10.04 20.52
CA THR A 116 6.05 -10.25 21.19
C THR A 116 5.54 -8.98 21.87
N HIS A 117 5.21 -8.00 21.05
CA HIS A 117 4.69 -6.71 21.53
C HIS A 117 3.72 -6.18 20.48
N TYR A 118 3.58 -4.87 20.37
CA TYR A 118 2.67 -4.30 19.38
C TYR A 118 3.37 -4.23 18.03
N GLY A 119 2.83 -4.98 17.07
CA GLY A 119 3.40 -5.03 15.73
C GLY A 119 3.12 -6.37 15.09
N GLN A 120 3.40 -7.44 15.82
CA GLN A 120 3.15 -8.78 15.34
C GLN A 120 1.75 -9.18 15.75
N LYS A 121 0.90 -9.39 14.77
CA LYS A 121 -0.50 -9.75 15.03
C LYS A 121 -0.63 -11.24 15.38
N ALA A 122 0.39 -12.02 15.03
CA ALA A 122 0.40 -13.46 15.31
C ALA A 122 0.11 -13.77 16.78
N ILE A 123 0.21 -12.76 17.64
CA ILE A 123 -0.06 -12.93 19.07
C ILE A 123 -1.56 -13.13 19.33
N LEU A 124 -2.39 -12.74 18.37
CA LEU A 124 -3.84 -12.92 18.47
C LEU A 124 -4.21 -14.29 17.93
N PHE A 125 -4.20 -15.29 18.80
CA PHE A 125 -4.49 -16.66 18.43
C PHE A 125 -6.00 -16.91 18.31
N LEU A 126 -6.36 -17.80 17.39
CA LEU A 126 -7.75 -18.17 17.18
C LEU A 126 -7.97 -19.59 17.68
N PRO A 127 -8.66 -19.76 18.82
CA PRO A 127 -8.91 -21.06 19.42
C PRO A 127 -10.16 -21.75 18.87
N LEU A 128 -10.08 -23.06 18.72
CA LEU A 128 -11.20 -23.88 18.24
C LEU A 128 -11.38 -25.10 19.15
N PRO A 129 -11.39 -24.88 20.48
CA PRO A 129 -11.54 -25.96 21.47
C PRO A 129 -12.98 -26.40 21.66
N VAL A 130 -13.16 -27.66 22.06
CA VAL A 130 -14.48 -28.22 22.31
C VAL A 130 -14.97 -27.79 23.69
N SER A 131 -15.61 -26.63 23.74
CA SER A 131 -16.14 -26.10 24.99
C SER A 131 -17.31 -26.94 25.51
N SER A 132 -17.83 -26.55 26.67
CA SER A 132 -18.96 -27.24 27.28
C SER A 132 -20.20 -26.36 27.22
N ASP A 133 -20.66 -26.10 26.01
CA ASP A 133 -21.83 -25.26 25.79
C ASP A 133 -23.09 -26.11 25.66
N MET B 1 -17.54 -4.64 2.24
CA MET B 1 -18.03 -4.32 3.61
C MET B 1 -16.92 -3.64 4.40
N ALA B 2 -16.39 -4.34 5.40
CA ALA B 2 -15.29 -3.81 6.20
C ALA B 2 -13.99 -3.96 5.41
N ALA B 3 -12.86 -3.55 5.99
CA ALA B 3 -11.59 -3.64 5.31
C ALA B 3 -11.61 -2.67 4.13
N GLU B 4 -11.90 -1.41 4.44
CA GLU B 4 -11.99 -0.37 3.41
C GLU B 4 -10.61 0.18 3.05
N PRO B 5 -10.32 0.28 1.75
CA PRO B 5 -9.05 0.81 1.26
C PRO B 5 -8.99 2.33 1.35
N LEU B 6 -7.90 2.83 1.92
CA LEU B 6 -7.71 4.27 2.07
C LEU B 6 -6.96 4.82 0.87
N THR B 7 -6.56 6.09 0.95
CA THR B 7 -5.82 6.71 -0.15
C THR B 7 -4.41 6.11 -0.20
N GLU B 8 -3.77 6.21 -1.37
CA GLU B 8 -2.43 5.67 -1.57
C GLU B 8 -1.41 6.24 -0.57
N LEU B 9 -1.65 7.48 -0.11
CA LEU B 9 -0.76 8.13 0.83
C LEU B 9 -0.90 7.54 2.24
N GLU B 10 -2.11 7.17 2.64
CA GLU B 10 -2.35 6.52 3.93
C GLU B 10 -1.78 5.09 3.91
N GLU B 11 -1.96 4.40 2.76
CA GLU B 11 -1.41 3.06 2.52
C GLU B 11 0.09 3.06 2.81
N SER B 12 0.81 3.99 2.17
CA SER B 12 2.26 4.01 2.23
C SER B 12 2.80 4.45 3.59
N ILE B 13 2.19 5.42 4.29
CA ILE B 13 2.62 5.71 5.65
C ILE B 13 2.35 4.50 6.54
N GLU B 14 1.20 3.83 6.40
CA GLU B 14 0.94 2.66 7.23
C GLU B 14 2.03 1.61 7.00
N THR B 15 2.26 1.18 5.76
CA THR B 15 3.20 0.06 5.51
C THR B 15 4.58 0.30 6.15
N VAL B 16 5.08 1.54 6.12
CA VAL B 16 6.34 1.86 6.78
C VAL B 16 6.16 1.97 8.30
N VAL B 17 5.04 2.54 8.78
CA VAL B 17 4.75 2.65 10.21
C VAL B 17 4.68 1.24 10.84
N THR B 18 3.99 0.29 10.19
CA THR B 18 3.90 -1.07 10.74
C THR B 18 5.28 -1.75 10.75
N THR B 19 6.06 -1.54 9.68
CA THR B 19 7.41 -2.07 9.58
C THR B 19 8.29 -1.49 10.71
N PHE B 20 8.31 -0.16 10.84
CA PHE B 20 8.92 0.54 11.95
C PHE B 20 8.53 -0.15 13.26
N PHE B 21 7.22 -0.32 13.49
CA PHE B 21 6.73 -0.94 14.73
C PHE B 21 7.19 -2.40 14.91
N THR B 22 7.74 -3.00 13.87
CA THR B 22 8.24 -4.37 13.93
C THR B 22 9.56 -4.45 14.72
N PHE B 23 10.35 -3.38 14.66
CA PHE B 23 11.64 -3.33 15.35
C PHE B 23 11.59 -2.36 16.52
N ALA B 24 10.60 -1.46 16.49
CA ALA B 24 10.39 -0.43 17.50
C ALA B 24 10.16 -1.04 18.88
N ARG B 25 9.47 -2.19 18.91
CA ARG B 25 9.14 -2.85 20.18
C ARG B 25 10.06 -4.01 20.51
N GLN B 26 11.17 -4.16 19.79
CA GLN B 26 12.10 -5.26 20.03
C GLN B 26 12.59 -5.26 21.48
N GLU B 27 12.70 -4.06 22.06
CA GLU B 27 13.16 -3.89 23.44
C GLU B 27 12.33 -2.84 24.18
N GLY B 28 12.97 -2.19 25.17
CA GLY B 28 12.33 -1.12 25.94
C GLY B 28 11.73 0.01 25.08
N ARG B 29 10.44 0.30 25.39
CA ARG B 29 9.65 1.33 24.71
C ARG B 29 9.36 0.96 23.25
N LYS B 30 8.08 0.78 22.91
CA LYS B 30 7.68 0.41 21.55
C LYS B 30 7.50 1.63 20.64
N ASP B 31 8.40 2.60 20.79
CA ASP B 31 8.39 3.82 19.98
C ASP B 31 9.83 4.06 19.52
N SER B 32 10.75 4.04 20.47
CA SER B 32 12.15 4.26 20.22
C SER B 32 12.84 2.99 19.75
N LEU B 33 13.67 3.11 18.71
CA LEU B 33 14.66 2.10 18.36
C LEU B 33 15.92 2.42 19.16
N SER B 34 16.39 1.52 20.01
CA SER B 34 17.74 1.64 20.55
C SER B 34 18.75 1.10 19.55
N VAL B 35 20.05 1.15 19.89
CA VAL B 35 21.15 0.91 18.95
C VAL B 35 20.98 -0.40 18.17
N ASN B 36 20.86 -1.54 18.89
CA ASN B 36 20.67 -2.86 18.24
C ASN B 36 19.40 -2.84 17.38
N GLU B 37 18.29 -2.52 18.03
CA GLU B 37 16.99 -2.32 17.40
C GLU B 37 17.11 -1.61 16.05
N PHE B 38 17.82 -0.49 16.05
CA PHE B 38 18.04 0.32 14.87
C PHE B 38 18.83 -0.48 13.84
N LYS B 39 19.99 -1.02 14.25
CA LYS B 39 20.83 -1.81 13.37
C LYS B 39 20.06 -2.97 12.72
N GLU B 40 19.10 -3.54 13.46
CA GLU B 40 18.29 -4.66 12.96
C GLU B 40 17.49 -4.29 11.71
N LEU B 41 17.10 -3.02 11.56
CA LEU B 41 16.33 -2.59 10.40
C LEU B 41 17.20 -2.74 9.16
N VAL B 42 18.38 -2.11 9.21
CA VAL B 42 19.27 -1.99 8.08
C VAL B 42 19.79 -3.38 7.72
N THR B 43 20.32 -4.09 8.71
CA THR B 43 20.91 -5.41 8.51
C THR B 43 19.91 -6.45 7.96
N GLN B 44 18.62 -6.25 8.15
CA GLN B 44 17.63 -7.23 7.68
C GLN B 44 16.92 -6.82 6.40
N GLN B 45 16.13 -5.74 6.47
CA GLN B 45 15.35 -5.31 5.31
C GLN B 45 15.98 -4.18 4.50
N LEU B 46 17.31 -4.00 4.59
CA LEU B 46 17.95 -2.95 3.81
C LEU B 46 19.38 -3.34 3.40
N PRO B 47 19.51 -4.23 2.41
CA PRO B 47 20.79 -4.72 1.91
C PRO B 47 21.29 -4.02 0.64
N HIS B 48 20.45 -3.21 0.00
CA HIS B 48 20.84 -2.54 -1.23
C HIS B 48 20.93 -1.02 -1.06
N LEU B 49 19.81 -0.41 -0.64
CA LEU B 49 19.73 1.03 -0.43
C LEU B 49 20.94 1.59 0.30
N LEU B 50 21.09 1.21 1.57
CA LEU B 50 22.20 1.57 2.42
C LEU B 50 22.98 0.29 2.69
N LYS B 51 23.81 -0.08 1.70
CA LYS B 51 24.64 -1.29 1.76
C LYS B 51 25.76 -1.20 2.82
N ASP B 52 25.65 -0.25 3.73
CA ASP B 52 26.64 -0.08 4.79
C ASP B 52 26.14 -0.68 6.09
N VAL B 53 26.33 -1.99 6.25
CA VAL B 53 25.89 -2.70 7.45
C VAL B 53 27.01 -2.78 8.48
N GLY B 54 27.97 -1.86 8.40
CA GLY B 54 29.08 -1.87 9.33
C GLY B 54 29.29 -0.50 9.97
N SER B 55 28.93 0.56 9.25
CA SER B 55 29.08 1.92 9.74
C SER B 55 27.74 2.51 10.16
N LEU B 56 26.96 1.69 10.86
CA LEU B 56 25.65 2.06 11.35
C LEU B 56 25.82 3.15 12.40
N ASP B 57 26.94 3.17 13.12
CA ASP B 57 27.30 4.22 14.05
C ASP B 57 27.22 5.60 13.39
N GLU B 58 27.79 5.76 12.19
CA GLU B 58 27.74 6.99 11.43
C GLU B 58 26.29 7.41 11.22
N LYS B 59 25.46 6.51 10.69
CA LYS B 59 24.05 6.81 10.49
C LYS B 59 23.45 7.24 11.83
N MET B 60 23.65 6.45 12.89
CA MET B 60 23.12 6.71 14.21
C MET B 60 23.47 8.14 14.64
N LYS B 61 24.74 8.51 14.62
CA LYS B 61 25.15 9.88 14.97
C LYS B 61 24.49 10.91 14.05
N SER B 62 24.42 10.64 12.75
CA SER B 62 23.79 11.54 11.79
C SER B 62 22.29 11.71 12.06
N LEU B 63 21.64 10.68 12.63
CA LEU B 63 20.21 10.63 12.91
C LEU B 63 19.90 11.23 14.29
N ASP B 64 20.43 10.60 15.34
CA ASP B 64 20.15 10.93 16.73
C ASP B 64 20.90 12.21 17.12
N VAL B 65 20.41 13.36 16.65
CA VAL B 65 21.06 14.66 16.86
C VAL B 65 21.42 14.92 18.33
N ASN B 66 20.55 14.49 19.25
CA ASN B 66 20.72 14.66 20.69
C ASN B 66 21.58 13.56 21.32
N GLN B 67 21.90 12.50 20.57
CA GLN B 67 22.73 11.39 21.01
C GLN B 67 22.29 10.85 22.38
N ASP B 68 20.99 10.54 22.49
CA ASP B 68 20.40 9.91 23.66
C ASP B 68 20.47 8.38 23.53
N SER B 69 20.82 7.86 22.35
CA SER B 69 20.83 6.44 22.04
C SER B 69 19.41 5.86 22.02
N GLU B 70 18.44 6.72 21.71
CA GLU B 70 17.08 6.38 21.34
C GLU B 70 16.75 7.17 20.08
N LEU B 71 16.47 6.51 18.97
CA LEU B 71 15.83 7.16 17.84
C LEU B 71 14.33 7.10 18.14
N LYS B 72 13.76 8.14 18.77
CA LYS B 72 12.30 8.32 18.90
C LYS B 72 11.66 8.21 17.52
N PHE B 73 10.35 7.98 17.45
CA PHE B 73 9.58 7.86 16.20
C PHE B 73 10.07 8.86 15.13
N ASN B 74 10.02 10.15 15.47
CA ASN B 74 10.38 11.22 14.54
C ASN B 74 11.88 11.24 14.21
N GLU B 75 12.74 10.83 15.14
CA GLU B 75 14.18 10.76 14.90
C GLU B 75 14.46 9.62 13.93
N TYR B 76 13.99 8.42 14.26
CA TYR B 76 14.07 7.24 13.41
C TYR B 76 13.59 7.59 12.01
N TRP B 77 12.40 8.21 11.94
CA TRP B 77 11.76 8.62 10.71
C TRP B 77 12.76 9.28 9.76
N ARG B 78 13.72 10.07 10.25
CA ARG B 78 14.80 10.65 9.42
C ARG B 78 15.32 9.67 8.38
N LEU B 79 15.66 8.44 8.81
CA LEU B 79 16.17 7.40 7.94
C LEU B 79 15.31 7.29 6.68
N ILE B 80 13.98 7.31 6.82
CA ILE B 80 13.07 7.09 5.71
C ILE B 80 13.28 8.17 4.64
N GLY B 81 13.78 9.33 5.05
CA GLY B 81 14.07 10.43 4.15
C GLY B 81 15.30 10.12 3.36
N GLU B 82 16.30 9.60 4.05
CA GLU B 82 17.57 9.29 3.47
C GLU B 82 17.35 8.11 2.51
N LEU B 83 16.42 7.21 2.85
CA LEU B 83 15.98 6.14 1.96
C LEU B 83 15.30 6.71 0.71
N ALA B 84 14.20 7.46 0.92
CA ALA B 84 13.38 8.06 -0.13
C ALA B 84 14.20 9.00 -1.01
N LYS B 85 15.26 9.55 -0.45
CA LYS B 85 16.25 10.32 -1.18
C LYS B 85 17.13 9.34 -1.97
N GLU B 86 17.85 8.43 -1.31
CA GLU B 86 18.76 7.45 -1.92
C GLU B 86 18.16 6.77 -3.15
N ILE B 87 16.93 6.27 -3.08
CA ILE B 87 16.31 5.60 -4.22
C ILE B 87 16.36 6.42 -5.53
N ARG B 88 16.27 7.76 -5.42
CA ARG B 88 16.44 8.68 -6.53
C ARG B 88 17.92 9.06 -6.65
N LYS B 89 18.49 9.53 -5.54
CA LYS B 89 19.76 10.20 -5.43
C LYS B 89 20.93 9.30 -5.80
N LYS B 90 20.82 7.97 -5.69
CA LYS B 90 21.67 7.22 -4.78
C LYS B 90 23.08 7.81 -4.66
N LYS B 91 23.91 7.78 -5.70
CA LYS B 91 25.26 8.36 -5.68
C LYS B 91 25.47 9.23 -6.94
N ASP B 92 24.46 10.07 -7.24
CA ASP B 92 24.35 11.06 -8.32
C ASP B 92 25.50 12.07 -8.22
N LEU B 93 26.68 11.61 -8.58
CA LEU B 93 27.96 12.24 -8.38
C LEU B 93 28.99 11.33 -9.06
N LYS B 94 28.97 10.03 -8.74
CA LYS B 94 29.78 9.01 -9.40
C LYS B 94 28.91 7.94 -10.07
N ILE B 95 27.84 7.47 -9.39
CA ILE B 95 27.07 6.30 -9.80
C ILE B 95 25.57 6.57 -9.58
N ARG B 96 24.72 6.71 -10.61
CA ARG B 96 24.90 6.84 -12.06
C ARG B 96 23.54 7.01 -12.76
N MET C 1 15.44 6.05 -17.34
CA MET C 1 14.17 6.52 -17.91
C MET C 1 13.03 6.12 -16.98
N ALA C 2 12.84 4.82 -16.71
CA ALA C 2 11.82 4.34 -15.77
C ALA C 2 11.97 2.84 -15.48
N ALA C 3 12.18 2.48 -14.21
CA ALA C 3 11.65 1.30 -13.51
C ALA C 3 11.31 0.02 -14.30
N GLU C 4 12.18 -0.98 -14.30
CA GLU C 4 11.82 -2.41 -14.26
C GLU C 4 11.55 -2.79 -12.77
N PRO C 5 11.28 -4.10 -12.44
CA PRO C 5 11.02 -4.63 -11.09
C PRO C 5 11.49 -3.81 -9.90
N LEU C 6 10.59 -3.75 -8.91
CA LEU C 6 10.81 -3.02 -7.67
C LEU C 6 10.40 -3.89 -6.49
N THR C 7 11.01 -3.67 -5.32
CA THR C 7 10.66 -4.45 -4.14
C THR C 7 9.35 -3.93 -3.51
N GLU C 8 8.92 -4.57 -2.42
CA GLU C 8 7.68 -4.21 -1.73
C GLU C 8 7.57 -2.71 -1.43
N LEU C 9 8.64 -2.11 -0.89
CA LEU C 9 8.63 -0.68 -0.55
C LEU C 9 8.96 0.20 -1.75
N GLU C 10 9.69 -0.35 -2.71
CA GLU C 10 10.07 0.39 -3.91
C GLU C 10 8.82 0.64 -4.78
N GLU C 11 7.92 -0.35 -4.85
CA GLU C 11 6.65 -0.18 -5.55
C GLU C 11 5.88 0.99 -4.95
N SER C 12 5.71 0.99 -3.63
CA SER C 12 4.85 1.93 -2.95
C SER C 12 5.42 3.36 -2.91
N ILE C 13 6.74 3.53 -3.05
CA ILE C 13 7.30 4.86 -3.35
C ILE C 13 7.09 5.19 -4.84
N GLU C 14 7.12 4.22 -5.75
CA GLU C 14 6.80 4.47 -7.15
C GLU C 14 5.37 5.01 -7.29
N THR C 15 4.38 4.30 -6.76
CA THR C 15 2.97 4.60 -7.03
C THR C 15 2.64 6.08 -6.80
N VAL C 16 3.22 6.69 -5.76
CA VAL C 16 3.03 8.11 -5.50
C VAL C 16 3.82 8.99 -6.48
N VAL C 17 5.03 8.56 -6.88
CA VAL C 17 5.81 9.25 -7.91
C VAL C 17 5.04 9.26 -9.23
N THR C 18 4.38 8.14 -9.55
CA THR C 18 3.57 8.04 -10.77
C THR C 18 2.46 9.12 -10.79
N THR C 19 2.00 9.54 -9.60
CA THR C 19 1.00 10.62 -9.49
C THR C 19 1.68 11.92 -9.85
N PHE C 20 2.83 12.13 -9.19
CA PHE C 20 3.72 13.26 -9.43
C PHE C 20 3.97 13.42 -10.93
N PHE C 21 4.41 12.33 -11.55
CA PHE C 21 4.76 12.27 -12.98
C PHE C 21 3.60 12.57 -13.93
N THR C 22 2.35 12.36 -13.50
CA THR C 22 1.22 12.62 -14.39
C THR C 22 0.55 13.96 -14.08
N PHE C 23 1.16 14.73 -13.20
CA PHE C 23 0.63 16.03 -12.84
C PHE C 23 1.64 17.12 -13.21
N ALA C 24 2.92 16.77 -13.19
CA ALA C 24 3.98 17.70 -13.51
C ALA C 24 4.27 17.77 -15.00
N ARG C 25 3.69 16.85 -15.77
CA ARG C 25 3.86 16.84 -17.23
C ARG C 25 2.85 17.78 -17.93
N GLN C 26 2.16 18.62 -17.15
CA GLN C 26 1.14 19.54 -17.69
C GLN C 26 1.74 20.60 -18.62
N GLU C 27 2.31 21.67 -18.04
CA GLU C 27 2.95 22.74 -18.83
C GLU C 27 4.32 22.23 -19.26
N GLY C 28 5.42 22.87 -18.83
CA GLY C 28 6.69 22.27 -19.16
C GLY C 28 6.85 20.96 -18.40
N ARG C 29 7.75 20.10 -18.89
CA ARG C 29 8.70 19.36 -18.06
C ARG C 29 8.07 18.59 -16.90
N LYS C 30 8.02 17.25 -17.07
CA LYS C 30 7.44 16.31 -16.09
C LYS C 30 8.36 16.07 -14.88
N ASP C 31 9.64 16.36 -15.05
CA ASP C 31 10.63 16.18 -13.98
C ASP C 31 10.56 17.28 -12.90
N SER C 32 9.84 18.39 -13.13
CA SER C 32 9.68 19.45 -12.14
C SER C 32 8.20 19.84 -11.97
N LEU C 33 7.78 20.06 -10.73
CA LEU C 33 6.47 20.65 -10.47
C LEU C 33 6.52 22.13 -10.85
N SER C 34 5.47 22.56 -11.55
CA SER C 34 5.24 23.89 -12.05
C SER C 34 3.94 24.42 -11.37
N VAL C 35 3.67 25.73 -11.37
CA VAL C 35 2.60 26.27 -10.51
C VAL C 35 1.32 26.52 -11.29
N ASN C 36 0.92 25.49 -12.03
CA ASN C 36 -0.43 25.06 -12.29
C ASN C 36 -0.31 23.58 -12.65
N GLU C 37 0.31 22.94 -11.65
CA GLU C 37 0.60 21.51 -11.54
C GLU C 37 0.65 21.23 -10.02
N PHE C 38 1.32 22.15 -9.31
CA PHE C 38 1.41 22.15 -7.87
C PHE C 38 0.06 22.52 -7.25
N LYS C 39 -0.46 23.71 -7.59
CA LYS C 39 -1.71 24.15 -6.98
C LYS C 39 -2.85 23.17 -7.30
N GLU C 40 -2.83 22.62 -8.51
CA GLU C 40 -3.83 21.62 -8.92
C GLU C 40 -3.65 20.33 -8.12
N LEU C 41 -2.40 20.03 -7.74
CA LEU C 41 -2.08 18.82 -6.98
C LEU C 41 -2.65 18.92 -5.56
N VAL C 42 -2.38 20.03 -4.88
CA VAL C 42 -2.89 20.24 -3.54
C VAL C 42 -4.41 20.36 -3.55
N THR C 43 -4.96 21.11 -4.48
CA THR C 43 -6.41 21.31 -4.56
C THR C 43 -7.19 20.03 -4.90
N GLN C 44 -6.56 19.08 -5.59
CA GLN C 44 -7.25 17.86 -5.99
C GLN C 44 -6.82 16.62 -5.19
N GLN C 45 -5.53 16.34 -5.18
CA GLN C 45 -5.00 15.15 -4.50
C GLN C 45 -4.86 15.34 -3.00
N LEU C 46 -4.47 16.53 -2.55
CA LEU C 46 -4.29 16.78 -1.10
C LEU C 46 -5.18 17.91 -0.58
N PRO C 47 -6.53 17.78 -0.72
CA PRO C 47 -7.44 18.82 -0.25
C PRO C 47 -7.89 18.59 1.20
N HIS C 48 -7.78 17.35 1.65
CA HIS C 48 -8.16 16.98 3.00
C HIS C 48 -6.91 16.83 3.88
N LEU C 49 -5.90 16.17 3.34
CA LEU C 49 -4.64 15.97 4.04
C LEU C 49 -3.97 17.32 4.29
N LEU C 50 -3.84 18.09 3.22
CA LEU C 50 -3.26 19.43 3.33
C LEU C 50 -4.38 20.46 3.33
N LYS C 51 -4.73 20.92 4.53
CA LYS C 51 -5.79 21.90 4.70
C LYS C 51 -5.25 23.32 4.54
N ASP C 52 -4.53 23.55 3.45
CA ASP C 52 -3.95 24.85 3.15
C ASP C 52 -3.77 25.00 1.65
N VAL C 53 -4.86 24.82 0.91
CA VAL C 53 -4.84 24.93 -0.55
C VAL C 53 -4.87 26.38 -1.01
N GLY C 54 -5.23 27.27 -0.08
CA GLY C 54 -5.31 28.69 -0.42
C GLY C 54 -4.02 29.41 -0.10
N SER C 55 -3.16 28.75 0.69
CA SER C 55 -1.87 29.33 1.07
C SER C 55 -0.72 28.47 0.56
N LEU C 56 -0.91 27.87 -0.62
CA LEU C 56 0.11 27.06 -1.26
C LEU C 56 1.38 27.87 -1.42
N ASP C 57 1.25 29.10 -1.93
CA ASP C 57 2.30 30.04 -2.25
C ASP C 57 3.37 30.10 -1.13
N GLU C 58 2.95 30.09 0.14
CA GLU C 58 3.86 30.06 1.28
C GLU C 58 4.66 28.75 1.27
N LYS C 59 3.95 27.63 1.11
CA LYS C 59 4.58 26.31 1.05
C LYS C 59 5.57 26.27 -0.10
N MET C 60 5.13 26.76 -1.27
CA MET C 60 5.95 26.86 -2.45
C MET C 60 7.25 27.61 -2.12
N LYS C 61 7.15 28.82 -1.56
CA LYS C 61 8.32 29.59 -1.20
C LYS C 61 9.22 28.80 -0.24
N SER C 62 8.62 28.15 0.76
CA SER C 62 9.34 27.34 1.73
C SER C 62 10.04 26.14 1.06
N LEU C 63 9.39 25.53 0.07
CA LEU C 63 9.86 24.36 -0.66
C LEU C 63 11.04 24.76 -1.55
N ASP C 64 10.80 25.72 -2.44
CA ASP C 64 11.59 26.00 -3.64
C ASP C 64 13.07 26.32 -3.43
N VAL C 65 13.49 26.58 -2.18
CA VAL C 65 14.30 27.70 -1.67
C VAL C 65 15.42 28.28 -2.54
N ASN C 66 15.95 27.55 -3.53
CA ASN C 66 16.74 28.22 -4.57
C ASN C 66 15.90 29.29 -5.28
N GLN C 67 14.57 29.13 -5.26
CA GLN C 67 13.59 30.09 -5.74
C GLN C 67 13.66 30.26 -7.26
N ASP C 68 14.25 29.27 -7.96
CA ASP C 68 14.15 29.18 -9.41
C ASP C 68 12.69 28.99 -9.85
N SER C 69 11.82 28.59 -8.91
CA SER C 69 10.40 28.35 -9.16
C SER C 69 10.14 27.13 -10.04
N GLU C 70 11.17 26.32 -10.30
CA GLU C 70 11.00 24.92 -10.61
C GLU C 70 11.03 24.20 -9.26
N LEU C 71 9.89 23.66 -8.84
CA LEU C 71 9.85 22.83 -7.64
C LEU C 71 10.54 21.51 -8.05
N LYS C 72 11.79 21.38 -7.63
CA LYS C 72 12.75 20.48 -8.26
C LYS C 72 12.55 19.05 -7.75
N PHE C 73 13.25 18.09 -8.35
CA PHE C 73 13.12 16.66 -8.09
C PHE C 73 13.91 16.35 -6.81
N ASN C 74 13.30 16.80 -5.71
CA ASN C 74 13.71 16.90 -4.31
C ASN C 74 14.15 18.34 -4.04
N GLU C 75 13.36 19.33 -4.43
CA GLU C 75 12.66 20.22 -3.51
C GLU C 75 11.29 19.61 -3.19
N TYR C 76 10.48 19.44 -4.25
CA TYR C 76 9.07 19.06 -4.23
C TYR C 76 8.79 18.01 -3.16
N TRP C 77 9.58 16.93 -3.23
CA TRP C 77 9.40 15.73 -2.44
C TRP C 77 9.06 16.04 -0.98
N ARG C 78 9.71 17.07 -0.41
CA ARG C 78 9.44 17.56 0.94
C ARG C 78 7.94 17.55 1.26
N LEU C 79 7.11 18.02 0.33
CA LEU C 79 5.66 18.09 0.49
C LEU C 79 5.09 16.76 1.01
N ILE C 80 5.44 15.65 0.37
CA ILE C 80 4.97 14.32 0.73
C ILE C 80 5.38 14.05 2.20
N GLY C 81 6.49 14.64 2.62
CA GLY C 81 7.04 14.60 3.96
C GLY C 81 6.19 15.31 4.96
N GLU C 82 5.75 16.49 4.54
CA GLU C 82 4.96 17.34 5.38
C GLU C 82 3.62 16.65 5.55
N LEU C 83 2.96 16.17 4.48
CA LEU C 83 1.78 15.33 4.68
C LEU C 83 2.09 14.11 5.57
N ALA C 84 3.20 13.41 5.31
CA ALA C 84 3.57 12.22 6.06
C ALA C 84 3.62 12.53 7.57
N LYS C 85 4.31 13.59 7.99
CA LYS C 85 4.30 13.95 9.40
C LYS C 85 2.92 14.49 9.80
N GLU C 86 2.24 15.32 8.99
CA GLU C 86 0.97 15.99 9.31
C GLU C 86 -0.02 15.04 9.98
N ILE C 87 -0.17 13.83 9.44
CA ILE C 87 -1.07 12.83 10.00
C ILE C 87 -0.83 12.64 11.51
N ARG C 88 0.45 12.64 11.92
CA ARG C 88 0.91 12.65 13.31
C ARG C 88 0.91 14.07 13.89
N LYS C 89 1.28 15.08 13.10
CA LYS C 89 1.72 16.38 13.55
C LYS C 89 0.78 17.49 13.07
N LYS C 90 -0.36 17.62 13.77
CA LYS C 90 -1.44 18.58 13.53
C LYS C 90 -0.93 19.96 13.08
N LYS C 91 -0.02 20.61 13.84
CA LYS C 91 0.51 21.93 13.45
C LYS C 91 1.91 22.21 14.02
N ASP C 92 2.45 21.30 14.83
CA ASP C 92 3.29 21.65 15.96
C ASP C 92 4.77 21.65 15.55
N LEU C 93 5.10 22.31 14.43
CA LEU C 93 6.46 22.36 13.90
C LEU C 93 7.22 23.58 14.39
N ILE C 95 9.80 25.93 14.30
CA ILE C 95 11.17 26.18 13.85
C ILE C 95 11.40 27.56 13.21
N ARG C 96 12.64 28.04 13.33
CA ARG C 96 13.16 29.28 12.77
C ARG C 96 14.67 29.20 12.94
N LYS C 97 15.46 29.39 11.87
CA LYS C 97 16.86 28.98 11.83
C LYS C 97 17.40 29.48 10.49
N LYS C 98 18.50 30.24 10.53
CA LYS C 98 19.31 30.58 9.36
C LYS C 98 20.56 29.70 9.44
N TYR D 1 -19.66 -8.96 -38.50
CA TYR D 1 -20.94 -8.22 -38.38
C TYR D 1 -20.70 -6.85 -37.76
N LYS D 2 -19.98 -5.99 -38.49
CA LYS D 2 -19.67 -4.65 -38.00
C LYS D 2 -20.94 -3.94 -37.52
N LYS D 3 -21.05 -3.79 -36.21
CA LYS D 3 -22.21 -3.15 -35.60
C LYS D 3 -21.83 -2.62 -34.20
N PRO D 4 -22.81 -2.11 -33.42
CA PRO D 4 -22.62 -1.58 -32.08
C PRO D 4 -21.32 -2.04 -31.42
N LYS D 5 -20.35 -1.13 -31.36
CA LYS D 5 -19.06 -1.41 -30.74
C LYS D 5 -19.06 -0.91 -29.30
N LEU D 6 -19.16 -1.83 -28.35
CA LEU D 6 -19.16 -1.48 -26.93
C LEU D 6 -17.74 -1.30 -26.43
N LEU D 7 -17.51 -0.22 -25.67
CA LEU D 7 -16.19 0.07 -25.13
C LEU D 7 -16.29 0.67 -23.73
N TYR D 8 -15.43 0.21 -22.83
CA TYR D 8 -15.41 0.70 -21.45
C TYR D 8 -14.05 0.42 -20.82
N CYS D 9 -13.81 0.93 -19.62
CA CYS D 9 -12.54 0.70 -18.94
C CYS D 9 -12.72 0.66 -17.42
N SER D 10 -11.68 0.17 -16.73
CA SER D 10 -11.68 0.05 -15.29
C SER D 10 -12.54 -1.14 -14.87
N ASN D 11 -11.92 -2.09 -14.18
CA ASN D 11 -12.62 -3.29 -13.73
C ASN D 11 -13.91 -2.91 -13.01
N GLY D 12 -15.01 -3.48 -13.46
CA GLY D 12 -16.30 -3.19 -12.85
C GLY D 12 -17.37 -2.93 -13.89
N GLY D 13 -18.55 -3.49 -13.67
CA GLY D 13 -19.65 -3.30 -14.59
C GLY D 13 -19.95 -1.84 -14.85
N HIS D 14 -19.55 -1.36 -16.03
CA HIS D 14 -19.77 0.03 -16.44
C HIS D 14 -19.53 0.16 -17.93
N PHE D 15 -20.54 0.61 -18.67
CA PHE D 15 -20.42 0.78 -20.12
C PHE D 15 -20.60 2.24 -20.52
N LEU D 16 -19.97 2.63 -21.61
CA LEU D 16 -20.06 4.01 -22.09
C LEU D 16 -21.42 4.24 -22.74
N ARG D 17 -22.34 4.88 -22.01
CA ARG D 17 -23.66 5.15 -22.54
C ARG D 17 -23.71 6.56 -23.11
N ILE D 18 -23.76 6.65 -24.42
CA ILE D 18 -23.79 7.94 -25.11
C ILE D 18 -25.21 8.43 -25.30
N LEU D 19 -25.40 9.74 -25.17
CA LEU D 19 -26.70 10.37 -25.34
C LEU D 19 -26.57 11.56 -26.28
N PRO D 20 -27.56 11.76 -27.18
CA PRO D 20 -27.56 12.86 -28.15
C PRO D 20 -27.18 14.20 -27.51
N ASP D 21 -27.52 14.34 -26.22
CA ASP D 21 -27.21 15.55 -25.47
C ASP D 21 -25.70 15.80 -25.44
N GLY D 22 -24.93 14.74 -25.22
CA GLY D 22 -23.49 14.86 -25.15
C GLY D 22 -22.93 14.30 -23.86
N THR D 23 -23.69 14.42 -22.78
CA THR D 23 -23.25 13.93 -21.48
C THR D 23 -23.26 12.39 -21.43
N VAL D 24 -22.17 11.80 -21.90
CA VAL D 24 -22.01 10.35 -21.90
C VAL D 24 -21.45 9.88 -20.56
N ASP D 25 -22.07 8.87 -19.96
CA ASP D 25 -21.62 8.33 -18.69
C ASP D 25 -21.38 6.82 -18.77
N GLY D 26 -20.69 6.29 -17.76
CA GLY D 26 -20.40 4.87 -17.72
C GLY D 26 -21.53 4.05 -17.13
N THR D 27 -22.66 4.03 -17.83
CA THR D 27 -23.83 3.28 -17.38
C THR D 27 -23.58 1.78 -17.44
N ARG D 28 -23.85 1.08 -16.34
CA ARG D 28 -23.64 -0.35 -16.31
C ARG D 28 -24.93 -1.08 -16.65
N ASP D 29 -25.36 -0.94 -17.90
CA ASP D 29 -26.57 -1.58 -18.38
C ASP D 29 -26.46 -1.92 -19.86
N ARG D 30 -27.18 -2.95 -20.28
CA ARG D 30 -27.17 -3.38 -21.68
C ARG D 30 -28.60 -3.65 -22.16
N SER D 31 -29.57 -3.03 -21.48
CA SER D 31 -30.98 -3.19 -21.81
C SER D 31 -31.39 -2.11 -22.81
N ASP D 32 -30.95 -0.89 -22.57
CA ASP D 32 -31.28 0.23 -23.45
C ASP D 32 -30.17 0.45 -24.47
N GLN D 33 -30.52 0.49 -25.75
CA GLN D 33 -29.54 0.67 -26.81
C GLN D 33 -28.95 2.08 -26.79
N HIS D 34 -28.06 2.34 -25.85
CA HIS D 34 -27.40 3.64 -25.75
C HIS D 34 -25.94 3.51 -25.30
N ILE D 35 -25.39 2.29 -25.40
CA ILE D 35 -24.01 2.05 -25.00
C ILE D 35 -23.24 1.39 -26.16
N GLN D 36 -23.44 1.90 -27.36
CA GLN D 36 -22.78 1.37 -28.54
C GLN D 36 -22.34 2.49 -29.47
N LEU D 37 -21.09 2.40 -29.93
CA LEU D 37 -20.53 3.39 -30.84
C LEU D 37 -19.95 2.69 -32.06
N GLN D 38 -19.88 3.38 -33.19
CA GLN D 38 -19.34 2.81 -34.40
C GLN D 38 -17.83 3.04 -34.48
N LEU D 39 -17.09 2.32 -33.65
CA LEU D 39 -15.64 2.42 -33.63
C LEU D 39 -15.04 1.71 -34.85
N SER D 40 -14.18 2.41 -35.57
CA SER D 40 -13.54 1.85 -36.75
C SER D 40 -12.28 2.65 -37.11
N ALA D 41 -11.36 1.99 -37.81
CA ALA D 41 -10.13 2.63 -38.24
C ALA D 41 -10.37 3.39 -39.53
N GLU D 42 -10.49 4.71 -39.44
CA GLU D 42 -10.73 5.54 -40.60
C GLU D 42 -9.48 5.61 -41.47
N SER D 43 -8.38 6.01 -40.87
CA SER D 43 -7.11 6.12 -41.58
C SER D 43 -6.10 5.14 -40.99
N VAL D 44 -4.92 5.05 -41.59
CA VAL D 44 -3.87 4.15 -41.11
C VAL D 44 -3.58 4.39 -39.63
N GLY D 45 -4.24 3.62 -38.77
CA GLY D 45 -4.05 3.75 -37.34
C GLY D 45 -5.00 4.74 -36.69
N GLU D 46 -5.65 5.59 -37.49
CA GLU D 46 -6.57 6.58 -36.98
C GLU D 46 -7.98 6.01 -36.84
N VAL D 47 -8.41 5.80 -35.61
CA VAL D 47 -9.73 5.26 -35.34
C VAL D 47 -10.67 6.36 -34.85
N TYR D 48 -11.92 6.30 -35.27
CA TYR D 48 -12.90 7.30 -34.89
C TYR D 48 -14.01 6.67 -34.03
N ILE D 49 -14.54 7.47 -33.12
CA ILE D 49 -15.60 7.04 -32.23
C ILE D 49 -16.88 7.82 -32.54
N LYS D 50 -17.79 7.16 -33.24
CA LYS D 50 -19.05 7.78 -33.62
C LYS D 50 -20.23 6.88 -33.28
N SER D 51 -21.05 7.32 -32.34
CA SER D 51 -22.23 6.57 -31.93
C SER D 51 -23.39 6.85 -32.90
N THR D 52 -23.16 6.52 -34.17
CA THR D 52 -24.13 6.75 -35.22
C THR D 52 -25.49 6.14 -34.90
N GLU D 53 -25.56 4.82 -34.93
CA GLU D 53 -26.83 4.11 -34.69
C GLU D 53 -27.12 3.96 -33.20
N THR D 54 -27.16 5.08 -32.47
CA THR D 54 -27.44 5.04 -31.03
C THR D 54 -27.32 6.41 -30.37
N GLY D 55 -26.31 7.19 -30.74
CA GLY D 55 -26.14 8.48 -30.11
C GLY D 55 -25.67 9.57 -31.06
N GLN D 56 -24.43 10.01 -30.87
CA GLN D 56 -23.86 11.09 -31.65
C GLN D 56 -22.37 10.87 -31.92
N TYR D 57 -21.75 11.84 -32.59
CA TYR D 57 -20.33 11.79 -32.90
C TYR D 57 -19.54 12.45 -31.78
N LEU D 58 -18.36 11.94 -31.48
CA LEU D 58 -17.53 12.51 -30.42
C LEU D 58 -16.75 13.72 -30.90
N ALA D 59 -16.41 14.59 -29.96
CA ALA D 59 -15.65 15.80 -30.23
C ALA D 59 -15.01 16.30 -28.93
N MET D 60 -13.85 15.74 -28.61
CA MET D 60 -13.12 16.09 -27.40
C MET D 60 -12.94 17.59 -27.26
N ASP D 61 -13.02 18.06 -26.02
CA ASP D 61 -12.83 19.48 -25.72
C ASP D 61 -11.37 19.70 -25.35
N THR D 62 -10.54 19.85 -26.38
CA THR D 62 -9.11 20.06 -26.17
C THR D 62 -8.51 18.87 -25.42
N ASP D 63 -9.04 17.67 -25.68
CA ASP D 63 -8.61 16.44 -25.01
C ASP D 63 -9.01 16.46 -23.54
N GLY D 64 -8.64 17.54 -22.84
CA GLY D 64 -8.98 17.70 -21.43
C GLY D 64 -10.31 17.08 -21.07
N LEU D 65 -11.37 17.50 -21.74
CA LEU D 65 -12.71 16.97 -21.49
C LEU D 65 -13.21 16.26 -22.73
N LEU D 66 -13.75 15.06 -22.54
CA LEU D 66 -14.26 14.28 -23.66
C LEU D 66 -15.77 14.45 -23.79
N TYR D 67 -16.22 14.79 -24.99
CA TYR D 67 -17.64 14.97 -25.25
C TYR D 67 -17.95 14.71 -26.72
N GLY D 68 -19.22 14.79 -27.09
CA GLY D 68 -19.61 14.57 -28.47
C GLY D 68 -21.09 14.77 -28.66
N SER D 69 -21.48 15.32 -29.82
CA SER D 69 -22.89 15.57 -30.12
C SER D 69 -23.04 16.38 -31.40
N GLN D 70 -22.51 17.60 -31.39
CA GLN D 70 -22.63 18.51 -32.53
C GLN D 70 -21.94 17.97 -33.78
N THR D 71 -20.62 17.96 -33.79
CA THR D 71 -19.87 17.49 -34.96
C THR D 71 -18.62 16.70 -34.57
N PRO D 72 -18.24 15.70 -35.40
CA PRO D 72 -17.05 14.89 -35.16
C PRO D 72 -15.78 15.64 -35.55
N ASN D 73 -15.42 16.64 -34.75
CA ASN D 73 -14.24 17.44 -35.01
C ASN D 73 -12.97 16.60 -34.93
N GLU D 74 -11.90 17.06 -35.58
CA GLU D 74 -10.61 16.33 -35.59
C GLU D 74 -10.26 15.82 -34.19
N GLU D 75 -10.67 16.56 -33.16
CA GLU D 75 -10.45 16.14 -31.78
C GLU D 75 -10.85 14.68 -31.57
N CYS D 76 -11.78 14.19 -32.39
CA CYS D 76 -12.28 12.82 -32.30
C CYS D 76 -11.38 11.79 -33.01
N LEU D 77 -10.26 12.23 -33.59
CA LEU D 77 -9.36 11.30 -34.28
C LEU D 77 -8.33 10.75 -33.30
N PHE D 78 -8.33 9.44 -33.12
CA PHE D 78 -7.39 8.79 -32.19
C PHE D 78 -6.62 7.66 -32.85
N LEU D 79 -5.38 7.50 -32.43
CA LEU D 79 -4.51 6.44 -32.95
C LEU D 79 -4.80 5.13 -32.23
N GLU D 80 -5.12 4.09 -32.98
CA GLU D 80 -5.43 2.78 -32.40
C GLU D 80 -4.17 2.07 -31.91
N ARG D 81 -4.10 1.86 -30.59
CA ARG D 81 -2.96 1.18 -29.98
C ARG D 81 -3.46 0.06 -29.08
N LEU D 82 -2.66 -0.99 -28.93
CA LEU D 82 -3.04 -2.14 -28.11
C LEU D 82 -2.00 -2.37 -27.01
N GLU D 83 -2.46 -2.71 -25.81
CA GLU D 83 -1.57 -2.97 -24.70
C GLU D 83 -1.65 -4.45 -24.31
N GLU D 84 -0.51 -5.03 -23.96
CA GLU D 84 -0.45 -6.44 -23.57
C GLU D 84 -1.06 -6.63 -22.18
N ASN D 85 -2.29 -6.15 -22.01
CA ASN D 85 -3.01 -6.25 -20.75
C ASN D 85 -4.51 -6.48 -21.02
N HIS D 86 -4.81 -6.99 -22.21
CA HIS D 86 -6.21 -7.24 -22.61
C HIS D 86 -7.02 -5.95 -22.63
N TYR D 87 -6.41 -4.89 -23.17
CA TYR D 87 -7.07 -3.59 -23.25
C TYR D 87 -6.63 -2.82 -24.49
N ASN D 88 -7.51 -1.94 -24.96
CA ASN D 88 -7.25 -1.12 -26.14
C ASN D 88 -6.83 0.28 -25.73
N THR D 89 -5.95 0.89 -26.53
CA THR D 89 -5.46 2.23 -26.26
C THR D 89 -5.71 3.12 -27.48
N TYR D 90 -6.17 4.33 -27.25
CA TYR D 90 -6.44 5.27 -28.34
C TYR D 90 -5.77 6.61 -28.05
N ILE D 91 -4.82 6.98 -28.89
CA ILE D 91 -4.09 8.23 -28.70
C ILE D 91 -4.71 9.36 -29.49
N SER D 92 -5.20 10.38 -28.79
CA SER D 92 -5.80 11.54 -29.43
C SER D 92 -4.72 12.34 -30.15
N LYS D 93 -4.34 11.89 -31.34
CA LYS D 93 -3.31 12.55 -32.13
C LYS D 93 -3.50 14.06 -32.12
N LYS D 94 -4.75 14.51 -32.10
CA LYS D 94 -5.05 15.95 -32.06
C LYS D 94 -4.30 16.63 -30.91
N HIS D 95 -4.03 15.87 -29.84
CA HIS D 95 -3.31 16.41 -28.68
C HIS D 95 -2.12 15.54 -28.29
N ALA D 96 -1.77 14.57 -29.16
CA ALA D 96 -0.64 13.69 -28.90
C ALA D 96 0.60 14.51 -28.57
N GLU D 97 0.69 15.70 -29.15
CA GLU D 97 1.81 16.60 -28.91
C GLU D 97 2.07 16.78 -27.41
N LYS D 98 1.01 16.76 -26.61
CA LYS D 98 1.14 16.94 -25.15
C LYS D 98 1.13 15.60 -24.42
N ASN D 99 1.27 14.51 -25.20
CA ASN D 99 1.28 13.15 -24.65
C ASN D 99 -0.06 12.83 -24.00
N TRP D 100 -1.13 13.27 -24.64
CA TRP D 100 -2.49 13.06 -24.14
C TRP D 100 -3.25 12.03 -24.96
N PHE D 101 -3.79 11.02 -24.28
CA PHE D 101 -4.58 10.00 -24.96
C PHE D 101 -5.85 9.67 -24.17
N VAL D 102 -7.00 9.90 -24.83
CA VAL D 102 -8.36 9.70 -24.30
C VAL D 102 -8.43 8.83 -23.04
N GLY D 103 -8.97 9.41 -21.98
CA GLY D 103 -9.14 8.70 -20.72
C GLY D 103 -10.46 9.06 -20.07
N LEU D 104 -11.22 8.05 -19.63
CA LEU D 104 -12.52 8.30 -19.00
C LEU D 104 -12.56 7.77 -17.57
N LYS D 105 -13.52 8.28 -16.81
CA LYS D 105 -13.72 7.87 -15.42
C LYS D 105 -14.91 6.94 -15.31
N LYS D 106 -14.63 5.65 -15.14
CA LYS D 106 -15.66 4.61 -15.03
C LYS D 106 -16.84 5.08 -14.17
N ASN D 107 -16.54 5.70 -13.04
CA ASN D 107 -17.57 6.19 -12.12
C ASN D 107 -17.64 7.72 -12.14
N GLY D 108 -17.43 8.32 -13.31
CA GLY D 108 -17.48 9.76 -13.41
C GLY D 108 -17.94 10.24 -14.78
N SER D 109 -17.26 9.74 -15.83
CA SER D 109 -17.55 10.08 -17.22
C SER D 109 -16.21 10.25 -17.96
N CYS D 110 -16.28 10.48 -19.27
CA CYS D 110 -15.08 10.65 -20.07
C CYS D 110 -14.60 12.10 -20.03
N LYS D 111 -13.57 12.37 -19.23
CA LYS D 111 -13.01 13.71 -19.10
C LYS D 111 -11.84 13.72 -18.12
N ARG D 112 -10.68 13.27 -18.60
CA ARG D 112 -9.47 13.20 -17.78
C ARG D 112 -8.23 13.52 -18.60
N GLY D 113 -8.42 14.35 -19.62
CA GLY D 113 -7.34 14.76 -20.51
C GLY D 113 -6.11 15.34 -19.81
N PRO D 114 -6.26 16.21 -18.78
CA PRO D 114 -5.10 16.78 -18.07
C PRO D 114 -4.35 15.75 -17.23
N ARG D 115 -4.78 14.49 -17.29
CA ARG D 115 -4.14 13.42 -16.53
C ARG D 115 -3.99 12.15 -17.39
N THR D 116 -4.06 12.32 -18.72
CA THR D 116 -3.95 11.19 -19.63
C THR D 116 -2.50 10.82 -19.94
N HIS D 117 -1.86 10.11 -19.00
CA HIS D 117 -0.48 9.68 -19.14
C HIS D 117 -0.30 8.33 -18.47
N TYR D 118 0.93 8.01 -18.05
CA TYR D 118 1.17 6.73 -17.39
C TYR D 118 0.90 6.83 -15.90
N GLY D 119 -0.37 7.03 -15.57
CA GLY D 119 -0.81 7.14 -14.18
C GLY D 119 -2.21 6.62 -14.05
N GLN D 120 -3.12 7.18 -14.87
CA GLN D 120 -4.50 6.76 -14.87
C GLN D 120 -4.63 5.54 -15.78
N LYS D 121 -4.99 4.40 -15.20
CA LYS D 121 -5.09 3.15 -15.95
C LYS D 121 -6.37 3.12 -16.80
N ALA D 122 -7.32 3.99 -16.48
CA ALA D 122 -8.59 4.07 -17.21
C ALA D 122 -8.37 4.23 -18.73
N ILE D 123 -7.15 4.60 -19.12
CA ILE D 123 -6.82 4.75 -20.53
C ILE D 123 -6.87 3.40 -21.26
N LEU D 124 -6.68 2.32 -20.50
CA LEU D 124 -6.71 0.98 -21.07
C LEU D 124 -8.15 0.48 -21.15
N PHE D 125 -8.80 0.78 -22.26
CA PHE D 125 -10.20 0.41 -22.46
C PHE D 125 -10.35 -1.05 -22.86
N LEU D 126 -11.46 -1.65 -22.45
CA LEU D 126 -11.77 -3.03 -22.77
C LEU D 126 -12.94 -3.06 -23.75
N PRO D 127 -12.67 -3.38 -25.02
CA PRO D 127 -13.69 -3.42 -26.07
C PRO D 127 -14.42 -4.76 -26.16
N LEU D 128 -15.71 -4.69 -26.43
CA LEU D 128 -16.55 -5.87 -26.59
C LEU D 128 -17.40 -5.76 -27.87
N PRO D 129 -16.76 -5.39 -29.00
CA PRO D 129 -17.45 -5.21 -30.28
C PRO D 129 -17.69 -6.52 -31.02
N VAL D 130 -18.74 -6.54 -31.84
CA VAL D 130 -19.08 -7.73 -32.62
C VAL D 130 -18.19 -7.80 -33.87
N SER D 131 -17.03 -8.42 -33.72
CA SER D 131 -16.09 -8.57 -34.81
C SER D 131 -16.61 -9.51 -35.89
N SER D 132 -15.85 -9.67 -36.96
CA SER D 132 -16.22 -10.55 -38.05
C SER D 132 -15.30 -11.77 -38.07
N ASP D 133 -15.41 -12.58 -37.02
CA ASP D 133 -14.60 -13.78 -36.87
C ASP D 133 -15.34 -14.99 -37.41
N TYR A 1 -17.48 -30.32 26.55
CA TYR A 1 -16.65 -31.51 26.26
C TYR A 1 -15.16 -31.12 26.23
N LYS A 2 -14.63 -30.70 27.38
CA LYS A 2 -13.24 -30.29 27.48
C LYS A 2 -12.31 -31.36 26.86
N LYS A 3 -11.75 -31.03 25.72
CA LYS A 3 -10.87 -31.94 24.99
C LYS A 3 -9.96 -31.16 24.05
N PRO A 4 -9.16 -31.85 23.20
CA PRO A 4 -8.25 -31.24 22.24
C PRO A 4 -8.58 -29.78 21.90
N LYS A 5 -7.78 -28.87 22.46
CA LYS A 5 -7.96 -27.44 22.22
C LYS A 5 -7.03 -26.99 21.10
N LEU A 6 -7.61 -26.74 19.92
CA LEU A 6 -6.82 -26.30 18.77
C LEU A 6 -6.60 -24.78 18.84
N LEU A 7 -5.38 -24.35 18.57
CA LEU A 7 -5.03 -22.94 18.60
C LEU A 7 -4.01 -22.60 17.51
N TYR A 8 -4.24 -21.48 16.83
CA TYR A 8 -3.34 -21.03 15.78
C TYR A 8 -3.52 -19.53 15.55
N CYS A 9 -2.68 -18.93 14.72
CA CYS A 9 -2.78 -17.49 14.44
C CYS A 9 -2.34 -17.17 13.02
N SER A 10 -2.66 -15.95 12.58
CA SER A 10 -2.33 -15.47 11.25
C SER A 10 -3.26 -16.10 10.22
N ASN A 11 -3.99 -15.26 9.51
CA ASN A 11 -4.93 -15.75 8.50
C ASN A 11 -4.25 -16.74 7.57
N GLY A 12 -4.85 -17.92 7.43
CA GLY A 12 -4.28 -18.94 6.57
C GLY A 12 -4.28 -20.29 7.24
N GLY A 13 -4.64 -21.33 6.49
CA GLY A 13 -4.67 -22.67 7.02
C GLY A 13 -3.35 -23.08 7.63
N HIS A 14 -3.28 -23.10 8.95
CA HIS A 14 -2.09 -23.49 9.69
C HIS A 14 -2.44 -23.76 11.15
N PHE A 15 -2.17 -24.96 11.63
CA PHE A 15 -2.47 -25.34 13.01
C PHE A 15 -1.21 -25.68 13.77
N LEU A 16 -1.21 -25.44 15.08
CA LEU A 16 -0.06 -25.73 15.91
C LEU A 16 0.08 -27.23 16.14
N ARG A 17 0.97 -27.88 15.39
CA ARG A 17 1.17 -29.32 15.53
C ARG A 17 2.33 -29.59 16.47
N ILE A 18 2.01 -30.08 17.66
CA ILE A 18 3.01 -30.36 18.66
C ILE A 18 3.53 -31.79 18.54
N LEU A 19 4.83 -31.95 18.79
CA LEU A 19 5.48 -33.25 18.72
C LEU A 19 6.30 -33.48 19.98
N PRO A 20 6.28 -34.72 20.54
CA PRO A 20 7.03 -35.06 21.75
C PRO A 20 8.47 -34.53 21.72
N ASP A 21 9.03 -34.44 20.52
CA ASP A 21 10.38 -33.93 20.33
C ASP A 21 10.51 -32.51 20.87
N GLY A 22 9.52 -31.68 20.57
CA GLY A 22 9.54 -30.31 21.02
C GLY A 22 9.37 -29.33 19.86
N THR A 23 9.88 -29.70 18.69
CA THR A 23 9.77 -28.84 17.52
C THR A 23 8.34 -28.79 16.98
N VAL A 24 7.55 -27.89 17.56
CA VAL A 24 6.17 -27.71 17.15
C VAL A 24 6.10 -26.72 15.98
N ASP A 25 5.37 -27.08 14.93
CA ASP A 25 5.22 -26.22 13.75
C ASP A 25 3.74 -25.98 13.43
N GLY A 26 3.50 -24.99 12.57
CA GLY A 26 2.14 -24.65 12.18
C GLY A 26 1.64 -25.50 11.03
N THR A 27 1.49 -26.79 11.29
CA THR A 27 1.02 -27.73 10.28
C THR A 27 -0.44 -27.47 9.93
N ARG A 28 -0.73 -27.34 8.65
CA ARG A 28 -2.11 -27.08 8.22
C ARG A 28 -2.80 -28.40 7.89
N ASP A 29 -3.03 -29.21 8.91
CA ASP A 29 -3.69 -30.50 8.75
C ASP A 29 -4.48 -30.86 9.99
N ARG A 30 -5.54 -31.65 9.81
CA ARG A 30 -6.38 -32.09 10.92
C ARG A 30 -6.67 -33.59 10.80
N SER A 31 -5.80 -34.29 10.09
CA SER A 31 -5.94 -35.73 9.89
C SER A 31 -5.21 -36.48 10.99
N ASP A 32 -4.00 -36.02 11.31
CA ASP A 32 -3.19 -36.66 12.35
C ASP A 32 -3.38 -35.94 13.68
N GLN A 33 -3.73 -36.70 14.72
CA GLN A 33 -3.95 -36.12 16.05
C GLN A 33 -2.65 -35.61 16.67
N HIS A 34 -2.19 -34.45 16.19
CA HIS A 34 -0.98 -33.85 16.72
C HIS A 34 -1.07 -32.31 16.74
N ILE A 35 -2.30 -31.79 16.62
CA ILE A 35 -2.52 -30.34 16.63
C ILE A 35 -3.55 -29.97 17.69
N GLN A 36 -3.42 -30.58 18.87
CA GLN A 36 -4.34 -30.33 19.96
C GLN A 36 -3.61 -30.25 21.29
N LEU A 37 -3.93 -29.22 22.07
CA LEU A 37 -3.33 -29.02 23.37
C LEU A 37 -4.41 -28.84 24.43
N GLN A 38 -4.11 -29.17 25.67
CA GLN A 38 -5.08 -29.03 26.75
C GLN A 38 -5.00 -27.65 27.38
N LEU A 39 -5.48 -26.65 26.64
CA LEU A 39 -5.49 -25.27 27.11
C LEU A 39 -6.59 -25.08 28.16
N SER A 40 -6.22 -24.53 29.31
CA SER A 40 -7.16 -24.30 30.39
C SER A 40 -6.62 -23.24 31.36
N ALA A 41 -7.52 -22.59 32.07
CA ALA A 41 -7.15 -21.58 33.05
C ALA A 41 -6.81 -22.25 34.38
N GLU A 42 -5.53 -22.37 34.67
CA GLU A 42 -5.08 -23.01 35.90
C GLU A 42 -5.38 -22.12 37.10
N SER A 43 -4.90 -20.89 37.04
CA SER A 43 -5.11 -19.92 38.11
C SER A 43 -5.93 -18.75 37.59
N VAL A 44 -6.30 -17.82 38.48
CA VAL A 44 -7.09 -16.66 38.09
C VAL A 44 -6.42 -15.90 36.93
N GLY A 45 -6.83 -16.23 35.72
CA GLY A 45 -6.27 -15.58 34.54
C GLY A 45 -5.06 -16.30 33.98
N GLU A 46 -4.47 -17.20 34.76
CA GLU A 46 -3.29 -17.93 34.32
C GLU A 46 -3.68 -19.20 33.57
N VAL A 47 -3.46 -19.19 32.26
CA VAL A 47 -3.79 -20.33 31.42
C VAL A 47 -2.52 -21.09 31.06
N TYR A 48 -2.61 -22.42 31.00
CA TYR A 48 -1.47 -23.25 30.66
C TYR A 48 -1.71 -23.99 29.35
N ILE A 49 -0.62 -24.22 28.62
CA ILE A 49 -0.68 -24.92 27.34
C ILE A 49 0.05 -26.25 27.47
N LYS A 50 -0.71 -27.33 27.59
CA LYS A 50 -0.15 -28.66 27.73
C LYS A 50 -0.80 -29.64 26.76
N SER A 51 -0.03 -30.12 25.80
CA SER A 51 -0.53 -31.07 24.82
C SER A 51 -0.48 -32.48 25.41
N THR A 52 -1.20 -32.68 26.50
CA THR A 52 -1.22 -33.94 27.21
C THR A 52 -1.61 -35.11 26.30
N GLU A 53 -2.86 -35.15 25.87
CA GLU A 53 -3.36 -36.23 25.04
C GLU A 53 -3.01 -36.02 23.56
N THR A 54 -1.73 -35.85 23.25
CA THR A 54 -1.30 -35.65 21.87
C THR A 54 0.21 -35.37 21.76
N GLY A 55 0.75 -34.56 22.66
CA GLY A 55 2.15 -34.23 22.57
C GLY A 55 2.86 -34.13 23.91
N GLN A 56 3.24 -32.92 24.27
CA GLN A 56 3.97 -32.66 25.50
C GLN A 56 3.56 -31.34 26.14
N TYR A 57 4.23 -31.00 27.24
CA TYR A 57 3.97 -29.75 27.96
C TYR A 57 4.90 -28.66 27.42
N LEU A 58 4.41 -27.43 27.37
CA LEU A 58 5.21 -26.32 26.86
C LEU A 58 6.15 -25.77 27.93
N ALA A 59 7.24 -25.17 27.48
CA ALA A 59 8.25 -24.58 28.35
C ALA A 59 9.07 -23.58 27.55
N MET A 60 8.55 -22.35 27.46
CA MET A 60 9.20 -21.28 26.72
C MET A 60 10.66 -21.10 27.13
N ASP A 61 11.50 -20.78 26.15
CA ASP A 61 12.91 -20.56 26.40
C ASP A 61 13.13 -19.07 26.61
N THR A 62 12.88 -18.62 27.83
CA THR A 62 13.04 -17.21 28.17
C THR A 62 12.10 -16.36 27.31
N ASP A 63 10.92 -16.91 26.99
CA ASP A 63 9.93 -16.25 26.13
C ASP A 63 10.44 -16.14 24.70
N GLY A 64 11.65 -15.61 24.54
CA GLY A 64 12.27 -15.46 23.23
C GLY A 64 11.90 -16.58 22.27
N LEU A 65 12.17 -17.82 22.68
CA LEU A 65 11.86 -18.98 21.86
C LEU A 65 10.83 -19.85 22.58
N LEU A 66 9.79 -20.26 21.86
CA LEU A 66 8.74 -21.07 22.44
C LEU A 66 8.98 -22.55 22.13
N TYR A 67 8.96 -23.38 23.17
CA TYR A 67 9.16 -24.81 23.01
C TYR A 67 8.48 -25.57 24.14
N GLY A 68 8.54 -26.90 24.08
CA GLY A 68 7.93 -27.71 25.11
C GLY A 68 8.18 -29.19 24.89
N SER A 69 8.36 -29.95 25.97
CA SER A 69 8.61 -31.37 25.87
C SER A 69 9.00 -31.96 27.22
N GLN A 70 10.12 -31.51 27.77
CA GLN A 70 10.63 -32.02 29.03
C GLN A 70 9.67 -31.76 30.21
N THR A 71 9.56 -30.50 30.63
CA THR A 71 8.70 -30.16 31.77
C THR A 71 7.98 -28.82 31.57
N PRO A 72 6.74 -28.71 32.11
CA PRO A 72 5.96 -27.49 32.01
C PRO A 72 6.44 -26.43 33.01
N ASN A 73 7.61 -25.87 32.71
CA ASN A 73 8.21 -24.86 33.59
C ASN A 73 7.33 -23.61 33.65
N GLU A 74 7.49 -22.82 34.72
CA GLU A 74 6.69 -21.59 34.90
C GLU A 74 6.62 -20.79 33.60
N GLU A 75 7.67 -20.86 32.79
CA GLU A 75 7.68 -20.18 31.49
C GLU A 75 6.39 -20.46 30.71
N CYS A 76 5.75 -21.59 31.01
CA CYS A 76 4.53 -21.97 30.32
C CYS A 76 3.26 -21.33 30.92
N LEU A 77 3.40 -20.48 31.93
CA LEU A 77 2.23 -19.83 32.53
C LEU A 77 1.95 -18.52 31.81
N PHE A 78 0.74 -18.41 31.23
CA PHE A 78 0.36 -17.22 30.49
C PHE A 78 -0.98 -16.66 30.97
N LEU A 79 -1.10 -15.34 30.94
CA LEU A 79 -2.32 -14.66 31.35
C LEU A 79 -3.32 -14.66 30.19
N GLU A 80 -4.52 -15.18 30.42
CA GLU A 80 -5.55 -15.24 29.39
C GLU A 80 -6.16 -13.86 29.13
N ARG A 81 -5.96 -13.36 27.92
CA ARG A 81 -6.50 -12.07 27.51
C ARG A 81 -7.25 -12.21 26.18
N LEU A 82 -8.26 -11.37 25.97
CA LEU A 82 -9.05 -11.43 24.75
C LEU A 82 -9.01 -10.08 24.03
N GLU A 83 -8.93 -10.12 22.71
CA GLU A 83 -8.90 -8.90 21.90
C GLU A 83 -10.17 -8.80 21.07
N GLU A 84 -10.71 -7.59 20.93
CA GLU A 84 -11.92 -7.37 20.15
C GLU A 84 -11.62 -7.49 18.65
N ASN A 85 -11.02 -8.61 18.27
CA ASN A 85 -10.66 -8.87 16.88
C ASN A 85 -10.85 -10.36 16.57
N HIS A 86 -11.68 -11.04 17.38
CA HIS A 86 -11.95 -12.46 17.21
C HIS A 86 -10.65 -13.27 17.38
N TYR A 87 -9.86 -12.92 18.38
CA TYR A 87 -8.61 -13.61 18.66
C TYR A 87 -8.30 -13.62 20.16
N ASN A 88 -7.54 -14.63 20.57
CA ASN A 88 -7.16 -14.79 21.97
C ASN A 88 -5.73 -14.30 22.20
N THR A 89 -5.47 -13.75 23.37
CA THR A 89 -4.15 -13.25 23.72
C THR A 89 -3.68 -13.90 25.02
N TYR A 90 -2.42 -14.31 25.05
CA TYR A 90 -1.86 -14.94 26.24
C TYR A 90 -0.55 -14.26 26.62
N ILE A 91 -0.53 -13.64 27.79
CA ILE A 91 0.65 -12.92 28.25
C ILE A 91 1.54 -13.81 29.13
N SER A 92 2.75 -14.07 28.66
CA SER A 92 3.70 -14.88 29.41
C SER A 92 4.16 -14.12 30.66
N LYS A 93 3.32 -14.15 31.70
CA LYS A 93 3.62 -13.45 32.95
C LYS A 93 5.07 -13.66 33.37
N LYS A 94 5.61 -14.85 33.09
CA LYS A 94 6.99 -15.17 33.41
C LYS A 94 7.95 -14.11 32.83
N HIS A 95 7.55 -13.48 31.72
CA HIS A 95 8.35 -12.44 31.09
C HIS A 95 7.55 -11.16 30.85
N ALA A 96 6.35 -11.08 31.42
CA ALA A 96 5.51 -9.90 31.27
C ALA A 96 6.28 -8.64 31.63
N GLU A 97 7.23 -8.79 32.56
CA GLU A 97 8.07 -7.67 33.00
C GLU A 97 8.69 -6.96 31.79
N LYS A 98 8.98 -7.70 30.73
CA LYS A 98 9.57 -7.13 29.52
C LYS A 98 8.49 -6.85 28.48
N ASN A 99 7.23 -6.90 28.90
CA ASN A 99 6.10 -6.69 27.99
C ASN A 99 6.10 -7.74 26.88
N TRP A 100 6.52 -8.95 27.25
CA TRP A 100 6.60 -10.06 26.31
C TRP A 100 5.45 -11.04 26.50
N PHE A 101 4.70 -11.26 25.44
CA PHE A 101 3.58 -12.19 25.49
C PHE A 101 3.57 -13.12 24.26
N VAL A 102 3.72 -14.43 24.55
CA VAL A 102 3.79 -15.53 23.58
C VAL A 102 3.35 -15.15 22.17
N GLY A 103 4.27 -15.36 21.22
CA GLY A 103 4.00 -15.08 19.82
C GLY A 103 4.62 -16.14 18.92
N LEU A 104 3.84 -16.65 17.97
CA LEU A 104 4.34 -17.71 17.08
C LEU A 104 4.30 -17.26 15.62
N LYS A 105 5.08 -17.95 14.79
CA LYS A 105 5.14 -17.67 13.37
C LYS A 105 4.35 -18.72 12.59
N LYS A 106 3.17 -18.34 12.12
CA LYS A 106 2.28 -19.24 11.36
C LYS A 106 3.06 -20.10 10.37
N ASN A 107 3.99 -19.48 9.66
CA ASN A 107 4.80 -20.18 8.67
C ASN A 107 6.25 -20.33 9.14
N GLY A 108 6.43 -20.55 10.44
CA GLY A 108 7.77 -20.69 10.96
C GLY A 108 7.81 -21.59 12.20
N SER A 109 6.98 -21.25 13.19
CA SER A 109 6.88 -21.98 14.45
C SER A 109 6.73 -20.97 15.59
N CYS A 110 6.54 -21.46 16.81
CA CYS A 110 6.38 -20.59 17.97
C CYS A 110 7.75 -20.19 18.54
N LYS A 111 8.20 -18.98 18.23
CA LYS A 111 9.48 -18.47 18.72
C LYS A 111 9.73 -17.06 18.22
N ARG A 112 9.08 -16.11 18.88
CA ARG A 112 9.19 -14.69 18.54
C ARG A 112 9.18 -13.83 19.78
N GLY A 113 9.75 -14.33 20.89
CA GLY A 113 9.79 -13.57 22.13
C GLY A 113 10.35 -12.17 21.94
N PRO A 114 11.52 -11.98 21.27
CA PRO A 114 12.08 -10.63 21.05
C PRO A 114 11.12 -9.73 20.23
N ARG A 115 10.06 -10.35 19.72
CA ARG A 115 9.06 -9.66 18.92
C ARG A 115 7.63 -9.99 19.41
N THR A 116 7.49 -10.22 20.72
CA THR A 116 6.17 -10.55 21.29
C THR A 116 5.49 -9.31 21.86
N HIS A 117 5.85 -8.16 21.34
CA HIS A 117 5.26 -6.90 21.78
C HIS A 117 4.30 -6.41 20.69
N TYR A 118 3.77 -5.19 20.83
CA TYR A 118 2.85 -4.64 19.85
C TYR A 118 3.55 -4.31 18.54
N GLY A 119 3.51 -5.27 17.62
CA GLY A 119 4.13 -5.13 16.32
C GLY A 119 3.79 -6.31 15.44
N GLN A 120 3.84 -7.49 16.04
CA GLN A 120 3.51 -8.72 15.35
C GLN A 120 2.09 -9.11 15.74
N LYS A 121 1.23 -9.24 14.75
CA LYS A 121 -0.18 -9.57 14.99
C LYS A 121 -0.35 -11.06 15.33
N ALA A 122 0.67 -11.86 14.99
CA ALA A 122 0.65 -13.30 15.25
C ALA A 122 0.32 -13.62 16.72
N ILE A 123 0.43 -12.61 17.59
CA ILE A 123 0.14 -12.80 19.01
C ILE A 123 -1.36 -13.01 19.23
N LEU A 124 -2.17 -12.57 18.27
CA LEU A 124 -3.62 -12.73 18.36
C LEU A 124 -4.01 -14.10 17.80
N PHE A 125 -4.02 -15.09 18.68
CA PHE A 125 -4.33 -16.46 18.28
C PHE A 125 -5.83 -16.69 18.14
N LEU A 126 -6.19 -17.58 17.23
CA LEU A 126 -7.58 -17.93 16.98
C LEU A 126 -7.83 -19.36 17.47
N PRO A 127 -8.53 -19.51 18.60
CA PRO A 127 -8.82 -20.82 19.18
C PRO A 127 -10.07 -21.49 18.63
N LEU A 128 -10.00 -22.80 18.47
CA LEU A 128 -11.11 -23.60 17.97
C LEU A 128 -11.32 -24.82 18.88
N PRO A 129 -11.36 -24.61 20.20
CA PRO A 129 -11.53 -25.69 21.18
C PRO A 129 -12.98 -26.12 21.35
N VAL A 130 -13.17 -27.38 21.74
CA VAL A 130 -14.51 -27.91 21.96
C VAL A 130 -15.02 -27.49 23.34
N SER A 131 -15.65 -26.32 23.39
CA SER A 131 -16.19 -25.79 24.62
C SER A 131 -17.37 -26.61 25.13
N SER A 132 -17.90 -26.23 26.28
CA SER A 132 -19.05 -26.91 26.87
C SER A 132 -20.27 -26.01 26.80
N ASP A 133 -20.72 -25.74 25.58
CA ASP A 133 -21.88 -24.88 25.34
C ASP A 133 -23.14 -25.72 25.20
N MET B 1 -18.13 -4.29 1.97
CA MET B 1 -18.51 -4.18 3.41
C MET B 1 -17.37 -3.54 4.20
N ALA B 2 -16.95 -4.20 5.28
CA ALA B 2 -15.84 -3.71 6.08
C ALA B 2 -14.53 -3.90 5.33
N ALA B 3 -13.40 -3.51 5.94
CA ALA B 3 -12.11 -3.63 5.30
C ALA B 3 -12.08 -2.66 4.13
N GLU B 4 -12.34 -1.39 4.42
CA GLU B 4 -12.37 -0.35 3.39
C GLU B 4 -10.97 0.17 3.08
N PRO B 5 -10.66 0.33 1.78
CA PRO B 5 -9.37 0.83 1.33
C PRO B 5 -9.26 2.34 1.51
N LEU B 6 -8.11 2.78 2.00
CA LEU B 6 -7.85 4.19 2.22
C LEU B 6 -7.19 4.81 0.99
N THR B 7 -6.75 6.06 1.09
CA THR B 7 -6.11 6.72 -0.03
C THR B 7 -4.71 6.16 -0.25
N GLU B 8 -4.16 6.38 -1.45
CA GLU B 8 -2.84 5.90 -1.84
C GLU B 8 -1.73 6.26 -0.83
N LEU B 9 -1.84 7.45 -0.24
CA LEU B 9 -0.86 7.93 0.73
C LEU B 9 -1.09 7.32 2.12
N GLU B 10 -2.35 7.13 2.53
CA GLU B 10 -2.66 6.48 3.80
C GLU B 10 -2.12 5.03 3.78
N GLU B 11 -2.36 4.31 2.65
CA GLU B 11 -1.84 2.96 2.44
C GLU B 11 -0.33 2.94 2.69
N SER B 12 0.38 3.85 2.02
CA SER B 12 1.84 3.85 2.04
C SER B 12 2.42 4.32 3.38
N ILE B 13 1.83 5.31 4.06
CA ILE B 13 2.30 5.63 5.40
C ILE B 13 2.03 4.46 6.33
N GLU B 14 0.87 3.81 6.24
CA GLU B 14 0.62 2.66 7.10
C GLU B 14 1.68 1.59 6.89
N THR B 15 1.89 1.12 5.65
CA THR B 15 2.79 -0.02 5.42
C THR B 15 4.19 0.22 6.02
N VAL B 16 4.72 1.45 5.93
CA VAL B 16 5.99 1.78 6.55
C VAL B 16 5.84 1.93 8.08
N VAL B 17 4.75 2.53 8.56
CA VAL B 17 4.49 2.67 9.99
C VAL B 17 4.41 1.30 10.67
N THR B 18 3.70 0.32 10.07
CA THR B 18 3.60 -1.03 10.66
C THR B 18 4.97 -1.72 10.67
N THR B 19 5.76 -1.53 9.60
CA THR B 19 7.11 -2.07 9.51
C THR B 19 7.99 -1.46 10.60
N PHE B 20 8.02 -0.12 10.68
CA PHE B 20 8.64 0.61 11.78
C PHE B 20 8.25 -0.03 13.11
N PHE B 21 6.94 -0.17 13.34
CA PHE B 21 6.42 -0.71 14.60
C PHE B 21 6.83 -2.15 14.89
N THR B 22 7.23 -2.91 13.85
CA THR B 22 7.65 -4.29 14.07
C THR B 22 9.12 -4.37 14.48
N PHE B 23 9.71 -3.20 14.79
CA PHE B 23 11.10 -3.11 15.22
C PHE B 23 11.21 -2.19 16.45
N ALA B 24 10.34 -1.16 16.48
CA ALA B 24 10.29 -0.18 17.55
C ALA B 24 9.93 -0.84 18.89
N ARG B 25 9.11 -1.88 18.85
CA ARG B 25 8.67 -2.56 20.06
C ARG B 25 9.60 -3.70 20.51
N GLN B 26 10.75 -3.85 19.86
CA GLN B 26 11.68 -4.94 20.21
C GLN B 26 12.16 -4.85 21.65
N GLU B 27 12.65 -3.69 22.08
CA GLU B 27 13.14 -3.50 23.44
C GLU B 27 12.16 -2.69 24.29
N GLY B 28 12.71 -1.76 25.09
CA GLY B 28 11.89 -0.93 25.93
C GLY B 28 11.25 0.21 25.16
N ARG B 29 9.94 0.41 25.38
CA ARG B 29 9.18 1.46 24.70
C ARG B 29 8.97 1.12 23.23
N LYS B 30 7.70 1.00 22.83
CA LYS B 30 7.38 0.64 21.45
C LYS B 30 7.25 1.89 20.55
N ASP B 31 8.21 2.79 20.68
CA ASP B 31 8.24 4.01 19.86
C ASP B 31 9.68 4.22 19.42
N SER B 32 10.60 4.19 20.39
CA SER B 32 12.00 4.40 20.14
C SER B 32 12.67 3.10 19.69
N LEU B 33 13.52 3.22 18.66
CA LEU B 33 14.50 2.20 18.33
C LEU B 33 15.75 2.50 19.14
N SER B 34 16.20 1.59 19.99
CA SER B 34 17.55 1.70 20.55
C SER B 34 18.57 1.13 19.57
N VAL B 35 19.85 1.16 19.92
CA VAL B 35 20.95 0.91 19.00
C VAL B 35 20.77 -0.41 18.22
N ASN B 36 20.63 -1.54 18.93
CA ASN B 36 20.43 -2.86 18.29
C ASN B 36 19.18 -2.83 17.41
N GLU B 37 18.05 -2.48 18.05
CA GLU B 37 16.77 -2.26 17.41
C GLU B 37 16.92 -1.56 16.06
N PHE B 38 17.66 -0.45 16.06
CA PHE B 38 17.89 0.35 14.88
C PHE B 38 18.69 -0.46 13.86
N LYS B 39 19.82 -1.02 14.30
CA LYS B 39 20.66 -1.82 13.43
C LYS B 39 19.88 -2.96 12.78
N GLU B 40 18.92 -3.52 13.50
CA GLU B 40 18.09 -4.63 13.00
C GLU B 40 17.29 -4.26 11.74
N LEU B 41 16.89 -2.98 11.61
CA LEU B 41 16.11 -2.55 10.46
C LEU B 41 17.00 -2.64 9.23
N VAL B 42 18.15 -1.98 9.32
CA VAL B 42 19.06 -1.82 8.19
C VAL B 42 19.61 -3.19 7.80
N THR B 43 20.15 -3.90 8.77
CA THR B 43 20.76 -5.23 8.53
C THR B 43 19.80 -6.26 7.93
N GLN B 44 18.51 -6.14 8.21
CA GLN B 44 17.54 -7.12 7.71
C GLN B 44 16.86 -6.70 6.42
N GLN B 45 16.08 -5.62 6.46
CA GLN B 45 15.32 -5.18 5.29
C GLN B 45 15.99 -4.06 4.48
N LEU B 46 17.30 -3.90 4.59
CA LEU B 46 17.97 -2.84 3.81
C LEU B 46 19.40 -3.24 3.44
N PRO B 47 19.54 -4.15 2.45
CA PRO B 47 20.84 -4.63 1.98
C PRO B 47 21.36 -3.94 0.71
N HIS B 48 20.51 -3.14 0.04
CA HIS B 48 20.93 -2.48 -1.19
C HIS B 48 21.03 -0.96 -1.01
N LEU B 49 19.92 -0.33 -0.61
CA LEU B 49 19.85 1.12 -0.42
C LEU B 49 21.06 1.65 0.34
N LEU B 50 21.16 1.27 1.62
CA LEU B 50 22.26 1.62 2.51
C LEU B 50 23.02 0.33 2.79
N LYS B 51 23.84 -0.06 1.81
CA LYS B 51 24.65 -1.28 1.90
C LYS B 51 25.69 -1.22 3.02
N ASP B 52 25.75 -0.10 3.71
CA ASP B 52 26.69 0.07 4.81
C ASP B 52 26.15 -0.54 6.10
N VAL B 53 26.32 -1.85 6.24
CA VAL B 53 25.86 -2.56 7.42
C VAL B 53 26.95 -2.63 8.49
N GLY B 54 27.95 -1.77 8.35
CA GLY B 54 29.04 -1.74 9.31
C GLY B 54 29.17 -0.39 9.99
N SER B 55 28.93 0.68 9.24
CA SER B 55 29.04 2.02 9.78
C SER B 55 27.67 2.57 10.20
N LEU B 56 26.90 1.74 10.89
CA LEU B 56 25.59 2.12 11.38
C LEU B 56 25.76 3.22 12.43
N ASP B 57 26.89 3.22 13.16
CA ASP B 57 27.25 4.29 14.07
C ASP B 57 27.18 5.67 13.40
N GLU B 58 27.75 5.81 12.20
CA GLU B 58 27.71 7.04 11.43
C GLU B 58 26.26 7.47 11.23
N LYS B 59 25.42 6.57 10.69
CA LYS B 59 24.01 6.86 10.50
C LYS B 59 23.41 7.32 11.83
N MET B 60 23.61 6.53 12.88
CA MET B 60 23.08 6.80 14.22
C MET B 60 23.43 8.23 14.64
N LYS B 61 24.71 8.60 14.62
CA LYS B 61 25.12 9.95 14.96
C LYS B 61 24.47 10.99 14.04
N SER B 62 24.40 10.71 12.73
CA SER B 62 23.78 11.61 11.77
C SER B 62 22.27 11.79 12.03
N LEU B 63 21.62 10.76 12.59
CA LEU B 63 20.19 10.73 12.88
C LEU B 63 19.89 11.34 14.26
N ASP B 64 20.40 10.71 15.31
CA ASP B 64 20.12 11.04 16.70
C ASP B 64 20.88 12.32 17.08
N VAL B 65 20.41 13.48 16.61
CA VAL B 65 21.05 14.77 16.82
C VAL B 65 21.41 15.03 18.28
N ASN B 66 20.54 14.61 19.20
CA ASN B 66 20.71 14.79 20.65
C ASN B 66 21.57 13.69 21.29
N GLN B 67 21.89 12.63 20.54
CA GLN B 67 22.71 11.51 20.99
C GLN B 67 22.25 10.98 22.35
N ASP B 68 20.95 10.68 22.46
CA ASP B 68 20.35 10.06 23.64
C ASP B 68 20.41 8.53 23.52
N SER B 69 20.77 8.01 22.33
CA SER B 69 20.77 6.58 22.03
C SER B 69 19.35 6.01 22.02
N GLU B 70 18.38 6.87 21.71
CA GLU B 70 17.02 6.53 21.33
C GLU B 70 16.70 7.33 20.08
N LEU B 71 16.42 6.66 18.96
CA LEU B 71 15.78 7.31 17.83
C LEU B 71 14.28 7.25 18.12
N LYS B 72 13.72 8.30 18.74
CA LYS B 72 12.27 8.49 18.88
C LYS B 72 11.62 8.38 17.49
N PHE B 73 10.31 8.13 17.42
CA PHE B 73 9.55 8.02 16.17
C PHE B 73 10.03 9.01 15.10
N ASN B 74 9.99 10.31 15.42
CA ASN B 74 10.36 11.37 14.49
C ASN B 74 11.86 11.38 14.16
N GLU B 75 12.71 10.97 15.10
CA GLU B 75 14.15 10.91 14.86
C GLU B 75 14.44 9.75 13.90
N TYR B 76 13.96 8.55 14.24
CA TYR B 76 14.03 7.37 13.38
C TYR B 76 13.56 7.72 11.99
N TRP B 77 12.37 8.33 11.92
CA TRP B 77 11.73 8.74 10.69
C TRP B 77 12.74 9.39 9.73
N ARG B 78 13.71 10.19 10.21
CA ARG B 78 14.79 10.75 9.39
C ARG B 78 15.31 9.76 8.35
N LEU B 79 15.65 8.53 8.78
CA LEU B 79 16.15 7.49 7.92
C LEU B 79 15.29 7.37 6.66
N ILE B 80 13.96 7.40 6.80
CA ILE B 80 13.04 7.18 5.69
C ILE B 80 13.26 8.25 4.62
N GLY B 81 13.77 9.42 5.01
CA GLY B 81 14.07 10.51 4.12
C GLY B 81 15.30 10.20 3.33
N GLU B 82 16.28 9.67 4.01
CA GLU B 82 17.57 9.34 3.45
C GLU B 82 17.33 8.16 2.50
N LEU B 83 16.41 7.26 2.83
CA LEU B 83 15.96 6.19 1.95
C LEU B 83 15.28 6.76 0.69
N ALA B 84 14.19 7.52 0.90
CA ALA B 84 13.38 8.13 -0.16
C ALA B 84 14.20 9.05 -1.05
N LYS B 85 15.27 9.61 -0.48
CA LYS B 85 16.27 10.35 -1.21
C LYS B 85 17.13 9.37 -1.99
N GLU B 86 17.85 8.46 -1.33
CA GLU B 86 18.76 7.48 -1.93
C GLU B 86 18.15 6.80 -3.17
N ILE B 87 16.91 6.30 -3.09
CA ILE B 87 16.30 5.62 -4.22
C ILE B 87 16.35 6.44 -5.54
N ARG B 88 16.27 7.77 -5.43
CA ARG B 88 16.45 8.69 -6.55
C ARG B 88 17.93 9.06 -6.66
N LYS B 89 18.50 9.53 -5.57
CA LYS B 89 19.78 10.20 -5.45
C LYS B 89 20.94 9.28 -5.82
N LYS B 90 20.82 7.96 -5.70
CA LYS B 90 21.67 7.22 -4.79
C LYS B 90 23.09 7.80 -4.66
N LYS B 91 23.92 7.76 -5.70
CA LYS B 91 25.27 8.34 -5.68
C LYS B 91 25.48 9.19 -6.94
N ASP B 92 24.48 10.04 -7.25
CA ASP B 92 24.38 11.01 -8.35
C ASP B 92 25.53 12.02 -8.24
N LEU B 93 26.72 11.55 -8.59
CA LEU B 93 28.00 12.18 -8.39
C LEU B 93 29.03 11.26 -9.07
N LYS B 94 29.01 9.96 -8.74
CA LYS B 94 29.80 8.94 -9.39
C LYS B 94 28.93 7.86 -10.07
N ILE B 95 27.86 7.41 -9.39
CA ILE B 95 27.09 6.24 -9.79
C ILE B 95 25.58 6.52 -9.58
N ARG B 96 24.73 6.65 -10.60
CA ARG B 96 24.91 6.78 -12.05
C ARG B 96 23.56 6.95 -12.76
N MET C 1 15.50 5.69 -17.22
CA MET C 1 14.24 6.10 -17.85
C MET C 1 13.06 5.66 -16.96
N ALA C 2 12.92 4.37 -16.67
CA ALA C 2 11.88 3.86 -15.79
C ALA C 2 12.06 2.37 -15.45
N ALA C 3 12.24 2.04 -14.18
CA ALA C 3 11.72 0.85 -13.49
C ALA C 3 11.47 -0.45 -14.27
N GLU C 4 12.39 -1.43 -14.20
CA GLU C 4 12.08 -2.86 -14.16
C GLU C 4 11.75 -3.24 -12.68
N PRO C 5 11.52 -4.54 -12.33
CA PRO C 5 11.22 -5.07 -10.99
C PRO C 5 11.59 -4.20 -9.79
N LEU C 6 10.65 -4.14 -8.85
CA LEU C 6 10.77 -3.37 -7.62
C LEU C 6 10.34 -4.24 -6.44
N THR C 7 10.89 -3.94 -5.26
CA THR C 7 10.53 -4.70 -4.06
C THR C 7 9.19 -4.22 -3.48
N GLU C 8 8.75 -4.85 -2.39
CA GLU C 8 7.47 -4.51 -1.75
C GLU C 8 7.34 -3.00 -1.45
N LEU C 9 8.39 -2.41 -0.88
CA LEU C 9 8.37 -0.98 -0.53
C LEU C 9 8.75 -0.11 -1.73
N GLU C 10 9.46 -0.67 -2.69
CA GLU C 10 9.87 0.06 -3.88
C GLU C 10 8.66 0.34 -4.77
N GLU C 11 7.74 -0.63 -4.84
CA GLU C 11 6.48 -0.44 -5.57
C GLU C 11 5.72 0.76 -4.99
N SER C 12 5.54 0.75 -3.66
CA SER C 12 4.68 1.72 -2.99
C SER C 12 5.28 3.13 -2.96
N ILE C 13 6.61 3.29 -3.07
CA ILE C 13 7.20 4.59 -3.37
C ILE C 13 7.02 4.92 -4.86
N GLU C 14 7.04 3.94 -5.77
CA GLU C 14 6.75 4.22 -7.17
C GLU C 14 5.34 4.77 -7.33
N THR C 15 4.31 4.08 -6.81
CA THR C 15 2.92 4.41 -7.11
C THR C 15 2.62 5.91 -6.89
N VAL C 16 3.19 6.51 -5.84
CA VAL C 16 3.03 7.93 -5.59
C VAL C 16 3.86 8.78 -6.56
N VAL C 17 5.06 8.33 -6.94
CA VAL C 17 5.87 9.00 -7.96
C VAL C 17 5.12 9.03 -9.29
N THR C 18 4.46 7.91 -9.65
CA THR C 18 3.67 7.85 -10.89
C THR C 18 2.55 8.90 -10.89
N THR C 19 2.06 9.26 -9.69
CA THR C 19 1.02 10.30 -9.57
C THR C 19 1.68 11.64 -9.88
N PHE C 20 2.80 11.86 -9.20
CA PHE C 20 3.68 13.01 -9.40
C PHE C 20 3.95 13.21 -10.89
N PHE C 21 4.42 12.13 -11.54
CA PHE C 21 4.79 12.13 -12.96
C PHE C 21 3.65 12.50 -13.92
N THR C 22 2.40 12.31 -13.53
CA THR C 22 1.27 12.64 -14.43
C THR C 22 0.64 13.98 -14.11
N PHE C 23 1.19 14.67 -13.12
CA PHE C 23 0.69 15.97 -12.74
C PHE C 23 1.71 17.04 -13.11
N ALA C 24 2.98 16.66 -13.12
CA ALA C 24 4.06 17.57 -13.45
C ALA C 24 4.33 17.65 -14.93
N ARG C 25 3.86 16.69 -15.72
CA ARG C 25 4.06 16.72 -17.17
C ARG C 25 3.08 17.68 -17.85
N GLN C 26 2.48 18.55 -17.05
CA GLN C 26 1.44 19.46 -17.52
C GLN C 26 1.89 20.65 -18.37
N GLU C 27 2.79 21.51 -17.87
CA GLU C 27 3.10 22.72 -18.62
C GLU C 27 4.39 22.59 -19.45
N GLY C 28 5.54 22.72 -18.79
CA GLY C 28 6.81 22.10 -19.11
C GLY C 28 6.98 20.80 -18.35
N ARG C 29 7.89 19.94 -18.83
CA ARG C 29 8.82 19.19 -18.00
C ARG C 29 8.18 18.42 -16.84
N LYS C 30 8.14 17.09 -17.02
CA LYS C 30 7.56 16.14 -16.05
C LYS C 30 8.46 15.90 -14.83
N ASP C 31 9.75 16.19 -14.99
CA ASP C 31 10.72 16.01 -13.92
C ASP C 31 10.65 17.10 -12.83
N SER C 32 9.93 18.21 -13.06
CA SER C 32 9.76 19.28 -12.08
C SER C 32 8.28 19.66 -11.92
N LEU C 33 7.85 19.89 -10.68
CA LEU C 33 6.54 20.47 -10.43
C LEU C 33 6.59 21.95 -10.81
N SER C 34 5.55 22.38 -11.52
CA SER C 34 5.32 23.73 -12.02
C SER C 34 4.02 24.25 -11.36
N VAL C 35 3.76 25.56 -11.35
CA VAL C 35 2.69 26.10 -10.51
C VAL C 35 1.40 26.36 -11.30
N ASN C 36 1.02 25.34 -12.04
CA ASN C 36 -0.34 24.91 -12.31
C ASN C 36 -0.21 23.42 -12.67
N GLU C 37 0.40 22.78 -11.66
CA GLU C 37 0.69 21.36 -11.54
C GLU C 37 0.68 21.10 -10.03
N PHE C 38 1.37 22.00 -9.31
CA PHE C 38 1.45 22.00 -7.87
C PHE C 38 0.10 22.36 -7.27
N LYS C 39 -0.44 23.53 -7.61
CA LYS C 39 -1.68 23.96 -7.00
C LYS C 39 -2.81 22.97 -7.34
N GLU C 40 -2.79 22.44 -8.56
CA GLU C 40 -3.78 21.44 -8.97
C GLU C 40 -3.62 20.16 -8.17
N LEU C 41 -2.37 19.84 -7.80
CA LEU C 41 -2.07 18.63 -7.02
C LEU C 41 -2.61 18.76 -5.59
N VAL C 42 -2.34 19.90 -4.95
CA VAL C 42 -2.82 20.14 -3.60
C VAL C 42 -4.34 20.21 -3.58
N THR C 43 -4.94 20.89 -4.55
CA THR C 43 -6.40 21.05 -4.58
C THR C 43 -7.14 19.75 -4.96
N GLN C 44 -6.47 18.82 -5.62
CA GLN C 44 -7.13 17.58 -6.03
C GLN C 44 -6.73 16.37 -5.20
N GLN C 45 -5.44 16.08 -5.13
CA GLN C 45 -4.94 14.91 -4.42
C GLN C 45 -4.82 15.14 -2.90
N LEU C 46 -4.45 16.35 -2.49
CA LEU C 46 -4.28 16.65 -1.06
C LEU C 46 -5.22 17.76 -0.57
N PRO C 47 -6.55 17.63 -0.74
CA PRO C 47 -7.50 18.67 -0.31
C PRO C 47 -7.97 18.47 1.12
N HIS C 48 -7.84 17.24 1.61
CA HIS C 48 -8.23 16.89 2.97
C HIS C 48 -7.01 16.76 3.86
N LEU C 49 -5.97 16.12 3.33
CA LEU C 49 -4.73 15.92 4.05
C LEU C 49 -4.07 17.28 4.31
N LEU C 50 -3.93 18.06 3.24
CA LEU C 50 -3.37 19.39 3.33
C LEU C 50 -4.50 20.40 3.34
N LYS C 51 -4.87 20.83 4.54
CA LYS C 51 -5.96 21.79 4.71
C LYS C 51 -5.47 23.23 4.58
N ASP C 52 -4.74 23.49 3.50
CA ASP C 52 -4.21 24.81 3.22
C ASP C 52 -3.93 24.96 1.72
N VAL C 53 -4.98 24.77 0.92
CA VAL C 53 -4.88 24.86 -0.54
C VAL C 53 -4.91 26.32 -1.01
N GLY C 54 -5.28 27.22 -0.09
CA GLY C 54 -5.37 28.63 -0.44
C GLY C 54 -4.06 29.35 -0.13
N SER C 55 -3.21 28.71 0.67
CA SER C 55 -1.93 29.29 1.04
C SER C 55 -0.77 28.42 0.53
N LEU C 56 -0.96 27.82 -0.64
CA LEU C 56 0.05 27.00 -1.28
C LEU C 56 1.33 27.82 -1.44
N ASP C 57 1.21 29.03 -1.96
CA ASP C 57 2.28 29.98 -2.26
C ASP C 57 3.33 30.04 -1.15
N GLU C 58 2.90 30.04 0.12
CA GLU C 58 3.81 30.00 1.27
C GLU C 58 4.60 28.69 1.27
N LYS C 59 3.90 27.57 1.10
CA LYS C 59 4.52 26.25 1.06
C LYS C 59 5.52 26.21 -0.09
N MET C 60 5.08 26.69 -1.25
CA MET C 60 5.92 26.79 -2.44
C MET C 60 7.21 27.53 -2.10
N LYS C 61 7.11 28.74 -1.55
CA LYS C 61 8.29 29.51 -1.18
C LYS C 61 9.17 28.73 -0.21
N SER C 62 8.56 28.08 0.79
CA SER C 62 9.28 27.27 1.76
C SER C 62 9.97 26.06 1.10
N LEU C 63 9.32 25.44 0.10
CA LEU C 63 9.81 24.28 -0.62
C LEU C 63 10.99 24.66 -1.51
N ASP C 64 10.76 25.62 -2.40
CA ASP C 64 11.55 25.90 -3.60
C ASP C 64 13.03 26.22 -3.37
N VAL C 65 13.45 26.49 -2.13
CA VAL C 65 14.25 27.60 -1.61
C VAL C 65 15.38 28.18 -2.49
N ASN C 66 15.91 27.44 -3.48
CA ASN C 66 16.70 28.10 -4.51
C ASN C 66 15.88 29.18 -5.23
N GLN C 67 14.55 29.02 -5.21
CA GLN C 67 13.57 29.99 -5.70
C GLN C 67 13.65 30.14 -7.23
N ASP C 68 14.24 29.16 -7.91
CA ASP C 68 14.15 29.05 -9.37
C ASP C 68 12.69 28.88 -9.81
N SER C 69 11.80 28.48 -8.88
CA SER C 69 10.39 28.25 -9.12
C SER C 69 10.14 27.02 -10.00
N GLU C 70 11.17 26.20 -10.26
CA GLU C 70 10.99 24.81 -10.57
C GLU C 70 11.00 24.10 -9.22
N LEU C 71 9.88 23.55 -8.80
CA LEU C 71 9.83 22.72 -7.60
C LEU C 71 10.50 21.42 -8.00
N LYS C 72 11.76 21.27 -7.57
CA LYS C 72 12.73 20.37 -8.20
C LYS C 72 12.51 18.94 -7.68
N PHE C 73 13.22 17.98 -8.28
CA PHE C 73 13.07 16.55 -8.02
C PHE C 73 13.86 16.24 -6.74
N ASN C 74 13.25 16.69 -5.63
CA ASN C 74 13.64 16.80 -4.24
C ASN C 74 14.10 18.24 -3.96
N GLU C 75 13.30 19.23 -4.36
CA GLU C 75 12.60 20.12 -3.45
C GLU C 75 11.24 19.52 -3.13
N TYR C 76 10.42 19.35 -4.20
CA TYR C 76 9.01 18.97 -4.17
C TYR C 76 8.72 17.92 -3.12
N TRP C 77 9.51 16.84 -3.17
CA TRP C 77 9.32 15.65 -2.38
C TRP C 77 8.99 15.96 -0.92
N ARG C 78 9.63 16.99 -0.35
CA ARG C 78 9.36 17.48 1.00
C ARG C 78 7.86 17.48 1.30
N LEU C 79 7.02 17.95 0.37
CA LEU C 79 5.58 18.02 0.53
C LEU C 79 5.01 16.71 1.04
N ILE C 80 5.36 15.59 0.41
CA ILE C 80 4.88 14.27 0.78
C ILE C 80 5.28 14.00 2.24
N GLY C 81 6.39 14.58 2.67
CA GLY C 81 6.94 14.54 4.01
C GLY C 81 6.08 15.26 5.00
N GLU C 82 5.65 16.44 4.58
CA GLU C 82 4.85 17.29 5.41
C GLU C 82 3.51 16.61 5.57
N LEU C 83 2.85 16.13 4.51
CA LEU C 83 1.68 15.29 4.71
C LEU C 83 1.98 14.06 5.59
N ALA C 84 3.08 13.37 5.34
CA ALA C 84 3.46 12.18 6.11
C ALA C 84 3.49 12.48 7.60
N LYS C 85 4.18 13.55 8.02
CA LYS C 85 4.16 13.91 9.44
C LYS C 85 2.79 14.45 9.84
N GLU C 86 2.12 15.29 9.02
CA GLU C 86 0.85 15.96 9.33
C GLU C 86 -0.15 15.01 9.99
N ILE C 87 -0.30 13.80 9.45
CA ILE C 87 -1.21 12.81 10.02
C ILE C 87 -0.98 12.63 11.54
N ARG C 88 0.30 12.62 11.94
CA ARG C 88 0.76 12.63 13.33
C ARG C 88 0.76 14.06 13.92
N LYS C 89 1.14 15.06 13.13
CA LYS C 89 1.57 16.36 13.58
C LYS C 89 0.64 17.47 13.09
N LYS C 90 -0.50 17.61 13.77
CA LYS C 90 -1.57 18.58 13.53
C LYS C 90 -1.06 19.95 13.08
N LYS C 91 -0.16 20.60 13.83
CA LYS C 91 0.38 21.91 13.45
C LYS C 91 1.78 22.19 14.03
N ASP C 92 2.31 21.28 14.84
CA ASP C 92 3.15 21.63 15.98
C ASP C 92 4.63 21.62 15.57
N LEU C 93 4.96 22.28 14.46
CA LEU C 93 6.32 22.33 13.93
C LEU C 93 7.09 23.55 14.42
N ILE C 95 9.69 25.89 14.34
CA ILE C 95 11.06 26.13 13.89
C ILE C 95 11.29 27.51 13.24
N ARG C 96 12.53 28.00 13.37
CA ARG C 96 13.05 29.23 12.82
C ARG C 96 14.56 29.14 12.98
N LYS C 97 15.35 29.32 11.93
CA LYS C 97 16.75 28.91 11.89
C LYS C 97 17.31 29.42 10.55
N LYS C 98 18.41 30.18 10.59
CA LYS C 98 19.23 30.50 9.42
C LYS C 98 20.47 29.61 9.51
N TYR D 1 -19.79 -8.95 -38.44
CA TYR D 1 -21.06 -8.20 -38.30
C TYR D 1 -20.81 -6.82 -37.69
N LYS D 2 -20.09 -5.97 -38.41
CA LYS D 2 -19.77 -4.63 -37.92
C LYS D 2 -21.03 -3.91 -37.43
N LYS D 3 -21.13 -3.76 -36.12
CA LYS D 3 -22.29 -3.12 -35.50
C LYS D 3 -21.90 -2.60 -34.12
N PRO D 4 -22.88 -2.08 -33.33
CA PRO D 4 -22.67 -1.55 -31.99
C PRO D 4 -21.37 -2.01 -31.33
N LYS D 5 -20.40 -1.12 -31.27
CA LYS D 5 -19.11 -1.41 -30.66
C LYS D 5 -19.11 -0.91 -29.22
N LEU D 6 -19.20 -1.83 -28.27
CA LEU D 6 -19.19 -1.48 -26.85
C LEU D 6 -17.76 -1.30 -26.35
N LEU D 7 -17.53 -0.23 -25.60
CA LEU D 7 -16.20 0.05 -25.07
C LEU D 7 -16.29 0.65 -23.67
N TYR D 8 -15.44 0.18 -22.77
CA TYR D 8 -15.40 0.68 -21.39
C TYR D 8 -14.04 0.38 -20.77
N CYS D 9 -13.79 0.89 -19.57
CA CYS D 9 -12.52 0.65 -18.90
C CYS D 9 -12.69 0.61 -17.38
N SER D 10 -11.66 0.12 -16.69
CA SER D 10 -11.65 0.00 -15.25
C SER D 10 -12.51 -1.18 -14.82
N ASN D 11 -11.88 -2.15 -14.14
CA ASN D 11 -12.59 -3.34 -13.68
C ASN D 11 -13.88 -2.95 -12.96
N GLY D 12 -14.98 -3.52 -13.40
CA GLY D 12 -16.26 -3.22 -12.79
C GLY D 12 -17.34 -2.96 -13.83
N GLY D 13 -18.53 -3.50 -13.59
CA GLY D 13 -19.63 -3.31 -14.51
C GLY D 13 -19.92 -1.85 -14.77
N HIS D 14 -19.52 -1.38 -15.95
CA HIS D 14 -19.74 0.02 -16.35
C HIS D 14 -19.51 0.15 -17.85
N PHE D 15 -20.52 0.61 -18.59
CA PHE D 15 -20.41 0.77 -20.03
C PHE D 15 -20.58 2.23 -20.42
N LEU D 16 -19.95 2.63 -21.51
CA LEU D 16 -20.04 4.01 -21.99
C LEU D 16 -21.40 4.26 -22.65
N ARG D 17 -22.31 4.89 -21.91
CA ARG D 17 -23.64 5.17 -22.43
C ARG D 17 -23.68 6.58 -23.00
N ILE D 18 -23.74 6.67 -24.32
CA ILE D 18 -23.76 7.96 -25.00
C ILE D 18 -25.19 8.46 -25.17
N LEU D 19 -25.36 9.77 -25.04
CA LEU D 19 -26.65 10.40 -25.21
C LEU D 19 -26.53 11.60 -26.14
N PRO D 20 -27.52 11.80 -27.04
CA PRO D 20 -27.53 12.91 -28.00
C PRO D 20 -27.14 14.24 -27.36
N ASP D 21 -27.46 14.39 -26.08
CA ASP D 21 -27.14 15.59 -25.33
C ASP D 21 -25.63 15.84 -25.31
N GLY D 22 -24.87 14.77 -25.09
CA GLY D 22 -23.43 14.88 -25.03
C GLY D 22 -22.86 14.32 -23.74
N THR D 23 -23.62 14.44 -22.66
CA THR D 23 -23.17 13.94 -21.36
C THR D 23 -23.19 12.41 -21.31
N VAL D 24 -22.11 11.81 -21.78
CA VAL D 24 -21.96 10.36 -21.78
C VAL D 24 -21.39 9.88 -20.45
N ASP D 25 -22.01 8.87 -19.86
CA ASP D 25 -21.55 8.33 -18.58
C ASP D 25 -21.33 6.83 -18.66
N GLY D 26 -20.64 6.28 -17.66
CA GLY D 26 -20.35 4.86 -17.63
C GLY D 26 -21.48 4.05 -17.03
N THR D 27 -22.61 4.03 -17.72
CA THR D 27 -23.79 3.30 -17.27
C THR D 27 -23.54 1.79 -17.33
N ARG D 28 -23.81 1.09 -16.24
CA ARG D 28 -23.61 -0.34 -16.20
C ARG D 28 -24.91 -1.06 -16.54
N ASP D 29 -25.33 -0.92 -17.79
CA ASP D 29 -26.56 -1.55 -18.27
C ASP D 29 -26.45 -1.89 -19.75
N ARG D 30 -27.18 -2.92 -20.16
CA ARG D 30 -27.19 -3.35 -21.56
C ARG D 30 -28.62 -3.61 -22.03
N SER D 31 -29.58 -2.99 -21.35
CA SER D 31 -30.99 -3.14 -21.67
C SER D 31 -31.41 -2.06 -22.67
N ASP D 32 -30.95 -0.83 -22.43
CA ASP D 32 -31.28 0.29 -23.31
C ASP D 32 -30.17 0.51 -24.33
N GLN D 33 -30.53 0.54 -25.61
CA GLN D 33 -29.55 0.73 -26.67
C GLN D 33 -28.96 2.14 -26.66
N HIS D 34 -28.06 2.38 -25.72
CA HIS D 34 -27.39 3.67 -25.63
C HIS D 34 -25.94 3.54 -25.18
N ILE D 35 -25.40 2.32 -25.28
CA ILE D 35 -24.00 2.06 -24.89
C ILE D 35 -23.24 1.41 -26.05
N GLN D 36 -23.46 1.93 -27.25
CA GLN D 36 -22.81 1.40 -28.44
C GLN D 36 -22.36 2.50 -29.37
N LEU D 37 -21.12 2.42 -29.84
CA LEU D 37 -20.56 3.40 -30.75
C LEU D 37 -19.99 2.69 -31.98
N GLN D 38 -19.92 3.40 -33.09
CA GLN D 38 -19.38 2.82 -34.32
C GLN D 38 -17.88 3.05 -34.40
N LEU D 39 -17.14 2.31 -33.57
CA LEU D 39 -15.68 2.40 -33.56
C LEU D 39 -15.10 1.70 -34.78
N SER D 40 -14.24 2.40 -35.51
CA SER D 40 -13.61 1.84 -36.70
C SER D 40 -12.35 2.62 -37.06
N ALA D 41 -11.44 1.97 -37.77
CA ALA D 41 -10.20 2.60 -38.21
C ALA D 41 -10.44 3.36 -39.50
N GLU D 42 -10.55 4.68 -39.39
CA GLU D 42 -10.80 5.52 -40.56
C GLU D 42 -9.55 5.58 -41.44
N SER D 43 -8.44 5.97 -40.84
CA SER D 43 -7.17 6.08 -41.55
C SER D 43 -6.17 5.09 -40.96
N VAL D 44 -4.99 5.00 -41.58
CA VAL D 44 -3.95 4.09 -41.11
C VAL D 44 -3.65 4.33 -39.62
N GLY D 45 -4.31 3.56 -38.76
CA GLY D 45 -4.11 3.68 -37.34
C GLY D 45 -5.06 4.68 -36.68
N GLU D 46 -5.69 5.53 -37.48
CA GLU D 46 -6.61 6.53 -36.95
C GLU D 46 -8.02 5.97 -36.81
N VAL D 47 -8.45 5.75 -35.57
CA VAL D 47 -9.77 5.22 -35.30
C VAL D 47 -10.69 6.33 -34.81
N TYR D 48 -11.95 6.27 -35.21
CA TYR D 48 -12.94 7.27 -34.82
C TYR D 48 -14.03 6.66 -33.97
N ILE D 49 -14.55 7.46 -33.04
CA ILE D 49 -15.62 7.02 -32.16
C ILE D 49 -16.89 7.81 -32.46
N LYS D 50 -17.81 7.16 -33.15
CA LYS D 50 -19.07 7.80 -33.53
C LYS D 50 -20.25 6.90 -33.18
N SER D 51 -21.07 7.34 -32.24
CA SER D 51 -22.24 6.59 -31.83
C SER D 51 -23.40 6.88 -32.79
N THR D 52 -23.18 6.54 -34.06
CA THR D 52 -24.15 6.78 -35.11
C THR D 52 -25.52 6.18 -34.78
N GLU D 53 -25.60 4.85 -34.81
CA GLU D 53 -26.86 4.16 -34.57
C GLU D 53 -27.15 4.00 -33.07
N THR D 54 -27.18 5.12 -32.34
CA THR D 54 -27.45 5.08 -30.91
C THR D 54 -27.33 6.46 -30.24
N GLY D 55 -26.31 7.23 -30.62
CA GLY D 55 -26.13 8.53 -29.99
C GLY D 55 -25.66 9.61 -30.94
N GLN D 56 -24.43 10.05 -30.75
CA GLN D 56 -23.85 11.13 -31.54
C GLN D 56 -22.37 10.89 -31.81
N TYR D 57 -21.75 11.86 -32.48
CA TYR D 57 -20.33 11.80 -32.80
C TYR D 57 -19.53 12.46 -31.68
N LEU D 58 -18.34 11.95 -31.39
CA LEU D 58 -17.51 12.51 -30.33
C LEU D 58 -16.72 13.71 -30.82
N ALA D 59 -16.38 14.58 -29.87
CA ALA D 59 -15.61 15.78 -30.14
C ALA D 59 -14.97 16.28 -28.86
N MET D 60 -13.81 15.71 -28.55
CA MET D 60 -13.07 16.06 -27.33
C MET D 60 -12.86 17.56 -27.19
N ASP D 61 -12.95 18.04 -25.95
CA ASP D 61 -12.75 19.44 -25.65
C ASP D 61 -11.29 19.67 -25.29
N THR D 62 -10.46 19.79 -26.32
CA THR D 62 -9.03 20.01 -26.11
C THR D 62 -8.43 18.82 -25.36
N ASP D 63 -8.97 17.62 -25.63
CA ASP D 63 -8.53 16.38 -24.97
C ASP D 63 -8.94 16.40 -23.49
N GLY D 64 -8.56 17.49 -22.79
CA GLY D 64 -8.88 17.64 -21.38
C GLY D 64 -10.21 17.02 -21.00
N LEU D 65 -11.28 17.45 -21.68
CA LEU D 65 -12.61 16.94 -21.42
C LEU D 65 -13.13 16.22 -22.66
N LEU D 66 -13.67 15.03 -22.47
CA LEU D 66 -14.20 14.25 -23.58
C LEU D 66 -15.70 14.42 -23.70
N TYR D 67 -16.16 14.77 -24.91
CA TYR D 67 -17.58 14.96 -25.16
C TYR D 67 -17.89 14.70 -26.64
N GLY D 68 -19.16 14.78 -26.99
CA GLY D 68 -19.57 14.57 -28.36
C GLY D 68 -21.06 14.79 -28.55
N SER D 69 -21.44 15.33 -29.71
CA SER D 69 -22.84 15.59 -30.01
C SER D 69 -23.00 16.41 -31.28
N GLN D 70 -22.47 17.63 -31.26
CA GLN D 70 -22.59 18.53 -32.41
C GLN D 70 -21.91 17.99 -33.66
N THR D 71 -20.58 17.97 -33.67
CA THR D 71 -19.85 17.50 -34.85
C THR D 71 -18.59 16.71 -34.47
N PRO D 72 -18.22 15.71 -35.30
CA PRO D 72 -17.04 14.89 -35.07
C PRO D 72 -15.76 15.63 -35.47
N ASN D 73 -15.41 16.63 -34.67
CA ASN D 73 -14.22 17.43 -34.93
C ASN D 73 -12.95 16.58 -34.86
N GLU D 74 -11.88 17.03 -35.51
CA GLU D 74 -10.60 16.30 -35.53
C GLU D 74 -10.25 15.78 -34.13
N GLU D 75 -10.64 16.52 -33.11
CA GLU D 75 -10.42 16.11 -31.71
C GLU D 75 -10.82 14.65 -31.51
N CYS D 76 -11.76 14.16 -32.33
CA CYS D 76 -12.26 12.79 -32.23
C CYS D 76 -11.38 11.77 -32.96
N LEU D 77 -10.26 12.20 -33.54
CA LEU D 77 -9.37 11.26 -34.24
C LEU D 77 -8.33 10.71 -33.26
N PHE D 78 -8.34 9.38 -33.08
CA PHE D 78 -7.40 8.74 -32.16
C PHE D 78 -6.64 7.61 -32.83
N LEU D 79 -5.38 7.43 -32.41
CA LEU D 79 -4.53 6.37 -32.94
C LEU D 79 -4.82 5.07 -32.21
N GLU D 80 -5.15 4.03 -32.97
CA GLU D 80 -5.47 2.72 -32.39
C GLU D 80 -4.21 2.01 -31.90
N ARG D 81 -4.13 1.79 -30.60
CA ARG D 81 -2.99 1.11 -29.99
C ARG D 81 -3.49 -0.03 -29.08
N LEU D 82 -2.70 -1.07 -28.94
CA LEU D 82 -3.08 -2.21 -28.12
C LEU D 82 -2.04 -2.45 -27.02
N GLU D 83 -2.49 -2.80 -25.82
CA GLU D 83 -1.60 -3.07 -24.71
C GLU D 83 -1.68 -4.54 -24.33
N GLU D 84 -0.54 -5.13 -23.98
CA GLU D 84 -0.49 -6.54 -23.59
C GLU D 84 -1.09 -6.73 -22.20
N ASN D 85 -2.32 -6.25 -22.03
CA ASN D 85 -3.03 -6.34 -20.77
C ASN D 85 -4.53 -6.56 -21.03
N HIS D 86 -4.86 -7.06 -22.22
CA HIS D 86 -6.24 -7.31 -22.61
C HIS D 86 -7.04 -6.02 -22.62
N TYR D 87 -6.44 -4.95 -23.16
CA TYR D 87 -7.10 -3.65 -23.23
C TYR D 87 -6.67 -2.89 -24.49
N ASN D 88 -7.53 -2.00 -24.93
CA ASN D 88 -7.27 -1.18 -26.12
C ASN D 88 -6.84 0.22 -25.71
N THR D 89 -5.97 0.82 -26.51
CA THR D 89 -5.48 2.16 -26.24
C THR D 89 -5.71 3.05 -27.46
N TYR D 90 -6.17 4.27 -27.24
CA TYR D 90 -6.44 5.21 -28.32
C TYR D 90 -5.76 6.54 -28.03
N ILE D 91 -4.81 6.91 -28.87
CA ILE D 91 -4.08 8.15 -28.69
C ILE D 91 -4.70 9.29 -29.48
N SER D 92 -5.18 10.30 -28.77
CA SER D 92 -5.77 11.48 -29.40
C SER D 92 -4.70 12.28 -30.13
N LYS D 93 -4.33 11.82 -31.32
CA LYS D 93 -3.29 12.48 -32.12
C LYS D 93 -3.46 13.99 -32.11
N LYS D 94 -4.72 14.45 -32.07
CA LYS D 94 -5.01 15.88 -32.03
C LYS D 94 -4.26 16.56 -30.88
N HIS D 95 -3.99 15.80 -29.81
CA HIS D 95 -3.26 16.33 -28.66
C HIS D 95 -2.07 15.45 -28.28
N ALA D 96 -1.73 14.50 -29.15
CA ALA D 96 -0.60 13.60 -28.90
C ALA D 96 0.64 14.40 -28.57
N GLU D 97 0.73 15.60 -29.15
CA GLU D 97 1.86 16.50 -28.92
C GLU D 97 2.13 16.68 -27.42
N LYS D 98 1.07 16.66 -26.61
CA LYS D 98 1.20 16.81 -25.15
C LYS D 98 1.17 15.47 -24.45
N ASN D 99 1.35 14.39 -25.20
CA ASN D 99 1.32 13.03 -24.69
C ASN D 99 -0.03 12.73 -24.02
N TRP D 100 -1.09 13.16 -24.68
CA TRP D 100 -2.44 12.99 -24.18
C TRP D 100 -3.22 11.96 -25.00
N PHE D 101 -3.76 10.95 -24.31
CA PHE D 101 -4.55 9.93 -24.98
C PHE D 101 -5.82 9.61 -24.19
N VAL D 102 -6.98 9.84 -24.84
CA VAL D 102 -8.33 9.66 -24.29
C VAL D 102 -8.40 8.78 -23.04
N GLY D 103 -8.93 9.35 -21.97
CA GLY D 103 -9.09 8.65 -20.71
C GLY D 103 -10.41 9.02 -20.05
N LEU D 104 -11.17 8.01 -19.60
CA LEU D 104 -12.46 8.26 -18.97
C LEU D 104 -12.51 7.73 -17.54
N LYS D 105 -13.45 8.25 -16.77
CA LYS D 105 -13.64 7.85 -15.38
C LYS D 105 -14.84 6.91 -15.27
N LYS D 106 -14.56 5.63 -15.10
CA LYS D 106 -15.60 4.59 -14.98
C LYS D 106 -16.77 5.06 -14.11
N ASN D 107 -16.45 5.69 -12.99
CA ASN D 107 -17.48 6.17 -12.07
C ASN D 107 -17.54 7.70 -12.07
N GLY D 108 -17.35 8.31 -13.25
CA GLY D 108 -17.38 9.74 -13.36
C GLY D 108 -17.85 10.22 -14.72
N SER D 109 -17.18 9.73 -15.76
CA SER D 109 -17.46 10.07 -17.16
C SER D 109 -16.15 10.23 -17.92
N CYS D 110 -16.21 10.45 -19.21
CA CYS D 110 -15.02 10.62 -20.02
C CYS D 110 -14.53 12.08 -19.99
N LYS D 111 -13.50 12.34 -19.18
CA LYS D 111 -12.93 13.67 -19.07
C LYS D 111 -11.76 13.69 -18.10
N ARG D 112 -10.60 13.22 -18.59
CA ARG D 112 -9.38 13.16 -17.78
C ARG D 112 -8.16 13.47 -18.63
N GLY D 113 -8.35 14.34 -19.62
CA GLY D 113 -7.28 14.76 -20.52
C GLY D 113 -6.04 15.34 -19.84
N PRO D 114 -6.16 16.19 -18.79
CA PRO D 114 -4.98 16.73 -18.11
C PRO D 114 -4.18 15.62 -17.41
N ARG D 115 -4.78 14.44 -17.31
CA ARG D 115 -4.15 13.29 -16.69
C ARG D 115 -4.19 12.06 -17.61
N THR D 116 -4.35 12.28 -18.93
CA THR D 116 -4.40 11.19 -19.89
C THR D 116 -3.02 10.60 -20.16
N HIS D 117 -2.02 11.04 -19.40
CA HIS D 117 -0.66 10.51 -19.54
C HIS D 117 -0.58 9.12 -18.87
N TYR D 118 0.58 8.47 -18.94
CA TYR D 118 0.75 7.15 -18.34
C TYR D 118 0.70 7.21 -16.81
N GLY D 119 -0.50 7.06 -16.28
CA GLY D 119 -0.74 7.10 -14.85
C GLY D 119 -2.10 6.51 -14.54
N GLN D 120 -3.12 7.14 -15.11
CA GLN D 120 -4.49 6.66 -14.95
C GLN D 120 -4.65 5.44 -15.83
N LYS D 121 -4.94 4.30 -15.22
CA LYS D 121 -5.05 3.05 -15.97
C LYS D 121 -6.33 3.02 -16.81
N ALA D 122 -7.28 3.89 -16.48
CA ALA D 122 -8.54 4.00 -17.20
C ALA D 122 -8.34 4.16 -18.71
N ILE D 123 -7.12 4.52 -19.12
CA ILE D 123 -6.79 4.67 -20.53
C ILE D 123 -6.86 3.32 -21.26
N LEU D 124 -6.67 2.24 -20.51
CA LEU D 124 -6.71 0.90 -21.08
C LEU D 124 -8.15 0.41 -21.15
N PHE D 125 -8.82 0.72 -22.27
CA PHE D 125 -10.21 0.36 -22.46
C PHE D 125 -10.38 -1.10 -22.86
N LEU D 126 -11.49 -1.69 -22.43
CA LEU D 126 -11.81 -3.07 -22.76
C LEU D 126 -12.99 -3.10 -23.73
N PRO D 127 -12.73 -3.41 -25.01
CA PRO D 127 -13.75 -3.44 -26.04
C PRO D 127 -14.48 -4.78 -26.13
N LEU D 128 -15.78 -4.70 -26.41
CA LEU D 128 -16.63 -5.89 -26.56
C LEU D 128 -17.48 -5.75 -27.83
N PRO D 129 -16.86 -5.38 -28.97
CA PRO D 129 -17.55 -5.20 -30.24
C PRO D 129 -17.81 -6.50 -30.98
N VAL D 130 -18.87 -6.51 -31.79
CA VAL D 130 -19.22 -7.69 -32.58
C VAL D 130 -18.34 -7.75 -33.83
N SER D 131 -17.18 -8.39 -33.69
CA SER D 131 -16.24 -8.54 -34.78
C SER D 131 -16.78 -9.48 -35.87
N SER D 132 -16.02 -9.64 -36.94
CA SER D 132 -16.41 -10.52 -38.03
C SER D 132 -15.50 -11.74 -38.06
N ASP D 133 -15.60 -12.55 -37.01
CA ASP D 133 -14.80 -13.76 -36.89
C ASP D 133 -15.56 -14.97 -37.42
N TYR A 1 -17.28 -30.70 26.96
CA TYR A 1 -16.42 -31.87 26.68
C TYR A 1 -14.95 -31.45 26.62
N LYS A 2 -14.41 -31.01 27.75
CA LYS A 2 -13.02 -30.56 27.82
C LYS A 2 -12.10 -31.62 27.21
N LYS A 3 -11.56 -31.30 26.05
CA LYS A 3 -10.66 -32.21 25.33
C LYS A 3 -9.79 -31.41 24.35
N PRO A 4 -8.99 -32.09 23.50
CA PRO A 4 -8.11 -31.48 22.52
C PRO A 4 -8.47 -30.03 22.18
N LYS A 5 -7.67 -29.10 22.69
CA LYS A 5 -7.89 -27.68 22.44
C LYS A 5 -6.99 -27.22 21.30
N LEU A 6 -7.59 -27.01 20.13
CA LEU A 6 -6.83 -26.56 18.96
C LEU A 6 -6.65 -25.04 19.00
N LEU A 7 -5.43 -24.59 18.71
CA LEU A 7 -5.12 -23.17 18.72
C LEU A 7 -4.13 -22.83 17.61
N TYR A 8 -4.38 -21.71 16.92
CA TYR A 8 -3.52 -21.26 15.84
C TYR A 8 -3.73 -19.76 15.60
N CYS A 9 -2.91 -19.15 14.75
CA CYS A 9 -3.05 -17.74 14.45
C CYS A 9 -2.64 -17.42 13.02
N SER A 10 -3.00 -16.22 12.57
CA SER A 10 -2.69 -15.75 11.22
C SER A 10 -3.63 -16.42 10.22
N ASN A 11 -4.39 -15.60 9.50
CA ASN A 11 -5.33 -16.12 8.52
C ASN A 11 -4.64 -17.11 7.58
N GLY A 12 -5.21 -18.30 7.48
CA GLY A 12 -4.64 -19.32 6.62
C GLY A 12 -4.60 -20.67 7.31
N GLY A 13 -4.96 -21.71 6.57
CA GLY A 13 -4.95 -23.06 7.13
C GLY A 13 -3.60 -23.43 7.72
N HIS A 14 -3.52 -23.43 9.05
CA HIS A 14 -2.31 -23.78 9.77
C HIS A 14 -2.63 -24.03 11.24
N PHE A 15 -2.32 -25.23 11.73
CA PHE A 15 -2.60 -25.58 13.12
C PHE A 15 -1.31 -25.89 13.86
N LEU A 16 -1.30 -25.63 15.16
CA LEU A 16 -0.12 -25.89 15.99
C LEU A 16 0.04 -27.38 16.23
N ARG A 17 0.94 -28.02 15.48
CA ARG A 17 1.17 -29.45 15.64
C ARG A 17 2.35 -29.69 16.56
N ILE A 18 2.06 -30.16 17.77
CA ILE A 18 3.09 -30.41 18.76
C ILE A 18 3.64 -31.83 18.65
N LEU A 19 4.94 -31.96 18.87
CA LEU A 19 5.61 -33.26 18.82
C LEU A 19 6.46 -33.44 20.07
N PRO A 20 6.47 -34.66 20.64
CA PRO A 20 7.25 -34.98 21.85
C PRO A 20 8.68 -34.42 21.79
N ASP A 21 9.21 -34.33 20.58
CA ASP A 21 10.56 -33.80 20.35
C ASP A 21 10.67 -32.37 20.87
N GLY A 22 9.65 -31.57 20.59
CA GLY A 22 9.64 -30.18 21.01
C GLY A 22 9.44 -29.23 19.84
N THR A 23 9.93 -29.60 18.67
CA THR A 23 9.79 -28.77 17.48
C THR A 23 8.35 -28.75 16.96
N VAL A 24 7.55 -27.86 17.54
CA VAL A 24 6.16 -27.72 17.15
C VAL A 24 6.05 -26.74 15.97
N ASP A 25 5.31 -27.14 14.94
CA ASP A 25 5.12 -26.29 13.75
C ASP A 25 3.64 -26.09 13.44
N GLY A 26 3.36 -25.12 12.58
CA GLY A 26 1.99 -24.82 12.21
C GLY A 26 1.50 -25.69 11.08
N THR A 27 1.37 -26.99 11.36
CA THR A 27 0.90 -27.95 10.37
C THR A 27 -0.57 -27.71 10.03
N ARG A 28 -0.89 -27.61 8.76
CA ARG A 28 -2.26 -27.39 8.35
C ARG A 28 -2.93 -28.73 8.04
N ASP A 29 -3.13 -29.53 9.09
CA ASP A 29 -3.77 -30.84 8.95
C ASP A 29 -4.53 -31.20 10.21
N ARG A 30 -5.57 -32.01 10.06
CA ARG A 30 -6.39 -32.45 11.18
C ARG A 30 -6.65 -33.96 11.10
N SER A 31 -5.77 -34.66 10.38
CA SER A 31 -5.89 -36.10 10.20
C SER A 31 -5.12 -36.82 11.30
N ASP A 32 -3.92 -36.32 11.60
CA ASP A 32 -3.08 -36.93 12.62
C ASP A 32 -3.26 -36.20 13.96
N GLN A 33 -3.58 -36.95 15.01
CA GLN A 33 -3.79 -36.36 16.33
C GLN A 33 -2.49 -35.80 16.91
N HIS A 34 -2.06 -34.65 16.41
CA HIS A 34 -0.85 -34.01 16.93
C HIS A 34 -0.99 -32.48 16.93
N ILE A 35 -2.22 -31.98 16.81
CA ILE A 35 -2.47 -30.55 16.81
C ILE A 35 -3.51 -30.18 17.88
N GLN A 36 -3.34 -30.76 19.06
CA GLN A 36 -4.25 -30.52 20.17
C GLN A 36 -3.50 -30.40 21.49
N LEU A 37 -3.84 -29.37 22.25
CA LEU A 37 -3.21 -29.14 23.55
C LEU A 37 -4.29 -28.97 24.62
N GLN A 38 -3.95 -29.27 25.87
CA GLN A 38 -4.91 -29.15 26.95
C GLN A 38 -4.85 -27.74 27.56
N LEU A 39 -5.36 -26.77 26.81
CA LEU A 39 -5.40 -25.39 27.27
C LEU A 39 -6.48 -25.21 28.34
N SER A 40 -6.10 -24.64 29.46
CA SER A 40 -7.03 -24.39 30.56
C SER A 40 -6.50 -23.33 31.51
N ALA A 41 -7.40 -22.68 32.22
CA ALA A 41 -7.04 -21.65 33.18
C ALA A 41 -6.68 -22.30 34.51
N GLU A 42 -5.38 -22.38 34.78
CA GLU A 42 -4.90 -23.00 36.01
C GLU A 42 -5.20 -22.09 37.20
N SER A 43 -4.74 -20.85 37.12
CA SER A 43 -4.96 -19.88 38.18
C SER A 43 -5.82 -18.72 37.66
N VAL A 44 -6.19 -17.80 38.54
CA VAL A 44 -7.01 -16.65 38.15
C VAL A 44 -6.38 -15.90 36.97
N GLY A 45 -6.79 -16.25 35.77
CA GLY A 45 -6.28 -15.61 34.58
C GLY A 45 -5.05 -16.31 34.00
N GLU A 46 -4.43 -17.19 34.78
CA GLU A 46 -3.24 -17.89 34.33
C GLU A 46 -3.62 -19.18 33.61
N VAL A 47 -3.42 -19.19 32.29
CA VAL A 47 -3.73 -20.35 31.48
C VAL A 47 -2.45 -21.09 31.11
N TYR A 48 -2.52 -22.41 31.07
CA TYR A 48 -1.37 -23.23 30.72
C TYR A 48 -1.61 -23.99 29.42
N ILE A 49 -0.53 -24.21 28.68
CA ILE A 49 -0.59 -24.93 27.42
C ILE A 49 0.16 -26.24 27.55
N LYS A 50 -0.57 -27.32 27.69
CA LYS A 50 0.03 -28.64 27.85
C LYS A 50 -0.61 -29.65 26.91
N SER A 51 0.15 -30.14 25.94
CA SER A 51 -0.35 -31.12 24.98
C SER A 51 -0.25 -32.51 25.58
N THR A 52 -0.95 -32.70 26.70
CA THR A 52 -0.94 -33.96 27.42
C THR A 52 -1.32 -35.15 26.52
N GLU A 53 -2.58 -35.22 26.12
CA GLU A 53 -3.07 -36.33 25.31
C GLU A 53 -2.74 -36.13 23.83
N THR A 54 -1.46 -35.94 23.50
CA THR A 54 -1.06 -35.75 22.10
C THR A 54 0.44 -35.43 21.96
N GLY A 55 0.97 -34.59 22.84
CA GLY A 55 2.37 -34.24 22.73
C GLY A 55 3.09 -34.11 24.06
N GLN A 56 3.45 -32.88 24.39
CA GLN A 56 4.20 -32.60 25.61
C GLN A 56 3.76 -31.27 26.23
N TYR A 57 4.45 -30.89 27.32
CA TYR A 57 4.17 -29.65 28.03
C TYR A 57 5.06 -28.54 27.46
N LEU A 58 4.55 -27.33 27.40
CA LEU A 58 5.32 -26.21 26.87
C LEU A 58 6.27 -25.63 27.92
N ALA A 59 7.34 -25.01 27.43
CA ALA A 59 8.34 -24.39 28.27
C ALA A 59 9.12 -23.37 27.46
N MET A 60 8.58 -22.17 27.35
CA MET A 60 9.20 -21.09 26.59
C MET A 60 10.66 -20.86 26.97
N ASP A 61 11.48 -20.56 25.98
CA ASP A 61 12.89 -20.29 26.20
C ASP A 61 13.08 -18.79 26.38
N THR A 62 12.84 -18.33 27.60
CA THR A 62 12.97 -16.92 27.91
C THR A 62 12.00 -16.09 27.06
N ASP A 63 10.83 -16.68 26.77
CA ASP A 63 9.81 -16.04 25.92
C ASP A 63 10.30 -15.96 24.47
N GLY A 64 11.49 -15.39 24.29
CA GLY A 64 12.09 -15.26 22.97
C GLY A 64 11.72 -16.40 22.03
N LEU A 65 12.03 -17.61 22.45
CA LEU A 65 11.72 -18.80 21.65
C LEU A 65 10.73 -19.68 22.40
N LEU A 66 9.69 -20.12 21.70
CA LEU A 66 8.67 -20.95 22.31
C LEU A 66 8.93 -22.43 22.02
N TYR A 67 8.94 -23.24 23.06
CA TYR A 67 9.18 -24.67 22.92
C TYR A 67 8.54 -25.43 24.08
N GLY A 68 8.61 -26.75 24.04
CA GLY A 68 8.04 -27.57 25.10
C GLY A 68 8.32 -29.04 24.88
N SER A 69 8.54 -29.78 25.96
CA SER A 69 8.81 -31.20 25.89
C SER A 69 9.24 -31.76 27.24
N GLN A 70 10.36 -31.27 27.76
CA GLN A 70 10.90 -31.76 29.03
C GLN A 70 9.95 -31.50 30.21
N THR A 71 9.82 -30.24 30.62
CA THR A 71 8.97 -29.91 31.76
C THR A 71 8.22 -28.59 31.56
N PRO A 72 6.98 -28.49 32.11
CA PRO A 72 6.16 -27.28 32.02
C PRO A 72 6.65 -26.20 32.98
N ASN A 73 7.80 -25.62 32.68
CA ASN A 73 8.39 -24.59 33.52
C ASN A 73 7.49 -23.36 33.58
N GLU A 74 7.64 -22.55 34.64
CA GLU A 74 6.83 -21.34 34.82
C GLU A 74 6.71 -20.55 33.50
N GLU A 75 7.75 -20.62 32.67
CA GLU A 75 7.73 -19.96 31.37
C GLU A 75 6.44 -20.27 30.61
N CYS A 76 5.82 -21.40 30.92
CA CYS A 76 4.59 -21.83 30.27
C CYS A 76 3.32 -21.21 30.87
N LEU A 77 3.47 -20.34 31.88
CA LEU A 77 2.30 -19.71 32.48
C LEU A 77 1.96 -18.40 31.75
N PHE A 78 0.76 -18.33 31.19
CA PHE A 78 0.33 -17.16 30.44
C PHE A 78 -1.01 -16.62 30.93
N LEU A 79 -1.16 -15.31 30.89
CA LEU A 79 -2.40 -14.65 31.30
C LEU A 79 -3.40 -14.69 30.15
N GLU A 80 -4.59 -15.22 30.42
CA GLU A 80 -5.64 -15.32 29.41
C GLU A 80 -6.28 -13.97 29.14
N ARG A 81 -6.11 -13.47 27.91
CA ARG A 81 -6.68 -12.20 27.49
C ARG A 81 -7.45 -12.38 26.18
N LEU A 82 -8.48 -11.57 25.98
CA LEU A 82 -9.29 -11.66 24.77
C LEU A 82 -9.30 -10.32 24.02
N GLU A 83 -9.23 -10.37 22.70
CA GLU A 83 -9.24 -9.16 21.89
C GLU A 83 -10.52 -9.11 21.07
N GLU A 84 -11.08 -7.91 20.92
CA GLU A 84 -12.32 -7.72 20.16
C GLU A 84 -12.03 -7.85 18.66
N ASN A 85 -11.42 -8.97 18.29
CA ASN A 85 -11.07 -9.25 16.89
C ASN A 85 -11.24 -10.74 16.60
N HIS A 86 -12.04 -11.43 17.43
CA HIS A 86 -12.27 -12.86 17.29
C HIS A 86 -10.96 -13.64 17.45
N TYR A 87 -10.17 -13.26 18.44
CA TYR A 87 -8.89 -13.91 18.71
C TYR A 87 -8.57 -13.90 20.20
N ASN A 88 -7.77 -14.88 20.62
CA ASN A 88 -7.36 -15.01 22.00
C ASN A 88 -5.95 -14.49 22.20
N THR A 89 -5.68 -13.92 23.37
CA THR A 89 -4.38 -13.39 23.69
C THR A 89 -3.86 -14.01 24.99
N TYR A 90 -2.59 -14.38 25.01
CA TYR A 90 -1.99 -14.99 26.19
C TYR A 90 -0.70 -14.27 26.54
N ILE A 91 -0.67 -13.64 27.71
CA ILE A 91 0.50 -12.89 28.14
C ILE A 91 1.42 -13.75 29.01
N SER A 92 2.63 -13.98 28.54
CA SER A 92 3.60 -14.78 29.28
C SER A 92 4.06 -13.98 30.51
N LYS A 93 3.24 -14.01 31.55
CA LYS A 93 3.55 -13.29 32.79
C LYS A 93 5.01 -13.47 33.18
N LYS A 94 5.56 -14.65 32.92
CA LYS A 94 6.97 -14.92 33.23
C LYS A 94 7.88 -13.86 32.62
N HIS A 95 7.44 -13.25 31.51
CA HIS A 95 8.23 -12.21 30.84
C HIS A 95 7.40 -10.94 30.60
N ALA A 96 6.20 -10.89 31.19
CA ALA A 96 5.32 -9.73 31.03
C ALA A 96 6.08 -8.45 31.37
N GLU A 97 7.05 -8.56 32.28
CA GLU A 97 7.88 -7.43 32.69
C GLU A 97 8.46 -6.71 31.47
N LYS A 98 8.76 -7.46 30.41
CA LYS A 98 9.31 -6.89 29.19
C LYS A 98 8.20 -6.66 28.16
N ASN A 99 6.95 -6.73 28.60
CA ASN A 99 5.80 -6.53 27.71
C ASN A 99 5.82 -7.58 26.59
N TRP A 100 6.27 -8.78 26.94
CA TRP A 100 6.38 -9.88 26.00
C TRP A 100 5.26 -10.90 26.24
N PHE A 101 4.48 -11.17 25.21
CA PHE A 101 3.39 -12.12 25.30
C PHE A 101 3.40 -13.08 24.10
N VAL A 102 3.54 -14.38 24.41
CA VAL A 102 3.61 -15.50 23.46
C VAL A 102 3.15 -15.15 22.05
N GLY A 103 4.04 -15.35 21.08
CA GLY A 103 3.76 -15.09 19.69
C GLY A 103 4.38 -16.16 18.79
N LEU A 104 3.60 -16.70 17.87
CA LEU A 104 4.11 -17.75 16.98
C LEU A 104 4.03 -17.34 15.51
N LYS A 105 4.81 -18.01 14.68
CA LYS A 105 4.84 -17.76 13.24
C LYS A 105 4.06 -18.83 12.51
N LYS A 106 2.86 -18.48 12.05
CA LYS A 106 1.98 -19.41 11.32
C LYS A 106 2.76 -20.26 10.32
N ASN A 107 3.67 -19.64 9.58
CA ASN A 107 4.47 -20.34 8.58
C ASN A 107 5.93 -20.44 9.04
N GLY A 108 6.14 -20.64 10.33
CA GLY A 108 7.50 -20.75 10.85
C GLY A 108 7.59 -21.62 12.08
N SER A 109 6.76 -21.29 13.09
CA SER A 109 6.70 -22.01 14.36
C SER A 109 6.55 -20.98 15.49
N CYS A 110 6.38 -21.45 16.72
CA CYS A 110 6.23 -20.57 17.86
C CYS A 110 7.59 -20.14 18.41
N LYS A 111 8.01 -18.92 18.07
CA LYS A 111 9.28 -18.38 18.54
C LYS A 111 9.50 -16.97 18.01
N ARG A 112 8.84 -16.02 18.68
CA ARG A 112 8.91 -14.62 18.31
C ARG A 112 8.92 -13.73 19.54
N GLY A 113 9.51 -14.21 20.65
CA GLY A 113 9.58 -13.43 21.88
C GLY A 113 10.12 -12.03 21.64
N PRO A 114 11.26 -11.84 20.93
CA PRO A 114 11.79 -10.48 20.68
C PRO A 114 10.77 -9.58 19.96
N ARG A 115 9.76 -10.20 19.36
CA ARG A 115 8.71 -9.48 18.65
C ARG A 115 7.30 -9.85 19.18
N THR A 116 7.18 -10.02 20.50
CA THR A 116 5.88 -10.38 21.09
C THR A 116 5.18 -9.17 21.71
N HIS A 117 5.41 -7.99 21.15
CA HIS A 117 4.77 -6.77 21.63
C HIS A 117 3.71 -6.34 20.63
N TYR A 118 3.45 -5.04 20.53
CA TYR A 118 2.46 -4.55 19.57
C TYR A 118 3.12 -4.33 18.22
N GLY A 119 2.97 -5.32 17.34
CA GLY A 119 3.54 -5.26 16.01
C GLY A 119 3.16 -6.48 15.21
N GLN A 120 3.48 -7.65 15.76
CA GLN A 120 3.13 -8.92 15.13
C GLN A 120 1.72 -9.31 15.54
N LYS A 121 0.85 -9.46 14.57
CA LYS A 121 -0.55 -9.78 14.83
C LYS A 121 -0.71 -11.26 15.19
N ALA A 122 0.30 -12.07 14.85
CA ALA A 122 0.30 -13.50 15.16
C ALA A 122 -0.01 -13.79 16.63
N ILE A 123 0.11 -12.78 17.49
CA ILE A 123 -0.17 -12.92 18.91
C ILE A 123 -1.67 -13.15 19.16
N LEU A 124 -2.50 -12.75 18.19
CA LEU A 124 -3.94 -12.95 18.29
C LEU A 124 -4.31 -14.32 17.77
N PHE A 125 -4.29 -15.31 18.66
CA PHE A 125 -4.58 -16.68 18.30
C PHE A 125 -6.07 -16.95 18.18
N LEU A 126 -6.43 -17.86 17.27
CA LEU A 126 -7.81 -18.24 17.06
C LEU A 126 -8.02 -19.66 17.57
N PRO A 127 -8.72 -19.80 18.71
CA PRO A 127 -8.97 -21.10 19.33
C PRO A 127 -10.22 -21.81 18.79
N LEU A 128 -10.11 -23.13 18.65
CA LEU A 128 -11.22 -23.96 18.18
C LEU A 128 -11.40 -25.16 19.11
N PRO A 129 -11.43 -24.93 20.44
CA PRO A 129 -11.57 -25.99 21.43
C PRO A 129 -13.01 -26.45 21.63
N VAL A 130 -13.18 -27.70 22.05
CA VAL A 130 -14.50 -28.26 22.29
C VAL A 130 -14.99 -27.82 23.67
N SER A 131 -15.65 -26.66 23.70
CA SER A 131 -16.19 -26.12 24.93
C SER A 131 -17.36 -26.95 25.46
N SER A 132 -17.88 -26.56 26.61
CA SER A 132 -19.01 -27.25 27.22
C SER A 132 -20.26 -26.37 27.15
N ASP A 133 -20.72 -26.13 25.93
CA ASP A 133 -21.89 -25.30 25.69
C ASP A 133 -23.14 -26.16 25.57
N MET B 1 -17.60 -3.83 2.34
CA MET B 1 -18.23 -3.56 3.65
C MET B 1 -17.23 -2.91 4.59
N ALA B 2 -16.62 -3.72 5.48
CA ALA B 2 -15.61 -3.22 6.39
C ALA B 2 -14.24 -3.35 5.74
N ALA B 3 -13.21 -2.83 6.39
CA ALA B 3 -11.85 -2.88 5.86
C ALA B 3 -11.81 -2.00 4.61
N GLU B 4 -12.20 -0.75 4.78
CA GLU B 4 -12.24 0.20 3.67
C GLU B 4 -10.86 0.75 3.33
N PRO B 5 -10.53 0.81 2.03
CA PRO B 5 -9.24 1.31 1.56
C PRO B 5 -9.17 2.84 1.62
N LEU B 6 -8.07 3.35 2.18
CA LEU B 6 -7.87 4.77 2.29
C LEU B 6 -7.10 5.30 1.09
N THR B 7 -6.64 6.55 1.16
CA THR B 7 -5.89 7.12 0.05
C THR B 7 -4.50 6.47 -0.01
N GLU B 8 -3.88 6.52 -1.19
CA GLU B 8 -2.56 5.94 -1.40
C GLU B 8 -1.51 6.48 -0.43
N LEU B 9 -1.70 7.73 0.01
CA LEU B 9 -0.77 8.37 0.92
C LEU B 9 -0.91 7.82 2.34
N GLU B 10 -2.13 7.50 2.77
CA GLU B 10 -2.37 6.89 4.08
C GLU B 10 -1.85 5.43 4.07
N GLU B 11 -2.11 4.72 2.94
CA GLU B 11 -1.64 3.36 2.72
C GLU B 11 -0.12 3.29 2.96
N SER B 12 0.62 4.18 2.28
CA SER B 12 2.07 4.12 2.29
C SER B 12 2.67 4.57 3.63
N ILE B 13 2.13 5.59 4.32
CA ILE B 13 2.62 5.88 5.65
C ILE B 13 2.32 4.71 6.58
N GLU B 14 1.14 4.09 6.49
CA GLU B 14 0.85 2.96 7.35
C GLU B 14 1.89 1.86 7.12
N THR B 15 2.07 1.37 5.88
CA THR B 15 2.93 0.22 5.63
C THR B 15 4.34 0.40 6.22
N VAL B 16 4.90 1.62 6.14
CA VAL B 16 6.20 1.90 6.75
C VAL B 16 6.07 2.05 8.27
N VAL B 17 5.00 2.69 8.77
CA VAL B 17 4.76 2.83 10.20
C VAL B 17 4.64 1.45 10.87
N THR B 18 3.89 0.50 10.28
CA THR B 18 3.76 -0.84 10.88
C THR B 18 5.13 -1.56 10.91
N THR B 19 5.91 -1.42 9.83
CA THR B 19 7.25 -1.99 9.76
C THR B 19 8.13 -1.38 10.85
N PHE B 20 8.19 -0.04 10.91
CA PHE B 20 8.82 0.71 11.99
C PHE B 20 8.41 0.09 13.34
N PHE B 21 7.10 -0.02 13.57
CA PHE B 21 6.57 -0.51 14.83
C PHE B 21 6.96 -1.96 15.15
N THR B 22 7.22 -2.78 14.13
CA THR B 22 7.61 -4.17 14.37
C THR B 22 9.06 -4.27 14.85
N PHE B 23 9.73 -3.11 14.94
CA PHE B 23 11.11 -3.04 15.39
C PHE B 23 11.23 -2.12 16.62
N ALA B 24 10.36 -1.11 16.67
CA ALA B 24 10.30 -0.14 17.75
C ALA B 24 10.01 -0.80 19.08
N ARG B 25 9.20 -1.86 19.06
CA ARG B 25 8.81 -2.55 20.29
C ARG B 25 9.74 -3.70 20.69
N GLN B 26 10.83 -3.89 19.96
CA GLN B 26 11.76 -4.98 20.27
C GLN B 26 12.26 -4.92 21.70
N GLU B 27 12.57 -3.71 22.16
CA GLU B 27 13.07 -3.50 23.51
C GLU B 27 12.26 -2.44 24.24
N GLY B 28 12.91 -1.78 25.22
CA GLY B 28 12.29 -0.70 25.98
C GLY B 28 11.68 0.42 25.13
N ARG B 29 10.41 0.73 25.46
CA ARG B 29 9.62 1.76 24.76
C ARG B 29 9.34 1.39 23.30
N LYS B 30 8.05 1.17 22.98
CA LYS B 30 7.66 0.79 21.61
C LYS B 30 7.49 2.01 20.70
N ASP B 31 8.41 2.95 20.81
CA ASP B 31 8.42 4.15 19.99
C ASP B 31 9.85 4.35 19.50
N SER B 32 10.80 4.33 20.45
CA SER B 32 12.19 4.51 20.17
C SER B 32 12.84 3.22 19.70
N LEU B 33 13.66 3.31 18.65
CA LEU B 33 14.62 2.27 18.30
C LEU B 33 15.90 2.57 19.08
N SER B 34 16.37 1.66 19.93
CA SER B 34 17.73 1.76 20.45
C SER B 34 18.71 1.17 19.44
N VAL B 35 20.00 1.21 19.76
CA VAL B 35 21.09 0.93 18.81
C VAL B 35 20.87 -0.39 18.05
N ASN B 36 20.73 -1.51 18.77
CA ASN B 36 20.51 -2.83 18.15
C ASN B 36 19.22 -2.80 17.30
N GLU B 37 18.13 -2.44 17.97
CA GLU B 37 16.82 -2.22 17.35
C GLU B 37 16.94 -1.52 15.99
N PHE B 38 17.69 -0.42 15.97
CA PHE B 38 17.90 0.37 14.78
C PHE B 38 18.67 -0.46 13.74
N LYS B 39 19.81 -1.02 14.15
CA LYS B 39 20.62 -1.83 13.26
C LYS B 39 19.81 -2.98 12.65
N GLU B 40 18.86 -3.52 13.41
CA GLU B 40 18.01 -4.63 12.93
C GLU B 40 17.18 -4.25 11.69
N LEU B 41 16.80 -2.98 11.55
CA LEU B 41 16.00 -2.54 10.41
C LEU B 41 16.86 -2.68 9.16
N VAL B 42 18.03 -2.03 9.21
CA VAL B 42 18.90 -1.91 8.06
C VAL B 42 19.42 -3.30 7.67
N THR B 43 19.97 -4.01 8.64
CA THR B 43 20.56 -5.33 8.40
C THR B 43 19.55 -6.39 7.90
N GLN B 44 18.26 -6.20 8.20
CA GLN B 44 17.26 -7.18 7.79
C GLN B 44 16.51 -6.81 6.50
N GLN B 45 15.90 -5.63 6.48
CA GLN B 45 15.12 -5.22 5.31
C GLN B 45 15.76 -4.11 4.48
N LEU B 46 17.07 -3.92 4.56
CA LEU B 46 17.70 -2.88 3.75
C LEU B 46 19.13 -3.26 3.35
N PRO B 47 19.26 -4.19 2.39
CA PRO B 47 20.56 -4.67 1.91
C PRO B 47 21.04 -4.00 0.61
N HIS B 48 20.19 -3.22 -0.04
CA HIS B 48 20.56 -2.57 -1.29
C HIS B 48 20.70 -1.06 -1.14
N LEU B 49 19.61 -0.40 -0.73
CA LEU B 49 19.59 1.05 -0.55
C LEU B 49 20.82 1.56 0.17
N LEU B 50 20.96 1.20 1.46
CA LEU B 50 22.08 1.53 2.31
C LEU B 50 22.82 0.23 2.58
N LYS B 51 23.62 -0.18 1.60
CA LYS B 51 24.41 -1.42 1.66
C LYS B 51 25.51 -1.38 2.73
N ASP B 52 25.49 -0.34 3.55
CA ASP B 52 26.49 -0.20 4.61
C ASP B 52 25.97 -0.79 5.92
N VAL B 53 26.12 -2.11 6.07
CA VAL B 53 25.68 -2.81 7.27
C VAL B 53 26.81 -2.90 8.30
N GLY B 54 27.78 -2.00 8.17
CA GLY B 54 28.91 -2.00 9.09
C GLY B 54 29.08 -0.66 9.77
N SER B 55 28.84 0.43 9.04
CA SER B 55 28.98 1.77 9.59
C SER B 55 27.64 2.34 10.03
N LEU B 56 26.85 1.52 10.74
CA LEU B 56 25.57 1.93 11.23
C LEU B 56 25.77 3.03 12.28
N ASP B 57 26.90 3.02 12.99
CA ASP B 57 27.30 4.07 13.91
C ASP B 57 27.24 5.45 13.24
N GLU B 58 27.81 5.57 12.03
CA GLU B 58 27.78 6.82 11.27
C GLU B 58 26.33 7.27 11.06
N LYS B 59 25.47 6.38 10.55
CA LYS B 59 24.07 6.71 10.37
C LYS B 59 23.50 7.17 11.71
N MET B 60 23.69 6.38 12.76
CA MET B 60 23.17 6.66 14.10
C MET B 60 23.55 8.08 14.52
N LYS B 61 24.84 8.43 14.48
CA LYS B 61 25.29 9.78 14.82
C LYS B 61 24.64 10.82 13.91
N SER B 62 24.56 10.55 12.60
CA SER B 62 23.93 11.45 11.65
C SER B 62 22.44 11.66 11.93
N LEU B 63 21.77 10.65 12.50
CA LEU B 63 20.35 10.64 12.80
C LEU B 63 20.07 11.25 14.17
N ASP B 64 20.58 10.62 15.22
CA ASP B 64 20.33 10.96 16.61
C ASP B 64 21.11 12.22 16.99
N VAL B 65 20.66 13.39 16.52
CA VAL B 65 21.33 14.67 16.72
C VAL B 65 21.71 14.93 18.19
N ASN B 66 20.84 14.52 19.11
CA ASN B 66 21.03 14.70 20.55
C ASN B 66 21.87 13.58 21.17
N GLN B 67 22.16 12.51 20.43
CA GLN B 67 22.97 11.38 20.86
C GLN B 67 22.51 10.86 22.23
N ASP B 68 21.22 10.58 22.37
CA ASP B 68 20.62 9.98 23.56
C ASP B 68 20.64 8.44 23.42
N SER B 69 20.99 7.91 22.24
CA SER B 69 20.95 6.49 21.94
C SER B 69 19.51 5.94 21.94
N GLU B 70 18.56 6.83 21.64
CA GLU B 70 17.20 6.51 21.27
C GLU B 70 16.87 7.31 20.03
N LEU B 71 16.57 6.65 18.91
CA LEU B 71 15.93 7.30 17.79
C LEU B 71 14.43 7.28 18.10
N LYS B 72 13.90 8.34 18.73
CA LYS B 72 12.45 8.55 18.87
C LYS B 72 11.79 8.46 17.50
N PHE B 73 10.47 8.25 17.45
CA PHE B 73 9.69 8.14 16.20
C PHE B 73 10.18 9.13 15.13
N ASN B 74 10.17 10.42 15.45
CA ASN B 74 10.55 11.47 14.51
C ASN B 74 12.05 11.46 14.16
N GLU B 75 12.91 11.04 15.10
CA GLU B 75 14.33 10.94 14.85
C GLU B 75 14.59 9.78 13.88
N TYR B 76 14.09 8.59 14.22
CA TYR B 76 14.13 7.41 13.37
C TYR B 76 13.64 7.76 11.98
N TRP B 77 12.47 8.40 11.92
CA TRP B 77 11.83 8.82 10.69
C TRP B 77 12.84 9.45 9.73
N ARG B 78 13.83 10.23 10.21
CA ARG B 78 14.91 10.78 9.36
C ARG B 78 15.40 9.76 8.32
N LEU B 79 15.71 8.54 8.75
CA LEU B 79 16.18 7.48 7.88
C LEU B 79 15.32 7.38 6.63
N ILE B 80 13.98 7.43 6.78
CA ILE B 80 13.05 7.23 5.68
C ILE B 80 13.29 8.30 4.61
N GLY B 81 13.82 9.46 4.99
CA GLY B 81 14.13 10.54 4.10
C GLY B 81 15.34 10.20 3.29
N GLU B 82 16.32 9.65 3.98
CA GLU B 82 17.59 9.31 3.39
C GLU B 82 17.32 8.14 2.44
N LEU B 83 16.38 7.25 2.79
CA LEU B 83 15.91 6.19 1.92
C LEU B 83 15.22 6.77 0.67
N ALA B 84 14.15 7.55 0.89
CA ALA B 84 13.34 8.16 -0.16
C ALA B 84 14.17 9.08 -1.06
N LYS B 85 15.26 9.62 -0.52
CA LYS B 85 16.26 10.35 -1.25
C LYS B 85 17.10 9.34 -2.05
N GLU B 86 17.80 8.41 -1.39
CA GLU B 86 18.69 7.41 -2.00
C GLU B 86 18.05 6.75 -3.22
N ILE B 87 16.80 6.28 -3.14
CA ILE B 87 16.17 5.61 -4.26
C ILE B 87 16.22 6.42 -5.57
N ARG B 88 16.17 7.76 -5.47
CA ARG B 88 16.35 8.68 -6.60
C ARG B 88 17.83 9.02 -6.73
N LYS B 89 18.43 9.48 -5.63
CA LYS B 89 19.72 10.11 -5.53
C LYS B 89 20.86 9.18 -5.92
N LYS B 90 20.71 7.86 -5.80
CA LYS B 90 21.56 7.09 -4.88
C LYS B 90 22.98 7.65 -4.77
N LYS B 91 23.81 7.60 -5.83
CA LYS B 91 25.16 8.14 -5.82
C LYS B 91 25.38 9.00 -7.09
N ASP B 92 24.40 9.86 -7.39
CA ASP B 92 24.30 10.85 -8.47
C ASP B 92 25.47 11.83 -8.38
N LEU B 93 26.65 11.33 -8.75
CA LEU B 93 27.95 11.94 -8.56
C LEU B 93 28.95 11.00 -9.26
N LYS B 94 28.89 9.70 -8.92
CA LYS B 94 29.67 8.66 -9.59
C LYS B 94 28.76 7.62 -10.25
N ILE B 95 27.70 7.18 -9.56
CA ILE B 95 26.89 6.02 -9.95
C ILE B 95 25.41 6.33 -9.72
N ARG B 96 24.54 6.48 -10.74
CA ARG B 96 24.71 6.60 -12.18
C ARG B 96 23.34 6.80 -12.89
N MET C 1 15.67 5.74 -17.20
CA MET C 1 14.37 6.23 -17.70
C MET C 1 13.26 5.81 -16.73
N ALA C 2 13.10 4.50 -16.48
CA ALA C 2 12.11 4.01 -15.52
C ALA C 2 12.25 2.49 -15.28
N ALA C 3 12.52 2.10 -14.03
CA ALA C 3 12.00 0.90 -13.34
C ALA C 3 11.63 -0.35 -14.17
N GLU C 4 12.50 -1.37 -14.21
CA GLU C 4 12.14 -2.78 -14.19
C GLU C 4 11.92 -3.20 -12.71
N PRO C 5 11.64 -4.51 -12.41
CA PRO C 5 11.42 -5.09 -11.06
C PRO C 5 11.97 -4.30 -9.86
N LEU C 6 11.15 -4.29 -8.81
CA LEU C 6 11.48 -3.60 -7.56
C LEU C 6 11.19 -4.53 -6.38
N THR C 7 10.69 -3.97 -5.29
CA THR C 7 10.34 -4.76 -4.10
C THR C 7 9.00 -4.30 -3.53
N GLU C 8 8.59 -4.90 -2.40
CA GLU C 8 7.31 -4.56 -1.76
C GLU C 8 7.20 -3.08 -1.40
N LEU C 9 8.21 -2.55 -0.71
CA LEU C 9 8.21 -1.15 -0.28
C LEU C 9 8.53 -0.20 -1.44
N GLU C 10 9.20 -0.72 -2.47
CA GLU C 10 9.56 0.07 -3.63
C GLU C 10 8.31 0.36 -4.47
N GLU C 11 7.36 -0.59 -4.50
CA GLU C 11 6.08 -0.38 -5.17
C GLU C 11 5.37 0.84 -4.58
N SER C 12 5.25 0.87 -3.25
CA SER C 12 4.43 1.85 -2.57
C SER C 12 5.06 3.25 -2.58
N ILE C 13 6.39 3.37 -2.75
CA ILE C 13 6.99 4.66 -3.09
C ILE C 13 6.76 4.98 -4.58
N GLU C 14 6.73 3.98 -5.47
CA GLU C 14 6.38 4.25 -6.87
C GLU C 14 4.97 4.83 -6.97
N THR C 15 3.96 4.17 -6.41
CA THR C 15 2.56 4.52 -6.65
C THR C 15 2.29 6.02 -6.44
N VAL C 16 2.92 6.63 -5.44
CA VAL C 16 2.81 8.06 -5.19
C VAL C 16 3.60 8.88 -6.21
N VAL C 17 4.78 8.39 -6.63
CA VAL C 17 5.56 9.04 -7.69
C VAL C 17 4.76 9.05 -9.00
N THR C 18 4.08 7.94 -9.30
CA THR C 18 3.24 7.85 -10.50
C THR C 18 2.14 8.94 -10.50
N THR C 19 1.71 9.36 -9.28
CA THR C 19 0.71 10.43 -9.15
C THR C 19 1.40 11.74 -9.53
N PHE C 20 2.55 11.95 -8.87
CA PHE C 20 3.44 13.07 -9.11
C PHE C 20 3.68 13.23 -10.61
N PHE C 21 4.10 12.14 -11.26
CA PHE C 21 4.43 12.10 -12.69
C PHE C 21 3.29 12.55 -13.60
N THR C 22 2.04 12.18 -13.29
CA THR C 22 0.92 12.55 -14.16
C THR C 22 0.38 13.95 -13.86
N PHE C 23 0.98 14.63 -12.89
CA PHE C 23 0.55 15.97 -12.54
C PHE C 23 1.60 16.99 -12.97
N ALA C 24 2.86 16.58 -12.91
CA ALA C 24 3.98 17.44 -13.25
C ALA C 24 4.26 17.46 -14.74
N ARG C 25 3.57 16.58 -15.49
CA ARG C 25 3.70 16.53 -16.95
C ARG C 25 2.59 17.40 -17.61
N GLN C 26 2.19 18.48 -16.94
CA GLN C 26 1.13 19.36 -17.44
C GLN C 26 1.67 20.42 -18.41
N GLU C 27 2.22 21.53 -17.86
CA GLU C 27 2.80 22.60 -18.69
C GLU C 27 4.17 22.09 -19.17
N GLY C 28 5.28 22.72 -18.76
CA GLY C 28 6.54 22.11 -19.13
C GLY C 28 6.74 20.82 -18.36
N ARG C 29 7.63 19.96 -18.87
CA ARG C 29 8.61 19.23 -18.06
C ARG C 29 8.02 18.46 -16.87
N LYS C 30 7.97 17.13 -17.02
CA LYS C 30 7.43 16.21 -16.01
C LYS C 30 8.39 16.00 -14.82
N ASP C 31 9.67 16.30 -15.04
CA ASP C 31 10.69 16.15 -14.01
C ASP C 31 10.64 17.26 -12.93
N SER C 32 9.89 18.35 -13.16
CA SER C 32 9.74 19.43 -12.17
C SER C 32 8.27 19.79 -11.97
N LEU C 33 7.87 20.03 -10.71
CA LEU C 33 6.57 20.60 -10.43
C LEU C 33 6.58 22.08 -10.84
N SER C 34 5.51 22.49 -11.51
CA SER C 34 5.25 23.82 -12.02
C SER C 34 3.97 24.32 -11.32
N VAL C 35 3.68 25.64 -11.33
CA VAL C 35 2.63 26.17 -10.45
C VAL C 35 1.31 26.40 -11.19
N ASN C 36 0.91 25.36 -11.91
CA ASN C 36 -0.44 24.90 -12.12
C ASN C 36 -0.31 23.41 -12.46
N GLU C 37 0.37 22.80 -11.47
CA GLU C 37 0.66 21.38 -11.33
C GLU C 37 0.64 21.11 -9.82
N PHE C 38 1.35 22.01 -9.10
CA PHE C 38 1.41 22.02 -7.65
C PHE C 38 0.06 22.42 -7.07
N LYS C 39 -0.43 23.61 -7.42
CA LYS C 39 -1.67 24.08 -6.83
C LYS C 39 -2.82 23.12 -7.17
N GLU C 40 -2.80 22.56 -8.38
CA GLU C 40 -3.82 21.59 -8.79
C GLU C 40 -3.68 20.30 -7.97
N LEU C 41 -2.45 19.98 -7.56
CA LEU C 41 -2.17 18.78 -6.76
C LEU C 41 -2.67 18.95 -5.34
N VAL C 42 -2.37 20.08 -4.71
CA VAL C 42 -2.82 20.36 -3.36
C VAL C 42 -4.33 20.53 -3.32
N THR C 43 -4.87 21.25 -4.28
CA THR C 43 -6.32 21.49 -4.33
C THR C 43 -7.14 20.21 -4.59
N GLN C 44 -6.55 19.21 -5.25
CA GLN C 44 -7.29 17.99 -5.57
C GLN C 44 -6.87 16.76 -4.76
N GLN C 45 -5.56 16.48 -4.71
CA GLN C 45 -5.06 15.30 -4.01
C GLN C 45 -4.78 15.54 -2.52
N LEU C 46 -4.51 16.77 -2.12
CA LEU C 46 -4.22 17.06 -0.71
C LEU C 46 -5.20 18.07 -0.07
N PRO C 47 -6.53 18.04 -0.39
CA PRO C 47 -7.48 19.02 0.16
C PRO C 47 -7.90 18.69 1.61
N HIS C 48 -7.79 17.42 1.98
CA HIS C 48 -8.17 16.99 3.31
C HIS C 48 -6.93 16.88 4.21
N LEU C 49 -5.85 16.35 3.65
CA LEU C 49 -4.60 16.19 4.38
C LEU C 49 -3.97 17.56 4.64
N LEU C 50 -3.72 18.31 3.57
CA LEU C 50 -3.16 19.65 3.68
C LEU C 50 -4.29 20.67 3.74
N LYS C 51 -4.58 21.14 4.94
CA LYS C 51 -5.65 22.10 5.16
C LYS C 51 -5.17 23.54 4.94
N ASP C 52 -4.50 23.75 3.81
CA ASP C 52 -3.99 25.07 3.46
C ASP C 52 -3.73 25.14 1.95
N VAL C 53 -4.82 25.01 1.18
CA VAL C 53 -4.74 25.04 -0.28
C VAL C 53 -4.75 26.47 -0.81
N GLY C 54 -5.11 27.42 0.06
CA GLY C 54 -5.16 28.82 -0.34
C GLY C 54 -3.84 29.52 -0.06
N SER C 55 -3.03 28.91 0.79
CA SER C 55 -1.73 29.48 1.15
C SER C 55 -0.59 28.60 0.64
N LEU C 56 -0.79 27.98 -0.53
CA LEU C 56 0.21 27.14 -1.17
C LEU C 56 1.49 27.95 -1.36
N ASP C 57 1.37 29.17 -1.87
CA ASP C 57 2.43 30.10 -2.21
C ASP C 57 3.51 30.17 -1.10
N GLU C 58 3.09 30.19 0.17
CA GLU C 58 4.02 30.15 1.29
C GLU C 58 4.81 28.84 1.31
N LYS C 59 4.08 27.72 1.16
CA LYS C 59 4.70 26.39 1.12
C LYS C 59 5.68 26.32 -0.04
N MET C 60 5.23 26.80 -1.20
CA MET C 60 6.06 26.88 -2.40
C MET C 60 7.36 27.63 -2.09
N LYS C 61 7.28 28.84 -1.55
CA LYS C 61 8.46 29.61 -1.20
C LYS C 61 9.36 28.83 -0.24
N SER C 62 8.76 28.19 0.77
CA SER C 62 9.47 27.38 1.74
C SER C 62 10.16 26.17 1.09
N LEU C 63 9.49 25.56 0.11
CA LEU C 63 9.95 24.37 -0.60
C LEU C 63 11.13 24.75 -1.51
N ASP C 64 10.89 25.70 -2.41
CA ASP C 64 11.67 25.95 -3.62
C ASP C 64 13.15 26.27 -3.42
N VAL C 65 13.59 26.54 -2.19
CA VAL C 65 14.41 27.65 -1.69
C VAL C 65 15.53 28.21 -2.58
N ASN C 66 16.05 27.47 -3.56
CA ASN C 66 16.83 28.11 -4.62
C ASN C 66 16.00 29.19 -5.33
N GLN C 67 14.66 29.04 -5.31
CA GLN C 67 13.69 30.00 -5.80
C GLN C 67 13.75 30.14 -7.32
N ASP C 68 14.33 29.14 -8.01
CA ASP C 68 14.22 29.02 -9.45
C ASP C 68 12.75 28.86 -9.88
N SER C 69 11.88 28.47 -8.94
CA SER C 69 10.47 28.24 -9.15
C SER C 69 10.18 27.00 -10.01
N GLU C 70 11.20 26.19 -10.28
CA GLU C 70 11.02 24.77 -10.56
C GLU C 70 11.05 24.08 -9.21
N LEU C 71 9.91 23.55 -8.77
CA LEU C 71 9.88 22.74 -7.57
C LEU C 71 10.55 21.42 -7.96
N LYS C 72 11.81 21.28 -7.54
CA LYS C 72 12.75 20.36 -8.17
C LYS C 72 12.55 18.94 -7.63
N PHE C 73 13.24 17.96 -8.23
CA PHE C 73 13.09 16.54 -7.95
C PHE C 73 13.88 16.24 -6.67
N ASN C 74 13.28 16.71 -5.57
CA ASN C 74 13.70 16.82 -4.17
C ASN C 74 14.16 18.27 -3.94
N GLU C 75 13.37 19.26 -4.33
CA GLU C 75 12.69 20.17 -3.42
C GLU C 75 11.32 19.57 -3.08
N TYR C 76 10.50 19.40 -4.13
CA TYR C 76 9.09 19.03 -4.09
C TYR C 76 8.81 18.00 -3.01
N TRP C 77 9.58 16.90 -3.07
CA TRP C 77 9.40 15.72 -2.26
C TRP C 77 9.08 16.06 -0.79
N ARG C 78 9.74 17.08 -0.25
CA ARG C 78 9.49 17.60 1.09
C ARG C 78 7.99 17.61 1.42
N LEU C 79 7.15 18.07 0.49
CA LEU C 79 5.71 18.16 0.67
C LEU C 79 5.13 16.85 1.21
N ILE C 80 5.47 15.72 0.57
CA ILE C 80 4.98 14.41 0.97
C ILE C 80 5.40 14.15 2.42
N GLY C 81 6.52 14.74 2.84
CA GLY C 81 7.09 14.70 4.17
C GLY C 81 6.25 15.44 5.17
N GLU C 82 5.81 16.60 4.74
CA GLU C 82 5.04 17.48 5.58
C GLU C 82 3.68 16.81 5.76
N LEU C 83 3.02 16.32 4.70
CA LEU C 83 1.84 15.49 4.92
C LEU C 83 2.14 14.28 5.82
N ALA C 84 3.24 13.57 5.56
CA ALA C 84 3.61 12.40 6.34
C ALA C 84 3.67 12.71 7.83
N LYS C 85 4.37 13.77 8.24
CA LYS C 85 4.37 14.15 9.64
C LYS C 85 3.01 14.71 10.05
N GLU C 86 2.33 15.54 9.23
CA GLU C 86 1.07 16.22 9.54
C GLU C 86 0.08 15.29 10.24
N ILE C 87 -0.09 14.07 9.72
CA ILE C 87 -0.99 13.09 10.30
C ILE C 87 -0.74 12.92 11.81
N ARG C 88 0.53 12.91 12.22
CA ARG C 88 1.01 12.93 13.59
C ARG C 88 1.02 14.36 14.17
N LYS C 89 1.40 15.36 13.35
CA LYS C 89 1.86 16.67 13.79
C LYS C 89 0.91 17.77 13.29
N LYS C 90 -0.21 17.93 13.99
CA LYS C 90 -1.29 18.89 13.75
C LYS C 90 -0.76 20.27 13.28
N LYS C 91 0.14 20.92 14.02
CA LYS C 91 0.69 22.21 13.61
C LYS C 91 2.10 22.50 14.18
N ASP C 92 2.63 21.60 14.99
CA ASP C 92 3.49 21.95 16.10
C ASP C 92 4.96 21.93 15.68
N LEU C 93 5.29 22.57 14.55
CA LEU C 93 6.64 22.60 14.01
C LEU C 93 7.43 23.83 14.49
N ILE C 95 10.03 26.15 14.34
CA ILE C 95 11.40 26.38 13.87
C ILE C 95 11.62 27.75 13.20
N ARG C 96 12.87 28.22 13.32
CA ARG C 96 13.40 29.46 12.74
C ARG C 96 14.91 29.35 12.89
N LYS C 97 15.69 29.52 11.82
CA LYS C 97 17.09 29.10 11.77
C LYS C 97 17.62 29.58 10.41
N LYS C 98 18.73 30.33 10.43
CA LYS C 98 19.54 30.64 9.26
C LYS C 98 20.77 29.74 9.33
N TYR D 1 -19.72 -8.83 -38.68
CA TYR D 1 -21.00 -8.09 -38.53
C TYR D 1 -20.75 -6.72 -37.90
N LYS D 2 -20.04 -5.86 -38.62
CA LYS D 2 -19.72 -4.52 -38.12
C LYS D 2 -20.98 -3.82 -37.62
N LYS D 3 -21.09 -3.69 -36.30
CA LYS D 3 -22.23 -3.05 -35.68
C LYS D 3 -21.85 -2.55 -34.28
N PRO D 4 -22.84 -2.04 -33.48
CA PRO D 4 -22.63 -1.54 -32.14
C PRO D 4 -21.32 -2.00 -31.48
N LYS D 5 -20.35 -1.09 -31.42
CA LYS D 5 -19.06 -1.39 -30.81
C LYS D 5 -19.06 -0.91 -29.37
N LEU D 6 -19.14 -1.85 -28.43
CA LEU D 6 -19.14 -1.51 -27.00
C LEU D 6 -17.70 -1.34 -26.51
N LEU D 7 -17.48 -0.28 -25.73
CA LEU D 7 -16.15 0.00 -25.20
C LEU D 7 -16.24 0.59 -23.80
N TYR D 8 -15.38 0.11 -22.90
CA TYR D 8 -15.35 0.59 -21.52
C TYR D 8 -13.99 0.29 -20.90
N CYS D 9 -13.74 0.79 -19.70
CA CYS D 9 -12.47 0.55 -19.03
C CYS D 9 -12.63 0.48 -17.52
N SER D 10 -11.59 -0.01 -16.84
CA SER D 10 -11.58 -0.15 -15.39
C SER D 10 -12.43 -1.35 -14.98
N ASN D 11 -11.81 -2.31 -14.32
CA ASN D 11 -12.51 -3.51 -13.88
C ASN D 11 -13.80 -3.14 -13.15
N GLY D 12 -14.91 -3.71 -13.59
CA GLY D 12 -16.18 -3.43 -12.98
C GLY D 12 -17.26 -3.15 -14.01
N GLY D 13 -18.44 -3.71 -13.77
CA GLY D 13 -19.55 -3.50 -14.69
C GLY D 13 -19.85 -2.04 -14.93
N HIS D 14 -19.45 -1.54 -16.10
CA HIS D 14 -19.67 -0.15 -16.50
C HIS D 14 -19.44 0.00 -17.99
N PHE D 15 -20.46 0.47 -18.71
CA PHE D 15 -20.36 0.65 -20.16
C PHE D 15 -20.54 2.11 -20.53
N LEU D 16 -19.90 2.53 -21.61
CA LEU D 16 -20.00 3.91 -22.08
C LEU D 16 -21.36 4.16 -22.72
N ARG D 17 -22.28 4.77 -21.97
CA ARG D 17 -23.60 5.06 -22.49
C ARG D 17 -23.66 6.48 -23.04
N ILE D 18 -23.71 6.59 -24.36
CA ILE D 18 -23.75 7.88 -25.02
C ILE D 18 -25.18 8.38 -25.19
N LEU D 19 -25.35 9.69 -25.04
CA LEU D 19 -26.65 10.32 -25.20
C LEU D 19 -26.53 11.53 -26.12
N PRO D 20 -27.52 11.73 -27.01
CA PRO D 20 -27.53 12.86 -27.97
C PRO D 20 -27.14 14.18 -27.30
N ASP D 21 -27.47 14.31 -26.03
CA ASP D 21 -27.15 15.51 -25.25
C ASP D 21 -25.64 15.75 -25.23
N GLY D 22 -24.88 14.69 -25.02
CA GLY D 22 -23.43 14.80 -24.97
C GLY D 22 -22.86 14.23 -23.69
N THR D 23 -23.62 14.33 -22.60
CA THR D 23 -23.17 13.81 -21.30
C THR D 23 -23.18 12.29 -21.29
N VAL D 24 -22.09 11.70 -21.76
CA VAL D 24 -21.95 10.25 -21.79
C VAL D 24 -21.37 9.77 -20.46
N ASP D 25 -21.98 8.74 -19.88
CA ASP D 25 -21.52 8.18 -18.60
C ASP D 25 -21.29 6.68 -18.71
N GLY D 26 -20.61 6.12 -17.72
CA GLY D 26 -20.31 4.70 -17.70
C GLY D 26 -21.44 3.88 -17.12
N THR D 27 -22.56 3.87 -17.80
CA THR D 27 -23.73 3.12 -17.36
C THR D 27 -23.48 1.62 -17.44
N ARG D 28 -23.75 0.91 -16.36
CA ARG D 28 -23.54 -0.53 -16.33
C ARG D 28 -24.84 -1.24 -16.69
N ASP D 29 -25.27 -1.09 -17.94
CA ASP D 29 -26.49 -1.72 -18.42
C ASP D 29 -26.39 -2.04 -19.89
N ARG D 30 -27.11 -3.07 -20.32
CA ARG D 30 -27.12 -3.49 -21.73
C ARG D 30 -28.55 -3.74 -22.20
N SER D 31 -29.51 -3.12 -21.51
CA SER D 31 -30.92 -3.27 -21.83
C SER D 31 -31.35 -2.19 -22.82
N ASP D 32 -30.90 -0.96 -22.57
CA ASP D 32 -31.24 0.17 -23.43
C ASP D 32 -30.13 0.40 -24.44
N GLN D 33 -30.49 0.45 -25.72
CA GLN D 33 -29.51 0.65 -26.79
C GLN D 33 -28.92 2.06 -26.75
N HIS D 34 -28.02 2.30 -25.81
CA HIS D 34 -27.36 3.60 -25.70
C HIS D 34 -25.90 3.46 -25.26
N ILE D 35 -25.35 2.24 -25.38
CA ILE D 35 -23.96 1.99 -24.99
C ILE D 35 -23.20 1.35 -26.16
N GLN D 36 -23.41 1.89 -27.35
CA GLN D 36 -22.76 1.37 -28.55
C GLN D 36 -22.33 2.50 -29.47
N LEU D 37 -21.09 2.41 -29.94
CA LEU D 37 -20.54 3.41 -30.84
C LEU D 37 -19.96 2.73 -32.08
N GLN D 38 -19.90 3.45 -33.19
CA GLN D 38 -19.36 2.88 -34.42
C GLN D 38 -17.85 3.11 -34.50
N LEU D 39 -17.11 2.37 -33.68
CA LEU D 39 -15.66 2.47 -33.67
C LEU D 39 -15.07 1.78 -34.90
N SER D 40 -14.21 2.50 -35.62
CA SER D 40 -13.59 1.96 -36.82
C SER D 40 -12.33 2.75 -37.17
N ALA D 41 -11.41 2.10 -37.89
CA ALA D 41 -10.18 2.74 -38.31
C ALA D 41 -10.43 3.52 -39.60
N GLU D 42 -10.54 4.84 -39.48
CA GLU D 42 -10.79 5.69 -40.64
C GLU D 42 -9.56 5.78 -41.52
N SER D 43 -8.44 6.16 -40.92
CA SER D 43 -7.18 6.27 -41.63
C SER D 43 -6.16 5.29 -41.05
N VAL D 44 -4.99 5.20 -41.67
CA VAL D 44 -3.94 4.29 -41.21
C VAL D 44 -3.64 4.51 -39.72
N GLY D 45 -4.29 3.73 -38.87
CA GLY D 45 -4.09 3.84 -37.44
C GLY D 45 -5.04 4.83 -36.77
N GLU D 46 -5.69 5.68 -37.56
CA GLU D 46 -6.60 6.68 -37.02
C GLU D 46 -8.01 6.10 -36.88
N VAL D 47 -8.44 5.87 -35.65
CA VAL D 47 -9.75 5.33 -35.38
C VAL D 47 -10.69 6.43 -34.88
N TYR D 48 -11.95 6.38 -35.28
CA TYR D 48 -12.92 7.36 -34.88
C TYR D 48 -14.02 6.73 -34.02
N ILE D 49 -14.54 7.52 -33.09
CA ILE D 49 -15.61 7.07 -32.21
C ILE D 49 -16.89 7.85 -32.50
N LYS D 50 -17.80 7.21 -33.20
CA LYS D 50 -19.05 7.84 -33.57
C LYS D 50 -20.24 6.95 -33.23
N SER D 51 -21.05 7.37 -32.28
CA SER D 51 -22.23 6.61 -31.88
C SER D 51 -23.39 6.90 -32.83
N THR D 52 -23.17 6.59 -34.10
CA THR D 52 -24.15 6.85 -35.15
C THR D 52 -25.51 6.22 -34.83
N GLU D 53 -25.59 4.90 -34.88
CA GLU D 53 -26.83 4.19 -34.64
C GLU D 53 -27.13 4.03 -33.14
N THR D 54 -27.15 5.13 -32.40
CA THR D 54 -27.43 5.08 -30.97
C THR D 54 -27.31 6.44 -30.28
N GLY D 55 -26.30 7.22 -30.64
CA GLY D 55 -26.12 8.50 -30.00
C GLY D 55 -25.67 9.60 -30.94
N GLN D 56 -24.42 10.04 -30.75
CA GLN D 56 -23.85 11.13 -31.52
C GLN D 56 -22.37 10.91 -31.81
N TYR D 57 -21.75 11.90 -32.46
CA TYR D 57 -20.33 11.84 -32.78
C TYR D 57 -19.53 12.50 -31.65
N LEU D 58 -18.34 11.98 -31.37
CA LEU D 58 -17.52 12.52 -30.31
C LEU D 58 -16.74 13.74 -30.78
N ALA D 59 -16.38 14.60 -29.82
CA ALA D 59 -15.63 15.82 -30.08
C ALA D 59 -14.98 16.29 -28.79
N MET D 60 -13.82 15.72 -28.48
CA MET D 60 -13.08 16.05 -27.27
C MET D 60 -12.89 17.56 -27.10
N ASP D 61 -12.97 18.01 -25.86
CA ASP D 61 -12.77 19.41 -25.55
C ASP D 61 -11.32 19.64 -25.18
N THR D 62 -10.49 19.79 -26.21
CA THR D 62 -9.06 20.01 -26.00
C THR D 62 -8.44 18.80 -25.28
N ASP D 63 -8.99 17.61 -25.56
CA ASP D 63 -8.55 16.37 -24.91
C ASP D 63 -8.95 16.37 -23.42
N GLY D 64 -8.57 17.44 -22.72
CA GLY D 64 -8.90 17.58 -21.31
C GLY D 64 -10.23 16.94 -20.94
N LEU D 65 -11.29 17.39 -21.60
CA LEU D 65 -12.62 16.86 -21.36
C LEU D 65 -13.14 16.16 -22.60
N LEU D 66 -13.68 14.96 -22.42
CA LEU D 66 -14.19 14.19 -23.54
C LEU D 66 -15.70 14.37 -23.66
N TYR D 67 -16.17 14.71 -24.85
CA TYR D 67 -17.59 14.92 -25.11
C TYR D 67 -17.90 14.68 -26.58
N GLY D 68 -19.18 14.75 -26.94
CA GLY D 68 -19.58 14.55 -28.31
C GLY D 68 -21.07 14.77 -28.50
N SER D 69 -21.46 15.33 -29.64
CA SER D 69 -22.86 15.57 -29.93
C SER D 69 -23.03 16.42 -31.20
N GLN D 70 -22.50 17.64 -31.17
CA GLN D 70 -22.63 18.55 -32.30
C GLN D 70 -21.95 18.04 -33.57
N THR D 71 -20.62 18.02 -33.58
CA THR D 71 -19.87 17.57 -34.76
C THR D 71 -18.62 16.77 -34.40
N PRO D 72 -18.25 15.79 -35.25
CA PRO D 72 -17.06 14.97 -35.02
C PRO D 72 -15.79 15.72 -35.41
N ASN D 73 -15.43 16.71 -34.59
CA ASN D 73 -14.25 17.52 -34.84
C ASN D 73 -12.98 16.67 -34.80
N GLU D 74 -11.91 17.14 -35.44
CA GLU D 74 -10.63 16.41 -35.47
C GLU D 74 -10.27 15.88 -34.08
N GLU D 75 -10.67 16.60 -33.04
CA GLU D 75 -10.44 16.17 -31.66
C GLU D 75 -10.84 14.70 -31.47
N CYS D 76 -11.77 14.22 -32.30
CA CYS D 76 -12.26 12.86 -32.21
C CYS D 76 -11.37 11.84 -32.96
N LEU D 77 -10.26 12.29 -33.54
CA LEU D 77 -9.37 11.36 -34.24
C LEU D 77 -8.34 10.79 -33.28
N PHE D 78 -8.33 9.47 -33.11
CA PHE D 78 -7.40 8.82 -32.19
C PHE D 78 -6.63 7.70 -32.88
N LEU D 79 -5.37 7.52 -32.47
CA LEU D 79 -4.52 6.47 -33.02
C LEU D 79 -4.81 5.16 -32.30
N GLU D 80 -5.13 4.12 -33.07
CA GLU D 80 -5.44 2.81 -32.51
C GLU D 80 -4.18 2.10 -32.03
N ARG D 81 -4.10 1.87 -30.72
CA ARG D 81 -2.95 1.18 -30.13
C ARG D 81 -3.45 0.03 -29.24
N LEU D 82 -2.65 -1.01 -29.11
CA LEU D 82 -3.02 -2.17 -28.30
C LEU D 82 -1.98 -2.42 -27.21
N GLU D 83 -2.43 -2.78 -26.02
CA GLU D 83 -1.53 -3.07 -24.91
C GLU D 83 -1.61 -4.53 -24.54
N GLU D 84 -0.47 -5.12 -24.21
CA GLU D 84 -0.41 -6.54 -23.83
C GLU D 84 -1.01 -6.75 -22.45
N ASN D 85 -2.24 -6.27 -22.27
CA ASN D 85 -2.95 -6.39 -21.01
C ASN D 85 -4.45 -6.61 -21.26
N HIS D 86 -4.77 -7.10 -22.47
CA HIS D 86 -6.15 -7.35 -22.86
C HIS D 86 -6.97 -6.05 -22.85
N TYR D 87 -6.36 -4.98 -23.37
CA TYR D 87 -7.03 -3.68 -23.43
C TYR D 87 -6.60 -2.91 -24.67
N ASN D 88 -7.46 -2.01 -25.11
CA ASN D 88 -7.22 -1.18 -26.28
C ASN D 88 -6.79 0.22 -25.86
N THR D 89 -5.92 0.83 -26.65
CA THR D 89 -5.44 2.18 -26.38
C THR D 89 -5.68 3.08 -27.58
N TYR D 90 -6.14 4.29 -27.34
CA TYR D 90 -6.41 5.24 -28.40
C TYR D 90 -5.74 6.57 -28.10
N ILE D 91 -4.79 6.96 -28.94
CA ILE D 91 -4.06 8.20 -28.74
C ILE D 91 -4.68 9.35 -29.51
N SER D 92 -5.17 10.36 -28.79
CA SER D 92 -5.78 11.53 -29.42
C SER D 92 -4.70 12.34 -30.12
N LYS D 93 -4.34 11.90 -31.33
CA LYS D 93 -3.30 12.57 -32.12
C LYS D 93 -3.48 14.09 -32.09
N LYS D 94 -4.73 14.54 -32.05
CA LYS D 94 -5.04 15.97 -31.99
C LYS D 94 -4.29 16.63 -30.82
N HIS D 95 -4.00 15.87 -29.77
CA HIS D 95 -3.28 16.38 -28.61
C HIS D 95 -2.08 15.50 -28.24
N ALA D 96 -1.74 14.56 -29.12
CA ALA D 96 -0.62 13.66 -28.89
C ALA D 96 0.63 14.47 -28.55
N GLU D 97 0.72 15.68 -29.11
CA GLU D 97 1.85 16.57 -28.87
C GLU D 97 2.11 16.73 -27.37
N LYS D 98 1.05 16.73 -26.56
CA LYS D 98 1.18 16.88 -25.11
C LYS D 98 1.17 15.54 -24.39
N ASN D 99 1.33 14.45 -25.16
CA ASN D 99 1.32 13.09 -24.63
C ASN D 99 -0.03 12.78 -23.99
N TRP D 100 -1.09 13.28 -24.61
CA TRP D 100 -2.45 13.08 -24.12
C TRP D 100 -3.21 12.06 -24.98
N PHE D 101 -3.77 11.05 -24.32
CA PHE D 101 -4.53 10.02 -25.00
C PHE D 101 -5.81 9.67 -24.21
N VAL D 102 -6.97 9.86 -24.88
CA VAL D 102 -8.32 9.66 -24.34
C VAL D 102 -8.38 8.75 -23.10
N GLY D 103 -8.91 9.31 -22.01
CA GLY D 103 -9.06 8.58 -20.77
C GLY D 103 -10.38 8.93 -20.10
N LEU D 104 -11.14 7.92 -19.67
CA LEU D 104 -12.43 8.15 -19.03
C LEU D 104 -12.46 7.59 -17.61
N LYS D 105 -13.42 8.10 -16.83
CA LYS D 105 -13.59 7.67 -15.45
C LYS D 105 -14.79 6.72 -15.35
N LYS D 106 -14.51 5.43 -15.20
CA LYS D 106 -15.55 4.40 -15.11
C LYS D 106 -16.71 4.84 -14.23
N ASN D 107 -16.40 5.45 -13.08
CA ASN D 107 -17.41 5.92 -12.15
C ASN D 107 -17.48 7.44 -12.14
N GLY D 108 -17.30 8.07 -13.30
CA GLY D 108 -17.34 9.51 -13.37
C GLY D 108 -17.80 10.02 -14.72
N SER D 109 -17.14 9.54 -15.78
CA SER D 109 -17.43 9.91 -17.17
C SER D 109 -16.11 10.10 -17.92
N CYS D 110 -16.18 10.34 -19.22
CA CYS D 110 -14.99 10.53 -20.03
C CYS D 110 -14.51 11.98 -19.97
N LYS D 111 -13.48 12.23 -19.16
CA LYS D 111 -12.91 13.57 -19.02
C LYS D 111 -11.74 13.55 -18.05
N ARG D 112 -10.57 13.12 -18.54
CA ARG D 112 -9.36 13.04 -17.73
C ARG D 112 -8.12 13.33 -18.57
N GLY D 113 -8.29 14.19 -19.57
CA GLY D 113 -7.21 14.56 -20.48
C GLY D 113 -5.91 15.02 -19.80
N PRO D 114 -5.96 15.90 -18.76
CA PRO D 114 -4.74 16.38 -18.09
C PRO D 114 -4.04 15.30 -17.25
N ARG D 115 -4.60 14.08 -17.25
CA ARG D 115 -4.02 12.97 -16.50
C ARG D 115 -3.88 11.72 -17.36
N THR D 116 -3.92 11.90 -18.69
CA THR D 116 -3.81 10.78 -19.61
C THR D 116 -2.36 10.41 -19.93
N HIS D 117 -1.80 9.48 -19.16
CA HIS D 117 -0.43 9.02 -19.36
C HIS D 117 -0.18 7.76 -18.52
N TYR D 118 1.05 7.58 -18.04
CA TYR D 118 1.39 6.42 -17.22
C TYR D 118 1.04 6.68 -15.76
N GLY D 119 -0.25 6.63 -15.48
CA GLY D 119 -0.76 6.84 -14.13
C GLY D 119 -2.19 6.37 -14.05
N GLN D 120 -3.04 6.94 -14.89
CA GLN D 120 -4.44 6.55 -14.95
C GLN D 120 -4.57 5.36 -15.89
N LYS D 121 -4.90 4.21 -15.33
CA LYS D 121 -5.00 2.97 -16.10
C LYS D 121 -6.28 2.95 -16.94
N ALA D 122 -7.24 3.80 -16.59
CA ALA D 122 -8.51 3.91 -17.31
C ALA D 122 -8.30 4.08 -18.83
N ILE D 123 -7.09 4.45 -19.23
CA ILE D 123 -6.76 4.63 -20.64
C ILE D 123 -6.82 3.28 -21.39
N LEU D 124 -6.62 2.20 -20.65
CA LEU D 124 -6.66 0.85 -21.23
C LEU D 124 -8.09 0.36 -21.31
N PHE D 125 -8.76 0.68 -22.41
CA PHE D 125 -10.16 0.31 -22.60
C PHE D 125 -10.32 -1.15 -23.03
N LEU D 126 -11.41 -1.76 -22.61
CA LEU D 126 -11.73 -3.13 -22.94
C LEU D 126 -12.91 -3.15 -23.92
N PRO D 127 -12.64 -3.45 -25.19
CA PRO D 127 -13.66 -3.48 -26.23
C PRO D 127 -14.40 -4.82 -26.34
N LEU D 128 -15.70 -4.76 -26.60
CA LEU D 128 -16.54 -5.94 -26.77
C LEU D 128 -17.38 -5.80 -28.03
N PRO D 129 -16.76 -5.41 -29.16
CA PRO D 129 -17.46 -5.22 -30.44
C PRO D 129 -17.71 -6.53 -31.19
N VAL D 130 -18.76 -6.53 -32.00
CA VAL D 130 -19.11 -7.70 -32.80
C VAL D 130 -18.24 -7.75 -34.05
N SER D 131 -17.07 -8.38 -33.92
CA SER D 131 -16.14 -8.51 -35.02
C SER D 131 -16.67 -9.44 -36.11
N SER D 132 -15.91 -9.58 -37.19
CA SER D 132 -16.29 -10.45 -38.29
C SER D 132 -15.37 -11.67 -38.33
N ASP D 133 -15.47 -12.49 -37.29
CA ASP D 133 -14.65 -13.69 -37.17
C ASP D 133 -15.40 -14.91 -37.71
N TYR A 1 -17.45 -30.50 26.69
CA TYR A 1 -16.61 -31.69 26.41
C TYR A 1 -15.13 -31.29 26.38
N LYS A 2 -14.60 -30.86 27.53
CA LYS A 2 -13.21 -30.44 27.62
C LYS A 2 -12.29 -31.50 27.01
N LYS A 3 -11.73 -31.19 25.86
CA LYS A 3 -10.84 -32.10 25.15
C LYS A 3 -9.94 -31.32 24.19
N PRO A 4 -9.13 -32.00 23.34
CA PRO A 4 -8.23 -31.40 22.38
C PRO A 4 -8.57 -29.94 22.04
N LYS A 5 -7.76 -29.02 22.58
CA LYS A 5 -7.95 -27.61 22.34
C LYS A 5 -7.03 -27.16 21.21
N LEU A 6 -7.61 -26.92 20.03
CA LEU A 6 -6.83 -26.47 18.88
C LEU A 6 -6.61 -24.96 18.94
N LEU A 7 -5.39 -24.53 18.67
CA LEU A 7 -5.05 -23.10 18.69
C LEU A 7 -4.04 -22.78 17.59
N TYR A 8 -4.27 -21.66 16.91
CA TYR A 8 -3.38 -21.21 15.85
C TYR A 8 -3.56 -19.71 15.61
N CYS A 9 -2.73 -19.11 14.77
CA CYS A 9 -2.84 -17.68 14.49
C CYS A 9 -2.39 -17.36 13.06
N SER A 10 -2.73 -16.15 12.62
CA SER A 10 -2.39 -15.68 11.27
C SER A 10 -3.33 -16.32 10.26
N ASN A 11 -4.06 -15.49 9.54
CA ASN A 11 -5.00 -15.98 8.53
C ASN A 11 -4.32 -16.98 7.60
N GLY A 12 -4.90 -18.15 7.48
CA GLY A 12 -4.34 -19.18 6.63
C GLY A 12 -4.33 -20.54 7.31
N GLY A 13 -4.69 -21.57 6.55
CA GLY A 13 -4.71 -22.91 7.10
C GLY A 13 -3.38 -23.32 7.70
N HIS A 14 -3.32 -23.32 9.03
CA HIS A 14 -2.12 -23.70 9.77
C HIS A 14 -2.46 -23.96 11.24
N PHE A 15 -2.19 -25.16 11.72
CA PHE A 15 -2.49 -25.53 13.11
C PHE A 15 -1.22 -25.86 13.87
N LEU A 16 -1.22 -25.61 15.17
CA LEU A 16 -0.06 -25.89 16.01
C LEU A 16 0.08 -27.39 16.24
N ARG A 17 0.97 -28.04 15.50
CA ARG A 17 1.18 -29.47 15.65
C ARG A 17 2.34 -29.74 16.59
N ILE A 18 2.03 -30.21 17.78
CA ILE A 18 3.04 -30.49 18.79
C ILE A 18 3.56 -31.91 18.68
N LEU A 19 4.86 -32.07 18.91
CA LEU A 19 5.51 -33.38 18.86
C LEU A 19 6.33 -33.59 20.13
N PRO A 20 6.32 -34.82 20.68
CA PRO A 20 7.08 -35.15 21.90
C PRO A 20 8.51 -34.61 21.87
N ASP A 21 9.07 -34.52 20.66
CA ASP A 21 10.42 -34.02 20.47
C ASP A 21 10.54 -32.58 21.00
N GLY A 22 9.54 -31.76 20.70
CA GLY A 22 9.56 -30.38 21.13
C GLY A 22 9.38 -29.42 19.97
N THR A 23 9.88 -29.79 18.80
CA THR A 23 9.78 -28.95 17.62
C THR A 23 8.35 -28.90 17.09
N VAL A 24 7.55 -28.01 17.66
CA VAL A 24 6.16 -27.83 17.24
C VAL A 24 6.09 -26.85 16.08
N ASP A 25 5.36 -27.22 15.03
CA ASP A 25 5.21 -26.37 13.85
C ASP A 25 3.74 -26.13 13.52
N GLY A 26 3.49 -25.15 12.66
CA GLY A 26 2.12 -24.82 12.27
C GLY A 26 1.62 -25.69 11.13
N THR A 27 1.48 -26.98 11.39
CA THR A 27 1.01 -27.92 10.39
C THR A 27 -0.45 -27.66 10.04
N ARG A 28 -0.75 -27.55 8.76
CA ARG A 28 -2.11 -27.30 8.33
C ARG A 28 -2.80 -28.63 8.00
N ASP A 29 -3.03 -29.44 9.03
CA ASP A 29 -3.68 -30.73 8.88
C ASP A 29 -4.47 -31.08 10.13
N ARG A 30 -5.52 -31.88 9.95
CA ARG A 30 -6.36 -32.32 11.05
C ARG A 30 -6.64 -33.82 10.95
N SER A 31 -5.77 -34.52 10.25
CA SER A 31 -5.91 -35.96 10.05
C SER A 31 -5.17 -36.71 11.16
N ASP A 32 -3.96 -36.24 11.48
CA ASP A 32 -3.14 -36.86 12.52
C ASP A 32 -3.34 -36.13 13.85
N GLN A 33 -3.69 -36.89 14.89
CA GLN A 33 -3.91 -36.30 16.21
C GLN A 33 -2.61 -35.78 16.83
N HIS A 34 -2.15 -34.63 16.34
CA HIS A 34 -0.94 -34.01 16.87
C HIS A 34 -1.04 -32.48 16.89
N ILE A 35 -2.27 -31.96 16.76
CA ILE A 35 -2.51 -30.52 16.76
C ILE A 35 -3.55 -30.14 17.81
N GLN A 36 -3.40 -30.74 19.00
CA GLN A 36 -4.33 -30.49 20.10
C GLN A 36 -3.59 -30.39 21.42
N LEU A 37 -3.92 -29.37 22.19
CA LEU A 37 -3.31 -29.15 23.49
C LEU A 37 -4.40 -28.97 24.54
N GLN A 38 -4.10 -29.28 25.80
CA GLN A 38 -5.06 -29.15 26.87
C GLN A 38 -4.99 -27.76 27.49
N LEU A 39 -5.47 -26.77 26.75
CA LEU A 39 -5.49 -25.39 27.21
C LEU A 39 -6.59 -25.21 28.26
N SER A 40 -6.22 -24.64 29.40
CA SER A 40 -7.16 -24.41 30.48
C SER A 40 -6.63 -23.35 31.45
N ALA A 41 -7.54 -22.69 32.16
CA ALA A 41 -7.16 -21.68 33.13
C ALA A 41 -6.83 -22.33 34.46
N GLU A 42 -5.54 -22.44 34.75
CA GLU A 42 -5.08 -23.07 35.99
C GLU A 42 -5.39 -22.18 37.17
N SER A 43 -4.92 -20.94 37.11
CA SER A 43 -5.13 -19.98 38.18
C SER A 43 -5.96 -18.80 37.65
N VAL A 44 -6.33 -17.88 38.53
CA VAL A 44 -7.12 -16.71 38.14
C VAL A 44 -6.46 -15.96 36.98
N GLY A 45 -6.87 -16.30 35.77
CA GLY A 45 -6.32 -15.65 34.58
C GLY A 45 -5.10 -16.37 34.02
N GLU A 46 -4.50 -17.26 34.81
CA GLU A 46 -3.32 -17.99 34.37
C GLU A 46 -3.71 -19.26 33.63
N VAL A 47 -3.49 -19.27 32.32
CA VAL A 47 -3.81 -20.42 31.49
C VAL A 47 -2.53 -21.17 31.12
N TYR A 48 -2.62 -22.49 31.08
CA TYR A 48 -1.48 -23.32 30.75
C TYR A 48 -1.71 -24.08 29.43
N ILE A 49 -0.63 -24.31 28.70
CA ILE A 49 -0.69 -25.02 27.43
C ILE A 49 0.05 -26.34 27.57
N LYS A 50 -0.70 -27.41 27.70
CA LYS A 50 -0.13 -28.74 27.84
C LYS A 50 -0.78 -29.73 26.88
N SER A 51 0.00 -30.22 25.93
CA SER A 51 -0.50 -31.18 24.96
C SER A 51 -0.44 -32.59 25.54
N THR A 52 -1.16 -32.77 26.64
CA THR A 52 -1.19 -34.04 27.36
C THR A 52 -1.56 -35.22 26.46
N GLU A 53 -2.82 -35.26 26.04
CA GLU A 53 -3.30 -36.35 25.20
C GLU A 53 -2.97 -36.15 23.73
N THR A 54 -1.68 -35.98 23.42
CA THR A 54 -1.25 -35.78 22.04
C THR A 54 0.25 -35.49 21.91
N GLY A 55 0.79 -34.66 22.81
CA GLY A 55 2.20 -34.33 22.72
C GLY A 55 2.90 -34.23 24.05
N GLN A 56 3.27 -33.01 24.41
CA GLN A 56 4.00 -32.74 25.63
C GLN A 56 3.59 -31.41 26.27
N TYR A 57 4.26 -31.06 27.36
CA TYR A 57 4.00 -29.82 28.07
C TYR A 57 4.91 -28.72 27.53
N LEU A 58 4.42 -27.49 27.47
CA LEU A 58 5.21 -26.39 26.96
C LEU A 58 6.16 -25.83 28.03
N ALA A 59 7.24 -25.22 27.55
CA ALA A 59 8.25 -24.62 28.42
C ALA A 59 9.06 -23.61 27.63
N MET A 60 8.53 -22.40 27.53
CA MET A 60 9.18 -21.32 26.78
C MET A 60 10.64 -21.13 27.19
N ASP A 61 11.47 -20.82 26.21
CA ASP A 61 12.88 -20.59 26.45
C ASP A 61 13.10 -19.10 26.65
N THR A 62 12.84 -18.64 27.87
CA THR A 62 13.00 -17.23 28.19
C THR A 62 12.05 -16.38 27.33
N ASP A 63 10.88 -16.95 27.03
CA ASP A 63 9.89 -16.29 26.17
C ASP A 63 10.39 -16.20 24.73
N GLY A 64 11.60 -15.65 24.56
CA GLY A 64 12.21 -15.51 23.25
C GLY A 64 11.84 -16.64 22.30
N LEU A 65 12.13 -17.87 22.71
CA LEU A 65 11.81 -19.04 21.91
C LEU A 65 10.79 -19.91 22.63
N LEU A 66 9.76 -20.32 21.91
CA LEU A 66 8.71 -21.15 22.50
C LEU A 66 8.96 -22.62 22.19
N TYR A 67 8.93 -23.45 23.23
CA TYR A 67 9.15 -24.88 23.08
C TYR A 67 8.48 -25.64 24.23
N GLY A 68 8.54 -26.96 24.17
CA GLY A 68 7.94 -27.77 25.21
C GLY A 68 8.20 -29.25 24.99
N SER A 69 8.38 -29.99 26.08
CA SER A 69 8.64 -31.43 25.99
C SER A 69 9.03 -32.01 27.35
N GLN A 70 10.15 -31.54 27.89
CA GLN A 70 10.66 -32.04 29.16
C GLN A 70 9.71 -31.78 30.33
N THR A 71 9.59 -30.52 30.74
CA THR A 71 8.73 -30.17 31.88
C THR A 71 7.99 -28.85 31.67
N PRO A 72 6.77 -28.74 32.21
CA PRO A 72 5.97 -27.51 32.11
C PRO A 72 6.45 -26.45 33.10
N ASN A 73 7.62 -25.88 32.81
CA ASN A 73 8.21 -24.86 33.66
C ASN A 73 7.32 -23.62 33.72
N GLU A 74 7.47 -22.82 34.80
CA GLU A 74 6.68 -21.59 34.97
C GLU A 74 6.59 -20.81 33.66
N GLU A 75 7.65 -20.88 32.85
CA GLU A 75 7.66 -20.21 31.54
C GLU A 75 6.37 -20.49 30.77
N CYS A 76 5.73 -21.62 31.06
CA CYS A 76 4.50 -22.01 30.38
C CYS A 76 3.24 -21.38 30.99
N LEU A 77 3.38 -20.53 31.99
CA LEU A 77 2.21 -19.88 32.59
C LEU A 77 1.91 -18.57 31.86
N PHE A 78 0.72 -18.47 31.27
CA PHE A 78 0.32 -17.28 30.53
C PHE A 78 -1.01 -16.73 31.01
N LEU A 79 -1.15 -15.41 30.97
CA LEU A 79 -2.38 -14.74 31.37
C LEU A 79 -3.38 -14.75 30.21
N GLU A 80 -4.57 -15.26 30.46
CA GLU A 80 -5.59 -15.35 29.43
C GLU A 80 -6.22 -13.97 29.15
N ARG A 81 -6.03 -13.48 27.94
CA ARG A 81 -6.57 -12.19 27.52
C ARG A 81 -7.32 -12.35 26.20
N LEU A 82 -8.33 -11.51 25.98
CA LEU A 82 -9.12 -11.58 24.76
C LEU A 82 -9.09 -10.24 24.04
N GLU A 83 -9.01 -10.28 22.71
CA GLU A 83 -8.99 -9.07 21.90
C GLU A 83 -10.27 -8.98 21.06
N GLU A 84 -10.80 -7.78 20.92
CA GLU A 84 -12.01 -7.57 20.14
C GLU A 84 -11.72 -7.69 18.64
N ASN A 85 -11.12 -8.81 18.27
CA ASN A 85 -10.76 -9.08 16.88
C ASN A 85 -10.94 -10.58 16.59
N HIS A 86 -11.77 -11.25 17.39
CA HIS A 86 -12.01 -12.68 17.24
C HIS A 86 -10.73 -13.48 17.41
N TYR A 87 -9.93 -13.11 18.42
CA TYR A 87 -8.67 -13.80 18.69
C TYR A 87 -8.38 -13.80 20.18
N ASN A 88 -7.60 -14.79 20.61
CA ASN A 88 -7.22 -14.95 22.01
C ASN A 88 -5.79 -14.45 22.22
N THR A 89 -5.54 -13.89 23.40
CA THR A 89 -4.22 -13.39 23.74
C THR A 89 -3.74 -14.02 25.04
N TYR A 90 -2.48 -14.42 25.08
CA TYR A 90 -1.91 -15.05 26.27
C TYR A 90 -0.60 -14.35 26.64
N ILE A 91 -0.58 -13.73 27.81
CA ILE A 91 0.59 -13.01 28.27
C ILE A 91 1.48 -13.87 29.15
N SER A 92 2.70 -14.14 28.69
CA SER A 92 3.64 -14.94 29.44
C SER A 92 4.10 -14.17 30.68
N LYS A 93 3.27 -14.19 31.72
CA LYS A 93 3.56 -13.48 32.96
C LYS A 93 5.02 -13.69 33.38
N LYS A 94 5.55 -14.88 33.11
CA LYS A 94 6.95 -15.18 33.42
C LYS A 94 7.89 -14.12 32.84
N HIS A 95 7.48 -13.49 31.74
CA HIS A 95 8.29 -12.46 31.09
C HIS A 95 7.49 -11.19 30.85
N ALA A 96 6.28 -11.12 31.42
CA ALA A 96 5.42 -9.94 31.26
C ALA A 96 6.20 -8.68 31.61
N GLU A 97 7.14 -8.81 32.54
CA GLU A 97 7.98 -7.69 32.97
C GLU A 97 8.60 -6.97 31.76
N LYS A 98 8.90 -7.72 30.70
CA LYS A 98 9.48 -7.15 29.49
C LYS A 98 8.39 -6.89 28.45
N ASN A 99 7.13 -6.94 28.87
CA ASN A 99 6.00 -6.73 27.97
C ASN A 99 6.02 -7.77 26.84
N TRP A 100 6.45 -8.97 27.19
CA TRP A 100 6.54 -10.07 26.25
C TRP A 100 5.41 -11.07 26.46
N PHE A 101 4.64 -11.33 25.42
CA PHE A 101 3.53 -12.27 25.48
C PHE A 101 3.54 -13.21 24.28
N VAL A 102 3.67 -14.53 24.59
CA VAL A 102 3.74 -15.63 23.62
C VAL A 102 3.29 -15.27 22.21
N GLY A 103 4.21 -15.47 21.26
CA GLY A 103 3.93 -15.20 19.86
C GLY A 103 4.55 -16.27 18.96
N LEU A 104 3.79 -16.80 18.02
CA LEU A 104 4.28 -17.84 17.13
C LEU A 104 4.23 -17.42 15.66
N LYS A 105 5.02 -18.11 14.84
CA LYS A 105 5.07 -17.84 13.41
C LYS A 105 4.29 -18.90 12.65
N LYS A 106 3.10 -18.52 12.18
CA LYS A 106 2.22 -19.43 11.43
C LYS A 106 3.00 -20.29 10.44
N ASN A 107 3.92 -19.68 9.72
CA ASN A 107 4.72 -20.38 8.73
C ASN A 107 6.17 -20.51 9.20
N GLY A 108 6.37 -20.71 10.50
CA GLY A 108 7.70 -20.85 11.03
C GLY A 108 7.77 -21.73 12.25
N SER A 109 6.94 -21.41 13.25
CA SER A 109 6.85 -22.12 14.52
C SER A 109 6.70 -21.10 15.65
N CYS A 110 6.52 -21.58 16.88
CA CYS A 110 6.35 -20.71 18.03
C CYS A 110 7.72 -20.30 18.59
N LYS A 111 8.16 -19.08 18.27
CA LYS A 111 9.43 -18.56 18.76
C LYS A 111 9.67 -17.14 18.24
N ARG A 112 9.02 -16.19 18.91
CA ARG A 112 9.11 -14.79 18.55
C ARG A 112 9.13 -13.91 19.79
N GLY A 113 9.69 -14.41 20.89
CA GLY A 113 9.75 -13.64 22.13
C GLY A 113 10.32 -12.24 21.92
N PRO A 114 11.48 -12.07 21.23
CA PRO A 114 12.03 -10.72 20.99
C PRO A 114 11.06 -9.81 20.23
N ARG A 115 10.01 -10.41 19.68
CA ARG A 115 8.99 -9.69 18.92
C ARG A 115 7.58 -10.05 19.41
N THR A 116 7.41 -10.22 20.72
CA THR A 116 6.10 -10.56 21.29
C THR A 116 5.39 -9.34 21.88
N HIS A 117 5.72 -8.16 21.37
CA HIS A 117 5.09 -6.94 21.84
C HIS A 117 4.08 -6.46 20.80
N TYR A 118 3.84 -5.15 20.72
CA TYR A 118 2.88 -4.63 19.75
C TYR A 118 3.57 -4.40 18.41
N GLY A 119 3.34 -5.33 17.49
CA GLY A 119 3.93 -5.26 16.16
C GLY A 119 3.56 -6.49 15.36
N GLN A 120 3.80 -7.65 15.95
CA GLN A 120 3.46 -8.92 15.32
C GLN A 120 2.04 -9.30 15.72
N LYS A 121 1.17 -9.43 14.74
CA LYS A 121 -0.24 -9.74 14.99
C LYS A 121 -0.41 -11.23 15.33
N ALA A 122 0.59 -12.04 14.98
CA ALA A 122 0.57 -13.47 15.27
C ALA A 122 0.26 -13.78 16.74
N ILE A 123 0.37 -12.78 17.60
CA ILE A 123 0.08 -12.94 19.02
C ILE A 123 -1.43 -13.15 19.25
N LEU A 124 -2.24 -12.72 18.29
CA LEU A 124 -3.68 -12.90 18.38
C LEU A 124 -4.07 -14.27 17.84
N PHE A 125 -4.07 -15.25 18.71
CA PHE A 125 -4.37 -16.63 18.33
C PHE A 125 -5.87 -16.86 18.20
N LEU A 126 -6.24 -17.76 17.28
CA LEU A 126 -7.63 -18.12 17.04
C LEU A 126 -7.86 -19.54 17.54
N PRO A 127 -8.57 -19.69 18.68
CA PRO A 127 -8.84 -21.00 19.27
C PRO A 127 -10.09 -21.67 18.72
N LEU A 128 -10.01 -22.99 18.56
CA LEU A 128 -11.12 -23.80 18.07
C LEU A 128 -11.33 -25.02 18.98
N PRO A 129 -11.36 -24.80 20.32
CA PRO A 129 -11.52 -25.87 21.29
C PRO A 129 -12.97 -26.31 21.47
N VAL A 130 -13.16 -27.57 21.87
CA VAL A 130 -14.49 -28.10 22.10
C VAL A 130 -15.00 -27.68 23.48
N SER A 131 -15.63 -26.52 23.52
CA SER A 131 -16.16 -25.98 24.75
C SER A 131 -17.35 -26.81 25.27
N SER A 132 -17.87 -26.42 26.42
CA SER A 132 -19.02 -27.10 27.01
C SER A 132 -20.25 -26.22 26.94
N ASP A 133 -20.70 -25.94 25.72
CA ASP A 133 -21.86 -25.09 25.48
C ASP A 133 -23.12 -25.94 25.35
N MET B 1 -18.01 -4.19 2.31
CA MET B 1 -18.28 -4.23 3.77
C MET B 1 -17.12 -3.60 4.53
N ALA B 2 -16.75 -4.19 5.67
CA ALA B 2 -15.65 -3.68 6.47
C ALA B 2 -14.32 -3.93 5.74
N ALA B 3 -13.21 -3.52 6.35
CA ALA B 3 -11.90 -3.68 5.72
C ALA B 3 -11.84 -2.75 4.51
N GLU B 4 -12.09 -1.47 4.77
CA GLU B 4 -12.09 -0.46 3.71
C GLU B 4 -10.69 0.09 3.46
N PRO B 5 -10.33 0.24 2.17
CA PRO B 5 -9.02 0.76 1.77
C PRO B 5 -8.94 2.28 1.94
N LEU B 6 -7.80 2.73 2.44
CA LEU B 6 -7.58 4.16 2.66
C LEU B 6 -6.96 4.77 1.41
N THR B 7 -6.54 6.04 1.50
CA THR B 7 -5.94 6.70 0.34
C THR B 7 -4.52 6.18 0.12
N GLU B 8 -4.02 6.38 -1.10
CA GLU B 8 -2.69 5.93 -1.52
C GLU B 8 -1.57 6.32 -0.53
N LEU B 9 -1.68 7.52 0.05
CA LEU B 9 -0.69 8.01 0.98
C LEU B 9 -0.87 7.42 2.39
N GLU B 10 -2.12 7.20 2.82
CA GLU B 10 -2.39 6.54 4.10
C GLU B 10 -1.84 5.10 4.06
N GLU B 11 -2.07 4.40 2.94
CA GLU B 11 -1.54 3.06 2.71
C GLU B 11 -0.03 3.04 2.98
N SER B 12 0.69 3.95 2.31
CA SER B 12 2.14 3.95 2.36
C SER B 12 2.71 4.40 3.70
N ILE B 13 2.11 5.40 4.39
CA ILE B 13 2.57 5.69 5.75
C ILE B 13 2.29 4.50 6.66
N GLU B 14 1.14 3.85 6.54
CA GLU B 14 0.87 2.69 7.38
C GLU B 14 1.94 1.63 7.16
N THR B 15 2.16 1.16 5.92
CA THR B 15 3.07 0.05 5.67
C THR B 15 4.46 0.27 6.30
N VAL B 16 4.98 1.50 6.23
CA VAL B 16 6.26 1.82 6.87
C VAL B 16 6.09 1.95 8.40
N VAL B 17 4.99 2.54 8.88
CA VAL B 17 4.72 2.67 10.31
C VAL B 17 4.64 1.28 10.97
N THR B 18 3.93 0.32 10.35
CA THR B 18 3.84 -1.04 10.93
C THR B 18 5.21 -1.72 10.97
N THR B 19 6.01 -1.54 9.91
CA THR B 19 7.37 -2.06 9.85
C THR B 19 8.22 -1.43 10.96
N PHE B 20 8.24 -0.10 11.04
CA PHE B 20 8.82 0.64 12.14
C PHE B 20 8.42 0.01 13.47
N PHE B 21 7.10 -0.15 13.68
CA PHE B 21 6.56 -0.68 14.93
C PHE B 21 6.96 -2.13 15.22
N THR B 22 7.37 -2.89 14.20
CA THR B 22 7.76 -4.27 14.41
C THR B 22 9.22 -4.37 14.89
N PHE B 23 9.88 -3.22 14.98
CA PHE B 23 11.27 -3.14 15.43
C PHE B 23 11.39 -2.23 16.66
N ALA B 24 10.53 -1.21 16.70
CA ALA B 24 10.47 -0.24 17.80
C ALA B 24 10.15 -0.93 19.13
N ARG B 25 9.35 -1.98 19.07
CA ARG B 25 8.94 -2.68 20.30
C ARG B 25 9.87 -3.82 20.70
N GLN B 26 10.96 -4.03 19.96
CA GLN B 26 11.91 -5.10 20.27
C GLN B 26 12.39 -5.04 21.72
N GLU B 27 12.72 -3.83 22.17
CA GLU B 27 13.20 -3.62 23.53
C GLU B 27 12.38 -2.56 24.25
N GLY B 28 12.99 -1.93 25.26
CA GLY B 28 12.37 -0.86 26.01
C GLY B 28 11.76 0.27 25.17
N ARG B 29 10.49 0.57 25.48
CA ARG B 29 9.68 1.59 24.79
C ARG B 29 9.40 1.21 23.33
N LYS B 30 8.12 0.99 23.01
CA LYS B 30 7.73 0.60 21.65
C LYS B 30 7.54 1.82 20.73
N ASP B 31 8.45 2.77 20.85
CA ASP B 31 8.44 3.99 20.03
C ASP B 31 9.87 4.22 19.55
N SER B 32 10.81 4.20 20.51
CA SER B 32 12.20 4.41 20.25
C SER B 32 12.89 3.12 19.78
N LEU B 33 13.71 3.24 18.74
CA LEU B 33 14.70 2.22 18.40
C LEU B 33 15.96 2.55 19.18
N SER B 34 16.43 1.64 20.04
CA SER B 34 17.79 1.77 20.57
C SER B 34 18.79 1.21 19.57
N VAL B 35 20.08 1.26 19.91
CA VAL B 35 21.18 1.01 18.98
C VAL B 35 20.99 -0.31 18.20
N ASN B 36 20.88 -1.45 18.93
CA ASN B 36 20.68 -2.77 18.30
C ASN B 36 19.40 -2.76 17.44
N GLU B 37 18.30 -2.42 18.09
CA GLU B 37 16.99 -2.22 17.47
C GLU B 37 17.11 -1.52 16.11
N PHE B 38 17.85 -0.41 16.09
CA PHE B 38 18.05 0.39 14.90
C PHE B 38 18.84 -0.42 13.88
N LYS B 39 19.99 -0.96 14.30
CA LYS B 39 20.82 -1.76 13.42
C LYS B 39 20.05 -2.92 12.79
N GLU B 40 19.09 -3.48 13.54
CA GLU B 40 18.27 -4.60 13.06
C GLU B 40 17.46 -4.24 11.80
N LEU B 41 17.05 -2.97 11.67
CA LEU B 41 16.25 -2.55 10.51
C LEU B 41 17.13 -2.68 9.27
N VAL B 42 18.29 -2.02 9.32
CA VAL B 42 19.17 -1.88 8.19
C VAL B 42 19.72 -3.26 7.81
N THR B 43 20.25 -3.97 8.79
CA THR B 43 20.85 -5.29 8.57
C THR B 43 19.87 -6.34 8.02
N GLN B 44 18.59 -6.23 8.37
CA GLN B 44 17.60 -7.22 7.92
C GLN B 44 16.87 -6.84 6.62
N GLN B 45 16.21 -5.68 6.62
CA GLN B 45 15.42 -5.29 5.45
C GLN B 45 16.04 -4.17 4.60
N LEU B 46 17.34 -3.93 4.71
CA LEU B 46 17.96 -2.89 3.90
C LEU B 46 19.40 -3.23 3.51
N PRO B 47 19.56 -4.16 2.54
CA PRO B 47 20.87 -4.61 2.08
C PRO B 47 21.36 -3.95 0.78
N HIS B 48 20.49 -3.18 0.12
CA HIS B 48 20.86 -2.52 -1.13
C HIS B 48 20.96 -1.01 -0.98
N LEU B 49 19.85 -0.37 -0.58
CA LEU B 49 19.79 1.08 -0.40
C LEU B 49 21.01 1.62 0.34
N LEU B 50 21.13 1.26 1.61
CA LEU B 50 22.25 1.61 2.49
C LEU B 50 23.00 0.33 2.76
N LYS B 51 23.82 -0.08 1.79
CA LYS B 51 24.63 -1.30 1.87
C LYS B 51 25.71 -1.23 2.96
N ASP B 52 25.72 -0.14 3.73
CA ASP B 52 26.69 0.03 4.80
C ASP B 52 26.17 -0.58 6.10
N VAL B 53 26.35 -1.88 6.24
CA VAL B 53 25.91 -2.59 7.45
C VAL B 53 27.03 -2.67 8.48
N GLY B 54 27.99 -1.75 8.36
CA GLY B 54 29.10 -1.72 9.29
C GLY B 54 29.25 -0.38 9.97
N SER B 55 29.01 0.70 9.21
CA SER B 55 29.13 2.04 9.75
C SER B 55 27.76 2.59 10.18
N LEU B 56 26.99 1.77 10.89
CA LEU B 56 25.69 2.15 11.39
C LEU B 56 25.87 3.26 12.43
N ASP B 57 26.99 3.27 13.14
CA ASP B 57 27.37 4.34 14.06
C ASP B 57 27.29 5.71 13.37
N GLU B 58 27.86 5.85 12.17
CA GLU B 58 27.81 7.08 11.39
C GLU B 58 26.36 7.51 11.19
N LYS B 59 25.53 6.60 10.68
CA LYS B 59 24.11 6.90 10.48
C LYS B 59 23.52 7.36 11.82
N MET B 60 23.73 6.57 12.88
CA MET B 60 23.20 6.85 14.21
C MET B 60 23.56 8.28 14.62
N LYS B 61 24.83 8.65 14.59
CA LYS B 61 25.25 10.01 14.92
C LYS B 61 24.59 11.04 14.00
N SER B 62 24.52 10.75 12.70
CA SER B 62 23.88 11.64 11.73
C SER B 62 22.39 11.83 12.01
N LEU B 63 21.74 10.81 12.58
CA LEU B 63 20.31 10.77 12.88
C LEU B 63 20.02 11.39 14.24
N ASP B 64 20.54 10.76 15.30
CA ASP B 64 20.27 11.12 16.68
C ASP B 64 21.02 12.39 17.06
N VAL B 65 20.55 13.54 16.58
CA VAL B 65 21.20 14.84 16.78
C VAL B 65 21.56 15.11 18.24
N ASN B 66 20.70 14.70 19.17
CA ASN B 66 20.88 14.88 20.61
C ASN B 66 21.74 13.78 21.25
N GLN B 67 22.05 12.72 20.50
CA GLN B 67 22.88 11.61 20.95
C GLN B 67 22.42 11.08 22.32
N ASP B 68 21.14 10.79 22.44
CA ASP B 68 20.54 10.17 23.63
C ASP B 68 20.59 8.64 23.51
N SER B 69 20.95 8.11 22.34
CA SER B 69 20.94 6.68 22.04
C SER B 69 19.52 6.11 22.04
N GLU B 70 18.55 6.97 21.73
CA GLU B 70 17.20 6.63 21.36
C GLU B 70 16.86 7.42 20.10
N LEU B 71 16.57 6.75 18.99
CA LEU B 71 15.93 7.38 17.87
C LEU B 71 14.43 7.33 18.17
N LYS B 72 13.87 8.38 18.78
CA LYS B 72 12.42 8.57 18.93
C LYS B 72 11.77 8.45 17.54
N PHE B 73 10.45 8.23 17.49
CA PHE B 73 9.69 8.10 16.25
C PHE B 73 10.17 9.09 15.17
N ASN B 74 10.12 10.38 15.48
CA ASN B 74 10.49 11.44 14.54
C ASN B 74 11.99 11.44 14.20
N GLU B 75 12.86 11.04 15.14
CA GLU B 75 14.28 10.96 14.90
C GLU B 75 14.56 9.81 13.93
N TYR B 76 14.08 8.61 14.28
CA TYR B 76 14.15 7.43 13.43
C TYR B 76 13.67 7.76 12.03
N TRP B 77 12.48 8.38 11.97
CA TRP B 77 11.83 8.78 10.75
C TRP B 77 12.84 9.43 9.77
N ARG B 78 13.82 10.23 10.25
CA ARG B 78 14.88 10.79 9.41
C ARG B 78 15.40 9.78 8.37
N LEU B 79 15.73 8.56 8.82
CA LEU B 79 16.22 7.50 7.96
C LEU B 79 15.37 7.39 6.70
N ILE B 80 14.04 7.42 6.84
CA ILE B 80 13.11 7.19 5.75
C ILE B 80 13.32 8.26 4.66
N GLY B 81 13.84 9.42 5.05
CA GLY B 81 14.13 10.51 4.14
C GLY B 81 15.36 10.19 3.35
N GLU B 82 16.35 9.66 4.04
CA GLU B 82 17.62 9.34 3.47
C GLU B 82 17.38 8.16 2.52
N LEU B 83 16.46 7.25 2.87
CA LEU B 83 16.00 6.18 2.00
C LEU B 83 15.32 6.75 0.74
N ALA B 84 14.23 7.51 0.95
CA ALA B 84 13.41 8.10 -0.11
C ALA B 84 14.23 9.03 -1.01
N LYS B 85 15.30 9.58 -0.46
CA LYS B 85 16.29 10.33 -1.19
C LYS B 85 17.15 9.34 -1.98
N GLU B 86 17.88 8.43 -1.31
CA GLU B 86 18.77 7.44 -1.92
C GLU B 86 18.16 6.76 -3.13
N ILE B 87 16.92 6.26 -3.05
CA ILE B 87 16.30 5.58 -4.18
C ILE B 87 16.34 6.39 -5.49
N ARG B 88 16.26 7.72 -5.40
CA ARG B 88 16.45 8.63 -6.52
C ARG B 88 17.91 9.00 -6.65
N LYS B 89 18.49 9.48 -5.56
CA LYS B 89 19.77 10.14 -5.46
C LYS B 89 20.94 9.23 -5.82
N LYS B 90 20.81 7.90 -5.70
CA LYS B 90 21.67 7.16 -4.78
C LYS B 90 23.09 7.74 -4.67
N LYS B 91 23.92 7.71 -5.72
CA LYS B 91 25.26 8.27 -5.71
C LYS B 91 25.46 9.13 -6.98
N ASP B 92 24.47 9.97 -7.29
CA ASP B 92 24.36 10.95 -8.39
C ASP B 92 25.51 11.95 -8.29
N LEU B 93 26.70 11.47 -8.65
CA LEU B 93 27.98 12.10 -8.46
C LEU B 93 29.00 11.18 -9.14
N LYS B 94 28.98 9.88 -8.80
CA LYS B 94 29.77 8.84 -9.46
C LYS B 94 28.89 7.78 -10.11
N ILE B 95 27.83 7.33 -9.43
CA ILE B 95 27.04 6.16 -9.82
C ILE B 95 25.55 6.43 -9.60
N ARG B 96 24.69 6.56 -10.62
CA ARG B 96 24.86 6.68 -12.07
C ARG B 96 23.50 6.85 -12.77
N MET C 1 16.40 5.88 -17.57
CA MET C 1 15.12 6.44 -18.02
C MET C 1 14.02 6.09 -17.01
N ALA C 2 13.78 4.79 -16.74
CA ALA C 2 12.81 4.35 -15.74
C ALA C 2 12.88 2.83 -15.49
N ALA C 3 13.18 2.43 -14.26
CA ALA C 3 12.63 1.26 -13.54
C ALA C 3 12.13 0.03 -14.33
N GLU C 4 12.95 -1.03 -14.42
CA GLU C 4 12.50 -2.42 -14.38
C GLU C 4 12.33 -2.82 -12.88
N PRO C 5 11.98 -4.12 -12.55
CA PRO C 5 11.80 -4.68 -11.20
C PRO C 5 12.42 -3.92 -10.04
N LEU C 6 11.67 -3.87 -8.94
CA LEU C 6 12.09 -3.20 -7.73
C LEU C 6 11.87 -4.13 -6.52
N THR C 7 11.05 -3.69 -5.56
CA THR C 7 10.74 -4.48 -4.37
C THR C 7 9.38 -4.05 -3.80
N GLU C 8 8.98 -4.65 -2.67
CA GLU C 8 7.69 -4.36 -2.03
C GLU C 8 7.52 -2.87 -1.69
N LEU C 9 8.49 -2.29 -1.00
CA LEU C 9 8.44 -0.88 -0.61
C LEU C 9 8.73 0.05 -1.77
N GLU C 10 9.57 -0.40 -2.71
CA GLU C 10 9.90 0.40 -3.88
C GLU C 10 8.65 0.67 -4.71
N GLU C 11 7.69 -0.28 -4.70
CA GLU C 11 6.41 -0.07 -5.36
C GLU C 11 5.72 1.16 -4.78
N SER C 12 5.61 1.21 -3.45
CA SER C 12 4.81 2.22 -2.77
C SER C 12 5.44 3.62 -2.82
N ILE C 13 6.76 3.72 -3.01
CA ILE C 13 7.36 5.00 -3.40
C ILE C 13 7.11 5.30 -4.88
N GLU C 14 7.06 4.28 -5.76
CA GLU C 14 6.70 4.50 -7.16
C GLU C 14 5.28 5.10 -7.26
N THR C 15 4.28 4.45 -6.65
CA THR C 15 2.88 4.80 -6.89
C THR C 15 2.62 6.32 -6.72
N VAL C 16 3.27 6.93 -5.73
CA VAL C 16 3.17 8.37 -5.50
C VAL C 16 3.95 9.17 -6.56
N VAL C 17 5.11 8.67 -6.99
CA VAL C 17 5.88 9.29 -8.07
C VAL C 17 5.06 9.28 -9.37
N THR C 18 4.35 8.16 -9.62
CA THR C 18 3.49 8.04 -10.80
C THR C 18 2.40 9.13 -10.80
N THR C 19 1.96 9.57 -9.59
CA THR C 19 0.97 10.65 -9.47
C THR C 19 1.67 11.96 -9.85
N PHE C 20 2.81 12.15 -9.21
CA PHE C 20 3.73 13.27 -9.46
C PHE C 20 3.96 13.43 -10.95
N PHE C 21 4.39 12.33 -11.59
CA PHE C 21 4.72 12.28 -13.01
C PHE C 21 3.55 12.66 -13.93
N THR C 22 2.30 12.40 -13.53
CA THR C 22 1.16 12.74 -14.40
C THR C 22 0.57 14.10 -14.09
N PHE C 23 1.22 14.84 -13.19
CA PHE C 23 0.77 16.17 -12.82
C PHE C 23 1.86 17.18 -13.10
N ALA C 24 3.11 16.71 -13.16
CA ALA C 24 4.25 17.58 -13.41
C ALA C 24 4.57 17.71 -14.89
N ARG C 25 3.98 16.82 -15.71
CA ARG C 25 4.13 16.88 -17.17
C ARG C 25 2.96 17.67 -17.74
N GLN C 26 2.62 18.77 -17.08
CA GLN C 26 1.48 19.58 -17.47
C GLN C 26 1.82 20.81 -18.32
N GLU C 27 2.81 21.61 -17.93
CA GLU C 27 3.07 22.82 -18.69
C GLU C 27 4.36 22.72 -19.53
N GLY C 28 5.52 22.88 -18.88
CA GLY C 28 6.81 22.32 -19.21
C GLY C 28 7.03 21.02 -18.44
N ARG C 29 7.95 20.19 -18.91
CA ARG C 29 8.92 19.49 -18.09
C ARG C 29 8.32 18.70 -16.91
N LYS C 30 8.33 17.37 -17.09
CA LYS C 30 7.79 16.41 -16.10
C LYS C 30 8.71 16.20 -14.90
N ASP C 31 9.98 16.52 -15.07
CA ASP C 31 10.97 16.39 -14.01
C ASP C 31 10.88 17.48 -12.94
N SER C 32 10.13 18.57 -13.15
CA SER C 32 9.94 19.64 -12.18
C SER C 32 8.45 19.98 -12.00
N LEU C 33 8.03 20.20 -10.76
CA LEU C 33 6.71 20.76 -10.49
C LEU C 33 6.72 22.23 -10.89
N SER C 34 5.65 22.63 -11.57
CA SER C 34 5.38 23.95 -12.08
C SER C 34 4.07 24.45 -11.41
N VAL C 35 3.78 25.75 -11.40
CA VAL C 35 2.69 26.27 -10.54
C VAL C 35 1.40 26.48 -11.32
N ASN C 36 1.03 25.45 -12.05
CA ASN C 36 -0.31 24.97 -12.31
C ASN C 36 -0.15 23.49 -12.65
N GLU C 37 0.49 22.87 -11.65
CA GLU C 37 0.80 21.46 -11.52
C GLU C 37 0.77 21.17 -10.01
N PHE C 38 1.45 22.08 -9.27
CA PHE C 38 1.47 22.07 -7.83
C PHE C 38 0.10 22.45 -7.26
N LYS C 39 -0.39 23.64 -7.61
CA LYS C 39 -1.66 24.08 -7.05
C LYS C 39 -2.79 23.11 -7.43
N GLU C 40 -2.74 22.56 -8.64
CA GLU C 40 -3.72 21.58 -9.08
C GLU C 40 -3.57 20.27 -8.29
N LEU C 41 -2.33 19.99 -7.87
CA LEU C 41 -2.04 18.77 -7.11
C LEU C 41 -2.56 18.87 -5.68
N VAL C 42 -2.31 20.01 -5.02
CA VAL C 42 -2.79 20.23 -3.67
C VAL C 42 -4.32 20.35 -3.65
N THR C 43 -4.88 21.07 -4.61
CA THR C 43 -6.33 21.27 -4.67
C THR C 43 -7.11 19.98 -5.00
N GLN C 44 -6.46 19.01 -5.64
CA GLN C 44 -7.15 17.77 -6.02
C GLN C 44 -6.73 16.55 -5.20
N GLN C 45 -5.43 16.31 -5.09
CA GLN C 45 -4.94 15.13 -4.37
C GLN C 45 -4.70 15.37 -2.87
N LEU C 46 -4.48 16.62 -2.46
CA LEU C 46 -4.24 16.90 -1.04
C LEU C 46 -5.25 17.90 -0.44
N PRO C 47 -6.56 17.86 -0.79
CA PRO C 47 -7.54 18.83 -0.26
C PRO C 47 -8.01 18.49 1.15
N HIS C 48 -7.88 17.22 1.54
CA HIS C 48 -8.28 16.78 2.86
C HIS C 48 -7.07 16.67 3.78
N LEU C 49 -5.98 16.13 3.25
CA LEU C 49 -4.75 15.98 4.00
C LEU C 49 -4.14 17.35 4.29
N LEU C 50 -3.87 18.11 3.24
CA LEU C 50 -3.33 19.45 3.38
C LEU C 50 -4.48 20.45 3.40
N LYS C 51 -4.87 20.87 4.60
CA LYS C 51 -5.97 21.81 4.76
C LYS C 51 -5.50 23.26 4.62
N ASP C 52 -4.77 23.53 3.55
CA ASP C 52 -4.24 24.86 3.28
C ASP C 52 -3.92 24.99 1.80
N VAL C 53 -4.95 24.84 0.97
CA VAL C 53 -4.80 24.92 -0.48
C VAL C 53 -4.81 26.37 -0.96
N GLY C 54 -5.21 27.27 -0.08
CA GLY C 54 -5.29 28.68 -0.43
C GLY C 54 -3.99 29.41 -0.11
N SER C 55 -3.16 28.77 0.71
CA SER C 55 -1.87 29.35 1.10
C SER C 55 -0.71 28.49 0.60
N LEU C 56 -0.89 27.89 -0.58
CA LEU C 56 0.13 27.08 -1.21
C LEU C 56 1.40 27.90 -1.37
N ASP C 57 1.27 29.12 -1.89
CA ASP C 57 2.33 30.06 -2.19
C ASP C 57 3.39 30.14 -1.07
N GLU C 58 2.96 30.13 0.21
CA GLU C 58 3.86 30.08 1.35
C GLU C 58 4.66 28.77 1.35
N LYS C 59 3.96 27.65 1.17
CA LYS C 59 4.58 26.33 1.12
C LYS C 59 5.59 26.30 -0.02
N MET C 60 5.15 26.79 -1.18
CA MET C 60 5.99 26.89 -2.37
C MET C 60 7.28 27.64 -2.03
N LYS C 61 7.17 28.85 -1.47
CA LYS C 61 8.34 29.63 -1.09
C LYS C 61 9.24 28.84 -0.13
N SER C 62 8.63 28.19 0.86
CA SER C 62 9.34 27.36 1.84
C SER C 62 10.04 26.17 1.18
N LEU C 63 9.39 25.56 0.18
CA LEU C 63 9.88 24.39 -0.54
C LEU C 63 11.06 24.79 -1.42
N ASP C 64 10.84 25.76 -2.32
CA ASP C 64 11.63 26.04 -3.52
C ASP C 64 13.10 26.36 -3.29
N VAL C 65 13.52 26.62 -2.04
CA VAL C 65 14.32 27.74 -1.52
C VAL C 65 15.44 28.33 -2.39
N ASN C 66 15.98 27.60 -3.37
CA ASN C 66 16.78 28.26 -4.40
C ASN C 66 15.95 29.34 -5.12
N GLN C 67 14.62 29.17 -5.11
CA GLN C 67 13.64 30.14 -5.60
C GLN C 67 13.72 30.30 -7.12
N ASP C 68 14.32 29.31 -7.82
CA ASP C 68 14.23 29.22 -9.27
C ASP C 68 12.78 29.04 -9.71
N SER C 69 11.89 28.63 -8.80
CA SER C 69 10.47 28.40 -9.04
C SER C 69 10.22 27.17 -9.92
N GLU C 70 11.26 26.36 -10.17
CA GLU C 70 11.09 24.96 -10.48
C GLU C 70 11.11 24.25 -9.14
N LEU C 71 9.97 23.70 -8.73
CA LEU C 71 9.93 22.87 -7.53
C LEU C 71 10.62 21.56 -7.93
N LYS C 72 11.87 21.42 -7.51
CA LYS C 72 12.84 20.53 -8.12
C LYS C 72 12.64 19.10 -7.62
N PHE C 73 13.35 18.14 -8.22
CA PHE C 73 13.20 16.70 -7.96
C PHE C 73 13.99 16.40 -6.68
N ASN C 74 13.37 16.84 -5.58
CA ASN C 74 13.76 16.94 -4.18
C ASN C 74 14.21 18.38 -3.90
N GLU C 75 13.41 19.38 -4.30
CA GLU C 75 12.71 20.26 -3.38
C GLU C 75 11.34 19.65 -3.07
N TYR C 76 10.54 19.48 -4.13
CA TYR C 76 9.13 19.10 -4.12
C TYR C 76 8.84 18.04 -3.06
N TRP C 77 9.62 16.97 -3.12
CA TRP C 77 9.44 15.77 -2.34
C TRP C 77 9.09 16.08 -0.88
N ARG C 78 9.75 17.10 -0.30
CA ARG C 78 9.46 17.58 1.04
C ARG C 78 7.96 17.59 1.35
N LEU C 79 7.13 18.05 0.42
CA LEU C 79 5.69 18.12 0.57
C LEU C 79 5.11 16.80 1.09
N ILE C 80 5.47 15.69 0.44
CA ILE C 80 5.00 14.35 0.80
C ILE C 80 5.39 14.08 2.26
N GLY C 81 6.51 14.67 2.70
CA GLY C 81 7.05 14.62 4.04
C GLY C 81 6.19 15.34 5.04
N GLU C 82 5.75 16.52 4.62
CA GLU C 82 4.95 17.36 5.45
C GLU C 82 3.60 16.67 5.61
N LEU C 83 2.96 16.20 4.54
CA LEU C 83 1.78 15.35 4.73
C LEU C 83 2.08 14.13 5.61
N ALA C 84 3.20 13.43 5.36
CA ALA C 84 3.56 12.25 6.13
C ALA C 84 3.60 12.55 7.62
N LYS C 85 4.29 13.61 8.05
CA LYS C 85 4.26 13.96 9.47
C LYS C 85 2.88 14.51 9.86
N GLU C 86 2.21 15.34 9.05
CA GLU C 86 0.93 16.00 9.35
C GLU C 86 -0.06 15.05 10.01
N ILE C 87 -0.20 13.84 9.47
CA ILE C 87 -1.11 12.84 10.03
C ILE C 87 -0.88 12.65 11.54
N ARG C 88 0.39 12.66 11.95
CA ARG C 88 0.85 12.66 13.34
C ARG C 88 0.84 14.08 13.93
N LYS C 89 1.22 15.09 13.14
CA LYS C 89 1.65 16.40 13.60
C LYS C 89 0.70 17.50 13.12
N LYS C 90 -0.43 17.63 13.80
CA LYS C 90 -1.51 18.59 13.56
C LYS C 90 -0.99 19.98 13.11
N LYS C 91 -0.10 20.62 13.87
CA LYS C 91 0.43 21.94 13.48
C LYS C 91 1.83 22.22 14.08
N ASP C 92 2.36 21.32 14.89
CA ASP C 92 3.20 21.66 16.02
C ASP C 92 4.68 21.66 15.62
N LEU C 93 5.02 22.32 14.51
CA LEU C 93 6.37 22.38 13.99
C LEU C 93 7.13 23.60 14.48
N ILE C 95 9.72 25.96 14.42
CA ILE C 95 11.09 26.21 13.97
C ILE C 95 11.32 27.59 13.33
N ARG C 96 12.55 28.08 13.47
CA ARG C 96 13.08 29.31 12.91
C ARG C 96 14.59 29.23 13.09
N LYS C 97 15.38 29.42 12.04
CA LYS C 97 16.78 29.01 11.99
C LYS C 97 17.33 29.52 10.65
N LYS C 98 18.44 30.29 10.70
CA LYS C 98 19.25 30.62 9.54
C LYS C 98 20.50 29.74 9.63
N TYR D 1 -19.83 -8.98 -38.50
CA TYR D 1 -21.11 -8.22 -38.37
C TYR D 1 -20.85 -6.85 -37.75
N LYS D 2 -20.13 -6.00 -38.49
CA LYS D 2 -19.80 -4.66 -38.00
C LYS D 2 -21.07 -3.94 -37.52
N LYS D 3 -21.18 -3.79 -36.20
CA LYS D 3 -22.32 -3.14 -35.59
C LYS D 3 -21.95 -2.61 -34.20
N PRO D 4 -22.93 -2.09 -33.43
CA PRO D 4 -22.72 -1.56 -32.08
C PRO D 4 -21.42 -2.02 -31.42
N LYS D 5 -20.45 -1.13 -31.36
CA LYS D 5 -19.17 -1.42 -30.74
C LYS D 5 -19.16 -0.92 -29.30
N LEU D 6 -19.26 -1.84 -28.35
CA LEU D 6 -19.26 -1.48 -26.93
C LEU D 6 -17.84 -1.30 -26.43
N LEU D 7 -17.60 -0.25 -25.67
CA LEU D 7 -16.28 0.04 -25.13
C LEU D 7 -16.37 0.64 -23.74
N TYR D 8 -15.52 0.17 -22.83
CA TYR D 8 -15.49 0.68 -21.45
C TYR D 8 -14.14 0.38 -20.83
N CYS D 9 -13.90 0.88 -19.62
CA CYS D 9 -12.63 0.65 -18.95
C CYS D 9 -12.81 0.61 -17.43
N SER D 10 -11.77 0.12 -16.74
CA SER D 10 -11.78 -0.01 -15.29
C SER D 10 -12.63 -1.19 -14.87
N ASN D 11 -12.02 -2.14 -14.19
CA ASN D 11 -12.73 -3.34 -13.73
C ASN D 11 -14.02 -2.94 -13.01
N GLY D 12 -15.14 -3.50 -13.46
CA GLY D 12 -16.41 -3.21 -12.85
C GLY D 12 -17.48 -2.95 -13.89
N GLY D 13 -18.67 -3.49 -13.66
CA GLY D 13 -19.76 -3.29 -14.59
C GLY D 13 -20.05 -1.83 -14.85
N HIS D 14 -19.64 -1.35 -16.02
CA HIS D 14 -19.85 0.03 -16.44
C HIS D 14 -19.62 0.17 -17.94
N PHE D 15 -20.63 0.62 -18.68
CA PHE D 15 -20.51 0.78 -20.13
C PHE D 15 -20.68 2.25 -20.52
N LEU D 16 -20.03 2.63 -21.61
CA LEU D 16 -20.12 4.01 -22.09
C LEU D 16 -21.48 4.27 -22.75
N ARG D 17 -22.39 4.89 -22.01
CA ARG D 17 -23.71 5.18 -22.54
C ARG D 17 -23.75 6.59 -23.11
N ILE D 18 -23.80 6.69 -24.43
CA ILE D 18 -23.83 7.97 -25.11
C ILE D 18 -25.25 8.48 -25.30
N LEU D 19 -25.41 9.79 -25.17
CA LEU D 19 -26.72 10.42 -25.35
C LEU D 19 -26.58 11.62 -26.29
N PRO D 20 -27.57 11.82 -27.18
CA PRO D 20 -27.55 12.92 -28.15
C PRO D 20 -27.16 14.25 -27.51
N ASP D 21 -27.50 14.40 -26.23
CA ASP D 21 -27.18 15.61 -25.48
C ASP D 21 -25.66 15.85 -25.44
N GLY D 22 -24.91 14.78 -25.23
CA GLY D 22 -23.47 14.89 -25.17
C GLY D 22 -22.91 14.33 -23.87
N THR D 23 -23.67 14.45 -22.78
CA THR D 23 -23.23 13.96 -21.48
C THR D 23 -23.25 12.43 -21.44
N VAL D 24 -22.17 11.82 -21.90
CA VAL D 24 -22.03 10.37 -21.90
C VAL D 24 -21.46 9.90 -20.56
N ASP D 25 -22.09 8.89 -19.97
CA ASP D 25 -21.65 8.35 -18.68
C ASP D 25 -21.42 6.84 -18.77
N GLY D 26 -20.74 6.29 -17.77
CA GLY D 26 -20.45 4.87 -17.73
C GLY D 26 -21.59 4.07 -17.13
N THR D 27 -22.72 4.05 -17.83
CA THR D 27 -23.89 3.32 -17.39
C THR D 27 -23.65 1.82 -17.44
N ARG D 28 -23.92 1.13 -16.34
CA ARG D 28 -23.74 -0.32 -16.30
C ARG D 28 -25.03 -1.04 -16.65
N ASP D 29 -25.45 -0.89 -17.90
CA ASP D 29 -26.67 -1.52 -18.38
C ASP D 29 -26.56 -1.86 -19.86
N ARG D 30 -27.29 -2.89 -20.28
CA ARG D 30 -27.29 -3.32 -21.67
C ARG D 30 -28.73 -3.58 -22.15
N SER D 31 -29.69 -2.95 -21.47
CA SER D 31 -31.09 -3.09 -21.81
C SER D 31 -31.51 -2.02 -22.81
N ASP D 32 -31.05 -0.80 -22.57
CA ASP D 32 -31.37 0.33 -23.45
C ASP D 32 -30.25 0.54 -24.47
N GLN D 33 -30.61 0.56 -25.75
CA GLN D 33 -29.62 0.74 -26.81
C GLN D 33 -29.03 2.16 -26.79
N HIS D 34 -28.13 2.41 -25.85
CA HIS D 34 -27.46 3.70 -25.75
C HIS D 34 -26.01 3.56 -25.30
N ILE D 35 -25.46 2.34 -25.40
CA ILE D 35 -24.09 2.08 -25.00
C ILE D 35 -23.32 1.41 -26.15
N GLN D 36 -23.52 1.93 -27.36
CA GLN D 36 -22.87 1.39 -28.55
C GLN D 36 -22.41 2.51 -29.48
N LEU D 37 -21.17 2.41 -29.94
CA LEU D 37 -20.60 3.39 -30.84
C LEU D 37 -20.03 2.68 -32.07
N GLN D 38 -19.95 3.39 -33.19
CA GLN D 38 -19.42 2.80 -34.41
C GLN D 38 -17.91 3.02 -34.49
N LEU D 39 -17.18 2.30 -33.65
CA LEU D 39 -15.72 2.37 -33.63
C LEU D 39 -15.13 1.66 -34.85
N SER D 40 -14.27 2.36 -35.58
CA SER D 40 -13.63 1.80 -36.76
C SER D 40 -12.37 2.58 -37.11
N ALA D 41 -11.45 1.92 -37.82
CA ALA D 41 -10.21 2.55 -38.25
C ALA D 41 -10.44 3.30 -39.55
N GLU D 42 -10.55 4.62 -39.45
CA GLU D 42 -10.79 5.47 -40.62
C GLU D 42 -9.55 5.52 -41.49
N SER D 43 -8.43 5.91 -40.89
CA SER D 43 -7.16 6.01 -41.59
C SER D 43 -6.16 5.03 -41.00
N VAL D 44 -4.99 4.93 -41.60
CA VAL D 44 -3.95 4.02 -41.12
C VAL D 44 -3.65 4.26 -39.63
N GLY D 45 -4.32 3.49 -38.78
CA GLY D 45 -4.12 3.62 -37.35
C GLY D 45 -5.06 4.62 -36.70
N GLU D 46 -5.70 5.47 -37.51
CA GLU D 46 -6.63 6.47 -36.99
C GLU D 46 -8.03 5.91 -36.86
N VAL D 47 -8.46 5.71 -35.61
CA VAL D 47 -9.79 5.17 -35.35
C VAL D 47 -10.71 6.29 -34.86
N TYR D 48 -11.96 6.23 -35.28
CA TYR D 48 -12.94 7.23 -34.89
C TYR D 48 -14.05 6.63 -34.04
N ILE D 49 -14.57 7.43 -33.12
CA ILE D 49 -15.65 7.00 -32.23
C ILE D 49 -16.91 7.78 -32.55
N LYS D 50 -17.83 7.14 -33.24
CA LYS D 50 -19.08 7.77 -33.63
C LYS D 50 -20.28 6.89 -33.29
N SER D 51 -21.09 7.33 -32.35
CA SER D 51 -22.28 6.58 -31.94
C SER D 51 -23.42 6.87 -32.90
N THR D 52 -23.20 6.54 -34.17
CA THR D 52 -24.17 6.78 -35.23
C THR D 52 -25.55 6.17 -34.91
N GLU D 53 -25.62 4.85 -34.94
CA GLU D 53 -26.88 4.16 -34.69
C GLU D 53 -27.18 4.01 -33.20
N THR D 54 -27.22 5.13 -32.47
CA THR D 54 -27.50 5.10 -31.04
C THR D 54 -27.37 6.47 -30.38
N GLY D 55 -26.35 7.24 -30.74
CA GLY D 55 -26.16 8.52 -30.12
C GLY D 55 -25.69 9.61 -31.06
N GLN D 56 -24.46 10.04 -30.88
CA GLN D 56 -23.87 11.12 -31.66
C GLN D 56 -22.39 10.89 -31.93
N TYR D 57 -21.76 11.85 -32.60
CA TYR D 57 -20.33 11.78 -32.91
C TYR D 57 -19.54 12.45 -31.79
N LEU D 58 -18.36 11.93 -31.49
CA LEU D 58 -17.53 12.48 -30.43
C LEU D 58 -16.74 13.70 -30.91
N ALA D 59 -16.39 14.56 -29.97
CA ALA D 59 -15.62 15.77 -30.24
C ALA D 59 -14.98 16.25 -28.95
N MET D 60 -13.83 15.69 -28.63
CA MET D 60 -13.09 16.03 -27.42
C MET D 60 -12.89 17.54 -27.27
N ASP D 61 -12.97 18.01 -26.04
CA ASP D 61 -12.77 19.43 -25.74
C ASP D 61 -11.32 19.64 -25.37
N THR D 62 -10.47 19.78 -26.40
CA THR D 62 -9.05 19.98 -26.19
C THR D 62 -8.46 18.78 -25.44
N ASP D 63 -9.00 17.59 -25.70
CA ASP D 63 -8.57 16.35 -25.03
C ASP D 63 -8.98 16.37 -23.56
N GLY D 64 -8.60 17.46 -22.85
CA GLY D 64 -8.93 17.62 -21.45
C GLY D 64 -10.27 17.01 -21.08
N LEU D 65 -11.33 17.44 -21.76
CA LEU D 65 -12.66 16.92 -21.51
C LEU D 65 -13.18 16.20 -22.75
N LEU D 66 -13.72 15.02 -22.56
CA LEU D 66 -14.24 14.24 -23.67
C LEU D 66 -15.75 14.42 -23.79
N TYR D 67 -16.20 14.76 -25.00
CA TYR D 67 -17.62 14.95 -25.26
C TYR D 67 -17.92 14.70 -26.74
N GLY D 68 -19.20 14.78 -27.10
CA GLY D 68 -19.60 14.56 -28.48
C GLY D 68 -21.08 14.79 -28.68
N SER D 69 -21.46 15.33 -29.83
CA SER D 69 -22.86 15.59 -30.13
C SER D 69 -23.00 16.40 -31.42
N GLN D 70 -22.48 17.63 -31.39
CA GLN D 70 -22.60 18.53 -32.55
C GLN D 70 -21.90 17.99 -33.79
N THR D 71 -20.57 17.96 -33.80
CA THR D 71 -19.83 17.49 -34.97
C THR D 71 -18.58 16.69 -34.59
N PRO D 72 -18.22 15.69 -35.41
CA PRO D 72 -17.03 14.86 -35.17
C PRO D 72 -15.75 15.60 -35.57
N ASN D 73 -15.39 16.60 -34.76
CA ASN D 73 -14.20 17.40 -35.03
C ASN D 73 -12.94 16.54 -34.95
N GLU D 74 -11.86 17.00 -35.60
CA GLU D 74 -10.59 16.25 -35.60
C GLU D 74 -10.25 15.74 -34.21
N GLU D 75 -10.64 16.49 -33.17
CA GLU D 75 -10.42 16.06 -31.79
C GLU D 75 -10.84 14.61 -31.59
N CYS D 76 -11.77 14.13 -32.41
CA CYS D 76 -12.27 12.76 -32.30
C CYS D 76 -11.39 11.73 -33.03
N LEU D 77 -10.27 12.15 -33.61
CA LEU D 77 -9.38 11.21 -34.29
C LEU D 77 -8.34 10.66 -33.31
N PHE D 78 -8.35 9.34 -33.13
CA PHE D 78 -7.43 8.70 -32.20
C PHE D 78 -6.65 7.56 -32.87
N LEU D 79 -5.41 7.38 -32.45
CA LEU D 79 -4.56 6.32 -32.97
C LEU D 79 -4.85 5.01 -32.23
N GLU D 80 -5.18 3.97 -32.99
CA GLU D 80 -5.51 2.67 -32.42
C GLU D 80 -4.25 1.95 -31.92
N ARG D 81 -4.18 1.74 -30.61
CA ARG D 81 -3.04 1.05 -29.99
C ARG D 81 -3.56 -0.07 -29.09
N LEU D 82 -2.77 -1.13 -28.94
CA LEU D 82 -3.15 -2.26 -28.11
C LEU D 82 -2.11 -2.51 -27.02
N GLU D 83 -2.58 -2.84 -25.83
CA GLU D 83 -1.68 -3.12 -24.70
C GLU D 83 -1.77 -4.59 -24.32
N GLU D 84 -0.64 -5.18 -23.97
CA GLU D 84 -0.59 -6.59 -23.57
C GLU D 84 -1.20 -6.77 -22.18
N ASN D 85 -2.43 -6.29 -22.03
CA ASN D 85 -3.15 -6.37 -20.76
C ASN D 85 -4.64 -6.60 -21.02
N HIS D 86 -4.97 -7.10 -22.22
CA HIS D 86 -6.34 -7.34 -22.62
C HIS D 86 -7.15 -6.04 -22.63
N TYR D 87 -6.55 -4.98 -23.17
CA TYR D 87 -7.19 -3.69 -23.25
C TYR D 87 -6.75 -2.93 -24.50
N ASN D 88 -7.61 -2.03 -24.96
CA ASN D 88 -7.35 -1.21 -26.14
C ASN D 88 -6.92 0.19 -25.74
N THR D 89 -6.04 0.78 -26.53
CA THR D 89 -5.55 2.13 -26.27
C THR D 89 -5.77 3.01 -27.49
N TYR D 90 -6.23 4.23 -27.27
CA TYR D 90 -6.49 5.16 -28.35
C TYR D 90 -5.81 6.50 -28.07
N ILE D 91 -4.85 6.86 -28.91
CA ILE D 91 -4.11 8.10 -28.72
C ILE D 91 -4.73 9.25 -29.51
N SER D 92 -5.21 10.27 -28.80
CA SER D 92 -5.81 11.43 -29.44
C SER D 92 -4.72 12.23 -30.17
N LYS D 93 -4.35 11.76 -31.36
CA LYS D 93 -3.30 12.41 -32.16
C LYS D 93 -3.48 13.93 -32.14
N LYS D 94 -4.72 14.40 -32.12
CA LYS D 94 -5.02 15.83 -32.08
C LYS D 94 -4.27 16.51 -30.92
N HIS D 95 -4.01 15.75 -29.86
CA HIS D 95 -3.28 16.28 -28.70
C HIS D 95 -2.10 15.40 -28.31
N ALA D 96 -1.76 14.44 -29.18
CA ALA D 96 -0.63 13.54 -28.92
C ALA D 96 0.62 14.34 -28.59
N GLU D 97 0.72 15.54 -29.17
CA GLU D 97 1.85 16.43 -28.93
C GLU D 97 2.11 16.61 -27.43
N LYS D 98 1.05 16.60 -26.63
CA LYS D 98 1.18 16.78 -25.18
C LYS D 98 1.23 15.43 -24.45
N ASN D 99 1.29 14.35 -25.23
CA ASN D 99 1.32 12.98 -24.70
C ASN D 99 0.01 12.66 -24.00
N TRP D 100 -1.08 13.13 -24.59
CA TRP D 100 -2.42 12.91 -24.05
C TRP D 100 -3.21 11.93 -24.90
N PHE D 101 -3.73 10.88 -24.25
CA PHE D 101 -4.52 9.88 -24.94
C PHE D 101 -5.80 9.55 -24.16
N VAL D 102 -6.95 9.79 -24.83
CA VAL D 102 -8.31 9.62 -24.31
C VAL D 102 -8.40 8.73 -23.07
N GLY D 103 -8.95 9.31 -22.00
CA GLY D 103 -9.13 8.60 -20.74
C GLY D 103 -10.46 8.97 -20.09
N LEU D 104 -11.22 7.97 -19.66
CA LEU D 104 -12.52 8.21 -19.06
C LEU D 104 -12.59 7.69 -17.62
N LYS D 105 -13.55 8.21 -16.86
CA LYS D 105 -13.75 7.79 -15.48
C LYS D 105 -14.96 6.86 -15.39
N LYS D 106 -14.69 5.57 -15.22
CA LYS D 106 -15.73 4.54 -15.12
C LYS D 106 -16.92 5.01 -14.27
N ASN D 107 -16.61 5.64 -13.14
CA ASN D 107 -17.65 6.12 -12.22
C ASN D 107 -17.70 7.66 -12.23
N GLY D 108 -17.49 8.25 -13.40
CA GLY D 108 -17.52 9.70 -13.50
C GLY D 108 -17.96 10.19 -14.86
N SER D 109 -17.28 9.69 -15.91
CA SER D 109 -17.54 10.03 -17.31
C SER D 109 -16.21 10.21 -18.04
N CYS D 110 -16.27 10.43 -19.33
CA CYS D 110 -15.05 10.60 -20.13
C CYS D 110 -14.56 12.04 -20.08
N LYS D 111 -13.54 12.30 -19.27
CA LYS D 111 -12.97 13.64 -19.13
C LYS D 111 -11.81 13.63 -18.15
N ARG D 112 -10.66 13.17 -18.61
CA ARG D 112 -9.45 13.08 -17.79
C ARG D 112 -8.22 13.40 -18.63
N GLY D 113 -8.41 14.24 -19.65
CA GLY D 113 -7.34 14.63 -20.55
C GLY D 113 -6.10 15.20 -19.87
N PRO D 114 -6.20 16.07 -18.85
CA PRO D 114 -5.03 16.60 -18.16
C PRO D 114 -4.32 15.55 -17.31
N ARG D 115 -4.89 14.35 -17.28
CA ARG D 115 -4.32 13.25 -16.51
C ARG D 115 -4.21 11.99 -17.37
N THR D 116 -4.13 12.16 -18.69
CA THR D 116 -4.01 11.01 -19.60
C THR D 116 -2.56 10.66 -19.91
N HIS D 117 -1.93 9.93 -19.00
CA HIS D 117 -0.55 9.50 -19.16
C HIS D 117 -0.33 8.18 -18.43
N TYR D 118 0.90 7.90 -18.00
CA TYR D 118 1.17 6.65 -17.30
C TYR D 118 0.87 6.80 -15.80
N GLY D 119 -0.41 6.85 -15.49
CA GLY D 119 -0.88 6.97 -14.13
C GLY D 119 -2.30 6.48 -14.01
N GLN D 120 -3.18 7.05 -14.83
CA GLN D 120 -4.57 6.64 -14.87
C GLN D 120 -4.69 5.43 -15.80
N LYS D 121 -5.06 4.29 -15.22
CA LYS D 121 -5.16 3.04 -15.96
C LYS D 121 -6.43 3.02 -16.82
N ALA D 122 -7.39 3.90 -16.49
CA ALA D 122 -8.64 4.00 -17.23
C ALA D 122 -8.42 4.15 -18.74
N ILE D 123 -7.20 4.50 -19.14
CA ILE D 123 -6.86 4.65 -20.55
C ILE D 123 -6.92 3.30 -21.27
N LEU D 124 -6.75 2.21 -20.52
CA LEU D 124 -6.79 0.87 -21.08
C LEU D 124 -8.23 0.39 -21.17
N PHE D 125 -8.88 0.70 -22.28
CA PHE D 125 -10.29 0.34 -22.48
C PHE D 125 -10.46 -1.12 -22.88
N LEU D 126 -11.57 -1.71 -22.46
CA LEU D 126 -11.89 -3.09 -22.78
C LEU D 126 -13.06 -3.11 -23.77
N PRO D 127 -12.78 -3.43 -25.04
CA PRO D 127 -13.80 -3.47 -26.08
C PRO D 127 -14.54 -4.80 -26.17
N LEU D 128 -15.85 -4.71 -26.45
CA LEU D 128 -16.69 -5.89 -26.61
C LEU D 128 -17.53 -5.77 -27.89
N PRO D 129 -16.89 -5.40 -29.02
CA PRO D 129 -17.58 -5.22 -30.30
C PRO D 129 -17.83 -6.54 -31.04
N VAL D 130 -18.87 -6.54 -31.86
CA VAL D 130 -19.23 -7.72 -32.64
C VAL D 130 -18.34 -7.79 -33.88
N SER D 131 -17.19 -8.43 -33.73
CA SER D 131 -16.24 -8.59 -34.82
C SER D 131 -16.78 -9.53 -35.90
N SER D 132 -16.01 -9.70 -36.96
CA SER D 132 -16.39 -10.58 -38.06
C SER D 132 -15.49 -11.82 -38.07
N ASP D 133 -15.59 -12.62 -37.02
CA ASP D 133 -14.80 -13.83 -36.88
C ASP D 133 -15.56 -15.04 -37.41
N TYR A 1 -17.04 -30.85 27.25
CA TYR A 1 -16.19 -32.02 26.94
C TYR A 1 -14.72 -31.60 26.86
N LYS A 2 -14.17 -31.17 28.00
CA LYS A 2 -12.78 -30.72 28.05
C LYS A 2 -11.86 -31.77 27.42
N LYS A 3 -11.33 -31.44 26.25
CA LYS A 3 -10.45 -32.32 25.52
C LYS A 3 -9.59 -31.52 24.54
N PRO A 4 -8.79 -32.19 23.67
CA PRO A 4 -7.92 -31.56 22.68
C PRO A 4 -8.29 -30.12 22.36
N LYS A 5 -7.49 -29.19 22.88
CA LYS A 5 -7.72 -27.77 22.65
C LYS A 5 -6.84 -27.30 21.50
N LEU A 6 -7.44 -27.05 20.34
CA LEU A 6 -6.71 -26.60 19.17
C LEU A 6 -6.52 -25.09 19.23
N LEU A 7 -5.31 -24.63 18.93
CA LEU A 7 -5.00 -23.20 18.95
C LEU A 7 -4.03 -22.84 17.84
N TYR A 8 -4.29 -21.73 17.16
CA TYR A 8 -3.43 -21.25 16.08
C TYR A 8 -3.65 -19.76 15.85
N CYS A 9 -2.85 -19.13 15.00
CA CYS A 9 -3.00 -17.71 14.73
C CYS A 9 -2.60 -17.38 13.29
N SER A 10 -2.96 -16.17 12.86
CA SER A 10 -2.67 -15.69 11.52
C SER A 10 -3.62 -16.34 10.52
N ASN A 11 -4.39 -15.52 9.83
CA ASN A 11 -5.34 -16.03 8.84
C ASN A 11 -4.66 -17.00 7.89
N GLY A 12 -5.24 -18.19 7.77
CA GLY A 12 -4.67 -19.21 6.90
C GLY A 12 -4.62 -20.56 7.56
N GLY A 13 -4.98 -21.59 6.83
CA GLY A 13 -4.97 -22.94 7.36
C GLY A 13 -3.61 -23.32 7.94
N HIS A 14 -3.52 -23.34 9.26
CA HIS A 14 -2.29 -23.69 9.96
C HIS A 14 -2.59 -23.97 11.44
N PHE A 15 -2.28 -25.17 11.90
CA PHE A 15 -2.55 -25.55 13.29
C PHE A 15 -1.24 -25.86 14.02
N LEU A 16 -1.21 -25.62 15.32
CA LEU A 16 -0.03 -25.88 16.13
C LEU A 16 0.14 -27.38 16.35
N ARG A 17 1.02 -28.00 15.58
CA ARG A 17 1.26 -29.44 15.72
C ARG A 17 2.46 -29.68 16.63
N ILE A 18 2.18 -30.16 17.82
CA ILE A 18 3.22 -30.43 18.81
C ILE A 18 3.77 -31.84 18.67
N LEU A 19 5.07 -31.98 18.87
CA LEU A 19 5.74 -33.26 18.80
C LEU A 19 6.61 -33.48 20.03
N PRO A 20 6.64 -34.70 20.59
CA PRO A 20 7.42 -35.03 21.78
C PRO A 20 8.85 -34.46 21.71
N ASP A 21 9.37 -34.36 20.50
CA ASP A 21 10.71 -33.82 20.27
C ASP A 21 10.82 -32.41 20.80
N GLY A 22 9.80 -31.60 20.53
CA GLY A 22 9.80 -30.22 20.97
C GLY A 22 9.57 -29.25 19.81
N THR A 23 10.05 -29.61 18.63
CA THR A 23 9.91 -28.76 17.47
C THR A 23 8.46 -28.74 16.97
N VAL A 24 7.67 -27.86 17.56
CA VAL A 24 6.26 -27.71 17.19
C VAL A 24 6.14 -26.73 16.02
N ASP A 25 5.39 -27.11 15.00
CA ASP A 25 5.19 -26.25 13.82
C ASP A 25 3.71 -26.04 13.53
N GLY A 26 3.41 -25.06 12.69
CA GLY A 26 2.04 -24.75 12.33
C GLY A 26 1.52 -25.62 11.20
N THR A 27 1.41 -26.91 11.46
CA THR A 27 0.93 -27.86 10.47
C THR A 27 -0.54 -27.62 10.16
N ARG A 28 -0.88 -27.51 8.88
CA ARG A 28 -2.26 -27.29 8.49
C ARG A 28 -2.94 -28.63 8.18
N ASP A 29 -3.12 -29.44 9.22
CA ASP A 29 -3.76 -30.75 9.07
C ASP A 29 -4.50 -31.12 10.34
N ARG A 30 -5.54 -31.93 10.19
CA ARG A 30 -6.34 -32.39 11.32
C ARG A 30 -6.60 -33.90 11.21
N SER A 31 -5.73 -34.58 10.48
CA SER A 31 -5.85 -36.02 10.28
C SER A 31 -5.07 -36.76 11.36
N ASP A 32 -3.86 -36.27 11.64
CA ASP A 32 -3.01 -36.89 12.67
C ASP A 32 -3.18 -36.17 14.00
N GLN A 33 -3.47 -36.93 15.05
CA GLN A 33 -3.69 -36.36 16.38
C GLN A 33 -2.38 -35.82 16.96
N HIS A 34 -1.95 -34.65 16.47
CA HIS A 34 -0.74 -34.02 16.98
C HIS A 34 -0.88 -32.48 16.99
N ILE A 35 -2.12 -31.99 16.90
CA ILE A 35 -2.37 -30.55 16.92
C ILE A 35 -3.39 -30.21 18.01
N GLN A 36 -3.21 -30.80 19.18
CA GLN A 36 -4.10 -30.57 20.30
C GLN A 36 -3.34 -30.47 21.61
N LEU A 37 -3.66 -29.45 22.39
CA LEU A 37 -3.02 -29.23 23.69
C LEU A 37 -4.08 -29.08 24.76
N GLN A 38 -3.74 -29.39 26.00
CA GLN A 38 -4.68 -29.27 27.11
C GLN A 38 -4.61 -27.89 27.72
N LEU A 39 -5.14 -26.90 27.00
CA LEU A 39 -5.18 -25.53 27.47
C LEU A 39 -6.23 -25.37 28.56
N SER A 40 -5.85 -24.80 29.68
CA SER A 40 -6.77 -24.58 30.80
C SER A 40 -6.22 -23.52 31.75
N ALA A 41 -7.12 -22.89 32.49
CA ALA A 41 -6.74 -21.87 33.45
C ALA A 41 -6.36 -22.53 34.77
N GLU A 42 -5.07 -22.61 35.03
CA GLU A 42 -4.57 -23.24 36.24
C GLU A 42 -4.86 -22.36 37.46
N SER A 43 -4.41 -21.12 37.38
CA SER A 43 -4.61 -20.15 38.45
C SER A 43 -5.48 -19.00 37.95
N VAL A 44 -5.84 -18.08 38.85
CA VAL A 44 -6.67 -16.94 38.48
C VAL A 44 -6.04 -16.16 37.31
N GLY A 45 -6.48 -16.50 36.10
CA GLY A 45 -5.98 -15.84 34.91
C GLY A 45 -4.76 -16.53 34.32
N GLU A 46 -4.12 -17.41 35.08
CA GLU A 46 -2.93 -18.12 34.61
C GLU A 46 -3.32 -19.39 33.87
N VAL A 47 -3.14 -19.39 32.56
CA VAL A 47 -3.46 -20.55 31.74
C VAL A 47 -2.18 -21.27 31.32
N TYR A 48 -2.25 -22.60 31.28
CA TYR A 48 -1.10 -23.41 30.91
C TYR A 48 -1.36 -24.15 29.61
N ILE A 49 -0.29 -24.36 28.84
CA ILE A 49 -0.36 -25.06 27.58
C ILE A 49 0.40 -26.37 27.67
N LYS A 50 -0.33 -27.47 27.82
CA LYS A 50 0.27 -28.78 27.95
C LYS A 50 -0.38 -29.78 27.00
N SER A 51 0.37 -30.25 26.02
CA SER A 51 -0.13 -31.22 25.06
C SER A 51 -0.03 -32.62 25.64
N THR A 52 -0.72 -32.82 26.76
CA THR A 52 -0.70 -34.09 27.47
C THR A 52 -1.08 -35.28 26.56
N GLU A 53 -2.35 -35.34 26.18
CA GLU A 53 -2.85 -36.43 25.35
C GLU A 53 -2.54 -36.22 23.87
N THR A 54 -1.27 -36.02 23.53
CA THR A 54 -0.87 -35.81 22.14
C THR A 54 0.61 -35.49 21.97
N GLY A 55 1.16 -34.67 22.86
CA GLY A 55 2.55 -34.30 22.73
C GLY A 55 3.29 -34.20 24.05
N GLN A 56 3.65 -32.96 24.40
CA GLN A 56 4.42 -32.70 25.61
C GLN A 56 3.99 -31.38 26.26
N TYR A 57 4.69 -31.02 27.34
CA TYR A 57 4.42 -29.78 28.06
C TYR A 57 5.30 -28.67 27.50
N LEU A 58 4.78 -27.45 27.46
CA LEU A 58 5.54 -26.33 26.93
C LEU A 58 6.50 -25.76 27.97
N ALA A 59 7.57 -25.13 27.49
CA ALA A 59 8.58 -24.52 28.33
C ALA A 59 9.35 -23.49 27.51
N MET A 60 8.81 -22.28 27.43
CA MET A 60 9.41 -21.20 26.67
C MET A 60 10.87 -20.98 27.04
N ASP A 61 11.68 -20.65 26.04
CA ASP A 61 13.09 -20.39 26.25
C ASP A 61 13.28 -18.89 26.45
N THR A 62 13.06 -18.45 27.67
CA THR A 62 13.20 -17.04 28.00
C THR A 62 12.21 -16.21 27.17
N ASP A 63 11.04 -16.79 26.89
CA ASP A 63 10.00 -16.14 26.06
C ASP A 63 10.48 -16.04 24.61
N GLY A 64 11.67 -15.47 24.42
CA GLY A 64 12.25 -15.31 23.08
C GLY A 64 11.87 -16.45 22.14
N LEU A 65 12.18 -17.67 22.55
CA LEU A 65 11.87 -18.84 21.74
C LEU A 65 10.88 -19.73 22.48
N LEU A 66 9.84 -20.16 21.80
CA LEU A 66 8.82 -21.01 22.40
C LEU A 66 9.09 -22.48 22.09
N TYR A 67 9.11 -23.31 23.12
CA TYR A 67 9.35 -24.74 22.96
C TYR A 67 8.72 -25.51 24.13
N GLY A 68 8.81 -26.83 24.06
CA GLY A 68 8.24 -27.65 25.11
C GLY A 68 8.53 -29.13 24.88
N SER A 69 8.75 -29.87 25.95
CA SER A 69 9.03 -31.30 25.85
C SER A 69 9.47 -31.88 27.20
N GLN A 70 10.60 -31.40 27.71
CA GLN A 70 11.15 -31.89 28.96
C GLN A 70 10.22 -31.65 30.15
N THR A 71 10.10 -30.40 30.59
CA THR A 71 9.26 -30.08 31.73
C THR A 71 8.49 -28.76 31.56
N PRO A 72 7.27 -28.68 32.13
CA PRO A 72 6.45 -27.46 32.06
C PRO A 72 6.95 -26.40 33.03
N ASN A 73 8.09 -25.81 32.72
CA ASN A 73 8.69 -24.78 33.56
C ASN A 73 7.79 -23.56 33.66
N GLU A 74 7.95 -22.77 34.72
CA GLU A 74 7.13 -21.55 34.92
C GLU A 74 7.01 -20.75 33.62
N GLU A 75 8.04 -20.80 32.78
CA GLU A 75 8.00 -20.13 31.48
C GLU A 75 6.70 -20.43 30.74
N CYS A 76 6.08 -21.58 31.05
CA CYS A 76 4.85 -21.99 30.39
C CYS A 76 3.59 -21.38 31.03
N LEU A 77 3.74 -20.52 32.04
CA LEU A 77 2.57 -19.89 32.67
C LEU A 77 2.23 -18.60 31.95
N PHE A 78 1.02 -18.51 31.40
CA PHE A 78 0.59 -17.32 30.68
C PHE A 78 -0.75 -16.80 31.20
N LEU A 79 -0.91 -15.48 31.17
CA LEU A 79 -2.14 -14.84 31.60
C LEU A 79 -3.16 -14.86 30.47
N GLU A 80 -4.35 -15.40 30.74
CA GLU A 80 -5.39 -15.50 29.74
C GLU A 80 -6.05 -14.14 29.50
N ARG A 81 -5.90 -13.62 28.27
CA ARG A 81 -6.47 -12.35 27.88
C ARG A 81 -7.25 -12.51 26.58
N LEU A 82 -8.29 -11.70 26.39
CA LEU A 82 -9.11 -11.77 25.19
C LEU A 82 -9.13 -10.42 24.47
N GLU A 83 -9.08 -10.46 23.14
CA GLU A 83 -9.10 -9.25 22.35
C GLU A 83 -10.40 -9.18 21.54
N GLU A 84 -10.96 -7.99 21.42
CA GLU A 84 -12.21 -7.79 20.67
C GLU A 84 -11.94 -7.90 19.17
N ASN A 85 -11.33 -9.01 18.77
CA ASN A 85 -11.00 -9.27 17.37
C ASN A 85 -11.16 -10.77 17.07
N HIS A 86 -11.96 -11.46 17.89
CA HIS A 86 -12.19 -12.89 17.74
C HIS A 86 -10.88 -13.67 17.87
N TYR A 87 -10.07 -13.29 18.86
CA TYR A 87 -8.79 -13.95 19.10
C TYR A 87 -8.45 -13.96 20.59
N ASN A 88 -7.64 -14.94 20.99
CA ASN A 88 -7.22 -15.09 22.37
C ASN A 88 -5.80 -14.57 22.55
N THR A 89 -5.52 -14.02 23.72
CA THR A 89 -4.21 -13.49 24.04
C THR A 89 -3.68 -14.12 25.31
N TYR A 90 -2.41 -14.49 25.32
CA TYR A 90 -1.80 -15.12 26.48
C TYR A 90 -0.50 -14.40 26.83
N ILE A 91 -0.46 -13.78 28.00
CA ILE A 91 0.71 -13.04 28.43
C ILE A 91 1.64 -13.90 29.27
N SER A 92 2.85 -14.14 28.78
CA SER A 92 3.84 -14.93 29.50
C SER A 92 4.31 -14.15 30.73
N LYS A 93 3.50 -14.19 31.79
CA LYS A 93 3.82 -13.49 33.04
C LYS A 93 5.29 -13.66 33.41
N LYS A 94 5.84 -14.85 33.12
CA LYS A 94 7.25 -15.13 33.41
C LYS A 94 8.15 -14.04 32.80
N HIS A 95 7.71 -13.42 31.71
CA HIS A 95 8.48 -12.37 31.05
C HIS A 95 7.64 -11.11 30.83
N ALA A 96 6.45 -11.06 31.44
CA ALA A 96 5.57 -9.90 31.31
C ALA A 96 6.33 -8.62 31.64
N GLU A 97 7.31 -8.74 32.56
CA GLU A 97 8.13 -7.61 32.96
C GLU A 97 8.70 -6.87 31.74
N LYS A 98 8.99 -7.62 30.68
CA LYS A 98 9.53 -7.03 29.45
C LYS A 98 8.41 -6.78 28.43
N ASN A 99 7.16 -6.86 28.89
CA ASN A 99 6.01 -6.66 28.02
C ASN A 99 6.01 -7.69 26.88
N TRP A 100 6.47 -8.90 27.21
CA TRP A 100 6.56 -9.99 26.26
C TRP A 100 5.45 -11.00 26.50
N PHE A 101 4.66 -11.26 25.46
CA PHE A 101 3.58 -12.22 25.55
C PHE A 101 3.58 -13.16 24.34
N VAL A 102 3.71 -14.47 24.64
CA VAL A 102 3.78 -15.57 23.68
C VAL A 102 3.29 -15.21 22.26
N GLY A 103 4.19 -15.39 21.30
CA GLY A 103 3.89 -15.12 19.91
C GLY A 103 4.50 -16.17 18.99
N LEU A 104 3.72 -16.71 18.07
CA LEU A 104 4.21 -17.74 17.16
C LEU A 104 4.12 -17.31 15.70
N LYS A 105 4.90 -17.99 14.85
CA LYS A 105 4.91 -17.70 13.43
C LYS A 105 4.13 -18.77 12.67
N LYS A 106 2.92 -18.41 12.24
CA LYS A 106 2.04 -19.33 11.50
C LYS A 106 2.81 -20.18 10.49
N ASN A 107 3.71 -19.54 9.75
CA ASN A 107 4.50 -20.23 8.74
C ASN A 107 5.96 -20.34 9.17
N GLY A 108 6.19 -20.55 10.47
CA GLY A 108 7.54 -20.67 10.96
C GLY A 108 7.64 -21.56 12.20
N SER A 109 6.83 -21.25 13.20
CA SER A 109 6.77 -21.97 14.47
C SER A 109 6.64 -20.97 15.61
N CYS A 110 6.49 -21.45 16.83
CA CYS A 110 6.34 -20.58 17.99
C CYS A 110 7.71 -20.16 18.54
N LYS A 111 8.12 -18.94 18.21
CA LYS A 111 9.40 -18.40 18.67
C LYS A 111 9.61 -16.98 18.15
N ARG A 112 8.98 -16.04 18.84
CA ARG A 112 9.05 -14.63 18.49
C ARG A 112 9.05 -13.76 19.73
N GLY A 113 9.65 -14.26 20.82
CA GLY A 113 9.73 -13.49 22.06
C GLY A 113 10.27 -12.09 21.85
N PRO A 114 11.41 -11.88 21.13
CA PRO A 114 11.92 -10.52 20.90
C PRO A 114 10.92 -9.64 20.14
N ARG A 115 9.89 -10.26 19.57
CA ARG A 115 8.85 -9.56 18.83
C ARG A 115 7.44 -9.89 19.39
N THR A 116 7.33 -10.09 20.71
CA THR A 116 6.04 -10.43 21.32
C THR A 116 5.37 -9.21 21.97
N HIS A 117 5.58 -8.03 21.39
CA HIS A 117 4.96 -6.81 21.91
C HIS A 117 3.89 -6.34 20.93
N TYR A 118 3.62 -5.04 20.89
CA TYR A 118 2.61 -4.52 19.98
C TYR A 118 3.22 -4.25 18.60
N GLY A 119 3.04 -5.20 17.70
CA GLY A 119 3.57 -5.10 16.36
C GLY A 119 3.19 -6.32 15.54
N GLN A 120 3.48 -7.48 16.09
CA GLN A 120 3.14 -8.75 15.45
C GLN A 120 1.75 -9.16 15.88
N LYS A 121 0.86 -9.32 14.91
CA LYS A 121 -0.54 -9.67 15.19
C LYS A 121 -0.67 -11.15 15.52
N ALA A 122 0.33 -11.95 15.15
CA ALA A 122 0.35 -13.38 15.42
C ALA A 122 0.07 -13.70 16.89
N ILE A 123 0.19 -12.71 17.76
CA ILE A 123 -0.07 -12.89 19.19
C ILE A 123 -1.56 -13.13 19.45
N LEU A 124 -2.40 -12.73 18.51
CA LEU A 124 -3.84 -12.92 18.63
C LEU A 124 -4.21 -14.30 18.09
N PHE A 125 -4.16 -15.29 18.97
CA PHE A 125 -4.46 -16.67 18.60
C PHE A 125 -5.96 -16.94 18.49
N LEU A 126 -6.32 -17.84 17.58
CA LEU A 126 -7.71 -18.23 17.39
C LEU A 126 -7.90 -19.66 17.89
N PRO A 127 -8.57 -19.82 19.04
CA PRO A 127 -8.80 -21.13 19.63
C PRO A 127 -10.05 -21.83 19.11
N LEU A 128 -9.95 -23.15 18.95
CA LEU A 128 -11.06 -23.98 18.49
C LEU A 128 -11.21 -25.20 19.41
N PRO A 129 -11.22 -24.99 20.73
CA PRO A 129 -11.35 -26.06 21.71
C PRO A 129 -12.79 -26.53 21.93
N VAL A 130 -12.94 -27.78 22.32
CA VAL A 130 -14.25 -28.36 22.58
C VAL A 130 -14.73 -27.94 23.98
N SER A 131 -15.39 -26.79 24.04
CA SER A 131 -15.90 -26.26 25.28
C SER A 131 -17.06 -27.11 25.82
N SER A 132 -17.57 -26.73 26.98
CA SER A 132 -18.68 -27.44 27.60
C SER A 132 -19.94 -26.57 27.56
N ASP A 133 -20.41 -26.31 26.35
CA ASP A 133 -21.60 -25.50 26.13
C ASP A 133 -22.85 -26.36 26.03
N MET B 1 -17.90 -4.35 2.28
CA MET B 1 -18.58 -4.12 3.57
C MET B 1 -17.63 -3.45 4.55
N ALA B 2 -16.75 -4.24 5.15
CA ALA B 2 -15.74 -3.73 6.09
C ALA B 2 -14.36 -3.85 5.46
N ALA B 3 -13.33 -3.32 6.14
CA ALA B 3 -11.97 -3.37 5.61
C ALA B 3 -11.92 -2.49 4.37
N GLU B 4 -12.32 -1.23 4.54
CA GLU B 4 -12.35 -0.28 3.44
C GLU B 4 -10.96 0.32 3.18
N PRO B 5 -10.59 0.42 1.89
CA PRO B 5 -9.29 0.97 1.49
C PRO B 5 -9.26 2.49 1.59
N LEU B 6 -8.19 3.01 2.18
CA LEU B 6 -8.02 4.45 2.33
C LEU B 6 -7.32 5.03 1.11
N THR B 7 -6.84 6.25 1.20
CA THR B 7 -6.15 6.88 0.07
C THR B 7 -4.75 6.27 -0.09
N GLU B 8 -4.21 6.38 -1.30
CA GLU B 8 -2.89 5.85 -1.65
C GLU B 8 -1.78 6.29 -0.68
N LEU B 9 -1.91 7.50 -0.17
CA LEU B 9 -0.92 8.06 0.74
C LEU B 9 -1.06 7.51 2.17
N GLU B 10 -2.31 7.28 2.61
CA GLU B 10 -2.55 6.66 3.92
C GLU B 10 -2.02 5.21 3.90
N GLU B 11 -2.28 4.49 2.80
CA GLU B 11 -1.79 3.13 2.59
C GLU B 11 -0.28 3.08 2.84
N SER B 12 0.45 3.96 2.15
CA SER B 12 1.91 3.93 2.17
C SER B 12 2.50 4.39 3.51
N ILE B 13 1.93 5.40 4.19
CA ILE B 13 2.41 5.72 5.53
C ILE B 13 2.13 4.55 6.46
N GLU B 14 0.94 3.92 6.37
CA GLU B 14 0.66 2.79 7.23
C GLU B 14 1.71 1.69 7.02
N THR B 15 1.90 1.21 5.79
CA THR B 15 2.78 0.06 5.55
C THR B 15 4.19 0.26 6.15
N VAL B 16 4.74 1.48 6.07
CA VAL B 16 6.01 1.78 6.69
C VAL B 16 5.87 1.93 8.20
N VAL B 17 4.80 2.56 8.69
CA VAL B 17 4.54 2.71 10.12
C VAL B 17 4.43 1.35 10.80
N THR B 18 3.69 0.39 10.22
CA THR B 18 3.58 -0.96 10.82
C THR B 18 4.94 -1.67 10.87
N THR B 19 5.74 -1.52 9.79
CA THR B 19 7.08 -2.08 9.74
C THR B 19 7.96 -1.44 10.83
N PHE B 20 8.00 -0.11 10.88
CA PHE B 20 8.61 0.64 11.96
C PHE B 20 8.20 0.04 13.30
N PHE B 21 6.88 -0.08 13.52
CA PHE B 21 6.32 -0.58 14.78
C PHE B 21 6.71 -2.02 15.10
N THR B 22 7.21 -2.77 14.13
CA THR B 22 7.60 -4.16 14.36
C THR B 22 9.02 -4.25 14.94
N PHE B 23 9.71 -3.11 14.97
CA PHE B 23 11.06 -3.01 15.50
C PHE B 23 11.10 -2.06 16.71
N ALA B 24 10.21 -1.07 16.68
CA ALA B 24 10.08 -0.04 17.72
C ALA B 24 9.74 -0.67 19.06
N ARG B 25 8.97 -1.75 19.04
CA ARG B 25 8.54 -2.42 20.27
C ARG B 25 9.46 -3.55 20.72
N GLN B 26 10.57 -3.77 20.01
CA GLN B 26 11.50 -4.85 20.35
C GLN B 26 11.94 -4.77 21.82
N GLU B 27 12.26 -3.57 22.28
CA GLU B 27 12.71 -3.36 23.65
C GLU B 27 11.86 -2.29 24.35
N GLY B 28 12.46 -1.66 25.36
CA GLY B 28 11.80 -0.57 26.09
C GLY B 28 11.23 0.54 25.22
N ARG B 29 9.94 0.87 25.49
CA ARG B 29 9.18 1.91 24.77
C ARG B 29 8.93 1.51 23.30
N LYS B 30 7.65 1.31 22.94
CA LYS B 30 7.29 0.92 21.58
C LYS B 30 7.13 2.13 20.64
N ASP B 31 8.05 3.08 20.78
CA ASP B 31 8.07 4.28 19.94
C ASP B 31 9.51 4.49 19.51
N SER B 32 10.43 4.47 20.47
CA SER B 32 11.83 4.66 20.24
C SER B 32 12.51 3.37 19.80
N LEU B 33 13.36 3.47 18.77
CA LEU B 33 14.33 2.43 18.46
C LEU B 33 15.59 2.74 19.28
N SER B 34 16.03 1.84 20.15
CA SER B 34 17.37 1.96 20.71
C SER B 34 18.39 1.37 19.73
N VAL B 35 19.68 1.42 20.09
CA VAL B 35 20.79 1.14 19.18
C VAL B 35 20.59 -0.18 18.42
N ASN B 36 20.46 -1.30 19.15
CA ASN B 36 20.26 -2.64 18.52
C ASN B 36 19.00 -2.61 17.64
N GLU B 37 17.88 -2.26 18.26
CA GLU B 37 16.60 -2.04 17.61
C GLU B 37 16.76 -1.36 16.25
N PHE B 38 17.49 -0.25 16.24
CA PHE B 38 17.73 0.54 15.05
C PHE B 38 18.53 -0.31 14.06
N LYS B 39 19.67 -0.85 14.50
CA LYS B 39 20.51 -1.67 13.64
C LYS B 39 19.74 -2.82 13.01
N GLU B 40 18.76 -3.36 13.73
CA GLU B 40 17.93 -4.48 13.25
C GLU B 40 17.15 -4.12 11.97
N LEU B 41 16.78 -2.85 11.80
CA LEU B 41 16.02 -2.44 10.62
C LEU B 41 16.92 -2.58 9.40
N VAL B 42 18.10 -1.94 9.49
CA VAL B 42 19.00 -1.83 8.37
C VAL B 42 19.53 -3.22 8.02
N THR B 43 20.03 -3.93 9.03
CA THR B 43 20.62 -5.26 8.84
C THR B 43 19.64 -6.30 8.27
N GLN B 44 18.35 -6.18 8.59
CA GLN B 44 17.36 -7.15 8.13
C GLN B 44 16.68 -6.78 6.81
N GLN B 45 15.96 -5.66 6.80
CA GLN B 45 15.20 -5.26 5.62
C GLN B 45 15.84 -4.16 4.77
N LEU B 46 17.16 -3.99 4.84
CA LEU B 46 17.81 -2.95 4.04
C LEU B 46 19.24 -3.36 3.63
N PRO B 47 19.36 -4.28 2.66
CA PRO B 47 20.65 -4.77 2.19
C PRO B 47 21.16 -4.10 0.91
N HIS B 48 20.30 -3.32 0.24
CA HIS B 48 20.69 -2.67 -0.99
C HIS B 48 20.82 -1.15 -0.84
N LEU B 49 19.71 -0.49 -0.46
CA LEU B 49 19.67 0.95 -0.28
C LEU B 49 20.90 1.47 0.45
N LEU B 50 21.03 1.11 1.73
CA LEU B 50 22.15 1.45 2.60
C LEU B 50 22.89 0.16 2.87
N LYS B 51 23.68 -0.27 1.88
CA LYS B 51 24.47 -1.51 1.95
C LYS B 51 25.47 -1.51 3.10
N ASP B 52 25.62 -0.37 3.76
CA ASP B 52 26.54 -0.24 4.88
C ASP B 52 25.90 -0.79 6.16
N VAL B 53 26.29 -2.02 6.52
CA VAL B 53 25.78 -2.65 7.74
C VAL B 53 26.87 -2.71 8.80
N GLY B 54 27.85 -1.82 8.70
CA GLY B 54 28.93 -1.78 9.65
C GLY B 54 29.07 -0.43 10.34
N SER B 55 28.87 0.64 9.58
CA SER B 55 28.98 1.99 10.12
C SER B 55 27.61 2.56 10.51
N LEU B 56 26.81 1.74 11.20
CA LEU B 56 25.51 2.14 11.66
C LEU B 56 25.67 3.26 12.69
N ASP B 57 26.78 3.27 13.43
CA ASP B 57 27.15 4.34 14.34
C ASP B 57 27.09 5.71 13.64
N GLU B 58 27.68 5.83 12.45
CA GLU B 58 27.66 7.05 11.67
C GLU B 58 26.22 7.49 11.42
N LYS B 59 25.38 6.58 10.90
CA LYS B 59 23.97 6.88 10.69
C LYS B 59 23.36 7.37 12.00
N MET B 60 23.55 6.59 13.07
CA MET B 60 23.00 6.89 14.39
C MET B 60 23.34 8.32 14.79
N LYS B 61 24.63 8.69 14.78
CA LYS B 61 25.06 10.04 15.10
C LYS B 61 24.42 11.07 14.15
N SER B 62 24.37 10.77 12.86
CA SER B 62 23.75 11.65 11.87
C SER B 62 22.26 11.85 12.12
N LEU B 63 21.59 10.84 12.69
CA LEU B 63 20.15 10.81 12.96
C LEU B 63 19.84 11.46 14.31
N ASP B 64 20.34 10.84 15.39
CA ASP B 64 20.05 11.20 16.76
C ASP B 64 20.81 12.48 17.13
N VAL B 65 20.35 13.63 16.63
CA VAL B 65 21.00 14.91 16.82
C VAL B 65 21.35 15.21 18.30
N ASN B 66 20.46 14.81 19.22
CA ASN B 66 20.61 15.01 20.66
C ASN B 66 21.45 13.91 21.32
N GLN B 67 21.77 12.84 20.60
CA GLN B 67 22.59 11.72 21.07
C GLN B 67 22.10 11.22 22.44
N ASP B 68 20.80 10.93 22.54
CA ASP B 68 20.18 10.33 23.73
C ASP B 68 20.24 8.80 23.63
N SER B 69 20.60 8.26 22.46
CA SER B 69 20.59 6.82 22.18
C SER B 69 19.16 6.26 22.16
N GLU B 70 18.21 7.13 21.82
CA GLU B 70 16.85 6.80 21.43
C GLU B 70 16.55 7.57 20.15
N LEU B 71 16.28 6.89 19.05
CA LEU B 71 15.66 7.52 17.91
C LEU B 71 14.16 7.48 18.17
N LYS B 72 13.60 8.54 18.77
CA LYS B 72 12.15 8.74 18.89
C LYS B 72 11.51 8.61 17.49
N PHE B 73 10.20 8.39 17.41
CA PHE B 73 9.46 8.25 16.16
C PHE B 73 9.96 9.22 15.08
N ASN B 74 9.93 10.52 15.38
CA ASN B 74 10.32 11.57 14.43
C ASN B 74 11.81 11.55 14.12
N GLU B 75 12.66 11.16 15.08
CA GLU B 75 14.10 11.07 14.86
C GLU B 75 14.38 9.90 13.92
N TYR B 76 13.89 8.71 14.27
CA TYR B 76 13.96 7.51 13.44
C TYR B 76 13.50 7.85 12.03
N TRP B 77 12.32 8.47 11.94
CA TRP B 77 11.71 8.87 10.69
C TRP B 77 12.73 9.50 9.73
N ARG B 78 13.70 10.29 10.22
CA ARG B 78 14.79 10.83 9.39
C ARG B 78 15.32 9.80 8.38
N LEU B 79 15.63 8.59 8.84
CA LEU B 79 16.14 7.52 8.00
C LEU B 79 15.30 7.39 6.73
N ILE B 80 13.97 7.44 6.85
CA ILE B 80 13.06 7.20 5.73
C ILE B 80 13.31 8.26 4.65
N GLY B 81 13.82 9.43 5.03
CA GLY B 81 14.14 10.50 4.12
C GLY B 81 15.37 10.16 3.35
N GLU B 82 16.34 9.64 4.07
CA GLU B 82 17.63 9.30 3.52
C GLU B 82 17.40 8.10 2.58
N LEU B 83 16.47 7.21 2.92
CA LEU B 83 16.02 6.13 2.05
C LEU B 83 15.35 6.69 0.78
N ALA B 84 14.27 7.46 0.95
CA ALA B 84 13.48 8.04 -0.12
C ALA B 84 14.32 8.95 -1.01
N LYS B 85 15.38 9.51 -0.45
CA LYS B 85 16.39 10.24 -1.18
C LYS B 85 17.26 9.23 -1.94
N GLU B 86 17.96 8.32 -1.25
CA GLU B 86 18.87 7.33 -1.82
C GLU B 86 18.27 6.63 -3.05
N ILE B 87 17.03 6.14 -2.98
CA ILE B 87 16.43 5.45 -4.11
C ILE B 87 16.50 6.25 -5.43
N ARG B 88 16.43 7.58 -5.35
CA ARG B 88 16.63 8.48 -6.48
C ARG B 88 18.12 8.84 -6.58
N LYS B 89 18.68 9.32 -5.49
CA LYS B 89 19.96 9.98 -5.37
C LYS B 89 21.11 9.06 -5.71
N LYS B 90 20.99 7.73 -5.57
CA LYS B 90 21.82 6.99 -4.63
C LYS B 90 23.23 7.57 -4.50
N LYS B 91 24.08 7.50 -5.53
CA LYS B 91 25.43 8.07 -5.50
C LYS B 91 25.66 8.90 -6.79
N ASP B 92 24.67 9.76 -7.12
CA ASP B 92 24.60 10.72 -8.23
C ASP B 92 25.75 11.72 -8.13
N LEU B 93 26.95 11.23 -8.45
CA LEU B 93 28.23 11.84 -8.25
C LEU B 93 29.26 10.91 -8.90
N LYS B 94 29.21 9.62 -8.55
CA LYS B 94 30.01 8.57 -9.17
C LYS B 94 29.13 7.50 -9.84
N ILE B 95 28.06 7.07 -9.17
CA ILE B 95 27.28 5.89 -9.56
C ILE B 95 25.77 6.18 -9.36
N ARG B 96 24.94 6.32 -10.40
CA ARG B 96 25.13 6.41 -11.85
C ARG B 96 23.79 6.58 -12.58
N MET C 1 16.50 5.03 -16.69
CA MET C 1 15.24 5.45 -17.31
C MET C 1 14.07 5.06 -16.41
N ALA C 2 13.91 3.76 -16.09
CA ALA C 2 12.86 3.28 -15.19
C ALA C 2 13.02 1.80 -14.84
N ALA C 3 13.20 1.49 -13.55
CA ALA C 3 12.66 0.32 -12.84
C ALA C 3 12.38 -0.99 -13.61
N GLU C 4 13.28 -1.98 -13.53
CA GLU C 4 12.94 -3.41 -13.46
C GLU C 4 12.62 -3.75 -11.98
N PRO C 5 12.37 -5.05 -11.60
CA PRO C 5 12.04 -5.50 -10.23
C PRO C 5 12.54 -4.64 -9.07
N LEU C 6 11.64 -4.45 -8.12
CA LEU C 6 11.90 -3.71 -6.89
C LEU C 6 11.36 -4.53 -5.73
N THR C 7 11.59 -4.10 -4.49
CA THR C 7 11.10 -4.84 -3.33
C THR C 7 9.65 -4.48 -3.00
N GLU C 8 9.14 -5.04 -1.91
CA GLU C 8 7.77 -4.79 -1.46
C GLU C 8 7.57 -3.35 -1.00
N LEU C 9 8.56 -2.81 -0.30
CA LEU C 9 8.50 -1.44 0.19
C LEU C 9 8.84 -0.43 -0.90
N GLU C 10 9.45 -0.92 -1.99
CA GLU C 10 9.82 -0.07 -3.11
C GLU C 10 8.59 0.19 -3.99
N GLU C 11 7.64 -0.76 -4.00
CA GLU C 11 6.38 -0.58 -4.72
C GLU C 11 5.66 0.67 -4.20
N SER C 12 5.50 0.75 -2.88
CA SER C 12 4.67 1.76 -2.25
C SER C 12 5.31 3.16 -2.30
N ILE C 13 6.64 3.27 -2.44
CA ILE C 13 7.25 4.54 -2.82
C ILE C 13 7.05 4.80 -4.32
N GLU C 14 7.04 3.77 -5.19
CA GLU C 14 6.73 3.97 -6.59
C GLU C 14 5.33 4.55 -6.77
N THR C 15 4.31 3.91 -6.19
CA THR C 15 2.91 4.26 -6.48
C THR C 15 2.64 5.77 -6.35
N VAL C 16 3.25 6.42 -5.35
CA VAL C 16 3.13 7.85 -5.16
C VAL C 16 3.95 8.63 -6.20
N VAL C 17 5.14 8.13 -6.57
CA VAL C 17 5.95 8.73 -7.63
C VAL C 17 5.18 8.69 -8.96
N THR C 18 4.49 7.57 -9.24
CA THR C 18 3.68 7.46 -10.46
C THR C 18 2.59 8.54 -10.50
N THR C 19 2.09 8.96 -9.33
CA THR C 19 1.08 10.03 -9.23
C THR C 19 1.77 11.33 -9.61
N PHE C 20 2.91 11.56 -8.97
CA PHE C 20 3.80 12.69 -9.23
C PHE C 20 4.06 12.81 -10.73
N PHE C 21 4.54 11.71 -11.33
CA PHE C 21 4.91 11.67 -12.76
C PHE C 21 3.79 12.11 -13.72
N THR C 22 2.52 11.86 -13.37
CA THR C 22 1.42 12.25 -14.27
C THR C 22 1.00 13.70 -14.10
N PHE C 23 1.19 14.25 -12.91
CA PHE C 23 0.82 15.62 -12.65
C PHE C 23 1.97 16.56 -12.97
N ALA C 24 3.19 16.03 -12.95
CA ALA C 24 4.37 16.82 -13.22
C ALA C 24 4.72 16.87 -14.70
N ARG C 25 4.14 16.01 -15.52
CA ARG C 25 4.41 16.06 -16.97
C ARG C 25 3.40 16.97 -17.68
N GLN C 26 2.72 17.80 -16.91
CA GLN C 26 1.65 18.67 -17.40
C GLN C 26 2.05 19.83 -18.33
N GLU C 27 3.01 20.67 -17.95
CA GLU C 27 3.29 21.84 -18.77
C GLU C 27 4.57 21.72 -19.60
N GLY C 28 5.73 21.91 -18.95
CA GLY C 28 7.02 21.33 -19.25
C GLY C 28 7.22 20.06 -18.43
N ARG C 29 8.15 19.22 -18.87
CA ARG C 29 9.12 18.54 -18.00
C ARG C 29 8.51 17.80 -16.81
N LYS C 30 8.51 16.47 -16.93
CA LYS C 30 7.95 15.56 -15.89
C LYS C 30 8.87 15.42 -14.67
N ASP C 31 10.15 15.71 -14.86
CA ASP C 31 11.13 15.61 -13.79
C ASP C 31 11.04 16.76 -12.77
N SER C 32 10.28 17.84 -13.05
CA SER C 32 10.09 18.96 -12.12
C SER C 32 8.60 19.30 -11.98
N LEU C 33 8.15 19.59 -10.75
CA LEU C 33 6.84 20.15 -10.52
C LEU C 33 6.85 21.60 -10.98
N SER C 34 5.80 21.97 -11.71
CA SER C 34 5.54 23.27 -12.28
C SER C 34 4.22 23.79 -11.65
N VAL C 35 3.92 25.10 -11.70
CA VAL C 35 2.83 25.66 -10.89
C VAL C 35 1.54 25.83 -11.68
N ASN C 36 1.18 24.76 -12.37
CA ASN C 36 -0.17 24.28 -12.62
C ASN C 36 0.01 22.79 -12.89
N GLU C 37 0.65 22.22 -11.85
CA GLU C 37 0.96 20.81 -11.66
C GLU C 37 0.89 20.61 -10.15
N PHE C 38 1.56 21.53 -9.43
CA PHE C 38 1.57 21.59 -7.98
C PHE C 38 0.20 22.00 -7.45
N LYS C 39 -0.30 23.17 -7.87
CA LYS C 39 -1.57 23.64 -7.34
C LYS C 39 -2.69 22.65 -7.68
N GLU C 40 -2.62 22.06 -8.87
CA GLU C 40 -3.61 21.04 -9.28
C GLU C 40 -3.44 19.77 -8.44
N LEU C 41 -2.21 19.51 -7.99
CA LEU C 41 -1.91 18.32 -7.19
C LEU C 41 -2.45 18.47 -5.77
N VAL C 42 -2.22 19.62 -5.15
CA VAL C 42 -2.71 19.88 -3.81
C VAL C 42 -4.23 20.00 -3.82
N THR C 43 -4.79 20.70 -4.80
CA THR C 43 -6.24 20.90 -4.87
C THR C 43 -7.02 19.59 -5.13
N GLN C 44 -6.44 18.66 -5.87
CA GLN C 44 -7.14 17.42 -6.19
C GLN C 44 -6.72 16.22 -5.32
N GLN C 45 -5.42 15.95 -5.26
CA GLN C 45 -4.93 14.80 -4.50
C GLN C 45 -4.79 15.06 -3.00
N LEU C 46 -4.46 16.28 -2.60
CA LEU C 46 -4.30 16.60 -1.17
C LEU C 46 -5.27 17.71 -0.71
N PRO C 47 -6.59 17.53 -0.87
CA PRO C 47 -7.55 18.56 -0.46
C PRO C 47 -7.99 18.40 1.00
N HIS C 48 -7.84 17.18 1.51
CA HIS C 48 -8.20 16.87 2.89
C HIS C 48 -6.95 16.77 3.76
N LEU C 49 -5.93 16.11 3.23
CA LEU C 49 -4.67 15.95 3.95
C LEU C 49 -4.02 17.30 4.18
N LEU C 50 -3.94 18.10 3.11
CA LEU C 50 -3.39 19.44 3.19
C LEU C 50 -4.55 20.44 3.16
N LYS C 51 -4.88 20.98 4.34
CA LYS C 51 -5.96 21.93 4.46
C LYS C 51 -5.50 23.36 4.19
N ASP C 52 -4.63 23.51 3.20
CA ASP C 52 -4.11 24.82 2.83
C ASP C 52 -3.86 24.88 1.32
N VAL C 53 -4.94 24.73 0.56
CA VAL C 53 -4.86 24.76 -0.90
C VAL C 53 -4.84 26.18 -1.43
N GLY C 54 -5.22 27.13 -0.58
CA GLY C 54 -5.26 28.53 -0.99
C GLY C 54 -3.95 29.22 -0.66
N SER C 55 -3.16 28.61 0.22
CA SER C 55 -1.88 29.16 0.64
C SER C 55 -0.72 28.29 0.17
N LEU C 56 -0.89 27.66 -1.00
CA LEU C 56 0.13 26.82 -1.59
C LEU C 56 1.42 27.63 -1.75
N ASP C 57 1.31 28.83 -2.31
CA ASP C 57 2.37 29.77 -2.62
C ASP C 57 3.41 29.86 -1.49
N GLU C 58 2.96 29.90 -0.23
CA GLU C 58 3.86 29.88 0.92
C GLU C 58 4.66 28.57 0.98
N LYS C 59 3.94 27.45 0.83
CA LYS C 59 4.55 26.12 0.83
C LYS C 59 5.57 26.04 -0.30
N MET C 60 5.15 26.50 -1.49
CA MET C 60 6.01 26.57 -2.66
C MET C 60 7.30 27.31 -2.33
N LYS C 61 7.19 28.53 -1.80
CA LYS C 61 8.36 29.32 -1.44
C LYS C 61 9.24 28.56 -0.44
N SER C 62 8.61 27.94 0.56
CA SER C 62 9.32 27.14 1.57
C SER C 62 10.01 25.93 0.95
N LEU C 63 9.37 25.29 -0.03
CA LEU C 63 9.86 24.10 -0.72
C LEU C 63 11.06 24.46 -1.60
N ASP C 64 10.84 25.40 -2.53
CA ASP C 64 11.66 25.65 -3.71
C ASP C 64 13.13 25.97 -3.48
N VAL C 65 13.54 26.27 -2.24
CA VAL C 65 14.33 27.38 -1.74
C VAL C 65 15.47 27.94 -2.60
N ASN C 66 16.02 27.19 -3.56
CA ASN C 66 16.83 27.81 -4.61
C ASN C 66 16.02 28.87 -5.36
N GLN C 67 14.68 28.72 -5.36
CA GLN C 67 13.72 29.67 -5.89
C GLN C 67 13.82 29.79 -7.42
N ASP C 68 14.42 28.79 -8.07
CA ASP C 68 14.35 28.64 -9.53
C ASP C 68 12.90 28.46 -9.98
N SER C 69 12.00 28.08 -9.06
CA SER C 69 10.59 27.85 -9.31
C SER C 69 10.34 26.60 -10.17
N GLU C 70 11.37 25.78 -10.38
CA GLU C 70 11.20 24.36 -10.66
C GLU C 70 11.19 23.70 -9.30
N LEU C 71 10.05 23.17 -8.87
CA LEU C 71 9.99 22.37 -7.66
C LEU C 71 10.67 21.05 -8.01
N LYS C 72 11.92 20.91 -7.57
CA LYS C 72 12.89 20.00 -8.15
C LYS C 72 12.67 18.58 -7.61
N PHE C 73 13.39 17.60 -8.17
CA PHE C 73 13.24 16.18 -7.87
C PHE C 73 14.00 15.90 -6.56
N ASN C 74 13.37 16.38 -5.48
CA ASN C 74 13.74 16.51 -4.09
C ASN C 74 14.19 17.97 -3.85
N GLU C 75 13.40 18.95 -4.28
CA GLU C 75 12.70 19.87 -3.40
C GLU C 75 11.32 19.27 -3.09
N TYR C 76 10.53 19.08 -4.16
CA TYR C 76 9.12 18.71 -4.15
C TYR C 76 8.81 17.68 -3.07
N TRP C 77 9.59 16.60 -3.09
CA TRP C 77 9.39 15.42 -2.27
C TRP C 77 9.03 15.78 -0.82
N ARG C 78 9.67 16.81 -0.27
CA ARG C 78 9.38 17.35 1.06
C ARG C 78 7.88 17.36 1.35
N LEU C 79 7.05 17.80 0.39
CA LEU C 79 5.61 17.89 0.52
C LEU C 79 5.03 16.57 1.06
N ILE C 80 5.39 15.44 0.46
CA ILE C 80 4.89 14.13 0.85
C ILE C 80 5.28 13.90 2.34
N GLY C 81 6.39 14.50 2.76
CA GLY C 81 6.91 14.48 4.12
C GLY C 81 6.04 15.24 5.08
N GLU C 82 5.62 16.39 4.62
CA GLU C 82 4.82 17.27 5.42
C GLU C 82 3.46 16.61 5.58
N LEU C 83 2.83 16.10 4.51
CA LEU C 83 1.64 15.26 4.71
C LEU C 83 1.92 14.07 5.64
N ALA C 84 3.03 13.36 5.41
CA ALA C 84 3.39 12.20 6.22
C ALA C 84 3.40 12.54 7.70
N LYS C 85 4.09 13.61 8.11
CA LYS C 85 4.05 14.00 9.52
C LYS C 85 2.68 14.56 9.88
N GLU C 86 2.01 15.37 9.03
CA GLU C 86 0.74 16.05 9.30
C GLU C 86 -0.26 15.13 9.98
N ILE C 87 -0.41 13.90 9.47
CA ILE C 87 -1.33 12.93 10.04
C ILE C 87 -1.12 12.77 11.56
N ARG C 88 0.15 12.78 12.00
CA ARG C 88 0.58 12.83 13.39
C ARG C 88 0.58 14.26 13.94
N LYS C 89 0.98 15.25 13.12
CA LYS C 89 1.41 16.57 13.55
C LYS C 89 0.48 17.66 13.02
N LYS C 90 -0.66 17.82 13.68
CA LYS C 90 -1.74 18.78 13.40
C LYS C 90 -1.21 20.15 12.91
N LYS C 91 -0.32 20.81 13.67
CA LYS C 91 0.23 22.11 13.26
C LYS C 91 1.62 22.41 13.86
N ASP C 92 2.14 21.51 14.70
CA ASP C 92 2.96 21.89 15.83
C ASP C 92 4.44 21.87 15.45
N LEU C 93 4.80 22.50 14.33
CA LEU C 93 6.16 22.53 13.82
C LEU C 93 6.93 23.77 14.29
N ILE C 95 9.53 26.09 14.18
CA ILE C 95 10.90 26.32 13.75
C ILE C 95 11.14 27.69 13.07
N ARG C 96 12.38 28.17 13.22
CA ARG C 96 12.92 29.39 12.62
C ARG C 96 14.43 29.30 12.82
N LYS C 97 15.23 29.46 11.77
CA LYS C 97 16.64 29.03 11.76
C LYS C 97 17.21 29.51 10.42
N LYS C 98 18.31 30.27 10.46
CA LYS C 98 19.15 30.56 9.30
C LYS C 98 20.38 29.67 9.42
N TYR D 1 -19.87 -8.58 -38.86
CA TYR D 1 -21.15 -7.84 -38.71
C TYR D 1 -20.90 -6.47 -38.08
N LYS D 2 -20.19 -5.61 -38.80
CA LYS D 2 -19.87 -4.27 -38.31
C LYS D 2 -21.14 -3.57 -37.81
N LYS D 3 -21.24 -3.43 -36.49
CA LYS D 3 -22.39 -2.80 -35.87
C LYS D 3 -22.00 -2.28 -34.47
N PRO D 4 -22.98 -1.77 -33.67
CA PRO D 4 -22.77 -1.26 -32.33
C PRO D 4 -21.47 -1.72 -31.68
N LYS D 5 -20.50 -0.81 -31.62
CA LYS D 5 -19.20 -1.11 -31.02
C LYS D 5 -19.19 -0.62 -29.58
N LEU D 6 -19.27 -1.56 -28.63
CA LEU D 6 -19.27 -1.21 -27.21
C LEU D 6 -17.84 -1.04 -26.72
N LEU D 7 -17.61 0.02 -25.95
CA LEU D 7 -16.27 0.32 -25.42
C LEU D 7 -16.37 0.91 -24.02
N TYR D 8 -15.50 0.43 -23.12
CA TYR D 8 -15.47 0.91 -21.75
C TYR D 8 -14.11 0.62 -21.13
N CYS D 9 -13.86 1.12 -19.92
CA CYS D 9 -12.58 0.88 -19.26
C CYS D 9 -12.74 0.83 -17.74
N SER D 10 -11.70 0.33 -17.07
CA SER D 10 -11.69 0.20 -15.61
C SER D 10 -12.54 -0.99 -15.20
N ASN D 11 -11.91 -1.95 -14.53
CA ASN D 11 -12.61 -3.15 -14.09
C ASN D 11 -13.89 -2.78 -13.36
N GLY D 12 -15.01 -3.34 -13.79
CA GLY D 12 -16.28 -3.07 -13.18
C GLY D 12 -17.36 -2.80 -14.20
N GLY D 13 -18.54 -3.36 -13.97
CA GLY D 13 -19.65 -3.16 -14.89
C GLY D 13 -19.94 -1.70 -15.13
N HIS D 14 -19.56 -1.20 -16.30
CA HIS D 14 -19.78 0.18 -16.70
C HIS D 14 -19.56 0.34 -18.20
N PHE D 15 -20.58 0.80 -18.92
CA PHE D 15 -20.47 0.97 -20.37
C PHE D 15 -20.66 2.43 -20.74
N LEU D 16 -20.02 2.85 -21.83
CA LEU D 16 -20.12 4.22 -22.30
C LEU D 16 -21.48 4.47 -22.94
N ARG D 17 -22.40 5.08 -22.20
CA ARG D 17 -23.73 5.37 -22.71
C ARG D 17 -23.79 6.79 -23.26
N ILE D 18 -23.85 6.89 -24.58
CA ILE D 18 -23.88 8.18 -25.25
C ILE D 18 -25.31 8.68 -25.42
N LEU D 19 -25.49 9.99 -25.28
CA LEU D 19 -26.79 10.62 -25.43
C LEU D 19 -26.68 11.82 -26.37
N PRO D 20 -27.68 12.02 -27.25
CA PRO D 20 -27.67 13.15 -28.20
C PRO D 20 -27.29 14.46 -27.55
N ASP D 21 -27.62 14.61 -26.27
CA ASP D 21 -27.30 15.80 -25.50
C ASP D 21 -25.79 16.05 -25.48
N GLY D 22 -25.03 14.99 -25.28
CA GLY D 22 -23.58 15.10 -25.22
C GLY D 22 -23.01 14.54 -23.94
N THR D 23 -23.76 14.64 -22.85
CA THR D 23 -23.31 14.13 -21.56
C THR D 23 -23.32 12.61 -21.54
N VAL D 24 -22.23 12.02 -22.02
CA VAL D 24 -22.08 10.56 -22.03
C VAL D 24 -21.50 10.09 -20.70
N ASP D 25 -22.11 9.06 -20.11
CA ASP D 25 -21.65 8.51 -18.84
C ASP D 25 -21.41 7.01 -18.94
N GLY D 26 -20.72 6.45 -17.95
CA GLY D 26 -20.42 5.03 -17.93
C GLY D 26 -21.55 4.21 -17.33
N THR D 27 -22.69 4.20 -18.02
CA THR D 27 -23.85 3.45 -17.57
C THR D 27 -23.60 1.95 -17.64
N ARG D 28 -23.85 1.24 -16.56
CA ARG D 28 -23.66 -0.19 -16.53
C ARG D 28 -24.95 -0.92 -16.88
N ASP D 29 -25.37 -0.77 -18.12
CA ASP D 29 -26.61 -1.40 -18.60
C ASP D 29 -26.50 -1.73 -20.08
N ARG D 30 -27.23 -2.75 -20.50
CA ARG D 30 -27.23 -3.17 -21.90
C ARG D 30 -28.67 -3.44 -22.37
N SER D 31 -29.63 -2.82 -21.68
CA SER D 31 -31.04 -2.97 -22.00
C SER D 31 -31.47 -1.89 -22.99
N ASP D 32 -31.03 -0.66 -22.75
CA ASP D 32 -31.36 0.46 -23.61
C ASP D 32 -30.25 0.70 -24.64
N GLN D 33 -30.62 0.73 -25.91
CA GLN D 33 -29.65 0.94 -26.98
C GLN D 33 -29.06 2.35 -26.95
N HIS D 34 -28.15 2.59 -26.01
CA HIS D 34 -27.50 3.89 -25.91
C HIS D 34 -26.03 3.75 -25.47
N ILE D 35 -25.49 2.54 -25.59
CA ILE D 35 -24.10 2.28 -25.20
C ILE D 35 -23.33 1.64 -26.37
N GLN D 36 -23.56 2.18 -27.57
CA GLN D 36 -22.91 1.66 -28.76
C GLN D 36 -22.46 2.78 -29.69
N LEU D 37 -21.24 2.70 -30.15
CA LEU D 37 -20.69 3.69 -31.06
C LEU D 37 -20.10 3.00 -32.29
N GLN D 38 -20.04 3.71 -33.41
CA GLN D 38 -19.51 3.14 -34.64
C GLN D 38 -18.01 3.39 -34.72
N LEU D 39 -17.26 2.64 -33.91
CA LEU D 39 -15.81 2.74 -33.90
C LEU D 39 -15.22 2.05 -35.13
N SER D 40 -14.38 2.77 -35.86
CA SER D 40 -13.74 2.22 -37.05
C SER D 40 -12.49 3.02 -37.41
N ALA D 41 -11.57 2.36 -38.13
CA ALA D 41 -10.34 3.01 -38.55
C ALA D 41 -10.59 3.78 -39.85
N GLU D 42 -10.71 5.10 -39.74
CA GLU D 42 -10.96 5.94 -40.89
C GLU D 42 -9.73 6.02 -41.77
N SER D 43 -8.61 6.42 -41.18
CA SER D 43 -7.35 6.53 -41.89
C SER D 43 -6.34 5.54 -41.31
N VAL D 44 -5.16 5.46 -41.94
CA VAL D 44 -4.11 4.55 -41.46
C VAL D 44 -3.81 4.79 -39.98
N GLY D 45 -4.46 4.01 -39.13
CA GLY D 45 -4.25 4.12 -37.71
C GLY D 45 -5.20 5.11 -37.03
N GLU D 46 -5.85 5.96 -37.83
CA GLU D 46 -6.77 6.95 -37.29
C GLU D 46 -8.17 6.37 -37.14
N VAL D 47 -8.59 6.14 -35.91
CA VAL D 47 -9.91 5.61 -35.63
C VAL D 47 -10.84 6.71 -35.13
N TYR D 48 -12.10 6.65 -35.54
CA TYR D 48 -13.09 7.64 -35.13
C TYR D 48 -14.18 7.01 -34.27
N ILE D 49 -14.70 7.80 -33.34
CA ILE D 49 -15.76 7.36 -32.45
C ILE D 49 -17.04 8.13 -32.74
N LYS D 50 -17.96 7.49 -33.44
CA LYS D 50 -19.22 8.11 -33.80
C LYS D 50 -20.39 7.22 -33.46
N SER D 51 -21.21 7.65 -32.51
CA SER D 51 -22.38 6.88 -32.10
C SER D 51 -23.54 7.17 -33.06
N THR D 52 -23.32 6.86 -34.33
CA THR D 52 -24.31 7.10 -35.37
C THR D 52 -25.67 6.48 -35.05
N GLU D 53 -25.74 5.16 -35.09
CA GLU D 53 -27.00 4.45 -34.84
C GLU D 53 -27.28 4.28 -33.35
N THR D 54 -27.31 5.39 -32.61
CA THR D 54 -27.58 5.34 -31.17
C THR D 54 -27.45 6.71 -30.50
N GLY D 55 -26.45 7.50 -30.86
CA GLY D 55 -26.27 8.78 -30.23
C GLY D 55 -25.81 9.88 -31.17
N GLN D 56 -24.58 10.31 -30.98
CA GLN D 56 -24.01 11.41 -31.77
C GLN D 56 -22.53 11.18 -32.05
N TYR D 57 -21.91 12.17 -32.71
CA TYR D 57 -20.49 12.11 -33.04
C TYR D 57 -19.69 12.77 -31.91
N LEU D 58 -18.50 12.26 -31.64
CA LEU D 58 -17.67 12.81 -30.58
C LEU D 58 -16.89 14.03 -31.05
N ALA D 59 -16.54 14.88 -30.10
CA ALA D 59 -15.79 16.10 -30.36
C ALA D 59 -15.14 16.58 -29.08
N MET D 60 -13.97 16.01 -28.77
CA MET D 60 -13.24 16.36 -27.56
C MET D 60 -13.04 17.86 -27.40
N ASP D 61 -13.12 18.33 -26.16
CA ASP D 61 -12.93 19.73 -25.85
C ASP D 61 -11.46 19.96 -25.49
N THR D 62 -10.64 20.10 -26.52
CA THR D 62 -9.21 20.31 -26.32
C THR D 62 -8.61 19.12 -25.58
N ASP D 63 -9.14 17.92 -25.86
CA ASP D 63 -8.70 16.68 -25.20
C ASP D 63 -9.10 16.69 -23.72
N GLY D 64 -8.71 17.76 -23.02
CA GLY D 64 -9.03 17.91 -21.61
C GLY D 64 -10.37 17.28 -21.23
N LEU D 65 -11.43 17.72 -21.90
CA LEU D 65 -12.76 17.19 -21.64
C LEU D 65 -13.28 16.48 -22.89
N LEU D 66 -13.82 15.28 -22.71
CA LEU D 66 -14.34 14.51 -23.82
C LEU D 66 -15.85 14.68 -23.94
N TYR D 67 -16.31 15.02 -25.13
CA TYR D 67 -17.74 15.22 -25.38
C TYR D 67 -18.05 14.98 -26.85
N GLY D 68 -19.33 15.05 -27.21
CA GLY D 68 -19.74 14.85 -28.58
C GLY D 68 -21.22 15.06 -28.76
N SER D 69 -21.61 15.60 -29.91
CA SER D 69 -23.02 15.85 -30.20
C SER D 69 -23.18 16.70 -31.47
N GLN D 70 -22.67 17.91 -31.45
CA GLN D 70 -22.79 18.83 -32.57
C GLN D 70 -22.12 18.30 -33.84
N THR D 71 -20.79 18.29 -33.86
CA THR D 71 -20.05 17.84 -35.04
C THR D 71 -18.79 17.05 -34.68
N PRO D 72 -18.43 16.05 -35.52
CA PRO D 72 -17.23 15.23 -35.29
C PRO D 72 -15.96 15.99 -35.68
N ASN D 73 -15.60 16.98 -34.88
CA ASN D 73 -14.42 17.79 -35.14
C ASN D 73 -13.15 16.94 -35.08
N GLU D 74 -12.08 17.41 -35.74
CA GLU D 74 -10.80 16.69 -35.77
C GLU D 74 -10.44 16.16 -34.37
N GLU D 75 -10.83 16.89 -33.33
CA GLU D 75 -10.60 16.45 -31.95
C GLU D 75 -11.00 14.98 -31.76
N CYS D 76 -11.94 14.51 -32.58
CA CYS D 76 -12.42 13.14 -32.49
C CYS D 76 -11.54 12.12 -33.24
N LEU D 77 -10.43 12.56 -33.81
CA LEU D 77 -9.54 11.63 -34.51
C LEU D 77 -8.49 11.08 -33.55
N PHE D 78 -8.49 9.76 -33.38
CA PHE D 78 -7.55 9.11 -32.47
C PHE D 78 -6.78 7.99 -33.16
N LEU D 79 -5.53 7.82 -32.74
CA LEU D 79 -4.68 6.77 -33.29
C LEU D 79 -4.96 5.45 -32.57
N GLU D 80 -5.27 4.41 -33.33
CA GLU D 80 -5.59 3.10 -32.76
C GLU D 80 -4.33 2.40 -32.29
N ARG D 81 -4.24 2.17 -30.98
CA ARG D 81 -3.09 1.48 -30.38
C ARG D 81 -3.59 0.34 -29.48
N LEU D 82 -2.79 -0.70 -29.36
CA LEU D 82 -3.16 -1.85 -28.53
C LEU D 82 -2.12 -2.10 -27.46
N GLU D 83 -2.56 -2.45 -26.25
CA GLU D 83 -1.66 -2.73 -25.14
C GLU D 83 -1.73 -4.20 -24.77
N GLU D 84 -0.59 -4.80 -24.44
CA GLU D 84 -0.52 -6.21 -24.06
C GLU D 84 -1.13 -6.42 -22.67
N ASN D 85 -2.36 -5.94 -22.50
CA ASN D 85 -3.07 -6.04 -21.23
C ASN D 85 -4.56 -6.28 -21.48
N HIS D 86 -4.88 -6.77 -22.68
CA HIS D 86 -6.27 -7.02 -23.07
C HIS D 86 -7.08 -5.72 -23.06
N TYR D 87 -6.49 -4.65 -23.60
CA TYR D 87 -7.15 -3.36 -23.65
C TYR D 87 -6.72 -2.58 -24.90
N ASN D 88 -7.59 -1.69 -25.34
CA ASN D 88 -7.35 -0.86 -26.52
C ASN D 88 -6.92 0.54 -26.09
N THR D 89 -6.06 1.15 -26.90
CA THR D 89 -5.57 2.49 -26.63
C THR D 89 -5.82 3.39 -27.84
N TYR D 90 -6.28 4.60 -27.58
CA TYR D 90 -6.55 5.55 -28.67
C TYR D 90 -5.89 6.88 -28.37
N ILE D 91 -4.93 7.26 -29.21
CA ILE D 91 -4.21 8.51 -29.02
C ILE D 91 -4.84 9.66 -29.79
N SER D 92 -5.32 10.67 -29.08
CA SER D 92 -5.93 11.83 -29.70
C SER D 92 -4.86 12.64 -30.42
N LYS D 93 -4.49 12.19 -31.61
CA LYS D 93 -3.46 12.87 -32.41
C LYS D 93 -3.65 14.38 -32.38
N LYS D 94 -4.90 14.83 -32.34
CA LYS D 94 -5.20 16.26 -32.29
C LYS D 94 -4.45 16.93 -31.14
N HIS D 95 -4.17 16.17 -30.08
CA HIS D 95 -3.44 16.69 -28.92
C HIS D 95 -2.24 15.82 -28.56
N ALA D 96 -1.90 14.87 -29.43
CA ALA D 96 -0.76 13.98 -29.19
C ALA D 96 0.48 14.78 -28.86
N GLU D 97 0.57 15.98 -29.43
CA GLU D 97 1.68 16.89 -29.19
C GLU D 97 1.96 17.05 -27.69
N LYS D 98 0.90 17.03 -26.88
CA LYS D 98 1.04 17.19 -25.43
C LYS D 98 1.03 15.83 -24.71
N ASN D 99 1.18 14.75 -25.47
CA ASN D 99 1.18 13.39 -24.94
C ASN D 99 -0.16 13.09 -24.27
N TRP D 100 -1.23 13.48 -24.94
CA TRP D 100 -2.58 13.27 -24.42
C TRP D 100 -3.35 12.25 -25.25
N PHE D 101 -3.88 11.23 -24.58
CA PHE D 101 -4.67 10.21 -25.25
C PHE D 101 -5.92 9.86 -24.45
N VAL D 102 -7.09 10.08 -25.10
CA VAL D 102 -8.45 9.88 -24.55
C VAL D 102 -8.49 9.01 -23.29
N GLY D 103 -9.02 9.58 -22.22
CA GLY D 103 -9.17 8.88 -20.95
C GLY D 103 -10.49 9.23 -20.30
N LEU D 104 -11.23 8.22 -19.84
CA LEU D 104 -12.53 8.45 -19.20
C LEU D 104 -12.55 7.94 -17.76
N LYS D 105 -13.51 8.44 -16.99
CA LYS D 105 -13.68 8.04 -15.60
C LYS D 105 -14.86 7.09 -15.47
N LYS D 106 -14.57 5.81 -15.30
CA LYS D 106 -15.59 4.76 -15.18
C LYS D 106 -16.77 5.21 -14.31
N ASN D 107 -16.45 5.85 -13.19
CA ASN D 107 -17.48 6.33 -12.27
C ASN D 107 -17.57 7.86 -12.27
N GLY D 108 -17.38 8.45 -13.45
CA GLY D 108 -17.44 9.90 -13.56
C GLY D 108 -17.91 10.37 -14.93
N SER D 109 -17.25 9.87 -15.97
CA SER D 109 -17.54 10.21 -17.37
C SER D 109 -16.23 10.39 -18.12
N CYS D 110 -16.31 10.61 -19.43
CA CYS D 110 -15.12 10.79 -20.24
C CYS D 110 -14.65 12.24 -20.22
N LYS D 111 -13.63 12.52 -19.42
CA LYS D 111 -13.06 13.87 -19.31
C LYS D 111 -11.89 13.88 -18.35
N ARG D 112 -10.73 13.43 -18.83
CA ARG D 112 -9.51 13.37 -18.00
C ARG D 112 -8.29 13.69 -18.84
N GLY D 113 -8.49 14.52 -19.87
CA GLY D 113 -7.41 14.92 -20.77
C GLY D 113 -6.17 15.50 -20.10
N PRO D 114 -6.28 16.36 -19.06
CA PRO D 114 -5.10 16.94 -18.39
C PRO D 114 -4.33 15.90 -17.57
N ARG D 115 -4.77 14.65 -17.62
CA ARG D 115 -4.12 13.56 -16.90
C ARG D 115 -4.01 12.31 -17.77
N THR D 116 -4.13 12.47 -19.09
CA THR D 116 -4.07 11.33 -20.00
C THR D 116 -2.64 10.97 -20.38
N HIS D 117 -1.92 10.39 -19.42
CA HIS D 117 -0.55 9.95 -19.63
C HIS D 117 -0.34 8.59 -18.98
N TYR D 118 0.91 8.24 -18.68
CA TYR D 118 1.18 6.95 -18.05
C TYR D 118 0.91 7.01 -16.55
N GLY D 119 -0.37 6.89 -16.21
CA GLY D 119 -0.82 6.93 -14.83
C GLY D 119 -2.24 6.46 -14.72
N GLN D 120 -3.16 7.27 -15.26
CA GLN D 120 -4.57 6.91 -15.28
C GLN D 120 -4.74 5.71 -16.20
N LYS D 121 -5.01 4.55 -15.60
CA LYS D 121 -5.12 3.30 -16.35
C LYS D 121 -6.39 3.28 -17.20
N ALA D 122 -7.35 4.15 -16.86
CA ALA D 122 -8.62 4.25 -17.59
C ALA D 122 -8.41 4.40 -19.11
N ILE D 123 -7.19 4.77 -19.50
CA ILE D 123 -6.86 4.91 -20.91
C ILE D 123 -6.92 3.56 -21.65
N LEU D 124 -6.74 2.48 -20.89
CA LEU D 124 -6.78 1.14 -21.47
C LEU D 124 -8.22 0.66 -21.54
N PHE D 125 -8.87 0.96 -22.64
CA PHE D 125 -10.28 0.60 -22.84
C PHE D 125 -10.44 -0.85 -23.25
N LEU D 126 -11.54 -1.45 -22.82
CA LEU D 126 -11.87 -2.83 -23.14
C LEU D 126 -13.05 -2.85 -24.11
N PRO D 127 -12.79 -3.17 -25.39
CA PRO D 127 -13.81 -3.21 -26.42
C PRO D 127 -14.54 -4.54 -26.52
N LEU D 128 -15.84 -4.47 -26.79
CA LEU D 128 -16.68 -5.65 -26.95
C LEU D 128 -17.53 -5.52 -28.22
N PRO D 129 -16.91 -5.15 -29.35
CA PRO D 129 -17.60 -4.97 -30.63
C PRO D 129 -17.86 -6.28 -31.37
N VAL D 130 -18.91 -6.29 -32.17
CA VAL D 130 -19.26 -7.47 -32.96
C VAL D 130 -18.38 -7.54 -34.21
N SER D 131 -17.23 -8.17 -34.07
CA SER D 131 -16.29 -8.32 -35.17
C SER D 131 -16.83 -9.26 -36.24
N SER D 132 -16.06 -9.43 -37.32
CA SER D 132 -16.44 -10.30 -38.41
C SER D 132 -15.53 -11.53 -38.43
N ASP D 133 -15.64 -12.34 -37.38
CA ASP D 133 -14.84 -13.54 -37.25
C ASP D 133 -15.59 -14.76 -37.78
#